data_4FZC
#
_entry.id   4FZC
#
_cell.length_a   135.680
_cell.length_b   301.020
_cell.length_c   144.830
_cell.angle_alpha   90.00
_cell.angle_beta   112.86
_cell.angle_gamma   90.00
#
_symmetry.space_group_name_H-M   'P 1 21 1'
#
loop_
_entity.id
_entity.type
_entity.pdbx_description
1 polymer 'Proteasome component Y7'
2 polymer 'Proteasome component Y13'
3 polymer 'Proteasome component PRE6'
4 polymer 'Proteasome component PUP2'
5 polymer 'Proteasome component PRE5'
6 polymer 'Proteasome component C1'
7 polymer 'Proteasome component C7-alpha'
8 polymer 'Proteasome component PUP1'
9 polymer 'Proteasome component PUP3'
10 polymer 'Proteasome component C11'
11 polymer 'Proteasome component PRE2'
12 polymer 'Proteasome component C5'
13 polymer 'Proteasome component PRE4'
14 polymer 'Proteasome component PRE3'
15 polymer 'Cepafungin I'
16 water water
#
loop_
_entity_poly.entity_id
_entity_poly.type
_entity_poly.pdbx_seq_one_letter_code
_entity_poly.pdbx_strand_id
1 'polypeptide(L)'
;MTDRYSFSLTTFSPSGKLGQIDYALTAVKQGVTSLGIKATNGVVIATEKKSSSPLAMSETLSKVSLLTPDIGAVYSGMGP
DYRVLVDKSRKVAHTSYKRIYGEYPPTKLLVSEVAKIMQEATQSGGVRPFGVSLLIAGHDEFNGFSLYQVDPSGSYFPWK
ATAIGKGSVAAKTFLEKRWNDELELEDAIHIALLTLKESVEGEFNGDTIELAIIGDENPDLLGYTGIPTDKGPRFRKLTS
QEINDRLEAL
;
A,O
2 'polypeptide(L)'
;GSRRYDSRTTIFSPEGRLYQVEYALESISHAGTAIGIMASDGIVLAAERKVTSTLLEQDTSTEKLYKLNDKIAVAVAGLT
ADAEILINTARIHAQNYLKTYNEDIPVEILVRRLSDIKQGYTQHGGLRPFGVSFIYAGYDDRYGYQLYTSNPSGNYTGWK
AISVGANTSAAQTLLQMDYKDDMKVDDAIELALKTLSKTTDSSALTYDRLEFATIRKGANDGEVYQKIFKPQEIKDILVK
TGIT
;
B,P
3 'polypeptide(L)'
;GYDRALSIFSPDGHIFQVEYALEAVKRGTCAVGVKGKNCVVLGCERRSTLKLQDTRITPSKVSKIDSHVVLSFSGLNADS
RILIEKARVEAQSHRLTLEDPVTVEYLTRYVAGVQQRYTQSGGVRPFGVSTLIAGFDPRDDEPKLYQTEPSGIYSSWSAQ
TIGRNSKTVREFLEKNYDRKEPPATVEECVKLTVRSLLEVVQTGAKNIEITVVKPDSDIVALSSEEINQYVTQIEQEKQE
Q
;
C,Q
4 'polypeptide(L)'
;DRGVSTFSPEGRLFQVEYSLEAIKLGSTAIGIATKEGVVLGVEKRATSPLLESDSIEKIVEIDRHIGCAMSGLTADARSM
IEHARTAAVTHNLYYDEDINVESLTQSVCDLALRFGEGASGEERLMSRPFGVALLIAGHDADDGYQLFHAEPSGTFYRYN
AKAIGSGSEGAQAELLNEWHSSLTLKEAELLVLKILKQVMEEKLDENNAQLSCITKQDGFKIYDNEKTAELIKELKEKEA
AE
;
D,R
5 'polypeptide(L)'
;FRNNYDGDTVTFSPTGRLFQVEYALEAIKQGSVTVGLRSNTHAVLVALKRNADELSSYQKKIIKCDEHMGLSLAGLAPDA
RVLSNYLRQQCNYSSLVFNRKLAVERAGHLLCDKAQKNTQSYGGRPYGVGLLIIGYDKSGAHLLEFQPSGNVTELYGTAI
GARSQGAKTYLERTLDTFIKIDGNPDELIKAGVEAISQSLRDESLTVDNLSIAIVGKDTPFTIYDGEAVAKYI
;
E,S
6 'polypeptide(L)'
;GTGYDLSNSVFSPDGRNFQVEYAVKAVENGTTSIGIKCNDGVVFAVEKLITSKLLVPQKNVKIQVVDRHIGCVYSGLIPD
GRHLVNRGREEAASFKKLYKTPIPIPAFADRLGQYVQAHTLYNSVRPFGVSTIFGGVDKNGAHLYMLEPSGSYWGYKGAA
TGKGRQSAKAELEKLVDHHPEGLSAREAVKQAAKIIYLAHEDNKEKDFELEISWCSLSETNGLHKFVKGDLLQEAIDFAQ
KEIN
;
F,T
7 'polypeptide(L)'
;AGYDRHITIFSPEGRLYQVEYAFKATNQTNINSLAVRGKDCTVVISQKKVPDKLLDPTTVSYIFCISRTIGMVVNGPIPD
ARNAALRAKAEAAEFRYKYGYDMPCDVLAKRMANLSQIYTQRAYMRPLGVILTFVSVDEELGPSIYKTDPAGYYVGYKAT
ATGPKQQEITTNLENHFKKSKIDHINEESWEKVVEFAITHMIDALGTEFSKNDLEVGVATKDKFFTLSAENIEERLVAIA
EQD
;
G,U
8 'polypeptide(L)'
;TTIVGVKFNNGVVIAADTRSTQGPIVADKNCAKLHRISPKIWCAGAGTAADTEAVTQLIGSNIELHSLYTSREPRVVSAL
QMLKQHLFKYQGHIGAYLIVAGVDPTGSHLFSIHAHGSTDVGYYLSLGSGSLAAMAVLESHWKQDLTKEEAIKLASDAIQ
AGIWNDLGSGSNVDVCVMEIGKDAEYLRNYLTPNVREEKQKSYKFPRGTTAVLKESIVNICD
;
H,V
9 'polypeptide(L)'
;SDPSSINGGIVVAMTGKDCVAIACDLRLGSQSLGVSNKFEKIFHYGHVFLGITGLATDVTTLNEMFRYKTNLYKLKEERA
IEPETFTQLVSSSLYERRFGPYFVGPVVAGINSKSGKPFIAGFDLIGCIDEAKDFIVSGTASDQLFGMCESLYEPNLEPE
DLFETISQALLNAADRDALSGWGAVVYIIKKDEVVKRYLKMRQD
;
I,W
10 'polypeptide(L)'
;MDIILGIRVQDSVILASSKAVTRGISVLKDSDDKTRQLSPHTLMSFAGEAGDTVQFAEYIQANIQLYSIREDYELSPQAV
SSFVRQELAKSIRSRRPYQVNVLIGGYDKKKNKPELYQIDYLGTKVELPYGAHGYSGFYTFSLLDHHYRPDMTTEEGLDL
LKLCVQELEKRMPMDFKGVIVKIVDKDGIRQVDDFQAQ
;
J,X
11 'polypeptide(L)'
;TTTLAFRFQGGIIVAVDSRATAGNWVASQTVKKVIEINPFLLGTMAGGAADCQFWETWLGSQCRLHELREKERISVAAAS
KILSNLVYQYKGAGLSMGTMICGYTRKEGPTIYYVDSDGTRLKGDIFCVGSGQTFAYGVLDSNYKWDLSVEDALYLGKRS
ILAAAHRDAYSGGSVNLYHVTEDGWIYHGNHDVGELFWKVKEEEGSFNNVIG
;
K,Y
12 'polypeptide(L)'
;QFNPYGDNGGTILGIAGEDFAVLAGDTRNITDYSINSRYEPKVFDCGDNIVMSANGFAADGDALVKRFKNSVKWYHFDHN
DKKLSINSAARNIQHLLYGKRFFPYYVHTIIAGLDEDGKGAVYSFDPVGSYEREQCRAGGAAASLIMPFLDNQVNFKNQY
EPGTNGKVKKPLKYLSVEEVIKLVRDSFTSATERHIQVGDGLEILIVTKDGVRKEFYELKRD
;
L,Z
13 'polypeptide(L)'
;TQQPIVTGTSVISMKYDNGVIIAADNLGSYGSLLRFNGVERLIPVGDNTVVGISGDISDMQHIERLLKDLVTENAYDNPL
ADAEEALEPSYIFEYLATVMYQRRSKMNPLWNAIIVAGVQSNGDQFLRYVNLLGVTYSSPTLATGFGAHMANPLLRKVVD
RESDIPKTTVQVAEEAIVNAMRVLYYRDARSSRNFSLAIIDKNTGLTFKKNLQVENMKWDFAKDIKGYGTQKI
;
M,a
14 'polypeptide(L)'
;TSIMAVTFKDGVILGADSRTTTGAYIANRVTDKLTRVHDKIWCCRSGSAADTQAIADIVQYHLELYTSQYGTPSTETAAS
VFKELCYENKDNLTAGIIVAGYDDKNKGEVYTIPLGGSVHKLPYAIAGSGSTFIYGYCDKNFRENMSKEETVDFIKHSLS
QAIKWDGSSGGVIRMVVLTAAGVERLIFYPDEYEQL
;
N,b
15 'polypeptide(L)' (0W5)T(LYO)(0W6) c,d,e,f
#
loop_
_chem_comp.id
_chem_comp.type
_chem_comp.name
_chem_comp.formula
0W5 non-polymer '(2E,4E)-11-methyldodeca-2,4-dienoic acid' 'C13 H22 O2'
#
# COMPACT_ATOMS: atom_id res chain seq x y z
N MET A 1 31.87 40.40 22.15
CA MET A 1 31.14 39.63 23.19
C MET A 1 31.85 38.29 23.38
N THR A 2 31.15 37.34 23.99
CA THR A 2 31.68 36.00 24.23
C THR A 2 32.80 35.98 25.25
N ASP A 3 32.68 35.03 26.17
CA ASP A 3 33.65 34.84 27.23
C ASP A 3 35.01 34.52 26.60
N ARG A 4 35.84 35.55 26.46
CA ARG A 4 37.18 35.38 25.88
C ARG A 4 38.11 34.89 26.99
N TYR A 5 37.54 34.77 28.18
CA TYR A 5 38.26 34.30 29.35
C TYR A 5 38.10 32.79 29.41
N SER A 6 38.88 32.09 28.61
CA SER A 6 38.81 30.63 28.56
C SER A 6 40.01 30.00 29.26
N PHE A 7 40.79 30.83 29.94
CA PHE A 7 41.98 30.38 30.67
C PHE A 7 41.76 30.47 32.19
N SER A 8 42.60 29.78 32.95
CA SER A 8 42.48 29.77 34.40
C SER A 8 42.81 31.09 35.08
N LEU A 9 42.02 31.44 36.09
CA LEU A 9 42.24 32.67 36.86
C LEU A 9 42.89 32.31 38.19
N THR A 10 43.00 31.01 38.43
CA THR A 10 43.66 30.48 39.62
C THR A 10 44.82 29.69 39.06
N THR A 11 46.04 30.07 39.39
CA THR A 11 47.20 29.35 38.91
C THR A 11 48.21 29.21 40.02
N PHE A 12 49.18 28.33 39.81
CA PHE A 12 50.22 28.11 40.81
C PHE A 12 51.26 29.23 40.82
N SER A 13 51.73 29.59 42.00
CA SER A 13 52.75 30.62 42.13
C SER A 13 54.06 29.88 42.44
N PRO A 14 55.21 30.53 42.23
CA PRO A 14 56.52 29.93 42.49
C PRO A 14 56.64 29.15 43.80
N SER A 15 56.06 29.70 44.87
CA SER A 15 56.10 29.06 46.17
C SER A 15 55.27 27.78 46.18
N GLY A 16 54.33 27.67 45.26
CA GLY A 16 53.48 26.51 45.17
C GLY A 16 52.09 26.77 45.72
N LYS A 17 51.80 28.04 45.99
CA LYS A 17 50.48 28.42 46.51
C LYS A 17 49.51 28.66 45.36
N LEU A 18 48.22 28.58 45.68
CA LEU A 18 47.19 28.85 44.69
C LEU A 18 46.47 30.08 45.24
N GLY A 19 47.00 31.25 44.88
CA GLY A 19 46.49 32.53 45.33
C GLY A 19 45.01 32.68 45.55
N GLN A 20 44.24 32.57 44.48
CA GLN A 20 42.80 32.73 44.57
C GLN A 20 42.13 31.86 45.62
N ILE A 21 42.66 30.67 45.88
CA ILE A 21 42.08 29.80 46.90
C ILE A 21 42.47 30.32 48.29
N ASP A 22 43.69 30.82 48.41
CA ASP A 22 44.17 31.38 49.68
C ASP A 22 43.29 32.57 50.01
N TYR A 23 43.10 33.44 49.03
CA TYR A 23 42.29 34.64 49.21
C TYR A 23 40.83 34.30 49.51
N ALA A 24 40.30 33.29 48.84
CA ALA A 24 38.93 32.90 49.11
C ALA A 24 38.84 32.47 50.58
N LEU A 25 39.85 31.76 51.06
CA LEU A 25 39.84 31.31 52.45
C LEU A 25 39.91 32.50 53.38
N THR A 26 40.59 33.57 52.95
CA THR A 26 40.70 34.77 53.74
C THR A 26 39.31 35.39 53.83
N ALA A 27 38.54 35.27 52.76
CA ALA A 27 37.20 35.83 52.77
C ALA A 27 36.35 35.07 53.78
N VAL A 28 36.53 33.75 53.83
CA VAL A 28 35.79 32.91 54.78
C VAL A 28 36.14 33.32 56.21
N LYS A 29 37.40 33.67 56.44
CA LYS A 29 37.89 34.09 57.74
C LYS A 29 37.14 35.29 58.32
N GLN A 30 36.79 36.24 57.45
CA GLN A 30 36.10 37.45 57.88
C GLN A 30 34.61 37.22 58.06
N GLY A 31 34.12 36.07 57.64
CA GLY A 31 32.70 35.77 57.76
C GLY A 31 32.23 35.47 59.17
N VAL A 32 30.93 35.64 59.39
CA VAL A 32 30.34 35.37 60.70
C VAL A 32 30.58 33.91 61.07
N THR A 33 30.78 33.64 62.36
CA THR A 33 31.03 32.28 62.81
C THR A 33 29.85 31.34 62.65
N SER A 34 30.14 30.08 62.35
CA SER A 34 29.13 29.01 62.22
C SER A 34 29.79 27.72 62.74
N LEU A 35 28.99 26.79 63.23
CA LEU A 35 29.56 25.57 63.78
C LEU A 35 28.65 24.35 63.68
N GLY A 36 29.20 23.18 63.99
CA GLY A 36 28.43 21.96 63.94
C GLY A 36 28.94 20.96 64.97
N ILE A 37 28.02 20.27 65.62
CA ILE A 37 28.41 19.28 66.61
C ILE A 37 27.68 17.98 66.34
N LYS A 38 28.39 16.88 66.46
CA LYS A 38 27.78 15.58 66.21
C LYS A 38 27.54 14.81 67.51
N ALA A 39 26.27 14.56 67.82
CA ALA A 39 25.92 13.79 69.01
C ALA A 39 25.82 12.34 68.56
N THR A 40 25.38 11.44 69.43
CA THR A 40 25.28 10.03 69.08
C THR A 40 23.94 9.71 68.41
N ASN A 41 23.01 10.66 68.49
CA ASN A 41 21.70 10.46 67.90
C ASN A 41 21.23 11.74 67.22
N GLY A 42 22.16 12.42 66.56
CA GLY A 42 21.81 13.65 65.88
C GLY A 42 23.02 14.52 65.61
N VAL A 43 22.78 15.61 64.88
CA VAL A 43 23.83 16.55 64.57
C VAL A 43 23.18 17.92 64.63
N VAL A 44 23.96 18.91 65.03
CA VAL A 44 23.43 20.26 65.14
C VAL A 44 24.38 21.23 64.46
N ILE A 45 23.81 22.14 63.68
CA ILE A 45 24.60 23.16 62.98
C ILE A 45 23.96 24.48 63.37
N ALA A 46 24.77 25.51 63.53
CA ALA A 46 24.27 26.82 63.91
C ALA A 46 25.19 27.97 63.50
N THR A 47 24.61 29.16 63.42
CA THR A 47 25.36 30.34 63.05
C THR A 47 24.66 31.57 63.60
N GLU A 48 25.20 32.74 63.32
CA GLU A 48 24.62 33.99 63.80
C GLU A 48 23.96 34.76 62.65
N LYS A 49 22.77 35.29 62.89
CA LYS A 49 22.07 36.08 61.86
C LYS A 49 22.47 37.54 61.98
N LYS A 50 23.59 37.90 61.34
CA LYS A 50 24.07 39.27 61.39
C LYS A 50 23.24 40.20 60.51
N SER A 51 22.22 40.82 61.09
CA SER A 51 21.36 41.73 60.36
C SER A 51 22.12 42.98 59.89
N SER A 52 21.76 43.48 58.70
CA SER A 52 22.41 44.67 58.13
C SER A 52 21.54 45.93 58.22
N SER A 53 20.63 45.93 59.19
CA SER A 53 19.72 47.06 59.44
C SER A 53 18.52 46.53 60.23
N PRO A 54 18.14 47.22 61.30
CA PRO A 54 16.99 46.77 62.09
C PRO A 54 15.71 46.84 61.26
N LEU A 55 15.83 47.41 60.07
CA LEU A 55 14.71 47.54 59.14
C LEU A 55 14.56 46.27 58.33
N ALA A 56 15.64 45.50 58.24
CA ALA A 56 15.65 44.25 57.51
C ALA A 56 14.98 43.18 58.34
N MET A 57 14.29 42.26 57.67
CA MET A 57 13.61 41.17 58.35
C MET A 57 14.52 39.95 58.30
N SER A 58 15.13 39.65 59.44
CA SER A 58 16.06 38.53 59.57
C SER A 58 15.54 37.14 59.22
N GLU A 59 14.23 36.96 59.17
CA GLU A 59 13.67 35.65 58.83
C GLU A 59 13.76 35.43 57.33
N THR A 60 13.63 36.50 56.55
CA THR A 60 13.69 36.43 55.09
C THR A 60 15.13 36.20 54.62
N LEU A 61 15.91 35.51 55.42
CA LEU A 61 17.28 35.24 55.05
C LEU A 61 17.81 34.14 55.96
N SER A 62 17.79 32.92 55.45
CA SER A 62 18.28 31.78 56.21
C SER A 62 19.71 31.47 55.81
N LYS A 63 20.53 31.19 56.81
CA LYS A 63 21.92 30.84 56.56
C LYS A 63 22.01 29.34 56.67
N VAL A 64 20.98 28.72 57.23
CA VAL A 64 20.91 27.27 57.37
C VAL A 64 19.88 26.79 56.36
N SER A 65 20.31 25.96 55.42
CA SER A 65 19.42 25.46 54.38
C SER A 65 19.35 23.94 54.34
N LEU A 66 18.18 23.46 53.95
CA LEU A 66 17.94 22.03 53.80
C LEU A 66 18.34 21.63 52.39
N LEU A 67 19.20 20.62 52.27
CA LEU A 67 19.65 20.15 50.96
C LEU A 67 18.73 19.01 50.50
N THR A 68 18.42 18.10 51.42
CA THR A 68 17.52 16.98 51.17
C THR A 68 16.83 16.80 52.52
N PRO A 69 15.72 16.06 52.57
CA PRO A 69 15.08 15.91 53.88
C PRO A 69 15.94 15.33 55.02
N ASP A 70 17.17 14.92 54.74
CA ASP A 70 18.07 14.36 55.76
C ASP A 70 19.42 15.07 55.77
N ILE A 71 19.58 16.12 54.98
CA ILE A 71 20.85 16.84 54.92
C ILE A 71 20.65 18.35 54.98
N GLY A 72 21.41 19.01 55.85
CA GLY A 72 21.28 20.45 55.97
C GLY A 72 22.67 21.05 55.85
N ALA A 73 22.73 22.34 55.57
CA ALA A 73 24.02 22.99 55.43
C ALA A 73 24.03 24.38 56.04
N VAL A 74 25.23 24.85 56.35
CA VAL A 74 25.41 26.19 56.91
C VAL A 74 26.78 26.65 56.41
N TYR A 75 27.06 27.94 56.50
CA TYR A 75 28.33 28.43 55.99
C TYR A 75 28.94 29.62 56.73
N SER A 76 30.03 30.11 56.15
CA SER A 76 30.79 31.26 56.62
C SER A 76 31.52 31.79 55.39
N GLY A 77 31.35 33.08 55.12
CA GLY A 77 31.98 33.67 53.96
C GLY A 77 30.99 34.53 53.21
N MET A 78 31.01 34.45 51.88
CA MET A 78 30.13 35.25 51.03
C MET A 78 28.74 34.65 50.82
N GLY A 79 27.76 35.22 51.52
CA GLY A 79 26.38 34.77 51.42
C GLY A 79 25.88 34.44 50.02
N PRO A 80 25.99 35.36 49.05
CA PRO A 80 25.50 35.05 47.70
C PRO A 80 26.06 33.75 47.13
N ASP A 81 27.38 33.58 47.20
CA ASP A 81 28.00 32.36 46.68
C ASP A 81 27.34 31.14 47.34
N TYR A 82 27.07 31.24 48.64
CA TYR A 82 26.42 30.14 49.37
C TYR A 82 25.06 29.84 48.75
N ARG A 83 24.27 30.89 48.54
CA ARG A 83 22.95 30.78 47.96
C ARG A 83 22.96 29.98 46.65
N VAL A 84 23.74 30.41 45.65
CA VAL A 84 23.75 29.68 44.40
C VAL A 84 24.29 28.28 44.62
N LEU A 85 25.18 28.10 45.59
CA LEU A 85 25.72 26.76 45.84
C LEU A 85 24.65 25.83 46.36
N VAL A 86 23.79 26.34 47.24
CA VAL A 86 22.71 25.56 47.81
C VAL A 86 21.75 25.11 46.71
N ASP A 87 21.45 26.00 45.76
CA ASP A 87 20.57 25.66 44.66
C ASP A 87 21.17 24.52 43.84
N LYS A 88 22.41 24.69 43.39
CA LYS A 88 23.10 23.69 42.61
C LYS A 88 23.18 22.36 43.36
N SER A 89 23.30 22.42 44.69
CA SER A 89 23.40 21.23 45.53
C SER A 89 22.08 20.49 45.61
N ARG A 90 21.00 21.24 45.85
CA ARG A 90 19.69 20.62 45.94
C ARG A 90 19.34 19.94 44.64
N LYS A 91 19.80 20.53 43.53
CA LYS A 91 19.50 19.99 42.22
C LYS A 91 20.33 18.76 41.88
N VAL A 92 21.64 18.84 42.11
CA VAL A 92 22.51 17.70 41.82
C VAL A 92 22.06 16.49 42.62
N ALA A 93 21.44 16.75 43.76
CA ALA A 93 20.94 15.68 44.62
C ALA A 93 19.91 14.87 43.85
N HIS A 94 19.14 15.56 43.01
CA HIS A 94 18.10 14.93 42.20
C HIS A 94 18.66 14.33 40.91
N THR A 95 19.18 15.20 40.04
CA THR A 95 19.73 14.79 38.76
C THR A 95 20.77 13.68 38.82
N SER A 96 21.59 13.69 39.87
CA SER A 96 22.64 12.69 39.98
C SER A 96 22.35 11.53 40.91
N TYR A 97 21.19 11.54 41.56
CA TYR A 97 20.92 10.45 42.48
C TYR A 97 19.47 10.03 42.61
N LYS A 98 18.61 10.92 43.08
CA LYS A 98 17.21 10.55 43.25
C LYS A 98 16.60 10.08 41.92
N ARG A 99 16.96 10.74 40.82
CA ARG A 99 16.42 10.36 39.52
C ARG A 99 16.97 9.06 38.93
N ILE A 100 17.99 8.50 39.57
CA ILE A 100 18.60 7.25 39.12
C ILE A 100 18.21 6.11 40.05
N TYR A 101 18.49 6.30 41.34
CA TYR A 101 18.22 5.28 42.37
C TYR A 101 16.91 5.41 43.13
N GLY A 102 16.15 6.47 42.88
CA GLY A 102 14.87 6.62 43.57
C GLY A 102 14.93 7.00 45.05
N GLU A 103 16.12 7.34 45.54
CA GLU A 103 16.29 7.74 46.92
C GLU A 103 17.26 8.92 46.99
N TYR A 104 17.27 9.65 48.08
CA TYR A 104 18.18 10.79 48.20
C TYR A 104 19.60 10.27 48.44
N PRO A 105 20.61 11.04 48.04
CA PRO A 105 21.99 10.60 48.23
C PRO A 105 22.45 10.59 49.66
N PRO A 106 23.43 9.73 49.98
CA PRO A 106 23.96 9.66 51.34
C PRO A 106 24.82 10.92 51.54
N THR A 107 24.92 11.40 52.77
CA THR A 107 25.67 12.62 53.07
C THR A 107 27.05 12.75 52.41
N LYS A 108 27.93 11.77 52.60
CA LYS A 108 29.27 11.86 52.01
C LYS A 108 29.23 12.08 50.50
N LEU A 109 28.33 11.38 49.81
CA LEU A 109 28.23 11.53 48.36
C LEU A 109 27.76 12.90 47.89
N LEU A 110 26.75 13.46 48.56
CA LEU A 110 26.24 14.77 48.20
C LEU A 110 27.32 15.82 48.46
N VAL A 111 28.06 15.62 49.55
CA VAL A 111 29.14 16.52 49.92
C VAL A 111 30.16 16.45 48.82
N SER A 112 30.42 15.25 48.36
CA SER A 112 31.38 15.01 47.29
C SER A 112 30.98 15.76 46.02
N GLU A 113 29.67 15.83 45.77
CA GLU A 113 29.16 16.53 44.59
C GLU A 113 29.42 18.02 44.78
N VAL A 114 28.99 18.54 45.92
CA VAL A 114 29.17 19.96 46.22
C VAL A 114 30.64 20.31 46.03
N ALA A 115 31.50 19.50 46.64
CA ALA A 115 32.95 19.68 46.57
C ALA A 115 33.42 19.75 45.14
N LYS A 116 32.83 18.93 44.28
CA LYS A 116 33.23 18.93 42.88
C LYS A 116 32.92 20.27 42.23
N ILE A 117 31.72 20.77 42.47
CA ILE A 117 31.30 22.06 41.92
C ILE A 117 32.26 23.15 42.30
N MET A 118 32.72 23.13 43.55
CA MET A 118 33.67 24.12 44.02
C MET A 118 35.06 23.93 43.41
N GLN A 119 35.44 22.68 43.15
CA GLN A 119 36.75 22.41 42.57
C GLN A 119 36.87 23.02 41.19
N GLU A 120 35.81 22.89 40.40
CA GLU A 120 35.81 23.40 39.05
C GLU A 120 35.97 24.91 38.98
N ALA A 121 35.45 25.61 39.98
CA ALA A 121 35.57 27.07 40.02
C ALA A 121 36.99 27.44 40.44
N THR A 122 37.82 26.42 40.57
CA THR A 122 39.21 26.55 40.99
C THR A 122 40.15 26.31 39.82
N GLN A 123 39.63 25.74 38.74
CA GLN A 123 40.42 25.42 37.58
C GLN A 123 39.78 25.76 36.24
N SER A 124 38.44 25.77 36.19
CA SER A 124 37.74 26.10 34.95
C SER A 124 38.16 27.46 34.44
N GLY A 125 37.81 27.76 33.18
CA GLY A 125 38.19 29.03 32.62
C GLY A 125 37.30 30.20 33.03
N GLY A 126 37.92 31.36 33.21
CA GLY A 126 37.22 32.59 33.56
C GLY A 126 36.40 32.75 34.83
N VAL A 127 36.76 32.07 35.93
CA VAL A 127 35.99 32.23 37.15
C VAL A 127 36.89 32.28 38.36
N ARG A 128 36.31 32.62 39.52
CA ARG A 128 37.06 32.69 40.76
C ARG A 128 36.49 31.66 41.69
N PRO A 129 37.28 31.15 42.63
CA PRO A 129 36.78 30.15 43.56
C PRO A 129 35.58 30.71 44.33
N PHE A 130 34.77 29.83 44.91
CA PHE A 130 33.64 30.32 45.70
C PHE A 130 34.25 30.84 47.01
N GLY A 131 33.72 31.95 47.51
CA GLY A 131 34.25 32.52 48.73
C GLY A 131 33.53 32.03 49.96
N VAL A 132 33.35 30.72 50.08
CA VAL A 132 32.68 30.17 51.25
C VAL A 132 33.23 28.83 51.69
N SER A 133 32.82 28.44 52.88
CA SER A 133 33.19 27.16 53.47
C SER A 133 31.87 26.72 54.04
N LEU A 134 31.52 25.47 53.81
CA LEU A 134 30.25 24.98 54.31
C LEU A 134 30.46 23.87 55.33
N LEU A 135 29.45 23.66 56.15
CA LEU A 135 29.46 22.59 57.13
C LEU A 135 28.15 21.90 56.75
N ILE A 136 28.23 20.69 56.22
CA ILE A 136 27.05 19.97 55.82
C ILE A 136 26.81 18.84 56.81
N ALA A 137 25.58 18.76 57.32
CA ALA A 137 25.26 17.72 58.29
C ALA A 137 24.06 16.92 57.85
N GLY A 138 24.19 15.60 57.87
CA GLY A 138 23.08 14.77 57.45
C GLY A 138 23.14 13.38 58.05
N HIS A 139 22.22 12.52 57.60
CA HIS A 139 22.13 11.15 58.05
C HIS A 139 21.64 10.23 56.94
N ASP A 140 22.23 9.04 56.87
CA ASP A 140 21.81 8.05 55.88
C ASP A 140 21.90 6.66 56.49
N GLU A 141 20.88 5.85 56.22
CA GLU A 141 20.76 4.50 56.74
C GLU A 141 22.04 3.68 56.98
N PHE A 142 22.97 3.70 56.04
CA PHE A 142 24.17 2.89 56.21
C PHE A 142 25.38 3.60 56.80
N ASN A 143 25.26 4.89 57.10
CA ASN A 143 26.39 5.63 57.67
C ASN A 143 26.02 6.41 58.92
N GLY A 144 24.72 6.45 59.21
CA GLY A 144 24.26 7.16 60.39
C GLY A 144 24.37 8.67 60.25
N PHE A 145 24.80 9.34 61.31
CA PHE A 145 24.96 10.77 61.29
C PHE A 145 26.39 11.12 60.96
N SER A 146 26.56 12.23 60.26
CA SER A 146 27.89 12.69 59.92
C SER A 146 27.89 14.19 59.70
N LEU A 147 29.08 14.78 59.78
CA LEU A 147 29.27 16.20 59.61
C LEU A 147 30.53 16.44 58.78
N TYR A 148 30.41 17.26 57.74
CA TYR A 148 31.52 17.54 56.86
C TYR A 148 31.73 19.03 56.69
N GLN A 149 32.93 19.38 56.25
CA GLN A 149 33.30 20.76 56.00
C GLN A 149 33.88 20.78 54.58
N VAL A 150 33.40 21.70 53.75
CA VAL A 150 33.88 21.82 52.37
C VAL A 150 34.47 23.20 52.20
N ASP A 151 35.73 23.26 51.77
CA ASP A 151 36.42 24.53 51.58
C ASP A 151 36.48 24.96 50.12
N PRO A 152 36.86 26.22 49.85
CA PRO A 152 36.96 26.80 48.50
C PRO A 152 37.80 25.97 47.52
N SER A 153 38.76 25.23 48.04
CA SER A 153 39.63 24.40 47.20
C SER A 153 38.85 23.18 46.71
N GLY A 154 37.76 22.89 47.40
CA GLY A 154 36.95 21.75 47.04
C GLY A 154 37.27 20.58 47.96
N SER A 155 38.17 20.79 48.90
CA SER A 155 38.56 19.75 49.84
C SER A 155 37.50 19.65 50.90
N TYR A 156 37.34 18.47 51.47
CA TYR A 156 36.34 18.29 52.52
C TYR A 156 36.77 17.19 53.48
N PHE A 157 36.43 17.37 54.74
CA PHE A 157 36.77 16.41 55.77
C PHE A 157 35.65 16.27 56.79
N PRO A 158 35.55 15.11 57.44
CA PRO A 158 34.51 14.84 58.44
C PRO A 158 34.96 15.32 59.81
N TRP A 159 34.00 15.74 60.63
CA TRP A 159 34.29 16.22 61.97
C TRP A 159 33.35 15.65 63.02
N LYS A 160 33.80 15.73 64.27
CA LYS A 160 32.99 15.29 65.40
C LYS A 160 32.29 16.59 65.78
N ALA A 161 33.05 17.68 65.63
CA ALA A 161 32.58 19.03 65.91
C ALA A 161 33.62 20.02 65.39
N THR A 162 33.20 21.19 64.99
CA THR A 162 34.13 22.20 64.51
C THR A 162 33.40 23.49 64.22
N ALA A 163 34.17 24.55 64.00
CA ALA A 163 33.61 25.85 63.69
C ALA A 163 34.46 26.49 62.60
N ILE A 164 33.85 27.42 61.88
CA ILE A 164 34.52 28.13 60.81
C ILE A 164 34.15 29.60 60.90
N GLY A 165 34.96 30.47 60.30
CA GLY A 165 34.65 31.89 60.33
C GLY A 165 35.48 32.71 61.31
N LYS A 166 34.98 33.91 61.61
CA LYS A 166 35.60 34.87 62.52
C LYS A 166 36.38 34.27 63.67
N GLY A 167 35.66 33.77 64.68
CA GLY A 167 36.32 33.21 65.83
C GLY A 167 36.31 31.71 65.85
N SER A 168 36.72 31.12 64.75
CA SER A 168 36.74 29.66 64.64
C SER A 168 37.77 29.08 65.60
N VAL A 169 38.94 29.69 65.68
CA VAL A 169 40.02 29.21 66.54
C VAL A 169 39.59 29.10 68.01
N ALA A 170 39.01 30.18 68.52
CA ALA A 170 38.54 30.19 69.91
C ALA A 170 37.48 29.13 70.12
N ALA A 171 36.51 29.11 69.22
CA ALA A 171 35.40 28.17 69.27
C ALA A 171 35.85 26.72 69.12
N LYS A 172 36.76 26.46 68.19
CA LYS A 172 37.25 25.10 68.01
C LYS A 172 37.87 24.62 69.30
N THR A 173 38.52 25.54 70.01
CA THR A 173 39.15 25.19 71.28
C THR A 173 38.08 24.89 72.32
N PHE A 174 37.05 25.75 72.40
CA PHE A 174 36.00 25.53 73.37
C PHE A 174 35.25 24.22 73.14
N LEU A 175 35.21 23.78 71.89
CA LEU A 175 34.52 22.55 71.56
C LEU A 175 35.31 21.31 72.01
N GLU A 176 36.62 21.32 71.79
CA GLU A 176 37.46 20.20 72.19
C GLU A 176 37.27 19.88 73.68
N LYS A 177 37.09 20.93 74.47
CA LYS A 177 36.90 20.76 75.90
C LYS A 177 35.59 20.05 76.22
N ARG A 178 34.50 20.55 75.65
CA ARG A 178 33.16 20.02 75.93
C ARG A 178 32.66 18.82 75.10
N TRP A 179 33.46 18.31 74.16
CA TRP A 179 33.00 17.19 73.34
C TRP A 179 33.44 15.82 73.82
N ASN A 180 32.56 14.84 73.65
CA ASN A 180 32.81 13.45 74.02
C ASN A 180 31.96 12.56 73.12
N ASP A 181 32.37 11.30 72.95
CA ASP A 181 31.63 10.38 72.08
C ASP A 181 30.37 9.79 72.74
N GLU A 182 29.81 10.50 73.71
CA GLU A 182 28.62 10.01 74.39
C GLU A 182 27.54 11.07 74.53
N LEU A 183 27.72 12.19 73.84
CA LEU A 183 26.75 13.28 73.87
C LEU A 183 25.43 12.90 73.25
N GLU A 184 24.35 13.45 73.79
CA GLU A 184 23.02 13.21 73.27
C GLU A 184 22.72 14.52 72.52
N LEU A 185 21.86 14.46 71.50
CA LEU A 185 21.53 15.64 70.72
C LEU A 185 21.34 16.90 71.57
N GLU A 186 20.46 16.81 72.58
CA GLU A 186 20.19 17.96 73.46
C GLU A 186 21.43 18.52 74.14
N ASP A 187 22.39 17.63 74.44
CA ASP A 187 23.63 18.04 75.07
C ASP A 187 24.42 18.88 74.08
N ALA A 188 24.43 18.43 72.82
CA ALA A 188 25.14 19.15 71.77
C ALA A 188 24.45 20.47 71.43
N ILE A 189 23.12 20.50 71.47
CA ILE A 189 22.39 21.72 71.18
C ILE A 189 22.79 22.75 72.23
N HIS A 190 23.04 22.25 73.44
CA HIS A 190 23.46 23.09 74.56
C HIS A 190 24.87 23.61 74.30
N ILE A 191 25.81 22.68 74.11
CA ILE A 191 27.21 23.03 73.84
C ILE A 191 27.27 24.03 72.69
N ALA A 192 26.40 23.83 71.71
CA ALA A 192 26.32 24.70 70.55
C ALA A 192 25.94 26.12 70.96
N LEU A 193 24.85 26.22 71.74
CA LEU A 193 24.38 27.50 72.22
C LEU A 193 25.45 28.24 73.02
N LEU A 194 26.29 27.48 73.74
CA LEU A 194 27.34 28.09 74.54
C LEU A 194 28.48 28.60 73.66
N THR A 195 28.99 27.72 72.80
CA THR A 195 30.09 28.07 71.89
C THR A 195 29.73 29.31 71.09
N LEU A 196 28.47 29.37 70.67
CA LEU A 196 28.00 30.49 69.87
C LEU A 196 27.85 31.76 70.68
N LYS A 197 27.72 31.64 72.00
CA LYS A 197 27.58 32.83 72.83
C LYS A 197 28.83 33.70 72.76
N GLU A 198 29.99 33.07 72.73
CA GLU A 198 31.25 33.82 72.68
C GLU A 198 31.41 34.62 71.39
N SER A 199 30.93 34.06 70.29
CA SER A 199 31.03 34.70 68.99
C SER A 199 30.12 35.91 68.85
N VAL A 200 28.88 35.78 69.29
CA VAL A 200 27.91 36.88 69.19
C VAL A 200 28.21 38.01 70.19
N GLU A 201 28.28 39.23 69.68
CA GLU A 201 28.56 40.42 70.50
C GLU A 201 27.28 41.00 71.08
N GLY A 202 26.35 41.38 70.18
CA GLY A 202 25.09 41.97 70.59
C GLY A 202 24.07 41.03 71.20
N GLU A 203 22.83 41.13 70.73
CA GLU A 203 21.75 40.29 71.24
C GLU A 203 21.98 38.81 70.98
N PHE A 204 21.60 37.97 71.93
CA PHE A 204 21.77 36.53 71.80
C PHE A 204 20.46 35.85 72.17
N ASN A 205 19.54 35.79 71.20
CA ASN A 205 18.24 35.18 71.42
C ASN A 205 17.86 34.32 70.23
N GLY A 206 16.64 33.81 70.23
CA GLY A 206 16.18 32.98 69.13
C GLY A 206 15.87 33.72 67.85
N ASP A 207 16.25 35.00 67.78
CA ASP A 207 16.01 35.81 66.59
C ASP A 207 17.30 36.32 65.98
N THR A 208 18.39 36.19 66.72
CA THR A 208 19.71 36.61 66.27
C THR A 208 20.52 35.36 65.96
N ILE A 209 19.98 34.22 66.36
CA ILE A 209 20.61 32.91 66.15
C ILE A 209 19.77 32.05 65.20
N GLU A 210 20.45 31.23 64.42
CA GLU A 210 19.82 30.31 63.48
C GLU A 210 20.41 28.94 63.81
N LEU A 211 19.56 27.99 64.13
CA LEU A 211 20.05 26.66 64.49
C LEU A 211 19.11 25.56 64.03
N ALA A 212 19.68 24.56 63.35
CA ALA A 212 18.91 23.43 62.86
C ALA A 212 19.62 22.12 63.21
N ILE A 213 18.88 21.03 63.27
CA ILE A 213 19.47 19.75 63.61
C ILE A 213 19.05 18.62 62.69
N ILE A 214 19.80 17.54 62.76
CA ILE A 214 19.51 16.34 61.98
C ILE A 214 19.29 15.28 63.03
N GLY A 215 18.03 14.99 63.35
CA GLY A 215 17.77 14.00 64.37
C GLY A 215 16.82 12.89 63.97
N ASP A 216 15.72 12.78 64.70
CA ASP A 216 14.74 11.75 64.41
C ASP A 216 13.85 12.20 63.27
N GLU A 217 13.06 11.26 62.78
CA GLU A 217 12.12 11.50 61.70
C GLU A 217 10.91 12.27 62.26
N ASN A 218 10.46 13.29 61.54
CA ASN A 218 9.32 14.10 61.96
C ASN A 218 8.08 13.77 61.12
N PRO A 219 7.37 12.66 61.45
CA PRO A 219 6.18 12.26 60.71
C PRO A 219 5.16 13.37 60.56
N ASP A 220 5.28 14.40 61.38
CA ASP A 220 4.36 15.53 61.35
C ASP A 220 4.79 16.56 60.29
N LEU A 221 6.01 16.42 59.80
CA LEU A 221 6.54 17.32 58.80
C LEU A 221 6.58 16.64 57.44
N LEU A 222 5.84 15.54 57.28
CA LEU A 222 5.82 14.80 56.03
C LEU A 222 4.82 15.37 55.05
N GLY A 223 3.65 15.76 55.56
CA GLY A 223 2.62 16.34 54.71
C GLY A 223 1.54 15.35 54.27
N TYR A 224 1.78 14.07 54.51
CA TYR A 224 0.81 13.03 54.13
C TYR A 224 1.07 11.75 54.91
N THR A 225 0.13 10.82 54.81
CA THR A 225 0.24 9.53 55.49
C THR A 225 -0.41 8.48 54.62
N GLY A 226 0.09 7.26 54.71
CA GLY A 226 -0.47 6.18 53.93
C GLY A 226 0.64 5.28 53.44
N ILE A 227 1.86 5.77 53.54
CA ILE A 227 3.01 4.99 53.11
C ILE A 227 3.91 4.77 54.30
N PRO A 228 3.91 3.54 54.84
CA PRO A 228 4.72 3.11 55.99
C PRO A 228 6.20 3.46 55.96
N THR A 229 6.87 3.18 54.85
CA THR A 229 8.30 3.47 54.75
C THR A 229 8.68 4.96 54.72
N ASP A 230 7.69 5.83 54.52
CA ASP A 230 7.93 7.28 54.49
C ASP A 230 7.56 7.85 55.86
N LYS A 231 8.55 7.98 56.75
CA LYS A 231 8.30 8.48 58.10
C LYS A 231 8.54 9.98 58.33
N GLY A 232 9.17 10.65 57.37
CA GLY A 232 9.41 12.08 57.52
C GLY A 232 10.87 12.48 57.49
N PRO A 233 11.15 13.80 57.40
CA PRO A 233 12.51 14.35 57.36
C PRO A 233 13.22 14.37 58.71
N ARG A 234 14.53 14.12 58.71
CA ARG A 234 15.32 14.13 59.94
C ARG A 234 15.88 15.53 60.20
N PHE A 235 15.70 16.41 59.21
CA PHE A 235 16.18 17.78 59.31
C PHE A 235 15.10 18.68 59.85
N ARG A 236 15.44 19.43 60.89
CA ARG A 236 14.48 20.36 61.45
C ARG A 236 15.18 21.63 61.91
N LYS A 237 14.67 22.76 61.43
CA LYS A 237 15.20 24.05 61.78
C LYS A 237 14.45 24.45 63.05
N LEU A 238 15.18 24.81 64.10
CA LEU A 238 14.53 25.22 65.33
C LEU A 238 13.83 26.56 65.17
N THR A 239 12.73 26.74 65.89
CA THR A 239 11.96 27.97 65.85
C THR A 239 12.49 28.99 66.84
N SER A 240 12.23 30.26 66.55
CA SER A 240 12.68 31.36 67.40
C SER A 240 12.39 30.98 68.86
N GLN A 241 11.21 30.42 69.07
CA GLN A 241 10.78 30.00 70.40
C GLN A 241 11.65 28.86 70.95
N GLU A 242 11.65 27.72 70.26
CA GLU A 242 12.43 26.56 70.70
C GLU A 242 13.83 26.95 71.16
N ILE A 243 14.35 28.03 70.59
CA ILE A 243 15.69 28.52 70.93
C ILE A 243 15.69 29.09 72.34
N ASN A 244 14.89 30.12 72.54
CA ASN A 244 14.78 30.82 73.83
C ASN A 244 14.53 29.91 75.02
N ASP A 245 13.74 28.86 74.83
CA ASP A 245 13.45 27.92 75.91
C ASP A 245 14.72 27.24 76.41
N ARG A 246 15.69 27.07 75.51
CA ARG A 246 16.95 26.45 75.90
C ARG A 246 17.94 27.53 76.35
N LEU A 247 17.72 28.75 75.90
CA LEU A 247 18.59 29.87 76.27
C LEU A 247 18.45 30.19 77.76
N GLU A 248 17.33 29.79 78.35
CA GLU A 248 17.10 30.01 79.77
C GLU A 248 17.98 29.06 80.55
N ALA A 249 17.77 27.76 80.35
CA ALA A 249 18.56 26.73 81.01
C ALA A 249 19.99 26.74 80.46
N LEU A 250 20.46 27.94 80.11
CA LEU A 250 21.80 28.14 79.56
C LEU A 250 22.74 28.65 80.65
N GLY B 1 40.90 43.96 25.33
CA GLY B 1 40.69 42.50 25.27
C GLY B 1 40.91 41.80 26.60
N SER B 2 40.97 40.47 26.56
CA SER B 2 41.17 39.66 27.77
C SER B 2 42.60 39.15 27.92
N ARG B 3 43.32 39.12 26.80
CA ARG B 3 44.72 38.67 26.76
C ARG B 3 45.55 39.20 27.92
N ARG B 4 45.15 40.38 28.38
CA ARG B 4 45.81 41.08 29.48
C ARG B 4 45.98 40.23 30.75
N TYR B 5 44.92 39.50 31.12
CA TYR B 5 44.91 38.67 32.33
C TYR B 5 45.26 37.19 32.15
N ASP B 6 45.72 36.82 30.97
CA ASP B 6 46.08 35.43 30.66
C ASP B 6 47.46 35.04 31.19
N SER B 7 47.49 34.12 32.15
CA SER B 7 48.73 33.64 32.77
C SER B 7 49.58 32.85 31.79
N ARG B 8 48.93 32.17 30.86
CA ARG B 8 49.61 31.36 29.86
C ARG B 8 50.27 30.20 30.59
N THR B 9 49.44 29.34 31.14
CA THR B 9 49.88 28.19 31.90
C THR B 9 50.63 27.16 31.10
N THR B 10 50.52 27.18 29.78
CA THR B 10 51.19 26.18 28.97
C THR B 10 52.36 26.63 28.10
N ILE B 11 53.23 27.49 28.63
CA ILE B 11 54.36 27.93 27.84
C ILE B 11 55.69 27.46 28.41
N PHE B 12 56.69 27.46 27.56
CA PHE B 12 58.04 27.05 27.93
C PHE B 12 58.79 28.24 28.51
N SER B 13 59.72 27.95 29.40
CA SER B 13 60.57 28.98 29.99
C SER B 13 61.76 29.03 29.03
N PRO B 14 62.58 30.09 29.10
CA PRO B 14 63.73 30.15 28.19
C PRO B 14 64.62 28.92 28.32
N GLU B 15 64.50 28.22 29.45
CA GLU B 15 65.28 27.01 29.72
C GLU B 15 64.59 25.75 29.20
N GLY B 16 63.35 25.88 28.75
CA GLY B 16 62.63 24.73 28.24
C GLY B 16 61.98 23.95 29.37
N ARG B 17 61.43 24.67 30.33
CA ARG B 17 60.75 24.04 31.45
C ARG B 17 59.32 24.55 31.45
N LEU B 18 58.43 23.83 32.11
CA LEU B 18 57.04 24.25 32.16
C LEU B 18 56.77 24.89 33.51
N TYR B 19 56.78 26.22 33.53
CA TYR B 19 56.56 26.98 34.75
C TYR B 19 55.52 26.36 35.68
N GLN B 20 54.28 26.28 35.21
CA GLN B 20 53.19 25.74 36.00
C GLN B 20 53.42 24.34 36.54
N VAL B 21 54.06 23.47 35.77
CA VAL B 21 54.32 22.11 36.22
C VAL B 21 55.30 22.14 37.38
N GLU B 22 56.39 22.88 37.22
CA GLU B 22 57.42 22.99 38.26
C GLU B 22 56.82 23.55 39.54
N TYR B 23 55.94 24.54 39.41
CA TYR B 23 55.31 25.15 40.58
C TYR B 23 54.32 24.19 41.23
N ALA B 24 53.66 23.36 40.42
CA ALA B 24 52.70 22.40 40.95
C ALA B 24 53.46 21.38 41.77
N LEU B 25 54.62 20.98 41.27
CA LEU B 25 55.47 20.01 41.94
C LEU B 25 55.92 20.60 43.27
N GLU B 26 56.22 21.90 43.26
CA GLU B 26 56.65 22.59 44.47
C GLU B 26 55.51 22.53 45.49
N SER B 27 54.29 22.54 44.99
CA SER B 27 53.11 22.47 45.85
C SER B 27 53.06 21.10 46.51
N ILE B 28 53.12 20.06 45.67
CA ILE B 28 53.08 18.67 46.11
C ILE B 28 54.08 18.41 47.24
N SER B 29 55.27 19.01 47.12
CA SER B 29 56.33 18.85 48.10
C SER B 29 55.99 19.29 49.52
N HIS B 30 54.83 19.89 49.73
CA HIS B 30 54.43 20.33 51.08
C HIS B 30 53.28 19.46 51.59
N ALA B 31 52.92 18.45 50.81
CA ALA B 31 51.82 17.56 51.17
C ALA B 31 52.30 16.34 51.93
N GLY B 32 51.41 15.78 52.75
CA GLY B 32 51.75 14.60 53.52
C GLY B 32 52.49 13.59 52.68
N THR B 33 53.50 12.95 53.26
CA THR B 33 54.29 11.97 52.54
C THR B 33 53.55 10.65 52.36
N ALA B 34 53.72 10.04 51.19
CA ALA B 34 53.10 8.77 50.88
C ALA B 34 54.19 7.81 50.37
N ILE B 35 54.20 6.60 50.91
CA ILE B 35 55.19 5.61 50.54
C ILE B 35 54.55 4.43 49.80
N GLY B 36 55.28 3.89 48.84
CA GLY B 36 54.81 2.75 48.09
C GLY B 36 55.96 1.75 48.02
N ILE B 37 55.75 0.57 48.60
CA ILE B 37 56.79 -0.47 48.60
C ILE B 37 56.25 -1.80 48.09
N MET B 38 56.90 -2.33 47.07
CA MET B 38 56.50 -3.58 46.45
C MET B 38 57.33 -4.80 46.88
N ALA B 39 56.66 -5.77 47.51
CA ALA B 39 57.30 -6.99 47.98
C ALA B 39 57.12 -8.11 46.95
N SER B 40 57.59 -9.30 47.31
CA SER B 40 57.49 -10.46 46.43
C SER B 40 56.06 -11.02 46.42
N ASP B 41 55.36 -10.86 47.55
CA ASP B 41 54.01 -11.37 47.69
C ASP B 41 52.95 -10.29 47.91
N GLY B 42 53.28 -9.04 47.59
CA GLY B 42 52.29 -7.98 47.78
C GLY B 42 52.81 -6.56 47.62
N ILE B 43 51.95 -5.57 47.85
CA ILE B 43 52.35 -4.18 47.74
C ILE B 43 51.81 -3.43 48.95
N VAL B 44 52.59 -2.45 49.41
CA VAL B 44 52.18 -1.66 50.57
C VAL B 44 52.12 -0.17 50.28
N LEU B 45 50.97 0.43 50.60
CA LEU B 45 50.78 1.85 50.43
C LEU B 45 50.59 2.46 51.82
N ALA B 46 51.42 3.44 52.14
CA ALA B 46 51.34 4.10 53.43
C ALA B 46 51.32 5.59 53.20
N ALA B 47 50.55 6.31 54.02
CA ALA B 47 50.48 7.77 53.87
C ALA B 47 50.31 8.49 55.20
N GLU B 48 50.88 9.69 55.27
CA GLU B 48 50.83 10.51 56.47
C GLU B 48 49.84 11.65 56.28
N ARG B 49 48.77 11.66 57.07
CA ARG B 49 47.77 12.72 56.98
C ARG B 49 48.42 13.99 57.52
N LYS B 50 48.72 14.92 56.61
CA LYS B 50 49.34 16.17 56.99
C LYS B 50 48.33 16.97 57.83
N VAL B 51 48.78 17.41 59.01
CA VAL B 51 47.94 18.20 59.93
C VAL B 51 46.60 17.56 60.30
N THR B 52 46.26 17.63 61.59
CA THR B 52 45.00 17.08 62.07
C THR B 52 44.57 17.81 63.34
N SER B 53 43.43 17.39 63.88
CA SER B 53 42.86 17.98 65.10
C SER B 53 42.30 16.87 65.96
N THR B 54 41.90 17.19 67.19
CA THR B 54 41.35 16.21 68.09
C THR B 54 39.91 15.85 67.67
N LEU B 55 39.23 16.79 67.03
CA LEU B 55 37.86 16.60 66.58
C LEU B 55 37.76 15.95 65.21
N LEU B 56 38.83 16.06 64.42
CA LEU B 56 38.83 15.46 63.09
C LEU B 56 38.45 13.99 63.21
N GLU B 57 37.40 13.59 62.48
CA GLU B 57 36.89 12.23 62.47
C GLU B 57 37.85 11.33 61.68
N GLN B 58 38.49 10.38 62.34
CA GLN B 58 39.44 9.52 61.64
C GLN B 58 38.80 8.24 61.09
N ASP B 59 37.63 7.89 61.61
CA ASP B 59 36.93 6.69 61.16
C ASP B 59 36.19 6.90 59.84
N THR B 60 35.47 8.02 59.74
CA THR B 60 34.70 8.36 58.55
C THR B 60 35.59 9.03 57.50
N SER B 61 36.87 8.66 57.47
CA SER B 61 37.80 9.26 56.50
C SER B 61 38.60 8.27 55.64
N THR B 62 39.21 8.82 54.60
CA THR B 62 40.04 8.12 53.63
C THR B 62 40.50 9.23 52.67
N GLU B 63 41.24 10.21 53.21
CA GLU B 63 41.73 11.36 52.45
C GLU B 63 42.93 11.17 51.50
N LYS B 64 43.67 10.07 51.58
CA LYS B 64 44.82 9.89 50.71
C LYS B 64 44.96 8.52 50.04
N LEU B 65 44.14 7.57 50.45
CA LEU B 65 44.18 6.23 49.86
C LEU B 65 42.84 5.93 49.21
N TYR B 66 42.86 5.75 47.90
CA TYR B 66 41.64 5.49 47.17
C TYR B 66 41.70 4.23 46.34
N LYS B 67 40.58 3.53 46.32
CA LYS B 67 40.44 2.30 45.58
C LYS B 67 39.98 2.62 44.15
N LEU B 68 40.80 2.30 43.16
CA LEU B 68 40.44 2.57 41.77
C LEU B 68 39.65 1.45 41.14
N ASN B 69 40.19 0.25 41.30
CA ASN B 69 39.66 -0.98 40.74
C ASN B 69 39.53 -1.97 41.90
N ASP B 70 39.49 -3.25 41.59
CA ASP B 70 39.44 -4.26 42.63
C ASP B 70 40.86 -4.76 42.81
N LYS B 71 41.72 -4.41 41.84
CA LYS B 71 43.10 -4.82 41.85
C LYS B 71 44.04 -3.62 41.81
N ILE B 72 43.47 -2.43 41.80
CA ILE B 72 44.31 -1.24 41.75
C ILE B 72 43.87 -0.19 42.77
N ALA B 73 44.84 0.48 43.38
CA ALA B 73 44.55 1.53 44.34
C ALA B 73 45.64 2.57 44.23
N VAL B 74 45.39 3.77 44.73
CA VAL B 74 46.40 4.82 44.67
C VAL B 74 46.55 5.60 45.97
N ALA B 75 47.73 6.18 46.14
CA ALA B 75 48.00 7.01 47.30
C ALA B 75 48.11 8.41 46.72
N VAL B 76 47.46 9.38 47.35
CA VAL B 76 47.47 10.76 46.86
C VAL B 76 48.38 11.73 47.59
N ALA B 77 48.97 12.66 46.83
CA ALA B 77 49.82 13.68 47.41
C ALA B 77 49.54 14.99 46.67
N GLY B 78 48.86 15.92 47.34
CA GLY B 78 48.53 17.21 46.73
C GLY B 78 47.09 17.62 47.03
N LEU B 79 46.45 18.31 46.09
CA LEU B 79 45.07 18.76 46.23
C LEU B 79 44.09 17.59 46.25
N THR B 80 43.43 17.36 47.37
CA THR B 80 42.51 16.25 47.44
C THR B 80 41.44 16.36 46.36
N ALA B 81 40.88 17.56 46.20
CA ALA B 81 39.84 17.81 45.22
C ALA B 81 40.30 17.50 43.80
N ASP B 82 41.49 17.97 43.43
CA ASP B 82 42.02 17.71 42.09
C ASP B 82 42.15 16.20 41.91
N ALA B 83 42.67 15.55 42.95
CA ALA B 83 42.87 14.11 42.94
C ALA B 83 41.55 13.38 42.71
N GLU B 84 40.48 13.84 43.36
CA GLU B 84 39.20 13.19 43.20
C GLU B 84 38.68 13.26 41.77
N ILE B 85 38.94 14.37 41.09
CA ILE B 85 38.49 14.51 39.71
C ILE B 85 39.20 13.48 38.83
N LEU B 86 40.51 13.36 39.01
CA LEU B 86 41.27 12.39 38.24
C LEU B 86 40.92 10.95 38.60
N ILE B 87 40.78 10.69 39.90
CA ILE B 87 40.44 9.36 40.38
C ILE B 87 39.15 8.90 39.74
N ASN B 88 38.14 9.75 39.78
CA ASN B 88 36.88 9.35 39.20
C ASN B 88 36.96 9.00 37.71
N THR B 89 37.65 9.80 36.92
CA THR B 89 37.75 9.50 35.49
C THR B 89 38.50 8.18 35.35
N ALA B 90 39.44 7.94 36.26
CA ALA B 90 40.22 6.69 36.25
C ALA B 90 39.33 5.49 36.55
N ARG B 91 38.43 5.62 37.51
CA ARG B 91 37.51 4.54 37.85
C ARG B 91 36.62 4.23 36.65
N ILE B 92 36.23 5.27 35.91
CA ILE B 92 35.39 5.12 34.72
C ILE B 92 36.18 4.38 33.64
N HIS B 93 37.41 4.81 33.40
CA HIS B 93 38.23 4.17 32.37
C HIS B 93 38.39 2.67 32.60
N ALA B 94 38.58 2.28 33.86
CA ALA B 94 38.75 0.88 34.21
C ALA B 94 37.51 0.08 33.84
N GLN B 95 36.34 0.63 34.14
CA GLN B 95 35.07 -0.03 33.82
C GLN B 95 34.79 -0.13 32.33
N ASN B 96 35.17 0.88 31.54
CA ASN B 96 34.93 0.82 30.10
C ASN B 96 35.75 -0.31 29.56
N TYR B 97 36.98 -0.44 30.05
CA TYR B 97 37.88 -1.49 29.60
C TYR B 97 37.25 -2.84 29.91
N LEU B 98 36.76 -2.99 31.15
CA LEU B 98 36.14 -4.22 31.55
C LEU B 98 34.96 -4.55 30.65
N LYS B 99 34.10 -3.56 30.39
CA LYS B 99 32.93 -3.81 29.55
C LYS B 99 33.31 -4.14 28.11
N THR B 100 34.39 -3.56 27.65
CA THR B 100 34.82 -3.78 26.28
C THR B 100 35.47 -5.13 26.03
N TYR B 101 36.43 -5.48 26.87
CA TYR B 101 37.18 -6.72 26.70
C TYR B 101 36.83 -7.85 27.66
N ASN B 102 35.95 -7.58 28.62
CA ASN B 102 35.58 -8.59 29.61
C ASN B 102 36.81 -9.13 30.35
N GLU B 103 37.71 -8.22 30.67
CA GLU B 103 38.94 -8.53 31.41
C GLU B 103 39.28 -7.26 32.19
N ASP B 104 39.90 -7.41 33.36
CA ASP B 104 40.25 -6.25 34.16
C ASP B 104 41.36 -5.50 33.45
N ILE B 105 41.34 -4.18 33.58
CA ILE B 105 42.32 -3.36 32.91
C ILE B 105 43.74 -3.51 33.44
N PRO B 106 44.69 -3.86 32.57
CA PRO B 106 46.09 -4.02 32.97
C PRO B 106 46.53 -2.71 33.66
N VAL B 107 47.25 -2.86 34.78
CA VAL B 107 47.70 -1.69 35.55
C VAL B 107 48.37 -0.58 34.78
N GLU B 108 49.25 -0.90 33.85
CA GLU B 108 49.91 0.17 33.11
C GLU B 108 48.99 0.94 32.18
N ILE B 109 48.06 0.24 31.53
CA ILE B 109 47.14 0.90 30.63
C ILE B 109 46.35 1.99 31.37
N LEU B 110 45.97 1.71 32.62
CA LEU B 110 45.21 2.66 33.41
C LEU B 110 46.08 3.82 33.85
N VAL B 111 47.33 3.55 34.19
CA VAL B 111 48.25 4.60 34.61
C VAL B 111 48.60 5.51 33.44
N ARG B 112 48.81 4.94 32.26
CA ARG B 112 49.16 5.74 31.09
C ARG B 112 48.00 6.67 30.72
N ARG B 113 46.78 6.16 30.81
CA ARG B 113 45.60 6.94 30.49
C ARG B 113 45.56 8.19 31.34
N LEU B 114 45.59 8.02 32.66
CA LEU B 114 45.56 9.14 33.59
C LEU B 114 46.69 10.12 33.37
N SER B 115 47.88 9.60 33.08
CA SER B 115 49.03 10.46 32.85
C SER B 115 48.83 11.31 31.61
N ASP B 116 48.26 10.69 30.58
CA ASP B 116 47.98 11.39 29.34
C ASP B 116 47.00 12.52 29.60
N ILE B 117 46.00 12.28 30.44
CA ILE B 117 45.04 13.31 30.78
C ILE B 117 45.79 14.48 31.39
N LYS B 118 46.67 14.19 32.35
CA LYS B 118 47.47 15.23 33.00
C LYS B 118 48.34 15.96 31.98
N GLN B 119 48.98 15.19 31.10
CA GLN B 119 49.84 15.76 30.08
C GLN B 119 49.10 16.76 29.23
N GLY B 120 47.81 16.51 28.99
CA GLY B 120 47.02 17.41 28.17
C GLY B 120 46.96 18.82 28.73
N TYR B 121 46.66 18.93 30.03
CA TYR B 121 46.57 20.21 30.70
C TYR B 121 47.91 20.92 30.66
N THR B 122 48.90 20.25 30.09
CA THR B 122 50.24 20.76 29.96
C THR B 122 50.53 21.37 28.60
N GLN B 123 49.80 20.92 27.58
CA GLN B 123 50.08 21.39 26.22
C GLN B 123 49.01 22.24 25.56
N HIS B 124 47.83 22.33 26.16
CA HIS B 124 46.77 23.13 25.57
C HIS B 124 45.61 23.35 26.54
N GLY B 125 44.80 24.37 26.26
CA GLY B 125 43.66 24.65 27.10
C GLY B 125 43.81 25.86 27.99
N GLY B 126 45.05 26.30 28.20
CA GLY B 126 45.28 27.46 29.04
C GLY B 126 44.76 27.33 30.46
N LEU B 127 44.59 26.09 30.93
CA LEU B 127 44.13 25.84 32.29
C LEU B 127 45.30 25.40 33.16
N ARG B 128 45.19 25.60 34.46
CA ARG B 128 46.26 25.21 35.36
C ARG B 128 46.32 23.68 35.45
N PRO B 129 47.51 23.12 35.66
CA PRO B 129 47.70 21.67 35.78
C PRO B 129 47.05 21.15 37.07
N PHE B 130 46.94 19.84 37.20
CA PHE B 130 46.38 19.27 38.43
C PHE B 130 47.53 19.18 39.42
N GLY B 131 47.37 19.80 40.60
CA GLY B 131 48.43 19.74 41.59
C GLY B 131 48.36 18.43 42.34
N VAL B 132 48.62 17.33 41.65
CA VAL B 132 48.55 16.02 42.26
C VAL B 132 49.60 15.04 41.77
N SER B 133 50.04 14.18 42.70
CA SER B 133 50.99 13.13 42.37
C SER B 133 50.41 11.86 42.96
N PHE B 134 50.46 10.79 42.18
CA PHE B 134 49.91 9.51 42.57
C PHE B 134 50.97 8.42 42.65
N ILE B 135 50.72 7.45 43.52
CA ILE B 135 51.56 6.27 43.62
C ILE B 135 50.51 5.20 43.33
N TYR B 136 50.70 4.42 42.27
CA TYR B 136 49.74 3.38 41.92
C TYR B 136 50.20 2.01 42.35
N ALA B 137 49.32 1.30 43.05
CA ALA B 137 49.62 -0.05 43.52
C ALA B 137 48.57 -0.98 42.94
N GLY B 138 48.99 -1.92 42.11
CA GLY B 138 48.02 -2.81 41.51
C GLY B 138 48.59 -4.13 41.06
N TYR B 139 47.69 -4.99 40.60
CA TYR B 139 48.06 -6.31 40.14
C TYR B 139 47.30 -6.73 38.88
N ASP B 140 47.94 -7.56 38.08
CA ASP B 140 47.32 -8.09 36.87
C ASP B 140 48.13 -9.29 36.44
N ASP B 141 47.53 -10.17 35.64
CA ASP B 141 48.20 -11.38 35.21
C ASP B 141 49.21 -11.24 34.06
N ARG B 142 49.93 -10.13 34.01
CA ARG B 142 50.93 -9.97 32.96
C ARG B 142 52.24 -9.51 33.56
N TYR B 143 52.16 -8.75 34.65
CA TYR B 143 53.33 -8.24 35.33
C TYR B 143 53.17 -8.44 36.83
N GLY B 144 52.10 -9.10 37.22
CA GLY B 144 51.87 -9.33 38.64
C GLY B 144 51.74 -8.02 39.41
N TYR B 145 52.52 -7.88 40.46
CA TYR B 145 52.48 -6.68 41.28
C TYR B 145 53.26 -5.56 40.61
N GLN B 146 52.65 -4.38 40.58
CA GLN B 146 53.29 -3.23 39.98
C GLN B 146 53.10 -1.99 40.84
N LEU B 147 54.08 -1.10 40.77
CA LEU B 147 54.04 0.14 41.54
C LEU B 147 54.39 1.23 40.54
N TYR B 148 53.60 2.30 40.54
CA TYR B 148 53.83 3.41 39.62
C TYR B 148 53.73 4.77 40.29
N THR B 149 54.10 5.79 39.54
CA THR B 149 54.05 7.15 40.03
C THR B 149 53.79 8.08 38.86
N SER B 150 52.91 9.07 39.05
CA SER B 150 52.64 10.05 38.01
C SER B 150 52.54 11.43 38.67
N ASN B 151 53.06 12.45 38.00
CA ASN B 151 53.03 13.79 38.54
C ASN B 151 52.39 14.78 37.56
N PRO B 152 52.25 16.05 37.95
CA PRO B 152 51.65 17.08 37.10
C PRO B 152 52.12 17.15 35.64
N SER B 153 53.40 16.86 35.39
CA SER B 153 53.93 16.93 34.04
C SER B 153 53.24 15.96 33.12
N GLY B 154 52.77 14.85 33.69
CA GLY B 154 52.10 13.84 32.90
C GLY B 154 53.05 12.68 32.67
N ASN B 155 54.14 12.68 33.41
CA ASN B 155 55.10 11.61 33.28
C ASN B 155 54.82 10.54 34.32
N TYR B 156 55.16 9.30 34.01
CA TYR B 156 54.95 8.21 34.95
C TYR B 156 56.08 7.20 34.87
N THR B 157 56.39 6.56 35.99
CA THR B 157 57.45 5.56 36.05
C THR B 157 57.16 4.43 37.04
N GLY B 158 57.90 3.33 36.92
CA GLY B 158 57.70 2.18 37.79
C GLY B 158 58.76 2.06 38.86
N TRP B 159 58.36 1.54 40.03
CA TRP B 159 59.29 1.42 41.15
C TRP B 159 59.14 0.15 41.98
N LYS B 160 60.17 -0.12 42.78
CA LYS B 160 60.19 -1.26 43.69
C LYS B 160 59.74 -0.66 45.02
N ALA B 161 60.15 0.58 45.24
CA ALA B 161 59.78 1.35 46.43
C ALA B 161 59.91 2.82 46.01
N ILE B 162 58.93 3.63 46.39
CA ILE B 162 58.96 5.05 46.03
C ILE B 162 58.11 5.87 47.00
N SER B 163 58.31 7.18 46.97
CA SER B 163 57.57 8.08 47.84
C SER B 163 57.24 9.40 47.13
N VAL B 164 56.19 10.06 47.58
CA VAL B 164 55.80 11.34 46.99
C VAL B 164 55.36 12.26 48.12
N GLY B 165 55.38 13.56 47.85
CA GLY B 165 54.99 14.52 48.87
C GLY B 165 56.22 15.20 49.44
N ALA B 166 56.17 15.49 50.73
CA ALA B 166 57.27 16.15 51.41
C ALA B 166 58.38 15.17 51.78
N ASN B 167 59.58 15.71 51.99
CA ASN B 167 60.75 14.93 52.38
C ASN B 167 60.94 13.66 51.57
N THR B 168 60.68 13.73 50.27
CA THR B 168 60.83 12.55 49.43
C THR B 168 62.30 12.15 49.32
N SER B 169 63.17 13.16 49.27
CA SER B 169 64.60 12.94 49.17
C SER B 169 65.12 12.09 50.32
N ALA B 170 64.80 12.51 51.55
CA ALA B 170 65.22 11.78 52.73
C ALA B 170 64.64 10.37 52.70
N ALA B 171 63.34 10.27 52.43
CA ALA B 171 62.65 9.00 52.40
C ALA B 171 63.15 8.04 51.33
N GLN B 172 63.49 8.58 50.16
CA GLN B 172 63.97 7.74 49.07
C GLN B 172 65.34 7.17 49.39
N THR B 173 66.13 7.91 50.18
CA THR B 173 67.46 7.46 50.57
C THR B 173 67.36 6.35 51.62
N LEU B 174 66.44 6.52 52.57
CA LEU B 174 66.25 5.52 53.61
C LEU B 174 65.75 4.22 52.97
N LEU B 175 64.82 4.34 52.02
CA LEU B 175 64.24 3.19 51.33
C LEU B 175 65.29 2.48 50.48
N GLN B 176 66.08 3.28 49.79
CA GLN B 176 67.15 2.78 48.92
C GLN B 176 68.28 2.16 49.73
N MET B 177 68.15 2.25 51.05
CA MET B 177 69.15 1.75 51.97
C MET B 177 68.78 0.41 52.60
N ASP B 178 67.50 0.20 52.89
CA ASP B 178 67.05 -1.04 53.53
C ASP B 178 66.12 -1.92 52.70
N TYR B 179 65.89 -1.55 51.45
CA TYR B 179 65.00 -2.34 50.62
C TYR B 179 65.76 -3.53 50.02
N LYS B 180 65.09 -4.68 49.87
CA LYS B 180 65.71 -5.85 49.28
C LYS B 180 64.70 -6.63 48.43
N ASP B 181 65.12 -6.98 47.21
CA ASP B 181 64.30 -7.72 46.24
C ASP B 181 63.44 -8.85 46.76
N ASP B 182 63.97 -9.63 47.69
CA ASP B 182 63.25 -10.76 48.25
C ASP B 182 62.24 -10.39 49.34
N MET B 183 62.29 -9.14 49.79
CA MET B 183 61.39 -8.66 50.84
C MET B 183 60.01 -9.30 50.81
N LYS B 184 59.45 -9.50 52.00
CA LYS B 184 58.14 -10.09 52.12
C LYS B 184 57.23 -8.93 52.53
N VAL B 185 55.94 -9.03 52.21
CA VAL B 185 54.98 -7.97 52.53
C VAL B 185 55.08 -7.36 53.93
N ASP B 186 55.23 -8.21 54.93
CA ASP B 186 55.30 -7.72 56.30
C ASP B 186 56.60 -6.98 56.58
N ASP B 187 57.64 -7.31 55.83
CA ASP B 187 58.91 -6.62 55.99
C ASP B 187 58.68 -5.21 55.48
N ALA B 188 58.05 -5.13 54.31
CA ALA B 188 57.72 -3.87 53.65
C ALA B 188 56.82 -2.99 54.50
N ILE B 189 55.80 -3.60 55.12
CA ILE B 189 54.89 -2.86 55.97
C ILE B 189 55.71 -2.15 57.03
N GLU B 190 56.75 -2.83 57.51
CA GLU B 190 57.61 -2.28 58.53
C GLU B 190 58.54 -1.20 58.00
N LEU B 191 59.16 -1.45 56.84
CA LEU B 191 60.06 -0.48 56.25
C LEU B 191 59.30 0.84 56.04
N ALA B 192 58.08 0.72 55.51
CA ALA B 192 57.23 1.89 55.26
C ALA B 192 57.04 2.71 56.52
N LEU B 193 56.58 2.06 57.59
CA LEU B 193 56.36 2.75 58.84
C LEU B 193 57.63 3.39 59.40
N LYS B 194 58.75 2.70 59.28
CA LYS B 194 60.01 3.23 59.79
C LYS B 194 60.38 4.48 59.02
N THR B 195 60.30 4.39 57.69
CA THR B 195 60.66 5.51 56.82
C THR B 195 59.85 6.78 57.11
N LEU B 196 58.54 6.63 57.24
CA LEU B 196 57.70 7.78 57.54
C LEU B 196 58.07 8.31 58.91
N SER B 197 58.29 7.39 59.85
CA SER B 197 58.64 7.75 61.22
C SER B 197 59.93 8.57 61.33
N LYS B 198 60.80 8.46 60.33
CA LYS B 198 62.05 9.20 60.34
C LYS B 198 62.01 10.49 59.53
N THR B 199 60.97 10.67 58.72
CA THR B 199 60.85 11.87 57.90
C THR B 199 59.74 12.80 58.38
N THR B 200 58.84 12.28 59.21
CA THR B 200 57.73 13.06 59.74
C THR B 200 58.19 14.39 60.28
N ASP B 201 57.33 15.40 60.19
CA ASP B 201 57.68 16.71 60.71
C ASP B 201 56.93 16.87 62.03
N SER B 202 56.40 15.76 62.53
CA SER B 202 55.64 15.72 63.77
C SER B 202 56.44 15.11 64.90
N SER B 203 55.89 15.22 66.11
CA SER B 203 56.53 14.67 67.30
C SER B 203 56.60 13.16 67.15
N ALA B 204 55.46 12.52 67.38
CA ALA B 204 55.37 11.07 67.26
C ALA B 204 54.59 10.76 66.00
N LEU B 205 54.50 9.48 65.68
CA LEU B 205 53.78 9.04 64.50
C LEU B 205 52.66 8.15 65.02
N THR B 206 51.57 8.77 65.47
CA THR B 206 50.44 8.03 65.99
C THR B 206 49.56 7.44 64.88
N TYR B 207 48.60 6.61 65.28
CA TYR B 207 47.70 5.95 64.33
C TYR B 207 46.67 6.84 63.67
N ASP B 208 46.19 7.85 64.38
CA ASP B 208 45.17 8.76 63.85
C ASP B 208 45.68 9.60 62.67
N ARG B 209 47.00 9.63 62.49
CA ARG B 209 47.59 10.40 61.40
C ARG B 209 48.11 9.52 60.28
N LEU B 210 47.65 8.27 60.24
CA LEU B 210 48.10 7.34 59.21
C LEU B 210 47.02 6.60 58.46
N GLU B 211 47.38 6.19 57.25
CA GLU B 211 46.50 5.42 56.39
C GLU B 211 47.38 4.31 55.83
N PHE B 212 46.85 3.10 55.88
CA PHE B 212 47.58 1.95 55.40
C PHE B 212 46.73 1.06 54.53
N ALA B 213 47.36 0.51 53.49
CA ALA B 213 46.65 -0.37 52.57
C ALA B 213 47.63 -1.34 51.94
N THR B 214 47.17 -2.58 51.73
CA THR B 214 48.00 -3.62 51.12
C THR B 214 47.28 -4.49 50.10
N ILE B 215 47.92 -4.69 48.96
CA ILE B 215 47.38 -5.52 47.91
C ILE B 215 48.17 -6.81 47.98
N ARG B 216 47.67 -7.75 48.77
CA ARG B 216 48.31 -9.04 48.97
C ARG B 216 47.48 -10.07 48.21
N LYS B 217 48.10 -11.17 47.81
CA LYS B 217 47.36 -12.21 47.10
C LYS B 217 47.11 -13.39 48.04
N GLY B 218 46.47 -13.11 49.18
CA GLY B 218 46.18 -14.12 50.17
C GLY B 218 46.35 -15.56 49.69
N ALA B 219 47.41 -16.22 50.17
CA ALA B 219 47.72 -17.61 49.79
C ALA B 219 46.49 -18.51 49.82
N ASN B 220 45.70 -18.39 50.89
CA ASN B 220 44.48 -19.18 51.07
C ASN B 220 43.35 -18.55 50.22
N ASP B 221 43.37 -18.83 48.92
CA ASP B 221 42.38 -18.30 48.00
C ASP B 221 42.80 -18.56 46.55
N GLY B 222 43.78 -17.79 46.06
CA GLY B 222 44.25 -17.95 44.70
C GLY B 222 44.08 -16.67 43.89
N GLU B 223 43.53 -15.62 44.52
CA GLU B 223 43.32 -14.34 43.87
C GLU B 223 43.86 -13.16 44.70
N VAL B 224 43.69 -11.94 44.19
CA VAL B 224 44.18 -10.72 44.84
C VAL B 224 43.16 -10.00 45.74
N TYR B 225 43.65 -9.52 46.89
CA TYR B 225 42.80 -8.82 47.86
C TYR B 225 43.37 -7.44 48.27
N GLN B 226 42.52 -6.43 48.27
CA GLN B 226 42.92 -5.09 48.67
C GLN B 226 42.40 -4.88 50.07
N LYS B 227 43.23 -4.33 50.95
CA LYS B 227 42.81 -4.12 52.32
C LYS B 227 43.25 -2.74 52.82
N ILE B 228 42.29 -1.84 53.01
CA ILE B 228 42.61 -0.50 53.51
C ILE B 228 42.49 -0.60 55.03
N PHE B 229 43.61 -0.69 55.72
CA PHE B 229 43.61 -0.82 57.19
C PHE B 229 42.72 0.20 57.89
N LYS B 230 41.92 -0.30 58.83
CA LYS B 230 41.00 0.53 59.61
C LYS B 230 41.80 1.20 60.74
N PRO B 231 41.24 2.27 61.33
CA PRO B 231 41.95 2.96 62.41
C PRO B 231 42.60 2.00 63.40
N GLN B 232 41.83 1.01 63.86
CA GLN B 232 42.36 0.06 64.83
C GLN B 232 43.52 -0.77 64.29
N GLU B 233 43.35 -1.33 63.10
CA GLU B 233 44.39 -2.15 62.50
C GLU B 233 45.70 -1.38 62.34
N ILE B 234 45.60 -0.07 62.17
CA ILE B 234 46.79 0.76 62.02
C ILE B 234 47.42 0.95 63.39
N LYS B 235 46.57 0.99 64.41
CA LYS B 235 47.01 1.16 65.79
C LYS B 235 47.82 -0.07 66.22
N ASP B 236 47.32 -1.25 65.83
CA ASP B 236 47.96 -2.52 66.14
C ASP B 236 49.32 -2.61 65.46
N ILE B 237 49.30 -2.61 64.13
CA ILE B 237 50.51 -2.69 63.31
C ILE B 237 51.56 -1.65 63.75
N LEU B 238 51.13 -0.65 64.52
CA LEU B 238 52.01 0.40 64.98
C LEU B 238 52.70 -0.01 66.29
N VAL B 239 52.01 -0.81 67.10
CA VAL B 239 52.54 -1.30 68.36
C VAL B 239 53.52 -2.44 68.10
N LYS B 240 53.10 -3.39 67.26
CA LYS B 240 53.92 -4.53 66.91
C LYS B 240 55.30 -4.11 66.41
N THR B 241 55.32 -3.31 65.34
CA THR B 241 56.58 -2.83 64.77
C THR B 241 57.38 -2.02 65.79
N GLY B 242 56.86 -1.91 67.01
CA GLY B 242 57.56 -1.19 68.05
C GLY B 242 57.66 0.31 67.91
N ILE B 243 56.53 0.99 68.08
CA ILE B 243 56.46 2.45 68.03
C ILE B 243 55.31 2.83 68.96
N THR B 244 54.78 1.80 69.65
CA THR B 244 53.65 1.89 70.59
C THR B 244 52.53 2.79 70.08
N GLY C 1 38.19 26.33 23.42
CA GLY C 1 37.91 27.78 23.18
C GLY C 1 39.15 28.64 23.34
N TYR C 2 40.19 28.09 23.97
CA TYR C 2 41.42 28.83 24.18
C TYR C 2 42.28 28.79 22.92
N ASP C 3 42.55 29.95 22.32
CA ASP C 3 43.36 29.99 21.10
C ASP C 3 44.45 31.05 21.08
N ARG C 4 44.92 31.45 22.26
CA ARG C 4 45.98 32.43 22.38
C ARG C 4 47.16 31.97 21.55
N ALA C 5 47.76 32.89 20.78
CA ALA C 5 48.91 32.53 19.95
C ALA C 5 50.14 32.51 20.85
N LEU C 6 50.63 31.31 21.15
CA LEU C 6 51.79 31.18 22.01
C LEU C 6 53.09 31.15 21.21
N SER C 7 53.04 30.57 20.02
CA SER C 7 54.20 30.51 19.15
C SER C 7 54.10 31.61 18.11
N ILE C 8 54.76 32.73 18.37
CA ILE C 8 54.75 33.86 17.45
C ILE C 8 56.18 34.33 17.17
N PHE C 9 56.33 35.18 16.15
CA PHE C 9 57.63 35.72 15.78
C PHE C 9 58.03 36.85 16.72
N SER C 10 59.33 37.06 16.85
CA SER C 10 59.88 38.13 17.68
C SER C 10 60.72 38.99 16.72
N PRO C 11 61.00 40.24 17.10
CA PRO C 11 61.77 41.19 16.30
C PRO C 11 62.94 40.63 15.46
N ASP C 12 63.74 39.75 16.05
CA ASP C 12 64.87 39.16 15.35
C ASP C 12 64.47 38.06 14.36
N GLY C 13 63.21 37.63 14.43
CA GLY C 13 62.71 36.60 13.54
C GLY C 13 62.75 35.17 14.06
N HIS C 14 62.69 35.02 15.38
CA HIS C 14 62.72 33.68 15.98
C HIS C 14 61.35 33.37 16.58
N ILE C 15 61.10 32.09 16.83
CA ILE C 15 59.84 31.67 17.46
C ILE C 15 60.29 31.15 18.82
N PHE C 16 60.44 32.04 19.79
CA PHE C 16 60.92 31.64 21.11
C PHE C 16 60.37 30.37 21.72
N GLN C 17 59.09 30.09 21.52
CA GLN C 17 58.52 28.87 22.07
C GLN C 17 59.12 27.62 21.43
N VAL C 18 59.44 27.69 20.14
CA VAL C 18 60.05 26.56 19.45
C VAL C 18 61.48 26.45 19.97
N GLU C 19 62.10 27.62 20.17
CA GLU C 19 63.46 27.74 20.68
C GLU C 19 63.59 27.04 22.02
N TYR C 20 62.69 27.38 22.93
CA TYR C 20 62.70 26.79 24.26
C TYR C 20 62.30 25.32 24.19
N ALA C 21 61.51 24.98 23.17
CA ALA C 21 61.10 23.59 23.02
C ALA C 21 62.39 22.80 22.89
N LEU C 22 63.32 23.35 22.11
CA LEU C 22 64.62 22.73 21.89
C LEU C 22 65.44 22.63 23.18
N GLU C 23 65.37 23.65 24.02
CA GLU C 23 66.11 23.64 25.28
C GLU C 23 65.71 22.45 26.14
N ALA C 24 64.45 22.05 26.05
CA ALA C 24 63.93 20.92 26.81
C ALA C 24 64.52 19.64 26.24
N VAL C 25 64.79 19.65 24.95
CA VAL C 25 65.36 18.49 24.29
C VAL C 25 66.79 18.32 24.79
N LYS C 26 67.52 19.44 24.88
CA LYS C 26 68.91 19.44 25.35
C LYS C 26 68.97 18.78 26.72
N ARG C 27 67.97 19.08 27.55
CA ARG C 27 67.90 18.52 28.89
C ARG C 27 67.59 17.03 28.90
N GLY C 28 66.84 16.57 27.91
CA GLY C 28 66.49 15.16 27.86
C GLY C 28 67.70 14.26 27.81
N THR C 29 67.54 13.00 28.23
CA THR C 29 68.65 12.04 28.22
C THR C 29 69.12 11.88 26.78
N CYS C 30 70.38 11.48 26.61
CA CYS C 30 70.93 11.30 25.29
C CYS C 30 70.39 10.10 24.53
N ALA C 31 70.29 10.26 23.22
CA ALA C 31 69.81 9.22 22.33
C ALA C 31 70.67 9.26 21.07
N VAL C 32 71.00 8.10 20.52
CA VAL C 32 71.82 8.05 19.33
C VAL C 32 71.43 6.90 18.42
N GLY C 33 71.77 7.05 17.15
CA GLY C 33 71.46 6.02 16.16
C GLY C 33 72.49 6.02 15.04
N VAL C 34 72.92 4.85 14.61
CA VAL C 34 73.88 4.72 13.52
C VAL C 34 73.41 3.60 12.63
N LYS C 35 73.50 3.81 11.32
CA LYS C 35 73.07 2.79 10.40
C LYS C 35 74.23 1.96 9.85
N GLY C 36 74.02 0.65 9.84
CA GLY C 36 75.01 -0.28 9.34
C GLY C 36 74.79 -0.51 7.86
N LYS C 37 75.36 -1.57 7.33
CA LYS C 37 75.22 -1.87 5.91
C LYS C 37 74.01 -2.77 5.73
N ASN C 38 73.55 -3.35 6.82
CA ASN C 38 72.41 -4.26 6.79
C ASN C 38 71.60 -4.14 8.08
N CYS C 39 71.66 -2.98 8.73
CA CYS C 39 70.91 -2.78 9.95
C CYS C 39 71.02 -1.35 10.46
N VAL C 40 70.29 -1.06 11.53
CA VAL C 40 70.29 0.25 12.16
C VAL C 40 70.22 -0.04 13.65
N VAL C 41 70.90 0.77 14.46
CA VAL C 41 70.90 0.57 15.90
C VAL C 41 70.57 1.86 16.65
N LEU C 42 69.80 1.72 17.74
CA LEU C 42 69.41 2.86 18.55
C LEU C 42 69.89 2.75 20.00
N GLY C 43 70.63 3.77 20.44
CA GLY C 43 71.15 3.77 21.80
C GLY C 43 70.57 4.91 22.60
N CYS C 44 70.32 4.67 23.88
CA CYS C 44 69.75 5.68 24.77
C CYS C 44 70.33 5.53 26.17
N GLU C 45 70.59 6.64 26.85
CA GLU C 45 71.14 6.58 28.19
C GLU C 45 70.05 6.61 29.25
N ARG C 46 70.22 5.84 30.32
CA ARG C 46 69.25 5.80 31.41
C ARG C 46 69.77 6.62 32.57
N ARG C 47 69.05 7.68 32.91
CA ARG C 47 69.43 8.57 34.00
C ARG C 47 69.70 7.74 35.28
N SER C 48 70.18 8.43 36.31
CA SER C 48 70.44 7.81 37.62
C SER C 48 70.22 8.80 38.77
N THR C 49 69.40 9.82 38.52
CA THR C 49 69.05 10.82 39.53
C THR C 49 68.37 10.07 40.69
N LEU C 50 67.60 9.04 40.32
CA LEU C 50 66.88 8.17 41.25
C LEU C 50 67.00 6.74 40.72
N LYS C 51 67.40 5.82 41.59
CA LYS C 51 67.53 4.41 41.21
C LYS C 51 66.89 3.59 42.32
N LEU C 52 65.96 2.72 41.91
CA LEU C 52 65.21 1.85 42.80
C LEU C 52 63.95 1.58 42.01
N GLN C 53 64.08 1.79 40.70
CA GLN C 53 63.03 1.61 39.73
C GLN C 53 62.77 0.16 39.39
N ASP C 54 61.57 -0.10 38.89
CA ASP C 54 61.20 -1.43 38.46
C ASP C 54 61.28 -1.35 36.94
N THR C 55 62.42 -1.72 36.39
CA THR C 55 62.66 -1.66 34.96
C THR C 55 61.73 -2.49 34.08
N ARG C 56 61.16 -3.56 34.64
CA ARG C 56 60.25 -4.42 33.89
C ARG C 56 59.15 -3.64 33.17
N ILE C 57 58.42 -2.84 33.94
CA ILE C 57 57.30 -2.08 33.41
C ILE C 57 57.55 -0.62 33.03
N THR C 58 58.45 0.07 33.76
CA THR C 58 58.73 1.47 33.44
C THR C 58 58.91 1.67 31.95
N PRO C 59 58.17 2.63 31.36
CA PRO C 59 58.27 2.89 29.93
C PRO C 59 59.70 2.88 29.40
N SER C 60 59.91 2.16 28.29
CA SER C 60 61.22 2.05 27.65
C SER C 60 61.46 3.26 26.77
N LYS C 61 62.72 3.51 26.39
CA LYS C 61 63.06 4.67 25.59
C LYS C 61 62.95 4.49 24.08
N VAL C 62 62.82 3.25 23.63
CA VAL C 62 62.67 2.98 22.20
C VAL C 62 61.32 2.33 21.97
N SER C 63 60.49 2.95 21.14
CA SER C 63 59.16 2.43 20.87
C SER C 63 58.98 1.93 19.43
N LYS C 64 58.11 0.94 19.26
CA LYS C 64 57.81 0.40 17.94
C LYS C 64 56.58 1.10 17.44
N ILE C 65 56.67 1.71 16.26
CA ILE C 65 55.54 2.38 15.64
C ILE C 65 54.74 1.31 14.90
N ASP C 66 55.48 0.40 14.29
CA ASP C 66 54.90 -0.75 13.61
C ASP C 66 55.95 -1.83 13.83
N SER C 67 55.82 -2.98 13.15
CA SER C 67 56.78 -4.06 13.35
C SER C 67 58.10 -3.88 12.61
N HIS C 68 58.20 -2.83 11.80
CA HIS C 68 59.41 -2.61 11.02
C HIS C 68 60.01 -1.22 11.24
N VAL C 69 59.44 -0.46 12.17
CA VAL C 69 59.95 0.89 12.42
C VAL C 69 59.94 1.21 13.91
N VAL C 70 61.01 1.81 14.38
CA VAL C 70 61.10 2.18 15.78
C VAL C 70 61.31 3.68 15.91
N LEU C 71 61.12 4.17 17.13
CA LEU C 71 61.27 5.59 17.40
C LEU C 71 61.82 5.86 18.80
N SER C 72 62.95 6.56 18.87
CA SER C 72 63.54 6.93 20.15
C SER C 72 63.43 8.45 20.19
N PHE C 73 63.66 9.05 21.35
CA PHE C 73 63.53 10.50 21.47
C PHE C 73 64.31 11.08 22.66
N SER C 74 64.34 12.42 22.72
CA SER C 74 65.00 13.13 23.81
C SER C 74 64.10 14.30 24.17
N GLY C 75 63.86 14.49 25.45
CA GLY C 75 63.00 15.60 25.86
C GLY C 75 61.97 15.17 26.88
N LEU C 76 60.82 15.86 26.85
CA LEU C 76 59.71 15.59 27.75
C LEU C 76 59.07 14.23 27.46
N ASN C 77 59.07 13.36 28.46
CA ASN C 77 58.49 12.05 28.28
C ASN C 77 57.01 12.08 27.98
N ALA C 78 56.25 12.82 28.78
CA ALA C 78 54.80 12.92 28.56
C ALA C 78 54.52 13.25 27.10
N ASP C 79 55.21 14.25 26.57
CA ASP C 79 55.00 14.66 25.19
C ASP C 79 55.26 13.53 24.20
N SER C 80 56.36 12.82 24.37
CA SER C 80 56.68 11.74 23.43
C SER C 80 55.55 10.74 23.26
N ARG C 81 54.81 10.46 24.33
CA ARG C 81 53.71 9.49 24.25
C ARG C 81 52.68 9.92 23.20
N ILE C 82 52.35 11.20 23.24
CA ILE C 82 51.38 11.75 22.29
C ILE C 82 51.83 11.51 20.85
N LEU C 83 53.09 11.79 20.55
CA LEU C 83 53.60 11.59 19.20
C LEU C 83 53.65 10.11 18.84
N ILE C 84 54.07 9.29 19.79
CA ILE C 84 54.15 7.87 19.55
C ILE C 84 52.77 7.31 19.25
N GLU C 85 51.77 7.71 20.01
CA GLU C 85 50.42 7.22 19.78
C GLU C 85 49.86 7.58 18.40
N LYS C 86 49.99 8.85 18.02
CA LYS C 86 49.51 9.31 16.72
C LYS C 86 50.21 8.56 15.60
N ALA C 87 51.51 8.31 15.79
CA ALA C 87 52.29 7.61 14.78
C ALA C 87 51.85 6.16 14.62
N ARG C 88 51.60 5.49 15.74
CA ARG C 88 51.15 4.11 15.71
C ARG C 88 49.80 4.00 15.03
N VAL C 89 48.94 4.97 15.30
CA VAL C 89 47.61 5.00 14.69
C VAL C 89 47.78 5.24 13.19
N GLU C 90 48.53 6.28 12.84
CA GLU C 90 48.73 6.61 11.44
C GLU C 90 49.33 5.44 10.65
N ALA C 91 50.08 4.60 11.35
CA ALA C 91 50.70 3.45 10.71
C ALA C 91 49.65 2.41 10.34
N GLN C 92 48.69 2.19 11.23
CA GLN C 92 47.64 1.22 10.96
C GLN C 92 46.70 1.76 9.88
N SER C 93 46.45 3.06 9.89
CA SER C 93 45.59 3.67 8.90
C SER C 93 46.18 3.49 7.51
N HIS C 94 47.48 3.72 7.40
CA HIS C 94 48.19 3.58 6.13
C HIS C 94 48.09 2.16 5.59
N ARG C 95 48.26 1.16 6.47
CA ARG C 95 48.16 -0.23 6.06
C ARG C 95 46.76 -0.49 5.57
N LEU C 96 45.79 0.07 6.27
CA LEU C 96 44.37 -0.11 5.93
C LEU C 96 43.90 0.50 4.61
N THR C 97 44.46 1.64 4.22
CA THR C 97 44.04 2.27 2.98
C THR C 97 44.96 2.04 1.76
N LEU C 98 46.27 2.01 1.97
CA LEU C 98 47.21 1.80 0.87
C LEU C 98 47.54 0.32 0.73
N GLU C 99 47.12 -0.48 1.69
CA GLU C 99 47.40 -1.92 1.72
C GLU C 99 48.89 -2.18 1.64
N ASP C 100 49.64 -1.52 2.53
CA ASP C 100 51.09 -1.65 2.59
C ASP C 100 51.60 -0.79 3.75
N PRO C 101 52.49 -1.36 4.59
CA PRO C 101 53.02 -0.56 5.71
C PRO C 101 53.81 0.67 5.26
N VAL C 102 53.87 1.67 6.13
CA VAL C 102 54.57 2.92 5.82
C VAL C 102 56.06 2.78 5.59
N THR C 103 56.61 3.67 4.78
CA THR C 103 58.04 3.69 4.55
C THR C 103 58.53 4.50 5.73
N VAL C 104 59.80 4.40 6.10
CA VAL C 104 60.31 5.13 7.25
C VAL C 104 60.28 6.63 7.03
N GLU C 105 60.41 7.04 5.78
CA GLU C 105 60.40 8.46 5.43
C GLU C 105 59.00 9.03 5.64
N TYR C 106 57.98 8.28 5.21
CA TYR C 106 56.59 8.68 5.35
C TYR C 106 56.20 8.82 6.81
N LEU C 107 56.52 7.81 7.61
CA LEU C 107 56.19 7.82 9.04
C LEU C 107 56.88 9.01 9.71
N THR C 108 58.10 9.30 9.26
CA THR C 108 58.87 10.43 9.77
C THR C 108 58.24 11.74 9.32
N ARG C 109 57.86 11.81 8.05
CA ARG C 109 57.21 13.01 7.53
C ARG C 109 55.90 13.29 8.27
N TYR C 110 55.24 12.22 8.73
CA TYR C 110 53.99 12.36 9.46
C TYR C 110 54.21 12.93 10.86
N VAL C 111 55.16 12.35 11.60
CA VAL C 111 55.46 12.81 12.95
C VAL C 111 55.95 14.24 12.92
N ALA C 112 56.67 14.58 11.86
CA ALA C 112 57.22 15.92 11.68
C ALA C 112 56.09 16.92 11.46
N GLY C 113 55.11 16.53 10.67
CA GLY C 113 53.98 17.41 10.42
C GLY C 113 53.21 17.71 11.69
N VAL C 114 52.96 16.67 12.49
CA VAL C 114 52.24 16.84 13.73
C VAL C 114 53.03 17.87 14.54
N GLN C 115 54.34 17.68 14.62
CA GLN C 115 55.17 18.61 15.36
C GLN C 115 55.09 20.04 14.83
N GLN C 116 55.21 20.19 13.52
CA GLN C 116 55.14 21.52 12.92
C GLN C 116 53.80 22.21 13.15
N ARG C 117 52.71 21.45 13.08
CA ARG C 117 51.37 21.99 13.27
C ARG C 117 51.24 22.64 14.65
N TYR C 118 51.92 22.08 15.64
CA TYR C 118 51.84 22.65 16.98
C TYR C 118 52.67 23.92 17.14
N THR C 119 53.35 24.32 16.08
CA THR C 119 54.16 25.54 16.14
C THR C 119 53.38 26.74 15.64
N GLN C 120 52.27 26.51 14.95
CA GLN C 120 51.48 27.65 14.50
C GLN C 120 49.96 27.46 14.59
N SER C 121 49.53 26.93 15.73
CA SER C 121 48.12 26.71 16.03
C SER C 121 47.93 27.40 17.37
N GLY C 122 46.75 27.98 17.58
CA GLY C 122 46.48 28.66 18.83
C GLY C 122 46.27 27.77 20.03
N GLY C 123 46.45 28.33 21.22
CA GLY C 123 46.24 27.57 22.44
C GLY C 123 47.07 26.34 22.67
N VAL C 124 48.17 26.17 21.93
CA VAL C 124 49.02 25.00 22.11
C VAL C 124 50.50 25.35 22.05
N ARG C 125 51.30 24.62 22.83
CA ARG C 125 52.74 24.85 22.82
C ARG C 125 53.38 23.74 22.00
N PRO C 126 54.58 23.98 21.46
CA PRO C 126 55.24 22.95 20.66
C PRO C 126 55.66 21.75 21.51
N PHE C 127 55.95 20.63 20.86
CA PHE C 127 56.38 19.42 21.57
C PHE C 127 57.81 19.61 22.05
N GLY C 128 58.03 19.42 23.34
CA GLY C 128 59.38 19.53 23.86
C GLY C 128 60.08 18.21 23.59
N VAL C 129 60.08 17.79 22.33
CA VAL C 129 60.67 16.53 21.94
C VAL C 129 61.34 16.57 20.58
N SER C 130 62.39 15.77 20.43
CA SER C 130 63.12 15.66 19.19
C SER C 130 63.21 14.15 19.02
N THR C 131 63.07 13.63 17.80
CA THR C 131 63.10 12.17 17.66
C THR C 131 64.03 11.55 16.62
N LEU C 132 64.25 10.26 16.80
CA LEU C 132 65.05 9.48 15.88
C LEU C 132 64.14 8.34 15.48
N ILE C 133 63.91 8.20 14.18
CA ILE C 133 63.05 7.15 13.68
C ILE C 133 63.87 6.29 12.73
N ALA C 134 63.83 4.97 12.94
CA ALA C 134 64.59 4.06 12.11
C ALA C 134 63.86 2.78 11.76
N GLY C 135 64.27 2.15 10.66
CA GLY C 135 63.64 0.93 10.23
C GLY C 135 63.93 0.62 8.78
N PHE C 136 63.19 -0.35 8.24
CA PHE C 136 63.36 -0.76 6.85
C PHE C 136 62.04 -0.72 6.12
N ASP C 137 62.01 -0.01 5.00
CA ASP C 137 60.81 0.07 4.18
C ASP C 137 60.35 -1.35 3.91
N PRO C 138 59.07 -1.54 3.56
CA PRO C 138 58.61 -2.89 3.29
C PRO C 138 59.31 -3.48 2.08
N ARG C 139 59.69 -4.76 2.18
CA ARG C 139 60.36 -5.46 1.09
C ARG C 139 61.67 -4.82 0.65
N ASP C 140 62.27 -4.00 1.52
CA ASP C 140 63.52 -3.33 1.21
C ASP C 140 64.54 -3.73 2.29
N ASP C 141 65.82 -3.69 1.95
CA ASP C 141 66.87 -4.07 2.90
C ASP C 141 67.84 -2.93 3.22
N GLU C 142 67.65 -1.79 2.58
CA GLU C 142 68.50 -0.64 2.81
C GLU C 142 68.01 0.09 4.06
N PRO C 143 68.86 0.21 5.10
CA PRO C 143 68.49 0.89 6.35
C PRO C 143 68.13 2.36 6.23
N LYS C 144 67.26 2.81 7.14
CA LYS C 144 66.81 4.20 7.17
C LYS C 144 66.92 4.76 8.57
N LEU C 145 67.31 6.01 8.67
CA LEU C 145 67.45 6.69 9.96
C LEU C 145 67.15 8.16 9.75
N TYR C 146 66.10 8.65 10.41
CA TYR C 146 65.69 10.06 10.30
C TYR C 146 65.63 10.70 11.68
N GLN C 147 65.58 12.03 11.69
CA GLN C 147 65.50 12.77 12.93
C GLN C 147 64.52 13.91 12.75
N THR C 148 63.76 14.20 13.80
CA THR C 148 62.78 15.27 13.75
C THR C 148 63.00 16.13 14.98
N GLU C 149 62.51 17.36 14.94
CA GLU C 149 62.63 18.30 16.06
C GLU C 149 61.40 19.20 16.21
N PRO C 150 61.27 19.90 17.34
CA PRO C 150 60.12 20.76 17.54
C PRO C 150 59.70 21.62 16.35
N SER C 151 60.65 22.21 15.64
CA SER C 151 60.32 23.05 14.50
C SER C 151 59.48 22.35 13.44
N GLY C 152 59.61 21.03 13.35
CA GLY C 152 58.87 20.29 12.34
C GLY C 152 59.77 19.87 11.19
N ILE C 153 61.05 20.21 11.30
CA ILE C 153 62.03 19.88 10.28
C ILE C 153 62.57 18.47 10.48
N TYR C 154 62.81 17.77 9.38
CA TYR C 154 63.34 16.41 9.45
C TYR C 154 64.31 16.15 8.29
N SER C 155 65.19 15.18 8.47
CA SER C 155 66.18 14.81 7.46
C SER C 155 66.83 13.50 7.87
N SER C 156 67.42 12.78 6.93
CA SER C 156 68.05 11.50 7.26
C SER C 156 69.53 11.62 7.55
N TRP C 157 70.02 10.76 8.42
CA TRP C 157 71.41 10.77 8.84
C TRP C 157 72.05 9.39 8.73
N SER C 158 73.38 9.37 8.54
CA SER C 158 74.12 8.12 8.48
C SER C 158 74.25 7.68 9.93
N ALA C 159 74.30 8.67 10.81
CA ALA C 159 74.39 8.48 12.25
C ALA C 159 74.07 9.85 12.84
N GLN C 160 73.39 9.85 13.98
CA GLN C 160 73.02 11.12 14.60
C GLN C 160 72.71 10.90 16.07
N THR C 161 72.64 12.00 16.81
CA THR C 161 72.37 11.92 18.23
C THR C 161 71.64 13.18 18.65
N ILE C 162 70.86 13.08 19.72
CA ILE C 162 70.10 14.21 20.25
C ILE C 162 70.05 14.10 21.77
N GLY C 163 69.83 15.22 22.44
CA GLY C 163 69.78 15.19 23.89
C GLY C 163 71.01 15.77 24.57
N ARG C 164 71.08 15.63 25.89
CA ARG C 164 72.21 16.17 26.65
C ARG C 164 73.56 15.59 26.26
N ASN C 165 74.49 16.49 25.96
CA ASN C 165 75.84 16.11 25.57
C ASN C 165 75.86 15.47 24.19
N SER C 166 74.85 15.78 23.39
CA SER C 166 74.77 15.25 22.03
C SER C 166 75.90 15.89 21.23
N LYS C 167 76.32 17.08 21.68
CA LYS C 167 77.40 17.82 21.04
C LYS C 167 78.61 16.92 21.04
N THR C 168 78.94 16.42 22.24
CA THR C 168 80.07 15.53 22.47
C THR C 168 80.00 14.25 21.66
N VAL C 169 78.93 13.48 21.84
CA VAL C 169 78.78 12.23 21.12
C VAL C 169 78.66 12.41 19.61
N ARG C 170 78.19 13.56 19.14
CA ARG C 170 78.10 13.75 17.71
C ARG C 170 79.53 13.85 17.20
N GLU C 171 80.37 14.54 17.97
CA GLU C 171 81.78 14.71 17.65
C GLU C 171 82.44 13.36 17.45
N PHE C 172 82.23 12.46 18.41
CA PHE C 172 82.78 11.12 18.34
C PHE C 172 82.42 10.47 17.01
N LEU C 173 81.14 10.52 16.67
CA LEU C 173 80.65 9.91 15.43
C LEU C 173 81.19 10.56 14.15
N GLU C 174 81.36 11.87 14.15
CA GLU C 174 81.87 12.56 12.96
C GLU C 174 83.28 12.13 12.59
N LYS C 175 84.01 11.63 13.58
CA LYS C 175 85.37 11.16 13.36
C LYS C 175 85.52 9.72 13.83
N ASN C 176 84.52 8.91 13.51
CA ASN C 176 84.52 7.50 13.87
C ASN C 176 83.56 6.74 12.97
N TYR C 177 82.86 7.46 12.11
CA TYR C 177 81.94 6.85 11.17
C TYR C 177 82.31 7.26 9.76
N ASP C 178 82.70 6.27 8.96
CA ASP C 178 83.09 6.52 7.58
C ASP C 178 81.98 6.02 6.67
N ARG C 179 81.44 6.92 5.85
CA ARG C 179 80.38 6.53 4.93
C ARG C 179 80.90 5.56 3.89
N LYS C 180 82.18 5.69 3.56
CA LYS C 180 82.83 4.81 2.59
C LYS C 180 82.62 3.35 3.01
N GLU C 181 82.82 3.07 4.28
CA GLU C 181 82.63 1.72 4.80
C GLU C 181 81.91 1.70 6.15
N PRO C 182 80.57 1.74 6.12
CA PRO C 182 79.77 1.72 7.34
C PRO C 182 79.86 0.35 8.00
N PRO C 183 79.65 0.29 9.33
CA PRO C 183 79.70 -0.95 10.10
C PRO C 183 79.03 -2.13 9.40
N ALA C 184 79.77 -2.80 8.51
CA ALA C 184 79.26 -3.93 7.74
C ALA C 184 78.72 -5.09 8.58
N THR C 185 78.81 -4.97 9.90
CA THR C 185 78.31 -6.04 10.77
C THR C 185 77.31 -5.52 11.78
N VAL C 186 76.37 -6.37 12.15
CA VAL C 186 75.38 -6.01 13.14
C VAL C 186 76.17 -5.80 14.42
N GLU C 187 77.22 -6.60 14.58
CA GLU C 187 78.08 -6.54 15.75
C GLU C 187 78.91 -5.27 15.84
N GLU C 188 79.72 -4.99 14.82
CA GLU C 188 80.56 -3.80 14.87
C GLU C 188 79.74 -2.51 14.81
N CYS C 189 78.45 -2.65 14.51
CA CYS C 189 77.58 -1.48 14.46
C CYS C 189 77.12 -1.19 15.88
N VAL C 190 76.68 -2.22 16.58
CA VAL C 190 76.22 -2.08 17.97
C VAL C 190 77.39 -1.58 18.82
N LYS C 191 78.60 -1.91 18.40
CA LYS C 191 79.79 -1.50 19.13
C LYS C 191 80.03 0.00 18.97
N LEU C 192 80.13 0.45 17.72
CA LEU C 192 80.35 1.86 17.44
C LEU C 192 79.34 2.71 18.20
N THR C 193 78.15 2.15 18.41
CA THR C 193 77.08 2.83 19.13
C THR C 193 77.36 2.91 20.63
N VAL C 194 77.68 1.78 21.24
CA VAL C 194 77.98 1.76 22.67
C VAL C 194 79.18 2.64 22.96
N ARG C 195 80.17 2.60 22.08
CA ARG C 195 81.37 3.39 22.25
C ARG C 195 81.05 4.86 22.44
N SER C 196 80.20 5.39 21.56
CA SER C 196 79.82 6.80 21.63
C SER C 196 79.04 7.16 22.89
N LEU C 197 78.20 6.25 23.36
CA LEU C 197 77.44 6.52 24.58
C LEU C 197 78.38 6.67 25.77
N LEU C 198 79.41 5.82 25.82
CA LEU C 198 80.37 5.84 26.91
C LEU C 198 81.07 7.19 27.02
N GLU C 199 81.10 7.94 25.92
CA GLU C 199 81.73 9.25 25.93
C GLU C 199 80.98 10.19 26.87
N VAL C 200 79.77 9.80 27.25
CA VAL C 200 78.97 10.65 28.11
C VAL C 200 78.23 9.97 29.25
N VAL C 201 78.02 8.65 29.15
CA VAL C 201 77.30 7.93 30.20
C VAL C 201 78.11 7.70 31.47
N GLN C 202 79.43 7.75 31.35
CA GLN C 202 80.33 7.53 32.49
C GLN C 202 79.90 6.31 33.31
N THR C 203 80.40 5.13 32.92
CA THR C 203 80.09 3.88 33.58
C THR C 203 78.59 3.66 33.76
N GLY C 204 78.06 2.75 32.96
CA GLY C 204 76.65 2.46 33.05
C GLY C 204 76.19 1.29 32.22
N ALA C 205 76.37 0.08 32.74
CA ALA C 205 75.92 -1.11 32.03
C ALA C 205 74.40 -1.06 32.09
N LYS C 206 73.87 -0.52 33.19
CA LYS C 206 72.42 -0.39 33.39
C LYS C 206 72.00 1.01 32.94
N ASN C 207 72.98 1.81 32.55
CA ASN C 207 72.74 3.18 32.08
C ASN C 207 72.85 3.27 30.54
N ILE C 208 72.75 2.12 29.88
CA ILE C 208 72.82 2.05 28.43
C ILE C 208 71.96 0.91 27.92
N GLU C 209 71.06 1.23 27.00
CA GLU C 209 70.21 0.21 26.41
C GLU C 209 70.32 0.34 24.89
N ILE C 210 70.38 -0.81 24.23
CA ILE C 210 70.53 -0.84 22.78
C ILE C 210 69.42 -1.65 22.16
N THR C 211 69.00 -1.25 20.95
CA THR C 211 67.97 -1.96 20.20
C THR C 211 68.48 -2.10 18.78
N VAL C 212 68.41 -3.31 18.24
CA VAL C 212 68.88 -3.56 16.89
C VAL C 212 67.73 -3.91 15.96
N VAL C 213 67.63 -3.17 14.87
CA VAL C 213 66.58 -3.40 13.90
C VAL C 213 67.18 -3.88 12.58
N LYS C 214 66.71 -5.03 12.11
CA LYS C 214 67.17 -5.63 10.86
C LYS C 214 66.00 -5.69 9.89
N PRO C 215 66.27 -5.93 8.60
CA PRO C 215 65.23 -6.00 7.58
C PRO C 215 64.11 -6.99 7.90
N ASP C 216 62.93 -6.74 7.33
CA ASP C 216 61.75 -7.58 7.52
C ASP C 216 61.26 -7.76 8.94
N SER C 217 60.94 -6.65 9.60
CA SER C 217 60.40 -6.66 10.95
C SER C 217 61.21 -7.49 11.95
N ASP C 218 62.53 -7.32 11.93
CA ASP C 218 63.39 -8.06 12.84
C ASP C 218 63.96 -7.08 13.87
N ILE C 219 63.20 -6.85 14.93
CA ILE C 219 63.64 -5.95 15.98
C ILE C 219 63.91 -6.72 17.25
N VAL C 220 64.87 -6.26 18.03
CA VAL C 220 65.24 -6.93 19.28
C VAL C 220 66.13 -6.03 20.14
N ALA C 221 65.86 -6.02 21.44
CA ALA C 221 66.63 -5.24 22.39
C ALA C 221 67.61 -6.15 23.12
N LEU C 222 68.77 -5.61 23.48
CA LEU C 222 69.79 -6.39 24.17
C LEU C 222 69.59 -6.28 25.68
N SER C 223 69.95 -7.34 26.40
CA SER C 223 69.83 -7.35 27.85
C SER C 223 71.16 -6.84 28.41
N SER C 224 71.12 -6.34 29.64
CA SER C 224 72.29 -5.79 30.31
C SER C 224 73.60 -6.50 29.98
N GLU C 225 73.60 -7.83 30.03
CA GLU C 225 74.79 -8.62 29.75
C GLU C 225 75.32 -8.38 28.36
N GLU C 226 74.52 -8.74 27.36
CA GLU C 226 74.88 -8.57 25.96
C GLU C 226 75.54 -7.21 25.75
N ILE C 227 75.05 -6.21 26.47
CA ILE C 227 75.58 -4.85 26.37
C ILE C 227 76.84 -4.71 27.20
N ASN C 228 76.77 -5.15 28.45
CA ASN C 228 77.91 -5.06 29.34
C ASN C 228 79.08 -5.85 28.74
N GLN C 229 78.78 -6.73 27.80
CA GLN C 229 79.81 -7.52 27.15
C GLN C 229 80.57 -6.65 26.17
N TYR C 230 79.87 -5.70 25.55
CA TYR C 230 80.48 -4.78 24.61
C TYR C 230 81.27 -3.73 25.40
N VAL C 231 80.72 -3.35 26.54
CA VAL C 231 81.35 -2.37 27.41
C VAL C 231 82.71 -2.92 27.84
N THR C 232 82.71 -4.15 28.35
CA THR C 232 83.92 -4.82 28.80
C THR C 232 85.02 -4.78 27.75
N GLN C 233 84.70 -5.22 26.53
CA GLN C 233 85.68 -5.26 25.45
C GLN C 233 86.14 -3.88 24.99
N ILE C 234 85.28 -2.88 25.08
CA ILE C 234 85.64 -1.53 24.66
C ILE C 234 86.57 -0.82 25.65
N GLU C 235 86.51 -1.21 26.92
CA GLU C 235 87.37 -0.60 27.92
C GLU C 235 88.78 -1.16 27.79
N GLN C 236 88.87 -2.43 27.39
CA GLN C 236 90.15 -3.08 27.20
C GLN C 236 90.82 -2.49 25.97
N GLU C 237 90.05 -2.28 24.91
CA GLU C 237 90.57 -1.70 23.68
C GLU C 237 91.43 -0.49 24.03
N LYS C 238 91.01 0.26 25.05
CA LYS C 238 91.70 1.45 25.50
C LYS C 238 92.96 1.13 26.31
N GLN C 239 92.78 0.37 27.39
CA GLN C 239 93.89 -0.02 28.27
C GLN C 239 95.04 -0.64 27.49
N GLU C 240 94.73 -1.41 26.46
CA GLU C 240 95.74 -2.05 25.63
C GLU C 240 96.41 -0.98 24.76
N GLN C 241 96.78 0.12 25.41
CA GLN C 241 97.41 1.26 24.75
C GLN C 241 97.66 2.37 25.77
N ASP D 1 50.41 41.12 26.11
CA ASP D 1 51.40 41.25 25.01
C ASP D 1 50.89 42.25 23.96
N ARG D 2 50.39 41.74 22.83
CA ARG D 2 49.88 42.60 21.76
C ARG D 2 49.34 41.74 20.60
N GLY D 3 48.19 42.13 20.06
CA GLY D 3 47.59 41.39 18.96
C GLY D 3 48.58 40.90 17.93
N VAL D 4 48.44 39.64 17.51
CA VAL D 4 49.34 39.07 16.54
C VAL D 4 49.09 39.61 15.13
N SER D 5 48.23 40.61 15.02
CA SER D 5 47.93 41.23 13.75
C SER D 5 47.67 42.71 13.97
N THR D 6 48.56 43.34 14.73
CA THR D 6 48.49 44.76 15.05
C THR D 6 49.33 45.57 14.07
N PHE D 7 49.05 46.87 13.98
CA PHE D 7 49.77 47.78 13.10
C PHE D 7 50.82 48.59 13.85
N SER D 8 51.98 48.77 13.22
CA SER D 8 53.04 49.57 13.83
C SER D 8 52.66 51.01 13.50
N PRO D 9 53.22 51.98 14.23
CA PRO D 9 52.83 53.35 13.90
C PRO D 9 53.16 53.73 12.44
N GLU D 10 53.99 52.92 11.77
CA GLU D 10 54.37 53.18 10.38
C GLU D 10 53.38 52.61 9.37
N GLY D 11 52.46 51.79 9.83
CA GLY D 11 51.49 51.20 8.92
C GLY D 11 51.95 49.83 8.41
N ARG D 12 52.62 49.09 9.29
CA ARG D 12 53.10 47.75 8.93
C ARG D 12 52.62 46.76 10.00
N LEU D 13 52.51 45.50 9.61
CA LEU D 13 52.08 44.46 10.53
C LEU D 13 53.30 43.79 11.17
N PHE D 14 53.48 44.03 12.46
CA PHE D 14 54.62 43.46 13.17
C PHE D 14 54.93 42.03 12.78
N GLN D 15 53.97 41.14 13.02
CA GLN D 15 54.18 39.73 12.71
C GLN D 15 54.69 39.44 11.31
N VAL D 16 54.21 40.17 10.31
CA VAL D 16 54.66 39.95 8.93
C VAL D 16 56.11 40.40 8.77
N GLU D 17 56.46 41.53 9.39
CA GLU D 17 57.82 42.04 9.30
C GLU D 17 58.80 41.07 9.94
N TYR D 18 58.53 40.68 11.18
CA TYR D 18 59.41 39.74 11.88
C TYR D 18 59.49 38.44 11.08
N SER D 19 58.43 38.18 10.32
CA SER D 19 58.35 37.00 9.49
C SER D 19 59.44 37.05 8.43
N LEU D 20 59.56 38.22 7.81
CA LEU D 20 60.55 38.47 6.77
C LEU D 20 61.98 38.37 7.30
N GLU D 21 62.16 38.66 8.59
CA GLU D 21 63.48 38.58 9.21
C GLU D 21 63.96 37.15 9.28
N ALA D 22 63.03 36.24 9.55
CA ALA D 22 63.34 34.81 9.65
C ALA D 22 63.74 34.24 8.28
N ILE D 23 63.24 34.85 7.22
CA ILE D 23 63.53 34.41 5.87
C ILE D 23 64.95 34.80 5.45
N LYS D 24 65.43 35.91 6.01
CA LYS D 24 66.78 36.39 5.72
C LYS D 24 67.81 35.43 6.29
N LEU D 25 67.37 34.55 7.19
CA LEU D 25 68.25 33.57 7.83
C LEU D 25 68.22 32.22 7.13
N GLY D 26 67.39 32.08 6.11
CA GLY D 26 67.29 30.81 5.42
C GLY D 26 68.31 30.63 4.31
N SER D 27 68.43 29.40 3.82
CA SER D 27 69.35 29.08 2.74
C SER D 27 68.96 29.86 1.51
N THR D 28 69.94 30.25 0.71
CA THR D 28 69.69 31.00 -0.51
C THR D 28 69.02 30.16 -1.59
N ALA D 29 68.11 30.77 -2.32
CA ALA D 29 67.40 30.12 -3.42
C ALA D 29 67.34 31.15 -4.55
N ILE D 30 67.66 30.70 -5.77
CA ILE D 30 67.67 31.61 -6.91
C ILE D 30 66.82 31.12 -8.08
N GLY D 31 66.16 32.08 -8.74
CA GLY D 31 65.33 31.76 -9.87
C GLY D 31 65.58 32.67 -11.06
N ILE D 32 65.81 32.06 -12.23
CA ILE D 32 66.05 32.80 -13.47
C ILE D 32 65.08 32.30 -14.55
N ALA D 33 64.38 33.22 -15.17
CA ALA D 33 63.40 32.87 -16.20
C ALA D 33 63.81 33.34 -17.58
N THR D 34 63.85 32.42 -18.54
CA THR D 34 64.21 32.74 -19.91
C THR D 34 63.16 32.16 -20.85
N LYS D 35 63.19 32.55 -22.12
CA LYS D 35 62.22 32.07 -23.11
C LYS D 35 62.47 30.61 -23.50
N GLU D 36 63.36 29.94 -22.77
CA GLU D 36 63.69 28.54 -23.03
C GLU D 36 63.34 27.71 -21.80
N GLY D 37 62.88 28.38 -20.75
CA GLY D 37 62.52 27.70 -19.52
C GLY D 37 62.89 28.54 -18.31
N VAL D 38 62.56 28.05 -17.14
CA VAL D 38 62.88 28.77 -15.91
C VAL D 38 63.77 27.86 -15.08
N VAL D 39 64.77 28.43 -14.41
CA VAL D 39 65.68 27.65 -13.58
C VAL D 39 65.60 28.02 -12.12
N LEU D 40 65.60 26.99 -11.28
CA LEU D 40 65.51 27.15 -9.84
C LEU D 40 66.67 26.41 -9.19
N GLY D 41 67.41 27.11 -8.34
CA GLY D 41 68.54 26.49 -7.66
C GLY D 41 68.52 26.89 -6.20
N VAL D 42 68.99 26.00 -5.33
CA VAL D 42 69.02 26.29 -3.90
C VAL D 42 70.26 25.76 -3.21
N GLU D 43 70.61 26.43 -2.11
CA GLU D 43 71.75 26.04 -1.30
C GLU D 43 71.27 24.99 -0.29
N LYS D 44 71.69 23.74 -0.46
CA LYS D 44 71.29 22.69 0.47
C LYS D 44 71.60 23.18 1.88
N ARG D 45 72.89 23.24 2.21
CA ARG D 45 73.36 23.70 3.52
C ARG D 45 73.08 22.76 4.69
N ALA D 46 73.67 21.57 4.67
CA ALA D 46 73.48 20.65 5.78
C ALA D 46 74.17 21.27 7.00
N THR D 47 73.90 20.75 8.20
CA THR D 47 74.51 21.30 9.41
C THR D 47 75.52 20.34 10.06
N SER D 48 75.81 19.24 9.37
CA SER D 48 76.76 18.26 9.86
C SER D 48 77.08 17.28 8.74
N PRO D 49 78.33 16.80 8.67
CA PRO D 49 78.77 15.86 7.65
C PRO D 49 78.08 14.50 7.68
N LEU D 50 77.29 14.27 8.73
CA LEU D 50 76.57 13.00 8.89
C LEU D 50 75.18 13.04 8.27
N LEU D 51 74.66 14.25 8.09
CA LEU D 51 73.35 14.47 7.51
C LEU D 51 73.39 14.15 6.01
N GLU D 52 72.62 13.15 5.59
CA GLU D 52 72.57 12.75 4.19
C GLU D 52 71.94 13.88 3.37
N SER D 53 72.80 14.62 2.68
CA SER D 53 72.41 15.78 1.88
C SER D 53 71.29 15.66 0.87
N ASP D 54 70.98 14.46 0.41
CA ASP D 54 69.91 14.31 -0.56
C ASP D 54 68.51 14.33 0.06
N SER D 55 68.43 14.22 1.38
CA SER D 55 67.16 14.24 2.06
C SER D 55 66.75 15.69 2.29
N ILE D 56 67.54 16.63 1.78
CA ILE D 56 67.22 18.04 1.92
C ILE D 56 66.38 18.34 0.68
N GLU D 57 65.09 18.62 0.89
CA GLU D 57 64.16 18.87 -0.21
C GLU D 57 63.66 20.30 -0.21
N LYS D 58 64.44 21.21 -0.79
CA LYS D 58 64.03 22.59 -0.84
C LYS D 58 63.47 23.02 -2.18
N ILE D 59 63.32 22.05 -3.08
CA ILE D 59 62.74 22.30 -4.39
C ILE D 59 61.72 21.19 -4.64
N VAL D 60 60.46 21.57 -4.82
CA VAL D 60 59.41 20.60 -5.02
C VAL D 60 58.56 20.88 -6.24
N GLU D 61 57.82 19.87 -6.67
CA GLU D 61 56.93 19.95 -7.84
C GLU D 61 55.48 20.23 -7.41
N ILE D 62 54.89 21.27 -7.98
CA ILE D 62 53.49 21.60 -7.67
C ILE D 62 52.67 20.74 -8.64
N ASP D 63 52.85 20.98 -9.94
CA ASP D 63 52.17 20.18 -10.95
C ASP D 63 53.25 19.85 -11.99
N ARG D 64 52.87 19.35 -13.16
CA ARG D 64 53.89 19.03 -14.14
C ARG D 64 54.47 20.28 -14.81
N HIS D 65 53.75 21.39 -14.75
CA HIS D 65 54.21 22.62 -15.36
C HIS D 65 54.53 23.70 -14.33
N ILE D 66 54.66 23.30 -13.06
CA ILE D 66 54.97 24.23 -11.98
C ILE D 66 55.82 23.59 -10.92
N GLY D 67 56.85 24.32 -10.48
CA GLY D 67 57.73 23.81 -9.45
C GLY D 67 58.04 25.00 -8.55
N CYS D 68 58.59 24.75 -7.37
CA CYS D 68 58.92 25.88 -6.52
C CYS D 68 60.05 25.63 -5.55
N ALA D 69 60.72 26.71 -5.16
CA ALA D 69 61.83 26.65 -4.23
C ALA D 69 61.46 27.45 -3.00
N MET D 70 61.94 26.98 -1.86
CA MET D 70 61.64 27.62 -0.58
C MET D 70 62.87 28.16 0.12
N SER D 71 62.64 29.05 1.08
CA SER D 71 63.71 29.65 1.85
C SER D 71 63.19 30.23 3.17
N GLY D 72 63.78 29.79 4.27
CA GLY D 72 63.36 30.27 5.58
C GLY D 72 63.00 29.09 6.46
N LEU D 73 61.93 29.19 7.23
CA LEU D 73 61.49 28.08 8.06
C LEU D 73 60.80 27.10 7.11
N THR D 74 61.56 26.14 6.58
CA THR D 74 61.02 25.18 5.61
C THR D 74 59.87 24.28 6.04
N ALA D 75 59.79 23.96 7.34
CA ALA D 75 58.71 23.11 7.82
C ALA D 75 57.36 23.80 7.57
N ASP D 76 57.36 25.14 7.63
CA ASP D 76 56.17 25.94 7.40
C ASP D 76 55.73 25.90 5.95
N ALA D 77 56.52 25.28 5.08
CA ALA D 77 56.15 25.22 3.69
C ALA D 77 55.36 23.98 3.31
N ARG D 78 55.35 22.97 4.18
CA ARG D 78 54.62 21.74 3.87
C ARG D 78 53.18 22.03 3.47
N SER D 79 52.44 22.67 4.37
CA SER D 79 51.04 22.99 4.10
C SER D 79 50.84 23.86 2.87
N MET D 80 51.80 24.75 2.61
CA MET D 80 51.73 25.64 1.45
C MET D 80 51.80 24.85 0.16
N ILE D 81 52.73 23.91 0.09
CA ILE D 81 52.91 23.09 -1.10
C ILE D 81 51.72 22.15 -1.25
N GLU D 82 51.18 21.68 -0.13
CA GLU D 82 50.03 20.79 -0.17
C GLU D 82 48.85 21.57 -0.77
N HIS D 83 48.60 22.75 -0.21
CA HIS D 83 47.53 23.59 -0.69
C HIS D 83 47.70 23.84 -2.19
N ALA D 84 48.93 24.11 -2.59
CA ALA D 84 49.26 24.39 -3.99
C ALA D 84 48.97 23.22 -4.90
N ARG D 85 49.54 22.05 -4.59
CA ARG D 85 49.32 20.85 -5.38
C ARG D 85 47.84 20.54 -5.48
N THR D 86 47.13 20.72 -4.38
CA THR D 86 45.70 20.45 -4.35
C THR D 86 44.96 21.43 -5.26
N ALA D 87 45.35 22.69 -5.20
CA ALA D 87 44.71 23.73 -6.01
C ALA D 87 44.89 23.45 -7.49
N ALA D 88 46.06 22.97 -7.86
CA ALA D 88 46.35 22.65 -9.26
C ALA D 88 45.52 21.46 -9.69
N VAL D 89 45.63 20.36 -8.95
CA VAL D 89 44.88 19.17 -9.28
C VAL D 89 43.39 19.51 -9.32
N THR D 90 42.91 20.15 -8.26
CA THR D 90 41.50 20.53 -8.18
C THR D 90 41.06 21.28 -9.43
N HIS D 91 41.79 22.33 -9.77
CA HIS D 91 41.46 23.14 -10.93
C HIS D 91 41.36 22.29 -12.18
N ASN D 92 42.25 21.31 -12.28
CA ASN D 92 42.22 20.45 -13.45
C ASN D 92 40.98 19.56 -13.49
N LEU D 93 40.55 19.09 -12.33
CA LEU D 93 39.36 18.26 -12.26
C LEU D 93 38.12 19.04 -12.67
N TYR D 94 38.02 20.28 -12.21
CA TYR D 94 36.88 21.14 -12.55
C TYR D 94 36.88 21.66 -13.99
N TYR D 95 38.06 21.96 -14.53
CA TYR D 95 38.12 22.51 -15.88
C TYR D 95 38.83 21.73 -16.97
N ASP D 96 39.33 20.53 -16.67
CA ASP D 96 40.00 19.74 -17.69
C ASP D 96 41.07 20.58 -18.39
N GLU D 97 42.01 21.12 -17.62
CA GLU D 97 43.06 21.96 -18.18
C GLU D 97 44.07 22.29 -17.09
N ASP D 98 45.20 22.86 -17.50
CA ASP D 98 46.25 23.25 -16.58
C ASP D 98 45.96 24.59 -15.90
N ILE D 99 46.26 24.66 -14.61
CA ILE D 99 46.04 25.87 -13.85
C ILE D 99 47.13 26.87 -14.22
N ASN D 100 46.73 28.10 -14.51
CA ASN D 100 47.70 29.16 -14.87
C ASN D 100 48.68 29.43 -13.74
N VAL D 101 49.96 29.57 -14.07
CA VAL D 101 50.99 29.79 -13.06
C VAL D 101 50.70 30.95 -12.12
N GLU D 102 50.12 32.01 -12.64
CA GLU D 102 49.81 33.15 -11.79
C GLU D 102 48.71 32.80 -10.80
N SER D 103 47.66 32.12 -11.29
CA SER D 103 46.53 31.70 -10.48
C SER D 103 46.95 30.81 -9.31
N LEU D 104 47.82 29.86 -9.60
CA LEU D 104 48.33 28.97 -8.57
C LEU D 104 49.01 29.80 -7.48
N THR D 105 49.77 30.81 -7.89
CA THR D 105 50.47 31.67 -6.95
C THR D 105 49.50 32.49 -6.11
N GLN D 106 48.56 33.15 -6.78
CA GLN D 106 47.55 33.96 -6.10
C GLN D 106 46.84 33.14 -5.03
N SER D 107 46.57 31.87 -5.36
CA SER D 107 45.91 30.94 -4.44
C SER D 107 46.74 30.74 -3.18
N VAL D 108 48.02 30.40 -3.36
CA VAL D 108 48.94 30.18 -2.25
C VAL D 108 49.03 31.42 -1.38
N CYS D 109 49.11 32.59 -2.01
CA CYS D 109 49.21 33.85 -1.28
C CYS D 109 47.96 34.19 -0.49
N ASP D 110 46.89 33.46 -0.76
CA ASP D 110 45.65 33.73 -0.04
C ASP D 110 45.72 33.15 1.37
N LEU D 111 46.56 32.15 1.57
CA LEU D 111 46.72 31.57 2.90
C LEU D 111 47.49 32.57 3.75
N ALA D 112 48.49 33.16 3.14
CA ALA D 112 49.36 34.14 3.79
C ALA D 112 48.79 34.94 4.97
N LEU D 113 47.76 35.75 4.75
CA LEU D 113 47.25 36.56 5.86
C LEU D 113 46.16 35.95 6.75
N ARG D 114 45.86 34.66 6.56
CA ARG D 114 44.86 34.00 7.37
C ARG D 114 45.39 33.67 8.76
N PHE D 115 45.73 34.69 9.54
CA PHE D 115 46.22 34.44 10.89
C PHE D 115 45.66 35.44 11.91
N GLY D 116 45.79 35.08 13.17
CA GLY D 116 45.30 35.93 14.25
C GLY D 116 44.64 35.12 15.35
N GLU D 117 44.14 35.81 16.37
CA GLU D 117 43.47 35.15 17.49
C GLU D 117 41.96 35.32 17.39
N GLY D 118 41.51 35.77 16.22
CA GLY D 118 40.09 35.98 15.99
C GLY D 118 39.80 37.25 15.20
N ALA D 119 40.49 37.43 14.06
CA ALA D 119 40.30 38.60 13.20
C ALA D 119 38.98 38.52 12.42
N SER D 120 38.08 39.49 12.66
CA SER D 120 36.77 39.54 12.02
C SER D 120 36.80 39.66 10.49
N GLY D 121 36.77 38.52 9.80
CA GLY D 121 36.79 38.51 8.35
C GLY D 121 36.48 37.14 7.78
N GLU D 122 36.54 36.13 8.65
CA GLU D 122 36.27 34.74 8.30
C GLU D 122 36.70 33.88 9.51
N GLU D 123 37.27 32.71 9.25
CA GLU D 123 37.73 31.85 10.34
C GLU D 123 39.22 31.54 10.19
N ARG D 124 40.00 32.60 10.01
CA ARG D 124 41.45 32.51 9.86
C ARG D 124 42.13 31.98 11.11
N LEU D 125 42.22 30.65 11.19
CA LEU D 125 42.85 30.01 12.34
C LEU D 125 44.26 29.53 11.95
N MET D 126 45.24 30.30 12.39
CA MET D 126 46.66 30.04 12.14
C MET D 126 47.25 31.07 13.11
N SER D 127 47.97 30.61 14.14
CA SER D 127 48.50 31.51 15.15
C SER D 127 49.47 32.59 14.71
N ARG D 128 50.30 32.29 13.70
CA ARG D 128 51.29 33.25 13.23
C ARG D 128 51.41 33.18 11.70
N PRO D 129 52.11 34.13 11.09
CA PRO D 129 52.27 34.12 9.62
C PRO D 129 53.25 32.99 9.26
N PHE D 130 53.39 32.69 7.97
CA PHE D 130 54.32 31.66 7.53
C PHE D 130 55.74 32.21 7.58
N GLY D 131 56.69 31.42 8.06
CA GLY D 131 58.07 31.90 8.11
C GLY D 131 58.93 31.42 6.96
N VAL D 132 58.36 31.44 5.75
CA VAL D 132 59.07 30.97 4.58
C VAL D 132 58.60 31.72 3.35
N ALA D 133 59.51 31.96 2.41
CA ALA D 133 59.17 32.64 1.18
C ALA D 133 59.32 31.59 0.09
N LEU D 134 58.63 31.79 -1.02
CA LEU D 134 58.68 30.83 -2.11
C LEU D 134 58.98 31.45 -3.45
N LEU D 135 59.56 30.63 -4.31
CA LEU D 135 59.86 31.03 -5.67
C LEU D 135 59.07 30.02 -6.48
N ILE D 136 57.98 30.48 -7.08
CA ILE D 136 57.14 29.60 -7.87
C ILE D 136 57.45 29.80 -9.34
N ALA D 137 57.85 28.72 -10.01
CA ALA D 137 58.17 28.83 -11.42
C ALA D 137 57.46 27.80 -12.28
N GLY D 138 56.89 28.26 -13.38
CA GLY D 138 56.19 27.36 -14.27
C GLY D 138 55.92 27.97 -15.63
N HIS D 139 55.13 27.26 -16.43
CA HIS D 139 54.78 27.70 -17.77
C HIS D 139 53.33 27.41 -18.12
N ASP D 140 52.67 28.38 -18.74
CA ASP D 140 51.29 28.20 -19.17
C ASP D 140 51.17 28.82 -20.57
N ALA D 141 50.14 28.45 -21.31
CA ALA D 141 49.95 28.95 -22.67
C ALA D 141 49.64 30.43 -22.82
N ASP D 142 49.07 31.04 -21.79
CA ASP D 142 48.70 32.45 -21.87
C ASP D 142 49.83 33.45 -21.63
N ASP D 143 50.72 33.15 -20.69
CA ASP D 143 51.83 34.05 -20.35
C ASP D 143 53.21 33.41 -20.45
N GLY D 144 53.27 32.20 -20.98
CA GLY D 144 54.54 31.51 -21.12
C GLY D 144 55.26 31.23 -19.81
N TYR D 145 56.58 31.14 -19.87
CA TYR D 145 57.40 30.87 -18.69
C TYR D 145 57.30 32.03 -17.70
N GLN D 146 57.24 31.69 -16.42
CA GLN D 146 57.11 32.71 -15.38
C GLN D 146 57.82 32.33 -14.10
N LEU D 147 58.20 33.35 -13.34
CA LEU D 147 58.84 33.19 -12.05
C LEU D 147 58.11 34.13 -11.12
N PHE D 148 57.74 33.62 -9.95
CA PHE D 148 57.02 34.44 -8.99
C PHE D 148 57.70 34.34 -7.63
N HIS D 149 57.54 35.40 -6.84
CA HIS D 149 58.08 35.44 -5.50
C HIS D 149 56.92 35.70 -4.55
N ALA D 150 56.55 34.68 -3.77
CA ALA D 150 55.46 34.81 -2.83
C ALA D 150 55.95 34.96 -1.39
N GLU D 151 55.48 35.99 -0.70
CA GLU D 151 55.87 36.25 0.68
C GLU D 151 54.75 36.03 1.69
N PRO D 152 55.09 36.02 2.98
CA PRO D 152 54.12 35.81 4.05
C PRO D 152 53.21 37.03 4.24
N SER D 153 53.42 38.05 3.41
CA SER D 153 52.61 39.26 3.51
C SER D 153 51.37 39.12 2.63
N GLY D 154 51.35 38.05 1.84
CA GLY D 154 50.22 37.81 0.96
C GLY D 154 50.46 38.35 -0.43
N THR D 155 51.43 39.25 -0.56
CA THR D 155 51.76 39.83 -1.84
C THR D 155 52.77 38.98 -2.61
N PHE D 156 52.66 38.99 -3.93
CA PHE D 156 53.57 38.23 -4.77
C PHE D 156 53.95 39.07 -5.97
N TYR D 157 55.20 38.95 -6.37
CA TYR D 157 55.73 39.69 -7.49
C TYR D 157 56.24 38.75 -8.57
N ARG D 158 56.19 39.21 -9.82
CA ARG D 158 56.71 38.41 -10.91
C ARG D 158 58.13 38.94 -11.17
N TYR D 159 59.09 38.03 -11.36
CA TYR D 159 60.48 38.43 -11.61
C TYR D 159 61.07 37.73 -12.84
N ASN D 160 62.09 38.35 -13.42
CA ASN D 160 62.81 37.78 -14.57
C ASN D 160 63.92 36.96 -13.94
N ALA D 161 64.32 37.38 -12.75
CA ALA D 161 65.33 36.71 -11.96
C ALA D 161 65.08 37.16 -10.52
N LYS D 162 65.38 36.29 -9.56
CA LYS D 162 65.16 36.64 -8.17
C LYS D 162 65.87 35.68 -7.23
N ALA D 163 66.30 36.24 -6.11
CA ALA D 163 67.01 35.46 -5.11
C ALA D 163 66.46 35.81 -3.74
N ILE D 164 66.29 34.78 -2.91
CA ILE D 164 65.76 34.94 -1.56
C ILE D 164 66.64 34.14 -0.63
N GLY D 165 66.80 34.61 0.60
CA GLY D 165 67.63 33.91 1.56
C GLY D 165 68.73 34.76 2.18
N SER D 166 69.67 34.10 2.85
CA SER D 166 70.77 34.80 3.51
C SER D 166 71.52 35.73 2.55
N GLY D 167 71.86 35.24 1.37
CA GLY D 167 72.59 36.10 0.44
C GLY D 167 71.74 36.78 -0.64
N SER D 168 70.48 37.05 -0.34
CA SER D 168 69.56 37.66 -1.31
C SER D 168 69.92 39.04 -1.86
N GLU D 169 70.17 40.03 -0.99
CA GLU D 169 70.51 41.37 -1.47
C GLU D 169 71.79 41.35 -2.30
N GLY D 170 72.74 40.50 -1.90
CA GLY D 170 73.98 40.40 -2.62
C GLY D 170 73.77 39.74 -3.97
N ALA D 171 73.25 38.52 -3.96
CA ALA D 171 73.00 37.77 -5.18
C ALA D 171 72.00 38.46 -6.11
N GLN D 172 71.10 39.24 -5.55
CA GLN D 172 70.09 39.95 -6.34
C GLN D 172 70.79 41.01 -7.18
N ALA D 173 71.72 41.73 -6.55
CA ALA D 173 72.48 42.76 -7.24
C ALA D 173 73.28 42.12 -8.38
N GLU D 174 73.72 40.88 -8.16
CA GLU D 174 74.47 40.17 -9.16
C GLU D 174 73.56 39.90 -10.35
N LEU D 175 72.38 39.35 -10.07
CA LEU D 175 71.40 39.04 -11.10
C LEU D 175 70.98 40.29 -11.86
N LEU D 176 70.98 41.42 -11.18
CA LEU D 176 70.59 42.69 -11.79
C LEU D 176 71.45 42.96 -13.04
N ASN D 177 72.75 42.69 -12.93
CA ASN D 177 73.67 42.90 -14.05
C ASN D 177 73.52 41.79 -15.08
N GLU D 178 73.91 40.59 -14.69
CA GLU D 178 73.88 39.38 -15.53
C GLU D 178 72.64 39.09 -16.38
N TRP D 179 71.45 39.48 -15.92
CA TRP D 179 70.22 39.16 -16.67
C TRP D 179 69.85 40.02 -17.86
N HIS D 180 69.63 39.35 -18.99
CA HIS D 180 69.21 39.99 -20.22
C HIS D 180 68.11 39.14 -20.87
N SER D 181 67.18 39.82 -21.53
CA SER D 181 66.03 39.19 -22.18
C SER D 181 66.27 38.14 -23.26
N SER D 182 67.52 37.71 -23.45
CA SER D 182 67.80 36.72 -24.48
C SER D 182 68.74 35.61 -24.02
N LEU D 183 68.78 35.39 -22.70
CA LEU D 183 69.60 34.35 -22.12
C LEU D 183 69.09 33.00 -22.62
N THR D 184 69.91 31.97 -22.48
CA THR D 184 69.49 30.65 -22.91
C THR D 184 69.35 29.80 -21.65
N LEU D 185 68.69 28.66 -21.76
CA LEU D 185 68.52 27.82 -20.60
C LEU D 185 69.88 27.43 -20.04
N LYS D 186 70.78 27.00 -20.91
CA LYS D 186 72.13 26.61 -20.50
C LYS D 186 72.82 27.74 -19.74
N GLU D 187 72.70 28.96 -20.26
CA GLU D 187 73.32 30.13 -19.63
C GLU D 187 72.77 30.31 -18.23
N ALA D 188 71.45 30.36 -18.13
CA ALA D 188 70.78 30.53 -16.84
C ALA D 188 71.27 29.50 -15.81
N GLU D 189 71.42 28.26 -16.23
CA GLU D 189 71.88 27.20 -15.34
C GLU D 189 73.24 27.54 -14.75
N LEU D 190 74.19 27.90 -15.63
CA LEU D 190 75.54 28.26 -15.19
C LEU D 190 75.44 29.50 -14.30
N LEU D 191 74.74 30.49 -14.79
CA LEU D 191 74.53 31.74 -14.09
C LEU D 191 74.00 31.55 -12.66
N VAL D 192 73.05 30.65 -12.48
CA VAL D 192 72.49 30.39 -11.15
C VAL D 192 73.54 29.70 -10.29
N LEU D 193 74.17 28.68 -10.88
CA LEU D 193 75.20 27.92 -10.21
C LEU D 193 76.36 28.82 -9.77
N LYS D 194 76.55 29.93 -10.47
CA LYS D 194 77.62 30.87 -10.17
C LYS D 194 77.27 31.77 -8.98
N ILE D 195 76.12 32.44 -9.06
CA ILE D 195 75.69 33.32 -7.98
C ILE D 195 75.64 32.53 -6.67
N LEU D 196 75.28 31.25 -6.76
CA LEU D 196 75.21 30.39 -5.58
C LEU D 196 76.57 30.24 -4.94
N LYS D 197 77.58 29.99 -5.77
CA LYS D 197 78.94 29.80 -5.30
C LYS D 197 79.50 31.06 -4.63
N GLN D 198 79.05 32.24 -5.07
CA GLN D 198 79.52 33.49 -4.47
C GLN D 198 78.98 33.75 -3.07
N VAL D 199 77.67 33.53 -2.88
CA VAL D 199 77.01 33.77 -1.61
C VAL D 199 77.08 32.64 -0.58
N MET D 200 77.19 31.41 -1.05
CA MET D 200 77.27 30.27 -0.15
C MET D 200 78.50 30.31 0.73
N GLU D 201 78.33 30.05 2.02
CA GLU D 201 79.47 30.03 2.94
C GLU D 201 80.36 28.89 2.46
N GLU D 202 79.72 27.76 2.19
CA GLU D 202 80.37 26.54 1.72
C GLU D 202 80.91 26.66 0.30
N LYS D 203 81.76 25.72 -0.09
CA LYS D 203 82.30 25.71 -1.44
C LYS D 203 81.37 24.84 -2.26
N LEU D 204 80.69 25.46 -3.20
CA LEU D 204 79.72 24.78 -4.05
C LEU D 204 80.21 23.55 -4.79
N ASP D 205 79.44 22.46 -4.66
CA ASP D 205 79.71 21.21 -5.33
C ASP D 205 78.33 20.59 -5.56
N GLU D 206 78.25 19.39 -6.16
CA GLU D 206 76.94 18.80 -6.42
C GLU D 206 76.19 18.19 -5.22
N ASN D 207 76.73 18.37 -4.02
CA ASN D 207 76.10 17.82 -2.83
C ASN D 207 75.54 18.83 -1.85
N ASN D 208 75.91 20.09 -2.00
CA ASN D 208 75.41 21.11 -1.10
C ASN D 208 74.61 22.12 -1.88
N ALA D 209 74.34 21.79 -3.14
CA ALA D 209 73.56 22.66 -4.02
C ALA D 209 72.75 21.81 -4.98
N GLN D 210 71.60 22.35 -5.40
CA GLN D 210 70.73 21.63 -6.30
C GLN D 210 70.03 22.55 -7.31
N LEU D 211 70.01 22.10 -8.56
CA LEU D 211 69.40 22.82 -9.67
C LEU D 211 68.16 22.08 -10.19
N SER D 212 67.37 22.80 -10.98
CA SER D 212 66.17 22.25 -11.57
C SER D 212 65.62 23.27 -12.53
N CYS D 213 64.76 22.83 -13.42
CA CYS D 213 64.16 23.72 -14.39
C CYS D 213 62.75 23.27 -14.69
N ILE D 214 62.11 24.00 -15.58
CA ILE D 214 60.76 23.67 -16.00
C ILE D 214 60.65 24.16 -17.44
N THR D 215 60.40 23.23 -18.35
CA THR D 215 60.28 23.57 -19.75
C THR D 215 58.95 23.09 -20.30
N LYS D 216 58.40 23.84 -21.25
CA LYS D 216 57.13 23.49 -21.87
C LYS D 216 57.15 22.06 -22.42
N GLN D 217 58.32 21.56 -22.78
CA GLN D 217 58.39 20.23 -23.33
C GLN D 217 58.38 19.10 -22.30
N ASP D 218 59.32 19.11 -21.36
CA ASP D 218 59.38 18.03 -20.37
C ASP D 218 58.92 18.42 -18.96
N GLY D 219 58.32 19.60 -18.85
CA GLY D 219 57.82 20.07 -17.57
C GLY D 219 58.89 20.38 -16.53
N PHE D 220 58.54 20.12 -15.27
CA PHE D 220 59.45 20.38 -14.16
C PHE D 220 60.25 19.14 -13.79
N LYS D 221 61.57 19.31 -13.82
CA LYS D 221 62.52 18.24 -13.51
C LYS D 221 63.57 18.75 -12.54
N ILE D 222 64.04 17.85 -11.67
CA ILE D 222 65.07 18.20 -10.71
C ILE D 222 66.36 17.50 -11.14
N TYR D 223 67.35 18.30 -11.54
CA TYR D 223 68.63 17.77 -11.99
C TYR D 223 69.25 16.90 -10.92
N ASP D 224 69.56 15.64 -11.27
CA ASP D 224 70.18 14.75 -10.31
C ASP D 224 71.64 15.18 -10.16
N ASN D 225 72.27 14.78 -9.06
CA ASN D 225 73.65 15.16 -8.80
C ASN D 225 74.65 15.05 -9.96
N GLU D 226 74.66 13.92 -10.67
CA GLU D 226 75.59 13.77 -11.79
C GLU D 226 75.47 14.88 -12.82
N LYS D 227 74.26 15.16 -13.26
CA LYS D 227 74.03 16.21 -14.25
C LYS D 227 74.50 17.58 -13.79
N THR D 228 74.32 17.86 -12.49
CA THR D 228 74.73 19.15 -11.93
C THR D 228 76.25 19.23 -11.76
N ALA D 229 76.84 18.18 -11.20
CA ALA D 229 78.29 18.15 -10.99
C ALA D 229 78.97 18.65 -12.25
N GLU D 230 78.49 18.17 -13.40
CA GLU D 230 79.05 18.56 -14.68
C GLU D 230 78.83 20.02 -15.00
N LEU D 231 77.63 20.52 -14.74
CA LEU D 231 77.36 21.93 -15.01
C LEU D 231 78.27 22.80 -14.14
N ILE D 232 78.77 22.24 -13.05
CA ILE D 232 79.67 22.95 -12.14
C ILE D 232 81.06 22.99 -12.77
N LYS D 233 81.49 21.82 -13.27
CA LYS D 233 82.77 21.67 -13.93
C LYS D 233 82.81 22.65 -15.11
N GLU D 234 81.80 22.55 -15.97
CA GLU D 234 81.69 23.42 -17.13
C GLU D 234 81.70 24.89 -16.74
N LEU D 235 81.33 25.19 -15.49
CA LEU D 235 81.32 26.56 -15.02
C LEU D 235 82.72 26.96 -14.59
N LYS D 236 83.36 26.11 -13.80
CA LYS D 236 84.72 26.38 -13.33
C LYS D 236 85.63 26.66 -14.52
N GLU D 237 85.47 25.85 -15.56
CA GLU D 237 86.25 25.99 -16.79
C GLU D 237 85.97 27.31 -17.47
N LYS D 238 84.70 27.65 -17.64
CA LYS D 238 84.36 28.89 -18.30
C LYS D 238 84.82 30.15 -17.56
N GLU D 239 84.97 30.06 -16.24
CA GLU D 239 85.41 31.22 -15.45
C GLU D 239 86.94 31.42 -15.54
N ALA D 240 87.66 30.32 -15.65
CA ALA D 240 89.11 30.36 -15.75
C ALA D 240 89.52 30.65 -17.20
N ALA D 241 88.52 30.84 -18.06
CA ALA D 241 88.76 31.13 -19.47
C ALA D 241 88.81 32.64 -19.71
N GLU D 242 89.19 33.36 -18.66
CA GLU D 242 89.32 34.82 -18.65
C GLU D 242 89.03 35.34 -17.24
N PHE E 1 50.79 58.49 27.00
CA PHE E 1 49.67 58.58 26.02
C PHE E 1 49.75 57.41 25.02
N ARG E 2 49.37 57.68 23.77
CA ARG E 2 49.35 56.70 22.66
C ARG E 2 49.85 55.31 23.01
N ASN E 3 51.11 55.25 23.42
CA ASN E 3 51.76 54.00 23.80
C ASN E 3 50.80 53.00 24.45
N ASN E 4 50.00 53.47 25.40
CA ASN E 4 49.06 52.60 26.11
C ASN E 4 47.69 52.39 25.50
N TYR E 5 47.42 53.03 24.36
CA TYR E 5 46.09 52.89 23.76
C TYR E 5 46.07 52.43 22.31
N ASP E 6 47.22 52.03 21.78
CA ASP E 6 47.26 51.57 20.39
C ASP E 6 47.51 50.07 20.31
N GLY E 7 47.22 49.36 21.40
CA GLY E 7 47.42 47.93 21.44
C GLY E 7 46.50 47.17 20.51
N ASP E 8 45.27 47.65 20.38
CA ASP E 8 44.25 47.05 19.52
C ASP E 8 43.14 48.06 19.24
N THR E 9 42.28 47.76 18.26
CA THR E 9 41.21 48.67 17.89
C THR E 9 40.07 48.82 18.87
N VAL E 10 39.90 47.88 19.77
CA VAL E 10 38.81 47.96 20.72
C VAL E 10 39.04 49.01 21.81
N THR E 11 40.19 49.69 21.76
CA THR E 11 40.52 50.69 22.78
C THR E 11 40.47 52.14 22.30
N PHE E 12 39.78 52.98 23.08
CA PHE E 12 39.66 54.40 22.78
C PHE E 12 40.75 55.12 23.56
N SER E 13 41.32 56.18 22.98
CA SER E 13 42.35 56.95 23.67
C SER E 13 41.60 57.93 24.56
N PRO E 14 42.31 58.63 25.46
CA PRO E 14 41.58 59.57 26.32
C PRO E 14 41.03 60.76 25.54
N THR E 15 41.68 61.09 24.42
CA THR E 15 41.24 62.20 23.57
C THR E 15 40.03 61.78 22.73
N GLY E 16 39.89 60.47 22.54
CA GLY E 16 38.76 59.93 21.79
C GLY E 16 39.13 59.35 20.44
N ARG E 17 40.38 58.94 20.30
CA ARG E 17 40.85 58.41 19.03
C ARG E 17 41.04 56.89 19.01
N LEU E 18 41.14 56.36 17.80
CA LEU E 18 41.35 54.93 17.58
C LEU E 18 42.66 54.81 16.82
N PHE E 19 43.75 54.72 17.56
CA PHE E 19 45.08 54.64 16.97
C PHE E 19 45.29 53.53 15.96
N GLN E 20 44.86 52.32 16.27
CA GLN E 20 45.04 51.23 15.33
C GLN E 20 44.49 51.61 13.95
N VAL E 21 43.38 52.33 13.94
CA VAL E 21 42.77 52.77 12.68
C VAL E 21 43.64 53.81 12.00
N GLU E 22 44.14 54.77 12.79
CA GLU E 22 45.00 55.81 12.24
C GLU E 22 46.27 55.21 11.66
N TYR E 23 46.76 54.13 12.27
CA TYR E 23 47.96 53.47 11.78
C TYR E 23 47.64 52.81 10.46
N ALA E 24 46.41 52.34 10.34
CA ALA E 24 45.97 51.70 9.11
C ALA E 24 45.98 52.78 8.03
N LEU E 25 45.36 53.92 8.33
CA LEU E 25 45.29 55.05 7.41
C LEU E 25 46.69 55.41 6.97
N GLU E 26 47.65 55.19 7.86
CA GLU E 26 49.04 55.51 7.58
C GLU E 26 49.59 54.65 6.44
N ALA E 27 49.34 53.35 6.50
CA ALA E 27 49.82 52.44 5.46
C ALA E 27 49.33 52.89 4.09
N ILE E 28 48.24 53.65 4.06
CA ILE E 28 47.69 54.14 2.80
C ILE E 28 48.61 55.20 2.22
N LYS E 29 48.94 56.21 3.02
CA LYS E 29 49.82 57.28 2.55
C LYS E 29 51.15 56.72 2.06
N GLN E 30 51.63 55.69 2.74
CA GLN E 30 52.89 55.07 2.37
C GLN E 30 52.71 54.34 1.03
N GLY E 31 51.47 54.22 0.58
CA GLY E 31 51.19 53.54 -0.66
C GLY E 31 51.29 54.42 -1.89
N SER E 32 51.47 53.80 -3.05
CA SER E 32 51.59 54.52 -4.32
C SER E 32 50.34 55.35 -4.63
N VAL E 33 50.53 56.45 -5.34
CA VAL E 33 49.43 57.34 -5.69
C VAL E 33 48.50 56.86 -6.80
N THR E 34 47.24 57.27 -6.70
CA THR E 34 46.23 56.93 -7.68
C THR E 34 45.22 58.07 -7.70
N VAL E 35 44.64 58.32 -8.87
CA VAL E 35 43.69 59.42 -9.02
C VAL E 35 42.34 59.03 -9.63
N GLY E 36 41.32 59.79 -9.27
CA GLY E 36 39.98 59.53 -9.79
C GLY E 36 39.25 60.82 -10.14
N LEU E 37 38.57 60.81 -11.29
CA LEU E 37 37.81 61.98 -11.76
C LEU E 37 36.70 61.52 -12.71
N ARG E 38 35.58 62.22 -12.67
CA ARG E 38 34.44 61.86 -13.52
C ARG E 38 33.77 63.09 -14.12
N SER E 39 32.97 62.88 -15.15
CA SER E 39 32.21 63.95 -15.77
C SER E 39 30.74 63.61 -15.53
N ASN E 40 29.92 63.63 -16.57
CA ASN E 40 28.52 63.30 -16.43
C ASN E 40 28.23 62.10 -17.30
N THR E 41 29.27 61.66 -18.01
CA THR E 41 29.13 60.53 -18.89
C THR E 41 30.14 59.44 -18.60
N HIS E 42 31.31 59.83 -18.08
CA HIS E 42 32.35 58.85 -17.76
C HIS E 42 32.99 59.11 -16.41
N ALA E 43 33.79 58.13 -15.98
CA ALA E 43 34.52 58.20 -14.72
C ALA E 43 35.82 57.50 -15.03
N VAL E 44 36.92 58.10 -14.59
CA VAL E 44 38.24 57.53 -14.88
C VAL E 44 39.11 57.32 -13.66
N LEU E 45 39.95 56.29 -13.75
CA LEU E 45 40.88 55.97 -12.70
C LEU E 45 42.25 55.87 -13.33
N VAL E 46 43.19 56.66 -12.80
CA VAL E 46 44.57 56.64 -13.27
C VAL E 46 45.39 56.31 -12.05
N ALA E 47 46.28 55.34 -12.17
CA ALA E 47 47.08 54.95 -11.03
C ALA E 47 48.52 54.74 -11.38
N LEU E 48 49.40 55.03 -10.43
CA LEU E 48 50.83 54.85 -10.61
C LEU E 48 51.23 53.51 -10.01
N LYS E 49 51.72 52.59 -10.83
CA LYS E 49 52.12 51.29 -10.31
C LYS E 49 53.54 51.28 -9.76
N ARG E 50 53.78 50.47 -8.73
CA ARG E 50 55.10 50.39 -8.10
C ARG E 50 55.76 49.04 -8.28
N ASN E 51 57.08 49.02 -8.27
CA ASN E 51 57.84 47.79 -8.44
C ASN E 51 58.96 47.71 -7.42
N ALA E 52 59.44 46.50 -7.16
CA ALA E 52 60.52 46.30 -6.21
C ALA E 52 61.88 46.54 -6.88
N ASP E 53 62.35 45.55 -7.64
CA ASP E 53 63.61 45.64 -8.37
C ASP E 53 63.31 46.16 -9.76
N GLU E 54 64.26 45.96 -10.65
CA GLU E 54 64.07 46.36 -12.04
C GLU E 54 63.85 45.06 -12.79
N LEU E 55 63.79 43.98 -12.02
CA LEU E 55 63.54 42.65 -12.57
C LEU E 55 62.15 42.21 -12.13
N SER E 56 61.48 43.06 -11.35
CA SER E 56 60.14 42.77 -10.84
C SER E 56 59.06 43.48 -11.63
N SER E 57 57.84 42.96 -11.55
CA SER E 57 56.70 43.54 -12.25
C SER E 57 56.15 44.70 -11.43
N TYR E 58 55.23 45.45 -12.01
CA TYR E 58 54.61 46.57 -11.30
C TYR E 58 53.25 46.10 -10.78
N GLN E 59 53.11 46.10 -9.46
CA GLN E 59 51.87 45.67 -8.79
C GLN E 59 50.61 46.35 -9.33
N LYS E 60 49.68 45.55 -9.88
CA LYS E 60 48.45 46.11 -10.43
C LYS E 60 47.71 46.86 -9.34
N LYS E 61 46.98 47.90 -9.69
CA LYS E 61 46.26 48.68 -8.68
C LYS E 61 44.79 48.95 -9.05
N ILE E 62 44.37 48.40 -10.19
CA ILE E 62 42.99 48.57 -10.64
C ILE E 62 42.27 47.22 -10.65
N ILE E 63 41.10 47.17 -10.03
CA ILE E 63 40.34 45.94 -9.97
C ILE E 63 38.91 46.18 -10.43
N LYS E 64 38.41 45.26 -11.25
CA LYS E 64 37.06 45.32 -11.80
C LYS E 64 36.11 44.53 -10.91
N CYS E 65 35.07 45.18 -10.41
CA CYS E 65 34.10 44.49 -9.56
C CYS E 65 32.95 43.89 -10.37
N ASP E 66 32.43 44.67 -11.32
CA ASP E 66 31.35 44.21 -12.19
C ASP E 66 31.58 44.87 -13.56
N GLU E 67 30.55 44.94 -14.38
CA GLU E 67 30.67 45.54 -15.70
C GLU E 67 30.48 47.05 -15.66
N HIS E 68 29.90 47.52 -14.56
CA HIS E 68 29.64 48.93 -14.40
C HIS E 68 30.33 49.49 -13.16
N MET E 69 31.30 48.77 -12.62
CA MET E 69 31.98 49.23 -11.42
C MET E 69 33.37 48.67 -11.23
N GLY E 70 34.24 49.47 -10.63
CA GLY E 70 35.60 49.06 -10.39
C GLY E 70 36.27 50.02 -9.43
N LEU E 71 37.49 49.69 -9.00
CA LEU E 71 38.18 50.55 -8.06
C LEU E 71 39.69 50.47 -8.17
N SER E 72 40.36 51.41 -7.51
CA SER E 72 41.82 51.49 -7.47
C SER E 72 42.23 51.43 -6.00
N LEU E 73 43.39 50.82 -5.75
CA LEU E 73 43.88 50.63 -4.39
C LEU E 73 45.15 51.40 -4.01
N ALA E 74 45.29 51.65 -2.72
CA ALA E 74 46.46 52.34 -2.17
C ALA E 74 46.72 51.75 -0.80
N GLY E 75 47.74 50.91 -0.70
CA GLY E 75 48.06 50.29 0.58
C GLY E 75 48.24 48.78 0.49
N LEU E 76 47.76 48.06 1.51
CA LEU E 76 47.89 46.61 1.52
C LEU E 76 47.12 45.98 0.37
N ALA E 77 47.84 45.31 -0.53
CA ALA E 77 47.20 44.66 -1.68
C ALA E 77 46.17 43.61 -1.23
N PRO E 78 46.58 42.68 -0.33
CA PRO E 78 45.68 41.63 0.15
C PRO E 78 44.31 42.14 0.59
N ASP E 79 44.28 43.23 1.34
CA ASP E 79 43.01 43.77 1.81
C ASP E 79 42.13 44.28 0.67
N ALA E 80 42.76 44.74 -0.41
CA ALA E 80 41.99 45.22 -1.54
C ALA E 80 41.36 44.02 -2.22
N ARG E 81 42.09 42.91 -2.23
CA ARG E 81 41.62 41.66 -2.82
C ARG E 81 40.37 41.21 -2.06
N VAL E 82 40.46 41.26 -0.74
CA VAL E 82 39.36 40.86 0.13
C VAL E 82 38.15 41.73 -0.10
N LEU E 83 38.36 43.06 -0.07
CA LEU E 83 37.30 44.04 -0.27
C LEU E 83 36.71 44.08 -1.67
N SER E 84 37.56 44.02 -2.68
CA SER E 84 37.06 44.03 -4.05
C SER E 84 36.26 42.74 -4.25
N ASN E 85 36.75 41.67 -3.67
CA ASN E 85 36.07 40.40 -3.81
C ASN E 85 34.73 40.39 -3.09
N TYR E 86 34.63 41.10 -1.97
CA TYR E 86 33.38 41.18 -1.25
C TYR E 86 32.42 42.03 -2.06
N LEU E 87 32.97 43.02 -2.75
CA LEU E 87 32.16 43.91 -3.57
C LEU E 87 31.75 43.19 -4.85
N ARG E 88 32.58 42.28 -5.34
CA ARG E 88 32.23 41.53 -6.54
C ARG E 88 30.98 40.69 -6.28
N GLN E 89 30.91 40.11 -5.09
CA GLN E 89 29.77 39.27 -4.72
C GLN E 89 28.52 40.12 -4.57
N GLN E 90 28.64 41.23 -3.86
CA GLN E 90 27.50 42.12 -3.68
C GLN E 90 26.87 42.55 -5.01
N CYS E 91 27.71 42.74 -6.03
CA CYS E 91 27.24 43.13 -7.36
C CYS E 91 26.55 41.94 -8.01
N ASN E 92 27.19 40.78 -7.88
CA ASN E 92 26.68 39.54 -8.44
C ASN E 92 25.34 39.17 -7.78
N TYR E 93 25.23 39.45 -6.49
CA TYR E 93 24.01 39.13 -5.77
C TYR E 93 22.89 39.97 -6.35
N SER E 94 23.10 41.27 -6.41
CA SER E 94 22.11 42.21 -6.92
C SER E 94 21.62 41.81 -8.32
N SER E 95 22.54 41.32 -9.15
CA SER E 95 22.20 40.91 -10.49
C SER E 95 21.35 39.64 -10.48
N LEU E 96 21.78 38.63 -9.74
CA LEU E 96 21.07 37.36 -9.69
C LEU E 96 19.70 37.43 -9.05
N VAL E 97 19.64 37.89 -7.80
CA VAL E 97 18.36 37.95 -7.10
C VAL E 97 17.38 38.99 -7.61
N PHE E 98 17.83 40.23 -7.79
CA PHE E 98 16.95 41.29 -8.25
C PHE E 98 17.10 41.70 -9.69
N ASN E 99 18.03 41.07 -10.40
CA ASN E 99 18.26 41.38 -11.81
C ASN E 99 18.46 42.88 -11.95
N ARG E 100 19.27 43.42 -11.04
CA ARG E 100 19.52 44.85 -10.97
C ARG E 100 21.01 45.13 -10.81
N LYS E 101 21.50 46.20 -11.42
CA LYS E 101 22.91 46.55 -11.25
C LYS E 101 23.02 47.36 -9.96
N LEU E 102 24.00 47.00 -9.14
CA LEU E 102 24.20 47.65 -7.84
C LEU E 102 24.63 49.12 -7.94
N ALA E 103 23.82 49.98 -7.33
CA ALA E 103 24.08 51.41 -7.29
C ALA E 103 25.44 51.66 -6.62
N VAL E 104 26.24 52.52 -7.24
CA VAL E 104 27.58 52.84 -6.73
C VAL E 104 27.49 53.41 -5.32
N GLU E 105 26.42 54.16 -5.06
CA GLU E 105 26.24 54.75 -3.74
C GLU E 105 26.00 53.66 -2.71
N ARG E 106 25.41 52.54 -3.15
CA ARG E 106 25.11 51.44 -2.25
C ARG E 106 26.33 50.54 -2.06
N ALA E 107 27.19 50.47 -3.07
CA ALA E 107 28.40 49.67 -2.98
C ALA E 107 29.24 50.30 -1.88
N GLY E 108 29.26 51.62 -1.86
CA GLY E 108 30.02 52.34 -0.86
C GLY E 108 29.49 52.04 0.53
N HIS E 109 28.18 52.00 0.67
CA HIS E 109 27.57 51.71 1.97
C HIS E 109 28.03 50.34 2.50
N LEU E 110 28.01 49.35 1.63
CA LEU E 110 28.42 48.01 2.01
C LEU E 110 29.88 47.99 2.48
N LEU E 111 30.74 48.69 1.75
CA LEU E 111 32.14 48.74 2.11
C LEU E 111 32.32 49.41 3.46
N CYS E 112 31.64 50.53 3.64
CA CYS E 112 31.73 51.24 4.90
C CYS E 112 31.37 50.33 6.06
N ASP E 113 30.23 49.65 5.94
CA ASP E 113 29.75 48.75 6.99
C ASP E 113 30.65 47.56 7.27
N LYS E 114 31.30 47.03 6.23
CA LYS E 114 32.17 45.88 6.43
C LYS E 114 33.42 46.32 7.18
N ALA E 115 33.92 47.49 6.81
CA ALA E 115 35.11 48.05 7.43
C ALA E 115 34.90 48.44 8.88
N GLN E 116 33.72 48.95 9.18
CA GLN E 116 33.41 49.38 10.53
C GLN E 116 33.41 48.23 11.53
N LYS E 117 32.93 47.08 11.10
CA LYS E 117 32.86 45.89 11.96
C LYS E 117 34.22 45.48 12.51
N ASN E 118 35.25 45.79 11.74
CA ASN E 118 36.62 45.47 12.12
C ASN E 118 37.25 46.46 13.07
N THR E 119 36.52 47.52 13.42
CA THR E 119 37.05 48.54 14.31
C THR E 119 36.35 48.59 15.65
N GLN E 120 35.49 47.61 15.93
CA GLN E 120 34.75 47.62 17.19
C GLN E 120 34.88 46.32 17.98
N SER E 121 35.42 45.29 17.34
CA SER E 121 35.58 43.99 18.00
C SER E 121 37.01 43.54 18.19
N TYR E 122 37.24 42.89 19.32
CA TYR E 122 38.54 42.37 19.72
C TYR E 122 39.10 41.32 18.79
N GLY E 123 40.41 41.35 18.58
CA GLY E 123 41.04 40.36 17.74
C GLY E 123 41.27 40.69 16.27
N GLY E 124 40.39 41.51 15.70
CA GLY E 124 40.57 41.84 14.30
C GLY E 124 41.37 43.11 14.13
N ARG E 125 41.88 43.33 12.93
CA ARG E 125 42.62 44.54 12.66
C ARG E 125 41.87 45.30 11.56
N PRO E 126 42.01 46.63 11.54
CA PRO E 126 41.33 47.42 10.51
C PRO E 126 41.94 47.09 9.15
N TYR E 127 41.23 47.36 8.07
CA TYR E 127 41.80 47.09 6.75
C TYR E 127 42.86 48.16 6.54
N GLY E 128 43.98 47.78 5.92
CA GLY E 128 45.04 48.75 5.67
C GLY E 128 45.14 49.08 4.21
N VAL E 129 44.09 49.70 3.67
CA VAL E 129 44.07 50.04 2.27
C VAL E 129 42.99 51.06 1.96
N GLY E 130 43.27 51.93 0.98
CA GLY E 130 42.33 52.95 0.56
C GLY E 130 41.81 52.61 -0.82
N LEU E 131 40.55 52.91 -1.09
CA LEU E 131 39.98 52.57 -2.38
C LEU E 131 39.23 53.72 -3.03
N LEU E 132 39.37 53.82 -4.36
CA LEU E 132 38.68 54.84 -5.16
C LEU E 132 37.79 54.03 -6.08
N ILE E 133 36.48 54.23 -5.96
CA ILE E 133 35.51 53.47 -6.75
C ILE E 133 34.76 54.29 -7.80
N ILE E 134 34.85 53.88 -9.05
CA ILE E 134 34.16 54.55 -10.15
C ILE E 134 33.07 53.65 -10.69
N GLY E 135 32.04 54.24 -11.27
CA GLY E 135 30.97 53.44 -11.82
C GLY E 135 29.83 54.23 -12.43
N TYR E 136 29.27 53.69 -13.51
CA TYR E 136 28.16 54.34 -14.19
C TYR E 136 26.90 53.52 -13.94
N ASP E 137 26.04 54.01 -13.05
CA ASP E 137 24.81 53.30 -12.72
C ASP E 137 23.57 54.01 -13.27
N LYS E 138 22.43 53.78 -12.64
CA LYS E 138 21.17 54.38 -13.08
C LYS E 138 21.02 55.87 -12.78
N SER E 139 22.05 56.49 -12.22
CA SER E 139 21.96 57.91 -11.94
C SER E 139 23.23 58.61 -12.39
N GLY E 140 23.87 58.04 -13.42
CA GLY E 140 25.07 58.66 -13.96
C GLY E 140 26.42 58.14 -13.52
N ALA E 141 27.44 58.95 -13.78
CA ALA E 141 28.80 58.60 -13.41
C ALA E 141 28.97 58.84 -11.91
N HIS E 142 29.88 58.08 -11.30
CA HIS E 142 30.13 58.18 -9.86
C HIS E 142 31.57 57.86 -9.50
N LEU E 143 32.04 58.51 -8.44
CA LEU E 143 33.38 58.30 -7.90
C LEU E 143 33.31 58.34 -6.38
N LEU E 144 33.89 57.34 -5.73
CA LEU E 144 33.89 57.25 -4.28
C LEU E 144 35.27 57.04 -3.68
N GLU E 145 35.48 57.56 -2.48
CA GLU E 145 36.75 57.38 -1.78
C GLU E 145 36.48 56.62 -0.48
N PHE E 146 37.14 55.47 -0.35
CA PHE E 146 36.98 54.60 0.81
C PHE E 146 38.15 54.66 1.77
N GLN E 147 37.85 54.91 3.04
CA GLN E 147 38.89 54.95 4.07
C GLN E 147 38.64 53.82 5.09
N PRO E 148 39.71 53.09 5.46
CA PRO E 148 39.65 51.98 6.41
C PRO E 148 38.89 52.32 7.68
N SER E 149 38.78 53.61 7.97
CA SER E 149 38.06 54.05 9.15
C SER E 149 36.58 53.71 8.93
N GLY E 150 36.25 53.40 7.69
CA GLY E 150 34.88 53.08 7.31
C GLY E 150 34.19 54.26 6.64
N ASN E 151 34.92 55.35 6.45
CA ASN E 151 34.36 56.55 5.84
C ASN E 151 34.45 56.54 4.32
N VAL E 152 33.28 56.59 3.68
CA VAL E 152 33.20 56.61 2.22
C VAL E 152 32.57 57.94 1.80
N THR E 153 33.15 58.57 0.77
CA THR E 153 32.65 59.87 0.31
C THR E 153 32.57 59.95 -1.22
N GLU E 154 31.51 60.62 -1.70
CA GLU E 154 31.31 60.79 -3.15
C GLU E 154 31.92 62.12 -3.56
N LEU E 155 32.78 62.07 -4.58
CA LEU E 155 33.47 63.26 -5.07
C LEU E 155 33.36 63.38 -6.58
N TYR E 156 33.93 64.45 -7.14
CA TYR E 156 33.95 64.66 -8.59
C TYR E 156 35.28 64.08 -9.03
N GLY E 157 36.26 64.22 -8.13
CA GLY E 157 37.60 63.70 -8.36
C GLY E 157 38.36 63.69 -7.06
N THR E 158 39.49 62.98 -7.03
CA THR E 158 40.33 62.90 -5.83
C THR E 158 41.53 61.99 -6.07
N ALA E 159 42.39 61.91 -5.06
CA ALA E 159 43.58 61.07 -5.14
C ALA E 159 43.99 60.63 -3.75
N ILE E 160 44.65 59.49 -3.68
CA ILE E 160 45.09 58.93 -2.40
C ILE E 160 46.47 58.32 -2.57
N GLY E 161 47.23 58.30 -1.49
CA GLY E 161 48.57 57.75 -1.53
C GLY E 161 49.63 58.81 -1.25
N ALA E 162 50.87 58.49 -1.59
CA ALA E 162 51.97 59.42 -1.36
C ALA E 162 51.91 60.59 -2.33
N ARG E 163 52.18 61.78 -1.80
CA ARG E 163 52.19 63.00 -2.59
C ARG E 163 50.86 63.19 -3.30
N SER E 164 49.85 62.45 -2.86
CA SER E 164 48.52 62.53 -3.47
C SER E 164 47.95 63.95 -3.43
N GLN E 165 48.45 64.77 -2.52
CA GLN E 165 47.97 66.14 -2.36
C GLN E 165 48.23 67.02 -3.59
N GLY E 166 49.19 66.62 -4.43
CA GLY E 166 49.47 67.39 -5.62
C GLY E 166 48.28 67.32 -6.56
N ALA E 167 47.94 66.10 -6.93
CA ALA E 167 46.83 65.84 -7.84
C ALA E 167 45.53 66.40 -7.28
N LYS E 168 45.34 66.23 -5.99
CA LYS E 168 44.11 66.70 -5.35
C LYS E 168 43.91 68.22 -5.47
N THR E 169 45.01 68.98 -5.53
CA THR E 169 44.91 70.44 -5.68
C THR E 169 44.63 70.77 -7.14
N TYR E 170 45.40 70.13 -8.02
CA TYR E 170 45.24 70.33 -9.45
C TYR E 170 43.77 70.13 -9.80
N LEU E 171 43.20 69.01 -9.35
CA LEU E 171 41.81 68.67 -9.62
C LEU E 171 40.83 69.64 -8.96
N GLU E 172 41.12 70.03 -7.72
CA GLU E 172 40.24 70.94 -7.01
C GLU E 172 40.21 72.30 -7.71
N ARG E 173 41.21 72.53 -8.56
CA ARG E 173 41.33 73.77 -9.30
C ARG E 173 40.77 73.58 -10.72
N THR E 174 41.02 72.41 -11.30
CA THR E 174 40.56 72.06 -12.65
C THR E 174 39.09 71.63 -12.67
N LEU E 175 38.45 71.62 -11.51
CA LEU E 175 37.06 71.19 -11.41
C LEU E 175 36.19 71.53 -12.61
N ASP E 176 35.71 72.77 -12.66
CA ASP E 176 34.84 73.25 -13.74
C ASP E 176 35.26 72.82 -15.14
N THR E 177 36.54 72.48 -15.30
CA THR E 177 37.09 72.07 -16.59
C THR E 177 36.73 70.65 -17.02
N PHE E 178 37.06 69.66 -16.20
CA PHE E 178 36.77 68.26 -16.54
C PHE E 178 35.33 67.80 -16.27
N ILE E 179 34.68 68.43 -15.29
CA ILE E 179 33.30 68.09 -14.94
C ILE E 179 32.41 68.19 -16.18
N LYS E 180 32.93 68.88 -17.20
CA LYS E 180 32.20 69.07 -18.44
C LYS E 180 32.75 68.23 -19.60
N ILE E 181 33.75 67.40 -19.33
CA ILE E 181 34.32 66.58 -20.38
C ILE E 181 33.39 65.40 -20.68
N ASP E 182 32.14 65.70 -21.00
CA ASP E 182 31.18 64.65 -21.30
C ASP E 182 31.37 64.23 -22.76
N GLY E 183 30.82 63.07 -23.12
CA GLY E 183 30.96 62.60 -24.49
C GLY E 183 32.37 62.23 -24.92
N ASN E 184 33.39 62.88 -24.35
CA ASN E 184 34.76 62.57 -24.75
C ASN E 184 35.59 61.94 -23.64
N PRO E 185 35.86 60.63 -23.74
CA PRO E 185 36.65 59.89 -22.77
C PRO E 185 38.14 60.23 -22.78
N ASP E 186 38.70 60.38 -23.97
CA ASP E 186 40.13 60.68 -24.10
C ASP E 186 40.54 61.96 -23.40
N GLU E 187 39.59 62.86 -23.17
CA GLU E 187 39.91 64.10 -22.49
C GLU E 187 40.00 63.83 -20.98
N LEU E 188 39.04 63.08 -20.45
CA LEU E 188 39.04 62.76 -19.03
C LEU E 188 40.30 61.97 -18.69
N ILE E 189 40.67 61.05 -19.56
CA ILE E 189 41.87 60.23 -19.33
C ILE E 189 43.13 61.06 -19.36
N LYS E 190 43.19 62.05 -20.26
CA LYS E 190 44.36 62.93 -20.34
C LYS E 190 44.38 63.78 -19.08
N ALA E 191 43.23 64.35 -18.73
CA ALA E 191 43.11 65.19 -17.53
C ALA E 191 43.52 64.38 -16.30
N GLY E 192 43.20 63.10 -16.30
CA GLY E 192 43.57 62.23 -15.20
C GLY E 192 45.07 62.05 -15.15
N VAL E 193 45.67 61.72 -16.30
CA VAL E 193 47.11 61.51 -16.39
C VAL E 193 47.87 62.77 -15.96
N GLU E 194 47.24 63.93 -16.12
CA GLU E 194 47.86 65.18 -15.74
C GLU E 194 47.82 65.33 -14.23
N ALA E 195 46.62 65.29 -13.67
CA ALA E 195 46.44 65.41 -12.22
C ALA E 195 47.35 64.46 -11.47
N ILE E 196 47.54 63.26 -12.01
CA ILE E 196 48.39 62.28 -11.34
C ILE E 196 49.87 62.64 -11.33
N SER E 197 50.35 63.23 -12.43
CA SER E 197 51.75 63.61 -12.54
C SER E 197 52.08 64.83 -11.68
N GLN E 198 51.05 65.42 -11.10
CA GLN E 198 51.20 66.56 -10.22
C GLN E 198 51.74 66.02 -8.89
N SER E 199 51.63 64.71 -8.73
CA SER E 199 52.07 64.01 -7.52
C SER E 199 53.33 63.19 -7.75
N LEU E 200 53.95 63.35 -8.93
CA LEU E 200 55.17 62.61 -9.24
C LEU E 200 56.33 63.26 -8.49
N ARG E 201 57.56 62.84 -8.78
CA ARG E 201 58.73 63.38 -8.08
C ARG E 201 59.95 62.58 -8.46
N ASP E 202 59.86 61.27 -8.30
CA ASP E 202 60.95 60.37 -8.61
C ASP E 202 61.20 60.26 -10.12
N GLU E 203 60.30 59.53 -10.80
CA GLU E 203 60.41 59.31 -12.23
C GLU E 203 59.24 59.93 -12.99
N SER E 204 59.16 59.59 -14.27
CA SER E 204 58.09 60.08 -15.14
C SER E 204 57.30 58.84 -15.58
N LEU E 205 55.97 58.95 -15.55
CA LEU E 205 55.11 57.83 -15.93
C LEU E 205 55.46 57.19 -17.28
N THR E 206 55.95 55.95 -17.21
CA THR E 206 56.33 55.20 -18.40
C THR E 206 55.16 54.36 -18.87
N VAL E 207 55.43 53.45 -19.80
CA VAL E 207 54.38 52.61 -20.36
C VAL E 207 53.92 51.52 -19.38
N ASP E 208 54.87 50.76 -18.84
CA ASP E 208 54.55 49.69 -17.91
C ASP E 208 54.52 50.22 -16.48
N ASN E 209 54.47 51.54 -16.36
CA ASN E 209 54.44 52.22 -15.09
C ASN E 209 53.07 52.85 -14.83
N LEU E 210 52.35 53.12 -15.92
CA LEU E 210 51.03 53.74 -15.85
C LEU E 210 49.92 52.71 -15.96
N SER E 211 48.75 53.08 -15.43
CA SER E 211 47.58 52.22 -15.43
C SER E 211 46.32 53.10 -15.42
N ILE E 212 45.48 52.93 -16.44
CA ILE E 212 44.24 53.70 -16.53
C ILE E 212 43.03 52.82 -16.76
N ALA E 213 41.94 53.15 -16.06
CA ALA E 213 40.69 52.42 -16.16
C ALA E 213 39.54 53.40 -16.36
N ILE E 214 38.53 52.99 -17.11
CA ILE E 214 37.39 53.87 -17.36
C ILE E 214 36.05 53.14 -17.51
N VAL E 215 34.97 53.87 -17.26
CA VAL E 215 33.62 53.36 -17.35
C VAL E 215 32.69 54.53 -17.65
N GLY E 216 31.62 54.30 -18.41
CA GLY E 216 30.70 55.37 -18.73
C GLY E 216 29.51 54.97 -19.60
N LYS E 217 28.65 55.95 -19.86
CA LYS E 217 27.42 55.78 -20.66
C LYS E 217 27.41 54.57 -21.56
N ASP E 218 28.43 54.41 -22.39
CA ASP E 218 28.49 53.24 -23.26
C ASP E 218 29.87 52.60 -23.21
N THR E 219 30.45 52.60 -22.01
CA THR E 219 31.77 52.02 -21.81
C THR E 219 31.79 51.08 -20.62
N PRO E 220 31.86 49.76 -20.86
CA PRO E 220 31.90 48.83 -19.74
C PRO E 220 33.29 48.85 -19.10
N PHE E 221 33.35 49.26 -17.83
CA PHE E 221 34.62 49.35 -17.09
C PHE E 221 35.73 48.52 -17.70
N THR E 222 36.69 49.19 -18.33
CA THR E 222 37.81 48.51 -18.97
C THR E 222 39.16 49.03 -18.49
N ILE E 223 40.14 48.13 -18.46
CA ILE E 223 41.47 48.45 -17.97
C ILE E 223 42.55 48.56 -19.06
N TYR E 224 43.36 49.62 -18.96
CA TYR E 224 44.42 49.86 -19.92
C TYR E 224 45.82 49.84 -19.30
N ASP E 225 46.66 48.95 -19.83
CA ASP E 225 48.04 48.80 -19.36
C ASP E 225 49.02 48.71 -20.52
N GLY E 226 50.21 49.28 -20.32
CA GLY E 226 51.22 49.24 -21.34
C GLY E 226 50.87 50.00 -22.61
N GLU E 227 51.30 49.46 -23.74
CA GLU E 227 51.04 50.06 -25.05
C GLU E 227 49.67 50.72 -25.12
N ALA E 228 48.71 50.13 -24.40
CA ALA E 228 47.35 50.65 -24.38
C ALA E 228 47.27 52.06 -23.81
N VAL E 229 48.25 52.44 -22.98
CA VAL E 229 48.29 53.78 -22.38
C VAL E 229 49.39 54.65 -23.00
N ALA E 230 50.12 54.08 -23.96
CA ALA E 230 51.19 54.81 -24.63
C ALA E 230 50.69 56.14 -25.18
N LYS E 231 49.54 56.13 -25.81
CA LYS E 231 48.98 57.35 -26.39
C LYS E 231 48.55 58.38 -25.34
N TYR E 232 48.99 58.22 -24.10
CA TYR E 232 48.65 59.16 -23.03
C TYR E 232 49.90 59.57 -22.27
N ILE E 233 51.00 58.86 -22.52
CA ILE E 233 52.27 59.15 -21.88
C ILE E 233 52.91 60.39 -22.52
N GLY F 1 45.40 51.88 42.34
CA GLY F 1 46.43 52.28 41.33
C GLY F 1 45.85 53.01 40.13
N THR F 2 46.19 52.53 38.94
CA THR F 2 45.70 53.11 37.69
C THR F 2 45.51 52.05 36.60
N GLY F 3 45.10 52.47 35.41
CA GLY F 3 44.88 51.53 34.32
C GLY F 3 43.41 51.20 34.16
N TYR F 4 42.58 51.85 34.97
CA TYR F 4 41.14 51.65 34.93
C TYR F 4 40.50 52.14 33.64
N ASP F 5 41.32 52.74 32.77
CA ASP F 5 40.81 53.29 31.51
C ASP F 5 41.29 52.54 30.27
N LEU F 6 41.73 51.29 30.43
CA LEU F 6 42.23 50.53 29.29
C LEU F 6 41.26 49.44 28.79
N SER F 7 40.34 49.01 29.66
CA SER F 7 39.37 47.99 29.28
C SER F 7 37.96 48.54 29.33
N ASN F 8 37.16 48.22 28.31
CA ASN F 8 35.81 48.70 28.18
C ASN F 8 34.74 48.39 29.21
N SER F 9 35.03 47.61 30.24
CA SER F 9 33.94 47.35 31.18
C SER F 9 34.36 47.48 32.63
N VAL F 10 35.55 48.04 32.84
CA VAL F 10 36.11 48.22 34.17
C VAL F 10 35.52 49.39 34.93
N PHE F 11 35.27 49.19 36.22
CA PHE F 11 34.75 50.25 37.06
C PHE F 11 35.94 50.89 37.72
N SER F 12 36.06 52.21 37.63
CA SER F 12 37.15 52.90 38.28
C SER F 12 36.72 53.05 39.73
N PRO F 13 37.66 53.38 40.62
CA PRO F 13 37.33 53.55 42.04
C PRO F 13 36.14 54.46 42.35
N ASP F 14 35.84 55.39 41.46
CA ASP F 14 34.73 56.30 41.68
C ASP F 14 33.41 55.80 41.08
N GLY F 15 33.47 54.69 40.34
CA GLY F 15 32.28 54.10 39.76
C GLY F 15 31.97 54.48 38.33
N ARG F 16 32.99 54.93 37.59
CA ARG F 16 32.81 55.34 36.20
C ARG F 16 33.38 54.31 35.24
N ASN F 17 33.10 54.50 33.95
CA ASN F 17 33.58 53.61 32.91
C ASN F 17 34.31 54.53 31.92
N PHE F 18 35.57 54.82 32.23
CA PHE F 18 36.39 55.71 31.43
C PHE F 18 36.33 55.52 29.93
N GLN F 19 36.27 54.28 29.48
CA GLN F 19 36.21 54.05 28.05
C GLN F 19 34.95 54.65 27.46
N VAL F 20 33.83 54.54 28.18
CA VAL F 20 32.57 55.12 27.69
C VAL F 20 32.74 56.63 27.59
N GLU F 21 33.48 57.19 28.54
CA GLU F 21 33.73 58.62 28.58
C GLU F 21 34.67 59.06 27.47
N TYR F 22 35.70 58.27 27.20
CA TYR F 22 36.63 58.59 26.14
C TYR F 22 35.85 58.54 24.84
N ALA F 23 34.82 57.69 24.82
CA ALA F 23 33.99 57.54 23.64
C ALA F 23 33.31 58.87 23.38
N VAL F 24 32.74 59.46 24.43
CA VAL F 24 32.06 60.74 24.34
C VAL F 24 32.94 61.79 23.69
N LYS F 25 34.22 61.82 24.06
CA LYS F 25 35.13 62.78 23.49
C LYS F 25 35.10 62.71 21.97
N ALA F 26 34.92 61.52 21.43
CA ALA F 26 34.87 61.35 19.98
C ALA F 26 33.59 61.99 19.44
N VAL F 27 32.54 61.98 20.25
CA VAL F 27 31.27 62.57 19.86
C VAL F 27 31.40 64.08 19.76
N GLU F 28 31.82 64.70 20.87
CA GLU F 28 31.99 66.15 20.94
C GLU F 28 32.91 66.66 19.83
N ASN F 29 33.84 65.83 19.43
CA ASN F 29 34.79 66.19 18.40
C ASN F 29 34.14 66.17 17.02
N GLY F 30 32.92 65.67 16.95
CA GLY F 30 32.25 65.60 15.65
C GLY F 30 31.42 66.81 15.26
N THR F 31 30.75 66.69 14.11
CA THR F 31 29.89 67.73 13.58
C THR F 31 28.66 67.88 14.48
N THR F 32 28.05 69.06 14.48
CA THR F 32 26.88 69.24 15.32
C THR F 32 25.59 68.90 14.57
N SER F 33 24.63 68.38 15.32
CA SER F 33 23.33 68.00 14.76
C SER F 33 22.26 68.23 15.82
N ILE F 34 21.01 68.38 15.39
CA ILE F 34 19.95 68.66 16.34
C ILE F 34 18.61 68.04 16.01
N GLY F 35 17.71 68.13 16.99
CA GLY F 35 16.37 67.62 16.85
C GLY F 35 15.44 68.59 17.53
N ILE F 36 14.32 68.89 16.88
CA ILE F 36 13.34 69.81 17.42
C ILE F 36 11.97 69.17 17.34
N LYS F 37 11.37 68.91 18.50
CA LYS F 37 10.04 68.32 18.55
C LYS F 37 9.00 69.41 18.38
N CYS F 38 8.10 69.23 17.42
CA CYS F 38 7.06 70.23 17.21
C CYS F 38 5.69 69.72 17.70
N ASN F 39 4.64 70.49 17.43
CA ASN F 39 3.30 70.14 17.89
C ASN F 39 2.67 68.87 17.31
N ASP F 40 3.25 68.32 16.26
CA ASP F 40 2.70 67.08 15.67
C ASP F 40 3.73 66.31 14.86
N GLY F 41 5.00 66.52 15.17
CA GLY F 41 6.06 65.83 14.46
C GLY F 41 7.42 66.14 15.04
N VAL F 42 8.45 66.01 14.23
CA VAL F 42 9.81 66.27 14.67
C VAL F 42 10.64 66.70 13.48
N VAL F 43 11.71 67.44 13.76
CA VAL F 43 12.59 67.90 12.70
C VAL F 43 14.04 67.57 13.05
N PHE F 44 14.78 67.09 12.05
CA PHE F 44 16.17 66.74 12.27
C PHE F 44 17.01 67.54 11.29
N ALA F 45 18.14 68.05 11.79
CA ALA F 45 19.04 68.82 10.97
C ALA F 45 20.47 68.51 11.38
N VAL F 46 21.39 68.64 10.43
CA VAL F 46 22.78 68.38 10.69
C VAL F 46 23.71 69.21 9.81
N GLU F 47 24.91 69.46 10.33
CA GLU F 47 25.94 70.23 9.66
C GLU F 47 26.82 69.29 8.81
N LYS F 48 27.14 69.68 7.58
CA LYS F 48 27.98 68.85 6.74
C LYS F 48 29.19 69.62 6.26
N LEU F 49 30.31 69.49 6.97
CA LEU F 49 31.53 70.21 6.59
C LEU F 49 31.96 69.89 5.16
N ILE F 50 32.21 70.94 4.40
CA ILE F 50 32.63 70.79 3.01
C ILE F 50 34.15 70.89 2.94
N THR F 51 34.80 69.74 3.01
CA THR F 51 36.25 69.63 2.95
C THR F 51 36.85 70.32 1.73
N SER F 52 36.14 70.27 0.61
CA SER F 52 36.62 70.89 -0.61
C SER F 52 35.50 71.05 -1.62
N LYS F 53 35.87 71.51 -2.81
CA LYS F 53 34.91 71.71 -3.90
C LYS F 53 34.69 70.40 -4.62
N LEU F 54 35.44 69.37 -4.22
CA LEU F 54 35.33 68.07 -4.87
C LEU F 54 34.15 67.24 -4.37
N LEU F 55 33.61 67.58 -3.21
CA LEU F 55 32.48 66.86 -2.66
C LEU F 55 31.22 67.22 -3.43
N VAL F 56 30.64 66.26 -4.13
CA VAL F 56 29.41 66.53 -4.87
C VAL F 56 28.38 67.00 -3.84
N PRO F 57 27.74 68.16 -4.09
CA PRO F 57 26.74 68.66 -3.16
C PRO F 57 25.47 67.82 -3.16
N GLN F 58 24.80 67.78 -2.02
CA GLN F 58 23.55 67.04 -1.85
C GLN F 58 23.71 65.52 -2.03
N LYS F 59 24.94 65.03 -2.10
CA LYS F 59 25.14 63.61 -2.32
C LYS F 59 25.58 62.73 -1.15
N ASN F 60 26.31 63.28 -0.20
CA ASN F 60 26.75 62.47 0.93
C ASN F 60 25.78 62.60 2.09
N VAL F 61 24.57 62.10 1.90
CA VAL F 61 23.50 62.17 2.90
C VAL F 61 23.86 61.56 4.25
N LYS F 62 23.54 62.29 5.32
CA LYS F 62 23.85 61.83 6.67
C LYS F 62 22.64 61.36 7.47
N ILE F 63 21.50 62.03 7.33
CA ILE F 63 20.33 61.60 8.08
C ILE F 63 19.85 60.27 7.54
N GLN F 64 19.36 59.41 8.42
CA GLN F 64 18.88 58.11 8.01
C GLN F 64 17.48 57.84 8.52
N VAL F 65 16.79 56.95 7.81
CA VAL F 65 15.44 56.58 8.17
C VAL F 65 15.39 55.11 8.62
N VAL F 66 14.57 54.86 9.63
CA VAL F 66 14.38 53.53 10.14
C VAL F 66 12.92 53.22 9.82
N ASP F 67 12.69 52.06 9.23
CA ASP F 67 11.35 51.68 8.83
C ASP F 67 10.81 52.76 7.90
N ARG F 68 9.64 53.29 8.20
CA ARG F 68 9.06 54.30 7.35
C ARG F 68 8.79 55.60 8.12
N HIS F 69 8.69 55.51 9.43
CA HIS F 69 8.36 56.66 10.26
C HIS F 69 9.43 57.14 11.26
N ILE F 70 10.68 56.70 11.13
CA ILE F 70 11.70 57.12 12.08
C ILE F 70 12.86 57.85 11.42
N GLY F 71 13.32 58.91 12.08
CA GLY F 71 14.45 59.67 11.56
C GLY F 71 15.61 59.58 12.53
N CYS F 72 16.80 59.30 12.02
CA CYS F 72 17.98 59.20 12.88
C CYS F 72 19.15 60.04 12.39
N VAL F 73 19.68 60.85 13.28
CA VAL F 73 20.82 61.68 12.96
C VAL F 73 21.78 61.54 14.14
N TYR F 74 23.09 61.55 13.86
CA TYR F 74 24.09 61.38 14.90
C TYR F 74 25.41 62.14 14.66
N SER F 75 26.11 62.40 15.76
CA SER F 75 27.38 63.13 15.75
C SER F 75 28.49 62.24 16.29
N GLY F 76 29.66 62.30 15.66
CA GLY F 76 30.79 61.50 16.10
C GLY F 76 31.36 60.65 14.99
N LEU F 77 31.62 59.38 15.30
CA LEU F 77 32.15 58.44 14.30
C LEU F 77 31.00 57.97 13.41
N ILE F 78 30.97 58.46 12.18
CA ILE F 78 29.90 58.10 11.24
C ILE F 78 29.70 56.61 11.08
N PRO F 79 30.75 55.85 10.78
CA PRO F 79 30.55 54.40 10.63
C PRO F 79 29.77 53.80 11.80
N ASP F 80 30.11 54.17 13.03
CA ASP F 80 29.37 53.61 14.17
C ASP F 80 27.88 53.96 14.09
N GLY F 81 27.57 55.16 13.62
CA GLY F 81 26.19 55.58 13.50
C GLY F 81 25.44 54.64 12.60
N ARG F 82 25.99 54.38 11.41
CA ARG F 82 25.37 53.46 10.48
C ARG F 82 25.14 52.10 11.13
N HIS F 83 26.18 51.56 11.74
CA HIS F 83 26.08 50.27 12.42
C HIS F 83 24.90 50.27 13.38
N LEU F 84 24.69 51.39 14.09
CA LEU F 84 23.61 51.48 15.04
C LEU F 84 22.25 51.57 14.36
N VAL F 85 22.21 52.13 13.15
CA VAL F 85 20.97 52.25 12.40
C VAL F 85 20.62 50.88 11.79
N ASN F 86 21.62 50.24 11.19
CA ASN F 86 21.44 48.93 10.61
C ASN F 86 20.77 48.04 11.63
N ARG F 87 21.26 48.14 12.86
CA ARG F 87 20.70 47.37 13.95
C ARG F 87 19.25 47.80 14.18
N GLY F 88 19.04 49.10 14.33
CA GLY F 88 17.70 49.59 14.56
C GLY F 88 16.71 49.17 13.49
N ARG F 89 17.18 49.09 12.25
CA ARG F 89 16.33 48.69 11.13
C ARG F 89 15.85 47.26 11.29
N GLU F 90 16.78 46.38 11.69
CA GLU F 90 16.48 44.96 11.92
C GLU F 90 15.56 44.88 13.12
N GLU F 91 15.93 45.62 14.15
CA GLU F 91 15.18 45.65 15.38
C GLU F 91 13.72 46.01 15.09
N ALA F 92 13.53 46.97 14.19
CA ALA F 92 12.19 47.45 13.83
C ALA F 92 11.42 46.48 12.94
N ALA F 93 12.12 45.82 12.00
CA ALA F 93 11.49 44.84 11.10
C ALA F 93 10.97 43.68 11.94
N SER F 94 11.79 43.23 12.88
CA SER F 94 11.44 42.16 13.78
C SER F 94 10.14 42.46 14.53
N PHE F 95 10.04 43.68 15.06
CA PHE F 95 8.86 44.11 15.81
C PHE F 95 7.60 44.12 14.95
N LYS F 96 7.72 44.68 13.74
CA LYS F 96 6.58 44.74 12.84
C LYS F 96 6.12 43.34 12.44
N LYS F 97 7.07 42.48 12.12
CA LYS F 97 6.77 41.11 11.72
C LYS F 97 5.95 40.36 12.76
N LEU F 98 6.25 40.57 14.03
CA LEU F 98 5.53 39.87 15.08
C LEU F 98 4.24 40.56 15.52
N TYR F 99 4.28 41.89 15.63
CA TYR F 99 3.13 42.65 16.10
C TYR F 99 2.28 43.37 15.05
N LYS F 100 2.77 43.38 13.81
CA LYS F 100 2.09 44.01 12.69
C LYS F 100 2.22 45.52 12.66
N THR F 101 1.84 46.16 13.77
CA THR F 101 1.94 47.62 13.86
C THR F 101 3.39 48.09 13.84
N PRO F 102 3.69 49.16 13.07
CA PRO F 102 5.08 49.62 13.07
C PRO F 102 5.52 50.11 14.45
N ILE F 103 6.74 49.74 14.82
CA ILE F 103 7.35 50.06 16.11
C ILE F 103 7.17 51.47 16.68
N PRO F 104 6.64 51.57 17.91
CA PRO F 104 6.43 52.86 18.59
C PRO F 104 7.79 53.50 18.83
N ILE F 105 7.87 54.82 18.73
CA ILE F 105 9.14 55.51 18.91
C ILE F 105 9.78 55.24 20.27
N PRO F 106 8.97 55.16 21.34
CA PRO F 106 9.56 54.89 22.66
C PRO F 106 10.14 53.48 22.68
N ALA F 107 9.39 52.55 22.11
CA ALA F 107 9.79 51.14 22.03
C ALA F 107 11.07 51.02 21.23
N PHE F 108 11.16 51.81 20.17
CA PHE F 108 12.34 51.81 19.29
C PHE F 108 13.55 52.37 20.01
N ALA F 109 13.32 53.35 20.88
CA ALA F 109 14.38 53.97 21.63
C ALA F 109 15.06 52.95 22.54
N ASP F 110 14.25 52.23 23.32
CA ASP F 110 14.79 51.24 24.24
C ASP F 110 15.59 50.16 23.51
N ARG F 111 15.16 49.81 22.29
CA ARG F 111 15.87 48.82 21.53
C ARG F 111 17.30 49.31 21.31
N LEU F 112 17.44 50.53 20.77
CA LEU F 112 18.76 51.11 20.54
C LEU F 112 19.49 51.25 21.86
N GLY F 113 18.75 51.60 22.91
CA GLY F 113 19.33 51.78 24.22
C GLY F 113 19.99 50.51 24.73
N GLN F 114 19.20 49.44 24.81
CA GLN F 114 19.67 48.15 25.27
C GLN F 114 20.89 47.70 24.47
N TYR F 115 20.84 47.89 23.15
CA TYR F 115 21.94 47.49 22.28
C TYR F 115 23.21 48.26 22.59
N VAL F 116 23.08 49.57 22.75
CA VAL F 116 24.22 50.43 23.04
C VAL F 116 24.78 50.16 24.44
N GLN F 117 23.88 50.02 25.41
CA GLN F 117 24.28 49.73 26.79
C GLN F 117 25.09 48.43 26.80
N ALA F 118 24.70 47.52 25.93
CA ALA F 118 25.35 46.23 25.82
C ALA F 118 26.84 46.37 25.50
N HIS F 119 27.19 47.35 24.68
CA HIS F 119 28.60 47.53 24.35
C HIS F 119 29.43 48.24 25.41
N THR F 120 28.97 48.17 26.66
CA THR F 120 29.69 48.75 27.79
C THR F 120 29.75 47.68 28.88
N LEU F 121 29.37 46.46 28.52
CA LEU F 121 29.36 45.34 29.46
C LEU F 121 30.57 44.42 29.37
N TYR F 122 31.12 44.30 28.17
CA TYR F 122 32.25 43.40 27.90
C TYR F 122 33.49 44.16 27.45
N ASN F 123 34.67 43.68 27.83
CA ASN F 123 35.91 44.34 27.44
C ASN F 123 36.34 43.90 26.06
N SER F 124 35.58 43.01 25.46
CA SER F 124 35.91 42.51 24.14
C SER F 124 35.28 43.37 23.05
N VAL F 125 34.59 44.43 23.45
CA VAL F 125 34.00 45.35 22.48
C VAL F 125 34.25 46.79 22.89
N ARG F 126 34.05 47.70 21.94
CA ARG F 126 34.25 49.13 22.16
C ARG F 126 32.89 49.82 22.22
N PRO F 127 32.79 50.95 22.93
CA PRO F 127 31.49 51.63 22.98
C PRO F 127 31.25 52.38 21.67
N PHE F 128 30.01 52.80 21.43
CA PHE F 128 29.71 53.53 20.22
C PHE F 128 30.21 54.96 20.30
N GLY F 129 31.00 55.35 19.30
CA GLY F 129 31.53 56.69 19.26
C GLY F 129 30.54 57.69 18.66
N VAL F 130 29.29 57.61 19.10
CA VAL F 130 28.27 58.52 18.61
C VAL F 130 27.13 58.78 19.61
N SER F 131 26.48 59.93 19.42
CA SER F 131 25.32 60.33 20.20
C SER F 131 24.30 60.42 19.08
N THR F 132 23.11 59.89 19.31
CA THR F 132 22.12 59.90 18.27
C THR F 132 20.81 60.55 18.68
N ILE F 133 20.29 61.38 17.78
CA ILE F 133 19.02 62.07 17.98
C ILE F 133 18.11 61.44 16.95
N PHE F 134 16.98 60.93 17.40
CA PHE F 134 16.04 60.25 16.52
C PHE F 134 14.63 60.39 17.08
N GLY F 135 13.64 60.06 16.25
CA GLY F 135 12.27 60.15 16.69
C GLY F 135 11.33 60.03 15.52
N GLY F 136 10.03 60.20 15.80
CA GLY F 136 9.02 60.10 14.78
C GLY F 136 7.62 60.21 15.35
N VAL F 137 6.62 59.93 14.52
CA VAL F 137 5.21 60.00 14.93
C VAL F 137 4.63 58.60 15.10
N ASP F 138 3.74 58.43 16.07
CA ASP F 138 3.15 57.12 16.26
C ASP F 138 1.75 57.16 16.84
N LYS F 139 1.21 55.96 17.12
CA LYS F 139 -0.13 55.79 17.66
C LYS F 139 -0.56 56.89 18.61
N ASN F 140 0.38 57.44 19.37
CA ASN F 140 0.00 58.53 20.26
C ASN F 140 1.02 59.65 20.40
N GLY F 141 1.14 60.46 19.37
CA GLY F 141 2.04 61.59 19.43
C GLY F 141 3.33 61.50 18.66
N ALA F 142 4.16 62.52 18.89
CA ALA F 142 5.47 62.61 18.27
C ALA F 142 6.46 62.44 19.41
N HIS F 143 7.64 61.91 19.08
CA HIS F 143 8.65 61.71 20.10
C HIS F 143 10.03 62.03 19.57
N LEU F 144 10.83 62.69 20.41
CA LEU F 144 12.21 63.06 20.09
C LEU F 144 13.10 62.44 21.16
N TYR F 145 14.20 61.84 20.72
CA TYR F 145 15.12 61.18 21.64
C TYR F 145 16.60 61.42 21.32
N MET F 146 17.42 61.31 22.35
CA MET F 146 18.87 61.43 22.19
C MET F 146 19.49 60.31 23.02
N LEU F 147 20.41 59.59 22.39
CA LEU F 147 21.08 58.44 23.00
C LEU F 147 22.57 58.64 23.11
N GLU F 148 23.12 58.40 24.30
CA GLU F 148 24.55 58.55 24.58
C GLU F 148 25.33 57.23 24.49
N PRO F 149 26.67 57.30 24.34
CA PRO F 149 27.47 56.07 24.25
C PRO F 149 27.30 55.19 25.49
N SER F 150 26.93 55.80 26.61
CA SER F 150 26.72 55.04 27.84
C SER F 150 25.46 54.19 27.72
N GLY F 151 24.66 54.46 26.69
CA GLY F 151 23.43 53.73 26.51
C GLY F 151 22.30 54.55 27.10
N SER F 152 22.66 55.63 27.77
CA SER F 152 21.66 56.52 28.36
C SER F 152 20.89 57.28 27.28
N TYR F 153 19.59 57.47 27.50
CA TYR F 153 18.74 58.21 26.57
C TYR F 153 17.49 58.73 27.27
N TRP F 154 16.98 59.86 26.78
CA TRP F 154 15.77 60.46 27.35
C TRP F 154 14.94 61.12 26.25
N GLY F 155 13.69 61.44 26.58
CA GLY F 155 12.82 62.12 25.63
C GLY F 155 13.12 63.61 25.71
N TYR F 156 13.16 64.29 24.58
CA TYR F 156 13.45 65.71 24.61
C TYR F 156 12.45 66.61 23.90
N LYS F 157 12.42 67.87 24.33
CA LYS F 157 11.58 68.89 23.70
C LYS F 157 12.44 69.30 22.50
N GLY F 158 13.74 69.40 22.75
CA GLY F 158 14.67 69.75 21.69
C GLY F 158 16.01 69.17 22.12
N ALA F 159 16.83 68.78 21.16
CA ALA F 159 18.12 68.19 21.51
C ALA F 159 19.20 68.47 20.47
N ALA F 160 20.44 68.47 20.94
CA ALA F 160 21.59 68.73 20.07
C ALA F 160 22.87 68.12 20.62
N THR F 161 23.80 67.82 19.72
CA THR F 161 25.07 67.23 20.09
C THR F 161 26.12 67.48 19.02
N GLY F 162 27.39 67.39 19.41
CA GLY F 162 28.48 67.63 18.48
C GLY F 162 29.24 68.87 18.94
N LYS F 163 30.01 69.47 18.02
CA LYS F 163 30.78 70.65 18.37
C LYS F 163 29.94 71.84 18.83
N GLY F 164 29.00 72.28 17.97
CA GLY F 164 28.16 73.41 18.32
C GLY F 164 27.05 73.09 19.30
N ARG F 165 27.23 72.02 20.05
CA ARG F 165 26.26 71.55 21.03
C ARG F 165 25.77 72.57 22.06
N GLN F 166 26.62 73.52 22.44
CA GLN F 166 26.25 74.54 23.43
C GLN F 166 25.43 75.67 22.81
N SER F 167 25.83 76.10 21.61
CA SER F 167 25.11 77.15 20.90
C SER F 167 23.69 76.66 20.70
N ALA F 168 23.58 75.49 20.07
CA ALA F 168 22.30 74.86 19.80
C ALA F 168 21.46 74.81 21.05
N LYS F 169 21.93 74.08 22.06
CA LYS F 169 21.19 73.97 23.30
C LYS F 169 20.63 75.31 23.79
N ALA F 170 21.39 76.38 23.60
CA ALA F 170 20.97 77.72 24.01
C ALA F 170 19.74 78.17 23.21
N GLU F 171 19.86 78.10 21.89
CA GLU F 171 18.78 78.48 20.99
C GLU F 171 17.52 77.69 21.33
N LEU F 172 17.70 76.38 21.51
CA LEU F 172 16.60 75.50 21.84
C LEU F 172 15.90 75.96 23.13
N GLU F 173 16.68 76.25 24.18
CA GLU F 173 16.09 76.68 25.44
C GLU F 173 15.21 77.92 25.28
N LYS F 174 15.59 78.82 24.36
CA LYS F 174 14.82 80.04 24.11
C LYS F 174 13.47 79.63 23.56
N LEU F 175 13.52 78.93 22.43
CA LEU F 175 12.32 78.44 21.78
C LEU F 175 11.38 77.78 22.77
N VAL F 176 11.92 76.93 23.63
CA VAL F 176 11.11 76.25 24.63
C VAL F 176 10.34 77.24 25.51
N ASP F 177 10.96 78.40 25.77
CA ASP F 177 10.33 79.43 26.60
C ASP F 177 9.36 80.31 25.79
N HIS F 178 9.84 80.81 24.66
CA HIS F 178 9.06 81.68 23.79
C HIS F 178 8.01 80.96 22.94
N HIS F 179 7.61 79.75 23.35
CA HIS F 179 6.62 78.96 22.62
C HIS F 179 6.06 77.86 23.51
N PRO F 180 5.61 78.21 24.73
CA PRO F 180 5.05 77.24 25.69
C PRO F 180 3.97 76.31 25.13
N GLU F 181 3.12 76.84 24.25
CA GLU F 181 2.04 76.07 23.64
C GLU F 181 2.51 75.11 22.52
N GLY F 182 3.72 75.35 22.00
CA GLY F 182 4.26 74.48 20.97
C GLY F 182 4.56 75.13 19.63
N LEU F 183 5.67 74.74 19.03
CA LEU F 183 6.07 75.25 17.72
C LEU F 183 5.34 74.44 16.66
N SER F 184 5.44 74.83 15.39
CA SER F 184 4.77 74.07 14.34
C SER F 184 5.82 73.42 13.47
N ALA F 185 5.40 72.42 12.69
CA ALA F 185 6.32 71.70 11.81
C ALA F 185 7.02 72.65 10.83
N ARG F 186 6.24 73.39 10.05
CA ARG F 186 6.77 74.34 9.09
C ARG F 186 7.76 75.28 9.78
N GLU F 187 7.39 75.68 11.00
CA GLU F 187 8.20 76.57 11.81
C GLU F 187 9.53 75.96 12.24
N ALA F 188 9.45 74.78 12.86
CA ALA F 188 10.62 74.06 13.33
C ALA F 188 11.64 73.87 12.22
N VAL F 189 11.17 73.65 11.00
CA VAL F 189 12.06 73.45 9.86
C VAL F 189 12.98 74.65 9.68
N LYS F 190 12.38 75.84 9.74
CA LYS F 190 13.12 77.10 9.59
C LYS F 190 14.02 77.29 10.82
N GLN F 191 13.38 77.24 11.99
CA GLN F 191 14.06 77.40 13.26
C GLN F 191 15.28 76.48 13.36
N ALA F 192 15.17 75.29 12.78
CA ALA F 192 16.24 74.30 12.78
C ALA F 192 17.39 74.75 11.88
N ALA F 193 17.07 75.13 10.65
CA ALA F 193 18.07 75.60 9.70
C ALA F 193 18.86 76.74 10.33
N LYS F 194 18.17 77.52 11.16
CA LYS F 194 18.81 78.66 11.83
C LYS F 194 19.82 78.18 12.85
N ILE F 195 19.35 77.46 13.86
CA ILE F 195 20.19 76.94 14.94
C ILE F 195 21.46 76.24 14.43
N ILE F 196 21.41 75.68 13.23
CA ILE F 196 22.56 75.01 12.64
C ILE F 196 23.57 76.05 12.17
N TYR F 197 23.07 77.09 11.50
CA TYR F 197 23.93 78.16 11.00
C TYR F 197 24.68 78.81 12.17
N LEU F 198 23.93 79.14 13.21
CA LEU F 198 24.50 79.74 14.41
C LEU F 198 25.56 78.82 14.98
N ALA F 199 25.14 77.63 15.41
CA ALA F 199 26.03 76.64 15.99
C ALA F 199 27.22 76.30 15.10
N HIS F 200 27.20 76.76 13.85
CA HIS F 200 28.30 76.48 12.94
C HIS F 200 29.48 77.41 13.23
N GLU F 201 29.30 78.29 14.22
CA GLU F 201 30.34 79.24 14.62
C GLU F 201 31.57 78.56 15.22
N ASP F 202 31.34 77.46 15.93
CA ASP F 202 32.40 76.69 16.58
C ASP F 202 33.15 75.85 15.55
N ASN F 203 33.07 76.27 14.29
CA ASN F 203 33.70 75.54 13.19
C ASN F 203 33.65 76.46 11.96
N LYS F 204 33.43 77.74 12.21
CA LYS F 204 33.32 78.76 11.17
C LYS F 204 34.42 78.75 10.10
N GLU F 205 35.53 78.08 10.39
CA GLU F 205 36.66 78.02 9.46
C GLU F 205 36.37 77.29 8.14
N LYS F 206 35.55 76.25 8.20
CA LYS F 206 35.22 75.46 7.01
C LYS F 206 33.80 75.75 6.52
N ASP F 207 33.59 75.61 5.22
CA ASP F 207 32.27 75.84 4.62
C ASP F 207 31.44 74.58 4.82
N PHE F 208 30.13 74.74 5.00
CA PHE F 208 29.25 73.59 5.21
C PHE F 208 28.03 73.50 4.29
N GLU F 209 27.26 72.42 4.49
CA GLU F 209 26.05 72.16 3.73
C GLU F 209 24.96 71.78 4.74
N LEU F 210 23.77 72.32 4.55
CA LEU F 210 22.69 72.06 5.48
C LEU F 210 21.82 70.88 5.07
N GLU F 211 21.27 70.19 6.06
CA GLU F 211 20.39 69.06 5.82
C GLU F 211 19.27 69.02 6.87
N ILE F 212 18.03 68.96 6.39
CA ILE F 212 16.87 68.93 7.26
C ILE F 212 15.97 67.77 6.83
N SER F 213 15.24 67.23 7.79
CA SER F 213 14.28 66.17 7.53
C SER F 213 13.21 66.33 8.59
N TRP F 214 12.01 65.87 8.31
CA TRP F 214 10.94 66.01 9.28
C TRP F 214 9.94 64.88 9.18
N CYS F 215 9.14 64.78 10.22
CA CYS F 215 8.11 63.76 10.31
C CYS F 215 6.97 64.46 11.02
N SER F 216 5.96 64.89 10.26
CA SER F 216 4.81 65.59 10.83
C SER F 216 3.51 64.90 10.43
N LEU F 217 2.65 64.68 11.41
CA LEU F 217 1.37 64.04 11.16
C LEU F 217 0.56 64.75 10.09
N SER F 218 0.72 66.06 9.98
CA SER F 218 -0.02 66.84 8.98
C SER F 218 0.80 67.12 7.72
N GLU F 219 2.02 67.59 7.90
CA GLU F 219 2.87 67.92 6.76
C GLU F 219 3.41 66.75 5.97
N THR F 220 3.62 65.60 6.61
CA THR F 220 4.16 64.42 5.91
C THR F 220 3.32 63.16 6.05
N ASN F 221 2.21 63.26 6.78
CA ASN F 221 1.33 62.10 6.98
C ASN F 221 1.86 61.13 8.02
N GLY F 222 2.85 61.55 8.79
CA GLY F 222 3.40 60.69 9.81
C GLY F 222 4.60 59.92 9.29
N LEU F 223 4.95 60.18 8.03
CA LEU F 223 6.08 59.52 7.42
C LEU F 223 7.29 60.45 7.39
N HIS F 224 8.47 59.88 7.63
CA HIS F 224 9.70 60.66 7.61
C HIS F 224 10.06 60.99 6.16
N LYS F 225 10.36 62.26 5.92
CA LYS F 225 10.73 62.72 4.58
C LYS F 225 11.82 63.78 4.66
N PHE F 226 12.63 63.87 3.61
CA PHE F 226 13.70 64.85 3.53
C PHE F 226 13.21 66.18 2.99
N VAL F 227 13.68 67.26 3.60
CA VAL F 227 13.31 68.58 3.14
C VAL F 227 14.22 68.90 1.97
N LYS F 228 13.62 69.05 0.78
CA LYS F 228 14.38 69.33 -0.43
C LYS F 228 13.81 70.55 -1.16
N GLY F 229 14.56 70.98 -2.18
CA GLY F 229 14.15 72.12 -3.01
C GLY F 229 13.72 73.42 -2.34
N ASP F 230 12.54 73.90 -2.76
CA ASP F 230 11.97 75.15 -2.26
C ASP F 230 11.84 75.28 -0.76
N LEU F 231 11.17 74.33 -0.12
CA LEU F 231 10.99 74.40 1.32
C LEU F 231 12.33 74.46 2.03
N LEU F 232 13.34 73.85 1.42
CA LEU F 232 14.69 73.85 1.98
C LEU F 232 15.28 75.27 1.88
N GLN F 233 15.38 75.78 0.65
CA GLN F 233 15.92 77.10 0.39
C GLN F 233 15.27 78.18 1.27
N GLU F 234 13.94 78.10 1.39
CA GLU F 234 13.18 79.03 2.21
C GLU F 234 13.72 79.07 3.64
N ALA F 235 14.17 77.93 4.14
CA ALA F 235 14.72 77.84 5.49
C ALA F 235 16.19 78.24 5.51
N ILE F 236 16.90 78.00 4.40
CA ILE F 236 18.32 78.38 4.31
C ILE F 236 18.39 79.89 4.48
N ASP F 237 17.57 80.57 3.70
CA ASP F 237 17.51 82.01 3.73
C ASP F 237 17.08 82.53 5.08
N PHE F 238 15.96 82.06 5.60
CA PHE F 238 15.49 82.49 6.92
C PHE F 238 16.67 82.54 7.88
N ALA F 239 17.64 81.64 7.66
CA ALA F 239 18.84 81.56 8.49
C ALA F 239 19.83 82.65 8.08
N GLN F 240 20.25 82.63 6.81
CA GLN F 240 21.19 83.63 6.29
C GLN F 240 20.76 85.04 6.65
N LYS F 241 19.45 85.23 6.82
CA LYS F 241 18.89 86.52 7.18
C LYS F 241 19.18 86.86 8.64
N GLU F 242 18.94 85.92 9.54
CA GLU F 242 19.17 86.16 10.96
C GLU F 242 20.60 85.82 11.39
N ILE F 243 21.46 85.62 10.39
CA ILE F 243 22.86 85.31 10.63
C ILE F 243 23.61 86.65 10.52
N ASN F 244 22.84 87.70 10.22
CA ASN F 244 23.36 89.06 10.08
C ASN F 244 22.47 90.05 10.85
N ALA G 1 49.25 41.10 39.34
CA ALA G 1 49.09 41.81 40.65
C ALA G 1 48.02 42.91 40.57
N GLY G 2 48.42 44.13 40.17
CA GLY G 2 47.50 45.25 40.09
C GLY G 2 46.20 45.09 39.32
N TYR G 3 45.98 43.93 38.69
CA TYR G 3 44.76 43.72 37.92
C TYR G 3 43.62 43.12 38.73
N ASP G 4 43.89 42.71 39.97
CA ASP G 4 42.84 42.14 40.79
C ASP G 4 41.86 43.23 41.21
N ARG G 5 41.99 44.39 40.57
CA ARG G 5 41.13 45.53 40.84
C ARG G 5 40.26 45.80 39.64
N HIS G 6 40.59 45.16 38.51
CA HIS G 6 39.86 45.34 37.26
C HIS G 6 38.79 44.30 36.99
N ILE G 7 39.09 43.03 37.23
CA ILE G 7 38.10 41.98 37.01
C ILE G 7 37.65 41.46 38.36
N THR G 8 36.64 40.59 38.37
CA THR G 8 36.13 40.09 39.63
C THR G 8 36.80 38.85 40.22
N ILE G 9 38.06 39.02 40.61
CA ILE G 9 38.83 37.95 41.26
C ILE G 9 39.19 38.50 42.65
N PHE G 10 39.51 37.62 43.58
CA PHE G 10 39.84 38.06 44.92
C PHE G 10 41.11 38.89 45.06
N SER G 11 41.10 39.79 46.04
CA SER G 11 42.25 40.62 46.35
C SER G 11 42.87 39.87 47.52
N PRO G 12 44.15 40.14 47.85
CA PRO G 12 44.75 39.44 48.97
C PRO G 12 43.94 39.51 50.28
N GLU G 13 43.08 40.54 50.41
CA GLU G 13 42.23 40.70 51.59
C GLU G 13 40.90 39.95 51.43
N GLY G 14 40.75 39.21 50.33
CA GLY G 14 39.53 38.47 50.09
C GLY G 14 38.39 39.39 49.68
N ARG G 15 38.74 40.47 49.01
CA ARG G 15 37.75 41.45 48.57
C ARG G 15 37.61 41.45 47.06
N LEU G 16 36.50 41.99 46.60
CA LEU G 16 36.20 42.11 45.19
C LEU G 16 35.95 43.57 44.88
N TYR G 17 37.02 44.31 44.61
CA TYR G 17 36.92 45.74 44.33
C TYR G 17 35.89 46.15 43.29
N GLN G 18 35.85 45.44 42.17
CA GLN G 18 34.90 45.77 41.12
C GLN G 18 33.46 45.75 41.60
N VAL G 19 33.18 44.99 42.63
CA VAL G 19 31.82 44.93 43.17
C VAL G 19 31.63 46.14 44.08
N GLU G 20 32.72 46.59 44.69
CA GLU G 20 32.67 47.74 45.59
C GLU G 20 32.52 49.02 44.78
N TYR G 21 33.20 49.06 43.64
CA TYR G 21 33.13 50.23 42.77
C TYR G 21 31.76 50.32 42.09
N ALA G 22 31.14 49.18 41.87
CA ALA G 22 29.82 49.15 41.23
C ALA G 22 28.85 49.77 42.22
N PHE G 23 29.09 49.55 43.51
CA PHE G 23 28.25 50.12 44.54
C PHE G 23 28.35 51.64 44.45
N LYS G 24 29.54 52.13 44.15
CA LYS G 24 29.76 53.56 44.02
C LYS G 24 28.85 54.10 42.94
N ALA G 25 28.85 53.41 41.79
CA ALA G 25 28.03 53.82 40.67
C ALA G 25 26.55 54.02 41.02
N THR G 26 26.05 53.30 42.02
CA THR G 26 24.64 53.42 42.40
C THR G 26 24.24 54.79 42.94
N ASN G 27 25.22 55.59 43.33
CA ASN G 27 24.94 56.91 43.86
C ASN G 27 25.19 58.00 42.83
N GLN G 28 25.61 57.60 41.64
CA GLN G 28 25.91 58.54 40.57
C GLN G 28 24.78 59.48 40.17
N THR G 29 23.53 59.04 40.34
CA THR G 29 22.36 59.84 39.97
C THR G 29 21.94 60.81 41.08
N ASN G 30 22.58 60.66 42.23
CA ASN G 30 22.31 61.50 43.39
C ASN G 30 20.84 61.50 43.76
N ILE G 31 20.15 60.39 43.50
CA ILE G 31 18.74 60.29 43.84
C ILE G 31 18.54 59.42 45.06
N ASN G 32 17.54 59.76 45.86
CA ASN G 32 17.23 58.99 47.07
C ASN G 32 15.84 58.40 46.90
N SER G 33 15.60 57.24 47.49
CA SER G 33 14.31 56.59 47.40
C SER G 33 14.07 55.78 48.66
N LEU G 34 12.80 55.57 48.98
CA LEU G 34 12.47 54.80 50.16
C LEU G 34 11.17 54.07 49.92
N ALA G 35 10.91 53.05 50.72
CA ALA G 35 9.70 52.28 50.56
C ALA G 35 9.17 51.84 51.91
N VAL G 36 7.84 51.87 52.05
CA VAL G 36 7.22 51.47 53.29
C VAL G 36 6.04 50.58 52.98
N ARG G 37 5.61 49.84 53.99
CA ARG G 37 4.48 48.94 53.83
C ARG G 37 3.24 49.40 54.56
N GLY G 38 2.12 49.45 53.84
CA GLY G 38 0.86 49.82 54.43
C GLY G 38 0.28 48.60 55.12
N LYS G 39 -1.03 48.61 55.35
CA LYS G 39 -1.70 47.49 55.98
C LYS G 39 -1.98 46.47 54.87
N ASP G 40 -2.25 46.99 53.68
CA ASP G 40 -2.53 46.17 52.52
C ASP G 40 -2.05 46.85 51.23
N CYS G 41 -0.82 47.38 51.27
CA CYS G 41 -0.24 48.04 50.10
C CYS G 41 1.24 48.30 50.38
N THR G 42 1.97 48.70 49.35
CA THR G 42 3.39 49.01 49.49
C THR G 42 3.64 50.24 48.65
N VAL G 43 4.34 51.21 49.23
CA VAL G 43 4.62 52.45 48.51
C VAL G 43 6.10 52.69 48.35
N VAL G 44 6.47 53.28 47.22
CA VAL G 44 7.86 53.61 46.98
C VAL G 44 7.92 55.07 46.55
N ILE G 45 8.85 55.79 47.16
CA ILE G 45 9.03 57.20 46.89
C ILE G 45 10.44 57.37 46.33
N SER G 46 10.57 58.23 45.34
CA SER G 46 11.87 58.47 44.76
C SER G 46 11.95 59.88 44.23
N GLN G 47 13.09 60.52 44.47
CA GLN G 47 13.30 61.87 44.00
C GLN G 47 13.37 61.90 42.48
N LYS G 48 12.75 62.91 41.89
CA LYS G 48 12.77 63.07 40.46
C LYS G 48 13.50 64.38 40.21
N LYS G 49 14.71 64.30 39.69
CA LYS G 49 15.47 65.51 39.44
C LYS G 49 15.72 65.74 37.96
N VAL G 50 14.86 66.51 37.32
CA VAL G 50 15.01 66.81 35.91
C VAL G 50 15.71 68.15 35.77
N PRO G 51 17.04 68.14 35.58
CA PRO G 51 17.81 69.39 35.44
C PRO G 51 17.51 70.14 34.14
N ASP G 52 18.00 69.61 33.02
CA ASP G 52 17.81 70.23 31.72
C ASP G 52 16.33 70.59 31.41
N LYS G 53 16.12 71.77 30.84
CA LYS G 53 14.78 72.23 30.49
C LYS G 53 14.35 71.60 29.17
N LEU G 54 15.33 71.17 28.38
CA LEU G 54 15.08 70.54 27.09
C LEU G 54 14.55 69.10 27.20
N LEU G 55 14.55 68.58 28.42
CA LEU G 55 14.07 67.23 28.66
C LEU G 55 12.56 67.15 28.81
N ASP G 56 11.99 66.08 28.27
CA ASP G 56 10.57 65.83 28.38
C ASP G 56 10.43 65.10 29.73
N PRO G 57 10.13 65.84 30.81
CA PRO G 57 9.97 65.34 32.17
C PRO G 57 9.22 64.03 32.35
N THR G 58 8.30 63.73 31.43
CA THR G 58 7.52 62.51 31.53
C THR G 58 8.27 61.23 31.17
N THR G 59 9.42 61.38 30.52
CA THR G 59 10.23 60.23 30.13
C THR G 59 11.43 60.03 31.07
N VAL G 60 11.39 60.67 32.23
CA VAL G 60 12.47 60.56 33.19
C VAL G 60 11.99 59.82 34.45
N SER G 61 12.25 58.51 34.50
CA SER G 61 11.83 57.72 35.64
C SER G 61 12.78 56.58 36.04
N TYR G 62 12.79 56.26 37.33
CA TYR G 62 13.63 55.18 37.83
C TYR G 62 12.73 54.13 38.51
N ILE G 63 11.43 54.25 38.27
CA ILE G 63 10.45 53.31 38.79
C ILE G 63 9.90 52.58 37.56
N PHE G 64 9.84 51.25 37.63
CA PHE G 64 9.35 50.46 36.52
C PHE G 64 8.22 49.52 36.91
N CYS G 65 7.40 49.17 35.94
CA CYS G 65 6.32 48.24 36.17
C CYS G 65 6.77 46.90 35.59
N ILE G 66 7.31 46.05 36.45
CA ILE G 66 7.81 44.74 36.04
C ILE G 66 6.68 43.85 35.57
N SER G 67 5.65 43.72 36.39
CA SER G 67 4.52 42.89 36.04
C SER G 67 3.25 43.54 36.55
N ARG G 68 2.12 42.88 36.32
CA ARG G 68 0.85 43.39 36.77
C ARG G 68 0.92 43.66 38.28
N THR G 69 1.69 42.85 39.01
CA THR G 69 1.79 43.00 40.47
C THR G 69 3.10 43.49 41.04
N ILE G 70 4.19 43.35 40.30
CA ILE G 70 5.48 43.77 40.82
C ILE G 70 5.99 45.12 40.30
N GLY G 71 6.48 45.93 41.24
CA GLY G 71 7.02 47.23 40.90
C GLY G 71 8.48 47.27 41.34
N MET G 72 9.31 47.93 40.55
CA MET G 72 10.73 48.01 40.87
C MET G 72 11.31 49.42 40.72
N VAL G 73 11.98 49.88 41.76
CA VAL G 73 12.62 51.20 41.73
C VAL G 73 14.11 50.92 41.67
N VAL G 74 14.82 51.73 40.88
CA VAL G 74 16.25 51.56 40.71
C VAL G 74 17.09 52.74 41.17
N ASN G 75 18.19 52.45 41.86
CA ASN G 75 19.12 53.48 42.31
C ASN G 75 20.41 53.24 41.54
N GLY G 76 20.69 54.06 40.52
CA GLY G 76 21.90 53.89 39.76
C GLY G 76 21.71 54.45 38.36
N PRO G 77 22.74 54.43 37.50
CA PRO G 77 22.69 54.94 36.12
C PRO G 77 21.46 54.42 35.39
N ILE G 78 20.94 55.17 34.44
CA ILE G 78 19.73 54.72 33.75
C ILE G 78 19.95 53.54 32.80
N PRO G 79 21.06 53.52 32.02
CA PRO G 79 21.21 52.36 31.15
C PRO G 79 21.23 51.02 31.91
N ASP G 80 21.95 50.97 33.03
CA ASP G 80 21.97 49.73 33.81
C ASP G 80 20.60 49.45 34.44
N ALA G 81 19.84 50.52 34.71
CA ALA G 81 18.52 50.37 35.32
C ALA G 81 17.57 49.74 34.32
N ARG G 82 17.62 50.19 33.08
CA ARG G 82 16.76 49.67 32.02
C ARG G 82 17.13 48.24 31.65
N ASN G 83 18.43 47.93 31.71
CA ASN G 83 18.91 46.59 31.42
C ASN G 83 18.28 45.66 32.46
N ALA G 84 18.37 46.05 33.73
CA ALA G 84 17.82 45.27 34.83
C ALA G 84 16.29 45.12 34.76
N ALA G 85 15.61 46.19 34.35
CA ALA G 85 14.16 46.20 34.24
C ALA G 85 13.68 45.24 33.16
N LEU G 86 14.30 45.32 31.98
CA LEU G 86 13.93 44.46 30.86
C LEU G 86 14.07 43.00 31.28
N ARG G 87 15.22 42.67 31.85
CA ARG G 87 15.48 41.30 32.30
C ARG G 87 14.41 40.84 33.26
N ALA G 88 14.10 41.67 34.26
CA ALA G 88 13.11 41.31 35.25
C ALA G 88 11.73 41.12 34.63
N LYS G 89 11.42 41.94 33.64
CA LYS G 89 10.12 41.84 32.98
C LYS G 89 10.02 40.50 32.28
N ALA G 90 11.08 40.17 31.53
CA ALA G 90 11.15 38.92 30.80
C ALA G 90 11.05 37.74 31.74
N GLU G 91 11.76 37.81 32.87
CA GLU G 91 11.76 36.74 33.87
C GLU G 91 10.38 36.53 34.49
N ALA G 92 9.67 37.62 34.78
CA ALA G 92 8.35 37.50 35.38
C ALA G 92 7.35 36.95 34.37
N ALA G 93 7.56 37.28 33.09
CA ALA G 93 6.69 36.84 32.01
C ALA G 93 6.82 35.33 31.82
N GLU G 94 8.07 34.88 31.69
CA GLU G 94 8.37 33.48 31.51
C GLU G 94 7.95 32.65 32.72
N PHE G 95 8.23 33.15 33.92
CA PHE G 95 7.87 32.42 35.14
C PHE G 95 6.39 32.07 35.11
N ARG G 96 5.55 33.04 34.74
CA ARG G 96 4.11 32.83 34.70
C ARG G 96 3.76 31.72 33.73
N TYR G 97 4.32 31.82 32.54
CA TYR G 97 4.12 30.84 31.49
C TYR G 97 4.45 29.41 31.90
N LYS G 98 5.62 29.23 32.52
CA LYS G 98 6.08 27.92 32.93
C LYS G 98 5.46 27.33 34.18
N TYR G 99 5.10 28.17 35.15
CA TYR G 99 4.55 27.65 36.39
C TYR G 99 3.08 27.87 36.69
N GLY G 100 2.41 28.67 35.87
CA GLY G 100 0.97 28.88 36.04
C GLY G 100 0.48 29.91 37.02
N TYR G 101 1.38 30.67 37.63
CA TYR G 101 0.97 31.71 38.57
C TYR G 101 1.98 32.83 38.50
N ASP G 102 1.58 34.01 38.96
CA ASP G 102 2.46 35.19 38.92
C ASP G 102 3.69 35.03 39.79
N MET G 103 4.82 35.49 39.26
CA MET G 103 6.07 35.39 39.99
C MET G 103 6.05 36.27 41.22
N PRO G 104 6.32 35.69 42.40
CA PRO G 104 6.31 36.47 43.64
C PRO G 104 7.46 37.45 43.65
N CYS G 105 7.25 38.56 44.35
CA CYS G 105 8.25 39.62 44.48
C CYS G 105 9.59 39.11 45.03
N ASP G 106 9.54 38.39 46.14
CA ASP G 106 10.74 37.85 46.76
C ASP G 106 11.49 36.86 45.86
N VAL G 107 10.75 36.09 45.07
CA VAL G 107 11.37 35.13 44.15
C VAL G 107 12.06 35.87 43.01
N LEU G 108 11.37 36.83 42.39
CA LEU G 108 11.99 37.61 41.31
C LEU G 108 13.25 38.27 41.84
N ALA G 109 13.21 38.67 43.11
CA ALA G 109 14.38 39.30 43.73
C ALA G 109 15.53 38.29 43.78
N LYS G 110 15.27 37.11 44.33
CA LYS G 110 16.30 36.07 44.42
C LYS G 110 16.88 35.77 43.03
N ARG G 111 16.00 35.66 42.04
CA ARG G 111 16.44 35.39 40.67
C ARG G 111 17.37 36.48 40.14
N MET G 112 17.01 37.75 40.37
CA MET G 112 17.84 38.84 39.91
C MET G 112 19.12 38.91 40.72
N ALA G 113 19.03 38.53 41.99
CA ALA G 113 20.21 38.55 42.86
C ALA G 113 21.18 37.47 42.38
N ASN G 114 20.64 36.30 42.06
CA ASN G 114 21.45 35.19 41.60
C ASN G 114 22.16 35.58 40.30
N LEU G 115 21.43 36.29 39.43
CA LEU G 115 21.99 36.74 38.17
C LEU G 115 23.14 37.69 38.47
N SER G 116 22.98 38.52 39.51
CA SER G 116 24.01 39.47 39.90
C SER G 116 25.20 38.76 40.51
N GLN G 117 24.95 37.69 41.25
CA GLN G 117 26.03 36.93 41.87
C GLN G 117 26.94 36.40 40.76
N ILE G 118 26.35 36.01 39.62
CA ILE G 118 27.11 35.48 38.49
C ILE G 118 28.16 36.46 38.00
N TYR G 119 27.80 37.74 37.87
CA TYR G 119 28.75 38.73 37.38
C TYR G 119 29.91 38.94 38.37
N THR G 120 29.63 38.52 39.61
CA THR G 120 30.54 38.58 40.74
C THR G 120 31.64 37.50 40.64
N GLN G 121 31.31 36.40 39.95
CA GLN G 121 32.21 35.26 39.80
C GLN G 121 32.81 35.11 38.40
N ARG G 122 32.03 35.43 37.37
CA ARG G 122 32.52 35.31 36.01
C ARG G 122 33.23 36.61 35.62
N ALA G 123 34.39 36.49 35.02
CA ALA G 123 35.21 37.64 34.66
C ALA G 123 34.81 38.47 33.46
N TYR G 124 34.05 37.92 32.52
CA TYR G 124 33.70 38.72 31.35
C TYR G 124 32.44 39.57 31.55
N MET G 125 31.71 39.28 32.62
CA MET G 125 30.49 40.03 32.94
C MET G 125 30.80 41.06 34.04
N ARG G 126 30.54 42.34 33.78
CA ARG G 126 30.78 43.36 34.80
C ARG G 126 29.51 43.48 35.63
N PRO G 127 29.65 43.84 36.90
CA PRO G 127 28.43 43.96 37.71
C PRO G 127 27.59 45.13 37.17
N LEU G 128 26.32 45.17 37.54
CA LEU G 128 25.49 46.28 37.11
C LEU G 128 25.52 47.26 38.28
N GLY G 129 25.84 48.52 37.99
CA GLY G 129 25.91 49.53 39.05
C GLY G 129 24.57 50.03 39.52
N VAL G 130 23.75 49.13 40.02
CA VAL G 130 22.43 49.51 40.47
C VAL G 130 21.97 48.70 41.67
N ILE G 131 20.99 49.25 42.37
CA ILE G 131 20.39 48.60 43.51
C ILE G 131 18.91 48.54 43.15
N LEU G 132 18.35 47.34 43.21
CA LEU G 132 16.95 47.15 42.83
C LEU G 132 16.06 46.89 44.04
N THR G 133 14.95 47.64 44.12
CA THR G 133 14.00 47.48 45.21
C THR G 133 12.72 46.99 44.57
N PHE G 134 12.28 45.80 44.96
CA PHE G 134 11.06 45.25 44.41
C PHE G 134 9.94 45.37 45.44
N VAL G 135 8.75 45.69 44.96
CA VAL G 135 7.60 45.82 45.82
C VAL G 135 6.34 45.29 45.16
N SER G 136 5.41 44.86 46.00
CA SER G 136 4.14 44.32 45.56
C SER G 136 3.41 43.89 46.81
N VAL G 137 2.22 43.35 46.61
CA VAL G 137 1.41 42.83 47.70
C VAL G 137 1.28 41.36 47.31
N ASP G 138 2.29 40.58 47.68
CA ASP G 138 2.30 39.17 47.36
C ASP G 138 1.04 38.50 47.86
N GLU G 139 0.53 37.52 47.10
CA GLU G 139 -0.69 36.84 47.49
C GLU G 139 -0.53 35.96 48.71
N GLU G 140 0.70 35.66 49.09
CA GLU G 140 0.92 34.83 50.26
C GLU G 140 1.61 35.61 51.37
N LEU G 141 2.41 36.60 50.99
CA LEU G 141 3.15 37.35 52.00
C LEU G 141 2.68 38.78 52.21
N GLY G 142 1.63 39.19 51.51
CA GLY G 142 1.14 40.54 51.68
C GLY G 142 2.15 41.57 51.20
N PRO G 143 2.06 42.81 51.69
CA PRO G 143 2.99 43.89 51.29
C PRO G 143 4.44 43.42 51.38
N SER G 144 5.21 43.63 50.32
CA SER G 144 6.59 43.17 50.31
C SER G 144 7.61 44.11 49.69
N ILE G 145 8.76 44.18 50.34
CA ILE G 145 9.89 44.99 49.88
C ILE G 145 11.13 44.09 49.90
N TYR G 146 11.72 43.86 48.74
CA TYR G 146 12.93 43.04 48.62
C TYR G 146 13.91 43.84 47.77
N LYS G 147 15.15 43.93 48.24
CA LYS G 147 16.17 44.71 47.55
C LYS G 147 17.43 43.90 47.27
N THR G 148 18.04 44.15 46.11
CA THR G 148 19.25 43.44 45.71
C THR G 148 20.32 44.43 45.33
N ASP G 149 21.58 44.02 45.46
CA ASP G 149 22.72 44.89 45.15
C ASP G 149 23.70 44.24 44.18
N PRO G 150 24.77 44.97 43.81
CA PRO G 150 25.78 44.42 42.89
C PRO G 150 26.54 43.22 43.42
N ALA G 151 26.51 43.02 44.72
CA ALA G 151 27.19 41.90 45.35
C ALA G 151 26.37 40.62 45.21
N GLY G 152 25.11 40.76 44.77
CA GLY G 152 24.26 39.61 44.59
C GLY G 152 23.50 39.27 45.85
N TYR G 153 23.58 40.17 46.82
CA TYR G 153 22.90 39.97 48.10
C TYR G 153 21.46 40.50 48.04
N TYR G 154 20.56 39.88 48.79
CA TYR G 154 19.17 40.36 48.81
C TYR G 154 18.49 39.98 50.10
N VAL G 155 17.50 40.79 50.48
CA VAL G 155 16.74 40.53 51.71
C VAL G 155 15.43 41.31 51.69
N GLY G 156 14.50 40.92 52.57
CA GLY G 156 13.22 41.59 52.67
C GLY G 156 13.28 42.63 53.78
N TYR G 157 12.58 43.75 53.59
CA TYR G 157 12.57 44.82 54.57
C TYR G 157 11.16 45.22 55.01
N LYS G 158 11.08 45.81 56.20
CA LYS G 158 9.82 46.31 56.76
C LYS G 158 9.59 47.64 56.05
N ALA G 159 10.71 48.27 55.73
CA ALA G 159 10.75 49.54 55.03
C ALA G 159 12.24 49.73 54.75
N THR G 160 12.59 50.55 53.77
CA THR G 160 13.99 50.73 53.45
C THR G 160 14.19 52.00 52.62
N ALA G 161 15.46 52.40 52.47
CA ALA G 161 15.80 53.59 51.70
C ALA G 161 17.13 53.35 51.00
N THR G 162 17.35 54.07 49.90
CA THR G 162 18.57 53.92 49.12
C THR G 162 18.95 55.24 48.48
N GLY G 163 20.25 55.51 48.35
CA GLY G 163 20.73 56.75 47.76
C GLY G 163 21.85 57.38 48.59
N PRO G 164 22.33 58.58 48.22
CA PRO G 164 23.40 59.25 48.96
C PRO G 164 23.06 59.48 50.43
N LYS G 165 21.85 59.97 50.68
CA LYS G 165 21.41 60.24 52.04
C LYS G 165 20.60 59.10 52.63
N GLN G 166 20.99 57.89 52.22
CA GLN G 166 20.35 56.66 52.65
C GLN G 166 20.24 56.55 54.17
N GLN G 167 21.33 56.84 54.87
CA GLN G 167 21.37 56.72 56.32
C GLN G 167 20.40 57.64 57.06
N GLU G 168 20.27 58.89 56.62
CA GLU G 168 19.34 59.81 57.27
C GLU G 168 17.91 59.29 57.20
N ILE G 169 17.51 58.83 56.02
CA ILE G 169 16.17 58.29 55.81
C ILE G 169 15.96 57.05 56.68
N THR G 170 16.92 56.14 56.67
CA THR G 170 16.86 54.90 57.43
C THR G 170 16.65 55.10 58.93
N THR G 171 17.54 55.87 59.55
CA THR G 171 17.43 56.14 60.99
C THR G 171 16.11 56.84 61.33
N ASN G 172 15.65 57.71 60.43
CA ASN G 172 14.40 58.39 60.63
C ASN G 172 13.32 57.31 60.78
N LEU G 173 13.25 56.44 59.76
CA LEU G 173 12.30 55.34 59.73
C LEU G 173 12.47 54.39 60.92
N GLU G 174 13.72 54.04 61.24
CA GLU G 174 14.02 53.16 62.37
C GLU G 174 13.34 53.66 63.64
N ASN G 175 13.48 54.95 63.87
CA ASN G 175 12.90 55.58 65.05
C ASN G 175 11.38 55.54 65.05
N HIS G 176 10.78 55.83 63.90
CA HIS G 176 9.32 55.79 63.84
C HIS G 176 8.78 54.41 64.22
N PHE G 177 9.54 53.36 63.91
CA PHE G 177 9.10 52.02 64.24
C PHE G 177 9.38 51.60 65.68
N LYS G 178 10.49 52.09 66.25
CA LYS G 178 10.82 51.77 67.64
C LYS G 178 9.67 52.31 68.48
N LYS G 179 9.07 53.37 67.97
CA LYS G 179 7.95 54.07 68.60
C LYS G 179 6.64 53.29 68.41
N SER G 180 6.12 53.27 67.19
CA SER G 180 4.85 52.58 66.88
C SER G 180 4.86 51.10 67.27
N LYS G 181 6.06 50.54 67.40
CA LYS G 181 6.23 49.13 67.81
C LYS G 181 5.72 48.08 66.84
N ILE G 182 5.19 48.50 65.71
CA ILE G 182 4.71 47.56 64.70
C ILE G 182 5.64 47.63 63.49
N ASP G 183 5.55 46.63 62.61
CA ASP G 183 6.41 46.58 61.44
C ASP G 183 5.76 47.13 60.16
N HIS G 184 4.91 48.14 60.29
CA HIS G 184 4.26 48.72 59.12
C HIS G 184 3.47 49.99 59.45
N ILE G 185 3.09 50.72 58.42
CA ILE G 185 2.28 51.93 58.60
C ILE G 185 0.84 51.44 58.76
N ASN G 186 0.26 51.66 59.93
CA ASN G 186 -1.11 51.22 60.18
C ASN G 186 -2.15 52.15 59.53
N GLU G 187 -2.38 51.95 58.24
CA GLU G 187 -3.34 52.77 57.50
C GLU G 187 -4.20 51.86 56.60
N GLU G 188 -5.36 52.35 56.17
CA GLU G 188 -6.23 51.55 55.32
C GLU G 188 -6.11 51.98 53.87
N SER G 189 -6.06 53.28 53.65
CA SER G 189 -5.95 53.78 52.29
C SER G 189 -4.46 53.89 51.97
N TRP G 190 -4.13 53.67 50.71
CA TRP G 190 -2.73 53.78 50.30
C TRP G 190 -2.36 55.24 50.21
N GLU G 191 -3.35 56.09 49.93
CA GLU G 191 -3.16 57.53 49.82
C GLU G 191 -2.50 58.08 51.08
N LYS G 192 -2.93 57.58 52.23
CA LYS G 192 -2.35 58.01 53.50
C LYS G 192 -0.94 57.45 53.66
N VAL G 193 -0.76 56.19 53.29
CA VAL G 193 0.56 55.56 53.39
C VAL G 193 1.52 56.32 52.48
N VAL G 194 1.02 56.76 51.32
CA VAL G 194 1.84 57.53 50.40
C VAL G 194 2.23 58.85 51.05
N GLU G 195 1.28 59.44 51.76
CA GLU G 195 1.51 60.70 52.46
C GLU G 195 2.58 60.53 53.53
N PHE G 196 2.45 59.46 54.31
CA PHE G 196 3.42 59.15 55.35
C PHE G 196 4.82 59.11 54.74
N ALA G 197 4.91 58.41 53.62
CA ALA G 197 6.16 58.26 52.91
C ALA G 197 6.73 59.63 52.55
N ILE G 198 5.94 60.43 51.84
CA ILE G 198 6.41 61.75 51.45
C ILE G 198 6.77 62.63 52.64
N THR G 199 6.10 62.42 53.76
CA THR G 199 6.36 63.21 54.97
C THR G 199 7.73 62.87 55.55
N HIS G 200 7.93 61.62 55.93
CA HIS G 200 9.21 61.22 56.50
C HIS G 200 10.34 61.44 55.51
N MET G 201 10.02 61.48 54.22
CA MET G 201 11.02 61.72 53.19
C MET G 201 11.53 63.14 53.39
N ILE G 202 10.60 64.04 53.71
CA ILE G 202 10.93 65.45 53.92
C ILE G 202 11.65 65.69 55.24
N ASP G 203 11.21 65.03 56.31
CA ASP G 203 11.83 65.18 57.62
C ASP G 203 13.29 64.78 57.60
N ALA G 204 13.55 63.60 57.08
CA ALA G 204 14.91 63.08 57.00
C ALA G 204 15.79 63.86 56.03
N LEU G 205 15.22 64.28 54.91
CA LEU G 205 15.99 65.02 53.93
C LEU G 205 16.04 66.52 54.23
N GLY G 206 15.10 66.97 55.06
CA GLY G 206 15.05 68.39 55.41
C GLY G 206 14.74 69.27 54.22
N THR G 207 14.01 68.74 53.26
CA THR G 207 13.66 69.51 52.07
C THR G 207 12.18 69.41 51.74
N GLU G 208 11.66 70.48 51.14
CA GLU G 208 10.25 70.55 50.76
C GLU G 208 10.17 70.06 49.31
N PHE G 209 9.05 69.47 48.94
CA PHE G 209 8.89 68.96 47.58
C PHE G 209 7.72 69.58 46.82
N SER G 210 7.88 69.72 45.50
CA SER G 210 6.80 70.25 44.66
C SER G 210 6.18 69.00 44.03
N LYS G 211 5.35 69.16 43.00
CA LYS G 211 4.72 67.99 42.37
C LYS G 211 5.59 67.38 41.27
N ASN G 212 6.76 67.96 41.03
CA ASN G 212 7.67 67.46 40.00
C ASN G 212 9.03 67.09 40.58
N ASP G 213 9.08 66.96 41.90
CA ASP G 213 10.32 66.62 42.62
C ASP G 213 10.26 65.19 43.11
N LEU G 214 9.07 64.61 43.05
CA LEU G 214 8.86 63.23 43.47
C LEU G 214 8.49 62.29 42.33
N GLU G 215 8.24 61.05 42.72
CA GLU G 215 7.88 59.98 41.82
C GLU G 215 7.34 58.94 42.78
N VAL G 216 6.09 58.53 42.58
CA VAL G 216 5.48 57.56 43.47
C VAL G 216 4.97 56.30 42.79
N GLY G 217 5.15 55.18 43.47
CA GLY G 217 4.68 53.92 42.95
C GLY G 217 3.89 53.28 44.06
N VAL G 218 2.76 52.67 43.71
CA VAL G 218 1.94 52.01 44.71
C VAL G 218 1.60 50.59 44.28
N ALA G 219 1.76 49.67 45.22
CA ALA G 219 1.46 48.25 44.97
C ALA G 219 0.28 47.88 45.83
N THR G 220 -0.70 47.24 45.21
CA THR G 220 -1.90 46.82 45.93
C THR G 220 -2.31 45.44 45.46
N LYS G 221 -3.26 44.85 46.16
CA LYS G 221 -3.77 43.54 45.80
C LYS G 221 -4.07 43.53 44.30
N ASP G 222 -3.35 42.67 43.59
CA ASP G 222 -3.53 42.49 42.15
C ASP G 222 -3.16 43.66 41.24
N LYS G 223 -2.47 44.67 41.77
CA LYS G 223 -2.04 45.76 40.91
C LYS G 223 -1.04 46.76 41.49
N PHE G 224 -0.06 47.10 40.65
CA PHE G 224 0.98 48.07 40.98
C PHE G 224 0.89 49.16 39.92
N PHE G 225 0.89 50.42 40.38
CA PHE G 225 0.78 51.59 39.50
C PHE G 225 1.60 52.76 40.03
N THR G 226 1.85 53.74 39.16
CA THR G 226 2.59 54.94 39.53
C THR G 226 1.69 56.18 39.42
N LEU G 227 1.82 57.09 40.38
CA LEU G 227 1.02 58.31 40.41
C LEU G 227 1.52 59.35 39.40
N SER G 228 0.61 60.20 38.93
CA SER G 228 0.97 61.23 37.97
C SER G 228 1.27 62.54 38.69
N ALA G 229 1.85 63.50 37.98
CA ALA G 229 2.18 64.79 38.56
C ALA G 229 1.04 65.28 39.44
N GLU G 230 -0.18 65.19 38.93
CA GLU G 230 -1.35 65.64 39.66
C GLU G 230 -1.80 64.75 40.82
N ASN G 231 -1.69 63.43 40.67
CA ASN G 231 -2.09 62.54 41.75
C ASN G 231 -1.20 62.87 42.95
N ILE G 232 0.05 63.23 42.64
CA ILE G 232 1.03 63.58 43.65
C ILE G 232 0.65 64.91 44.29
N GLU G 233 0.47 65.93 43.47
CA GLU G 233 0.09 67.26 43.94
C GLU G 233 -1.02 67.13 44.98
N GLU G 234 -1.99 66.27 44.69
CA GLU G 234 -3.11 66.03 45.60
C GLU G 234 -2.59 65.52 46.94
N ARG G 235 -1.56 64.68 46.89
CA ARG G 235 -0.95 64.11 48.09
C ARG G 235 -0.19 65.17 48.89
N LEU G 236 0.49 66.06 48.18
CA LEU G 236 1.26 67.16 48.78
C LEU G 236 0.35 68.12 49.54
N VAL G 237 -0.76 68.48 48.89
CA VAL G 237 -1.76 69.37 49.44
C VAL G 237 -2.34 68.84 50.75
N ALA G 238 -2.65 67.54 50.76
CA ALA G 238 -3.21 66.90 51.95
C ALA G 238 -2.30 67.01 53.16
N ILE G 239 -1.01 66.69 53.00
CA ILE G 239 -0.08 66.78 54.12
C ILE G 239 0.13 68.25 54.51
N ALA G 240 -0.08 69.15 53.56
CA ALA G 240 0.09 70.58 53.79
C ALA G 240 -0.85 71.05 54.90
N GLU G 241 -2.11 70.66 54.80
CA GLU G 241 -3.12 71.02 55.79
C GLU G 241 -3.06 70.02 56.95
N GLN G 242 -2.32 70.39 57.98
CA GLN G 242 -2.13 69.54 59.16
C GLN G 242 -0.83 70.00 59.80
N ASP G 243 0.01 70.62 58.96
CA ASP G 243 1.31 71.16 59.36
C ASP G 243 1.20 72.68 59.29
N THR H 1 -7.79 0.10 33.16
CA THR H 1 -7.59 1.10 34.25
C THR H 1 -8.78 2.00 34.41
N THR H 2 -9.14 2.24 35.66
CA THR H 2 -10.23 3.14 35.96
C THR H 2 -9.68 4.12 36.99
N ILE H 3 -9.64 5.39 36.65
CA ILE H 3 -9.18 6.39 37.60
C ILE H 3 -10.21 7.51 37.63
N VAL H 4 -10.50 8.02 38.83
CA VAL H 4 -11.47 9.09 39.00
C VAL H 4 -10.99 10.17 39.96
N GLY H 5 -11.66 11.31 39.92
CA GLY H 5 -11.36 12.43 40.78
C GLY H 5 -12.67 13.11 41.11
N VAL H 6 -12.92 13.37 42.39
CA VAL H 6 -14.17 14.01 42.82
C VAL H 6 -13.87 15.13 43.81
N LYS H 7 -14.45 16.30 43.59
CA LYS H 7 -14.28 17.43 44.49
C LYS H 7 -15.41 17.42 45.52
N PHE H 8 -15.08 17.81 46.76
CA PHE H 8 -16.07 17.90 47.83
C PHE H 8 -15.91 19.23 48.56
N ASN H 9 -16.91 19.61 49.35
CA ASN H 9 -16.90 20.90 50.06
C ASN H 9 -15.56 21.48 50.56
N ASN H 10 -14.67 20.65 51.09
CA ASN H 10 -13.40 21.17 51.60
C ASN H 10 -12.17 20.41 51.11
N GLY H 11 -12.15 20.08 49.82
CA GLY H 11 -11.01 19.36 49.27
C GLY H 11 -11.31 18.57 48.02
N VAL H 12 -10.47 17.58 47.73
CA VAL H 12 -10.61 16.74 46.56
C VAL H 12 -10.13 15.32 46.87
N VAL H 13 -10.72 14.34 46.20
CA VAL H 13 -10.35 12.94 46.40
C VAL H 13 -10.16 12.23 45.06
N ILE H 14 -9.16 11.35 44.98
CA ILE H 14 -8.94 10.60 43.75
C ILE H 14 -8.78 9.12 44.09
N ALA H 15 -9.24 8.27 43.18
CA ALA H 15 -9.17 6.83 43.37
C ALA H 15 -8.84 6.12 42.05
N ALA H 16 -8.42 4.86 42.15
CA ALA H 16 -8.07 4.08 40.97
C ALA H 16 -8.07 2.60 41.33
N ASP H 17 -8.21 1.74 40.33
CA ASP H 17 -8.19 0.31 40.57
C ASP H 17 -6.72 -0.10 40.68
N THR H 18 -6.43 -1.39 40.59
CA THR H 18 -5.05 -1.87 40.71
C THR H 18 -4.61 -2.89 39.69
N ARG H 19 -5.36 -3.03 38.60
CA ARG H 19 -5.00 -3.99 37.56
C ARG H 19 -4.14 -3.37 36.45
N SER H 20 -2.99 -3.99 36.24
CA SER H 20 -2.03 -3.59 35.22
C SER H 20 -2.02 -4.71 34.18
N THR H 21 -2.25 -4.39 32.92
CA THR H 21 -2.28 -5.46 31.93
C THR H 21 -1.27 -5.39 30.81
N GLN H 22 -1.17 -6.50 30.08
CA GLN H 22 -0.30 -6.65 28.91
C GLN H 22 -1.13 -7.48 27.97
N GLY H 23 -1.84 -6.82 27.06
CA GLY H 23 -2.69 -7.58 26.17
C GLY H 23 -3.80 -8.08 27.08
N PRO H 24 -4.22 -9.35 26.96
CA PRO H 24 -5.28 -9.86 27.83
C PRO H 24 -4.77 -10.50 29.12
N ILE H 25 -3.49 -10.27 29.42
CA ILE H 25 -2.91 -10.85 30.60
C ILE H 25 -2.55 -9.87 31.70
N VAL H 26 -2.95 -10.22 32.92
CA VAL H 26 -2.68 -9.38 34.09
C VAL H 26 -1.21 -9.44 34.45
N ALA H 27 -0.55 -8.29 34.37
CA ALA H 27 0.86 -8.19 34.72
C ALA H 27 0.99 -8.06 36.24
N ASP H 28 0.32 -7.05 36.79
CA ASP H 28 0.33 -6.81 38.23
C ASP H 28 -1.11 -6.80 38.74
N LYS H 29 -1.40 -7.67 39.71
CA LYS H 29 -2.73 -7.76 40.28
C LYS H 29 -3.00 -6.63 41.28
N ASN H 30 -1.95 -5.94 41.69
CA ASN H 30 -2.10 -4.85 42.65
C ASN H 30 -1.04 -3.79 42.44
N CYS H 31 -1.08 -3.09 41.32
CA CYS H 31 -0.09 -2.05 41.13
C CYS H 31 -0.75 -0.77 41.61
N ALA H 32 0.03 0.24 41.96
CA ALA H 32 -0.53 1.50 42.44
C ALA H 32 -0.55 2.53 41.32
N LYS H 33 -1.74 3.01 41.00
CA LYS H 33 -1.90 3.99 39.93
C LYS H 33 -1.98 5.43 40.46
N LEU H 34 -1.81 5.56 41.77
CA LEU H 34 -1.85 6.86 42.46
C LEU H 34 -0.42 7.30 42.72
N HIS H 35 -0.05 8.45 42.19
CA HIS H 35 1.30 8.96 42.31
C HIS H 35 1.38 10.25 43.08
N ARG H 36 2.42 10.38 43.89
CA ARG H 36 2.61 11.59 44.66
C ARG H 36 3.47 12.55 43.85
N ILE H 37 3.00 13.78 43.67
CA ILE H 37 3.81 14.75 42.95
C ILE H 37 4.52 15.57 44.01
N SER H 38 3.78 15.96 45.04
CA SER H 38 4.32 16.70 46.19
C SER H 38 3.47 16.15 47.33
N PRO H 39 3.79 16.48 48.58
CA PRO H 39 2.97 15.95 49.68
C PRO H 39 1.47 16.14 49.51
N LYS H 40 1.05 17.28 48.96
CA LYS H 40 -0.39 17.52 48.82
C LYS H 40 -0.96 17.64 47.40
N ILE H 41 -0.20 17.16 46.41
CA ILE H 41 -0.66 17.14 45.02
C ILE H 41 -0.45 15.69 44.61
N TRP H 42 -1.54 14.98 44.36
CA TRP H 42 -1.43 13.59 43.94
C TRP H 42 -1.99 13.39 42.54
N CYS H 43 -1.48 12.37 41.87
CA CYS H 43 -1.85 12.09 40.51
C CYS H 43 -2.31 10.67 40.25
N ALA H 44 -3.38 10.52 39.49
CA ALA H 44 -3.90 9.22 39.11
C ALA H 44 -3.51 9.09 37.63
N GLY H 45 -2.95 7.94 37.25
CA GLY H 45 -2.55 7.80 35.87
C GLY H 45 -2.92 6.51 35.15
N ALA H 46 -3.43 6.69 33.94
CA ALA H 46 -3.83 5.60 33.06
C ALA H 46 -3.00 5.70 31.80
N GLY H 47 -3.09 4.68 30.94
CA GLY H 47 -2.30 4.69 29.72
C GLY H 47 -1.09 3.82 29.93
N THR H 48 0.07 4.21 29.40
CA THR H 48 1.28 3.43 29.55
C THR H 48 1.86 3.63 30.96
N ALA H 49 1.83 2.56 31.74
CA ALA H 49 2.31 2.59 33.13
C ALA H 49 3.71 3.19 33.33
N ALA H 50 4.66 2.83 32.47
CA ALA H 50 6.01 3.37 32.60
C ALA H 50 6.00 4.89 32.38
N ASP H 51 5.12 5.35 31.51
CA ASP H 51 5.01 6.77 31.21
C ASP H 51 4.33 7.56 32.31
N THR H 52 3.27 7.01 32.91
CA THR H 52 2.60 7.73 33.97
C THR H 52 3.53 7.81 35.19
N GLU H 53 4.32 6.76 35.40
CA GLU H 53 5.24 6.75 36.52
C GLU H 53 6.37 7.74 36.29
N ALA H 54 6.96 7.69 35.11
CA ALA H 54 8.07 8.56 34.75
C ALA H 54 7.73 10.05 34.69
N VAL H 55 6.68 10.38 33.95
CA VAL H 55 6.31 11.77 33.83
C VAL H 55 5.92 12.35 35.19
N THR H 56 5.29 11.51 36.01
CA THR H 56 4.83 11.90 37.33
C THR H 56 5.98 12.20 38.28
N GLN H 57 7.03 11.38 38.23
CA GLN H 57 8.18 11.59 39.10
C GLN H 57 9.06 12.73 38.64
N LEU H 58 9.19 12.90 37.33
CA LEU H 58 10.01 13.97 36.80
C LEU H 58 9.46 15.31 37.25
N ILE H 59 8.19 15.55 37.00
CA ILE H 59 7.58 16.80 37.40
C ILE H 59 7.62 16.93 38.91
N GLY H 60 7.38 15.82 39.61
CA GLY H 60 7.42 15.81 41.06
C GLY H 60 8.76 16.32 41.55
N SER H 61 9.82 15.83 40.92
CA SER H 61 11.18 16.23 41.27
C SER H 61 11.38 17.72 41.03
N ASN H 62 11.02 18.20 39.85
CA ASN H 62 11.17 19.61 39.56
C ASN H 62 10.32 20.47 40.46
N ILE H 63 9.14 19.97 40.83
CA ILE H 63 8.26 20.72 41.71
C ILE H 63 8.92 20.86 43.08
N GLU H 64 9.56 19.80 43.56
CA GLU H 64 10.23 19.85 44.85
C GLU H 64 11.32 20.89 44.83
N LEU H 65 12.12 20.89 43.76
CA LEU H 65 13.20 21.86 43.61
C LEU H 65 12.64 23.29 43.50
N HIS H 66 11.55 23.45 42.77
CA HIS H 66 10.93 24.77 42.59
C HIS H 66 10.44 25.26 43.95
N SER H 67 9.84 24.35 44.71
CA SER H 67 9.32 24.65 46.03
C SER H 67 10.43 25.15 46.95
N LEU H 68 11.54 24.42 46.98
CA LEU H 68 12.69 24.81 47.80
C LEU H 68 13.23 26.17 47.37
N TYR H 69 13.26 26.42 46.07
CA TYR H 69 13.76 27.68 45.55
C TYR H 69 12.88 28.88 45.89
N THR H 70 11.57 28.70 45.80
CA THR H 70 10.63 29.79 46.09
C THR H 70 10.14 29.85 47.54
N SER H 71 10.53 28.87 48.34
CA SER H 71 10.15 28.83 49.74
C SER H 71 8.65 28.84 49.91
N ARG H 72 7.94 28.34 48.91
CA ARG H 72 6.48 28.27 48.94
C ARG H 72 5.96 26.87 48.71
N GLU H 73 4.69 26.65 49.04
CA GLU H 73 4.06 25.37 48.84
C GLU H 73 3.84 25.21 47.35
N PRO H 74 3.93 23.95 46.85
CA PRO H 74 3.74 23.69 45.43
C PRO H 74 2.27 23.92 45.11
N ARG H 75 1.99 24.42 43.91
CA ARG H 75 0.62 24.65 43.51
C ARG H 75 0.21 23.59 42.47
N VAL H 76 -1.03 23.14 42.54
CA VAL H 76 -1.50 22.16 41.57
C VAL H 76 -1.40 22.71 40.15
N VAL H 77 -1.66 24.00 39.95
CA VAL H 77 -1.57 24.57 38.62
C VAL H 77 -0.14 24.55 38.08
N SER H 78 0.85 24.47 38.97
CA SER H 78 2.24 24.42 38.48
C SER H 78 2.54 23.03 37.99
N ALA H 79 2.05 22.01 38.69
CA ALA H 79 2.29 20.64 38.28
C ALA H 79 1.53 20.40 36.98
N LEU H 80 0.44 21.13 36.81
CA LEU H 80 -0.40 21.00 35.62
C LEU H 80 0.27 21.63 34.41
N GLN H 81 0.88 22.79 34.61
CA GLN H 81 1.52 23.48 33.50
C GLN H 81 2.77 22.73 33.05
N MET H 82 3.50 22.20 34.02
CA MET H 82 4.73 21.46 33.72
C MET H 82 4.42 20.16 33.01
N LEU H 83 3.42 19.45 33.51
CA LEU H 83 2.99 18.19 32.94
C LEU H 83 2.53 18.33 31.50
N LYS H 84 1.66 19.30 31.24
CA LYS H 84 1.13 19.49 29.89
C LYS H 84 2.15 20.01 28.88
N GLN H 85 3.05 20.90 29.30
CA GLN H 85 4.01 21.41 28.33
C GLN H 85 5.00 20.32 27.97
N HIS H 86 5.17 19.36 28.88
CA HIS H 86 6.07 18.23 28.65
C HIS H 86 5.40 17.23 27.72
N LEU H 87 4.17 16.86 28.05
CA LEU H 87 3.42 15.94 27.24
C LEU H 87 3.20 16.49 25.83
N PHE H 88 2.95 17.80 25.72
CA PHE H 88 2.73 18.41 24.41
C PHE H 88 3.98 18.33 23.55
N LYS H 89 5.13 18.56 24.18
CA LYS H 89 6.40 18.51 23.47
C LYS H 89 6.55 17.18 22.75
N TYR H 90 6.24 16.09 23.44
CA TYR H 90 6.35 14.75 22.88
C TYR H 90 5.19 14.30 22.01
N GLN H 91 4.42 15.25 21.50
CA GLN H 91 3.31 14.97 20.61
C GLN H 91 2.51 13.69 20.84
N GLY H 92 2.24 13.33 22.08
CA GLY H 92 1.45 12.13 22.33
C GLY H 92 2.22 10.82 22.43
N HIS H 93 3.51 10.85 22.10
CA HIS H 93 4.32 9.66 22.17
C HIS H 93 4.59 9.18 23.60
N ILE H 94 4.37 10.06 24.58
CA ILE H 94 4.51 9.68 25.98
C ILE H 94 3.06 9.37 26.36
N GLY H 95 2.67 8.12 26.25
CA GLY H 95 1.29 7.74 26.54
C GLY H 95 0.78 7.87 27.96
N ALA H 96 0.78 9.09 28.49
CA ALA H 96 0.32 9.34 29.86
C ALA H 96 -1.01 10.08 29.91
N TYR H 97 -1.97 9.51 30.63
CA TYR H 97 -3.28 10.13 30.82
C TYR H 97 -3.43 10.28 32.32
N LEU H 98 -3.48 11.53 32.78
CA LEU H 98 -3.51 11.81 34.20
C LEU H 98 -4.67 12.62 34.78
N ILE H 99 -5.05 12.27 36.00
CA ILE H 99 -6.04 13.03 36.73
C ILE H 99 -5.23 13.60 37.91
N VAL H 100 -4.94 14.89 37.85
CA VAL H 100 -4.13 15.55 38.89
C VAL H 100 -4.98 16.42 39.83
N ALA H 101 -4.86 16.14 41.12
CA ALA H 101 -5.61 16.88 42.12
C ALA H 101 -4.72 17.28 43.29
N GLY H 102 -5.24 18.12 44.18
CA GLY H 102 -4.48 18.54 45.33
C GLY H 102 -4.95 19.85 45.93
N VAL H 103 -4.36 20.20 47.07
CA VAL H 103 -4.68 21.44 47.78
C VAL H 103 -3.41 22.25 47.93
N ASP H 104 -3.55 23.57 47.95
CA ASP H 104 -2.41 24.44 48.10
C ASP H 104 -2.89 25.80 48.63
N PRO H 105 -1.95 26.72 48.89
CA PRO H 105 -2.36 28.03 49.40
C PRO H 105 -3.49 28.72 48.66
N THR H 106 -4.01 28.11 47.60
CA THR H 106 -5.09 28.77 46.87
C THR H 106 -6.41 27.99 46.78
N GLY H 107 -6.50 26.87 47.47
CA GLY H 107 -7.72 26.07 47.45
C GLY H 107 -7.53 24.63 47.01
N SER H 108 -8.62 23.97 46.63
CA SER H 108 -8.55 22.58 46.15
C SER H 108 -8.77 22.57 44.63
N HIS H 109 -8.04 21.69 43.94
CA HIS H 109 -8.12 21.62 42.48
C HIS H 109 -8.26 20.21 41.92
N LEU H 110 -8.88 20.14 40.74
CA LEU H 110 -9.08 18.88 40.03
C LEU H 110 -8.93 19.12 38.53
N PHE H 111 -7.97 18.43 37.93
CA PHE H 111 -7.70 18.55 36.50
C PHE H 111 -7.42 17.19 35.87
N SER H 112 -7.43 17.16 34.55
CA SER H 112 -7.12 15.95 33.80
C SER H 112 -6.18 16.39 32.67
N ILE H 113 -5.25 15.51 32.31
CA ILE H 113 -4.29 15.79 31.25
C ILE H 113 -4.23 14.61 30.29
N HIS H 114 -4.35 14.89 28.99
CA HIS H 114 -4.29 13.83 27.98
C HIS H 114 -2.89 13.79 27.39
N ALA H 115 -2.52 12.60 26.92
CA ALA H 115 -1.20 12.37 26.35
C ALA H 115 -0.71 13.46 25.40
N HIS H 116 -1.62 14.07 24.66
CA HIS H 116 -1.20 15.12 23.72
C HIS H 116 -0.96 16.47 24.35
N GLY H 117 -1.31 16.62 25.62
CA GLY H 117 -1.09 17.88 26.30
C GLY H 117 -2.28 18.79 26.57
N SER H 118 -3.50 18.30 26.36
CA SER H 118 -4.66 19.12 26.62
C SER H 118 -5.11 18.92 28.06
N THR H 119 -5.73 19.94 28.65
CA THR H 119 -6.21 19.82 30.03
C THR H 119 -7.66 20.29 30.17
N ASP H 120 -8.35 19.68 31.14
CA ASP H 120 -9.75 19.99 31.43
C ASP H 120 -9.90 20.22 32.93
N VAL H 121 -10.90 21.01 33.30
CA VAL H 121 -11.18 21.29 34.71
C VAL H 121 -12.61 20.84 34.99
N GLY H 122 -12.85 20.30 36.18
CA GLY H 122 -14.19 19.85 36.51
C GLY H 122 -14.31 19.39 37.95
N TYR H 123 -15.54 19.11 38.37
CA TYR H 123 -15.78 18.66 39.74
C TYR H 123 -15.64 17.14 39.85
N TYR H 124 -15.88 16.46 38.74
CA TYR H 124 -15.73 15.01 38.70
C TYR H 124 -15.15 14.61 37.34
N LEU H 125 -14.19 13.70 37.37
CA LEU H 125 -13.53 13.25 36.14
C LEU H 125 -13.16 11.78 36.21
N SER H 126 -13.00 11.14 35.05
CA SER H 126 -12.56 9.75 34.99
C SER H 126 -11.74 9.52 33.71
N LEU H 127 -10.86 8.53 33.75
CA LEU H 127 -10.01 8.20 32.61
C LEU H 127 -9.67 6.73 32.65
N GLY H 128 -9.25 6.21 31.50
CA GLY H 128 -8.88 4.81 31.42
C GLY H 128 -9.91 3.99 30.67
N SER H 129 -9.65 2.68 30.54
CA SER H 129 -10.59 1.81 29.84
C SER H 129 -11.88 1.73 30.63
N GLY H 130 -11.80 1.98 31.93
CA GLY H 130 -12.99 1.95 32.77
C GLY H 130 -13.73 3.28 32.73
N SER H 131 -13.08 4.27 32.12
CA SER H 131 -13.63 5.62 31.99
C SER H 131 -15.15 5.72 31.89
N LEU H 132 -15.75 4.99 30.96
CA LEU H 132 -17.20 5.08 30.78
C LEU H 132 -18.02 4.42 31.88
N ALA H 133 -17.58 3.29 32.40
CA ALA H 133 -18.31 2.62 33.46
C ALA H 133 -18.38 3.56 34.67
N ALA H 134 -17.23 4.14 35.01
CA ALA H 134 -17.11 5.07 36.13
C ALA H 134 -17.94 6.32 35.87
N MET H 135 -17.77 6.94 34.71
CA MET H 135 -18.52 8.16 34.41
C MET H 135 -20.03 7.92 34.47
N ALA H 136 -20.47 6.72 34.10
CA ALA H 136 -21.89 6.43 34.16
C ALA H 136 -22.36 6.55 35.62
N VAL H 137 -21.53 6.09 36.54
CA VAL H 137 -21.86 6.16 37.95
C VAL H 137 -21.79 7.59 38.47
N LEU H 138 -20.77 8.33 38.03
CA LEU H 138 -20.61 9.72 38.45
C LEU H 138 -21.76 10.59 37.95
N GLU H 139 -22.18 10.36 36.72
CA GLU H 139 -23.26 11.15 36.14
C GLU H 139 -24.59 10.87 36.84
N SER H 140 -24.64 9.77 37.57
CA SER H 140 -25.85 9.35 38.27
C SER H 140 -25.92 9.73 39.74
N HIS H 141 -24.78 9.83 40.42
CA HIS H 141 -24.78 10.14 41.83
C HIS H 141 -24.06 11.40 42.27
N TRP H 142 -23.49 12.15 41.36
CA TRP H 142 -22.81 13.36 41.79
C TRP H 142 -23.80 14.48 42.02
N LYS H 143 -23.42 15.37 42.94
CA LYS H 143 -24.21 16.54 43.28
C LYS H 143 -23.24 17.53 43.88
N GLN H 144 -23.58 18.82 43.77
CA GLN H 144 -22.74 19.88 44.31
C GLN H 144 -22.73 19.83 45.84
N ASP H 145 -21.59 20.16 46.44
CA ASP H 145 -21.47 20.17 47.89
C ASP H 145 -21.53 18.80 48.56
N LEU H 146 -20.62 17.91 48.18
CA LEU H 146 -20.58 16.59 48.77
C LEU H 146 -19.74 16.68 50.02
N THR H 147 -19.96 15.76 50.96
CA THR H 147 -19.18 15.76 52.18
C THR H 147 -17.96 14.88 51.89
N LYS H 148 -16.92 15.01 52.70
CA LYS H 148 -15.73 14.19 52.51
C LYS H 148 -16.06 12.71 52.38
N GLU H 149 -17.04 12.23 53.13
CA GLU H 149 -17.37 10.81 53.06
C GLU H 149 -18.27 10.49 51.89
N GLU H 150 -19.05 11.47 51.45
CA GLU H 150 -19.92 11.23 50.31
C GLU H 150 -19.02 11.10 49.08
N ALA H 151 -18.01 11.98 48.98
CA ALA H 151 -17.09 11.94 47.87
C ALA H 151 -16.33 10.60 47.84
N ILE H 152 -15.77 10.19 48.97
CA ILE H 152 -15.05 8.93 49.01
C ILE H 152 -15.94 7.75 48.60
N LYS H 153 -17.24 7.89 48.83
CA LYS H 153 -18.18 6.83 48.47
C LYS H 153 -18.38 6.84 46.97
N LEU H 154 -18.71 8.02 46.44
CA LEU H 154 -18.93 8.20 45.01
C LEU H 154 -17.70 7.73 44.24
N ALA H 155 -16.52 8.19 44.64
CA ALA H 155 -15.28 7.80 43.99
C ALA H 155 -15.08 6.30 44.07
N SER H 156 -15.23 5.75 45.26
CA SER H 156 -15.05 4.32 45.46
C SER H 156 -16.02 3.52 44.58
N ASP H 157 -17.25 4.00 44.49
CA ASP H 157 -18.30 3.37 43.70
C ASP H 157 -18.00 3.43 42.21
N ALA H 158 -17.42 4.54 41.76
CA ALA H 158 -17.11 4.72 40.34
C ALA H 158 -16.02 3.74 39.91
N ILE H 159 -15.02 3.56 40.77
CA ILE H 159 -13.92 2.65 40.47
C ILE H 159 -14.46 1.22 40.43
N GLN H 160 -15.44 0.93 41.28
CA GLN H 160 -16.01 -0.39 41.29
C GLN H 160 -16.72 -0.66 39.99
N ALA H 161 -17.48 0.33 39.54
CA ALA H 161 -18.19 0.21 38.28
C ALA H 161 -17.19 -0.33 37.24
N GLY H 162 -15.99 0.23 37.28
CA GLY H 162 -14.95 -0.19 36.36
C GLY H 162 -14.40 -1.58 36.64
N ILE H 163 -14.06 -1.85 37.89
CA ILE H 163 -13.52 -3.15 38.25
C ILE H 163 -14.42 -4.29 37.77
N TRP H 164 -15.72 -4.12 37.95
CA TRP H 164 -16.70 -5.13 37.58
C TRP H 164 -17.04 -5.18 36.09
N ASN H 165 -17.36 -4.02 35.52
CA ASN H 165 -17.76 -3.94 34.12
C ASN H 165 -16.67 -3.87 33.03
N ASP H 166 -15.46 -3.44 33.40
CA ASP H 166 -14.36 -3.34 32.43
C ASP H 166 -13.32 -4.43 32.71
N LEU H 167 -12.90 -5.09 31.64
CA LEU H 167 -11.91 -6.16 31.71
C LEU H 167 -10.49 -5.61 31.90
N GLY H 168 -10.29 -4.36 31.52
CA GLY H 168 -8.99 -3.75 31.67
C GLY H 168 -8.73 -3.33 33.10
N SER H 169 -9.81 -3.29 33.88
CA SER H 169 -9.75 -2.91 35.28
C SER H 169 -10.13 -4.06 36.20
N GLY H 170 -9.57 -4.04 37.42
CA GLY H 170 -9.87 -5.08 38.38
C GLY H 170 -9.14 -4.99 39.72
N SER H 171 -9.23 -6.07 40.50
CA SER H 171 -8.59 -6.17 41.80
C SER H 171 -9.06 -5.23 42.91
N ASN H 172 -8.17 -4.36 43.38
CA ASN H 172 -8.49 -3.46 44.50
C ASN H 172 -8.78 -2.02 44.14
N VAL H 173 -9.10 -1.23 45.16
CA VAL H 173 -9.41 0.19 44.98
C VAL H 173 -8.51 1.01 45.88
N ASP H 174 -7.80 1.97 45.31
CA ASP H 174 -6.90 2.84 46.08
C ASP H 174 -7.49 4.24 46.06
N VAL H 175 -7.49 4.88 47.22
CA VAL H 175 -8.01 6.23 47.34
C VAL H 175 -6.97 7.13 47.99
N CYS H 176 -7.12 8.44 47.78
CA CYS H 176 -6.22 9.40 48.40
C CYS H 176 -7.02 10.67 48.59
N VAL H 177 -7.17 11.07 49.85
CA VAL H 177 -7.95 12.26 50.19
C VAL H 177 -7.08 13.45 50.56
N MET H 178 -7.38 14.57 49.94
CA MET H 178 -6.65 15.80 50.16
C MET H 178 -7.66 16.83 50.64
N GLU H 179 -7.54 17.24 51.89
CA GLU H 179 -8.47 18.20 52.47
C GLU H 179 -7.78 19.54 52.70
N ILE H 180 -8.47 20.63 52.34
CA ILE H 180 -7.93 21.99 52.46
C ILE H 180 -7.05 22.28 53.66
N GLY H 181 -7.36 21.73 54.81
CA GLY H 181 -6.53 22.04 55.96
C GLY H 181 -5.62 20.98 56.51
N LYS H 182 -6.03 19.72 56.41
CA LYS H 182 -5.24 18.62 56.95
C LYS H 182 -4.20 18.06 55.98
N ASP H 183 -3.57 16.95 56.37
CA ASP H 183 -2.57 16.29 55.53
C ASP H 183 -3.29 15.40 54.53
N ALA H 184 -2.63 15.14 53.40
CA ALA H 184 -3.23 14.28 52.40
C ALA H 184 -3.17 12.85 52.94
N GLU H 185 -4.30 12.15 52.95
CA GLU H 185 -4.23 10.79 53.43
C GLU H 185 -4.42 9.76 52.32
N TYR H 186 -3.33 9.04 52.09
CA TYR H 186 -3.25 8.00 51.09
C TYR H 186 -3.81 6.72 51.67
N LEU H 187 -4.79 6.13 51.00
CA LEU H 187 -5.41 4.90 51.46
C LEU H 187 -5.17 3.76 50.48
N ARG H 188 -4.01 3.12 50.59
CA ARG H 188 -3.65 2.01 49.72
C ARG H 188 -4.57 0.84 50.00
N ASN H 189 -5.19 0.29 48.96
CA ASN H 189 -6.10 -0.84 49.11
C ASN H 189 -7.25 -0.56 50.07
N TYR H 190 -7.91 0.59 49.86
CA TYR H 190 -9.06 1.00 50.66
C TYR H 190 -10.14 -0.08 50.57
N LEU H 191 -10.17 -0.76 49.43
CA LEU H 191 -11.12 -1.84 49.19
C LEU H 191 -10.41 -3.02 48.55
N THR H 192 -10.79 -4.23 48.93
CA THR H 192 -10.18 -5.43 48.36
C THR H 192 -11.27 -6.48 48.14
N PRO H 193 -12.26 -6.14 47.29
CA PRO H 193 -13.40 -7.02 46.96
C PRO H 193 -13.09 -8.20 46.07
N ASN H 194 -11.81 -8.46 45.82
CA ASN H 194 -11.42 -9.56 44.96
C ASN H 194 -10.34 -10.46 45.52
N VAL H 195 -10.64 -11.17 46.60
CA VAL H 195 -9.66 -12.06 47.21
C VAL H 195 -9.87 -13.46 46.64
N ARG H 196 -8.78 -14.16 46.35
CA ARG H 196 -8.82 -15.51 45.80
C ARG H 196 -9.33 -16.57 46.76
N GLU H 197 -10.35 -17.34 46.34
CA GLU H 197 -10.88 -18.40 47.19
C GLU H 197 -9.78 -19.43 47.38
N GLU H 198 -9.72 -20.03 48.57
CA GLU H 198 -8.70 -21.03 48.84
C GLU H 198 -8.64 -22.05 47.74
N LYS H 199 -7.42 -22.43 47.33
CA LYS H 199 -7.29 -23.42 46.27
C LYS H 199 -8.03 -24.68 46.71
N GLN H 200 -8.25 -25.57 45.77
CA GLN H 200 -8.98 -26.80 45.99
C GLN H 200 -8.02 -27.92 46.42
N LYS H 201 -6.74 -27.60 46.51
CA LYS H 201 -5.75 -28.63 46.83
C LYS H 201 -4.35 -27.99 46.95
N SER H 202 -3.41 -28.71 47.54
CA SER H 202 -2.05 -28.17 47.66
C SER H 202 -1.17 -28.92 46.68
N TYR H 203 -0.37 -28.17 45.93
CA TYR H 203 0.50 -28.79 44.93
C TYR H 203 1.93 -28.92 45.36
N LYS H 204 2.13 -28.91 46.67
CA LYS H 204 3.45 -29.06 47.27
C LYS H 204 3.94 -30.42 46.76
N PHE H 205 5.17 -30.47 46.28
CA PHE H 205 5.73 -31.70 45.73
C PHE H 205 6.59 -32.50 46.70
N PRO H 206 6.54 -33.83 46.60
CA PRO H 206 7.36 -34.64 47.50
C PRO H 206 8.81 -34.36 47.09
N ARG H 207 9.64 -33.93 48.03
CA ARG H 207 11.02 -33.61 47.71
C ARG H 207 11.71 -34.71 46.92
N GLY H 208 12.47 -34.31 45.92
CA GLY H 208 13.16 -35.28 45.08
C GLY H 208 12.43 -35.53 43.77
N THR H 209 11.25 -34.92 43.60
CA THR H 209 10.45 -35.08 42.37
C THR H 209 11.21 -34.59 41.14
N THR H 210 11.95 -33.50 41.31
CA THR H 210 12.71 -32.89 40.22
C THR H 210 14.11 -33.50 40.04
N ALA H 211 14.39 -33.98 38.83
CA ALA H 211 15.67 -34.60 38.55
C ALA H 211 16.78 -33.57 38.41
N VAL H 212 17.82 -33.67 39.23
CA VAL H 212 18.94 -32.73 39.17
C VAL H 212 20.14 -33.37 38.49
N LEU H 213 20.88 -32.59 37.71
CA LEU H 213 22.05 -33.10 36.99
C LEU H 213 23.37 -32.71 37.64
N LYS H 214 23.42 -31.51 38.19
CA LYS H 214 24.64 -31.02 38.82
C LYS H 214 24.27 -30.00 39.86
N GLU H 215 25.17 -29.73 40.79
CA GLU H 215 24.88 -28.79 41.86
C GLU H 215 26.16 -28.09 42.30
N SER H 216 26.02 -26.96 43.00
CA SER H 216 27.19 -26.22 43.47
C SER H 216 26.82 -25.00 44.31
N ILE H 217 27.81 -24.53 45.08
CA ILE H 217 27.63 -23.36 45.94
C ILE H 217 27.98 -22.10 45.12
N VAL H 218 27.24 -21.03 45.35
CA VAL H 218 27.49 -19.78 44.63
C VAL H 218 28.25 -18.80 45.50
N ASN H 219 29.25 -18.16 44.90
CA ASN H 219 30.09 -17.19 45.58
C ASN H 219 29.47 -15.78 45.57
N ILE H 220 29.18 -15.25 46.75
CA ILE H 220 28.60 -13.91 46.86
C ILE H 220 29.59 -12.90 47.43
N CYS H 221 30.34 -13.32 48.45
CA CYS H 221 31.32 -12.45 49.09
C CYS H 221 32.57 -12.26 48.22
N ASP H 222 33.20 -11.10 48.35
CA ASP H 222 34.40 -10.78 47.58
C ASP H 222 35.70 -11.05 48.33
N SER I 1 11.25 -10.91 13.25
CA SER I 1 10.07 -9.98 13.34
C SER I 1 10.04 -9.32 14.71
N ASP I 2 9.55 -10.07 15.70
CA ASP I 2 9.47 -9.59 17.07
C ASP I 2 10.80 -9.90 17.73
N PRO I 3 11.62 -8.88 18.01
CA PRO I 3 12.94 -9.04 18.64
C PRO I 3 12.89 -9.91 19.90
N SER I 4 11.72 -10.04 20.48
CA SER I 4 11.53 -10.83 21.68
C SER I 4 11.22 -12.29 21.41
N SER I 5 11.21 -12.67 20.14
CA SER I 5 10.92 -14.05 19.77
C SER I 5 11.94 -14.64 18.82
N ILE I 6 13.08 -13.98 18.70
CA ILE I 6 14.15 -14.44 17.81
C ILE I 6 14.97 -15.49 18.55
N ASN I 7 15.41 -15.14 19.75
CA ASN I 7 16.26 -16.01 20.56
C ASN I 7 15.51 -16.95 21.53
N GLY I 8 14.38 -16.51 22.07
CA GLY I 8 13.62 -17.33 23.00
C GLY I 8 14.21 -17.38 24.41
N GLY I 9 13.51 -18.02 25.34
CA GLY I 9 14.02 -18.12 26.69
C GLY I 9 13.02 -17.69 27.73
N ILE I 10 13.18 -18.20 28.95
CA ILE I 10 12.28 -17.84 30.06
C ILE I 10 13.03 -17.70 31.38
N VAL I 11 12.40 -17.00 32.31
CA VAL I 11 12.96 -16.75 33.62
C VAL I 11 11.80 -16.62 34.57
N VAL I 12 11.98 -17.09 35.80
CA VAL I 12 10.92 -17.00 36.79
C VAL I 12 11.56 -16.91 38.18
N ALA I 13 10.98 -16.08 39.04
CA ALA I 13 11.49 -15.88 40.38
C ALA I 13 10.33 -16.11 41.34
N MET I 14 10.64 -16.68 42.49
CA MET I 14 9.64 -16.97 43.51
C MET I 14 10.18 -16.67 44.91
N THR I 15 9.28 -16.28 45.81
CA THR I 15 9.65 -15.99 47.20
C THR I 15 9.14 -17.08 48.14
N GLY I 16 10.00 -17.48 49.08
CA GLY I 16 9.64 -18.50 50.05
C GLY I 16 9.76 -17.98 51.47
N LYS I 17 10.10 -18.87 52.40
CA LYS I 17 10.25 -18.47 53.79
C LYS I 17 11.70 -18.07 54.03
N ASP I 18 11.94 -16.77 54.12
CA ASP I 18 13.29 -16.26 54.34
C ASP I 18 14.23 -16.67 53.20
N CYS I 19 13.68 -16.80 51.99
CA CYS I 19 14.45 -17.18 50.81
C CYS I 19 13.76 -16.74 49.52
N VAL I 20 14.52 -16.75 48.42
CA VAL I 20 14.00 -16.39 47.10
C VAL I 20 14.69 -17.29 46.09
N ALA I 21 13.96 -17.62 45.02
CA ALA I 21 14.54 -18.48 43.99
C ALA I 21 14.36 -17.82 42.64
N ILE I 22 15.32 -18.04 41.75
CA ILE I 22 15.22 -17.49 40.41
C ILE I 22 15.78 -18.54 39.46
N ALA I 23 14.98 -18.92 38.47
CA ALA I 23 15.40 -19.95 37.51
C ALA I 23 15.23 -19.47 36.08
N CYS I 24 15.92 -20.12 35.15
CA CYS I 24 15.86 -19.77 33.75
C CYS I 24 16.24 -20.98 32.89
N ASP I 25 15.84 -20.98 31.62
CA ASP I 25 16.21 -22.06 30.72
C ASP I 25 17.59 -21.74 30.18
N LEU I 26 18.15 -22.63 29.38
CA LEU I 26 19.49 -22.38 28.85
C LEU I 26 19.53 -22.26 27.34
N ARG I 27 18.36 -22.18 26.70
CA ARG I 27 18.30 -22.08 25.25
C ARG I 27 18.58 -20.69 24.67
N LEU I 28 19.21 -20.69 23.50
CA LEU I 28 19.52 -19.48 22.75
C LEU I 28 19.40 -19.97 21.33
N GLY I 29 18.38 -19.52 20.64
CA GLY I 29 18.23 -19.98 19.28
C GLY I 29 18.15 -18.83 18.31
N SER I 30 17.93 -19.16 17.05
CA SER I 30 17.76 -18.18 15.99
C SER I 30 16.53 -18.72 15.28
N GLN I 31 15.36 -18.30 15.74
CA GLN I 31 14.11 -18.77 15.19
C GLN I 31 14.01 -20.26 15.50
N SER I 32 13.74 -21.08 14.49
CA SER I 32 13.59 -22.51 14.75
C SER I 32 14.89 -23.25 15.07
N LEU I 33 16.02 -22.71 14.61
CA LEU I 33 17.33 -23.34 14.83
C LEU I 33 17.88 -23.14 16.24
N GLY I 34 18.24 -24.23 16.91
CA GLY I 34 18.81 -24.11 18.24
C GLY I 34 20.29 -23.80 18.04
N VAL I 35 20.83 -22.84 18.79
CA VAL I 35 22.24 -22.50 18.62
C VAL I 35 23.12 -22.79 19.84
N SER I 36 22.56 -22.62 21.04
CA SER I 36 23.31 -22.90 22.25
C SER I 36 22.43 -23.38 23.38
N ASN I 37 22.94 -24.35 24.14
CA ASN I 37 22.24 -24.93 25.28
C ASN I 37 22.96 -24.53 26.57
N LYS I 38 23.78 -23.49 26.46
CA LYS I 38 24.54 -22.99 27.59
C LYS I 38 24.35 -21.49 27.81
N PHE I 39 23.29 -20.94 27.23
CA PHE I 39 23.04 -19.51 27.38
C PHE I 39 22.27 -19.26 28.66
N GLU I 40 22.98 -18.92 29.72
CA GLU I 40 22.33 -18.66 31.00
C GLU I 40 21.82 -17.23 31.01
N LYS I 41 20.71 -17.01 31.70
CA LYS I 41 20.09 -15.70 31.73
C LYS I 41 20.02 -15.09 33.11
N ILE I 42 20.70 -15.69 34.08
CA ILE I 42 20.69 -15.16 35.44
C ILE I 42 22.09 -14.65 35.74
N PHE I 43 22.18 -13.44 36.31
CA PHE I 43 23.46 -12.82 36.67
C PHE I 43 23.32 -12.24 38.06
N HIS I 44 24.44 -11.92 38.69
CA HIS I 44 24.40 -11.35 40.00
C HIS I 44 25.50 -10.34 40.19
N TYR I 45 25.18 -9.28 40.93
CA TYR I 45 26.12 -8.22 41.23
C TYR I 45 26.03 -8.20 42.74
N GLY I 46 27.03 -8.79 43.39
CA GLY I 46 27.01 -8.87 44.84
C GLY I 46 25.97 -9.94 45.17
N HIS I 47 25.05 -9.62 46.07
CA HIS I 47 24.01 -10.57 46.46
C HIS I 47 22.70 -10.35 45.72
N VAL I 48 22.67 -9.41 44.79
CA VAL I 48 21.45 -9.15 44.04
C VAL I 48 21.48 -9.92 42.73
N PHE I 49 20.39 -10.64 42.45
CA PHE I 49 20.30 -11.42 41.23
C PHE I 49 19.37 -10.82 40.19
N LEU I 50 19.80 -10.87 38.93
CA LEU I 50 19.05 -10.33 37.82
C LEU I 50 18.92 -11.30 36.67
N GLY I 51 17.70 -11.55 36.22
CA GLY I 51 17.50 -12.44 35.08
C GLY I 51 17.03 -11.60 33.91
N ILE I 52 17.50 -11.90 32.69
CA ILE I 52 17.09 -11.11 31.53
C ILE I 52 16.63 -11.99 30.36
N THR I 53 15.36 -11.89 29.96
CA THR I 53 14.90 -12.64 28.80
C THR I 53 14.69 -11.64 27.67
N GLY I 54 14.71 -12.10 26.43
CA GLY I 54 14.51 -11.19 25.32
C GLY I 54 15.54 -11.38 24.22
N LEU I 55 15.95 -10.29 23.59
CA LEU I 55 16.94 -10.34 22.53
C LEU I 55 18.30 -10.57 23.18
N ALA I 56 18.92 -11.71 22.87
CA ALA I 56 20.20 -12.10 23.44
C ALA I 56 21.24 -11.01 23.50
N THR I 57 21.46 -10.30 22.38
CA THR I 57 22.46 -9.23 22.35
C THR I 57 22.20 -8.17 23.41
N ASP I 58 20.93 -7.88 23.68
CA ASP I 58 20.59 -6.89 24.69
C ASP I 58 20.73 -7.51 26.06
N VAL I 59 20.40 -8.80 26.19
CA VAL I 59 20.54 -9.49 27.47
C VAL I 59 22.00 -9.38 27.87
N THR I 60 22.90 -9.61 26.91
CA THR I 60 24.33 -9.53 27.14
C THR I 60 24.76 -8.10 27.44
N THR I 61 24.24 -7.15 26.65
CA THR I 61 24.59 -5.76 26.84
C THR I 61 24.16 -5.23 28.20
N LEU I 62 22.94 -5.56 28.62
CA LEU I 62 22.44 -5.09 29.91
C LEU I 62 23.23 -5.67 31.05
N ASN I 63 23.68 -6.91 30.90
CA ASN I 63 24.47 -7.51 31.95
C ASN I 63 25.77 -6.74 32.09
N GLU I 64 26.44 -6.50 30.97
CA GLU I 64 27.68 -5.75 31.00
C GLU I 64 27.47 -4.35 31.56
N MET I 65 26.30 -3.76 31.27
CA MET I 65 26.01 -2.42 31.76
C MET I 65 25.81 -2.39 33.26
N PHE I 66 24.93 -3.24 33.77
CA PHE I 66 24.70 -3.27 35.20
C PHE I 66 25.96 -3.67 35.99
N ARG I 67 26.81 -4.51 35.41
CA ARG I 67 28.04 -4.90 36.10
C ARG I 67 28.81 -3.59 36.28
N TYR I 68 28.96 -2.87 35.18
CA TYR I 68 29.64 -1.56 35.13
C TYR I 68 29.08 -0.58 36.18
N LYS I 69 27.77 -0.41 36.22
CA LYS I 69 27.15 0.52 37.18
C LYS I 69 27.24 0.10 38.63
N THR I 70 26.99 -1.18 38.91
CA THR I 70 27.06 -1.64 40.29
C THR I 70 28.51 -1.61 40.80
N ASN I 71 29.46 -1.73 39.89
CA ASN I 71 30.87 -1.67 40.27
C ASN I 71 31.21 -0.28 40.76
N LEU I 72 30.80 0.74 40.02
CA LEU I 72 31.07 2.12 40.40
C LEU I 72 30.21 2.49 41.60
N TYR I 73 29.02 1.93 41.68
CA TYR I 73 28.15 2.22 42.82
C TYR I 73 28.84 1.78 44.11
N LYS I 74 29.48 0.61 44.07
CA LYS I 74 30.17 0.07 45.23
C LYS I 74 31.39 0.92 45.60
N LEU I 75 32.11 1.43 44.60
CA LEU I 75 33.29 2.24 44.86
C LEU I 75 32.99 3.57 45.55
N LYS I 76 31.82 4.14 45.26
CA LYS I 76 31.43 5.42 45.86
C LYS I 76 30.71 5.26 47.19
N GLU I 77 29.74 4.35 47.22
CA GLU I 77 28.94 4.09 48.41
C GLU I 77 29.63 3.21 49.43
N GLU I 78 30.63 2.46 48.98
CA GLU I 78 31.38 1.54 49.83
C GLU I 78 30.48 0.52 50.50
N ARG I 79 29.54 0.01 49.73
CA ARG I 79 28.60 -1.00 50.19
C ARG I 79 27.96 -1.59 48.94
N ALA I 80 27.53 -2.85 49.01
CA ALA I 80 26.91 -3.47 47.86
C ALA I 80 25.49 -2.97 47.71
N ILE I 81 25.07 -2.77 46.47
CA ILE I 81 23.72 -2.28 46.20
C ILE I 81 22.69 -3.31 46.66
N GLU I 82 21.53 -2.82 47.14
CA GLU I 82 20.46 -3.68 47.60
C GLU I 82 19.43 -3.97 46.50
N PRO I 83 18.60 -5.02 46.69
CA PRO I 83 17.59 -5.38 45.70
C PRO I 83 16.67 -4.24 45.30
N GLU I 84 16.08 -3.59 46.29
CA GLU I 84 15.16 -2.48 46.05
C GLU I 84 15.83 -1.33 45.31
N THR I 85 17.07 -1.03 45.67
CA THR I 85 17.81 0.06 45.02
C THR I 85 18.14 -0.33 43.59
N PHE I 86 18.64 -1.55 43.42
CA PHE I 86 19.01 -2.04 42.10
C PHE I 86 17.82 -1.98 41.17
N THR I 87 16.67 -2.39 41.70
CA THR I 87 15.43 -2.40 40.95
C THR I 87 15.17 -1.01 40.38
N GLN I 88 15.46 0.01 41.16
CA GLN I 88 15.28 1.40 40.73
C GLN I 88 16.28 1.74 39.65
N LEU I 89 17.50 1.25 39.80
CA LEU I 89 18.53 1.50 38.81
C LEU I 89 18.13 0.87 37.49
N VAL I 90 17.63 -0.35 37.53
CA VAL I 90 17.21 -1.03 36.32
C VAL I 90 16.11 -0.22 35.63
N SER I 91 15.11 0.17 36.41
CA SER I 91 14.00 0.93 35.89
C SER I 91 14.43 2.23 35.20
N SER I 92 15.20 3.06 35.90
CA SER I 92 15.62 4.31 35.31
C SER I 92 16.52 4.08 34.11
N SER I 93 17.31 3.02 34.15
CA SER I 93 18.21 2.71 33.03
C SER I 93 17.44 2.31 31.80
N LEU I 94 16.38 1.53 31.99
CA LEU I 94 15.57 1.11 30.86
C LEU I 94 14.78 2.26 30.22
N TYR I 95 14.23 3.15 31.05
CA TYR I 95 13.44 4.27 30.56
C TYR I 95 14.27 5.30 29.83
N GLU I 96 15.57 5.28 30.08
CA GLU I 96 16.47 6.22 29.46
C GLU I 96 16.52 5.97 27.95
N ARG I 97 16.03 4.80 27.55
CA ARG I 97 16.00 4.40 26.16
C ARG I 97 14.54 4.25 25.76
N ARG I 98 13.67 5.07 26.35
CA ARG I 98 12.24 5.00 26.08
C ARG I 98 11.84 4.91 24.61
N PHE I 99 12.56 5.63 23.74
CA PHE I 99 12.20 5.62 22.33
C PHE I 99 13.10 4.77 21.44
N GLY I 100 13.91 3.93 22.07
CA GLY I 100 14.80 3.01 21.37
C GLY I 100 15.17 2.00 22.42
N PRO I 101 14.16 1.30 22.98
CA PRO I 101 14.32 0.30 24.03
C PRO I 101 15.12 -0.94 23.75
N TYR I 102 15.63 -1.52 24.84
CA TYR I 102 16.36 -2.76 24.79
C TYR I 102 15.19 -3.73 24.82
N PHE I 103 15.18 -4.73 23.94
CA PHE I 103 14.08 -5.68 23.92
C PHE I 103 14.29 -6.79 24.92
N VAL I 104 14.08 -6.47 26.19
CA VAL I 104 14.29 -7.42 27.27
C VAL I 104 13.20 -7.39 28.31
N GLY I 105 13.17 -8.43 29.15
CA GLY I 105 12.21 -8.52 30.22
C GLY I 105 12.97 -8.89 31.48
N PRO I 106 13.50 -7.91 32.22
CA PRO I 106 14.27 -8.15 33.45
C PRO I 106 13.49 -8.65 34.66
N VAL I 107 14.19 -9.40 35.51
CA VAL I 107 13.65 -9.94 36.75
C VAL I 107 14.70 -9.82 37.83
N VAL I 108 14.33 -9.22 38.96
CA VAL I 108 15.26 -9.03 40.07
C VAL I 108 14.88 -9.90 41.26
N ALA I 109 15.88 -10.56 41.84
CA ALA I 109 15.69 -11.44 43.00
C ALA I 109 16.85 -11.30 43.98
N GLY I 110 16.52 -11.19 45.26
CA GLY I 110 17.55 -11.07 46.28
C GLY I 110 16.96 -10.86 47.66
N ILE I 111 17.82 -10.82 48.68
CA ILE I 111 17.37 -10.63 50.05
C ILE I 111 18.09 -9.41 50.60
N ASN I 112 17.33 -8.47 51.15
CA ASN I 112 17.93 -7.26 51.70
C ASN I 112 18.87 -7.62 52.82
N SER I 113 20.17 -7.55 52.55
CA SER I 113 21.18 -7.89 53.55
C SER I 113 21.04 -7.18 54.91
N LYS I 114 20.28 -6.09 54.96
CA LYS I 114 20.11 -5.37 56.22
C LYS I 114 18.81 -5.73 56.95
N SER I 115 17.77 -6.08 56.19
CA SER I 115 16.49 -6.43 56.79
C SER I 115 16.15 -7.90 56.59
N GLY I 116 17.03 -8.64 55.92
CA GLY I 116 16.82 -10.07 55.69
C GLY I 116 15.55 -10.45 54.95
N LYS I 117 14.76 -9.44 54.58
CA LYS I 117 13.50 -9.61 53.86
C LYS I 117 13.70 -10.00 52.38
N PRO I 118 12.95 -11.00 51.89
CA PRO I 118 13.06 -11.45 50.49
C PRO I 118 12.51 -10.42 49.52
N PHE I 119 13.04 -10.39 48.31
CA PHE I 119 12.60 -9.42 47.32
C PHE I 119 12.69 -9.87 45.86
N ILE I 120 11.61 -9.65 45.12
CA ILE I 120 11.57 -9.97 43.70
C ILE I 120 10.81 -8.89 42.98
N ALA I 121 11.21 -8.60 41.74
CA ALA I 121 10.57 -7.59 40.91
C ALA I 121 10.75 -7.89 39.42
N GLY I 122 9.83 -7.35 38.62
CA GLY I 122 9.88 -7.54 37.17
C GLY I 122 9.58 -6.21 36.49
N PHE I 123 10.06 -6.03 35.26
CA PHE I 123 9.79 -4.79 34.54
C PHE I 123 9.52 -5.11 33.08
N ASP I 124 8.88 -4.17 32.37
CA ASP I 124 8.64 -4.36 30.95
C ASP I 124 9.85 -3.73 30.24
N LEU I 125 9.91 -3.81 28.92
CA LEU I 125 11.05 -3.27 28.18
C LEU I 125 11.39 -1.79 28.41
N ILE I 126 10.45 -1.00 28.89
CA ILE I 126 10.75 0.41 29.15
C ILE I 126 10.84 0.77 30.63
N GLY I 127 11.09 -0.22 31.47
CA GLY I 127 11.25 0.07 32.89
C GLY I 127 10.08 0.08 33.87
N CYS I 128 8.86 -0.18 33.42
CA CYS I 128 7.75 -0.17 34.36
C CYS I 128 7.95 -1.26 35.40
N ILE I 129 8.11 -0.86 36.65
CA ILE I 129 8.31 -1.84 37.70
C ILE I 129 7.03 -2.57 38.08
N ASP I 130 7.17 -3.88 38.16
CA ASP I 130 6.09 -4.80 38.45
C ASP I 130 6.48 -5.47 39.78
N GLU I 131 5.87 -5.04 40.89
CA GLU I 131 6.22 -5.61 42.18
C GLU I 131 5.24 -6.63 42.71
N ALA I 132 5.78 -7.77 43.13
CA ALA I 132 4.96 -8.84 43.64
C ALA I 132 5.64 -9.47 44.84
N LYS I 133 4.84 -10.05 45.72
CA LYS I 133 5.36 -10.71 46.90
C LYS I 133 5.45 -12.23 46.70
N ASP I 134 4.84 -12.73 45.64
CA ASP I 134 4.85 -14.18 45.36
C ASP I 134 5.79 -14.63 44.24
N PHE I 135 5.48 -14.28 42.99
CA PHE I 135 6.32 -14.69 41.85
C PHE I 135 6.31 -13.69 40.70
N ILE I 136 7.33 -13.81 39.84
CA ILE I 136 7.49 -12.96 38.65
C ILE I 136 7.90 -13.86 37.47
N VAL I 137 7.33 -13.60 36.30
CA VAL I 137 7.64 -14.39 35.11
C VAL I 137 8.12 -13.53 33.93
N SER I 138 8.83 -14.16 33.00
CA SER I 138 9.34 -13.43 31.84
C SER I 138 9.82 -14.36 30.73
N GLY I 139 9.69 -13.92 29.49
CA GLY I 139 10.15 -14.75 28.39
C GLY I 139 9.06 -15.19 27.43
N THR I 140 9.46 -15.94 26.41
CA THR I 140 8.55 -16.41 25.39
C THR I 140 7.45 -17.36 25.89
N ALA I 141 7.62 -17.91 27.09
CA ALA I 141 6.63 -18.82 27.66
C ALA I 141 6.06 -18.23 28.94
N SER I 142 5.91 -16.91 28.97
CA SER I 142 5.39 -16.21 30.14
C SER I 142 3.95 -16.56 30.49
N ASP I 143 3.15 -16.95 29.50
CA ASP I 143 1.76 -17.33 29.75
C ASP I 143 1.71 -18.66 30.48
N GLN I 144 2.53 -19.60 30.01
CA GLN I 144 2.60 -20.90 30.62
C GLN I 144 3.16 -20.76 32.02
N LEU I 145 4.20 -19.93 32.18
CA LEU I 145 4.77 -19.71 33.50
C LEU I 145 3.74 -19.13 34.46
N PHE I 146 2.90 -18.23 33.97
CA PHE I 146 1.85 -17.65 34.80
C PHE I 146 0.88 -18.75 35.15
N GLY I 147 0.62 -19.60 34.17
CA GLY I 147 -0.28 -20.71 34.38
C GLY I 147 0.21 -21.57 35.54
N MET I 148 1.44 -22.05 35.45
CA MET I 148 2.03 -22.88 36.50
C MET I 148 2.03 -22.16 37.84
N CYS I 149 2.81 -21.08 37.92
CA CYS I 149 2.91 -20.30 39.15
C CYS I 149 1.57 -20.09 39.83
N GLU I 150 0.62 -19.52 39.11
CA GLU I 150 -0.68 -19.24 39.66
C GLU I 150 -1.32 -20.44 40.39
N SER I 151 -1.07 -21.64 39.89
CA SER I 151 -1.63 -22.86 40.52
C SER I 151 -0.71 -23.46 41.58
N LEU I 152 0.49 -23.86 41.15
CA LEU I 152 1.47 -24.49 42.01
C LEU I 152 1.92 -23.71 43.24
N TYR I 153 1.97 -22.40 43.15
CA TYR I 153 2.45 -21.59 44.27
C TYR I 153 1.57 -21.47 45.52
N GLU I 154 2.25 -21.42 46.66
CA GLU I 154 1.65 -21.25 47.98
C GLU I 154 2.73 -20.60 48.83
N PRO I 155 2.36 -19.65 49.70
CA PRO I 155 3.26 -18.90 50.59
C PRO I 155 4.22 -19.68 51.52
N ASN I 156 5.22 -18.93 52.00
CA ASN I 156 6.25 -19.41 52.91
C ASN I 156 6.78 -20.82 52.71
N LEU I 157 7.05 -21.20 51.47
CA LEU I 157 7.60 -22.52 51.23
C LEU I 157 9.04 -22.55 51.74
N GLU I 158 9.52 -23.73 52.13
CA GLU I 158 10.88 -23.85 52.62
C GLU I 158 11.82 -24.07 51.44
N PRO I 159 13.07 -23.61 51.57
CA PRO I 159 14.07 -23.75 50.51
C PRO I 159 13.99 -25.04 49.68
N GLU I 160 13.97 -26.20 50.35
CA GLU I 160 13.93 -27.48 49.67
C GLU I 160 12.61 -27.74 48.96
N ASP I 161 11.57 -27.02 49.38
CA ASP I 161 10.26 -27.14 48.77
C ASP I 161 10.11 -26.10 47.66
N LEU I 162 10.44 -24.86 47.95
CA LEU I 162 10.36 -23.79 46.97
C LEU I 162 11.08 -24.23 45.70
N PHE I 163 12.19 -24.91 45.88
CA PHE I 163 12.98 -25.42 44.77
C PHE I 163 12.14 -26.32 43.89
N GLU I 164 11.44 -27.27 44.50
CA GLU I 164 10.58 -28.20 43.78
C GLU I 164 9.54 -27.44 42.99
N THR I 165 8.89 -26.48 43.66
CA THR I 165 7.86 -25.67 43.04
C THR I 165 8.40 -24.89 41.84
N ILE I 166 9.36 -24.02 42.08
CA ILE I 166 9.97 -23.23 41.02
C ILE I 166 10.39 -24.13 39.86
N SER I 167 11.08 -25.23 40.14
CA SER I 167 11.55 -26.16 39.10
C SER I 167 10.45 -26.76 38.25
N GLN I 168 9.33 -27.12 38.87
CA GLN I 168 8.22 -27.72 38.14
C GLN I 168 7.51 -26.66 37.31
N ALA I 169 7.47 -25.43 37.84
CA ALA I 169 6.83 -24.33 37.13
C ALA I 169 7.63 -24.06 35.85
N LEU I 170 8.95 -23.91 36.00
CA LEU I 170 9.83 -23.67 34.86
C LEU I 170 9.77 -24.79 33.84
N LEU I 171 10.05 -26.01 34.30
CA LEU I 171 10.08 -27.20 33.46
C LEU I 171 8.85 -27.42 32.58
N ASN I 172 7.66 -27.34 33.17
CA ASN I 172 6.44 -27.60 32.40
C ASN I 172 6.01 -26.51 31.45
N ALA I 173 6.48 -25.28 31.67
CA ALA I 173 6.14 -24.19 30.78
C ALA I 173 7.09 -24.30 29.58
N ALA I 174 8.36 -24.51 29.86
CA ALA I 174 9.36 -24.63 28.82
C ALA I 174 9.04 -25.74 27.83
N ASP I 175 8.26 -26.71 28.28
CA ASP I 175 7.90 -27.84 27.43
C ASP I 175 6.75 -27.55 26.50
N ARG I 176 6.01 -26.49 26.80
CA ARG I 176 4.88 -26.06 25.98
C ARG I 176 5.32 -24.89 25.07
N ASP I 177 6.59 -24.51 25.17
CA ASP I 177 7.16 -23.44 24.36
C ASP I 177 8.27 -23.98 23.47
N ALA I 178 8.11 -23.81 22.17
CA ALA I 178 9.09 -24.28 21.20
C ALA I 178 10.41 -23.54 21.30
N LEU I 179 10.36 -22.28 21.72
CA LEU I 179 11.54 -21.45 21.85
C LEU I 179 12.29 -21.51 23.17
N SER I 180 11.81 -22.34 24.10
CA SER I 180 12.45 -22.48 25.40
C SER I 180 12.82 -23.92 25.70
N GLY I 181 13.72 -24.09 26.66
CA GLY I 181 14.15 -25.42 27.06
C GLY I 181 15.64 -25.65 26.88
N TRP I 182 16.00 -26.83 26.42
CA TRP I 182 17.40 -27.17 26.18
C TRP I 182 18.27 -27.03 27.42
N GLY I 183 17.66 -27.21 28.58
CA GLY I 183 18.41 -27.12 29.81
C GLY I 183 17.80 -26.06 30.70
N ALA I 184 18.06 -26.15 31.99
CA ALA I 184 17.55 -25.18 32.94
C ALA I 184 18.51 -25.11 34.11
N VAL I 185 18.35 -24.07 34.93
CA VAL I 185 19.20 -23.86 36.09
C VAL I 185 18.38 -23.07 37.12
N VAL I 186 18.40 -23.55 38.36
CA VAL I 186 17.66 -22.89 39.43
C VAL I 186 18.62 -22.37 40.48
N TYR I 187 18.26 -21.24 41.08
CA TYR I 187 19.07 -20.61 42.13
C TYR I 187 18.24 -20.51 43.41
N ILE I 188 18.73 -21.08 44.51
CA ILE I 188 18.02 -20.99 45.78
C ILE I 188 18.83 -20.03 46.65
N ILE I 189 18.24 -18.89 46.94
CA ILE I 189 18.90 -17.85 47.70
C ILE I 189 18.43 -17.69 49.14
N LYS I 190 19.41 -17.60 50.04
CA LYS I 190 19.17 -17.42 51.47
C LYS I 190 20.07 -16.32 51.98
N LYS I 191 19.70 -15.73 53.12
CA LYS I 191 20.46 -14.64 53.75
C LYS I 191 21.98 -14.80 53.83
N ASP I 192 22.47 -15.99 53.50
CA ASP I 192 23.90 -16.27 53.59
C ASP I 192 24.48 -17.10 52.45
N GLU I 193 23.78 -18.19 52.08
CA GLU I 193 24.26 -19.05 51.01
C GLU I 193 23.31 -19.13 49.82
N VAL I 194 23.87 -19.48 48.67
CA VAL I 194 23.13 -19.60 47.42
C VAL I 194 23.52 -20.90 46.73
N VAL I 195 22.52 -21.72 46.41
CA VAL I 195 22.75 -23.00 45.76
C VAL I 195 22.33 -22.92 44.29
N LYS I 196 23.12 -23.55 43.42
CA LYS I 196 22.83 -23.54 41.99
C LYS I 196 22.70 -24.96 41.46
N ARG I 197 21.48 -25.33 41.07
CA ARG I 197 21.22 -26.67 40.54
C ARG I 197 20.80 -26.67 39.08
N TYR I 198 21.38 -27.56 38.27
CA TYR I 198 21.02 -27.69 36.87
C TYR I 198 20.00 -28.80 36.78
N LEU I 199 18.82 -28.50 36.24
CA LEU I 199 17.74 -29.47 36.14
C LEU I 199 17.86 -30.38 34.92
N LYS I 200 17.15 -31.51 34.96
CA LYS I 200 17.15 -32.48 33.86
C LYS I 200 15.83 -32.41 33.11
N MET I 201 15.89 -32.05 31.84
CA MET I 201 14.68 -31.93 31.03
C MET I 201 14.92 -32.43 29.62
N ARG I 202 13.84 -32.59 28.86
CA ARG I 202 13.95 -33.04 27.49
C ARG I 202 14.80 -32.09 26.66
N GLN I 203 15.45 -32.59 25.62
CA GLN I 203 16.28 -31.74 24.79
C GLN I 203 15.76 -31.62 23.35
N ASP I 204 14.46 -31.35 23.19
CA ASP I 204 13.87 -31.22 21.85
C ASP I 204 13.04 -29.94 21.64
N MET J 1 23.23 -18.67 1.08
CA MET J 1 24.32 -17.68 1.33
C MET J 1 25.68 -18.39 1.26
N ASP J 2 26.68 -17.85 1.97
CA ASP J 2 28.04 -18.39 2.02
C ASP J 2 28.15 -19.46 3.10
N ILE J 3 29.25 -20.21 3.07
CA ILE J 3 29.47 -21.26 4.07
C ILE J 3 30.54 -20.79 5.03
N ILE J 4 30.20 -20.79 6.31
CA ILE J 4 31.11 -20.38 7.36
C ILE J 4 30.95 -21.39 8.49
N LEU J 5 31.89 -22.33 8.54
CA LEU J 5 31.91 -23.38 9.55
C LEU J 5 33.15 -23.27 10.42
N GLY J 6 33.02 -23.71 11.66
CA GLY J 6 34.15 -23.68 12.56
C GLY J 6 34.05 -24.83 13.53
N ILE J 7 35.17 -25.48 13.81
CA ILE J 7 35.16 -26.58 14.76
C ILE J 7 36.40 -26.57 15.65
N ARG J 8 36.17 -26.67 16.95
CA ARG J 8 37.23 -26.67 17.93
C ARG J 8 37.53 -28.08 18.43
N VAL J 9 38.72 -28.57 18.08
CA VAL J 9 39.12 -29.91 18.48
C VAL J 9 40.03 -29.83 19.71
N GLN J 10 40.75 -30.91 19.97
CA GLN J 10 41.67 -31.00 21.10
C GLN J 10 42.65 -29.84 21.26
N ASP J 11 43.51 -29.62 20.29
CA ASP J 11 44.50 -28.57 20.40
C ASP J 11 44.50 -27.55 19.30
N SER J 12 43.35 -27.28 18.70
CA SER J 12 43.27 -26.31 17.63
C SER J 12 41.85 -26.02 17.22
N VAL J 13 41.70 -24.98 16.42
CA VAL J 13 40.40 -24.56 15.92
C VAL J 13 40.49 -24.58 14.40
N ILE J 14 39.47 -25.14 13.77
CA ILE J 14 39.45 -25.24 12.32
C ILE J 14 38.33 -24.38 11.76
N LEU J 15 38.64 -23.58 10.76
CA LEU J 15 37.64 -22.74 10.11
C LEU J 15 37.58 -23.08 8.62
N ALA J 16 36.38 -23.38 8.16
CA ALA J 16 36.13 -23.71 6.76
C ALA J 16 35.22 -22.61 6.23
N SER J 17 35.59 -22.02 5.09
CA SER J 17 34.84 -20.93 4.48
C SER J 17 34.74 -21.11 2.97
N SER J 18 33.52 -20.99 2.42
CA SER J 18 33.31 -21.16 0.97
C SER J 18 34.13 -20.18 0.14
N LYS J 19 34.45 -20.57 -1.08
CA LYS J 19 35.28 -19.75 -1.94
C LYS J 19 34.51 -18.93 -2.96
N ALA J 20 33.24 -19.25 -3.17
CA ALA J 20 32.45 -18.55 -4.16
C ALA J 20 32.05 -17.11 -3.79
N VAL J 21 32.00 -16.25 -4.80
CA VAL J 21 31.56 -14.87 -4.67
C VAL J 21 30.65 -14.65 -5.87
N THR J 22 29.34 -14.68 -5.61
CA THR J 22 28.33 -14.55 -6.65
C THR J 22 27.66 -13.19 -6.65
N ARG J 23 27.63 -12.56 -7.82
CA ARG J 23 26.98 -11.27 -7.96
C ARG J 23 25.88 -11.38 -9.00
N GLY J 24 24.67 -11.61 -8.49
CA GLY J 24 23.51 -11.73 -9.35
C GLY J 24 23.40 -13.07 -10.03
N ILE J 25 23.55 -13.04 -11.34
CA ILE J 25 23.42 -14.23 -12.16
C ILE J 25 24.75 -14.97 -12.37
N SER J 26 25.88 -14.29 -12.15
CA SER J 26 27.19 -14.90 -12.37
C SER J 26 28.07 -15.09 -11.12
N VAL J 27 28.92 -16.11 -11.16
CA VAL J 27 29.86 -16.39 -10.08
C VAL J 27 31.16 -15.68 -10.45
N LEU J 28 31.41 -14.52 -9.85
CA LEU J 28 32.60 -13.72 -10.15
C LEU J 28 33.95 -14.30 -9.78
N LYS J 29 34.01 -15.02 -8.67
CA LYS J 29 35.29 -15.57 -8.24
C LYS J 29 35.05 -16.89 -7.54
N ASP J 30 36.01 -17.81 -7.66
CA ASP J 30 35.89 -19.14 -7.05
C ASP J 30 37.07 -19.46 -6.13
N SER J 31 37.72 -18.42 -5.64
CA SER J 31 38.87 -18.58 -4.77
C SER J 31 38.95 -17.40 -3.80
N ASP J 32 37.84 -17.11 -3.14
CA ASP J 32 37.81 -16.00 -2.20
C ASP J 32 38.11 -16.46 -0.78
N ASP J 33 38.98 -15.72 -0.10
CA ASP J 33 39.35 -16.04 1.27
C ASP J 33 38.54 -15.18 2.23
N LYS J 34 37.45 -15.74 2.75
CA LYS J 34 36.55 -15.03 3.66
C LYS J 34 37.08 -14.96 5.08
N THR J 35 38.35 -14.64 5.22
CA THR J 35 38.98 -14.56 6.52
C THR J 35 40.07 -13.49 6.68
N ARG J 36 40.34 -13.14 7.93
CA ARG J 36 41.39 -12.17 8.27
C ARG J 36 42.11 -12.64 9.53
N GLN J 37 43.40 -12.37 9.60
CA GLN J 37 44.19 -12.74 10.76
C GLN J 37 44.23 -11.53 11.70
N LEU J 38 43.53 -11.62 12.83
CA LEU J 38 43.48 -10.52 13.77
C LEU J 38 44.79 -10.41 14.56
N SER J 39 45.44 -11.54 14.81
CA SER J 39 46.72 -11.55 15.52
C SER J 39 47.39 -12.87 15.18
N PRO J 40 48.65 -13.06 15.58
CA PRO J 40 49.32 -14.33 15.26
C PRO J 40 48.59 -15.62 15.67
N HIS J 41 47.78 -15.57 16.72
CA HIS J 41 47.03 -16.75 17.16
C HIS J 41 45.51 -16.61 17.13
N THR J 42 45.01 -15.60 16.43
CA THR J 42 43.56 -15.39 16.31
C THR J 42 43.11 -15.15 14.87
N LEU J 43 42.13 -15.94 14.44
CA LEU J 43 41.59 -15.86 13.09
C LEU J 43 40.09 -15.60 13.07
N MET J 44 39.64 -14.75 12.15
CA MET J 44 38.22 -14.44 12.03
C MET J 44 37.67 -14.64 10.61
N SER J 45 36.63 -15.47 10.50
CA SER J 45 35.99 -15.72 9.21
C SER J 45 34.69 -14.91 9.23
N PHE J 46 34.16 -14.58 8.06
CA PHE J 46 32.95 -13.75 8.00
C PHE J 46 32.14 -13.88 6.72
N ALA J 47 30.84 -13.65 6.84
CA ALA J 47 29.93 -13.72 5.70
C ALA J 47 28.76 -12.76 5.94
N GLY J 48 28.25 -12.17 4.86
CA GLY J 48 27.14 -11.25 4.98
C GLY J 48 26.99 -10.31 3.80
N GLU J 49 26.54 -9.10 4.09
CA GLU J 49 26.34 -8.06 3.09
C GLU J 49 27.58 -7.79 2.24
N ALA J 50 27.36 -7.49 0.96
CA ALA J 50 28.42 -7.23 -0.01
C ALA J 50 29.61 -6.35 0.39
N GLY J 51 29.37 -5.12 0.83
CA GLY J 51 30.52 -4.30 1.17
C GLY J 51 30.92 -4.39 2.63
N ASP J 52 29.91 -4.39 3.50
CA ASP J 52 30.07 -4.44 4.96
C ASP J 52 30.98 -5.56 5.45
N THR J 53 30.92 -6.69 4.75
CA THR J 53 31.68 -7.86 5.12
C THR J 53 33.18 -7.65 5.26
N VAL J 54 33.85 -7.26 4.19
CA VAL J 54 35.28 -7.04 4.25
C VAL J 54 35.65 -5.77 5.03
N GLN J 55 34.83 -4.73 4.88
CA GLN J 55 35.09 -3.47 5.57
C GLN J 55 35.13 -3.68 7.06
N PHE J 56 34.22 -4.50 7.57
CA PHE J 56 34.18 -4.77 9.00
C PHE J 56 35.39 -5.56 9.45
N ALA J 57 35.71 -6.63 8.73
CA ALA J 57 36.85 -7.45 9.10
C ALA J 57 38.15 -6.65 9.16
N GLU J 58 38.42 -5.86 8.11
CA GLU J 58 39.63 -5.05 8.05
C GLU J 58 39.64 -3.96 9.11
N TYR J 59 38.46 -3.50 9.50
CA TYR J 59 38.40 -2.49 10.55
C TYR J 59 38.77 -3.15 11.87
N ILE J 60 38.24 -4.35 12.09
CA ILE J 60 38.52 -5.08 13.33
C ILE J 60 39.99 -5.48 13.38
N GLN J 61 40.51 -5.91 12.24
CA GLN J 61 41.91 -6.32 12.17
C GLN J 61 42.79 -5.14 12.55
N ALA J 62 42.54 -4.00 11.93
CA ALA J 62 43.34 -2.81 12.19
C ALA J 62 43.41 -2.49 13.68
N ASN J 63 42.26 -2.50 14.36
CA ASN J 63 42.25 -2.20 15.79
C ASN J 63 43.03 -3.19 16.61
N ILE J 64 42.93 -4.47 16.30
CA ILE J 64 43.66 -5.48 17.05
C ILE J 64 45.18 -5.32 16.86
N GLN J 65 45.61 -5.03 15.64
CA GLN J 65 47.03 -4.85 15.38
C GLN J 65 47.54 -3.62 16.10
N LEU J 66 46.69 -2.59 16.21
CA LEU J 66 47.09 -1.37 16.89
C LEU J 66 47.29 -1.67 18.37
N TYR J 67 46.38 -2.46 18.95
CA TYR J 67 46.48 -2.81 20.36
C TYR J 67 47.77 -3.60 20.60
N SER J 68 48.06 -4.53 19.69
CA SER J 68 49.27 -5.34 19.83
C SER J 68 50.52 -4.47 19.82
N ILE J 69 50.60 -3.49 18.93
CA ILE J 69 51.78 -2.63 18.92
C ILE J 69 51.85 -1.70 20.13
N ARG J 70 50.73 -1.06 20.47
CA ARG J 70 50.72 -0.16 21.60
C ARG J 70 51.13 -0.86 22.90
N GLU J 71 50.66 -2.09 23.08
CA GLU J 71 50.91 -2.85 24.29
C GLU J 71 51.97 -3.96 24.21
N ASP J 72 52.48 -4.23 23.02
CA ASP J 72 53.47 -5.30 22.83
C ASP J 72 52.95 -6.56 23.52
N TYR J 73 51.71 -6.91 23.22
CA TYR J 73 51.06 -8.07 23.80
C TYR J 73 49.92 -8.47 22.86
N GLU J 74 49.50 -9.73 22.94
CA GLU J 74 48.44 -10.25 22.11
C GLU J 74 47.22 -10.54 22.96
N LEU J 75 46.12 -9.84 22.70
CA LEU J 75 44.90 -10.03 23.46
C LEU J 75 44.42 -11.46 23.37
N SER J 76 43.81 -11.95 24.44
CA SER J 76 43.30 -13.31 24.46
C SER J 76 42.12 -13.43 23.50
N PRO J 77 41.87 -14.64 22.99
CA PRO J 77 40.76 -14.79 22.05
C PRO J 77 39.47 -14.29 22.67
N GLN J 78 39.30 -14.54 23.97
CA GLN J 78 38.10 -14.11 24.65
C GLN J 78 38.01 -12.58 24.56
N ALA J 79 39.12 -11.90 24.82
CA ALA J 79 39.14 -10.44 24.78
C ALA J 79 38.82 -9.91 23.39
N VAL J 80 39.45 -10.48 22.36
CA VAL J 80 39.17 -10.02 21.02
C VAL J 80 37.71 -10.19 20.64
N SER J 81 37.13 -11.34 20.98
CA SER J 81 35.73 -11.59 20.65
C SER J 81 34.78 -10.63 21.38
N SER J 82 35.09 -10.33 22.63
CA SER J 82 34.25 -9.41 23.39
C SER J 82 34.31 -8.04 22.74
N PHE J 83 35.47 -7.69 22.22
CA PHE J 83 35.65 -6.41 21.58
C PHE J 83 34.79 -6.39 20.33
N VAL J 84 34.91 -7.44 19.51
CA VAL J 84 34.13 -7.54 18.28
C VAL J 84 32.62 -7.56 18.57
N ARG J 85 32.18 -8.21 19.64
CA ARG J 85 30.75 -8.21 19.92
C ARG J 85 30.33 -6.78 20.13
N GLN J 86 31.02 -6.09 21.04
CA GLN J 86 30.67 -4.71 21.32
C GLN J 86 30.56 -3.87 20.06
N GLU J 87 31.46 -4.08 19.11
CA GLU J 87 31.39 -3.32 17.88
C GLU J 87 30.09 -3.62 17.13
N LEU J 88 29.73 -4.90 17.01
CA LEU J 88 28.50 -5.24 16.30
C LEU J 88 27.27 -4.76 17.07
N ALA J 89 27.28 -4.92 18.38
CA ALA J 89 26.15 -4.48 19.18
C ALA J 89 25.94 -2.97 19.06
N LYS J 90 26.99 -2.22 18.77
CA LYS J 90 26.91 -0.76 18.60
C LYS J 90 26.29 -0.41 17.26
N SER J 91 26.78 -1.06 16.21
CA SER J 91 26.30 -0.81 14.85
C SER J 91 24.86 -1.26 14.63
N ILE J 92 24.37 -2.17 15.45
CA ILE J 92 23.01 -2.63 15.24
C ILE J 92 21.97 -1.53 15.45
N ARG J 93 22.27 -0.58 16.34
CA ARG J 93 21.33 0.51 16.58
C ARG J 93 21.79 1.80 15.92
N SER J 94 22.72 1.71 14.98
CA SER J 94 23.20 2.91 14.28
C SER J 94 22.41 3.18 13.00
N ARG J 95 22.80 4.24 12.28
CA ARG J 95 22.13 4.64 11.05
C ARG J 95 22.13 3.52 10.02
N ARG J 96 23.32 2.99 9.73
CA ARG J 96 23.44 1.90 8.78
C ARG J 96 24.32 0.82 9.41
N PRO J 97 23.69 -0.26 9.92
CA PRO J 97 24.37 -1.39 10.56
C PRO J 97 25.16 -2.30 9.64
N TYR J 98 26.27 -2.81 10.15
CA TYR J 98 27.10 -3.74 9.41
C TYR J 98 26.31 -5.05 9.41
N GLN J 99 26.01 -5.59 8.24
CA GLN J 99 25.30 -6.86 8.21
C GLN J 99 26.37 -7.92 8.00
N VAL J 100 27.04 -8.29 9.10
CA VAL J 100 28.11 -9.28 9.03
C VAL J 100 28.01 -10.29 10.15
N ASN J 101 28.28 -11.55 9.81
CA ASN J 101 28.29 -12.63 10.80
C ASN J 101 29.73 -13.14 10.86
N VAL J 102 30.23 -13.43 12.06
CA VAL J 102 31.60 -13.89 12.15
C VAL J 102 31.84 -15.07 13.07
N LEU J 103 32.97 -15.73 12.82
CA LEU J 103 33.44 -16.86 13.64
C LEU J 103 34.84 -16.45 14.03
N ILE J 104 35.12 -16.45 15.32
CA ILE J 104 36.44 -16.09 15.76
C ILE J 104 37.04 -17.32 16.38
N GLY J 105 38.18 -17.75 15.83
CA GLY J 105 38.85 -18.91 16.35
C GLY J 105 40.27 -18.54 16.70
N GLY J 106 40.66 -18.85 17.94
CA GLY J 106 42.01 -18.51 18.37
C GLY J 106 42.55 -19.54 19.35
N TYR J 107 43.86 -19.48 19.60
CA TYR J 107 44.50 -20.38 20.54
C TYR J 107 45.03 -19.51 21.66
N ASP J 108 44.47 -19.70 22.86
CA ASP J 108 44.85 -18.90 24.02
C ASP J 108 46.18 -19.40 24.62
N LYS J 109 47.27 -18.81 24.14
CA LYS J 109 48.62 -19.18 24.59
C LYS J 109 48.81 -19.15 26.11
N LYS J 110 47.94 -18.44 26.82
CA LYS J 110 48.03 -18.33 28.26
C LYS J 110 47.30 -19.46 28.99
N LYS J 111 46.24 -20.00 28.37
CA LYS J 111 45.49 -21.11 28.96
C LYS J 111 45.87 -22.40 28.23
N ASN J 112 46.51 -22.25 27.08
CA ASN J 112 46.93 -23.37 26.22
C ASN J 112 45.76 -24.21 25.78
N LYS J 113 44.69 -23.53 25.35
CA LYS J 113 43.47 -24.17 24.88
C LYS J 113 42.88 -23.43 23.69
N PRO J 114 42.38 -24.17 22.68
CA PRO J 114 41.80 -23.51 21.51
C PRO J 114 40.40 -23.03 21.86
N GLU J 115 39.95 -21.95 21.22
CA GLU J 115 38.62 -21.43 21.52
C GLU J 115 37.91 -20.98 20.25
N LEU J 116 36.61 -21.27 20.18
CA LEU J 116 35.77 -20.90 19.02
C LEU J 116 34.58 -20.06 19.45
N TYR J 117 34.46 -18.88 18.84
CA TYR J 117 33.39 -17.94 19.14
C TYR J 117 32.54 -17.64 17.93
N GLN J 118 31.22 -17.60 18.13
CA GLN J 118 30.28 -17.31 17.06
C GLN J 118 29.54 -16.03 17.42
N ILE J 119 29.57 -15.05 16.52
CA ILE J 119 28.86 -13.79 16.75
C ILE J 119 28.09 -13.38 15.50
N ASP J 120 26.79 -13.13 15.64
CA ASP J 120 26.00 -12.72 14.50
C ASP J 120 25.94 -11.19 14.44
N TYR J 121 25.47 -10.66 13.32
CA TYR J 121 25.41 -9.21 13.10
C TYR J 121 24.72 -8.41 14.18
N LEU J 122 23.88 -9.03 14.99
CA LEU J 122 23.19 -8.32 16.07
C LEU J 122 24.08 -8.11 17.28
N GLY J 123 25.20 -8.83 17.32
CA GLY J 123 26.10 -8.76 18.45
C GLY J 123 25.78 -9.88 19.44
N THR J 124 25.25 -10.99 18.94
CA THR J 124 24.90 -12.16 19.76
C THR J 124 26.11 -13.09 19.78
N LYS J 125 26.81 -13.14 20.90
CA LYS J 125 27.98 -14.00 20.99
C LYS J 125 27.76 -15.24 21.84
N VAL J 126 28.31 -16.35 21.37
CA VAL J 126 28.19 -17.62 22.08
C VAL J 126 29.49 -18.39 21.84
N GLU J 127 29.96 -19.14 22.84
CA GLU J 127 31.18 -19.93 22.67
C GLU J 127 30.77 -21.36 22.40
N LEU J 128 31.33 -21.97 21.37
CA LEU J 128 30.95 -23.33 21.00
C LEU J 128 32.05 -24.28 20.58
N PRO J 129 31.76 -25.59 20.59
CA PRO J 129 32.66 -26.67 20.20
C PRO J 129 32.78 -26.54 18.69
N TYR J 130 31.64 -26.34 18.06
CA TYR J 130 31.53 -26.16 16.61
C TYR J 130 30.32 -25.27 16.35
N GLY J 131 30.47 -24.38 15.37
CA GLY J 131 29.41 -23.46 15.01
C GLY J 131 29.38 -23.15 13.52
N ALA J 132 28.32 -22.48 13.09
CA ALA J 132 28.12 -22.12 11.68
C ALA J 132 27.15 -20.94 11.58
N HIS J 133 27.24 -20.22 10.48
CA HIS J 133 26.36 -19.07 10.24
C HIS J 133 25.53 -19.31 9.00
N GLY J 134 24.33 -18.72 8.99
CA GLY J 134 23.46 -18.88 7.84
C GLY J 134 22.76 -20.21 7.81
N TYR J 135 22.69 -20.80 6.63
CA TYR J 135 22.03 -22.08 6.44
C TYR J 135 22.96 -23.24 6.73
N SER J 136 24.26 -22.94 6.74
CA SER J 136 25.28 -23.95 6.98
C SER J 136 24.90 -24.87 8.14
N GLY J 137 24.53 -24.29 9.27
CA GLY J 137 24.16 -25.09 10.43
C GLY J 137 23.09 -26.14 10.15
N PHE J 138 22.06 -25.74 9.42
CA PHE J 138 20.96 -26.63 9.10
C PHE J 138 21.34 -27.98 8.52
N TYR J 139 22.41 -28.03 7.73
CA TYR J 139 22.85 -29.29 7.12
C TYR J 139 23.89 -30.02 7.95
N THR J 140 24.77 -29.25 8.58
CA THR J 140 25.87 -29.79 9.35
C THR J 140 25.67 -30.10 10.83
N PHE J 141 24.92 -29.27 11.55
CA PHE J 141 24.74 -29.50 12.97
C PHE J 141 24.34 -30.92 13.39
N SER J 142 23.61 -31.64 12.54
CA SER J 142 23.20 -32.99 12.91
C SER J 142 24.41 -33.91 12.83
N LEU J 143 25.27 -33.69 11.83
CA LEU J 143 26.48 -34.50 11.67
C LEU J 143 27.45 -34.22 12.81
N LEU J 144 27.62 -32.94 13.15
CA LEU J 144 28.52 -32.58 14.23
C LEU J 144 28.00 -33.04 15.59
N ASP J 145 26.69 -32.90 15.82
CA ASP J 145 26.13 -33.34 17.09
C ASP J 145 26.48 -34.81 17.32
N HIS J 146 26.42 -35.58 16.24
CA HIS J 146 26.70 -37.00 16.27
C HIS J 146 28.18 -37.36 16.48
N HIS J 147 29.00 -37.07 15.47
CA HIS J 147 30.42 -37.39 15.49
C HIS J 147 31.36 -36.52 16.32
N TYR J 148 30.89 -35.43 16.92
CA TYR J 148 31.84 -34.60 17.65
C TYR J 148 32.27 -35.10 19.03
N ARG J 149 33.58 -35.08 19.25
CA ARG J 149 34.20 -35.47 20.52
C ARG J 149 35.29 -34.45 20.90
N PRO J 150 35.23 -33.90 22.13
CA PRO J 150 36.16 -32.91 22.68
C PRO J 150 37.64 -33.22 22.58
N ASP J 151 37.99 -34.49 22.46
CA ASP J 151 39.39 -34.92 22.39
C ASP J 151 39.87 -35.27 20.97
N MET J 152 39.06 -34.95 19.97
CA MET J 152 39.42 -35.21 18.58
C MET J 152 40.76 -34.58 18.24
N THR J 153 41.49 -35.23 17.35
CA THR J 153 42.77 -34.68 16.94
C THR J 153 42.48 -33.76 15.77
N THR J 154 43.42 -32.88 15.44
CA THR J 154 43.23 -31.97 14.33
C THR J 154 42.87 -32.78 13.10
N GLU J 155 43.39 -34.00 13.03
CA GLU J 155 43.11 -34.86 11.91
C GLU J 155 41.67 -35.38 11.90
N GLU J 156 41.16 -35.76 13.06
CA GLU J 156 39.80 -36.26 13.15
C GLU J 156 38.84 -35.12 12.84
N GLY J 157 39.28 -33.90 13.18
CA GLY J 157 38.47 -32.72 12.92
C GLY J 157 38.37 -32.45 11.43
N LEU J 158 39.49 -32.50 10.73
CA LEU J 158 39.46 -32.27 9.29
C LEU J 158 38.62 -33.31 8.56
N ASP J 159 38.45 -34.48 9.16
CA ASP J 159 37.66 -35.53 8.53
C ASP J 159 36.18 -35.31 8.78
N LEU J 160 35.87 -34.75 9.94
CA LEU J 160 34.50 -34.46 10.32
C LEU J 160 34.01 -33.34 9.40
N LEU J 161 34.88 -32.37 9.11
CA LEU J 161 34.54 -31.25 8.22
C LEU J 161 34.28 -31.80 6.84
N LYS J 162 35.26 -32.52 6.34
CA LYS J 162 35.17 -33.13 5.03
C LYS J 162 33.77 -33.75 4.87
N LEU J 163 33.32 -34.45 5.92
CA LEU J 163 32.02 -35.08 5.88
C LEU J 163 30.91 -34.01 5.78
N CYS J 164 31.05 -32.95 6.60
CA CYS J 164 30.09 -31.85 6.60
C CYS J 164 30.01 -31.20 5.23
N VAL J 165 31.17 -30.86 4.67
CA VAL J 165 31.22 -30.23 3.37
C VAL J 165 30.56 -31.09 2.29
N GLN J 166 30.67 -32.41 2.42
CA GLN J 166 30.08 -33.33 1.43
C GLN J 166 28.56 -33.30 1.51
N GLU J 167 28.03 -33.27 2.73
CA GLU J 167 26.58 -33.22 2.93
C GLU J 167 26.08 -31.90 2.33
N LEU J 168 26.87 -30.85 2.49
CA LEU J 168 26.52 -29.55 1.95
C LEU J 168 26.54 -29.57 0.43
N GLU J 169 27.57 -30.19 -0.15
CA GLU J 169 27.66 -30.25 -1.60
C GLU J 169 26.56 -31.12 -2.20
N LYS J 170 25.94 -31.95 -1.37
CA LYS J 170 24.88 -32.82 -1.86
C LYS J 170 23.49 -32.21 -1.81
N ARG J 171 23.08 -31.77 -0.62
CA ARG J 171 21.77 -31.20 -0.39
C ARG J 171 21.55 -29.70 -0.58
N MET J 172 22.61 -28.90 -0.51
CA MET J 172 22.43 -27.46 -0.69
C MET J 172 22.31 -27.09 -2.16
N PRO J 173 21.33 -26.24 -2.52
CA PRO J 173 21.05 -25.77 -3.87
C PRO J 173 22.15 -24.98 -4.57
N MET J 174 22.95 -24.26 -3.80
CA MET J 174 24.00 -23.44 -4.37
C MET J 174 25.37 -24.10 -4.47
N ASP J 175 26.11 -23.73 -5.52
CA ASP J 175 27.45 -24.22 -5.75
C ASP J 175 28.35 -23.19 -5.07
N PHE J 176 28.88 -23.52 -3.89
CA PHE J 176 29.73 -22.56 -3.19
C PHE J 176 31.20 -22.69 -3.55
N LYS J 177 31.47 -23.45 -4.60
CA LYS J 177 32.83 -23.68 -5.10
C LYS J 177 33.87 -24.15 -4.09
N GLY J 178 33.48 -25.06 -3.21
CA GLY J 178 34.40 -25.58 -2.23
C GLY J 178 34.73 -24.62 -1.10
N VAL J 179 35.67 -25.02 -0.25
CA VAL J 179 36.04 -24.17 0.87
C VAL J 179 37.55 -24.04 1.01
N ILE J 180 37.96 -23.14 1.91
CA ILE J 180 39.36 -22.94 2.22
C ILE J 180 39.38 -23.26 3.70
N VAL J 181 40.33 -24.06 4.13
CA VAL J 181 40.40 -24.44 5.54
C VAL J 181 41.66 -23.88 6.18
N LYS J 182 41.55 -23.54 7.47
CA LYS J 182 42.69 -23.01 8.20
C LYS J 182 42.69 -23.54 9.63
N ILE J 183 43.89 -23.80 10.15
CA ILE J 183 44.04 -24.33 11.50
C ILE J 183 44.70 -23.29 12.40
N VAL J 184 44.17 -23.14 13.61
CA VAL J 184 44.73 -22.21 14.56
C VAL J 184 45.18 -23.04 15.78
N ASP J 185 46.47 -23.00 16.09
CA ASP J 185 46.98 -23.74 17.25
C ASP J 185 48.16 -23.05 17.89
N LYS J 186 48.71 -23.69 18.92
CA LYS J 186 49.85 -23.14 19.67
C LYS J 186 50.94 -22.57 18.77
N ASP J 187 50.96 -22.97 17.51
CA ASP J 187 51.98 -22.49 16.59
C ASP J 187 51.56 -21.41 15.60
N GLY J 188 50.33 -20.92 15.73
CA GLY J 188 49.86 -19.89 14.83
C GLY J 188 48.77 -20.35 13.88
N ILE J 189 48.72 -19.71 12.71
CA ILE J 189 47.69 -20.05 11.72
C ILE J 189 48.28 -20.59 10.43
N ARG J 190 47.78 -21.74 9.98
CA ARG J 190 48.26 -22.34 8.73
C ARG J 190 47.05 -22.76 7.91
N GLN J 191 47.22 -22.82 6.59
CA GLN J 191 46.14 -23.19 5.69
C GLN J 191 46.30 -24.55 5.05
N VAL J 192 45.32 -25.42 5.25
CA VAL J 192 45.33 -26.77 4.67
C VAL J 192 45.06 -26.64 3.18
N ASP J 193 46.08 -26.26 2.41
CA ASP J 193 45.92 -26.07 0.96
C ASP J 193 45.57 -27.32 0.14
N ASP J 194 45.04 -28.34 0.81
CA ASP J 194 44.64 -29.57 0.15
C ASP J 194 43.39 -30.18 0.77
N PHE J 195 42.26 -29.49 0.63
CA PHE J 195 41.00 -29.99 1.15
C PHE J 195 40.07 -30.20 -0.05
N GLN J 196 40.50 -29.65 -1.18
CA GLN J 196 39.77 -29.77 -2.45
C GLN J 196 39.68 -31.25 -2.80
N ALA J 197 40.60 -32.03 -2.24
CA ALA J 197 40.67 -33.48 -2.43
C ALA J 197 41.51 -34.11 -1.33
N GLN J 198 41.16 -33.82 -0.07
CA GLN J 198 41.88 -34.37 1.09
C GLN J 198 41.36 -35.77 1.41
N THR K 1 25.26 -3.01 -21.73
CA THR K 1 26.71 -2.87 -21.48
C THR K 1 27.43 -4.18 -21.28
N THR K 2 28.61 -4.26 -21.86
CA THR K 2 29.46 -5.43 -21.73
C THR K 2 30.86 -4.89 -21.61
N THR K 3 31.57 -5.26 -20.55
CA THR K 3 32.92 -4.80 -20.36
C THR K 3 33.70 -5.99 -19.83
N LEU K 4 34.91 -6.19 -20.34
CA LEU K 4 35.73 -7.27 -19.84
C LEU K 4 37.15 -6.77 -19.67
N ALA K 5 37.96 -7.59 -19.01
CA ALA K 5 39.34 -7.26 -18.76
C ALA K 5 39.97 -8.52 -18.20
N PHE K 6 41.13 -8.89 -18.73
CA PHE K 6 41.80 -10.07 -18.23
C PHE K 6 43.30 -9.94 -18.32
N ARG K 7 43.96 -10.70 -17.44
CA ARG K 7 45.40 -10.75 -17.31
C ARG K 7 45.99 -11.90 -18.11
N PHE K 8 47.18 -11.67 -18.67
CA PHE K 8 47.88 -12.71 -19.43
C PHE K 8 49.36 -12.32 -19.50
N GLN K 9 50.18 -13.24 -20.01
CA GLN K 9 51.60 -12.99 -20.14
C GLN K 9 51.91 -11.54 -20.59
N GLY K 10 51.31 -11.10 -21.69
CA GLY K 10 51.57 -9.77 -22.19
C GLY K 10 50.96 -8.60 -21.42
N GLY K 11 50.50 -8.86 -20.20
CA GLY K 11 49.88 -7.79 -19.41
C GLY K 11 48.37 -7.90 -19.25
N ILE K 12 47.66 -6.83 -19.60
CA ILE K 12 46.21 -6.81 -19.48
C ILE K 12 45.50 -6.37 -20.74
N ILE K 13 44.38 -7.02 -21.04
CA ILE K 13 43.57 -6.66 -22.19
C ILE K 13 42.25 -6.15 -21.64
N VAL K 14 41.78 -5.01 -22.15
CA VAL K 14 40.52 -4.45 -21.69
C VAL K 14 39.66 -4.16 -22.92
N ALA K 15 38.43 -4.67 -22.91
CA ALA K 15 37.52 -4.44 -24.04
C ALA K 15 36.13 -4.02 -23.56
N VAL K 16 35.55 -3.02 -24.21
CA VAL K 16 34.23 -2.55 -23.84
C VAL K 16 33.39 -2.31 -25.09
N ASP K 17 32.08 -2.17 -24.92
CA ASP K 17 31.19 -1.89 -26.04
C ASP K 17 30.92 -0.40 -25.89
N SER K 18 29.98 0.17 -26.62
CA SER K 18 29.75 1.60 -26.47
C SER K 18 28.31 2.06 -26.48
N ARG K 19 27.37 1.14 -26.29
CA ARG K 19 25.96 1.52 -26.30
C ARG K 19 25.44 1.99 -24.93
N ALA K 20 24.67 3.07 -24.96
CA ALA K 20 24.07 3.61 -23.75
C ALA K 20 22.57 3.66 -23.98
N THR K 21 21.82 3.36 -22.91
CA THR K 21 20.36 3.35 -23.01
C THR K 21 19.65 4.17 -21.95
N ALA K 22 18.34 4.23 -22.11
CA ALA K 22 17.41 4.92 -21.22
C ALA K 22 16.13 4.21 -21.63
N GLY K 23 15.91 3.05 -21.02
CA GLY K 23 14.74 2.26 -21.37
C GLY K 23 15.08 1.47 -22.62
N ASN K 24 14.22 1.54 -23.63
CA ASN K 24 14.45 0.83 -24.89
C ASN K 24 15.14 1.81 -25.85
N TRP K 25 15.37 3.02 -25.36
CA TRP K 25 16.01 4.05 -26.14
C TRP K 25 17.52 3.89 -26.16
N VAL K 26 18.07 3.83 -27.36
CA VAL K 26 19.50 3.73 -27.54
C VAL K 26 19.93 5.20 -27.55
N ALA K 27 20.35 5.68 -26.39
CA ALA K 27 20.76 7.07 -26.23
C ALA K 27 22.03 7.39 -27.01
N SER K 28 22.98 6.48 -26.98
CA SER K 28 24.23 6.69 -27.69
C SER K 28 24.86 5.36 -28.09
N GLN K 29 25.63 5.38 -29.17
CA GLN K 29 26.31 4.19 -29.66
C GLN K 29 27.81 4.48 -29.62
N THR K 30 28.13 5.70 -29.17
CA THR K 30 29.49 6.21 -29.13
C THR K 30 30.02 6.56 -27.74
N VAL K 31 29.65 5.78 -26.72
CA VAL K 31 30.09 6.08 -25.36
C VAL K 31 31.44 5.47 -25.02
N LYS K 32 32.30 6.26 -24.37
CA LYS K 32 33.61 5.74 -23.97
C LYS K 32 33.39 5.06 -22.65
N LYS K 33 33.40 3.73 -22.66
CA LYS K 33 33.19 2.99 -21.44
C LYS K 33 34.50 2.63 -20.78
N VAL K 34 35.57 3.28 -21.24
CA VAL K 34 36.88 3.06 -20.65
C VAL K 34 37.37 4.42 -20.22
N ILE K 35 37.42 4.63 -18.91
CA ILE K 35 37.91 5.88 -18.36
C ILE K 35 39.42 5.77 -18.24
N GLU K 36 40.13 6.73 -18.80
CA GLU K 36 41.59 6.73 -18.73
C GLU K 36 41.96 7.51 -17.47
N ILE K 37 42.06 6.80 -16.35
CA ILE K 37 42.39 7.40 -15.06
C ILE K 37 43.69 8.20 -15.19
N ASN K 38 44.68 7.57 -15.83
CA ASN K 38 45.97 8.19 -16.10
C ASN K 38 46.74 7.26 -17.02
N PRO K 39 47.84 7.74 -17.62
CA PRO K 39 48.69 6.96 -18.54
C PRO K 39 48.95 5.48 -18.20
N PHE K 40 48.80 5.12 -16.94
CA PHE K 40 49.06 3.73 -16.51
C PHE K 40 47.84 2.98 -15.97
N LEU K 41 46.79 3.72 -15.63
CA LEU K 41 45.59 3.12 -15.07
C LEU K 41 44.35 3.26 -15.91
N LEU K 42 43.57 2.17 -15.96
CA LEU K 42 42.32 2.14 -16.72
C LEU K 42 41.14 1.72 -15.85
N GLY K 43 39.98 2.28 -16.14
CA GLY K 43 38.76 1.94 -15.41
C GLY K 43 37.62 1.73 -16.39
N THR K 44 36.81 0.70 -16.16
CA THR K 44 35.68 0.42 -17.06
C THR K 44 34.35 0.96 -16.54
N MET K 45 33.44 1.25 -17.46
CA MET K 45 32.12 1.80 -17.12
C MET K 45 30.97 0.80 -17.25
N ALA K 46 30.23 0.64 -16.17
CA ALA K 46 29.08 -0.27 -16.13
C ALA K 46 28.12 0.29 -15.09
N GLY K 47 26.83 0.29 -15.40
CA GLY K 47 25.87 0.84 -14.47
C GLY K 47 25.63 2.30 -14.81
N GLY K 48 25.70 3.17 -13.81
CA GLY K 48 25.47 4.59 -14.08
C GLY K 48 26.64 5.25 -14.78
N ALA K 49 26.38 5.80 -15.97
CA ALA K 49 27.45 6.43 -16.72
C ALA K 49 28.06 7.57 -15.91
N ALA K 50 27.22 8.50 -15.48
CA ALA K 50 27.69 9.63 -14.69
C ALA K 50 28.52 9.16 -13.51
N ASP K 51 28.00 8.21 -12.75
CA ASP K 51 28.71 7.72 -11.56
C ASP K 51 30.11 7.18 -11.89
N CYS K 52 30.23 6.39 -12.94
CA CYS K 52 31.53 5.84 -13.32
C CYS K 52 32.47 6.92 -13.85
N GLN K 53 31.95 7.74 -14.76
CA GLN K 53 32.69 8.82 -15.37
C GLN K 53 33.19 9.83 -14.33
N PHE K 54 32.27 10.36 -13.54
CA PHE K 54 32.60 11.35 -12.52
C PHE K 54 33.58 10.84 -11.47
N TRP K 55 33.24 9.72 -10.84
CA TRP K 55 34.08 9.18 -9.78
C TRP K 55 35.41 8.62 -10.19
N GLU K 56 35.49 8.07 -11.39
CA GLU K 56 36.76 7.55 -11.83
C GLU K 56 37.65 8.69 -12.30
N THR K 57 37.05 9.78 -12.74
CA THR K 57 37.84 10.93 -13.14
C THR K 57 38.41 11.50 -11.84
N TRP K 58 37.57 11.55 -10.82
CA TRP K 58 37.99 12.03 -9.50
C TRP K 58 39.13 11.12 -9.02
N LEU K 59 39.00 9.82 -9.25
CA LEU K 59 40.03 8.87 -8.84
C LEU K 59 41.37 9.30 -9.41
N GLY K 60 41.38 9.62 -10.70
CA GLY K 60 42.60 10.07 -11.36
C GLY K 60 43.21 11.23 -10.61
N SER K 61 42.42 12.25 -10.34
CA SER K 61 42.92 13.41 -9.63
C SER K 61 43.52 13.00 -8.29
N GLN K 62 42.95 11.98 -7.66
CA GLN K 62 43.45 11.51 -6.37
C GLN K 62 44.77 10.74 -6.53
N CYS K 63 44.93 10.06 -7.66
CA CYS K 63 46.15 9.31 -7.93
C CYS K 63 47.29 10.27 -8.19
N ARG K 64 47.00 11.34 -8.92
CA ARG K 64 48.00 12.36 -9.24
C ARG K 64 48.55 12.96 -7.94
N LEU K 65 47.68 13.13 -6.94
CA LEU K 65 48.09 13.67 -5.64
C LEU K 65 48.99 12.69 -4.90
N HIS K 66 48.67 11.41 -5.00
CA HIS K 66 49.46 10.39 -4.33
C HIS K 66 50.91 10.46 -4.84
N GLU K 67 51.05 10.61 -6.16
CA GLU K 67 52.36 10.66 -6.79
C GLU K 67 53.14 11.94 -6.53
N LEU K 68 52.43 13.05 -6.36
CA LEU K 68 53.12 14.29 -6.07
C LEU K 68 53.61 14.22 -4.64
N ARG K 69 52.81 13.60 -3.79
CA ARG K 69 53.12 13.49 -2.36
C ARG K 69 54.18 12.44 -2.03
N GLU K 70 54.01 11.24 -2.58
CA GLU K 70 54.92 10.13 -2.32
C GLU K 70 56.02 9.95 -3.35
N LYS K 71 56.08 10.84 -4.34
CA LYS K 71 57.10 10.75 -5.38
C LYS K 71 57.31 9.31 -5.85
N GLU K 72 56.20 8.61 -6.07
CA GLU K 72 56.23 7.22 -6.54
C GLU K 72 54.87 6.81 -7.10
N ARG K 73 54.89 6.07 -8.20
CA ARG K 73 53.69 5.58 -8.88
C ARG K 73 52.74 4.85 -7.92
N ILE K 74 51.45 5.20 -7.98
CA ILE K 74 50.47 4.57 -7.11
C ILE K 74 50.17 3.14 -7.54
N SER K 75 50.04 2.24 -6.56
CA SER K 75 49.75 0.85 -6.88
C SER K 75 48.30 0.67 -7.26
N VAL K 76 48.01 -0.34 -8.08
CA VAL K 76 46.66 -0.62 -8.50
C VAL K 76 45.84 -1.04 -7.29
N ALA K 77 46.49 -1.54 -6.27
CA ALA K 77 45.78 -1.96 -5.07
C ALA K 77 45.26 -0.73 -4.31
N ALA K 78 46.10 0.29 -4.18
CA ALA K 78 45.73 1.50 -3.47
C ALA K 78 44.77 2.36 -4.29
N ALA K 79 44.96 2.40 -5.60
CA ALA K 79 44.10 3.20 -6.47
C ALA K 79 42.69 2.64 -6.39
N SER K 80 42.58 1.32 -6.51
CA SER K 80 41.28 0.68 -6.46
C SER K 80 40.62 0.90 -5.09
N LYS K 81 41.41 0.83 -4.03
CA LYS K 81 40.83 1.02 -2.70
C LYS K 81 40.36 2.46 -2.47
N ILE K 82 41.05 3.42 -3.08
CA ILE K 82 40.63 4.81 -2.93
C ILE K 82 39.18 4.87 -3.44
N LEU K 83 38.94 4.31 -4.62
CA LEU K 83 37.61 4.32 -5.21
C LEU K 83 36.57 3.51 -4.41
N SER K 84 36.90 2.28 -4.01
CA SER K 84 35.93 1.49 -3.27
C SER K 84 35.61 2.11 -1.90
N ASN K 85 36.59 2.72 -1.24
CA ASN K 85 36.32 3.31 0.07
C ASN K 85 35.41 4.53 -0.07
N LEU K 86 35.55 5.27 -1.17
CA LEU K 86 34.72 6.45 -1.43
C LEU K 86 33.31 5.93 -1.64
N VAL K 87 33.18 5.02 -2.59
CA VAL K 87 31.92 4.40 -2.95
C VAL K 87 31.17 3.85 -1.73
N TYR K 88 31.90 3.22 -0.81
CA TYR K 88 31.31 2.64 0.39
C TYR K 88 30.72 3.72 1.30
N GLN K 89 31.38 4.87 1.36
CA GLN K 89 30.90 5.98 2.17
C GLN K 89 29.47 6.32 1.74
N TYR K 90 29.17 6.09 0.46
CA TYR K 90 27.87 6.39 -0.11
C TYR K 90 26.91 5.21 -0.17
N LYS K 91 27.31 4.07 0.39
CA LYS K 91 26.48 2.86 0.33
C LYS K 91 25.03 3.12 0.72
N GLY K 92 24.12 2.72 -0.16
CA GLY K 92 22.71 2.91 0.09
C GLY K 92 22.15 4.23 -0.42
N ALA K 93 23.03 5.15 -0.82
CA ALA K 93 22.60 6.46 -1.30
C ALA K 93 22.03 6.43 -2.71
N GLY K 94 22.36 5.40 -3.49
CA GLY K 94 21.85 5.34 -4.85
C GLY K 94 22.87 5.17 -5.96
N LEU K 95 24.16 5.42 -5.67
CA LEU K 95 25.20 5.25 -6.69
C LEU K 95 25.07 3.88 -7.34
N SER K 96 25.35 3.82 -8.63
CA SER K 96 25.26 2.57 -9.36
C SER K 96 26.46 2.41 -10.27
N MET K 97 27.41 1.57 -9.86
CA MET K 97 28.58 1.34 -10.68
C MET K 97 29.27 -0.01 -10.50
N GLY K 98 29.64 -0.59 -11.65
CA GLY K 98 30.34 -1.86 -11.70
C GLY K 98 31.60 -1.51 -12.45
N THR K 99 32.77 -1.80 -11.88
CA THR K 99 33.98 -1.39 -12.56
C THR K 99 35.20 -2.24 -12.32
N MET K 100 36.09 -2.25 -13.31
CA MET K 100 37.38 -2.94 -13.21
C MET K 100 38.44 -1.84 -13.17
N ILE K 101 39.34 -1.90 -12.18
CA ILE K 101 40.42 -0.93 -12.09
C ILE K 101 41.67 -1.72 -12.51
N CYS K 102 42.16 -1.41 -13.70
CA CYS K 102 43.30 -2.10 -14.30
C CYS K 102 44.60 -1.31 -14.39
N GLY K 103 45.69 -2.00 -14.07
CA GLY K 103 47.00 -1.36 -14.12
C GLY K 103 48.12 -2.38 -14.07
N TYR K 104 49.31 -1.94 -14.41
CA TYR K 104 50.49 -2.81 -14.42
C TYR K 104 51.58 -2.05 -13.69
N THR K 105 51.98 -2.54 -12.51
CA THR K 105 53.03 -1.87 -11.78
C THR K 105 54.16 -2.83 -11.47
N ARG K 106 55.35 -2.28 -11.28
CA ARG K 106 56.53 -3.08 -10.99
C ARG K 106 56.31 -3.92 -9.75
N LYS K 107 55.77 -3.30 -8.72
CA LYS K 107 55.51 -3.95 -7.45
C LYS K 107 54.49 -5.09 -7.60
N GLU K 108 53.42 -4.84 -8.36
CA GLU K 108 52.33 -5.80 -8.52
C GLU K 108 52.24 -6.62 -9.81
N GLY K 109 52.72 -6.08 -10.93
CA GLY K 109 52.62 -6.79 -12.18
C GLY K 109 51.27 -6.45 -12.79
N PRO K 110 50.69 -7.31 -13.64
CA PRO K 110 49.39 -6.95 -14.22
C PRO K 110 48.35 -7.14 -13.12
N THR K 111 47.49 -6.14 -12.92
CA THR K 111 46.48 -6.26 -11.87
C THR K 111 45.11 -5.70 -12.24
N ILE K 112 44.09 -6.51 -11.98
CA ILE K 112 42.70 -6.14 -12.23
C ILE K 112 41.95 -6.17 -10.90
N TYR K 113 41.16 -5.13 -10.65
CA TYR K 113 40.37 -5.05 -9.43
C TYR K 113 38.94 -4.76 -9.78
N TYR K 114 38.02 -5.61 -9.31
CA TYR K 114 36.60 -5.41 -9.54
C TYR K 114 36.09 -4.57 -8.35
N VAL K 115 35.43 -3.46 -8.66
CA VAL K 115 34.90 -2.58 -7.63
C VAL K 115 33.49 -2.16 -8.02
N ASP K 116 32.52 -2.38 -7.12
CA ASP K 116 31.15 -1.96 -7.42
C ASP K 116 30.62 -1.03 -6.32
N SER K 117 29.51 -0.38 -6.63
CA SER K 117 28.88 0.56 -5.72
C SER K 117 28.34 -0.07 -4.45
N ASP K 118 28.32 -1.40 -4.43
CA ASP K 118 27.86 -2.12 -3.24
C ASP K 118 28.97 -2.08 -2.19
N GLY K 119 30.20 -1.83 -2.64
CA GLY K 119 31.34 -1.77 -1.73
C GLY K 119 32.31 -2.91 -1.95
N THR K 120 31.93 -3.85 -2.81
CA THR K 120 32.76 -5.01 -3.12
C THR K 120 34.04 -4.60 -3.83
N ARG K 121 35.14 -5.24 -3.45
CA ARG K 121 36.45 -5.01 -4.05
C ARG K 121 37.12 -6.37 -4.17
N LEU K 122 37.24 -6.88 -5.39
CA LEU K 122 37.85 -8.19 -5.64
C LEU K 122 39.00 -8.16 -6.61
N LYS K 123 40.07 -8.89 -6.30
CA LYS K 123 41.20 -8.95 -7.20
C LYS K 123 41.01 -10.22 -8.06
N GLY K 124 41.28 -10.12 -9.35
CA GLY K 124 41.11 -11.29 -10.20
C GLY K 124 41.84 -11.26 -11.53
N ASP K 125 41.74 -12.38 -12.24
CA ASP K 125 42.38 -12.53 -13.53
C ASP K 125 41.44 -12.25 -14.69
N ILE K 126 40.18 -12.69 -14.55
CA ILE K 126 39.18 -12.47 -15.59
C ILE K 126 37.90 -11.87 -15.01
N PHE K 127 37.41 -10.80 -15.63
CA PHE K 127 36.17 -10.14 -15.17
C PHE K 127 35.33 -9.57 -16.32
N CYS K 128 34.03 -9.82 -16.27
CA CYS K 128 33.10 -9.28 -17.25
C CYS K 128 31.99 -8.66 -16.44
N VAL K 129 31.64 -7.42 -16.75
CA VAL K 129 30.60 -6.73 -16.03
C VAL K 129 29.63 -6.10 -17.01
N GLY K 130 28.34 -6.22 -16.72
CA GLY K 130 27.32 -5.64 -17.58
C GLY K 130 26.21 -6.60 -17.93
N SER K 131 25.16 -6.07 -18.54
CA SER K 131 24.01 -6.87 -18.95
C SER K 131 24.40 -7.87 -20.02
N GLY K 132 25.65 -7.81 -20.46
CA GLY K 132 26.13 -8.73 -21.48
C GLY K 132 27.21 -9.66 -20.95
N GLN K 133 27.55 -9.51 -19.68
CA GLN K 133 28.60 -10.33 -19.09
C GLN K 133 28.55 -11.84 -19.37
N THR K 134 27.40 -12.47 -19.22
CA THR K 134 27.29 -13.91 -19.44
C THR K 134 27.70 -14.33 -20.85
N PHE K 135 27.40 -13.50 -21.85
CA PHE K 135 27.75 -13.82 -23.23
C PHE K 135 29.25 -13.74 -23.39
N ALA K 136 29.85 -12.67 -22.89
CA ALA K 136 31.29 -12.50 -22.97
C ALA K 136 32.02 -13.65 -22.25
N TYR K 137 31.57 -14.01 -21.05
CA TYR K 137 32.20 -15.09 -20.29
C TYR K 137 32.25 -16.41 -21.04
N GLY K 138 31.24 -16.68 -21.87
CA GLY K 138 31.24 -17.92 -22.64
C GLY K 138 32.47 -17.98 -23.54
N VAL K 139 32.57 -17.00 -24.44
CA VAL K 139 33.68 -16.88 -25.37
C VAL K 139 35.02 -16.89 -24.63
N LEU K 140 35.15 -16.02 -23.64
CA LEU K 140 36.36 -15.89 -22.85
C LEU K 140 36.81 -17.16 -22.09
N ASP K 141 35.90 -17.77 -21.34
CA ASP K 141 36.26 -18.94 -20.56
C ASP K 141 36.82 -20.12 -21.34
N SER K 142 36.28 -20.36 -22.54
CA SER K 142 36.75 -21.49 -23.35
C SER K 142 37.99 -21.22 -24.19
N ASN K 143 38.24 -19.96 -24.53
CA ASN K 143 39.41 -19.61 -25.34
C ASN K 143 40.56 -18.96 -24.59
N TYR K 144 40.45 -18.79 -23.28
CA TYR K 144 41.52 -18.15 -22.55
C TYR K 144 42.62 -19.08 -22.08
N LYS K 145 43.85 -18.58 -22.21
CA LYS K 145 45.09 -19.26 -21.79
C LYS K 145 46.00 -18.11 -21.36
N TRP K 146 46.89 -18.36 -20.42
CA TRP K 146 47.80 -17.31 -19.96
C TRP K 146 48.89 -16.98 -21.00
N ASP K 147 49.00 -17.82 -22.02
CA ASP K 147 50.01 -17.68 -23.07
C ASP K 147 49.61 -16.83 -24.26
N LEU K 148 48.32 -16.67 -24.47
CA LEU K 148 47.84 -15.87 -25.60
C LEU K 148 48.81 -14.74 -25.92
N SER K 149 49.13 -14.56 -27.19
CA SER K 149 50.02 -13.50 -27.60
C SER K 149 49.24 -12.20 -27.49
N VAL K 150 49.93 -11.07 -27.42
CA VAL K 150 49.23 -9.79 -27.35
C VAL K 150 48.27 -9.60 -28.53
N GLU K 151 48.59 -10.21 -29.66
CA GLU K 151 47.77 -10.11 -30.86
C GLU K 151 46.54 -11.01 -30.75
N ASP K 152 46.75 -12.21 -30.19
CA ASP K 152 45.69 -13.19 -29.99
C ASP K 152 44.77 -12.82 -28.84
N ALA K 153 45.35 -12.26 -27.78
CA ALA K 153 44.56 -11.84 -26.62
C ALA K 153 43.66 -10.69 -27.05
N LEU K 154 44.23 -9.72 -27.75
CA LEU K 154 43.46 -8.56 -28.22
C LEU K 154 42.25 -9.01 -29.01
N TYR K 155 42.39 -10.08 -29.77
CA TYR K 155 41.28 -10.59 -30.57
C TYR K 155 40.25 -11.28 -29.68
N LEU K 156 40.72 -12.13 -28.75
CA LEU K 156 39.81 -12.84 -27.85
C LEU K 156 38.85 -11.88 -27.17
N GLY K 157 39.39 -10.75 -26.72
CA GLY K 157 38.55 -9.76 -26.07
C GLY K 157 37.57 -9.19 -27.07
N LYS K 158 38.09 -8.67 -28.19
CA LYS K 158 37.25 -8.08 -29.23
C LYS K 158 36.12 -9.02 -29.63
N ARG K 159 36.44 -10.30 -29.74
CA ARG K 159 35.45 -11.28 -30.14
C ARG K 159 34.42 -11.49 -29.04
N SER K 160 34.88 -11.56 -27.79
CA SER K 160 34.01 -11.74 -26.63
C SER K 160 32.92 -10.68 -26.52
N ILE K 161 33.26 -9.45 -26.84
CA ILE K 161 32.27 -8.39 -26.80
C ILE K 161 31.38 -8.47 -28.02
N LEU K 162 31.91 -9.01 -29.13
CA LEU K 162 31.09 -9.15 -30.31
C LEU K 162 29.97 -10.12 -29.94
N ALA K 163 30.35 -11.23 -29.31
CA ALA K 163 29.38 -12.24 -28.86
C ALA K 163 28.29 -11.57 -28.06
N ALA K 164 28.68 -10.74 -27.11
CA ALA K 164 27.74 -10.01 -26.26
C ALA K 164 26.86 -9.04 -27.05
N ALA K 165 27.46 -8.18 -27.88
CA ALA K 165 26.69 -7.20 -28.65
C ALA K 165 25.62 -7.85 -29.51
N HIS K 166 25.88 -9.06 -29.96
CA HIS K 166 24.94 -9.77 -30.82
C HIS K 166 23.69 -10.19 -30.05
N ARG K 167 23.87 -10.87 -28.93
CA ARG K 167 22.74 -11.34 -28.13
C ARG K 167 22.06 -10.28 -27.25
N ASP K 168 22.84 -9.48 -26.53
CA ASP K 168 22.30 -8.46 -25.65
C ASP K 168 21.84 -7.23 -26.43
N ALA K 169 20.58 -6.86 -26.22
CA ALA K 169 20.00 -5.70 -26.89
C ALA K 169 20.55 -4.39 -26.32
N TYR K 170 21.02 -4.42 -25.09
CA TYR K 170 21.55 -3.21 -24.44
C TYR K 170 23.05 -3.00 -24.70
N SER K 171 23.66 -3.96 -25.38
CA SER K 171 25.07 -3.88 -25.74
C SER K 171 25.22 -3.77 -27.25
N GLY K 172 26.27 -3.10 -27.67
CA GLY K 172 26.50 -2.92 -29.09
C GLY K 172 27.20 -1.62 -29.40
N GLY K 173 27.02 -1.14 -30.62
CA GLY K 173 27.68 0.08 -31.04
C GLY K 173 29.04 -0.21 -31.67
N SER K 174 30.09 -0.14 -30.87
CA SER K 174 31.42 -0.41 -31.36
C SER K 174 32.30 -0.87 -30.22
N VAL K 175 33.34 -1.62 -30.55
CA VAL K 175 34.26 -2.14 -29.55
C VAL K 175 35.51 -1.27 -29.40
N ASN K 176 35.91 -0.99 -28.16
CA ASN K 176 37.12 -0.23 -27.88
C ASN K 176 38.06 -1.19 -27.18
N LEU K 177 39.30 -1.24 -27.63
CA LEU K 177 40.30 -2.15 -27.05
C LEU K 177 41.45 -1.41 -26.40
N TYR K 178 42.10 -2.10 -25.48
CA TYR K 178 43.23 -1.53 -24.78
C TYR K 178 44.20 -2.62 -24.35
N HIS K 179 45.48 -2.28 -24.34
CA HIS K 179 46.51 -3.21 -23.91
C HIS K 179 47.23 -2.51 -22.78
N VAL K 180 47.32 -3.18 -21.63
CA VAL K 180 47.99 -2.57 -20.50
C VAL K 180 49.34 -3.21 -20.22
N THR K 181 50.38 -2.40 -20.33
CA THR K 181 51.77 -2.80 -20.11
C THR K 181 52.30 -1.93 -18.97
N GLU K 182 53.37 -2.38 -18.35
CA GLU K 182 53.97 -1.63 -17.24
C GLU K 182 54.33 -0.20 -17.66
N ASP K 183 54.57 0.01 -18.95
CA ASP K 183 54.92 1.33 -19.43
C ASP K 183 53.68 2.18 -19.66
N GLY K 184 52.52 1.54 -19.58
CA GLY K 184 51.27 2.24 -19.78
C GLY K 184 50.32 1.44 -20.66
N TRP K 185 49.19 2.04 -20.99
CA TRP K 185 48.22 1.36 -21.83
C TRP K 185 48.34 1.87 -23.25
N ILE K 186 47.95 1.04 -24.20
CA ILE K 186 48.01 1.41 -25.60
C ILE K 186 46.62 1.21 -26.19
N TYR K 187 46.02 2.30 -26.65
CA TYR K 187 44.71 2.19 -27.26
C TYR K 187 44.90 1.31 -28.47
N HIS K 188 43.89 0.50 -28.78
CA HIS K 188 43.97 -0.38 -29.93
C HIS K 188 42.75 -0.25 -30.82
N GLY K 189 42.24 0.97 -30.90
CA GLY K 189 41.12 1.28 -31.77
C GLY K 189 39.68 0.95 -31.44
N ASN K 190 38.81 1.63 -32.17
CA ASN K 190 37.37 1.50 -32.07
C ASN K 190 36.84 0.73 -33.28
N HIS K 191 36.29 -0.45 -33.04
CA HIS K 191 35.79 -1.27 -34.13
C HIS K 191 34.28 -1.35 -34.16
N ASP K 192 33.66 -0.64 -35.09
CA ASP K 192 32.20 -0.66 -35.21
C ASP K 192 31.71 -2.10 -35.30
N VAL K 193 30.74 -2.44 -34.44
CA VAL K 193 30.20 -3.80 -34.40
C VAL K 193 29.49 -4.16 -35.69
N GLY K 194 28.85 -3.16 -36.31
CA GLY K 194 28.15 -3.41 -37.56
C GLY K 194 29.10 -4.14 -38.49
N GLU K 195 30.16 -3.45 -38.91
CA GLU K 195 31.15 -4.04 -39.81
C GLU K 195 31.90 -5.20 -39.19
N LEU K 196 32.30 -5.07 -37.92
CA LEU K 196 33.04 -6.15 -37.27
C LEU K 196 32.30 -7.49 -37.30
N PHE K 197 30.97 -7.45 -37.25
CA PHE K 197 30.16 -8.68 -37.27
C PHE K 197 30.34 -9.48 -38.55
N TRP K 198 29.97 -8.87 -39.68
CA TRP K 198 30.09 -9.51 -40.97
C TRP K 198 31.50 -10.09 -41.19
N LYS K 199 32.50 -9.24 -41.01
CA LYS K 199 33.88 -9.67 -41.15
C LYS K 199 34.07 -10.96 -40.37
N VAL K 200 33.99 -10.89 -39.04
CA VAL K 200 34.16 -12.07 -38.19
C VAL K 200 33.34 -13.27 -38.67
N LYS K 201 32.10 -13.03 -39.07
CA LYS K 201 31.25 -14.14 -39.52
C LYS K 201 31.88 -14.84 -40.71
N GLU K 202 32.20 -14.05 -41.74
CA GLU K 202 32.80 -14.55 -42.96
C GLU K 202 34.15 -15.22 -42.73
N GLU K 203 35.06 -14.52 -42.07
CA GLU K 203 36.39 -15.05 -41.80
C GLU K 203 36.44 -16.26 -40.86
N GLU K 204 35.65 -16.21 -39.80
CA GLU K 204 35.63 -17.25 -38.78
C GLU K 204 34.65 -18.39 -39.06
N GLY K 205 33.57 -18.10 -39.78
CA GLY K 205 32.57 -19.11 -40.11
C GLY K 205 31.46 -19.24 -39.08
N SER K 206 31.62 -18.54 -37.97
CA SER K 206 30.67 -18.54 -36.87
C SER K 206 29.44 -17.69 -37.19
N PHE K 207 28.53 -17.60 -36.22
CA PHE K 207 27.28 -16.85 -36.37
C PHE K 207 26.61 -17.44 -37.57
N ASN K 208 26.79 -18.74 -37.71
CA ASN K 208 26.23 -19.47 -38.84
C ASN K 208 24.75 -19.18 -39.01
N ASN K 209 24.03 -19.22 -37.88
CA ASN K 209 22.60 -18.97 -37.84
C ASN K 209 22.14 -17.74 -38.63
N VAL K 210 22.80 -16.61 -38.42
CA VAL K 210 22.45 -15.36 -39.10
C VAL K 210 22.52 -15.50 -40.62
N ILE K 211 21.60 -14.83 -41.31
CA ILE K 211 21.55 -14.85 -42.77
C ILE K 211 22.24 -13.64 -43.38
N GLY K 212 22.98 -13.85 -44.45
CA GLY K 212 23.67 -12.76 -45.11
C GLY K 212 24.92 -13.22 -45.86
N GLN L 1 0.69 14.53 -2.33
CA GLN L 1 1.98 15.06 -1.81
C GLN L 1 2.64 15.98 -2.85
N PHE L 2 3.64 16.75 -2.41
CA PHE L 2 4.34 17.69 -3.31
C PHE L 2 5.40 17.08 -4.21
N ASN L 3 5.26 17.34 -5.51
CA ASN L 3 6.19 16.88 -6.52
C ASN L 3 6.96 18.11 -6.99
N PRO L 4 8.28 18.13 -6.76
CA PRO L 4 9.16 19.24 -7.13
C PRO L 4 9.46 19.40 -8.60
N TYR L 5 9.06 18.44 -9.42
CA TYR L 5 9.34 18.48 -10.85
C TYR L 5 8.14 18.71 -11.77
N GLY L 6 8.42 19.07 -13.00
CA GLY L 6 7.38 19.29 -13.98
C GLY L 6 8.02 19.10 -15.34
N ASP L 7 7.22 19.04 -16.41
CA ASP L 7 7.76 18.89 -17.76
C ASP L 7 7.19 19.99 -18.66
N ASN L 8 8.05 20.86 -19.18
CA ASN L 8 7.60 21.95 -20.04
C ASN L 8 7.81 21.66 -21.51
N GLY L 9 7.94 20.39 -21.86
CA GLY L 9 8.11 19.99 -23.25
C GLY L 9 9.27 20.62 -24.00
N GLY L 10 8.98 21.02 -25.24
CA GLY L 10 10.03 21.62 -26.06
C GLY L 10 11.07 20.60 -26.52
N THR L 11 11.78 20.92 -27.59
CA THR L 11 12.84 20.06 -28.13
C THR L 11 14.01 20.94 -28.57
N ILE L 12 15.23 20.40 -28.52
CA ILE L 12 16.41 21.14 -28.93
C ILE L 12 17.31 20.27 -29.82
N LEU L 13 18.10 20.92 -30.66
CA LEU L 13 18.97 20.21 -31.59
C LEU L 13 20.35 20.85 -31.68
N GLY L 14 21.38 20.03 -31.85
CA GLY L 14 22.74 20.57 -31.94
C GLY L 14 23.59 19.86 -32.98
N ILE L 15 24.04 20.60 -33.99
CA ILE L 15 24.88 20.01 -35.02
C ILE L 15 26.18 20.79 -35.12
N ALA L 16 27.28 20.06 -35.24
CA ALA L 16 28.59 20.68 -35.31
C ALA L 16 29.18 20.62 -36.72
N GLY L 17 29.45 21.80 -37.29
CA GLY L 17 30.04 21.86 -38.62
C GLY L 17 31.56 21.92 -38.49
N GLU L 18 32.26 21.89 -39.62
CA GLU L 18 33.71 21.91 -39.57
C GLU L 18 34.28 23.17 -38.91
N ASP L 19 33.74 24.34 -39.22
CA ASP L 19 34.25 25.56 -38.61
C ASP L 19 33.10 26.36 -38.00
N PHE L 20 32.03 25.66 -37.66
CA PHE L 20 30.85 26.26 -37.05
C PHE L 20 30.07 25.21 -36.27
N ALA L 21 28.98 25.63 -35.64
CA ALA L 21 28.12 24.73 -34.89
C ALA L 21 26.81 25.46 -34.64
N VAL L 22 25.71 24.71 -34.60
CA VAL L 22 24.40 25.29 -34.38
C VAL L 22 23.70 24.60 -33.23
N LEU L 23 22.85 25.36 -32.55
CA LEU L 23 22.06 24.85 -31.43
C LEU L 23 20.67 25.44 -31.62
N ALA L 24 19.71 24.58 -31.96
CA ALA L 24 18.35 25.03 -32.20
C ALA L 24 17.40 24.55 -31.12
N GLY L 25 16.20 25.11 -31.11
CA GLY L 25 15.21 24.71 -30.13
C GLY L 25 13.91 25.46 -30.36
N ASP L 26 12.79 24.74 -30.40
CA ASP L 26 11.51 25.40 -30.60
C ASP L 26 11.30 26.41 -29.48
N THR L 27 10.35 27.30 -29.66
CA THR L 27 10.11 28.30 -28.63
C THR L 27 8.79 28.11 -27.93
N ARG L 28 8.33 26.87 -27.87
CA ARG L 28 7.07 26.58 -27.19
C ARG L 28 7.35 26.02 -25.80
N ASN L 29 6.61 26.53 -24.83
CA ASN L 29 6.74 26.11 -23.44
C ASN L 29 5.36 25.62 -23.03
N ILE L 30 5.25 24.35 -22.67
CA ILE L 30 3.95 23.81 -22.30
C ILE L 30 3.84 23.21 -20.90
N THR L 31 2.61 22.91 -20.50
CA THR L 31 2.29 22.27 -19.23
C THR L 31 1.10 21.39 -19.50
N ASP L 32 1.32 20.08 -19.54
CA ASP L 32 0.23 19.14 -19.81
C ASP L 32 -0.32 19.40 -21.20
N TYR L 33 -1.60 19.76 -21.29
CA TYR L 33 -2.22 20.01 -22.58
C TYR L 33 -2.39 21.49 -22.94
N SER L 34 -1.80 22.37 -22.13
CA SER L 34 -1.89 23.81 -22.38
C SER L 34 -0.58 24.38 -22.85
N ILE L 35 -0.65 25.57 -23.43
CA ILE L 35 0.54 26.27 -23.92
C ILE L 35 0.73 27.46 -22.99
N ASN L 36 1.94 27.60 -22.45
CA ASN L 36 2.24 28.71 -21.55
C ASN L 36 2.76 29.91 -22.32
N SER L 37 3.47 29.64 -23.41
CA SER L 37 4.02 30.69 -24.24
C SER L 37 4.40 30.12 -25.60
N ARG L 38 4.14 30.89 -26.66
CA ARG L 38 4.46 30.48 -28.01
C ARG L 38 5.87 30.96 -28.34
N TYR L 39 6.40 31.85 -27.51
CA TYR L 39 7.76 32.35 -27.68
C TYR L 39 8.52 32.56 -26.37
N GLU L 40 9.27 31.53 -25.95
CA GLU L 40 10.05 31.58 -24.72
C GLU L 40 11.42 31.01 -25.04
N PRO L 41 12.38 31.86 -25.41
CA PRO L 41 13.76 31.45 -25.75
C PRO L 41 14.27 30.38 -24.81
N LYS L 42 14.83 29.33 -25.39
CA LYS L 42 15.31 28.20 -24.63
C LYS L 42 16.80 27.92 -24.86
N VAL L 43 17.38 28.61 -25.85
CA VAL L 43 18.81 28.48 -26.17
C VAL L 43 19.45 29.84 -25.88
N PHE L 44 20.53 29.84 -25.10
CA PHE L 44 21.21 31.08 -24.71
C PHE L 44 22.69 31.22 -25.09
N ASP L 45 23.11 32.47 -25.22
CA ASP L 45 24.49 32.81 -25.52
C ASP L 45 25.10 33.10 -24.14
N CYS L 46 26.10 32.30 -23.74
CA CYS L 46 26.68 32.47 -22.42
C CYS L 46 28.00 33.23 -22.35
N GLY L 47 28.50 33.66 -23.50
CA GLY L 47 29.77 34.38 -23.52
C GLY L 47 30.88 33.44 -23.96
N ASP L 48 32.06 33.99 -24.23
CA ASP L 48 33.20 33.19 -24.66
C ASP L 48 32.87 32.27 -25.84
N ASN L 49 31.84 32.64 -26.60
CA ASN L 49 31.43 31.88 -27.77
C ASN L 49 30.93 30.47 -27.43
N ILE L 50 30.01 30.41 -26.48
CA ILE L 50 29.42 29.16 -26.02
C ILE L 50 27.92 29.35 -25.95
N VAL L 51 27.18 28.49 -26.65
CA VAL L 51 25.72 28.54 -26.60
C VAL L 51 25.30 27.26 -25.89
N MET L 52 24.32 27.37 -25.00
CA MET L 52 23.85 26.21 -24.27
C MET L 52 22.35 26.21 -24.06
N SER L 53 21.80 25.01 -23.88
CA SER L 53 20.39 24.85 -23.64
C SER L 53 20.19 23.68 -22.68
N ALA L 54 19.27 23.88 -21.74
CA ALA L 54 18.92 22.87 -20.73
C ALA L 54 17.43 22.61 -20.92
N ASN L 55 17.08 21.51 -21.58
CA ASN L 55 15.68 21.21 -21.82
C ASN L 55 15.07 20.23 -20.81
N GLY L 56 13.76 20.31 -20.62
CA GLY L 56 13.09 19.43 -19.69
C GLY L 56 12.18 20.17 -18.73
N PHE L 57 12.63 20.32 -17.49
CA PHE L 57 11.87 21.03 -16.47
C PHE L 57 12.41 22.46 -16.42
N ALA L 58 11.66 23.39 -17.01
CA ALA L 58 12.05 24.80 -17.09
C ALA L 58 12.79 25.34 -15.87
N ALA L 59 12.15 25.30 -14.71
CA ALA L 59 12.76 25.83 -13.48
C ALA L 59 14.19 25.34 -13.28
N ASP L 60 14.41 24.05 -13.52
CA ASP L 60 15.73 23.47 -13.37
C ASP L 60 16.62 23.91 -14.52
N GLY L 61 16.05 23.97 -15.72
CA GLY L 61 16.84 24.39 -16.86
C GLY L 61 17.36 25.81 -16.71
N ASP L 62 16.51 26.71 -16.23
CA ASP L 62 16.92 28.10 -16.06
C ASP L 62 17.96 28.25 -14.96
N ALA L 63 17.77 27.51 -13.87
CA ALA L 63 18.71 27.57 -12.76
C ALA L 63 20.11 27.12 -13.19
N LEU L 64 20.16 26.12 -14.06
CA LEU L 64 21.45 25.63 -14.51
C LEU L 64 22.11 26.66 -15.41
N VAL L 65 21.39 27.11 -16.43
CA VAL L 65 21.95 28.11 -17.34
C VAL L 65 22.43 29.31 -16.54
N LYS L 66 21.64 29.76 -15.57
CA LYS L 66 22.00 30.89 -14.75
C LYS L 66 23.28 30.61 -13.95
N ARG L 67 23.40 29.40 -13.42
CA ARG L 67 24.59 29.03 -12.65
C ARG L 67 25.81 28.92 -13.54
N PHE L 68 25.62 28.45 -14.78
CA PHE L 68 26.75 28.31 -15.69
C PHE L 68 27.27 29.67 -16.13
N LYS L 69 26.37 30.57 -16.52
CA LYS L 69 26.76 31.90 -16.95
C LYS L 69 27.59 32.55 -15.86
N ASN L 70 27.16 32.37 -14.62
CA ASN L 70 27.88 32.94 -13.50
C ASN L 70 29.24 32.25 -13.38
N SER L 71 29.30 30.99 -13.74
CA SER L 71 30.55 30.24 -13.68
C SER L 71 31.54 30.88 -14.63
N VAL L 72 31.07 31.26 -15.82
CA VAL L 72 31.89 31.92 -16.81
C VAL L 72 32.40 33.25 -16.24
N LYS L 73 31.48 34.03 -15.68
CA LYS L 73 31.82 35.32 -15.09
C LYS L 73 33.01 35.18 -14.14
N TRP L 74 32.90 34.27 -13.18
CA TRP L 74 33.98 34.06 -12.22
C TRP L 74 35.22 33.44 -12.81
N TYR L 75 35.10 32.72 -13.92
CA TYR L 75 36.28 32.14 -14.53
C TYR L 75 37.16 33.31 -14.94
N HIS L 76 36.53 34.34 -15.48
CA HIS L 76 37.25 35.53 -15.91
C HIS L 76 37.86 36.23 -14.70
N PHE L 77 37.05 36.48 -13.68
CA PHE L 77 37.54 37.12 -12.47
C PHE L 77 38.74 36.43 -11.83
N ASP L 78 38.77 35.10 -11.89
CA ASP L 78 39.84 34.34 -11.25
C ASP L 78 41.05 33.97 -12.09
N HIS L 79 40.89 33.83 -13.39
CA HIS L 79 42.03 33.46 -14.21
C HIS L 79 42.38 34.49 -15.26
N ASN L 80 42.38 35.74 -14.83
CA ASN L 80 42.70 36.87 -15.67
C ASN L 80 42.00 36.82 -17.01
N ASP L 81 40.72 37.15 -17.02
CA ASP L 81 39.90 37.16 -18.22
C ASP L 81 40.21 36.12 -19.30
N LYS L 82 40.72 34.97 -18.88
CA LYS L 82 41.04 33.89 -19.81
C LYS L 82 39.74 33.40 -20.46
N LYS L 83 39.84 32.91 -21.69
CA LYS L 83 38.67 32.41 -22.38
C LYS L 83 38.39 30.99 -21.90
N LEU L 84 37.13 30.68 -21.66
CA LEU L 84 36.73 29.36 -21.20
C LEU L 84 36.52 28.49 -22.42
N SER L 85 37.44 27.57 -22.67
CA SER L 85 37.35 26.68 -23.81
C SER L 85 36.12 25.79 -23.69
N ILE L 86 35.49 25.49 -24.81
CA ILE L 86 34.30 24.66 -24.83
C ILE L 86 34.49 23.34 -24.06
N ASN L 87 35.68 22.76 -24.14
CA ASN L 87 35.97 21.51 -23.44
C ASN L 87 35.97 21.74 -21.92
N SER L 88 36.47 22.90 -21.50
CA SER L 88 36.53 23.24 -20.10
C SER L 88 35.14 23.58 -19.57
N ALA L 89 34.33 24.21 -20.42
CA ALA L 89 32.98 24.57 -20.03
C ALA L 89 32.20 23.28 -19.76
N ALA L 90 32.38 22.29 -20.63
CA ALA L 90 31.70 21.00 -20.48
C ALA L 90 32.03 20.39 -19.12
N ARG L 91 33.31 20.22 -18.82
CA ARG L 91 33.74 19.64 -17.56
C ARG L 91 33.14 20.40 -16.37
N ASN L 92 33.06 21.73 -16.51
CA ASN L 92 32.48 22.55 -15.47
C ASN L 92 31.00 22.18 -15.30
N ILE L 93 30.29 22.08 -16.43
CA ILE L 93 28.87 21.72 -16.39
C ILE L 93 28.67 20.37 -15.72
N GLN L 94 29.58 19.43 -15.93
CA GLN L 94 29.43 18.13 -15.31
C GLN L 94 29.41 18.28 -13.80
N HIS L 95 30.32 19.07 -13.26
CA HIS L 95 30.35 19.26 -11.82
C HIS L 95 29.12 20.02 -11.35
N LEU L 96 28.60 20.89 -12.19
CA LEU L 96 27.40 21.65 -11.81
C LEU L 96 26.25 20.67 -11.65
N LEU L 97 26.15 19.74 -12.61
CA LEU L 97 25.09 18.75 -12.61
C LEU L 97 25.27 17.70 -11.52
N TYR L 98 26.43 17.06 -11.50
CA TYR L 98 26.68 16.03 -10.51
C TYR L 98 26.57 16.59 -9.10
N GLY L 99 26.66 17.91 -8.98
CA GLY L 99 26.55 18.52 -7.67
C GLY L 99 25.20 18.24 -7.04
N LYS L 100 24.21 17.91 -7.87
CA LYS L 100 22.86 17.60 -7.39
C LYS L 100 22.54 16.15 -7.77
N ARG L 101 23.53 15.28 -7.64
CA ARG L 101 23.38 13.87 -7.96
C ARG L 101 22.19 13.21 -7.30
N PHE L 102 21.83 13.70 -6.12
CA PHE L 102 20.72 13.12 -5.41
C PHE L 102 19.45 13.97 -5.30
N PHE L 103 19.31 14.89 -6.26
CA PHE L 103 18.17 15.81 -6.40
C PHE L 103 18.48 16.52 -7.71
N PRO L 104 18.58 15.74 -8.79
CA PRO L 104 18.88 16.13 -10.16
C PRO L 104 18.19 17.33 -10.76
N TYR L 105 18.90 17.94 -11.71
CA TYR L 105 18.37 19.04 -12.50
C TYR L 105 17.65 18.18 -13.54
N TYR L 106 16.33 18.26 -13.56
CA TYR L 106 15.57 17.43 -14.48
C TYR L 106 15.67 17.94 -15.92
N VAL L 107 16.89 18.01 -16.43
CA VAL L 107 17.12 18.51 -17.79
C VAL L 107 18.16 17.74 -18.59
N HIS L 108 17.99 17.77 -19.91
CA HIS L 108 18.94 17.17 -20.84
C HIS L 108 19.60 18.42 -21.40
N THR L 109 20.88 18.63 -21.08
CA THR L 109 21.53 19.83 -21.54
C THR L 109 22.58 19.65 -22.65
N ILE L 110 22.60 20.59 -23.60
CA ILE L 110 23.53 20.59 -24.73
C ILE L 110 24.20 21.96 -24.92
N ILE L 111 25.51 21.96 -25.18
CA ILE L 111 26.21 23.21 -25.46
C ILE L 111 26.91 23.09 -26.81
N ALA L 112 27.10 24.23 -27.48
CA ALA L 112 27.75 24.26 -28.78
C ALA L 112 28.77 25.38 -28.90
N GLY L 113 29.81 25.14 -29.70
CA GLY L 113 30.84 26.13 -29.92
C GLY L 113 31.97 25.63 -30.81
N LEU L 114 33.14 26.25 -30.67
CA LEU L 114 34.30 25.86 -31.45
C LEU L 114 35.34 25.41 -30.46
N ASP L 115 36.04 24.31 -30.72
CA ASP L 115 37.06 23.89 -29.78
C ASP L 115 38.29 24.78 -29.99
N GLU L 116 39.42 24.37 -29.42
CA GLU L 116 40.63 25.17 -29.54
C GLU L 116 41.40 25.08 -30.86
N ASP L 117 40.82 24.41 -31.87
CA ASP L 117 41.47 24.30 -33.17
C ASP L 117 40.57 24.92 -34.22
N GLY L 118 39.53 25.61 -33.75
CA GLY L 118 38.59 26.26 -34.65
C GLY L 118 37.46 25.35 -35.11
N LYS L 119 37.62 24.04 -34.92
CA LYS L 119 36.60 23.07 -35.32
C LYS L 119 35.29 23.22 -34.55
N GLY L 120 34.19 22.80 -35.18
CA GLY L 120 32.88 22.89 -34.56
C GLY L 120 32.70 21.81 -33.51
N ALA L 121 32.04 22.16 -32.41
CA ALA L 121 31.83 21.21 -31.33
C ALA L 121 30.46 21.25 -30.62
N VAL L 122 30.01 20.06 -30.22
CA VAL L 122 28.75 19.90 -29.51
C VAL L 122 28.94 18.90 -28.37
N TYR L 123 28.41 19.27 -27.21
CA TYR L 123 28.48 18.43 -26.02
C TYR L 123 27.08 18.27 -25.42
N SER L 124 26.72 17.04 -25.03
CA SER L 124 25.41 16.81 -24.44
C SER L 124 25.61 16.13 -23.08
N PHE L 125 24.71 16.41 -22.15
CA PHE L 125 24.80 15.87 -20.79
C PHE L 125 23.59 15.10 -20.25
N ASP L 126 23.90 14.20 -19.31
CA ASP L 126 22.97 13.37 -18.55
C ASP L 126 22.28 14.31 -17.58
N PRO L 127 21.10 13.94 -17.09
CA PRO L 127 20.53 14.89 -16.15
C PRO L 127 21.46 14.95 -14.91
N VAL L 128 22.37 13.97 -14.80
CA VAL L 128 23.30 13.96 -13.67
C VAL L 128 24.78 14.19 -13.96
N GLY L 129 25.12 14.66 -15.16
CA GLY L 129 26.51 14.97 -15.42
C GLY L 129 27.35 14.09 -16.32
N SER L 130 26.75 13.11 -16.96
CA SER L 130 27.51 12.28 -17.85
C SER L 130 27.59 13.06 -19.16
N TYR L 131 28.77 13.23 -19.75
CA TYR L 131 28.87 13.98 -21.01
C TYR L 131 29.79 13.37 -22.05
N GLU L 132 29.50 13.70 -23.31
CA GLU L 132 30.23 13.19 -24.47
C GLU L 132 30.33 14.31 -25.51
N ARG L 133 31.39 14.32 -26.30
CA ARG L 133 31.44 15.33 -27.36
C ARG L 133 30.82 14.57 -28.53
N GLU L 134 29.93 15.23 -29.28
CA GLU L 134 29.26 14.56 -30.38
C GLU L 134 29.13 15.38 -31.63
N GLN L 135 28.81 14.72 -32.74
CA GLN L 135 28.64 15.41 -34.02
C GLN L 135 27.34 16.20 -34.01
N CYS L 136 26.26 15.53 -33.66
CA CYS L 136 24.95 16.16 -33.58
C CYS L 136 24.20 15.44 -32.46
N ARG L 137 23.16 16.08 -31.94
CA ARG L 137 22.39 15.50 -30.85
C ARG L 137 21.09 16.27 -30.62
N ALA L 138 19.98 15.55 -30.65
CA ALA L 138 18.67 16.15 -30.40
C ALA L 138 18.31 15.76 -28.97
N GLY L 139 17.66 16.68 -28.27
CA GLY L 139 17.28 16.41 -26.89
C GLY L 139 15.92 16.97 -26.60
N GLY L 140 15.17 16.32 -25.72
CA GLY L 140 13.85 16.82 -25.40
C GLY L 140 12.73 15.98 -25.97
N ALA L 141 11.52 16.52 -25.90
CA ALA L 141 10.31 15.85 -26.36
C ALA L 141 10.42 14.98 -27.62
N ALA L 142 10.76 15.59 -28.75
CA ALA L 142 10.85 14.84 -30.01
C ALA L 142 12.23 14.27 -30.31
N ALA L 143 13.09 14.23 -29.31
CA ALA L 143 14.42 13.70 -29.50
C ALA L 143 14.44 12.34 -30.20
N SER L 144 13.45 11.50 -29.88
CA SER L 144 13.36 10.18 -30.49
C SER L 144 12.92 10.23 -31.96
N LEU L 145 12.25 11.31 -32.37
CA LEU L 145 11.82 11.43 -33.75
C LEU L 145 12.96 11.95 -34.60
N ILE L 146 13.70 12.92 -34.07
CA ILE L 146 14.80 13.54 -34.79
C ILE L 146 16.12 12.77 -34.89
N MET L 147 16.56 12.15 -33.81
CA MET L 147 17.83 11.43 -33.87
C MET L 147 18.01 10.46 -35.02
N PRO L 148 17.03 9.58 -35.28
CA PRO L 148 17.16 8.61 -36.38
C PRO L 148 17.47 9.33 -37.69
N PHE L 149 16.77 10.44 -37.91
CA PHE L 149 16.93 11.25 -39.10
C PHE L 149 18.38 11.75 -39.18
N LEU L 150 18.82 12.47 -38.16
CA LEU L 150 20.18 13.00 -38.10
C LEU L 150 21.25 11.92 -38.29
N ASP L 151 20.98 10.69 -37.86
CA ASP L 151 21.97 9.64 -38.04
C ASP L 151 22.10 9.30 -39.52
N ASN L 152 21.01 9.52 -40.24
CA ASN L 152 20.97 9.22 -41.66
C ASN L 152 21.57 10.38 -42.46
N GLN L 153 20.98 11.55 -42.30
CA GLN L 153 21.40 12.74 -43.02
C GLN L 153 22.62 13.51 -42.52
N VAL L 154 23.32 13.02 -41.50
CA VAL L 154 24.49 13.73 -41.02
C VAL L 154 25.70 12.83 -40.88
N ASN L 155 25.48 11.56 -40.55
CA ASN L 155 26.60 10.64 -40.41
C ASN L 155 26.40 9.52 -41.42
N PHE L 156 25.52 9.79 -42.38
CA PHE L 156 25.18 8.87 -43.46
C PHE L 156 25.11 7.39 -43.10
N LYS L 157 24.39 7.08 -42.03
CA LYS L 157 24.25 5.69 -41.58
C LYS L 157 23.31 4.89 -42.49
N ASN L 158 23.63 3.61 -42.68
CA ASN L 158 22.82 2.73 -43.53
C ASN L 158 22.75 3.16 -44.99
N GLN L 159 23.56 4.15 -45.36
CA GLN L 159 23.63 4.65 -46.73
C GLN L 159 24.90 4.13 -47.36
N TYR L 160 24.77 3.34 -48.42
CA TYR L 160 25.91 2.77 -49.14
C TYR L 160 26.12 3.36 -50.53
N GLU L 161 27.31 3.13 -51.08
CA GLU L 161 27.66 3.61 -52.42
C GLU L 161 26.90 2.81 -53.48
N PRO L 162 26.02 3.47 -54.25
CA PRO L 162 25.26 2.75 -55.27
C PRO L 162 26.14 1.82 -56.11
N GLY L 163 25.67 0.59 -56.29
CA GLY L 163 26.43 -0.36 -57.09
C GLY L 163 27.55 -1.08 -56.38
N THR L 164 28.12 -0.49 -55.33
CA THR L 164 29.23 -1.12 -54.61
C THR L 164 28.85 -2.42 -53.88
N ASN L 165 27.60 -2.84 -54.05
CA ASN L 165 27.11 -4.06 -53.41
C ASN L 165 27.15 -3.92 -51.88
N GLY L 166 26.79 -2.74 -51.39
CA GLY L 166 26.80 -2.50 -49.97
C GLY L 166 28.10 -2.97 -49.32
N LYS L 167 29.22 -2.70 -49.98
CA LYS L 167 30.53 -3.08 -49.48
C LYS L 167 31.37 -1.84 -49.25
N VAL L 168 30.84 -0.71 -49.72
CA VAL L 168 31.49 0.59 -49.59
C VAL L 168 30.44 1.56 -49.08
N LYS L 169 30.64 2.09 -47.88
CA LYS L 169 29.69 3.04 -47.30
C LYS L 169 29.87 4.42 -47.89
N LYS L 170 28.76 5.15 -48.03
CA LYS L 170 28.81 6.51 -48.53
C LYS L 170 29.82 7.24 -47.64
N PRO L 171 30.75 8.01 -48.25
CA PRO L 171 31.79 8.76 -47.52
C PRO L 171 31.25 9.87 -46.61
N LEU L 172 32.00 10.18 -45.57
CA LEU L 172 31.63 11.19 -44.59
C LEU L 172 31.88 12.66 -44.95
N LYS L 173 31.65 13.04 -46.20
CA LYS L 173 31.86 14.44 -46.61
C LYS L 173 31.06 15.35 -45.68
N TYR L 174 31.73 16.21 -44.92
CA TYR L 174 30.98 17.06 -44.00
C TYR L 174 30.16 18.22 -44.55
N LEU L 175 29.04 18.47 -43.88
CA LEU L 175 28.08 19.50 -44.27
C LEU L 175 28.50 20.94 -44.07
N SER L 176 27.82 21.83 -44.78
CA SER L 176 28.06 23.26 -44.71
C SER L 176 27.03 23.85 -43.77
N VAL L 177 27.13 25.15 -43.53
CA VAL L 177 26.17 25.78 -42.65
C VAL L 177 24.78 25.86 -43.27
N GLU L 178 24.73 26.01 -44.59
CA GLU L 178 23.44 26.11 -45.28
C GLU L 178 22.76 24.75 -45.35
N GLU L 179 23.56 23.70 -45.54
CA GLU L 179 23.02 22.35 -45.62
C GLU L 179 22.50 21.95 -44.23
N VAL L 180 23.24 22.34 -43.20
CA VAL L 180 22.84 22.04 -41.83
C VAL L 180 21.53 22.71 -41.48
N ILE L 181 21.44 24.03 -41.64
CA ILE L 181 20.22 24.74 -41.33
C ILE L 181 18.99 24.12 -42.00
N LYS L 182 19.19 23.51 -43.17
CA LYS L 182 18.08 22.85 -43.87
C LYS L 182 17.61 21.64 -43.09
N LEU L 183 18.56 20.83 -42.64
CA LEU L 183 18.26 19.64 -41.86
C LEU L 183 17.55 20.00 -40.56
N VAL L 184 17.93 21.13 -39.97
CA VAL L 184 17.33 21.60 -38.72
C VAL L 184 15.88 21.98 -38.92
N ARG L 185 15.60 22.78 -39.93
CA ARG L 185 14.24 23.21 -40.21
C ARG L 185 13.33 22.04 -40.56
N ASP L 186 13.86 21.09 -41.31
CA ASP L 186 13.09 19.92 -41.68
C ASP L 186 12.88 19.03 -40.47
N SER L 187 13.88 18.96 -39.60
CA SER L 187 13.77 18.16 -38.39
C SER L 187 12.65 18.71 -37.52
N PHE L 188 12.56 20.01 -37.42
CA PHE L 188 11.51 20.61 -36.60
C PHE L 188 10.12 20.64 -37.23
N THR L 189 10.05 20.78 -38.55
CA THR L 189 8.73 20.79 -39.17
C THR L 189 8.18 19.37 -39.10
N SER L 190 9.06 18.38 -39.19
CA SER L 190 8.64 16.98 -39.09
C SER L 190 8.17 16.72 -37.68
N ALA L 191 9.01 17.06 -36.71
CA ALA L 191 8.68 16.87 -35.32
C ALA L 191 7.35 17.54 -34.97
N THR L 192 7.14 18.74 -35.49
CA THR L 192 5.90 19.48 -35.22
C THR L 192 4.67 18.77 -35.78
N GLU L 193 4.88 17.90 -36.76
CA GLU L 193 3.77 17.18 -37.36
C GLU L 193 3.25 16.08 -36.45
N ARG L 194 4.16 15.31 -35.84
CA ARG L 194 3.78 14.19 -34.98
C ARG L 194 3.82 14.37 -33.47
N HIS L 195 4.35 15.49 -32.99
CA HIS L 195 4.43 15.65 -31.55
C HIS L 195 3.72 16.90 -31.08
N ILE L 196 2.73 16.71 -30.21
CA ILE L 196 1.92 17.81 -29.72
C ILE L 196 2.63 18.84 -28.84
N GLN L 197 3.87 18.57 -28.45
CA GLN L 197 4.59 19.52 -27.61
C GLN L 197 5.59 20.37 -28.39
N VAL L 198 5.68 20.10 -29.69
CA VAL L 198 6.59 20.82 -30.56
C VAL L 198 5.84 21.72 -31.57
N GLY L 199 6.28 22.97 -31.66
CA GLY L 199 5.65 23.90 -32.58
C GLY L 199 5.87 25.37 -32.25
N ASP L 200 5.01 26.22 -32.80
CA ASP L 200 5.07 27.68 -32.60
C ASP L 200 6.22 28.42 -33.30
N GLY L 201 7.46 28.11 -32.94
CA GLY L 201 8.60 28.77 -33.56
C GLY L 201 9.92 28.09 -33.28
N LEU L 202 10.81 28.11 -34.25
CA LEU L 202 12.14 27.52 -34.12
C LEU L 202 13.21 28.61 -34.13
N GLU L 203 14.06 28.64 -33.10
CA GLU L 203 15.11 29.65 -33.04
C GLU L 203 16.45 28.95 -33.09
N ILE L 204 17.28 29.35 -34.03
CA ILE L 204 18.60 28.74 -34.18
C ILE L 204 19.68 29.74 -33.78
N LEU L 205 20.78 29.22 -33.23
CA LEU L 205 21.92 30.06 -32.86
C LEU L 205 23.15 29.45 -33.55
N ILE L 206 23.84 30.25 -34.37
CA ILE L 206 25.01 29.78 -35.09
C ILE L 206 26.34 30.29 -34.53
N VAL L 207 27.25 29.38 -34.27
CA VAL L 207 28.55 29.73 -33.71
C VAL L 207 29.68 29.60 -34.74
N THR L 208 30.32 30.72 -35.03
CA THR L 208 31.43 30.79 -35.96
C THR L 208 32.53 31.60 -35.28
N LYS L 209 33.75 31.48 -35.80
CA LYS L 209 34.90 32.21 -35.24
C LYS L 209 34.61 33.71 -35.07
N ASP L 210 33.50 34.17 -35.66
CA ASP L 210 33.13 35.58 -35.58
C ASP L 210 32.21 35.87 -34.41
N GLY L 211 31.46 34.87 -33.97
CA GLY L 211 30.57 35.08 -32.86
C GLY L 211 29.29 34.27 -32.91
N VAL L 212 28.21 34.87 -32.42
CA VAL L 212 26.91 34.22 -32.36
C VAL L 212 25.81 34.93 -33.14
N ARG L 213 25.26 34.26 -34.16
CA ARG L 213 24.16 34.78 -34.96
C ARG L 213 22.86 34.00 -34.63
N LYS L 214 21.71 34.62 -34.86
CA LYS L 214 20.41 33.98 -34.59
C LYS L 214 19.44 34.07 -35.76
N GLU L 215 18.80 32.95 -36.10
CA GLU L 215 17.80 32.92 -37.17
C GLU L 215 16.50 32.39 -36.56
N PHE L 216 15.37 32.91 -37.00
CA PHE L 216 14.08 32.47 -36.47
C PHE L 216 13.07 32.07 -37.53
N TYR L 217 12.36 30.96 -37.32
CA TYR L 217 11.36 30.51 -38.27
C TYR L 217 10.08 30.10 -37.58
N GLU L 218 8.96 30.46 -38.20
CA GLU L 218 7.66 30.11 -37.66
C GLU L 218 7.46 28.60 -37.82
N LEU L 219 6.66 28.02 -36.92
CA LEU L 219 6.32 26.59 -36.93
C LEU L 219 4.80 26.51 -36.72
N LYS L 220 4.18 25.40 -37.08
CA LYS L 220 2.73 25.26 -36.92
C LYS L 220 2.32 25.47 -35.47
N ARG L 221 1.24 26.21 -35.26
CA ARG L 221 0.76 26.54 -33.91
C ARG L 221 -0.39 25.69 -33.35
N ASP L 222 -0.69 24.56 -34.00
CA ASP L 222 -1.77 23.68 -33.51
C ASP L 222 -1.31 22.63 -32.49
N THR M 1 6.85 20.32 2.37
CA THR M 1 5.63 19.98 1.59
C THR M 1 4.42 20.29 2.44
N GLN M 2 3.36 20.77 1.79
CA GLN M 2 2.15 21.15 2.48
C GLN M 2 0.99 20.91 1.53
N GLN M 3 -0.11 21.61 1.78
CA GLN M 3 -1.30 21.53 0.95
C GLN M 3 -2.09 22.79 1.22
N PRO M 4 -2.62 23.41 0.17
CA PRO M 4 -3.41 24.65 0.28
C PRO M 4 -4.71 24.47 1.06
N ILE M 5 -5.13 25.52 1.76
CA ILE M 5 -6.36 25.50 2.56
C ILE M 5 -7.33 26.57 2.02
N VAL M 6 -7.06 27.84 2.32
CA VAL M 6 -7.88 28.93 1.81
C VAL M 6 -7.24 29.32 0.48
N THR M 7 -7.99 29.26 -0.59
CA THR M 7 -7.39 29.54 -1.89
C THR M 7 -8.08 30.54 -2.80
N GLY M 8 -7.26 31.15 -3.65
CA GLY M 8 -7.75 32.11 -4.62
C GLY M 8 -7.67 31.49 -6.00
N THR M 9 -8.71 31.69 -6.81
CA THR M 9 -8.72 31.11 -8.15
C THR M 9 -7.94 31.92 -9.19
N SER M 10 -8.33 31.84 -10.46
CA SER M 10 -7.66 32.52 -11.57
C SER M 10 -7.16 33.96 -11.44
N VAL M 11 -6.16 34.27 -12.25
CA VAL M 11 -5.58 35.61 -12.37
C VAL M 11 -5.31 35.78 -13.85
N ILE M 12 -6.08 36.65 -14.51
CA ILE M 12 -5.89 36.87 -15.94
C ILE M 12 -5.24 38.22 -16.20
N SER M 13 -4.49 38.29 -17.31
CA SER M 13 -3.78 39.50 -17.69
C SER M 13 -3.32 39.44 -19.13
N MET M 14 -3.11 40.63 -19.69
CA MET M 14 -2.64 40.75 -21.07
C MET M 14 -1.99 42.11 -21.18
N LYS M 15 -1.26 42.33 -22.27
CA LYS M 15 -0.60 43.60 -22.46
C LYS M 15 -1.03 44.26 -23.77
N TYR M 16 -1.29 45.57 -23.71
CA TYR M 16 -1.68 46.32 -24.90
C TYR M 16 -0.54 47.27 -25.31
N ASP M 17 -0.79 48.12 -26.30
CA ASP M 17 0.25 49.03 -26.80
C ASP M 17 0.90 49.99 -25.81
N ASN M 18 0.18 50.42 -24.77
CA ASN M 18 0.74 51.37 -23.82
C ASN M 18 1.07 50.83 -22.44
N GLY M 19 0.35 49.80 -22.03
CA GLY M 19 0.60 49.21 -20.72
C GLY M 19 0.22 47.75 -20.62
N VAL M 20 -0.36 47.39 -19.49
CA VAL M 20 -0.77 46.02 -19.23
C VAL M 20 -2.00 46.04 -18.30
N ILE M 21 -2.81 44.99 -18.38
CA ILE M 21 -3.98 44.88 -17.53
C ILE M 21 -3.94 43.55 -16.81
N ILE M 22 -4.44 43.53 -15.58
CA ILE M 22 -4.47 42.31 -14.78
C ILE M 22 -5.72 42.33 -13.90
N ALA M 23 -6.36 41.17 -13.76
CA ALA M 23 -7.56 41.08 -12.95
C ALA M 23 -7.67 39.77 -12.15
N ALA M 24 -8.44 39.81 -11.06
CA ALA M 24 -8.64 38.66 -10.18
C ALA M 24 -9.84 38.87 -9.29
N ASP M 25 -10.75 37.90 -9.24
CA ASP M 25 -11.94 38.03 -8.41
C ASP M 25 -11.57 38.15 -6.92
N ASN M 26 -12.51 38.62 -6.12
CA ASN M 26 -12.25 38.82 -4.69
C ASN M 26 -12.73 37.67 -3.82
N LEU M 27 -12.47 36.44 -4.25
CA LEU M 27 -12.90 35.27 -3.49
C LEU M 27 -11.77 34.50 -2.79
N GLY M 28 -12.13 33.89 -1.66
CA GLY M 28 -11.21 33.09 -0.87
C GLY M 28 -11.95 31.82 -0.51
N SER M 29 -11.74 30.77 -1.32
CA SER M 29 -12.42 29.49 -1.11
C SER M 29 -11.73 28.64 -0.06
N TYR M 30 -12.52 27.82 0.62
CA TYR M 30 -12.06 26.90 1.64
C TYR M 30 -12.65 25.58 1.19
N GLY M 31 -12.01 24.98 0.21
CA GLY M 31 -12.53 23.74 -0.31
C GLY M 31 -13.61 24.13 -1.28
N SER M 32 -14.83 23.67 -1.04
CA SER M 32 -15.96 23.97 -1.91
C SER M 32 -16.83 25.04 -1.26
N LEU M 33 -16.42 25.51 -0.09
CA LEU M 33 -17.14 26.57 0.60
C LEU M 33 -16.55 27.91 0.18
N LEU M 34 -17.33 28.76 -0.46
CA LEU M 34 -16.85 30.08 -0.89
C LEU M 34 -16.83 30.98 0.36
N ARG M 35 -15.96 30.63 1.30
CA ARG M 35 -15.85 31.29 2.60
C ARG M 35 -15.62 32.79 2.73
N PHE M 36 -14.63 33.34 2.03
CA PHE M 36 -14.34 34.76 2.15
C PHE M 36 -14.57 35.56 0.88
N ASN M 37 -15.33 36.64 0.99
CA ASN M 37 -15.61 37.43 -0.20
C ASN M 37 -14.97 38.81 -0.34
N GLY M 38 -14.16 39.22 0.62
CA GLY M 38 -13.54 40.52 0.49
C GLY M 38 -12.04 40.40 0.34
N VAL M 39 -11.60 39.45 -0.47
CA VAL M 39 -10.17 39.24 -0.64
C VAL M 39 -9.55 39.89 -1.85
N GLU M 40 -8.65 40.84 -1.60
CA GLU M 40 -7.97 41.51 -2.69
C GLU M 40 -6.79 40.64 -3.02
N ARG M 41 -6.69 40.22 -4.28
CA ARG M 41 -5.58 39.36 -4.71
C ARG M 41 -4.68 40.07 -5.70
N LEU M 42 -4.80 41.38 -5.76
CA LEU M 42 -3.93 42.19 -6.63
C LEU M 42 -3.11 43.08 -5.70
N ILE M 43 -1.80 42.88 -5.71
CA ILE M 43 -0.92 43.65 -4.85
C ILE M 43 -0.16 44.70 -5.65
N PRO M 44 -0.47 45.98 -5.41
CA PRO M 44 0.22 47.03 -6.14
C PRO M 44 1.50 47.35 -5.40
N VAL M 45 2.63 47.28 -6.08
CA VAL M 45 3.92 47.61 -5.47
C VAL M 45 4.49 48.81 -6.21
N GLY M 46 4.50 49.95 -5.54
CA GLY M 46 5.00 51.15 -6.18
C GLY M 46 3.85 51.73 -6.99
N ASP M 47 4.17 52.29 -8.15
CA ASP M 47 3.15 52.88 -9.02
C ASP M 47 3.29 52.39 -10.45
N ASN M 48 4.17 51.41 -10.66
CA ASN M 48 4.40 50.85 -11.98
C ASN M 48 4.25 49.33 -11.99
N THR M 49 3.94 48.75 -10.82
CA THR M 49 3.81 47.30 -10.71
C THR M 49 2.63 46.85 -9.89
N VAL M 50 2.00 45.76 -10.34
CA VAL M 50 0.88 45.13 -9.65
C VAL M 50 1.12 43.63 -9.74
N VAL M 51 1.11 42.97 -8.58
CA VAL M 51 1.35 41.53 -8.50
C VAL M 51 0.06 40.78 -8.20
N GLY M 52 -0.35 39.93 -9.14
CA GLY M 52 -1.57 39.15 -8.98
C GLY M 52 -1.24 37.74 -8.49
N ILE M 53 -1.89 37.31 -7.43
CA ILE M 53 -1.63 36.01 -6.83
C ILE M 53 -2.84 35.08 -6.72
N SER M 54 -2.60 33.80 -6.99
CA SER M 54 -3.62 32.75 -6.88
C SER M 54 -3.02 31.61 -6.08
N GLY M 55 -3.86 30.80 -5.48
CA GLY M 55 -3.33 29.70 -4.70
C GLY M 55 -3.65 29.87 -3.25
N ASP M 56 -2.75 29.41 -2.39
CA ASP M 56 -2.96 29.49 -0.95
C ASP M 56 -2.95 30.94 -0.48
N ILE M 57 -4.04 31.35 0.16
CA ILE M 57 -4.17 32.72 0.63
C ILE M 57 -3.17 33.06 1.74
N SER M 58 -2.98 32.16 2.70
CA SER M 58 -2.02 32.44 3.78
C SER M 58 -0.63 32.67 3.19
N ASP M 59 -0.29 31.91 2.17
CA ASP M 59 1.01 32.07 1.53
C ASP M 59 1.03 33.41 0.80
N MET M 60 -0.10 33.81 0.24
CA MET M 60 -0.20 35.08 -0.49
C MET M 60 0.08 36.24 0.49
N GLN M 61 -0.61 36.21 1.63
CA GLN M 61 -0.44 37.23 2.66
C GLN M 61 1.02 37.32 3.08
N HIS M 62 1.75 36.22 2.92
CA HIS M 62 3.16 36.20 3.26
C HIS M 62 3.94 36.94 2.18
N ILE M 63 3.59 36.69 0.92
CA ILE M 63 4.26 37.33 -0.20
C ILE M 63 3.92 38.82 -0.15
N GLU M 64 2.78 39.13 0.45
CA GLU M 64 2.37 40.52 0.59
C GLU M 64 3.35 41.22 1.50
N ARG M 65 3.53 40.66 2.70
CA ARG M 65 4.43 41.19 3.70
C ARG M 65 5.86 41.27 3.19
N LEU M 66 6.22 40.36 2.29
CA LEU M 66 7.56 40.36 1.72
C LEU M 66 7.74 41.55 0.81
N LEU M 67 6.68 41.91 0.10
CA LEU M 67 6.73 43.03 -0.83
C LEU M 67 6.77 44.39 -0.12
N LYS M 68 6.02 44.54 0.97
CA LYS M 68 6.03 45.79 1.72
C LYS M 68 7.43 45.98 2.30
N ASP M 69 8.14 44.88 2.48
CA ASP M 69 9.48 44.95 3.01
C ASP M 69 10.47 45.33 1.94
N LEU M 70 10.22 44.86 0.72
CA LEU M 70 11.11 45.15 -0.38
C LEU M 70 11.06 46.66 -0.63
N VAL M 71 9.87 47.22 -0.44
CA VAL M 71 9.68 48.65 -0.62
C VAL M 71 10.45 49.40 0.47
N THR M 72 10.14 49.09 1.72
CA THR M 72 10.80 49.72 2.88
C THR M 72 12.31 49.69 2.75
N GLU M 73 12.85 48.51 2.45
CA GLU M 73 14.29 48.34 2.32
C GLU M 73 14.88 49.18 1.21
N ASN M 74 14.24 49.20 0.04
CA ASN M 74 14.74 49.96 -1.10
C ASN M 74 14.80 51.45 -0.77
N ALA M 75 13.95 51.88 0.16
CA ALA M 75 13.91 53.27 0.58
C ALA M 75 15.16 53.62 1.37
N TYR M 76 15.65 52.69 2.18
CA TYR M 76 16.85 52.91 2.99
C TYR M 76 18.10 53.41 2.25
N ASP M 77 18.68 54.51 2.76
CA ASP M 77 19.89 55.10 2.19
C ASP M 77 19.83 55.23 0.67
N ASN M 78 18.63 55.48 0.17
CA ASN M 78 18.39 55.63 -1.25
C ASN M 78 17.62 56.91 -1.51
N PRO M 79 18.32 57.99 -1.85
CA PRO M 79 17.71 59.30 -2.13
C PRO M 79 16.90 59.34 -3.44
N LEU M 80 17.09 58.35 -4.30
CA LEU M 80 16.37 58.27 -5.57
C LEU M 80 15.31 57.16 -5.51
N ALA M 81 14.73 56.96 -4.33
CA ALA M 81 13.73 55.92 -4.08
C ALA M 81 12.45 56.12 -4.88
N ASP M 82 12.18 57.36 -5.26
CA ASP M 82 11.00 57.68 -6.04
C ASP M 82 11.45 58.24 -7.39
N ALA M 83 12.68 57.93 -7.76
CA ALA M 83 13.23 58.39 -9.02
C ALA M 83 13.90 57.27 -9.80
N GLU M 84 15.13 57.47 -10.23
CA GLU M 84 15.85 56.46 -11.00
C GLU M 84 16.09 55.15 -10.26
N GLU M 85 16.09 55.18 -8.93
CA GLU M 85 16.33 53.97 -8.13
C GLU M 85 15.09 53.45 -7.42
N ALA M 86 13.96 53.49 -8.11
CA ALA M 86 12.72 52.97 -7.53
C ALA M 86 12.58 51.53 -8.01
N LEU M 87 11.72 50.78 -7.34
CA LEU M 87 11.51 49.37 -7.69
C LEU M 87 10.92 49.20 -9.09
N GLU M 88 11.61 48.43 -9.92
CA GLU M 88 11.16 48.13 -11.28
C GLU M 88 10.34 46.83 -11.23
N PRO M 89 9.47 46.59 -12.22
CA PRO M 89 8.71 45.34 -12.17
C PRO M 89 9.68 44.17 -12.30
N SER M 90 10.64 44.29 -13.22
CA SER M 90 11.62 43.24 -13.42
C SER M 90 12.37 42.89 -12.13
N TYR M 91 12.56 43.87 -11.24
CA TYR M 91 13.26 43.58 -9.99
C TYR M 91 12.31 42.80 -9.08
N ILE M 92 11.11 43.34 -8.88
CA ILE M 92 10.11 42.70 -8.03
C ILE M 92 9.90 41.26 -8.46
N PHE M 93 9.94 41.02 -9.77
CA PHE M 93 9.75 39.67 -10.28
C PHE M 93 10.93 38.76 -10.02
N GLU M 94 12.09 39.14 -10.54
CA GLU M 94 13.29 38.34 -10.36
C GLU M 94 13.47 37.96 -8.90
N TYR M 95 12.99 38.82 -8.00
CA TYR M 95 13.05 38.56 -6.57
C TYR M 95 12.10 37.40 -6.25
N LEU M 96 10.80 37.64 -6.42
CA LEU M 96 9.80 36.61 -6.16
C LEU M 96 10.17 35.28 -6.81
N ALA M 97 10.57 35.33 -8.08
CA ALA M 97 10.93 34.13 -8.82
C ALA M 97 12.02 33.38 -8.07
N THR M 98 12.96 34.13 -7.51
CA THR M 98 14.05 33.55 -6.75
C THR M 98 13.50 32.82 -5.54
N VAL M 99 12.67 33.53 -4.78
CA VAL M 99 12.08 32.97 -3.59
C VAL M 99 11.29 31.69 -3.91
N MET M 100 10.48 31.76 -4.95
CA MET M 100 9.65 30.61 -5.32
C MET M 100 10.47 29.34 -5.56
N TYR M 101 11.58 29.49 -6.29
CA TYR M 101 12.43 28.33 -6.60
C TYR M 101 13.21 27.81 -5.40
N GLN M 102 13.72 28.71 -4.57
CA GLN M 102 14.46 28.27 -3.40
C GLN M 102 13.52 27.44 -2.52
N ARG M 103 12.26 27.87 -2.45
CA ARG M 103 11.27 27.16 -1.64
C ARG M 103 10.85 25.81 -2.21
N ARG M 104 10.70 25.69 -3.52
CA ARG M 104 10.31 24.38 -4.05
C ARG M 104 11.52 23.48 -3.88
N SER M 105 12.70 24.10 -3.85
CA SER M 105 13.95 23.35 -3.72
C SER M 105 14.24 22.89 -2.30
N LYS M 106 13.57 23.49 -1.32
CA LYS M 106 13.76 23.10 0.06
C LYS M 106 12.57 22.20 0.37
N MET M 107 11.86 21.79 -0.68
CA MET M 107 10.69 20.91 -0.54
C MET M 107 9.59 21.47 0.33
N ASN M 108 9.50 22.79 0.38
CA ASN M 108 8.49 23.50 1.18
C ASN M 108 8.04 24.73 0.37
N PRO M 109 7.22 24.50 -0.66
CA PRO M 109 6.72 25.55 -1.55
C PRO M 109 5.74 26.56 -0.98
N LEU M 110 5.61 27.68 -1.69
CA LEU M 110 4.63 28.73 -1.41
C LEU M 110 3.61 28.31 -2.47
N TRP M 111 2.51 27.74 -2.04
CA TRP M 111 1.52 27.21 -2.96
C TRP M 111 0.77 28.22 -3.82
N ASN M 112 1.48 28.93 -4.69
CA ASN M 112 0.85 29.94 -5.52
C ASN M 112 1.27 29.94 -6.95
N ALA M 113 0.53 30.72 -7.74
CA ALA M 113 0.80 30.97 -9.16
C ALA M 113 0.75 32.49 -9.14
N ILE M 114 1.83 33.13 -9.57
CA ILE M 114 1.91 34.58 -9.55
C ILE M 114 2.18 35.20 -10.91
N ILE M 115 1.57 36.35 -11.16
CA ILE M 115 1.78 37.07 -12.41
C ILE M 115 2.13 38.51 -12.04
N VAL M 116 3.32 38.94 -12.45
CA VAL M 116 3.76 40.29 -12.17
C VAL M 116 3.54 41.13 -13.41
N ALA M 117 2.73 42.18 -13.26
CA ALA M 117 2.39 43.08 -14.36
C ALA M 117 2.80 44.51 -14.12
N GLY M 118 3.47 45.10 -15.10
CA GLY M 118 3.88 46.48 -14.95
C GLY M 118 4.54 47.10 -16.17
N VAL M 119 5.01 48.33 -15.99
CA VAL M 119 5.69 49.05 -17.04
C VAL M 119 7.08 49.44 -16.55
N GLN M 120 8.10 49.09 -17.33
CA GLN M 120 9.48 49.41 -16.95
C GLN M 120 9.74 50.91 -17.00
N SER M 121 10.91 51.33 -16.53
CA SER M 121 11.28 52.74 -16.53
C SER M 121 11.34 53.33 -17.94
N ASN M 122 11.75 52.50 -18.90
CA ASN M 122 11.83 52.96 -20.29
C ASN M 122 10.54 52.78 -21.08
N GLY M 123 9.42 52.61 -20.37
CA GLY M 123 8.14 52.45 -21.03
C GLY M 123 7.71 51.05 -21.41
N ASP M 124 8.68 50.13 -21.54
CA ASP M 124 8.40 48.74 -21.91
C ASP M 124 7.38 48.07 -20.99
N GLN M 125 6.60 47.17 -21.56
CA GLN M 125 5.60 46.45 -20.77
C GLN M 125 6.25 45.21 -20.18
N PHE M 126 5.90 44.89 -18.94
CA PHE M 126 6.44 43.72 -18.29
C PHE M 126 5.30 42.82 -17.82
N LEU M 127 5.36 41.56 -18.25
CA LEU M 127 4.35 40.59 -17.88
C LEU M 127 4.99 39.20 -17.84
N ARG M 128 5.21 38.70 -16.62
CA ARG M 128 5.81 37.37 -16.47
C ARG M 128 5.08 36.56 -15.40
N TYR M 129 5.26 35.23 -15.46
CA TYR M 129 4.62 34.28 -14.56
C TYR M 129 5.60 33.43 -13.75
N VAL M 130 5.22 33.11 -12.51
CA VAL M 130 6.04 32.26 -11.65
C VAL M 130 5.10 31.46 -10.74
N ASN M 131 5.34 30.15 -10.61
CA ASN M 131 4.49 29.34 -9.75
C ASN M 131 5.28 28.63 -8.65
N LEU M 132 4.59 27.77 -7.89
CA LEU M 132 5.20 27.06 -6.76
C LEU M 132 6.38 26.18 -7.13
N LEU M 133 6.53 25.86 -8.41
CA LEU M 133 7.66 25.03 -8.82
C LEU M 133 8.85 25.90 -9.19
N GLY M 134 8.63 27.20 -9.31
CA GLY M 134 9.71 28.09 -9.69
C GLY M 134 9.77 28.29 -11.20
N VAL M 135 8.84 27.67 -11.91
CA VAL M 135 8.75 27.78 -13.36
C VAL M 135 8.36 29.21 -13.77
N THR M 136 9.00 29.74 -14.81
CA THR M 136 8.69 31.10 -15.27
C THR M 136 8.55 31.18 -16.79
N TYR M 137 7.74 32.14 -17.23
CA TYR M 137 7.53 32.39 -18.66
C TYR M 137 6.72 33.67 -18.89
N SER M 138 6.86 34.19 -20.11
CA SER M 138 6.14 35.39 -20.53
C SER M 138 5.37 35.12 -21.81
N SER M 139 4.34 35.93 -22.03
CA SER M 139 3.51 35.81 -23.23
C SER M 139 2.62 37.04 -23.26
N PRO M 140 2.19 37.46 -24.47
CA PRO M 140 1.30 38.63 -24.62
C PRO M 140 0.09 38.54 -23.68
N THR M 141 -0.28 37.31 -23.30
CA THR M 141 -1.36 37.06 -22.35
C THR M 141 -0.89 35.97 -21.38
N LEU M 142 -1.35 36.07 -20.12
CA LEU M 142 -0.99 35.10 -19.11
C LEU M 142 -2.14 34.95 -18.15
N ALA M 143 -2.43 33.72 -17.75
CA ALA M 143 -3.50 33.45 -16.81
C ALA M 143 -3.11 32.22 -15.99
N THR M 144 -3.63 32.12 -14.79
CA THR M 144 -3.34 30.99 -13.92
C THR M 144 -4.59 30.15 -13.71
N GLY M 145 -4.42 28.86 -13.40
CA GLY M 145 -5.56 28.00 -13.17
C GLY M 145 -6.53 27.97 -14.33
N PHE M 146 -7.83 28.05 -14.02
CA PHE M 146 -8.86 28.02 -15.05
C PHE M 146 -8.61 29.03 -16.15
N GLY M 147 -8.18 30.22 -15.76
CA GLY M 147 -7.89 31.25 -16.72
C GLY M 147 -7.00 30.73 -17.83
N ALA M 148 -6.07 29.85 -17.51
CA ALA M 148 -5.17 29.34 -18.53
C ALA M 148 -5.93 28.55 -19.58
N HIS M 149 -7.10 28.02 -19.21
CA HIS M 149 -7.88 27.22 -20.14
C HIS M 149 -9.00 27.94 -20.86
N MET M 150 -9.57 28.94 -20.19
CA MET M 150 -10.68 29.68 -20.78
C MET M 150 -10.34 31.11 -21.15
N ALA M 151 -9.53 31.78 -20.33
CA ALA M 151 -9.15 33.16 -20.61
C ALA M 151 -8.16 33.26 -21.77
N ASN M 152 -7.00 32.62 -21.66
CA ASN M 152 -6.01 32.71 -22.72
C ASN M 152 -6.63 32.58 -24.10
N PRO M 153 -7.49 31.58 -24.32
CA PRO M 153 -8.11 31.40 -25.64
C PRO M 153 -8.80 32.64 -26.22
N LEU M 154 -9.52 33.36 -25.36
CA LEU M 154 -10.21 34.57 -25.77
C LEU M 154 -9.20 35.71 -25.96
N LEU M 155 -8.37 35.93 -24.95
CA LEU M 155 -7.36 36.98 -24.98
C LEU M 155 -6.38 36.83 -26.14
N ARG M 156 -6.10 35.61 -26.56
CA ARG M 156 -5.18 35.40 -27.66
C ARG M 156 -5.82 35.70 -29.01
N LYS M 157 -7.14 35.85 -29.02
CA LYS M 157 -7.86 36.19 -30.25
C LYS M 157 -7.68 37.68 -30.52
N VAL M 158 -7.27 38.42 -29.48
CA VAL M 158 -7.03 39.87 -29.57
C VAL M 158 -5.56 40.10 -29.85
N VAL M 159 -4.70 39.48 -29.04
CA VAL M 159 -3.25 39.58 -29.20
C VAL M 159 -2.64 38.20 -29.42
N ASP M 160 -2.66 37.73 -30.67
CA ASP M 160 -2.16 36.40 -31.01
C ASP M 160 -0.64 36.33 -30.97
N ARG M 161 0.04 37.43 -31.27
CA ARG M 161 1.49 37.46 -31.22
C ARG M 161 1.98 38.83 -30.79
N GLU M 162 3.30 39.03 -30.87
CA GLU M 162 3.89 40.30 -30.46
C GLU M 162 3.40 41.49 -31.30
N SER M 163 3.49 41.34 -32.61
CA SER M 163 3.08 42.40 -33.54
C SER M 163 1.67 42.92 -33.32
N ASP M 164 0.83 42.16 -32.63
CA ASP M 164 -0.55 42.59 -32.37
C ASP M 164 -0.66 43.52 -31.17
N ILE M 165 0.41 43.64 -30.40
CA ILE M 165 0.34 44.47 -29.20
C ILE M 165 0.21 45.97 -29.47
N PRO M 166 1.07 46.52 -30.34
CA PRO M 166 0.97 47.96 -30.63
C PRO M 166 -0.38 48.35 -31.27
N LYS M 167 -1.15 47.35 -31.71
CA LYS M 167 -2.45 47.56 -32.32
C LYS M 167 -3.62 47.45 -31.34
N THR M 168 -3.34 47.14 -30.08
CA THR M 168 -4.41 47.00 -29.11
C THR M 168 -4.53 48.16 -28.13
N THR M 169 -5.73 48.71 -28.03
CA THR M 169 -5.99 49.85 -27.16
C THR M 169 -6.54 49.42 -25.82
N VAL M 170 -6.39 50.28 -24.82
CA VAL M 170 -6.86 50.02 -23.47
C VAL M 170 -8.32 49.60 -23.40
N GLN M 171 -9.15 50.12 -24.29
CA GLN M 171 -10.57 49.80 -24.29
C GLN M 171 -10.78 48.41 -24.89
N VAL M 172 -10.09 48.15 -26.00
CA VAL M 172 -10.17 46.85 -26.67
C VAL M 172 -9.75 45.79 -25.65
N ALA M 173 -8.58 46.01 -25.05
CA ALA M 173 -8.01 45.12 -24.05
C ALA M 173 -8.90 45.00 -22.81
N GLU M 174 -9.11 46.11 -22.10
CA GLU M 174 -9.92 46.06 -20.91
C GLU M 174 -11.26 45.37 -21.16
N GLU M 175 -11.71 45.40 -22.40
CA GLU M 175 -12.97 44.76 -22.73
C GLU M 175 -12.80 43.25 -22.76
N ALA M 176 -11.75 42.81 -23.44
CA ALA M 176 -11.45 41.39 -23.53
C ALA M 176 -11.33 40.82 -22.10
N ILE M 177 -10.54 41.48 -21.27
CA ILE M 177 -10.34 41.06 -19.89
C ILE M 177 -11.67 40.96 -19.15
N VAL M 178 -12.49 42.00 -19.26
CA VAL M 178 -13.78 42.00 -18.57
C VAL M 178 -14.71 40.91 -19.06
N ASN M 179 -14.67 40.60 -20.35
CA ASN M 179 -15.53 39.53 -20.86
C ASN M 179 -15.01 38.20 -20.31
N ALA M 180 -13.70 38.03 -20.37
CA ALA M 180 -13.03 36.82 -19.90
C ALA M 180 -13.47 36.51 -18.47
N MET M 181 -13.49 37.53 -17.62
CA MET M 181 -13.92 37.36 -16.23
C MET M 181 -15.34 36.84 -16.14
N ARG M 182 -16.19 37.24 -17.10
CA ARG M 182 -17.57 36.79 -17.12
C ARG M 182 -17.61 35.31 -17.46
N VAL M 183 -16.87 34.92 -18.51
CA VAL M 183 -16.80 33.52 -18.92
C VAL M 183 -16.36 32.64 -17.73
N LEU M 184 -15.32 33.08 -17.03
CA LEU M 184 -14.84 32.33 -15.88
C LEU M 184 -15.94 32.21 -14.82
N TYR M 185 -16.77 33.23 -14.67
CA TYR M 185 -17.84 33.17 -13.67
C TYR M 185 -18.90 32.17 -14.11
N TYR M 186 -18.97 31.93 -15.42
CA TYR M 186 -19.94 30.98 -15.96
C TYR M 186 -19.50 29.53 -15.72
N ARG M 187 -18.21 29.23 -15.93
CA ARG M 187 -17.74 27.87 -15.81
C ARG M 187 -16.82 27.46 -14.65
N ASP M 188 -16.40 28.40 -13.81
CA ASP M 188 -15.52 28.05 -12.68
C ASP M 188 -16.29 28.02 -11.37
N ALA M 189 -16.47 26.83 -10.80
CA ALA M 189 -17.22 26.67 -9.56
C ALA M 189 -16.53 27.25 -8.33
N ARG M 190 -15.38 27.88 -8.53
CA ARG M 190 -14.66 28.49 -7.42
C ARG M 190 -14.44 29.97 -7.73
N SER M 191 -15.39 30.58 -8.42
CA SER M 191 -15.28 32.00 -8.78
C SER M 191 -16.36 32.89 -8.19
N SER M 192 -15.99 34.16 -8.04
CA SER M 192 -16.87 35.18 -7.50
C SER M 192 -17.24 36.12 -8.64
N ARG M 193 -18.35 36.85 -8.46
CA ARG M 193 -18.83 37.80 -9.46
C ARG M 193 -18.10 39.14 -9.32
N ASN M 194 -17.63 39.42 -8.11
CA ASN M 194 -16.92 40.65 -7.85
C ASN M 194 -15.44 40.45 -8.04
N PHE M 195 -14.81 41.36 -8.76
CA PHE M 195 -13.38 41.25 -9.01
C PHE M 195 -12.71 42.61 -9.01
N SER M 196 -11.39 42.61 -9.13
CA SER M 196 -10.65 43.85 -9.17
C SER M 196 -9.85 43.83 -10.45
N LEU M 197 -9.75 45.00 -11.07
CA LEU M 197 -9.01 45.12 -12.32
C LEU M 197 -8.00 46.24 -12.16
N ALA M 198 -6.87 46.13 -12.85
CA ALA M 198 -5.84 47.15 -12.75
C ALA M 198 -5.13 47.34 -14.07
N ILE M 199 -4.93 48.61 -14.42
CA ILE M 199 -4.24 48.96 -15.65
C ILE M 199 -2.98 49.71 -15.27
N ILE M 200 -1.92 49.47 -16.02
CA ILE M 200 -0.67 50.16 -15.78
C ILE M 200 -0.26 50.66 -17.15
N ASP M 201 -0.46 51.96 -17.33
CA ASP M 201 -0.18 52.65 -18.59
C ASP M 201 1.07 53.53 -18.47
N LYS M 202 1.90 53.53 -19.52
CA LYS M 202 3.12 54.32 -19.50
C LYS M 202 2.86 55.83 -19.50
N ASN M 203 1.60 56.22 -19.59
CA ASN M 203 1.23 57.64 -19.58
C ASN M 203 0.30 57.93 -18.41
N THR M 204 -0.85 57.28 -18.39
CA THR M 204 -1.82 57.51 -17.32
C THR M 204 -1.41 56.89 -15.98
N GLY M 205 -0.34 56.09 -15.99
CA GLY M 205 0.14 55.44 -14.77
C GLY M 205 -0.63 54.22 -14.34
N LEU M 206 -0.86 54.08 -13.03
CA LEU M 206 -1.58 52.94 -12.49
C LEU M 206 -2.98 53.29 -12.06
N THR M 207 -3.96 52.62 -12.65
CA THR M 207 -5.36 52.81 -12.31
C THR M 207 -5.81 51.51 -11.67
N PHE M 208 -6.35 51.58 -10.47
CA PHE M 208 -6.76 50.39 -9.77
C PHE M 208 -8.26 50.40 -9.44
N LYS M 209 -9.02 49.62 -10.19
CA LYS M 209 -10.47 49.54 -10.00
C LYS M 209 -10.90 48.42 -9.08
N LYS M 210 -11.60 48.77 -8.01
CA LYS M 210 -12.09 47.80 -7.05
C LYS M 210 -13.60 47.60 -7.18
N ASN M 211 -14.11 46.54 -6.57
CA ASN M 211 -15.53 46.19 -6.56
C ASN M 211 -16.30 46.08 -7.87
N LEU M 212 -15.64 45.67 -8.94
CA LEU M 212 -16.32 45.51 -10.21
C LEU M 212 -17.28 44.32 -10.10
N GLN M 213 -18.14 44.15 -11.09
CA GLN M 213 -19.10 43.05 -11.10
C GLN M 213 -19.36 42.55 -12.50
N VAL M 214 -19.58 41.25 -12.62
CA VAL M 214 -19.86 40.69 -13.92
C VAL M 214 -21.26 41.13 -14.26
N GLU M 215 -21.39 41.80 -15.42
CA GLU M 215 -22.68 42.30 -15.87
C GLU M 215 -23.00 41.73 -17.25
N ASN M 216 -24.24 41.96 -17.69
CA ASN M 216 -24.72 41.50 -18.99
C ASN M 216 -24.57 39.99 -19.19
N MET M 217 -25.16 39.21 -18.29
CA MET M 217 -25.09 37.78 -18.38
C MET M 217 -26.33 37.19 -19.07
N LYS M 218 -26.10 36.20 -19.93
CA LYS M 218 -27.19 35.53 -20.63
C LYS M 218 -27.64 34.30 -19.83
N TRP M 219 -28.86 34.36 -19.29
CA TRP M 219 -29.41 33.25 -18.51
C TRP M 219 -30.83 32.91 -18.93
N ASP M 220 -31.43 33.74 -19.78
CA ASP M 220 -32.80 33.54 -20.22
C ASP M 220 -33.15 32.17 -20.83
N PHE M 221 -32.32 31.68 -21.74
CA PHE M 221 -32.57 30.39 -22.39
C PHE M 221 -32.76 29.24 -21.40
N ALA M 222 -32.34 29.45 -20.16
CA ALA M 222 -32.47 28.42 -19.15
C ALA M 222 -33.91 28.01 -18.90
N LYS M 223 -34.87 28.85 -19.35
CA LYS M 223 -36.29 28.56 -19.15
C LYS M 223 -36.83 27.57 -20.16
N ASP M 224 -36.17 27.50 -21.32
CA ASP M 224 -36.57 26.61 -22.40
C ASP M 224 -36.04 25.20 -22.20
N ILE M 225 -35.04 25.06 -21.34
CA ILE M 225 -34.45 23.78 -21.09
C ILE M 225 -35.11 23.05 -19.94
N LYS M 226 -35.66 21.87 -20.25
CA LYS M 226 -36.31 21.05 -19.25
C LYS M 226 -35.96 19.59 -19.49
N GLY M 227 -35.90 18.80 -18.40
CA GLY M 227 -35.55 17.40 -18.49
C GLY M 227 -34.12 17.22 -18.95
N TYR M 228 -33.73 15.98 -19.22
CA TYR M 228 -32.37 15.71 -19.68
C TYR M 228 -32.39 14.77 -20.87
N GLY M 229 -33.43 14.86 -21.68
CA GLY M 229 -33.56 14.02 -22.86
C GLY M 229 -34.96 13.87 -23.43
N THR M 230 -35.79 13.04 -22.78
CA THR M 230 -37.16 12.81 -23.27
C THR M 230 -38.26 13.58 -22.58
N GLN M 231 -38.00 14.12 -21.39
CA GLN M 231 -39.02 14.87 -20.66
C GLN M 231 -39.49 16.10 -21.45
N LYS M 232 -40.81 16.30 -21.49
CA LYS M 232 -41.38 17.41 -22.24
C LYS M 232 -41.82 18.65 -21.44
N ILE M 233 -42.03 18.48 -20.13
CA ILE M 233 -42.46 19.61 -19.31
C ILE M 233 -41.51 19.96 -18.14
N THR N 1 -17.80 21.14 17.72
CA THR N 1 -17.50 22.50 18.24
C THR N 1 -18.14 23.61 17.42
N SER N 2 -18.84 24.52 18.11
CA SER N 2 -19.47 25.66 17.46
C SER N 2 -19.02 26.92 18.19
N ILE N 3 -18.40 27.84 17.47
CA ILE N 3 -17.90 29.06 18.08
C ILE N 3 -18.10 30.25 17.17
N MET N 4 -18.29 31.43 17.76
CA MET N 4 -18.47 32.65 16.98
C MET N 4 -18.19 33.93 17.77
N ALA N 5 -17.86 34.99 17.03
CA ALA N 5 -17.58 36.29 17.62
C ALA N 5 -18.30 37.32 16.76
N VAL N 6 -19.07 38.21 17.41
CA VAL N 6 -19.83 39.24 16.72
C VAL N 6 -19.54 40.63 17.28
N THR N 7 -19.29 41.59 16.38
CA THR N 7 -19.03 42.96 16.79
C THR N 7 -20.33 43.73 16.72
N PHE N 8 -20.66 44.44 17.79
CA PHE N 8 -21.87 45.24 17.81
C PHE N 8 -21.57 46.68 18.26
N LYS N 9 -22.62 47.48 18.34
CA LYS N 9 -22.52 48.89 18.74
C LYS N 9 -21.53 49.21 19.89
N ASP N 10 -21.67 48.54 21.03
CA ASP N 10 -20.82 48.79 22.21
C ASP N 10 -19.50 48.04 22.31
N GLY N 11 -19.31 47.03 21.48
CA GLY N 11 -18.08 46.27 21.55
C GLY N 11 -18.08 44.97 20.77
N VAL N 12 -17.99 43.84 21.47
CA VAL N 12 -17.97 42.53 20.80
C VAL N 12 -18.30 41.38 21.75
N ILE N 13 -18.95 40.34 21.23
CA ILE N 13 -19.31 39.18 22.04
C ILE N 13 -18.80 37.86 21.45
N LEU N 14 -18.33 36.97 22.32
CA LEU N 14 -17.82 35.68 21.91
C LEU N 14 -18.71 34.57 22.47
N GLY N 15 -19.05 33.61 21.63
CA GLY N 15 -19.88 32.50 22.07
C GLY N 15 -19.34 31.17 21.63
N ALA N 16 -19.70 30.11 22.35
CA ALA N 16 -19.24 28.76 22.04
C ALA N 16 -20.14 27.72 22.69
N ASP N 17 -20.02 26.47 22.26
CA ASP N 17 -20.77 25.39 22.90
C ASP N 17 -19.79 24.88 23.94
N SER N 18 -20.11 23.81 24.66
CA SER N 18 -19.17 23.36 25.69
C SER N 18 -18.81 21.90 25.57
N ARG N 19 -18.95 21.34 24.37
CA ARG N 19 -18.68 19.93 24.15
C ARG N 19 -17.38 19.62 23.41
N THR N 20 -16.56 18.75 23.99
CA THR N 20 -15.33 18.29 23.37
C THR N 20 -15.50 16.77 23.31
N THR N 21 -15.31 16.22 22.12
CA THR N 21 -15.48 14.80 21.93
C THR N 21 -14.22 14.14 21.41
N THR N 22 -14.14 12.86 21.70
CA THR N 22 -13.05 12.01 21.24
C THR N 22 -13.86 10.87 20.63
N GLY N 23 -14.14 10.99 19.34
CA GLY N 23 -14.95 10.00 18.68
C GLY N 23 -16.40 10.38 18.91
N ALA N 24 -17.20 9.42 19.36
CA ALA N 24 -18.60 9.70 19.63
C ALA N 24 -18.80 9.89 21.14
N TYR N 25 -17.72 9.77 21.91
CA TYR N 25 -17.79 9.95 23.35
C TYR N 25 -17.56 11.39 23.70
N ILE N 26 -18.37 11.91 24.63
CA ILE N 26 -18.25 13.29 25.05
C ILE N 26 -17.33 13.34 26.27
N ALA N 27 -16.05 13.63 26.02
CA ALA N 27 -15.01 13.68 27.04
C ALA N 27 -15.27 14.76 28.06
N ASN N 28 -15.78 15.90 27.61
CA ASN N 28 -16.10 17.01 28.50
C ASN N 28 -17.36 17.69 27.97
N ARG N 29 -18.38 17.82 28.82
CA ARG N 29 -19.63 18.47 28.40
C ARG N 29 -19.78 19.89 28.96
N VAL N 30 -18.81 20.34 29.72
CA VAL N 30 -18.87 21.67 30.29
C VAL N 30 -17.60 22.45 29.97
N THR N 31 -17.02 22.17 28.80
CA THR N 31 -15.79 22.83 28.34
C THR N 31 -15.91 24.35 28.19
N ASP N 32 -14.81 25.07 28.45
CA ASP N 32 -14.76 26.52 28.28
C ASP N 32 -13.88 26.82 27.08
N LYS N 33 -14.50 26.98 25.92
CA LYS N 33 -13.76 27.23 24.69
C LYS N 33 -13.44 28.69 24.49
N LEU N 34 -13.85 29.53 25.44
CA LEU N 34 -13.60 30.96 25.38
C LEU N 34 -12.39 31.25 26.25
N THR N 35 -11.25 31.47 25.59
CA THR N 35 -9.97 31.70 26.27
C THR N 35 -9.47 33.14 26.30
N ARG N 36 -9.03 33.57 27.47
CA ARG N 36 -8.52 34.91 27.68
C ARG N 36 -7.02 35.02 27.42
N VAL N 37 -6.61 35.91 26.53
CA VAL N 37 -5.19 36.09 26.27
C VAL N 37 -4.73 37.41 26.88
N HIS N 38 -5.70 38.33 27.07
CA HIS N 38 -5.43 39.64 27.67
C HIS N 38 -6.71 40.15 28.32
N ASP N 39 -6.62 41.24 29.09
CA ASP N 39 -7.78 41.79 29.77
C ASP N 39 -8.97 41.88 28.83
N LYS N 40 -8.78 42.54 27.70
CA LYS N 40 -9.88 42.65 26.77
C LYS N 40 -9.61 42.08 25.37
N ILE N 41 -8.86 40.99 25.34
CA ILE N 41 -8.58 40.29 24.08
C ILE N 41 -8.87 38.84 24.40
N TRP N 42 -9.85 38.25 23.74
CA TRP N 42 -10.17 36.85 23.99
C TRP N 42 -10.14 36.07 22.69
N CYS N 43 -10.33 34.76 22.77
CA CYS N 43 -10.32 33.92 21.57
C CYS N 43 -11.25 32.72 21.69
N CYS N 44 -11.67 32.21 20.54
CA CYS N 44 -12.51 31.03 20.48
C CYS N 44 -11.63 29.95 19.89
N ARG N 45 -11.62 28.79 20.54
CA ARG N 45 -10.76 27.70 20.07
C ARG N 45 -11.49 26.51 19.43
N SER N 46 -11.07 26.17 18.22
CA SER N 46 -11.61 25.01 17.48
C SER N 46 -10.41 24.20 16.96
N GLY N 47 -10.58 22.89 16.86
CA GLY N 47 -9.50 22.04 16.39
C GLY N 47 -8.89 21.27 17.54
N SER N 48 -7.61 20.91 17.39
CA SER N 48 -6.92 20.18 18.45
C SER N 48 -6.89 20.90 19.78
N ALA N 49 -7.58 20.37 20.78
CA ALA N 49 -7.60 21.01 22.10
C ALA N 49 -6.16 21.23 22.53
N ALA N 50 -5.35 20.18 22.45
CA ALA N 50 -3.94 20.30 22.82
C ALA N 50 -3.25 21.43 22.06
N ASP N 51 -3.43 21.48 20.75
CA ASP N 51 -2.79 22.52 19.94
C ASP N 51 -3.26 23.95 20.22
N THR N 52 -4.57 24.15 20.29
CA THR N 52 -5.09 25.51 20.53
C THR N 52 -4.72 26.01 21.93
N GLN N 53 -4.80 25.13 22.92
CA GLN N 53 -4.45 25.49 24.30
C GLN N 53 -2.99 25.93 24.34
N ALA N 54 -2.11 25.14 23.77
CA ALA N 54 -0.69 25.46 23.75
C ALA N 54 -0.44 26.77 23.01
N ILE N 55 -1.20 27.01 21.95
CA ILE N 55 -1.06 28.23 21.18
C ILE N 55 -1.51 29.40 22.02
N ALA N 56 -2.68 29.26 22.63
CA ALA N 56 -3.25 30.30 23.49
C ALA N 56 -2.29 30.66 24.62
N ASP N 57 -1.76 29.64 25.31
CA ASP N 57 -0.84 29.88 26.41
C ASP N 57 0.38 30.69 25.93
N ILE N 58 0.94 30.33 24.78
CA ILE N 58 2.09 31.05 24.25
C ILE N 58 1.71 32.47 23.89
N VAL N 59 0.52 32.67 23.33
CA VAL N 59 0.10 34.02 22.94
C VAL N 59 -0.06 34.88 24.20
N GLN N 60 -0.72 34.32 25.21
CA GLN N 60 -0.92 35.05 26.46
C GLN N 60 0.44 35.46 27.01
N TYR N 61 1.43 34.59 26.85
CA TYR N 61 2.78 34.87 27.30
C TYR N 61 3.30 36.10 26.55
N HIS N 62 3.23 36.06 25.23
CA HIS N 62 3.70 37.17 24.41
C HIS N 62 3.02 38.50 24.67
N LEU N 63 1.71 38.49 24.89
CA LEU N 63 0.99 39.73 25.13
C LEU N 63 1.33 40.29 26.52
N GLU N 64 1.58 39.41 27.49
CA GLU N 64 1.95 39.84 28.83
C GLU N 64 3.31 40.52 28.83
N LEU N 65 4.22 40.07 27.99
CA LEU N 65 5.54 40.66 27.92
C LEU N 65 5.48 41.94 27.10
N TYR N 66 4.55 41.98 26.13
CA TYR N 66 4.36 43.15 25.27
C TYR N 66 3.85 44.29 26.16
N THR N 67 2.92 43.94 27.03
CA THR N 67 2.33 44.90 27.94
C THR N 67 3.38 45.43 28.90
N SER N 68 4.23 44.55 29.43
CA SER N 68 5.29 44.94 30.36
C SER N 68 6.16 46.03 29.77
N GLN N 69 6.35 46.00 28.46
CA GLN N 69 7.21 46.98 27.80
C GLN N 69 6.51 48.08 27.03
N TYR N 70 5.45 47.74 26.30
CA TYR N 70 4.79 48.76 25.48
C TYR N 70 3.34 49.06 25.79
N GLY N 71 2.86 48.64 26.96
CA GLY N 71 1.48 48.90 27.32
C GLY N 71 0.50 47.94 26.68
N THR N 72 -0.78 48.26 26.76
CA THR N 72 -1.83 47.42 26.20
C THR N 72 -1.72 47.26 24.66
N PRO N 73 -1.73 46.01 24.19
CA PRO N 73 -1.64 45.70 22.75
C PRO N 73 -2.97 45.84 22.03
N SER N 74 -2.90 46.09 20.74
CA SER N 74 -4.10 46.21 19.93
C SER N 74 -4.64 44.82 19.66
N THR N 75 -5.92 44.73 19.33
CA THR N 75 -6.54 43.45 19.02
C THR N 75 -5.89 42.90 17.77
N GLU N 76 -5.47 43.80 16.89
CA GLU N 76 -4.79 43.41 15.65
C GLU N 76 -3.45 42.75 15.97
N THR N 77 -2.73 43.27 16.97
CA THR N 77 -1.44 42.70 17.37
C THR N 77 -1.63 41.29 17.92
N ALA N 78 -2.65 41.09 18.75
CA ALA N 78 -2.90 39.77 19.31
C ALA N 78 -3.16 38.79 18.16
N ALA N 79 -3.97 39.21 17.19
CA ALA N 79 -4.28 38.35 16.04
C ALA N 79 -2.99 38.06 15.29
N SER N 80 -2.14 39.06 15.16
CA SER N 80 -0.86 38.93 14.47
C SER N 80 0.01 37.83 15.12
N VAL N 81 0.05 37.84 16.45
CA VAL N 81 0.84 36.84 17.17
C VAL N 81 0.26 35.43 16.95
N PHE N 82 -1.06 35.32 16.93
CA PHE N 82 -1.72 34.04 16.71
C PHE N 82 -1.38 33.54 15.31
N LYS N 83 -1.41 34.45 14.35
CA LYS N 83 -1.13 34.12 12.96
C LYS N 83 0.30 33.64 12.79
N GLU N 84 1.21 34.34 13.46
CA GLU N 84 2.61 34.01 13.38
C GLU N 84 2.81 32.54 13.78
N LEU N 85 2.23 32.14 14.91
CA LEU N 85 2.32 30.77 15.39
C LEU N 85 1.62 29.79 14.45
N CYS N 86 0.36 30.07 14.12
CA CYS N 86 -0.42 29.20 13.26
C CYS N 86 0.11 29.01 11.85
N TYR N 87 0.67 30.06 11.27
CA TYR N 87 1.17 29.96 9.91
C TYR N 87 2.56 29.30 9.84
N GLU N 88 3.46 29.77 10.68
CA GLU N 88 4.82 29.27 10.71
C GLU N 88 4.88 27.80 11.09
N ASN N 89 3.82 27.28 11.70
CA ASN N 89 3.79 25.89 12.15
C ASN N 89 2.57 25.16 11.63
N LYS N 90 2.08 25.57 10.46
CA LYS N 90 0.88 24.97 9.87
C LYS N 90 0.95 23.46 9.75
N ASP N 91 2.14 22.95 9.44
CA ASP N 91 2.33 21.52 9.27
C ASP N 91 2.15 20.67 10.53
N ASN N 92 2.20 21.31 11.70
CA ASN N 92 2.06 20.58 12.95
C ASN N 92 0.93 21.06 13.84
N LEU N 93 -0.01 21.79 13.26
CA LEU N 93 -1.11 22.28 14.03
C LEU N 93 -2.43 22.08 13.33
N THR N 94 -3.45 21.86 14.13
CA THR N 94 -4.79 21.71 13.62
C THR N 94 -5.55 22.62 14.58
N ALA N 95 -5.49 23.91 14.27
CA ALA N 95 -6.14 24.91 15.08
C ALA N 95 -6.91 25.93 14.24
N GLY N 96 -8.15 26.20 14.65
CA GLY N 96 -8.99 27.18 13.99
C GLY N 96 -9.26 28.17 15.10
N ILE N 97 -8.73 29.40 14.99
CA ILE N 97 -8.91 30.38 16.05
C ILE N 97 -9.64 31.66 15.62
N ILE N 98 -10.56 32.13 16.48
CA ILE N 98 -11.27 33.40 16.24
C ILE N 98 -10.79 34.35 17.35
N VAL N 99 -10.20 35.47 16.95
CA VAL N 99 -9.68 36.44 17.92
C VAL N 99 -10.61 37.65 18.01
N ALA N 100 -11.07 37.95 19.22
CA ALA N 100 -11.97 39.08 19.44
C ALA N 100 -11.53 39.92 20.63
N GLY N 101 -11.42 41.23 20.42
CA GLY N 101 -11.02 42.10 21.51
C GLY N 101 -11.71 43.44 21.52
N TYR N 102 -11.55 44.19 22.61
CA TYR N 102 -12.14 45.50 22.73
C TYR N 102 -11.10 46.56 23.06
N ASP N 103 -11.00 47.52 22.16
CA ASP N 103 -10.08 48.63 22.26
C ASP N 103 -10.98 49.84 22.48
N ASP N 104 -10.46 50.92 23.04
CA ASP N 104 -11.31 52.09 23.25
C ASP N 104 -11.28 53.00 22.02
N LYS N 105 -10.23 52.89 21.22
CA LYS N 105 -10.09 53.68 20.02
C LYS N 105 -10.74 52.95 18.84
N ASN N 106 -10.65 51.61 18.83
CA ASN N 106 -11.20 50.78 17.76
C ASN N 106 -12.53 50.08 18.07
N LYS N 107 -13.04 50.30 19.28
CA LYS N 107 -14.28 49.68 19.71
C LYS N 107 -14.11 48.15 19.66
N GLY N 108 -14.98 47.44 18.96
CA GLY N 108 -14.85 45.99 18.88
C GLY N 108 -14.29 45.47 17.56
N GLU N 109 -13.41 44.48 17.62
CA GLU N 109 -12.84 43.89 16.41
C GLU N 109 -12.80 42.38 16.45
N VAL N 110 -12.95 41.76 15.27
CA VAL N 110 -12.94 40.31 15.14
C VAL N 110 -12.05 39.84 13.99
N TYR N 111 -11.14 38.92 14.32
CA TYR N 111 -10.22 38.33 13.34
C TYR N 111 -10.39 36.81 13.36
N THR N 112 -10.40 36.19 12.19
CA THR N 112 -10.54 34.74 12.11
C THR N 112 -9.28 34.16 11.48
N ILE N 113 -8.72 33.15 12.13
CA ILE N 113 -7.51 32.50 11.65
C ILE N 113 -7.87 31.03 11.38
N PRO N 114 -8.12 30.71 10.09
CA PRO N 114 -8.48 29.34 9.71
C PRO N 114 -7.27 28.42 9.60
N LEU N 115 -7.51 27.15 9.29
CA LEU N 115 -6.46 26.17 9.18
C LEU N 115 -5.18 26.66 8.53
N GLY N 116 -5.28 27.15 7.29
CA GLY N 116 -4.05 27.61 6.65
C GLY N 116 -3.08 28.42 7.50
N GLY N 117 -3.61 29.41 8.23
CA GLY N 117 -2.76 30.27 9.05
C GLY N 117 -2.90 31.70 8.57
N SER N 118 -3.89 31.93 7.70
CA SER N 118 -4.14 33.27 7.18
C SER N 118 -5.07 34.00 8.14
N VAL N 119 -5.05 35.34 8.09
CA VAL N 119 -5.91 36.13 8.95
C VAL N 119 -6.98 36.89 8.17
N HIS N 120 -8.17 36.94 8.75
CA HIS N 120 -9.29 37.61 8.12
C HIS N 120 -10.08 38.41 9.15
N LYS N 121 -10.11 39.72 8.96
CA LYS N 121 -10.84 40.63 9.86
C LYS N 121 -12.27 40.72 9.31
N LEU N 122 -13.24 40.54 10.18
CA LEU N 122 -14.63 40.56 9.76
C LEU N 122 -15.54 41.18 10.81
N PRO N 123 -16.79 41.51 10.43
CA PRO N 123 -17.81 42.10 11.29
C PRO N 123 -18.18 41.06 12.34
N TYR N 124 -18.20 39.80 11.90
CA TYR N 124 -18.48 38.67 12.76
C TYR N 124 -17.88 37.43 12.09
N ALA N 125 -17.66 36.39 12.89
CA ALA N 125 -17.09 35.17 12.34
C ALA N 125 -17.60 33.96 13.07
N ILE N 126 -17.75 32.87 12.31
CA ILE N 126 -18.21 31.61 12.85
C ILE N 126 -17.23 30.52 12.45
N ALA N 127 -17.12 29.50 13.28
CA ALA N 127 -16.20 28.42 13.01
C ALA N 127 -16.53 27.20 13.86
N GLY N 128 -15.90 26.07 13.51
CA GLY N 128 -16.15 24.84 14.24
C GLY N 128 -17.02 23.98 13.34
N SER N 129 -17.00 22.68 13.58
CA SER N 129 -17.78 21.76 12.75
C SER N 129 -19.26 22.19 12.62
N GLY N 130 -19.85 22.65 13.72
CA GLY N 130 -21.25 23.06 13.70
C GLY N 130 -21.56 24.32 12.91
N SER N 131 -20.53 25.13 12.67
CA SER N 131 -20.71 26.38 11.94
C SER N 131 -21.28 26.18 10.55
N THR N 132 -20.88 25.11 9.88
CA THR N 132 -21.35 24.85 8.53
C THR N 132 -22.87 24.98 8.37
N PHE N 133 -23.60 24.50 9.37
CA PHE N 133 -25.04 24.52 9.34
C PHE N 133 -25.71 25.86 9.55
N ILE N 134 -24.95 26.85 10.00
CA ILE N 134 -25.56 28.14 10.23
C ILE N 134 -25.05 29.26 9.32
N TYR N 135 -24.35 28.90 8.24
CA TYR N 135 -23.89 29.93 7.34
C TYR N 135 -25.08 30.69 6.77
N GLY N 136 -26.14 29.96 6.42
CA GLY N 136 -27.34 30.58 5.89
C GLY N 136 -28.01 31.48 6.91
N TYR N 137 -28.35 30.92 8.06
CA TYR N 137 -28.99 31.68 9.11
C TYR N 137 -28.24 32.95 9.48
N CYS N 138 -26.93 32.85 9.68
CA CYS N 138 -26.12 34.02 10.05
C CYS N 138 -26.04 35.11 9.00
N ASP N 139 -25.88 34.74 7.74
CA ASP N 139 -25.78 35.76 6.70
C ASP N 139 -27.11 36.49 6.55
N LYS N 140 -28.19 35.83 6.96
CA LYS N 140 -29.51 36.44 6.87
C LYS N 140 -29.87 37.30 8.07
N ASN N 141 -29.38 36.93 9.25
CA ASN N 141 -29.72 37.68 10.45
C ASN N 141 -28.67 38.66 11.03
N PHE N 142 -27.48 38.72 10.46
CA PHE N 142 -26.51 39.65 11.01
C PHE N 142 -26.76 41.05 10.50
N ARG N 143 -26.67 42.01 11.42
CA ARG N 143 -26.85 43.42 11.13
C ARG N 143 -25.73 44.14 11.88
N GLU N 144 -25.13 45.13 11.25
CA GLU N 144 -24.06 45.84 11.92
C GLU N 144 -24.59 46.79 12.99
N ASN N 145 -23.88 46.88 14.11
CA ASN N 145 -24.26 47.78 15.19
C ASN N 145 -25.54 47.43 15.92
N MET N 146 -25.71 46.15 16.24
CA MET N 146 -26.88 45.71 16.99
C MET N 146 -26.62 46.09 18.44
N SER N 147 -27.63 45.93 19.30
CA SER N 147 -27.46 46.25 20.70
C SER N 147 -26.92 45.02 21.40
N LYS N 148 -26.54 45.16 22.66
CA LYS N 148 -26.02 44.03 23.40
C LYS N 148 -27.05 42.89 23.44
N GLU N 149 -28.32 43.19 23.72
CA GLU N 149 -29.33 42.13 23.79
C GLU N 149 -29.63 41.56 22.42
N GLU N 150 -29.56 42.41 21.40
CA GLU N 150 -29.80 41.99 20.02
C GLU N 150 -28.74 40.96 19.61
N THR N 151 -27.49 41.27 19.94
CA THR N 151 -26.36 40.41 19.65
C THR N 151 -26.39 39.13 20.47
N VAL N 152 -26.56 39.26 21.78
CA VAL N 152 -26.65 38.07 22.62
C VAL N 152 -27.73 37.15 22.09
N ASP N 153 -28.71 37.70 21.39
CA ASP N 153 -29.81 36.90 20.83
C ASP N 153 -29.42 36.28 19.50
N PHE N 154 -28.72 37.05 18.67
CA PHE N 154 -28.25 36.57 17.38
C PHE N 154 -27.35 35.37 17.62
N ILE N 155 -26.49 35.47 18.62
CA ILE N 155 -25.57 34.40 18.96
C ILE N 155 -26.29 33.21 19.58
N LYS N 156 -27.20 33.48 20.50
CA LYS N 156 -27.93 32.39 21.17
C LYS N 156 -28.70 31.52 20.19
N HIS N 157 -29.31 32.14 19.18
CA HIS N 157 -30.07 31.41 18.18
C HIS N 157 -29.15 30.65 17.24
N SER N 158 -28.13 31.33 16.73
CA SER N 158 -27.19 30.69 15.82
C SER N 158 -26.60 29.42 16.43
N LEU N 159 -25.97 29.55 17.60
CA LEU N 159 -25.38 28.38 18.22
C LEU N 159 -26.40 27.32 18.56
N SER N 160 -27.63 27.72 18.91
CA SER N 160 -28.63 26.72 19.24
C SER N 160 -28.93 25.87 17.99
N GLN N 161 -28.86 26.47 16.81
CA GLN N 161 -29.10 25.70 15.59
C GLN N 161 -27.88 24.81 15.37
N ALA N 162 -26.69 25.39 15.49
CA ALA N 162 -25.44 24.65 15.33
C ALA N 162 -25.43 23.46 16.29
N ILE N 163 -25.70 23.68 17.57
CA ILE N 163 -25.72 22.57 18.54
C ILE N 163 -26.75 21.53 18.10
N LYS N 164 -27.85 22.01 17.51
CA LYS N 164 -28.96 21.16 17.08
C LYS N 164 -28.60 20.10 16.08
N TRP N 165 -27.96 20.55 14.99
CA TRP N 165 -27.57 19.67 13.89
C TRP N 165 -26.25 18.93 14.05
N ASP N 166 -25.23 19.63 14.55
CA ASP N 166 -23.90 19.05 14.72
C ASP N 166 -23.73 18.28 16.04
N GLY N 167 -23.50 16.98 15.93
CA GLY N 167 -23.33 16.16 17.11
C GLY N 167 -22.04 16.43 17.85
N SER N 168 -21.13 17.14 17.19
CA SER N 168 -19.85 17.46 17.82
C SER N 168 -20.01 18.65 18.76
N SER N 169 -21.13 19.36 18.60
CA SER N 169 -21.43 20.51 19.43
C SER N 169 -22.54 20.17 20.41
N GLY N 170 -22.58 20.89 21.52
CA GLY N 170 -23.60 20.64 22.52
C GLY N 170 -23.25 21.19 23.87
N GLY N 171 -24.03 20.79 24.87
CA GLY N 171 -23.82 21.25 26.24
C GLY N 171 -24.51 22.56 26.55
N VAL N 172 -23.75 23.54 27.03
CA VAL N 172 -24.28 24.86 27.35
C VAL N 172 -23.67 25.88 26.41
N ILE N 173 -24.34 27.00 26.19
CA ILE N 173 -23.80 28.03 25.34
C ILE N 173 -23.13 29.03 26.28
N ARG N 174 -21.86 29.33 26.04
CA ARG N 174 -21.15 30.30 26.87
C ARG N 174 -20.91 31.54 26.02
N MET N 175 -20.82 32.68 26.68
CA MET N 175 -20.57 33.91 25.99
C MET N 175 -19.69 34.77 26.86
N VAL N 176 -19.04 35.74 26.23
CA VAL N 176 -18.18 36.68 26.93
C VAL N 176 -18.37 38.01 26.24
N VAL N 177 -18.87 38.99 26.99
CA VAL N 177 -19.13 40.32 26.45
C VAL N 177 -17.96 41.25 26.72
N LEU N 178 -17.45 41.84 25.65
CA LEU N 178 -16.32 42.74 25.74
C LEU N 178 -16.67 44.18 25.32
N THR N 179 -16.81 45.06 26.33
CA THR N 179 -17.14 46.48 26.10
C THR N 179 -16.31 47.37 27.03
N ALA N 180 -16.43 48.69 26.87
CA ALA N 180 -15.69 49.62 27.71
C ALA N 180 -16.08 49.35 29.16
N ALA N 181 -17.35 48.97 29.34
CA ALA N 181 -17.90 48.68 30.67
C ALA N 181 -17.15 47.59 31.41
N GLY N 182 -16.41 46.75 30.69
CA GLY N 182 -15.70 45.67 31.33
C GLY N 182 -15.88 44.32 30.64
N VAL N 183 -15.74 43.24 31.41
CA VAL N 183 -15.86 41.88 30.88
C VAL N 183 -17.00 41.09 31.55
N GLU N 184 -17.98 40.68 30.75
CA GLU N 184 -19.14 39.95 31.25
C GLU N 184 -19.27 38.49 30.78
N ARG N 185 -19.49 37.58 31.73
CA ARG N 185 -19.65 36.15 31.47
C ARG N 185 -21.10 35.67 31.44
N LEU N 186 -21.58 35.21 30.28
CA LEU N 186 -22.95 34.71 30.16
C LEU N 186 -22.97 33.21 29.92
N ILE N 187 -23.99 32.54 30.42
CA ILE N 187 -24.14 31.11 30.23
C ILE N 187 -25.61 30.86 29.92
N PHE N 188 -25.91 29.85 29.13
CA PHE N 188 -27.29 29.53 28.77
C PHE N 188 -27.42 28.02 28.72
N TYR N 189 -28.34 27.49 29.50
CA TYR N 189 -28.52 26.05 29.58
C TYR N 189 -29.41 25.44 28.50
N PRO N 190 -29.34 24.11 28.32
CA PRO N 190 -30.13 23.40 27.33
C PRO N 190 -31.61 23.78 27.31
N ASP N 191 -32.28 23.61 28.44
CA ASP N 191 -33.70 23.92 28.53
C ASP N 191 -34.11 25.28 28.01
N GLU N 192 -33.16 26.21 27.88
CA GLU N 192 -33.52 27.50 27.35
C GLU N 192 -33.34 27.59 25.84
N TYR N 193 -32.13 27.33 25.36
CA TYR N 193 -31.88 27.44 23.93
C TYR N 193 -32.46 26.33 23.04
N GLU N 194 -32.74 25.17 23.61
CA GLU N 194 -33.30 24.06 22.82
C GLU N 194 -34.72 24.38 22.39
N GLN N 195 -35.36 25.32 23.07
CA GLN N 195 -36.74 25.68 22.76
C GLN N 195 -36.88 26.87 21.83
N LEU N 196 -35.77 27.52 21.50
CA LEU N 196 -35.80 28.66 20.60
C LEU N 196 -36.17 28.16 19.21
N MET O 1 -45.65 -26.71 -18.26
CA MET O 1 -45.18 -25.68 -19.23
C MET O 1 -43.95 -26.24 -19.96
N THR O 2 -43.19 -25.35 -20.58
CA THR O 2 -41.99 -25.72 -21.32
C THR O 2 -42.28 -26.51 -22.58
N ASP O 3 -41.62 -26.09 -23.65
CA ASP O 3 -41.77 -26.73 -24.93
C ASP O 3 -41.32 -28.19 -24.81
N ARG O 4 -42.29 -29.08 -24.63
CA ARG O 4 -42.01 -30.51 -24.52
C ARG O 4 -41.87 -31.08 -25.92
N TYR O 5 -42.07 -30.20 -26.90
CA TYR O 5 -41.97 -30.54 -28.33
C TYR O 5 -40.51 -30.30 -28.75
N SER O 6 -39.63 -31.23 -28.41
CA SER O 6 -38.23 -31.10 -28.76
C SER O 6 -37.86 -32.03 -29.90
N PHE O 7 -38.87 -32.62 -30.53
CA PHE O 7 -38.67 -33.54 -31.65
C PHE O 7 -39.17 -32.93 -32.95
N SER O 8 -38.77 -33.50 -34.08
CA SER O 8 -39.15 -32.98 -35.39
C SER O 8 -40.62 -33.20 -35.74
N LEU O 9 -41.22 -32.18 -36.35
CA LEU O 9 -42.61 -32.24 -36.78
C LEU O 9 -42.65 -32.47 -38.29
N THR O 10 -41.46 -32.46 -38.90
CA THR O 10 -41.32 -32.73 -40.33
C THR O 10 -40.43 -33.94 -40.36
N THR O 11 -40.93 -35.06 -40.89
CA THR O 11 -40.12 -36.26 -40.97
C THR O 11 -40.31 -36.93 -42.32
N PHE O 12 -39.44 -37.87 -42.65
CA PHE O 12 -39.54 -38.58 -43.91
C PHE O 12 -40.64 -39.63 -43.88
N SER O 13 -41.33 -39.79 -45.00
CA SER O 13 -42.39 -40.79 -45.12
C SER O 13 -41.79 -41.91 -45.97
N PRO O 14 -42.38 -43.12 -45.91
CA PRO O 14 -41.91 -44.27 -46.67
C PRO O 14 -41.56 -43.99 -48.13
N SER O 15 -42.36 -43.16 -48.78
CA SER O 15 -42.12 -42.81 -50.18
C SER O 15 -40.87 -41.95 -50.31
N GLY O 16 -40.50 -41.28 -49.22
CA GLY O 16 -39.32 -40.44 -49.24
C GLY O 16 -39.68 -38.98 -49.28
N LYS O 17 -40.96 -38.69 -49.09
CA LYS O 17 -41.41 -37.31 -49.12
C LYS O 17 -41.30 -36.70 -47.73
N LEU O 18 -41.28 -35.38 -47.68
CA LEU O 18 -41.25 -34.65 -46.41
C LEU O 18 -42.56 -33.88 -46.37
N GLY O 19 -43.60 -34.55 -45.87
CA GLY O 19 -44.95 -34.01 -45.80
C GLY O 19 -45.11 -32.54 -45.55
N GLN O 20 -44.67 -32.07 -44.39
CA GLN O 20 -44.82 -30.67 -44.02
C GLN O 20 -44.26 -29.69 -45.04
N ILE O 21 -43.21 -30.09 -45.76
CA ILE O 21 -42.65 -29.20 -46.77
C ILE O 21 -43.53 -29.22 -48.01
N ASP O 22 -44.08 -30.39 -48.32
CA ASP O 22 -44.97 -30.52 -49.47
C ASP O 22 -46.18 -29.63 -49.21
N TYR O 23 -46.76 -29.78 -48.02
CA TYR O 23 -47.94 -29.01 -47.62
C TYR O 23 -47.66 -27.53 -47.59
N ALA O 24 -46.49 -27.14 -47.11
CA ALA O 24 -46.15 -25.74 -47.08
C ALA O 24 -46.14 -25.22 -48.53
N LEU O 25 -45.62 -26.04 -49.45
CA LEU O 25 -45.58 -25.63 -50.85
C LEU O 25 -46.99 -25.48 -51.40
N THR O 26 -47.90 -26.31 -50.89
CA THR O 26 -49.28 -26.26 -51.34
C THR O 26 -49.87 -24.93 -50.86
N ALA O 27 -49.43 -24.46 -49.70
CA ALA O 27 -49.93 -23.21 -49.18
C ALA O 27 -49.46 -22.09 -50.08
N VAL O 28 -48.23 -22.19 -50.54
CA VAL O 28 -47.67 -21.17 -51.42
C VAL O 28 -48.47 -21.13 -52.71
N LYS O 29 -48.89 -22.31 -53.17
CA LYS O 29 -49.68 -22.44 -54.39
C LYS O 29 -50.98 -21.64 -54.39
N GLN O 30 -51.63 -21.58 -53.24
CA GLN O 30 -52.89 -20.85 -53.12
C GLN O 30 -52.67 -19.36 -52.94
N GLY O 31 -51.43 -18.95 -52.73
CA GLY O 31 -51.16 -17.54 -52.52
C GLY O 31 -51.26 -16.69 -53.76
N VAL O 32 -51.45 -15.39 -53.58
CA VAL O 32 -51.53 -14.45 -54.70
C VAL O 32 -50.22 -14.50 -55.51
N THR O 33 -50.34 -14.34 -56.84
CA THR O 33 -49.16 -14.38 -57.68
C THR O 33 -48.18 -13.22 -57.48
N SER O 34 -46.89 -13.52 -57.63
CA SER O 34 -45.81 -12.53 -57.51
C SER O 34 -44.74 -12.95 -58.52
N LEU O 35 -43.97 -12.00 -59.01
CA LEU O 35 -42.95 -12.33 -60.01
C LEU O 35 -41.73 -11.43 -60.00
N GLY O 36 -40.71 -11.81 -60.75
CA GLY O 36 -39.51 -11.01 -60.84
C GLY O 36 -38.86 -11.17 -62.19
N ILE O 37 -38.34 -10.08 -62.74
CA ILE O 37 -37.68 -10.11 -64.04
C ILE O 37 -36.33 -9.43 -63.94
N LYS O 38 -35.31 -10.02 -64.56
CA LYS O 38 -33.99 -9.46 -64.52
C LYS O 38 -33.61 -8.82 -65.86
N ALA O 39 -33.42 -7.50 -65.86
CA ALA O 39 -33.00 -6.80 -67.06
C ALA O 39 -31.48 -6.76 -67.02
N THR O 40 -30.85 -6.04 -67.94
CA THR O 40 -29.40 -5.97 -67.97
C THR O 40 -28.88 -4.85 -67.09
N ASN O 41 -29.78 -3.99 -66.64
CA ASN O 41 -29.38 -2.88 -65.79
C ASN O 41 -30.40 -2.68 -64.69
N GLY O 42 -30.89 -3.78 -64.14
CA GLY O 42 -31.87 -3.71 -63.08
C GLY O 42 -32.67 -4.98 -62.93
N VAL O 43 -33.50 -5.01 -61.89
CA VAL O 43 -34.36 -6.16 -61.63
C VAL O 43 -35.67 -5.59 -61.14
N VAL O 44 -36.76 -6.26 -61.45
CA VAL O 44 -38.07 -5.81 -61.03
C VAL O 44 -38.85 -6.95 -60.40
N ILE O 45 -39.48 -6.67 -59.27
CA ILE O 45 -40.29 -7.67 -58.57
C ILE O 45 -41.64 -7.02 -58.37
N ALA O 46 -42.70 -7.80 -58.48
CA ALA O 46 -44.05 -7.28 -58.32
C ALA O 46 -45.06 -8.34 -57.89
N THR O 47 -46.17 -7.86 -57.34
CA THR O 47 -47.21 -8.74 -56.86
C THR O 47 -48.52 -7.98 -56.84
N GLU O 48 -49.59 -8.64 -56.41
CA GLU O 48 -50.91 -8.03 -56.34
C GLU O 48 -51.32 -7.75 -54.89
N LYS O 49 -51.86 -6.57 -54.63
CA LYS O 49 -52.30 -6.22 -53.28
C LYS O 49 -53.75 -6.64 -53.09
N LYS O 50 -53.95 -7.90 -52.73
CA LYS O 50 -55.29 -8.44 -52.53
C LYS O 50 -55.92 -7.93 -51.23
N SER O 51 -56.67 -6.83 -51.32
CA SER O 51 -57.31 -6.24 -50.16
C SER O 51 -58.41 -7.16 -49.60
N SER O 52 -58.52 -7.18 -48.26
CA SER O 52 -59.52 -8.01 -47.58
C SER O 52 -60.73 -7.23 -47.08
N SER O 53 -60.99 -6.08 -47.72
CA SER O 53 -62.11 -5.19 -47.40
C SER O 53 -61.80 -3.80 -47.92
N PRO O 54 -62.75 -3.17 -48.63
CA PRO O 54 -62.49 -1.82 -49.16
C PRO O 54 -62.29 -0.83 -48.01
N LEU O 55 -62.52 -1.31 -46.79
CA LEU O 55 -62.35 -0.49 -45.59
C LEU O 55 -60.89 -0.51 -45.15
N ALA O 56 -60.17 -1.53 -45.58
CA ALA O 56 -58.76 -1.69 -45.26
C ALA O 56 -57.94 -0.74 -46.14
N MET O 57 -56.85 -0.23 -45.58
CA MET O 57 -55.98 0.69 -46.32
C MET O 57 -54.84 -0.15 -46.86
N SER O 58 -54.86 -0.38 -48.16
CA SER O 58 -53.86 -1.20 -48.83
C SER O 58 -52.40 -0.73 -48.76
N GLU O 59 -52.18 0.54 -48.39
CA GLU O 59 -50.82 1.05 -48.29
C GLU O 59 -50.19 0.56 -46.99
N THR O 60 -51.00 0.43 -45.94
CA THR O 60 -50.52 -0.03 -44.64
C THR O 60 -50.22 -1.53 -44.67
N LEU O 61 -49.79 -2.03 -45.81
CA LEU O 61 -49.48 -3.44 -45.93
C LEU O 61 -48.68 -3.64 -47.20
N SER O 62 -47.37 -3.70 -47.06
CA SER O 62 -46.50 -3.90 -48.20
C SER O 62 -46.13 -5.37 -48.31
N LYS O 63 -46.17 -5.88 -49.55
CA LYS O 63 -45.80 -7.26 -49.80
C LYS O 63 -44.38 -7.24 -50.34
N VAL O 64 -43.92 -6.06 -50.75
CA VAL O 64 -42.56 -5.89 -51.25
C VAL O 64 -41.78 -5.13 -50.17
N SER O 65 -40.74 -5.77 -49.66
CA SER O 65 -39.95 -5.18 -48.59
C SER O 65 -38.47 -5.04 -48.94
N LEU O 66 -37.86 -3.99 -48.42
CA LEU O 66 -36.44 -3.73 -48.60
C LEU O 66 -35.68 -4.48 -47.51
N LEU O 67 -34.70 -5.28 -47.92
CA LEU O 67 -33.90 -6.03 -46.97
C LEU O 67 -32.66 -5.21 -46.59
N THR O 68 -32.03 -4.63 -47.61
CA THR O 68 -30.85 -3.77 -47.44
C THR O 68 -31.03 -2.73 -48.54
N PRO O 69 -30.31 -1.62 -48.48
CA PRO O 69 -30.52 -0.64 -49.56
C PRO O 69 -30.30 -1.13 -51.01
N ASP O 70 -29.87 -2.37 -51.19
CA ASP O 70 -29.65 -2.92 -52.54
C ASP O 70 -30.35 -4.25 -52.73
N ILE O 71 -31.16 -4.66 -51.74
CA ILE O 71 -31.87 -5.94 -51.85
C ILE O 71 -33.33 -5.80 -51.43
N GLY O 72 -34.22 -6.32 -52.25
CA GLY O 72 -35.64 -6.26 -51.94
C GLY O 72 -36.20 -7.66 -52.03
N ALA O 73 -37.38 -7.86 -51.46
CA ALA O 73 -38.00 -9.17 -51.51
C ALA O 73 -39.50 -9.09 -51.67
N VAL O 74 -40.07 -10.18 -52.15
CA VAL O 74 -41.51 -10.27 -52.37
C VAL O 74 -41.85 -11.75 -52.17
N TYR O 75 -43.12 -12.05 -51.96
CA TYR O 75 -43.49 -13.44 -51.71
C TYR O 75 -44.85 -13.90 -52.24
N SER O 76 -45.19 -15.12 -51.86
CA SER O 76 -46.44 -15.79 -52.19
C SER O 76 -46.63 -16.84 -51.13
N GLY O 77 -47.79 -16.82 -50.47
CA GLY O 77 -48.07 -17.76 -49.41
C GLY O 77 -48.63 -17.04 -48.21
N MET O 78 -48.18 -17.44 -47.02
CA MET O 78 -48.68 -16.87 -45.77
C MET O 78 -48.03 -15.56 -45.36
N GLY O 79 -48.76 -14.47 -45.55
CA GLY O 79 -48.25 -13.15 -45.21
C GLY O 79 -47.53 -13.02 -43.89
N PRO O 80 -48.15 -13.45 -42.77
CA PRO O 80 -47.46 -13.35 -41.48
C PRO O 80 -46.06 -13.96 -41.48
N ASP O 81 -45.94 -15.21 -41.94
CA ASP O 81 -44.64 -15.87 -41.98
C ASP O 81 -43.65 -14.99 -42.73
N TYR O 82 -44.10 -14.38 -43.82
CA TYR O 82 -43.25 -13.50 -44.62
C TYR O 82 -42.75 -12.35 -43.76
N ARG O 83 -43.68 -11.73 -43.05
CA ARG O 83 -43.37 -10.60 -42.18
C ARG O 83 -42.24 -10.92 -41.21
N VAL O 84 -42.40 -11.96 -40.40
CA VAL O 84 -41.35 -12.28 -39.44
C VAL O 84 -40.06 -12.65 -40.18
N LEU O 85 -40.19 -13.24 -41.36
CA LEU O 85 -38.99 -13.62 -42.12
C LEU O 85 -38.21 -12.38 -42.54
N VAL O 86 -38.93 -11.36 -42.98
CA VAL O 86 -38.31 -10.12 -43.41
C VAL O 86 -37.55 -9.47 -42.25
N ASP O 87 -38.13 -9.52 -41.06
CA ASP O 87 -37.46 -8.93 -39.90
C ASP O 87 -36.15 -9.68 -39.63
N LYS O 88 -36.24 -11.00 -39.53
CA LYS O 88 -35.06 -11.82 -39.27
C LYS O 88 -34.00 -11.61 -40.34
N SER O 89 -34.45 -11.39 -41.58
CA SER O 89 -33.52 -11.17 -42.69
C SER O 89 -32.80 -9.85 -42.60
N ARG O 90 -33.54 -8.79 -42.33
CA ARG O 90 -32.96 -7.46 -42.23
C ARG O 90 -31.93 -7.45 -41.11
N LYS O 91 -32.20 -8.22 -40.06
CA LYS O 91 -31.31 -8.27 -38.93
C LYS O 91 -30.06 -9.10 -39.17
N VAL O 92 -30.23 -10.30 -39.74
CA VAL O 92 -29.09 -11.15 -40.01
C VAL O 92 -28.13 -10.45 -40.96
N ALA O 93 -28.68 -9.56 -41.78
CA ALA O 93 -27.87 -8.79 -42.72
C ALA O 93 -26.85 -7.97 -41.93
N HIS O 94 -27.26 -7.48 -40.77
CA HIS O 94 -26.40 -6.67 -39.91
C HIS O 94 -25.48 -7.52 -39.03
N THR O 95 -26.09 -8.31 -38.15
CA THR O 95 -25.35 -9.17 -37.22
C THR O 95 -24.34 -10.10 -37.88
N SER O 96 -24.65 -10.59 -39.07
CA SER O 96 -23.75 -11.52 -39.74
C SER O 96 -22.88 -10.92 -40.83
N TYR O 97 -23.05 -9.64 -41.11
CA TYR O 97 -22.26 -9.07 -42.18
C TYR O 97 -21.86 -7.62 -42.00
N LYS O 98 -22.82 -6.71 -41.98
CA LYS O 98 -22.46 -5.30 -41.84
C LYS O 98 -21.62 -5.06 -40.58
N ARG O 99 -21.94 -5.75 -39.49
CA ARG O 99 -21.22 -5.57 -38.23
C ARG O 99 -19.83 -6.19 -38.20
N ILE O 100 -19.51 -6.96 -39.24
CA ILE O 100 -18.19 -7.59 -39.33
C ILE O 100 -17.35 -6.90 -40.40
N TYR O 101 -17.90 -6.82 -41.61
CA TYR O 101 -17.19 -6.24 -42.75
C TYR O 101 -17.49 -4.78 -43.05
N GLY O 102 -18.41 -4.18 -42.32
CA GLY O 102 -18.73 -2.77 -42.55
C GLY O 102 -19.49 -2.44 -43.82
N GLU O 103 -19.99 -3.47 -44.51
CA GLU O 103 -20.77 -3.27 -45.72
C GLU O 103 -21.93 -4.27 -45.73
N TYR O 104 -22.96 -3.99 -46.53
CA TYR O 104 -24.11 -4.90 -46.59
C TYR O 104 -23.71 -6.15 -47.35
N PRO O 105 -24.36 -7.27 -47.03
CA PRO O 105 -24.03 -8.53 -47.72
C PRO O 105 -24.45 -8.59 -49.18
N PRO O 106 -23.74 -9.39 -49.97
CA PRO O 106 -24.07 -9.53 -51.39
C PRO O 106 -25.34 -10.38 -51.46
N THR O 107 -26.15 -10.16 -52.48
CA THR O 107 -27.42 -10.86 -52.64
C THR O 107 -27.40 -12.37 -52.37
N LYS O 108 -26.55 -13.11 -53.07
CA LYS O 108 -26.50 -14.55 -52.88
C LYS O 108 -26.28 -14.94 -51.42
N LEU O 109 -25.41 -14.23 -50.72
CA LEU O 109 -25.15 -14.55 -49.32
C LEU O 109 -26.32 -14.30 -48.40
N LEU O 110 -27.01 -13.17 -48.58
CA LEU O 110 -28.16 -12.84 -47.73
C LEU O 110 -29.26 -13.86 -47.99
N VAL O 111 -29.39 -14.26 -49.25
CA VAL O 111 -30.39 -15.25 -49.64
C VAL O 111 -30.05 -16.55 -48.93
N SER O 112 -28.76 -16.85 -48.90
CA SER O 112 -28.26 -18.05 -48.25
C SER O 112 -28.62 -18.06 -46.76
N GLU O 113 -28.59 -16.88 -46.15
CA GLU O 113 -28.92 -16.73 -44.74
C GLU O 113 -30.40 -17.01 -44.57
N VAL O 114 -31.21 -16.30 -45.34
CA VAL O 114 -32.67 -16.47 -45.29
C VAL O 114 -32.99 -17.95 -45.43
N ALA O 115 -32.39 -18.56 -46.45
CA ALA O 115 -32.59 -19.98 -46.73
C ALA O 115 -32.25 -20.83 -45.53
N LYS O 116 -31.22 -20.45 -44.79
CA LYS O 116 -30.84 -21.22 -43.62
C LYS O 116 -31.95 -21.17 -42.58
N ILE O 117 -32.46 -19.98 -42.31
CA ILE O 117 -33.52 -19.80 -41.33
C ILE O 117 -34.71 -20.69 -41.65
N MET O 118 -35.04 -20.77 -42.93
CA MET O 118 -36.16 -21.60 -43.36
C MET O 118 -35.83 -23.10 -43.24
N GLN O 119 -34.58 -23.46 -43.45
CA GLN O 119 -34.19 -24.86 -43.34
C GLN O 119 -34.40 -25.40 -41.93
N GLU O 120 -34.03 -24.58 -40.94
CA GLU O 120 -34.16 -24.98 -39.55
C GLU O 120 -35.58 -25.23 -39.12
N ALA O 121 -36.52 -24.50 -39.70
CA ALA O 121 -37.93 -24.67 -39.39
C ALA O 121 -38.45 -25.94 -40.08
N THR O 122 -37.51 -26.66 -40.69
CA THR O 122 -37.80 -27.88 -41.42
C THR O 122 -37.27 -29.11 -40.67
N GLN O 123 -36.41 -28.85 -39.70
CA GLN O 123 -35.79 -29.92 -38.95
C GLN O 123 -35.74 -29.69 -37.44
N SER O 124 -35.70 -28.43 -37.03
CA SER O 124 -35.65 -28.10 -35.59
C SER O 124 -36.83 -28.71 -34.85
N GLY O 125 -36.75 -28.74 -33.53
CA GLY O 125 -37.83 -29.32 -32.76
C GLY O 125 -39.03 -28.41 -32.59
N GLY O 126 -40.22 -29.02 -32.58
CA GLY O 126 -41.47 -28.31 -32.38
C GLY O 126 -41.94 -27.18 -33.27
N VAL O 127 -41.63 -27.21 -34.56
CA VAL O 127 -42.09 -26.16 -35.46
C VAL O 127 -42.49 -26.69 -36.81
N ARG O 128 -43.14 -25.84 -37.60
CA ARG O 128 -43.58 -26.22 -38.94
C ARG O 128 -42.80 -25.35 -39.92
N PRO O 129 -42.62 -25.83 -41.14
CA PRO O 129 -41.90 -25.04 -42.13
C PRO O 129 -42.62 -23.71 -42.36
N PHE O 130 -41.93 -22.70 -42.88
CA PHE O 130 -42.59 -21.43 -43.17
C PHE O 130 -43.48 -21.69 -44.39
N GLY O 131 -44.67 -21.11 -44.40
CA GLY O 131 -45.56 -21.32 -45.53
C GLY O 131 -45.41 -20.26 -46.61
N VAL O 132 -44.18 -20.00 -47.03
CA VAL O 132 -43.96 -19.01 -48.07
C VAL O 132 -42.82 -19.35 -49.00
N SER O 133 -42.75 -18.60 -50.10
CA SER O 133 -41.69 -18.72 -51.08
C SER O 133 -41.40 -17.28 -51.37
N LEU O 134 -40.12 -16.93 -51.42
CA LEU O 134 -39.76 -15.55 -51.65
C LEU O 134 -38.98 -15.44 -52.94
N LEU O 135 -38.99 -14.22 -53.49
CA LEU O 135 -38.23 -13.91 -54.69
C LEU O 135 -37.44 -12.72 -54.18
N ILE O 136 -36.12 -12.88 -54.06
CA ILE O 136 -35.29 -11.80 -53.55
C ILE O 136 -34.48 -11.25 -54.70
N ALA O 137 -34.49 -9.93 -54.84
CA ALA O 137 -33.76 -9.30 -55.93
C ALA O 137 -32.83 -8.22 -55.41
N GLY O 138 -31.58 -8.27 -55.82
CA GLY O 138 -30.64 -7.27 -55.37
C GLY O 138 -29.48 -7.10 -56.32
N HIS O 139 -28.51 -6.29 -55.88
CA HIS O 139 -27.31 -6.00 -56.67
C HIS O 139 -26.09 -5.79 -55.76
N ASP O 140 -24.95 -6.31 -56.18
CA ASP O 140 -23.73 -6.13 -55.41
C ASP O 140 -22.56 -5.98 -56.39
N GLU O 141 -21.68 -5.04 -56.07
CA GLU O 141 -20.52 -4.71 -56.90
C GLU O 141 -19.84 -5.83 -57.71
N PHE O 142 -19.62 -6.99 -57.09
CA PHE O 142 -18.92 -8.07 -57.80
C PHE O 142 -19.80 -9.11 -58.47
N ASN O 143 -21.11 -8.97 -58.37
CA ASN O 143 -22.01 -9.93 -59.00
C ASN O 143 -23.10 -9.27 -59.84
N GLY O 144 -23.20 -7.94 -59.74
CA GLY O 144 -24.19 -7.22 -60.50
C GLY O 144 -25.61 -7.45 -59.99
N PHE O 145 -26.55 -7.61 -60.91
CA PHE O 145 -27.93 -7.83 -60.54
C PHE O 145 -28.21 -9.31 -60.54
N SER O 146 -29.09 -9.73 -59.63
CA SER O 146 -29.46 -11.13 -59.55
C SER O 146 -30.84 -11.26 -58.93
N LEU O 147 -31.45 -12.41 -59.16
CA LEU O 147 -32.78 -12.72 -58.67
C LEU O 147 -32.81 -14.17 -58.19
N TYR O 148 -33.30 -14.36 -56.97
CA TYR O 148 -33.36 -15.70 -56.39
C TYR O 148 -34.75 -16.02 -55.88
N GLN O 149 -35.00 -17.31 -55.72
CA GLN O 149 -36.26 -17.81 -55.21
C GLN O 149 -35.92 -18.75 -54.06
N VAL O 150 -36.54 -18.56 -52.89
CA VAL O 150 -36.29 -19.40 -51.74
C VAL O 150 -37.59 -20.10 -51.35
N ASP O 151 -37.54 -21.43 -51.29
CA ASP O 151 -38.72 -22.22 -50.95
C ASP O 151 -38.73 -22.68 -49.51
N PRO O 152 -39.88 -23.19 -49.03
CA PRO O 152 -40.07 -23.70 -47.66
C PRO O 152 -39.04 -24.73 -47.21
N SER O 153 -38.49 -25.48 -48.16
CA SER O 153 -37.48 -26.49 -47.85
C SER O 153 -36.17 -25.80 -47.53
N GLY O 154 -36.04 -24.55 -47.96
CA GLY O 154 -34.82 -23.81 -47.72
C GLY O 154 -33.95 -23.80 -48.97
N SER O 155 -34.45 -24.44 -50.02
CA SER O 155 -33.71 -24.50 -51.26
C SER O 155 -33.89 -23.17 -51.97
N TYR O 156 -32.92 -22.81 -52.79
CA TYR O 156 -33.01 -21.56 -53.52
C TYR O 156 -32.24 -21.65 -54.83
N PHE O 157 -32.75 -20.98 -55.85
CA PHE O 157 -32.12 -20.99 -57.16
C PHE O 157 -32.26 -19.62 -57.81
N PRO O 158 -31.31 -19.28 -58.71
CA PRO O 158 -31.30 -17.99 -59.43
C PRO O 158 -32.16 -18.07 -60.68
N TRP O 159 -32.75 -16.94 -61.06
CA TRP O 159 -33.60 -16.89 -62.24
C TRP O 159 -33.31 -15.67 -63.10
N LYS O 160 -33.75 -15.75 -64.36
CA LYS O 160 -33.63 -14.64 -65.28
C LYS O 160 -34.96 -13.94 -65.08
N ALA O 161 -35.99 -14.76 -64.88
CA ALA O 161 -37.35 -14.30 -64.63
C ALA O 161 -38.20 -15.50 -64.17
N THR O 162 -39.20 -15.26 -63.34
CA THR O 162 -40.06 -16.35 -62.87
C THR O 162 -41.19 -15.79 -62.04
N ALA O 163 -42.16 -16.64 -61.76
CA ALA O 163 -43.31 -16.26 -60.97
C ALA O 163 -43.65 -17.41 -60.02
N ILE O 164 -44.32 -17.07 -58.93
CA ILE O 164 -44.71 -18.06 -57.94
C ILE O 164 -46.14 -17.75 -57.52
N GLY O 165 -46.82 -18.74 -56.96
CA GLY O 165 -48.19 -18.53 -56.51
C GLY O 165 -49.28 -19.10 -57.40
N LYS O 166 -50.50 -18.58 -57.21
CA LYS O 166 -51.70 -18.98 -57.96
C LYS O 166 -51.46 -19.38 -59.42
N GLY O 167 -51.26 -18.38 -60.26
CA GLY O 167 -51.04 -18.64 -61.68
C GLY O 167 -49.59 -18.54 -62.09
N SER O 168 -48.74 -19.23 -61.36
CA SER O 168 -47.32 -19.22 -61.66
C SER O 168 -47.06 -19.92 -63.00
N VAL O 169 -47.69 -21.06 -63.22
CA VAL O 169 -47.51 -21.82 -64.44
C VAL O 169 -47.80 -21.00 -65.70
N ALA O 170 -48.97 -20.37 -65.72
CA ALA O 170 -49.35 -19.55 -66.86
C ALA O 170 -48.36 -18.40 -67.05
N ALA O 171 -48.05 -17.71 -65.95
CA ALA O 171 -47.13 -16.58 -65.96
C ALA O 171 -45.71 -16.98 -66.35
N LYS O 172 -45.22 -18.09 -65.82
CA LYS O 172 -43.88 -18.54 -66.15
C LYS O 172 -43.80 -18.74 -67.66
N THR O 173 -44.89 -19.23 -68.24
CA THR O 173 -44.94 -19.47 -69.68
C THR O 173 -44.92 -18.14 -70.43
N PHE O 174 -45.74 -17.19 -69.98
CA PHE O 174 -45.78 -15.90 -70.65
C PHE O 174 -44.44 -15.18 -70.58
N LEU O 175 -43.66 -15.47 -69.54
CA LEU O 175 -42.36 -14.83 -69.38
C LEU O 175 -41.31 -15.39 -70.35
N GLU O 176 -41.28 -16.71 -70.51
CA GLU O 176 -40.34 -17.34 -71.42
C GLU O 176 -40.46 -16.75 -72.81
N LYS O 177 -41.68 -16.41 -73.21
CA LYS O 177 -41.91 -15.82 -74.52
C LYS O 177 -41.28 -14.44 -74.66
N ARG O 178 -41.58 -13.57 -73.70
CA ARG O 178 -41.11 -12.19 -73.73
C ARG O 178 -39.73 -11.87 -73.14
N TRP O 179 -38.99 -12.86 -72.65
CA TRP O 179 -37.68 -12.59 -72.08
C TRP O 179 -36.49 -12.82 -73.02
N ASN O 180 -35.48 -11.98 -72.88
CA ASN O 180 -34.27 -12.04 -73.69
C ASN O 180 -33.13 -11.41 -72.87
N ASP O 181 -31.89 -11.79 -73.18
CA ASP O 181 -30.74 -11.27 -72.43
C ASP O 181 -30.32 -9.85 -72.84
N GLU O 182 -31.26 -9.09 -73.38
CA GLU O 182 -30.96 -7.73 -73.81
C GLU O 182 -31.98 -6.71 -73.34
N LEU O 183 -32.87 -7.14 -72.44
CA LEU O 183 -33.90 -6.25 -71.92
C LEU O 183 -33.33 -5.12 -71.08
N GLU O 184 -33.97 -3.97 -71.13
CA GLU O 184 -33.55 -2.82 -70.35
C GLU O 184 -34.58 -2.81 -69.20
N LEU O 185 -34.22 -2.26 -68.04
CA LEU O 185 -35.14 -2.23 -66.91
C LEU O 185 -36.58 -1.87 -67.30
N GLU O 186 -36.77 -0.74 -67.99
CA GLU O 186 -38.10 -0.31 -68.39
C GLU O 186 -38.85 -1.35 -69.22
N ASP O 187 -38.11 -2.12 -70.01
CA ASP O 187 -38.71 -3.17 -70.84
C ASP O 187 -39.25 -4.24 -69.90
N ALA O 188 -38.49 -4.57 -68.86
CA ALA O 188 -38.89 -5.58 -67.89
C ALA O 188 -40.05 -5.09 -67.03
N ILE O 189 -40.04 -3.80 -66.69
CA ILE O 189 -41.14 -3.23 -65.90
C ILE O 189 -42.43 -3.38 -66.69
N HIS O 190 -42.31 -3.26 -68.00
CA HIS O 190 -43.42 -3.40 -68.92
C HIS O 190 -43.88 -4.85 -68.94
N ILE O 191 -42.97 -5.76 -69.27
CA ILE O 191 -43.26 -7.18 -69.31
C ILE O 191 -43.89 -7.61 -68.00
N ALA O 192 -43.40 -7.03 -66.91
CA ALA O 192 -43.91 -7.33 -65.57
C ALA O 192 -45.38 -6.92 -65.46
N LEU O 193 -45.66 -5.68 -65.86
CA LEU O 193 -47.01 -5.17 -65.82
C LEU O 193 -47.97 -6.01 -66.66
N LEU O 194 -47.46 -6.58 -67.76
CA LEU O 194 -48.30 -7.41 -68.62
C LEU O 194 -48.57 -8.76 -67.98
N THR O 195 -47.51 -9.44 -67.56
CA THR O 195 -47.63 -10.75 -66.93
C THR O 195 -48.59 -10.70 -65.75
N LEU O 196 -48.49 -9.61 -65.00
CA LEU O 196 -49.33 -9.44 -63.83
C LEU O 196 -50.78 -9.14 -64.17
N LYS O 197 -51.02 -8.65 -65.39
CA LYS O 197 -52.39 -8.34 -65.78
C LYS O 197 -53.25 -9.62 -65.83
N GLU O 198 -52.67 -10.70 -66.31
CA GLU O 198 -53.39 -11.97 -66.40
C GLU O 198 -53.81 -12.52 -65.03
N SER O 199 -52.95 -12.32 -64.04
CA SER O 199 -53.20 -12.80 -62.69
C SER O 199 -54.31 -12.03 -61.98
N VAL O 200 -54.28 -10.72 -62.07
CA VAL O 200 -55.28 -9.88 -61.41
C VAL O 200 -56.64 -9.95 -62.10
N GLU O 201 -57.68 -10.21 -61.31
CA GLU O 201 -59.04 -10.33 -61.80
C GLU O 201 -59.73 -8.96 -61.82
N GLY O 202 -59.82 -8.34 -60.65
CA GLY O 202 -60.48 -7.05 -60.53
C GLY O 202 -59.71 -5.85 -61.07
N GLU O 203 -59.65 -4.79 -60.27
CA GLU O 203 -58.95 -3.58 -60.67
C GLU O 203 -57.46 -3.79 -60.89
N PHE O 204 -56.92 -3.12 -61.90
CA PHE O 204 -55.51 -3.25 -62.21
C PHE O 204 -54.92 -1.86 -62.37
N ASN O 205 -54.58 -1.25 -61.25
CA ASN O 205 -54.01 0.11 -61.26
C ASN O 205 -52.84 0.19 -60.28
N GLY O 206 -52.30 1.39 -60.10
CA GLY O 206 -51.18 1.56 -59.19
C GLY O 206 -51.53 1.48 -57.72
N ASP O 207 -52.75 1.03 -57.42
CA ASP O 207 -53.19 0.90 -56.03
C ASP O 207 -53.54 -0.53 -55.68
N THR O 208 -53.66 -1.36 -56.71
CA THR O 208 -53.98 -2.77 -56.53
C THR O 208 -52.71 -3.58 -56.81
N ILE O 209 -51.71 -2.89 -57.35
CA ILE O 209 -50.42 -3.48 -57.69
C ILE O 209 -49.31 -2.89 -56.83
N GLU O 210 -48.32 -3.72 -56.53
CA GLU O 210 -47.16 -3.32 -55.75
C GLU O 210 -45.95 -3.72 -56.59
N LEU O 211 -45.11 -2.75 -56.91
CA LEU O 211 -43.95 -3.05 -57.74
C LEU O 211 -42.73 -2.21 -57.36
N ALA O 212 -41.60 -2.89 -57.16
CA ALA O 212 -40.34 -2.24 -56.80
C ALA O 212 -39.23 -2.75 -57.69
N ILE O 213 -38.17 -1.96 -57.84
CA ILE O 213 -37.05 -2.39 -58.67
C ILE O 213 -35.69 -2.17 -58.01
N ILE O 214 -34.68 -2.81 -58.57
CA ILE O 214 -33.32 -2.69 -58.10
C ILE O 214 -32.59 -2.15 -59.31
N GLY O 215 -32.34 -0.84 -59.32
CA GLY O 215 -31.67 -0.26 -60.47
C GLY O 215 -30.46 0.59 -60.14
N ASP O 216 -30.54 1.86 -60.54
CA ASP O 216 -29.46 2.79 -60.29
C ASP O 216 -29.55 3.34 -58.88
N GLU O 217 -28.48 3.98 -58.46
CA GLU O 217 -28.40 4.58 -57.15
C GLU O 217 -29.25 5.86 -57.11
N ASN O 218 -30.02 6.04 -56.04
CA ASN O 218 -30.88 7.21 -55.90
C ASN O 218 -30.30 8.18 -54.88
N PRO O 219 -29.31 9.00 -55.28
CA PRO O 219 -28.68 9.97 -54.38
C PRO O 219 -29.68 10.86 -53.66
N ASP O 220 -30.91 10.92 -54.17
CA ASP O 220 -31.95 11.73 -53.56
C ASP O 220 -32.65 10.98 -52.42
N LEU O 221 -32.42 9.67 -52.36
CA LEU O 221 -33.02 8.84 -51.32
C LEU O 221 -31.99 8.46 -50.27
N LEU O 222 -30.88 9.20 -50.22
CA LEU O 222 -29.82 8.93 -49.27
C LEU O 222 -30.07 9.59 -47.93
N GLY O 223 -30.55 10.83 -47.97
CA GLY O 223 -30.83 11.55 -46.75
C GLY O 223 -29.75 12.52 -46.32
N TYR O 224 -28.57 12.43 -46.95
CA TYR O 224 -27.44 13.30 -46.63
C TYR O 224 -26.45 13.32 -47.78
N THR O 225 -25.49 14.24 -47.69
CA THR O 225 -24.45 14.39 -48.69
C THR O 225 -23.18 14.85 -48.00
N GLY O 226 -22.04 14.44 -48.54
CA GLY O 226 -20.76 14.83 -47.96
C GLY O 226 -19.79 13.69 -48.07
N ILE O 227 -20.32 12.51 -48.36
CA ILE O 227 -19.49 11.33 -48.50
C ILE O 227 -19.64 10.79 -49.92
N PRO O 228 -18.60 10.99 -50.74
CA PRO O 228 -18.53 10.56 -52.14
C PRO O 228 -18.92 9.11 -52.43
N THR O 229 -18.36 8.19 -51.67
CA THR O 229 -18.63 6.76 -51.90
C THR O 229 -20.06 6.31 -51.55
N ASP O 230 -20.83 7.16 -50.88
CA ASP O 230 -22.22 6.86 -50.51
C ASP O 230 -23.14 7.57 -51.52
N LYS O 231 -23.54 6.85 -52.56
CA LYS O 231 -24.40 7.43 -53.61
C LYS O 231 -25.91 7.19 -53.48
N GLY O 232 -26.32 6.28 -52.60
CA GLY O 232 -27.73 6.02 -52.42
C GLY O 232 -28.14 4.58 -52.67
N PRO O 233 -29.38 4.23 -52.30
CA PRO O 233 -29.93 2.88 -52.47
C PRO O 233 -30.35 2.55 -53.91
N ARG O 234 -30.13 1.30 -54.33
CA ARG O 234 -30.52 0.89 -55.68
C ARG O 234 -31.95 0.36 -55.68
N PHE O 235 -32.52 0.21 -54.49
CA PHE O 235 -33.86 -0.30 -54.33
C PHE O 235 -34.83 0.84 -54.31
N ARG O 236 -35.87 0.75 -55.13
CA ARG O 236 -36.88 1.79 -55.13
C ARG O 236 -38.24 1.17 -55.39
N LYS O 237 -39.18 1.49 -54.50
CA LYS O 237 -40.55 1.00 -54.62
C LYS O 237 -41.27 2.03 -55.46
N LEU O 238 -41.92 1.60 -56.53
CA LEU O 238 -42.64 2.54 -57.38
C LEU O 238 -43.87 3.10 -56.67
N THR O 239 -44.21 4.34 -56.99
CA THR O 239 -45.35 5.00 -56.38
C THR O 239 -46.62 4.69 -57.17
N SER O 240 -47.75 4.81 -56.49
CA SER O 240 -49.05 4.57 -57.10
C SER O 240 -49.09 5.26 -58.45
N GLN O 241 -48.60 6.49 -58.47
CA GLN O 241 -48.55 7.28 -59.69
C GLN O 241 -47.64 6.66 -60.74
N GLU O 242 -46.36 6.52 -60.43
CA GLU O 242 -45.38 5.96 -61.36
C GLU O 242 -45.92 4.72 -62.08
N ILE O 243 -46.81 3.99 -61.40
CA ILE O 243 -47.40 2.78 -61.95
C ILE O 243 -48.35 3.13 -63.10
N ASN O 244 -49.38 3.91 -62.78
CA ASN O 244 -50.40 4.32 -63.74
C ASN O 244 -49.85 4.92 -65.03
N ASP O 245 -48.78 5.71 -64.91
CA ASP O 245 -48.18 6.33 -66.08
C ASP O 245 -47.69 5.28 -67.08
N ARG O 246 -47.31 4.11 -66.57
CA ARG O 246 -46.85 3.04 -67.44
C ARG O 246 -48.02 2.17 -67.83
N LEU O 247 -49.08 2.19 -67.02
CA LEU O 247 -50.27 1.40 -67.29
C LEU O 247 -50.98 1.91 -68.53
N GLU O 248 -50.73 3.18 -68.87
CA GLU O 248 -51.33 3.78 -70.05
C GLU O 248 -50.67 3.17 -71.28
N ALA O 249 -49.36 3.40 -71.40
CA ALA O 249 -48.58 2.87 -72.51
C ALA O 249 -48.48 1.35 -72.39
N LEU O 250 -49.55 0.73 -71.87
CA LEU O 250 -49.61 -0.71 -71.67
C LEU O 250 -50.45 -1.35 -72.80
N GLY P 1 -50.23 -34.64 -22.78
CA GLY P 1 -48.79 -34.38 -23.04
C GLY P 1 -48.48 -34.20 -24.52
N SER P 2 -47.20 -34.21 -24.86
CA SER P 2 -46.76 -34.02 -26.25
C SER P 2 -46.37 -35.33 -26.92
N ARG P 3 -46.06 -36.34 -26.12
CA ARG P 3 -45.66 -37.66 -26.60
C ARG P 3 -46.53 -38.15 -27.77
N ARG P 4 -47.77 -37.69 -27.77
CA ARG P 4 -48.75 -38.04 -28.77
C ARG P 4 -48.28 -37.80 -30.20
N TYR P 5 -47.66 -36.65 -30.45
CA TYR P 5 -47.20 -36.26 -31.78
C TYR P 5 -45.73 -36.59 -32.12
N ASP P 6 -45.06 -37.34 -31.25
CA ASP P 6 -43.66 -37.71 -31.45
C ASP P 6 -43.48 -38.87 -32.45
N SER P 7 -42.86 -38.57 -33.58
CA SER P 7 -42.61 -39.56 -34.63
C SER P 7 -41.61 -40.62 -34.20
N ARG P 8 -40.68 -40.23 -33.33
CA ARG P 8 -39.65 -41.13 -32.83
C ARG P 8 -38.75 -41.51 -34.00
N THR P 9 -38.05 -40.50 -34.50
CA THR P 9 -37.16 -40.65 -35.65
C THR P 9 -35.98 -41.55 -35.40
N THR P 10 -35.65 -41.83 -34.14
CA THR P 10 -34.48 -42.66 -33.86
C THR P 10 -34.72 -44.04 -33.28
N ILE P 11 -35.74 -44.75 -33.77
CA ILE P 11 -35.98 -46.10 -33.26
C ILE P 11 -35.72 -47.18 -34.29
N PHE P 12 -35.52 -48.39 -33.78
CA PHE P 12 -35.27 -49.54 -34.63
C PHE P 12 -36.60 -50.17 -35.06
N SER P 13 -36.60 -50.78 -36.24
CA SER P 13 -37.78 -51.48 -36.74
C SER P 13 -37.62 -52.89 -36.18
N PRO P 14 -38.68 -53.70 -36.20
CA PRO P 14 -38.52 -55.05 -35.66
C PRO P 14 -37.39 -55.83 -36.36
N GLU P 15 -37.03 -55.37 -37.56
CA GLU P 15 -35.97 -55.98 -38.36
C GLU P 15 -34.60 -55.41 -38.03
N GLY P 16 -34.57 -54.35 -37.23
CA GLY P 16 -33.29 -53.75 -36.87
C GLY P 16 -32.82 -52.76 -37.92
N ARG P 17 -33.76 -52.00 -38.47
CA ARG P 17 -33.43 -50.99 -39.47
C ARG P 17 -33.87 -49.66 -38.93
N LEU P 18 -33.32 -48.58 -39.48
CA LEU P 18 -33.69 -47.25 -39.02
C LEU P 18 -34.67 -46.63 -40.01
N TYR P 19 -35.94 -46.71 -39.67
CA TYR P 19 -37.00 -46.17 -40.51
C TYR P 19 -36.62 -44.89 -41.23
N GLN P 20 -36.39 -43.83 -40.47
CA GLN P 20 -36.03 -42.53 -41.03
C GLN P 20 -34.85 -42.54 -41.98
N VAL P 21 -33.83 -43.34 -41.67
CA VAL P 21 -32.65 -43.41 -42.52
C VAL P 21 -33.03 -44.00 -43.89
N GLU P 22 -33.73 -45.14 -43.85
CA GLU P 22 -34.15 -45.82 -45.08
C GLU P 22 -35.03 -44.90 -45.92
N TYR P 23 -35.90 -44.15 -45.27
CA TYR P 23 -36.77 -43.24 -46.00
C TYR P 23 -36.00 -42.06 -46.57
N ALA P 24 -34.97 -41.61 -45.85
CA ALA P 24 -34.16 -40.50 -46.32
C ALA P 24 -33.43 -40.95 -47.59
N LEU P 25 -32.94 -42.19 -47.57
CA LEU P 25 -32.24 -42.77 -48.70
C LEU P 25 -33.18 -42.84 -49.88
N GLU P 26 -34.44 -43.19 -49.61
CA GLU P 26 -35.44 -43.28 -50.66
C GLU P 26 -35.62 -41.90 -51.29
N SER P 27 -35.44 -40.87 -50.47
CA SER P 27 -35.58 -39.50 -50.93
C SER P 27 -34.43 -39.20 -51.88
N ILE P 28 -33.21 -39.46 -51.42
CA ILE P 28 -31.99 -39.22 -52.18
C ILE P 28 -32.08 -39.83 -53.59
N SER P 29 -32.68 -41.03 -53.65
CA SER P 29 -32.83 -41.76 -54.90
C SER P 29 -33.63 -41.07 -56.00
N HIS P 30 -34.21 -39.91 -55.70
CA HIS P 30 -34.98 -39.17 -56.72
C HIS P 30 -34.25 -37.88 -57.07
N ALA P 31 -33.05 -37.70 -56.52
CA ALA P 31 -32.25 -36.50 -56.76
C ALA P 31 -31.30 -36.68 -57.94
N GLY P 32 -30.95 -35.57 -58.58
CA GLY P 32 -30.04 -35.63 -59.71
C GLY P 32 -28.86 -36.55 -59.44
N THR P 33 -28.44 -37.31 -60.44
CA THR P 33 -27.35 -38.23 -60.26
C THR P 33 -26.00 -37.51 -60.24
N ALA P 34 -25.09 -37.98 -59.39
CA ALA P 34 -23.76 -37.42 -59.28
C ALA P 34 -22.75 -38.55 -59.37
N ILE P 35 -21.73 -38.34 -60.20
CA ILE P 35 -20.71 -39.36 -60.40
C ILE P 35 -19.36 -38.90 -59.86
N GLY P 36 -18.60 -39.86 -59.33
CA GLY P 36 -17.28 -39.58 -58.81
C GLY P 36 -16.34 -40.65 -59.35
N ILE P 37 -15.36 -40.25 -60.15
CA ILE P 37 -14.40 -41.19 -60.73
C ILE P 37 -12.96 -40.74 -60.46
N MET P 38 -12.19 -41.64 -59.86
CA MET P 38 -10.80 -41.38 -59.51
C MET P 38 -9.78 -41.98 -60.48
N ALA P 39 -9.00 -41.12 -61.13
CA ALA P 39 -7.98 -41.55 -62.08
C ALA P 39 -6.61 -41.62 -61.40
N SER P 40 -5.58 -41.92 -62.18
CA SER P 40 -4.23 -42.01 -61.66
C SER P 40 -3.63 -40.63 -61.40
N ASP P 41 -4.09 -39.65 -62.18
CA ASP P 41 -3.58 -38.29 -62.05
C ASP P 41 -4.64 -37.27 -61.64
N GLY P 42 -5.76 -37.72 -61.10
CA GLY P 42 -6.79 -36.78 -60.70
C GLY P 42 -8.13 -37.39 -60.32
N ILE P 43 -9.10 -36.54 -60.02
CA ILE P 43 -10.43 -37.02 -59.67
C ILE P 43 -11.47 -36.19 -60.41
N VAL P 44 -12.57 -36.83 -60.81
CA VAL P 44 -13.62 -36.16 -61.54
C VAL P 44 -14.98 -36.24 -60.85
N LEU P 45 -15.59 -35.08 -60.64
CA LEU P 45 -16.91 -35.00 -60.05
C LEU P 45 -17.85 -34.46 -61.10
N ALA P 46 -18.92 -35.21 -61.36
CA ALA P 46 -19.91 -34.81 -62.35
C ALA P 46 -21.30 -34.90 -61.74
N ALA P 47 -22.18 -33.97 -62.07
CA ALA P 47 -23.53 -34.00 -61.53
C ALA P 47 -24.57 -33.49 -62.50
N GLU P 48 -25.77 -34.07 -62.41
CA GLU P 48 -26.87 -33.71 -63.27
C GLU P 48 -27.88 -32.87 -62.51
N ARG P 49 -28.06 -31.62 -62.92
CA ARG P 49 -29.03 -30.74 -62.27
C ARG P 49 -30.41 -31.28 -62.60
N LYS P 50 -31.08 -31.86 -61.60
CA LYS P 50 -32.41 -32.40 -61.80
C LYS P 50 -33.37 -31.24 -62.06
N VAL P 51 -34.14 -31.34 -63.15
CA VAL P 51 -35.12 -30.32 -63.55
C VAL P 51 -34.57 -28.90 -63.67
N THR P 52 -34.96 -28.21 -64.73
CA THR P 52 -34.53 -26.84 -64.97
C THR P 52 -35.55 -26.10 -65.81
N SER P 53 -35.26 -24.83 -66.12
CA SER P 53 -36.13 -23.99 -66.91
C SER P 53 -35.28 -23.14 -67.84
N THR P 54 -35.92 -22.43 -68.75
CA THR P 54 -35.19 -21.59 -69.69
C THR P 54 -34.68 -20.32 -68.98
N LEU P 55 -35.40 -19.89 -67.94
CA LEU P 55 -35.03 -18.70 -67.19
C LEU P 55 -34.03 -18.99 -66.08
N LEU P 56 -33.95 -20.23 -65.64
CA LEU P 56 -33.02 -20.58 -64.58
C LEU P 56 -31.62 -20.11 -64.97
N GLU P 57 -31.02 -19.30 -64.11
CA GLU P 57 -29.68 -18.76 -64.32
C GLU P 57 -28.63 -19.86 -64.11
N GLN P 58 -27.92 -20.23 -65.17
CA GLN P 58 -26.93 -21.30 -65.03
C GLN P 58 -25.53 -20.79 -64.68
N ASP P 59 -25.29 -19.50 -64.91
CA ASP P 59 -24.00 -18.90 -64.61
C ASP P 59 -23.82 -18.57 -63.14
N THR P 60 -24.84 -17.96 -62.55
CA THR P 60 -24.81 -17.59 -61.13
C THR P 60 -25.21 -18.78 -60.24
N SER P 61 -24.88 -20.00 -60.68
CA SER P 61 -25.23 -21.19 -59.91
C SER P 61 -24.08 -22.16 -59.61
N THR P 62 -24.35 -23.06 -58.67
CA THR P 62 -23.43 -24.10 -58.20
C THR P 62 -24.26 -24.88 -57.15
N GLU P 63 -25.36 -25.47 -57.60
CA GLU P 63 -26.27 -26.21 -56.73
C GLU P 63 -25.89 -27.61 -56.25
N LYS P 64 -24.87 -28.23 -56.85
CA LYS P 64 -24.50 -29.58 -56.42
C LYS P 64 -23.01 -29.86 -56.21
N LEU P 65 -22.17 -28.92 -56.61
CA LEU P 65 -20.73 -29.07 -56.45
C LEU P 65 -20.21 -27.96 -55.56
N TYR P 66 -19.70 -28.36 -54.40
CA TYR P 66 -19.20 -27.39 -53.44
C TYR P 66 -17.75 -27.62 -53.04
N LYS P 67 -17.04 -26.52 -52.90
CA LYS P 67 -15.65 -26.55 -52.51
C LYS P 67 -15.57 -26.52 -50.98
N LEU P 68 -15.01 -27.57 -50.40
CA LEU P 68 -14.88 -27.64 -48.94
C LEU P 68 -13.58 -26.99 -48.43
N ASN P 69 -12.50 -27.41 -49.07
CA ASN P 69 -11.15 -27.00 -48.72
C ASN P 69 -10.52 -26.51 -50.00
N ASP P 70 -9.20 -26.52 -50.06
CA ASP P 70 -8.51 -26.11 -51.28
C ASP P 70 -8.12 -27.40 -51.98
N LYS P 71 -8.23 -28.51 -51.24
CA LYS P 71 -7.88 -29.81 -51.76
C LYS P 71 -9.06 -30.78 -51.67
N ILE P 72 -10.20 -30.29 -51.19
CA ILE P 72 -11.36 -31.15 -51.06
C ILE P 72 -12.62 -30.49 -51.58
N ALA P 73 -13.46 -31.28 -52.25
CA ALA P 73 -14.72 -30.78 -52.78
C ALA P 73 -15.72 -31.91 -52.70
N VAL P 74 -17.01 -31.59 -52.77
CA VAL P 74 -18.04 -32.62 -52.71
C VAL P 74 -19.15 -32.41 -53.74
N ALA P 75 -19.81 -33.51 -54.08
CA ALA P 75 -20.93 -33.47 -55.00
C ALA P 75 -22.12 -33.82 -54.10
N VAL P 76 -23.21 -33.07 -54.23
CA VAL P 76 -24.38 -33.28 -53.39
C VAL P 76 -25.55 -33.98 -54.06
N ALA P 77 -26.26 -34.80 -53.30
CA ALA P 77 -27.45 -35.50 -53.81
C ALA P 77 -28.48 -35.50 -52.70
N GLY P 78 -29.54 -34.71 -52.87
CA GLY P 78 -30.60 -34.63 -51.86
C GLY P 78 -31.02 -33.18 -51.61
N LEU P 79 -31.40 -32.87 -50.37
CA LEU P 79 -31.83 -31.52 -49.99
C LEU P 79 -30.67 -30.53 -50.04
N THR P 80 -30.74 -29.56 -50.94
CA THR P 80 -29.64 -28.59 -51.03
C THR P 80 -29.41 -27.89 -49.70
N ALA P 81 -30.50 -27.45 -49.08
CA ALA P 81 -30.44 -26.75 -47.81
C ALA P 81 -29.78 -27.60 -46.72
N ASP P 82 -30.18 -28.86 -46.59
CA ASP P 82 -29.57 -29.73 -45.58
C ASP P 82 -28.09 -29.83 -45.86
N ALA P 83 -27.77 -30.00 -47.14
CA ALA P 83 -26.39 -30.14 -47.57
C ALA P 83 -25.57 -28.92 -47.19
N GLU P 84 -26.15 -27.72 -47.36
CA GLU P 84 -25.43 -26.51 -47.02
C GLU P 84 -25.09 -26.42 -45.53
N ILE P 85 -25.98 -26.91 -44.68
CA ILE P 85 -25.73 -26.88 -43.24
C ILE P 85 -24.52 -27.76 -42.92
N LEU P 86 -24.49 -28.95 -43.51
CA LEU P 86 -23.39 -29.88 -43.28
C LEU P 86 -22.09 -29.38 -43.90
N ILE P 87 -22.19 -28.87 -45.11
CA ILE P 87 -21.03 -28.35 -45.82
C ILE P 87 -20.37 -27.28 -44.97
N ASN P 88 -21.16 -26.32 -44.49
CA ASN P 88 -20.58 -25.27 -43.71
C ASN P 88 -19.85 -25.76 -42.46
N THR P 89 -20.43 -26.70 -41.73
CA THR P 89 -19.75 -27.18 -40.53
C THR P 89 -18.47 -27.87 -40.95
N ALA P 90 -18.51 -28.49 -42.13
CA ALA P 90 -17.34 -29.19 -42.67
C ALA P 90 -16.22 -28.19 -43.02
N ARG P 91 -16.58 -27.05 -43.62
CA ARG P 91 -15.60 -26.02 -43.96
C ARG P 91 -14.96 -25.50 -42.69
N ILE P 92 -15.74 -25.40 -41.61
CA ILE P 92 -15.23 -24.93 -40.32
C ILE P 92 -14.25 -25.96 -39.76
N HIS P 93 -14.65 -27.24 -39.75
CA HIS P 93 -13.79 -28.28 -39.22
C HIS P 93 -12.41 -28.30 -39.88
N ALA P 94 -12.40 -28.08 -41.19
CA ALA P 94 -11.15 -28.08 -41.95
C ALA P 94 -10.23 -26.97 -41.45
N GLN P 95 -10.80 -25.78 -41.27
CA GLN P 95 -10.04 -24.65 -40.80
C GLN P 95 -9.51 -24.81 -39.37
N ASN P 96 -10.30 -25.42 -38.48
CA ASN P 96 -9.83 -25.61 -37.10
C ASN P 96 -8.61 -26.51 -37.14
N TYR P 97 -8.67 -27.54 -37.98
CA TYR P 97 -7.57 -28.47 -38.11
C TYR P 97 -6.33 -27.70 -38.57
N LEU P 98 -6.51 -26.89 -39.62
CA LEU P 98 -5.40 -26.12 -40.15
C LEU P 98 -4.80 -25.23 -39.07
N LYS P 99 -5.64 -24.49 -38.33
CA LYS P 99 -5.14 -23.62 -37.29
C LYS P 99 -4.46 -24.38 -36.16
N THR P 100 -4.95 -25.58 -35.87
CA THR P 100 -4.36 -26.37 -34.79
C THR P 100 -3.03 -27.01 -35.11
N TYR P 101 -2.95 -27.67 -36.26
CA TYR P 101 -1.73 -28.37 -36.65
C TYR P 101 -0.91 -27.71 -37.74
N ASN P 102 -1.40 -26.62 -38.30
CA ASN P 102 -0.68 -25.94 -39.38
C ASN P 102 -0.39 -26.88 -40.55
N GLU P 103 -1.40 -27.70 -40.89
CA GLU P 103 -1.33 -28.64 -41.99
C GLU P 103 -2.77 -28.78 -42.47
N ASP P 104 -2.97 -29.05 -43.76
CA ASP P 104 -4.33 -29.22 -44.27
C ASP P 104 -4.89 -30.51 -43.73
N ILE P 105 -6.19 -30.52 -43.49
CA ILE P 105 -6.85 -31.69 -42.95
C ILE P 105 -6.88 -32.89 -43.88
N PRO P 106 -6.35 -34.04 -43.43
CA PRO P 106 -6.35 -35.26 -44.25
C PRO P 106 -7.79 -35.54 -44.67
N VAL P 107 -8.00 -35.89 -45.93
CA VAL P 107 -9.34 -36.16 -46.46
C VAL P 107 -10.24 -37.07 -45.62
N GLU P 108 -9.71 -38.18 -45.13
CA GLU P 108 -10.55 -39.07 -44.35
C GLU P 108 -11.01 -38.49 -43.03
N ILE P 109 -10.13 -37.75 -42.35
CA ILE P 109 -10.49 -37.16 -41.06
C ILE P 109 -11.70 -36.22 -41.21
N LEU P 110 -11.77 -35.50 -42.32
CA LEU P 110 -12.87 -34.58 -42.58
C LEU P 110 -14.14 -35.35 -42.92
N VAL P 111 -14.00 -36.43 -43.68
CA VAL P 111 -15.15 -37.24 -44.06
C VAL P 111 -15.73 -37.95 -42.83
N ARG P 112 -14.85 -38.45 -41.96
CA ARG P 112 -15.32 -39.15 -40.76
C ARG P 112 -16.08 -38.20 -39.84
N ARG P 113 -15.58 -36.98 -39.72
CA ARG P 113 -16.19 -35.98 -38.88
C ARG P 113 -17.63 -35.76 -39.33
N LEU P 114 -17.82 -35.42 -40.59
CA LEU P 114 -19.15 -35.18 -41.13
C LEU P 114 -20.07 -36.37 -40.98
N SER P 115 -19.54 -37.56 -41.19
CA SER P 115 -20.35 -38.76 -41.08
C SER P 115 -20.81 -38.96 -39.65
N ASP P 116 -19.92 -38.67 -38.72
CA ASP P 116 -20.22 -38.80 -37.30
C ASP P 116 -21.37 -37.84 -36.94
N ILE P 117 -21.33 -36.64 -37.49
CA ILE P 117 -22.39 -35.66 -37.26
C ILE P 117 -23.71 -36.27 -37.71
N LYS P 118 -23.71 -36.83 -38.92
CA LYS P 118 -24.91 -37.44 -39.47
C LYS P 118 -25.36 -38.60 -38.60
N GLN P 119 -24.40 -39.42 -38.17
CA GLN P 119 -24.69 -40.56 -37.33
C GLN P 119 -25.41 -40.15 -36.06
N GLY P 120 -25.08 -38.98 -35.56
CA GLY P 120 -25.69 -38.48 -34.33
C GLY P 120 -27.20 -38.32 -34.45
N TYR P 121 -27.63 -37.68 -35.52
CA TYR P 121 -29.05 -37.46 -35.76
C TYR P 121 -29.78 -38.80 -35.90
N THR P 122 -28.99 -39.88 -35.85
CA THR P 122 -29.51 -41.23 -35.98
C THR P 122 -29.72 -41.92 -34.64
N GLN P 123 -28.99 -41.49 -33.62
CA GLN P 123 -29.08 -42.15 -32.33
C GLN P 123 -29.69 -41.36 -31.18
N HIS P 124 -29.88 -40.06 -31.37
CA HIS P 124 -30.47 -39.26 -30.31
C HIS P 124 -30.89 -37.87 -30.80
N GLY P 125 -31.79 -37.23 -30.05
CA GLY P 125 -32.23 -35.90 -30.42
C GLY P 125 -33.64 -35.86 -30.94
N GLY P 126 -34.17 -36.99 -31.37
CA GLY P 126 -35.53 -37.02 -31.88
C GLY P 126 -35.77 -36.12 -33.08
N LEU P 127 -34.71 -35.78 -33.80
CA LEU P 127 -34.81 -34.93 -34.99
C LEU P 127 -34.66 -35.80 -36.25
N ARG P 128 -35.21 -35.33 -37.37
CA ARG P 128 -35.11 -36.08 -38.61
C ARG P 128 -33.67 -36.02 -39.12
N PRO P 129 -33.21 -37.08 -39.80
CA PRO P 129 -31.85 -37.16 -40.34
C PRO P 129 -31.69 -36.14 -41.47
N PHE P 130 -30.46 -35.95 -41.94
CA PHE P 130 -30.25 -35.03 -43.05
C PHE P 130 -30.46 -35.84 -44.32
N GLY P 131 -31.36 -35.38 -45.19
CA GLY P 131 -31.62 -36.11 -46.43
C GLY P 131 -30.57 -35.76 -47.46
N VAL P 132 -29.34 -36.17 -47.20
CA VAL P 132 -28.24 -35.87 -48.10
C VAL P 132 -27.19 -36.97 -48.20
N SER P 133 -26.63 -37.09 -49.39
CA SER P 133 -25.56 -38.04 -49.65
C SER P 133 -24.47 -37.24 -50.37
N PHE P 134 -23.24 -37.47 -49.95
CA PHE P 134 -22.09 -36.77 -50.51
C PHE P 134 -21.10 -37.70 -51.17
N ILE P 135 -20.41 -37.16 -52.17
CA ILE P 135 -19.33 -37.89 -52.83
C ILE P 135 -18.20 -36.91 -52.55
N TYR P 136 -17.17 -37.38 -51.85
CA TYR P 136 -16.03 -36.51 -51.52
C TYR P 136 -14.86 -36.77 -52.44
N ALA P 137 -14.32 -35.70 -53.02
CA ALA P 137 -13.17 -35.80 -53.89
C ALA P 137 -12.07 -34.91 -53.29
N GLY P 138 -10.95 -35.50 -52.90
CA GLY P 138 -9.90 -34.71 -52.33
C GLY P 138 -8.52 -35.32 -52.42
N TYR P 139 -7.54 -34.55 -51.98
CA TYR P 139 -6.16 -34.99 -52.02
C TYR P 139 -5.39 -34.60 -50.75
N ASP P 140 -4.40 -35.40 -50.42
CA ASP P 140 -3.55 -35.13 -49.28
C ASP P 140 -2.31 -35.98 -49.46
N ASP P 141 -1.23 -35.60 -48.79
CA ASP P 141 0.04 -36.30 -48.90
C ASP P 141 0.17 -37.59 -48.10
N ARG P 142 -0.90 -38.35 -47.97
CA ARG P 142 -0.80 -39.61 -47.25
C ARG P 142 -1.45 -40.73 -48.04
N TYR P 143 -2.45 -40.36 -48.82
CA TYR P 143 -3.17 -41.32 -49.64
C TYR P 143 -3.39 -40.74 -51.03
N GLY P 144 -2.83 -39.56 -51.26
CA GLY P 144 -2.99 -38.90 -52.54
C GLY P 144 -4.45 -38.62 -52.86
N TYR P 145 -4.90 -39.09 -54.02
CA TYR P 145 -6.28 -38.88 -54.44
C TYR P 145 -7.18 -39.86 -53.74
N GLN P 146 -8.30 -39.34 -53.23
CA GLN P 146 -9.27 -40.17 -52.55
C GLN P 146 -10.68 -39.80 -52.94
N LEU P 147 -11.55 -40.80 -52.94
CA LEU P 147 -12.95 -40.61 -53.28
C LEU P 147 -13.77 -41.29 -52.18
N TYR P 148 -14.75 -40.57 -51.65
CA TYR P 148 -15.58 -41.10 -50.58
C TYR P 148 -17.06 -40.85 -50.80
N THR P 149 -17.85 -41.47 -49.95
CA THR P 149 -19.29 -41.36 -50.01
C THR P 149 -19.86 -41.49 -48.61
N SER P 150 -20.83 -40.64 -48.27
CA SER P 150 -21.48 -40.71 -46.95
C SER P 150 -22.98 -40.47 -47.16
N ASN P 151 -23.80 -41.22 -46.42
CA ASN P 151 -25.25 -41.10 -46.55
C ASN P 151 -25.88 -40.82 -45.20
N PRO P 152 -27.21 -40.62 -45.17
CA PRO P 152 -27.95 -40.34 -43.95
C PRO P 152 -27.64 -41.22 -42.72
N SER P 153 -27.36 -42.50 -42.93
CA SER P 153 -27.07 -43.40 -41.83
C SER P 153 -25.84 -42.97 -41.05
N GLY P 154 -24.93 -42.28 -41.72
CA GLY P 154 -23.72 -41.83 -41.08
C GLY P 154 -22.58 -42.75 -41.45
N ASN P 155 -22.81 -43.59 -42.46
CA ASN P 155 -21.78 -44.51 -42.90
C ASN P 155 -21.03 -43.90 -44.08
N TYR P 156 -19.75 -44.25 -44.23
CA TYR P 156 -18.96 -43.72 -45.32
C TYR P 156 -18.00 -44.79 -45.83
N THR P 157 -17.70 -44.72 -47.14
CA THR P 157 -16.79 -45.69 -47.77
C THR P 157 -15.98 -45.06 -48.90
N GLY P 158 -14.92 -45.76 -49.29
CA GLY P 158 -14.03 -45.27 -50.35
C GLY P 158 -14.24 -45.97 -51.68
N TRP P 159 -14.04 -45.22 -52.76
CA TRP P 159 -14.26 -45.79 -54.08
C TRP P 159 -13.27 -45.35 -55.16
N LYS P 160 -13.27 -46.10 -56.26
CA LYS P 160 -12.43 -45.81 -57.42
C LYS P 160 -13.35 -45.02 -58.34
N ALA P 161 -14.62 -45.40 -58.33
CA ALA P 161 -15.66 -44.74 -59.10
C ALA P 161 -16.98 -45.05 -58.37
N ILE P 162 -17.83 -44.04 -58.21
CA ILE P 162 -19.08 -44.25 -57.51
C ILE P 162 -20.10 -43.21 -57.92
N SER P 163 -21.36 -43.47 -57.60
CA SER P 163 -22.45 -42.55 -57.94
C SER P 163 -23.51 -42.50 -56.84
N VAL P 164 -24.23 -41.40 -56.77
CA VAL P 164 -25.29 -41.25 -55.78
C VAL P 164 -26.46 -40.55 -56.45
N GLY P 165 -27.63 -40.70 -55.86
CA GLY P 165 -28.82 -40.09 -56.41
C GLY P 165 -29.66 -41.13 -57.10
N ALA P 166 -30.29 -40.72 -58.20
CA ALA P 166 -31.14 -41.61 -58.96
C ALA P 166 -30.36 -42.52 -59.91
N ASN P 167 -30.99 -43.63 -60.28
CA ASN P 167 -30.40 -44.60 -61.20
C ASN P 167 -28.97 -44.96 -60.85
N THR P 168 -28.66 -45.07 -59.56
CA THR P 168 -27.30 -45.40 -59.14
C THR P 168 -26.93 -46.82 -59.58
N SER P 169 -27.92 -47.70 -59.53
CA SER P 169 -27.74 -49.09 -59.90
C SER P 169 -27.26 -49.23 -61.35
N ALA P 170 -27.98 -48.58 -62.27
CA ALA P 170 -27.60 -48.63 -63.67
C ALA P 170 -26.22 -48.02 -63.84
N ALA P 171 -26.02 -46.85 -63.25
CA ALA P 171 -24.76 -46.13 -63.37
C ALA P 171 -23.56 -46.88 -62.79
N GLN P 172 -23.77 -47.56 -61.67
CA GLN P 172 -22.69 -48.30 -61.03
C GLN P 172 -22.27 -49.49 -61.88
N THR P 173 -23.22 -50.04 -62.61
CA THR P 173 -22.95 -51.18 -63.48
C THR P 173 -22.17 -50.72 -64.72
N LEU P 174 -22.54 -49.59 -65.27
CA LEU P 174 -21.85 -49.06 -66.44
C LEU P 174 -20.41 -48.71 -66.07
N LEU P 175 -20.24 -48.09 -64.89
CA LEU P 175 -18.91 -47.69 -64.41
C LEU P 175 -18.04 -48.91 -64.14
N GLN P 176 -18.65 -49.90 -63.50
CA GLN P 176 -17.99 -51.15 -63.14
C GLN P 176 -17.65 -51.97 -64.37
N MET P 177 -18.09 -51.47 -65.52
CA MET P 177 -17.88 -52.14 -66.79
C MET P 177 -16.76 -51.54 -67.64
N ASP P 178 -16.58 -50.22 -67.58
CA ASP P 178 -15.55 -49.56 -68.37
C ASP P 178 -14.45 -48.85 -67.58
N TYR P 179 -14.46 -48.99 -66.27
CA TYR P 179 -13.43 -48.36 -65.46
C TYR P 179 -12.17 -49.21 -65.46
N LYS P 180 -11.00 -48.56 -65.43
CA LYS P 180 -9.73 -49.28 -65.38
C LYS P 180 -8.70 -48.53 -64.51
N ASP P 181 -8.05 -49.26 -63.62
CA ASP P 181 -7.06 -48.71 -62.68
C ASP P 181 -6.08 -47.68 -63.23
N ASP P 182 -5.59 -47.90 -64.45
CA ASP P 182 -4.64 -46.99 -65.06
C ASP P 182 -5.26 -45.73 -65.68
N MET P 183 -6.60 -45.70 -65.76
CA MET P 183 -7.30 -44.55 -66.33
C MET P 183 -6.62 -43.23 -66.08
N LYS P 184 -6.74 -42.34 -67.05
CA LYS P 184 -6.15 -41.02 -66.95
C LYS P 184 -7.35 -40.08 -66.76
N VAL P 185 -7.12 -38.93 -66.12
CA VAL P 185 -8.18 -37.96 -65.86
C VAL P 185 -9.15 -37.70 -67.01
N ASP P 186 -8.62 -37.51 -68.20
CA ASP P 186 -9.47 -37.21 -69.33
C ASP P 186 -10.29 -38.40 -69.77
N ASP P 187 -9.82 -39.60 -69.47
CA ASP P 187 -10.56 -40.81 -69.79
C ASP P 187 -11.77 -40.80 -68.86
N ALA P 188 -11.51 -40.53 -67.58
CA ALA P 188 -12.54 -40.47 -66.55
C ALA P 188 -13.58 -39.41 -66.85
N ILE P 189 -13.12 -38.23 -67.28
CA ILE P 189 -14.03 -37.14 -67.61
C ILE P 189 -15.03 -37.65 -68.63
N GLU P 190 -14.55 -38.47 -69.54
CA GLU P 190 -15.39 -39.03 -70.59
C GLU P 190 -16.31 -40.13 -70.06
N LEU P 191 -15.78 -41.05 -69.25
CA LEU P 191 -16.58 -42.12 -68.70
C LEU P 191 -17.75 -41.50 -67.93
N ALA P 192 -17.45 -40.49 -67.14
CA ALA P 192 -18.47 -39.81 -66.35
C ALA P 192 -19.60 -39.28 -67.21
N LEU P 193 -19.26 -38.52 -68.26
CA LEU P 193 -20.27 -37.97 -69.15
C LEU P 193 -21.08 -39.03 -69.86
N LYS P 194 -20.42 -40.12 -70.26
CA LYS P 194 -21.12 -41.20 -70.94
C LYS P 194 -22.13 -41.83 -69.98
N THR P 195 -21.67 -42.16 -68.78
CA THR P 195 -22.52 -42.79 -67.77
C THR P 195 -23.78 -42.00 -67.48
N LEU P 196 -23.64 -40.70 -67.27
CA LEU P 196 -24.79 -39.86 -66.99
C LEU P 196 -25.67 -39.84 -68.22
N SER P 197 -25.05 -39.75 -69.38
CA SER P 197 -25.78 -39.72 -70.64
C SER P 197 -26.66 -40.95 -70.88
N LYS P 198 -26.32 -42.06 -70.25
CA LYS P 198 -27.10 -43.29 -70.43
C LYS P 198 -28.11 -43.54 -69.31
N THR P 199 -28.02 -42.78 -68.22
CA THR P 199 -28.93 -42.95 -67.09
C THR P 199 -29.90 -41.78 -66.95
N THR P 200 -29.61 -40.66 -67.61
CA THR P 200 -30.45 -39.48 -67.56
C THR P 200 -31.91 -39.83 -67.82
N ASP P 201 -32.82 -39.08 -67.22
CA ASP P 201 -34.24 -39.31 -67.45
C ASP P 201 -34.72 -38.24 -68.40
N SER P 202 -33.77 -37.54 -69.02
CA SER P 202 -34.07 -36.47 -69.96
C SER P 202 -33.80 -36.88 -71.39
N SER P 203 -34.21 -36.02 -72.31
CA SER P 203 -34.03 -36.27 -73.75
C SER P 203 -32.53 -36.30 -74.06
N ALA P 204 -31.94 -35.13 -74.11
CA ALA P 204 -30.51 -35.00 -74.36
C ALA P 204 -29.84 -34.60 -73.06
N LEU P 205 -28.52 -34.55 -73.09
CA LEU P 205 -27.76 -34.18 -71.92
C LEU P 205 -27.01 -32.92 -72.29
N THR P 206 -27.68 -31.78 -72.24
CA THR P 206 -27.08 -30.51 -72.59
C THR P 206 -26.18 -29.95 -71.48
N TYR P 207 -25.45 -28.87 -71.77
CA TYR P 207 -24.52 -28.27 -70.82
C TYR P 207 -25.16 -27.50 -69.68
N ASP P 208 -26.31 -26.90 -69.93
CA ASP P 208 -27.00 -26.12 -68.90
C ASP P 208 -27.51 -26.98 -67.73
N ARG P 209 -27.53 -28.29 -67.93
CA ARG P 209 -28.01 -29.20 -66.90
C ARG P 209 -26.86 -29.99 -66.26
N LEU P 210 -25.63 -29.49 -66.42
CA LEU P 210 -24.49 -30.19 -65.87
C LEU P 210 -23.53 -29.33 -65.08
N GLU P 211 -22.82 -30.00 -64.17
CA GLU P 211 -21.81 -29.36 -63.34
C GLU P 211 -20.63 -30.30 -63.37
N PHE P 212 -19.45 -29.73 -63.59
CA PHE P 212 -18.25 -30.53 -63.66
C PHE P 212 -17.12 -29.93 -62.85
N ALA P 213 -16.35 -30.81 -62.21
CA ALA P 213 -15.22 -30.35 -61.41
C ALA P 213 -14.15 -31.43 -61.38
N THR P 214 -12.88 -30.99 -61.38
CA THR P 214 -11.74 -31.91 -61.37
C THR P 214 -10.60 -31.46 -60.46
N ILE P 215 -10.12 -32.40 -59.65
CA ILE P 215 -9.00 -32.15 -58.75
C ILE P 215 -7.81 -32.84 -59.38
N ARG P 216 -7.11 -32.09 -60.22
CA ARG P 216 -5.95 -32.58 -60.94
C ARG P 216 -4.72 -31.96 -60.28
N LYS P 217 -3.57 -32.61 -60.40
CA LYS P 217 -2.35 -32.07 -59.82
C LYS P 217 -1.48 -31.50 -60.93
N GLY P 218 -2.02 -30.57 -61.71
CA GLY P 218 -1.31 -29.95 -62.81
C GLY P 218 0.19 -30.20 -62.80
N ALA P 219 0.66 -31.03 -63.73
CA ALA P 219 2.09 -31.37 -63.85
C ALA P 219 2.99 -30.15 -63.77
N ASN P 220 2.62 -29.09 -64.49
CA ASN P 220 3.37 -27.83 -64.52
C ASN P 220 3.03 -27.03 -63.25
N ASP P 221 3.66 -27.40 -62.13
CA ASP P 221 3.43 -26.74 -60.86
C ASP P 221 4.07 -27.54 -59.72
N GLY P 222 3.42 -28.66 -59.35
CA GLY P 222 3.92 -29.49 -58.27
C GLY P 222 2.92 -29.62 -57.14
N GLU P 223 1.77 -28.96 -57.28
CA GLU P 223 0.71 -29.00 -56.26
C GLU P 223 -0.67 -29.34 -56.87
N VAL P 224 -1.70 -29.39 -56.02
CA VAL P 224 -3.07 -29.73 -56.44
C VAL P 224 -3.96 -28.53 -56.78
N TYR P 225 -4.75 -28.69 -57.83
CA TYR P 225 -5.67 -27.64 -58.30
C TYR P 225 -7.11 -28.13 -58.45
N GLN P 226 -8.07 -27.35 -57.93
CA GLN P 226 -9.48 -27.69 -58.05
C GLN P 226 -10.05 -26.79 -59.13
N LYS P 227 -10.84 -27.36 -60.02
CA LYS P 227 -11.41 -26.58 -61.11
C LYS P 227 -12.88 -26.91 -61.32
N ILE P 228 -13.77 -25.98 -60.97
CA ILE P 228 -15.20 -26.20 -61.17
C ILE P 228 -15.52 -25.63 -62.55
N PHE P 229 -15.66 -26.50 -63.54
CA PHE P 229 -15.93 -26.08 -64.92
C PHE P 229 -17.06 -25.08 -65.03
N LYS P 230 -16.80 -24.02 -65.80
CA LYS P 230 -17.79 -22.96 -66.02
C LYS P 230 -18.76 -23.43 -67.10
N PRO P 231 -19.93 -22.77 -67.20
CA PRO P 231 -20.91 -23.17 -68.21
C PRO P 231 -20.29 -23.46 -69.58
N GLN P 232 -19.43 -22.57 -70.05
CA GLN P 232 -18.80 -22.73 -71.35
C GLN P 232 -17.90 -23.97 -71.41
N GLU P 233 -17.02 -24.12 -70.41
CA GLU P 233 -16.12 -25.26 -70.38
C GLU P 233 -16.86 -26.60 -70.39
N ILE P 234 -18.07 -26.62 -69.86
CA ILE P 234 -18.86 -27.84 -69.84
C ILE P 234 -19.44 -28.05 -71.24
N LYS P 235 -19.72 -26.94 -71.91
CA LYS P 235 -20.28 -26.96 -73.26
C LYS P 235 -19.25 -27.57 -74.21
N ASP P 236 -17.99 -27.16 -74.03
CA ASP P 236 -16.87 -27.62 -74.85
C ASP P 236 -16.64 -29.11 -74.65
N ILE P 237 -16.28 -29.48 -73.43
CA ILE P 237 -16.03 -30.85 -73.04
C ILE P 237 -17.18 -31.77 -73.47
N LEU P 238 -18.34 -31.19 -73.77
CA LEU P 238 -19.51 -31.96 -74.18
C LEU P 238 -19.50 -32.21 -75.68
N VAL P 239 -18.92 -31.28 -76.44
CA VAL P 239 -18.81 -31.40 -77.89
C VAL P 239 -17.69 -32.37 -78.25
N LYS P 240 -16.54 -32.17 -77.62
CA LYS P 240 -15.37 -33.01 -77.84
C LYS P 240 -15.69 -34.49 -77.66
N THR P 241 -16.18 -34.85 -76.48
CA THR P 241 -16.53 -36.24 -76.17
C THR P 241 -17.60 -36.77 -77.12
N GLY P 242 -18.01 -35.91 -78.06
CA GLY P 242 -19.01 -36.31 -79.03
C GLY P 242 -20.43 -36.51 -78.52
N ILE P 243 -21.08 -35.41 -78.17
CA ILE P 243 -22.46 -35.43 -77.70
C ILE P 243 -23.03 -34.07 -78.13
N THR P 244 -22.21 -33.33 -78.87
CA THR P 244 -22.52 -31.98 -79.39
C THR P 244 -23.22 -31.07 -78.37
N GLY Q 1 -32.65 -31.57 -25.18
CA GLY Q 1 -33.94 -31.41 -24.48
C GLY Q 1 -34.86 -32.60 -24.72
N TYR Q 2 -34.55 -33.41 -25.72
CA TYR Q 2 -35.36 -34.57 -26.05
C TYR Q 2 -35.01 -35.73 -25.12
N ASP Q 3 -35.97 -36.18 -24.33
CA ASP Q 3 -35.70 -37.29 -23.40
C ASP Q 3 -36.76 -38.40 -23.40
N ARG Q 4 -37.48 -38.55 -24.50
CA ARG Q 4 -38.50 -39.59 -24.64
C ARG Q 4 -37.86 -40.93 -24.30
N ALA Q 5 -38.55 -41.75 -23.51
CA ALA Q 5 -38.04 -43.06 -23.13
C ALA Q 5 -38.30 -44.01 -24.30
N LEU Q 6 -37.25 -44.34 -25.03
CA LEU Q 6 -37.40 -45.23 -26.17
C LEU Q 6 -37.21 -46.69 -25.77
N SER Q 7 -36.31 -46.93 -24.82
CA SER Q 7 -36.06 -48.29 -24.34
C SER Q 7 -36.84 -48.52 -23.05
N ILE Q 8 -38.02 -49.12 -23.16
CA ILE Q 8 -38.85 -49.40 -21.99
C ILE Q 8 -39.29 -50.85 -21.99
N PHE Q 9 -39.82 -51.31 -20.88
CA PHE Q 9 -40.29 -52.69 -20.74
C PHE Q 9 -41.64 -52.87 -21.41
N SER Q 10 -41.92 -54.10 -21.83
CA SER Q 10 -43.19 -54.45 -22.43
C SER Q 10 -43.79 -55.54 -21.55
N PRO Q 11 -45.12 -55.75 -21.62
CA PRO Q 11 -45.84 -56.75 -20.83
C PRO Q 11 -45.12 -58.07 -20.51
N ASP Q 12 -44.45 -58.65 -21.51
CA ASP Q 12 -43.74 -59.91 -21.33
C ASP Q 12 -42.39 -59.74 -20.62
N GLY Q 13 -41.96 -58.49 -20.45
CA GLY Q 13 -40.71 -58.21 -19.76
C GLY Q 13 -39.48 -58.06 -20.64
N HIS Q 14 -39.67 -57.64 -21.88
CA HIS Q 14 -38.57 -57.45 -22.82
C HIS Q 14 -38.38 -55.96 -23.10
N ILE Q 15 -37.21 -55.59 -23.62
CA ILE Q 15 -36.93 -54.20 -23.98
C ILE Q 15 -36.81 -54.27 -25.49
N PHE Q 16 -37.94 -54.20 -26.19
CA PHE Q 16 -37.93 -54.29 -27.65
C PHE Q 16 -36.85 -53.54 -28.41
N GLN Q 17 -36.49 -52.35 -27.96
CA GLN Q 17 -35.44 -51.60 -28.65
C GLN Q 17 -34.08 -52.29 -28.55
N VAL Q 18 -33.83 -52.95 -27.43
CA VAL Q 18 -32.56 -53.66 -27.26
C VAL Q 18 -32.66 -54.91 -28.15
N GLU Q 19 -33.86 -55.48 -28.19
CA GLU Q 19 -34.15 -56.67 -28.98
C GLU Q 19 -33.84 -56.42 -30.44
N TYR Q 20 -34.39 -55.33 -30.96
CA TYR Q 20 -34.18 -54.96 -32.35
C TYR Q 20 -32.74 -54.53 -32.58
N ALA Q 21 -32.10 -54.03 -31.53
CA ALA Q 21 -30.71 -53.63 -31.64
C ALA Q 21 -29.97 -54.89 -32.06
N LEU Q 22 -30.31 -56.01 -31.44
CA LEU Q 22 -29.72 -57.30 -31.77
C LEU Q 22 -29.98 -57.73 -33.21
N GLU Q 23 -31.20 -57.48 -33.69
CA GLU Q 23 -31.56 -57.86 -35.06
C GLU Q 23 -30.63 -57.20 -36.07
N ALA Q 24 -30.19 -55.98 -35.76
CA ALA Q 24 -29.29 -55.24 -36.63
C ALA Q 24 -27.91 -55.91 -36.61
N VAL Q 25 -27.58 -56.52 -35.48
CA VAL Q 25 -26.30 -57.20 -35.34
C VAL Q 25 -26.32 -58.45 -36.21
N LYS Q 26 -27.45 -59.17 -36.18
CA LYS Q 26 -27.62 -60.39 -37.00
C LYS Q 26 -27.36 -60.04 -38.47
N ARG Q 27 -27.85 -58.89 -38.89
CA ARG Q 27 -27.69 -58.42 -40.25
C ARG Q 27 -26.24 -58.06 -40.58
N GLY Q 28 -25.49 -57.57 -39.59
CA GLY Q 28 -24.12 -57.20 -39.83
C GLY Q 28 -23.26 -58.34 -40.35
N THR Q 29 -22.18 -58.03 -41.04
CA THR Q 29 -21.29 -59.06 -41.58
C THR Q 29 -20.75 -59.90 -40.43
N CYS Q 30 -20.36 -61.14 -40.72
CA CYS Q 30 -19.85 -62.02 -39.69
C CYS Q 30 -18.47 -61.66 -39.16
N ALA Q 31 -18.26 -61.92 -37.88
CA ALA Q 31 -17.00 -61.66 -37.23
C ALA Q 31 -16.74 -62.81 -36.26
N VAL Q 32 -15.48 -63.22 -36.16
CA VAL Q 32 -15.14 -64.33 -35.28
C VAL Q 32 -13.76 -64.16 -34.65
N GLY Q 33 -13.56 -64.82 -33.53
CA GLY Q 33 -12.30 -64.76 -32.83
C GLY Q 33 -12.05 -66.03 -32.04
N VAL Q 34 -10.82 -66.52 -32.08
CA VAL Q 34 -10.45 -67.73 -31.36
C VAL Q 34 -9.10 -67.47 -30.72
N LYS Q 35 -8.96 -67.91 -29.48
CA LYS Q 35 -7.70 -67.70 -28.77
C LYS Q 35 -6.81 -68.92 -28.81
N GLY Q 36 -5.53 -68.67 -29.09
CA GLY Q 36 -4.54 -69.74 -29.16
C GLY Q 36 -3.92 -69.91 -27.77
N LYS Q 37 -2.77 -70.56 -27.73
CA LYS Q 37 -2.09 -70.79 -26.46
C LYS Q 37 -1.13 -69.64 -26.21
N ASN Q 38 -0.86 -68.88 -27.26
CA ASN Q 38 0.07 -67.76 -27.17
C ASN Q 38 -0.37 -66.63 -28.10
N CYS Q 39 -1.65 -66.57 -28.40
CA CYS Q 39 -2.16 -65.52 -29.29
C CYS Q 39 -3.68 -65.54 -29.40
N VAL Q 40 -4.21 -64.57 -30.13
CA VAL Q 40 -5.65 -64.46 -30.36
C VAL Q 40 -5.77 -63.99 -31.80
N VAL Q 41 -6.81 -64.45 -32.49
CA VAL Q 41 -6.99 -64.07 -33.88
C VAL Q 41 -8.42 -63.60 -34.14
N LEU Q 42 -8.55 -62.58 -34.99
CA LEU Q 42 -9.86 -62.01 -35.33
C LEU Q 42 -10.16 -62.09 -36.82
N GLY Q 43 -11.28 -62.73 -37.16
CA GLY Q 43 -11.67 -62.86 -38.55
C GLY Q 43 -12.97 -62.15 -38.82
N CYS Q 44 -13.07 -61.55 -40.02
CA CYS Q 44 -14.26 -60.81 -40.41
C CYS Q 44 -14.51 -60.98 -41.90
N GLU Q 45 -15.77 -61.10 -42.29
CA GLU Q 45 -16.09 -61.27 -43.71
C GLU Q 45 -16.37 -59.93 -44.39
N ARG Q 46 -15.92 -59.78 -45.63
CA ARG Q 46 -16.16 -58.56 -46.39
C ARG Q 46 -17.29 -58.79 -47.38
N ARG Q 47 -18.37 -58.05 -47.20
CA ARG Q 47 -19.54 -58.16 -48.08
C ARG Q 47 -19.10 -58.04 -49.54
N SER Q 48 -20.06 -58.24 -50.45
CA SER Q 48 -19.83 -58.13 -51.89
C SER Q 48 -21.08 -57.64 -52.64
N THR Q 49 -21.97 -56.95 -51.91
CA THR Q 49 -23.21 -56.38 -52.49
C THR Q 49 -22.77 -55.38 -53.58
N LEU Q 50 -21.65 -54.71 -53.31
CA LEU Q 50 -21.04 -53.74 -54.22
C LEU Q 50 -19.51 -53.93 -54.15
N LYS Q 51 -18.87 -54.06 -55.31
CA LYS Q 51 -17.42 -54.24 -55.37
C LYS Q 51 -16.90 -53.28 -56.45
N LEU Q 52 -15.93 -52.47 -56.07
CA LEU Q 52 -15.30 -51.46 -56.93
C LEU Q 52 -14.78 -50.45 -55.92
N GLN Q 53 -14.64 -50.92 -54.69
CA GLN Q 53 -14.17 -50.15 -53.57
C GLN Q 53 -12.68 -49.95 -53.57
N ASP Q 54 -12.25 -48.92 -52.85
CA ASP Q 54 -10.84 -48.63 -52.72
C ASP Q 54 -10.51 -49.12 -51.31
N THR Q 55 -10.05 -50.35 -51.21
CA THR Q 55 -9.73 -50.97 -49.92
C THR Q 55 -8.65 -50.26 -49.10
N ARG Q 56 -7.76 -49.52 -49.76
CA ARG Q 56 -6.70 -48.81 -49.05
C ARG Q 56 -7.22 -47.98 -47.88
N ILE Q 57 -8.16 -47.10 -48.17
CA ILE Q 57 -8.70 -46.19 -47.17
C ILE Q 57 -10.01 -46.59 -46.51
N THR Q 58 -10.89 -47.29 -47.22
CA THR Q 58 -12.18 -47.69 -46.63
C THR Q 58 -11.96 -48.29 -45.24
N PRO Q 59 -12.70 -47.76 -44.25
CA PRO Q 59 -12.58 -48.25 -42.88
C PRO Q 59 -12.47 -49.78 -42.78
N SER Q 60 -11.48 -50.24 -42.01
CA SER Q 60 -11.24 -51.68 -41.80
C SER Q 60 -12.18 -52.20 -40.70
N LYS Q 61 -12.37 -53.52 -40.64
CA LYS Q 61 -13.28 -54.10 -39.66
C LYS Q 61 -12.69 -54.39 -38.28
N VAL Q 62 -11.37 -54.32 -38.16
CA VAL Q 62 -10.71 -54.55 -36.88
C VAL Q 62 -9.98 -53.28 -36.49
N SER Q 63 -10.33 -52.72 -35.32
CA SER Q 63 -9.70 -51.49 -34.86
C SER Q 63 -8.83 -51.69 -33.62
N LYS Q 64 -7.81 -50.85 -33.50
CA LYS Q 64 -6.91 -50.89 -32.35
C LYS Q 64 -7.41 -49.85 -31.36
N ILE Q 65 -7.67 -50.29 -30.13
CA ILE Q 65 -8.12 -49.39 -29.07
C ILE Q 65 -6.85 -48.79 -28.46
N ASP Q 66 -5.84 -49.63 -28.33
CA ASP Q 66 -4.53 -49.22 -27.85
C ASP Q 66 -3.59 -50.13 -28.64
N SER Q 67 -2.30 -50.12 -28.31
CA SER Q 67 -1.34 -50.95 -29.03
C SER Q 67 -1.36 -52.43 -28.64
N HIS Q 68 -2.15 -52.77 -27.63
CA HIS Q 68 -2.20 -54.16 -27.18
C HIS Q 68 -3.61 -54.73 -27.16
N VAL Q 69 -4.58 -53.98 -27.66
CA VAL Q 69 -5.96 -54.43 -27.68
C VAL Q 69 -6.67 -54.03 -28.96
N VAL Q 70 -7.43 -54.97 -29.52
CA VAL Q 70 -8.16 -54.70 -30.73
C VAL Q 70 -9.64 -54.92 -30.49
N LEU Q 71 -10.45 -54.45 -31.44
CA LEU Q 71 -11.87 -54.59 -31.34
C LEU Q 71 -12.53 -54.75 -32.70
N SER Q 72 -13.26 -55.84 -32.89
CA SER Q 72 -13.99 -56.09 -34.12
C SER Q 72 -15.46 -56.03 -33.74
N PHE Q 73 -16.36 -55.96 -34.72
CA PHE Q 73 -17.79 -55.86 -34.41
C PHE Q 73 -18.69 -56.33 -35.55
N SER Q 74 -19.99 -56.39 -35.27
CA SER Q 74 -21.00 -56.76 -36.24
C SER Q 74 -22.18 -55.83 -36.03
N GLY Q 75 -22.71 -55.29 -37.10
CA GLY Q 75 -23.85 -54.40 -36.94
C GLY Q 75 -23.67 -53.10 -37.70
N LEU Q 76 -24.31 -52.05 -37.19
CA LEU Q 76 -24.26 -50.72 -37.81
C LEU Q 76 -22.85 -50.14 -37.74
N ASN Q 77 -22.29 -49.81 -38.90
CA ASN Q 77 -20.95 -49.25 -38.92
C ASN Q 77 -20.85 -47.91 -38.23
N ALA Q 78 -21.75 -47.00 -38.59
CA ALA Q 78 -21.72 -45.68 -37.98
C ALA Q 78 -21.63 -45.80 -36.46
N ASP Q 79 -22.49 -46.64 -35.87
CA ASP Q 79 -22.49 -46.83 -34.43
C ASP Q 79 -21.15 -47.29 -33.88
N SER Q 80 -20.55 -48.30 -34.51
CA SER Q 80 -19.27 -48.81 -34.03
C SER Q 80 -18.21 -47.72 -33.85
N ARG Q 81 -18.20 -46.72 -34.73
CA ARG Q 81 -17.20 -45.65 -34.63
C ARG Q 81 -17.30 -44.95 -33.26
N ILE Q 82 -18.53 -44.66 -32.85
CA ILE Q 82 -18.77 -44.00 -31.57
C ILE Q 82 -18.18 -44.80 -30.42
N LEU Q 83 -18.41 -46.11 -30.40
CA LEU Q 83 -17.87 -46.95 -29.34
C LEU Q 83 -16.36 -47.04 -29.44
N ILE Q 84 -15.83 -47.13 -30.65
CA ILE Q 84 -14.41 -47.23 -30.83
C ILE Q 84 -13.72 -45.98 -30.32
N GLU Q 85 -14.28 -44.83 -30.65
CA GLU Q 85 -13.71 -43.55 -30.22
C GLU Q 85 -13.67 -43.41 -28.69
N LYS Q 86 -14.79 -43.67 -28.03
CA LYS Q 86 -14.87 -43.58 -26.58
C LYS Q 86 -13.87 -44.52 -25.93
N ALA Q 87 -13.73 -45.71 -26.50
CA ALA Q 87 -12.81 -46.70 -25.96
C ALA Q 87 -11.35 -46.24 -26.09
N ARG Q 88 -11.01 -45.68 -27.25
CA ARG Q 88 -9.65 -45.22 -27.49
C ARG Q 88 -9.31 -44.09 -26.53
N VAL Q 89 -10.29 -43.22 -26.28
CA VAL Q 89 -10.08 -42.12 -25.36
C VAL Q 89 -9.91 -42.69 -23.97
N GLU Q 90 -10.86 -43.53 -23.55
CA GLU Q 90 -10.80 -44.12 -22.22
C GLU Q 90 -9.48 -44.86 -21.98
N ALA Q 91 -8.89 -45.37 -23.05
CA ALA Q 91 -7.64 -46.10 -22.94
C ALA Q 91 -6.49 -45.14 -22.60
N GLN Q 92 -6.50 -43.97 -23.22
CA GLN Q 92 -5.46 -42.98 -22.95
C GLN Q 92 -5.64 -42.39 -21.54
N SER Q 93 -6.89 -42.19 -21.15
CA SER Q 93 -7.16 -41.65 -19.83
C SER Q 93 -6.63 -42.59 -18.74
N HIS Q 94 -6.87 -43.89 -18.92
CA HIS Q 94 -6.44 -44.90 -17.98
C HIS Q 94 -4.92 -44.88 -17.85
N ARG Q 95 -4.20 -44.79 -18.96
CA ARG Q 95 -2.74 -44.75 -18.93
C ARG Q 95 -2.32 -43.53 -18.16
N LEU Q 96 -3.00 -42.42 -18.43
CA LEU Q 96 -2.68 -41.14 -17.79
C LEU Q 96 -2.90 -41.06 -16.27
N THR Q 97 -3.91 -41.75 -15.75
CA THR Q 97 -4.16 -41.69 -14.31
C THR Q 97 -3.64 -42.88 -13.50
N LEU Q 98 -3.71 -44.09 -14.04
CA LEU Q 98 -3.24 -45.29 -13.34
C LEU Q 98 -1.79 -45.61 -13.69
N GLU Q 99 -1.27 -44.89 -14.69
CA GLU Q 99 0.09 -45.11 -15.17
C GLU Q 99 0.30 -46.56 -15.57
N ASP Q 100 -0.59 -47.06 -16.41
CA ASP Q 100 -0.54 -48.42 -16.90
C ASP Q 100 -1.70 -48.65 -17.87
N PRO Q 101 -1.43 -49.26 -19.03
CA PRO Q 101 -2.50 -49.50 -20.00
C PRO Q 101 -3.59 -50.42 -19.47
N VAL Q 102 -4.79 -50.31 -20.03
CA VAL Q 102 -5.93 -51.10 -19.59
C VAL Q 102 -5.80 -52.60 -19.81
N THR Q 103 -6.44 -53.38 -18.95
CA THR Q 103 -6.45 -54.82 -19.12
C THR Q 103 -7.58 -54.98 -20.12
N VAL Q 104 -7.60 -56.10 -20.85
CA VAL Q 104 -8.65 -56.32 -21.85
C VAL Q 104 -10.04 -56.41 -21.21
N GLU Q 105 -10.08 -56.90 -19.98
CA GLU Q 105 -11.35 -57.04 -19.27
C GLU Q 105 -11.91 -55.66 -18.95
N TYR Q 106 -11.03 -54.76 -18.50
CA TYR Q 106 -11.42 -53.40 -18.12
C TYR Q 106 -11.93 -52.64 -19.34
N LEU Q 107 -11.18 -52.70 -20.44
CA LEU Q 107 -11.57 -52.00 -21.66
C LEU Q 107 -12.92 -52.54 -22.13
N THR Q 108 -13.12 -53.84 -21.95
CA THR Q 108 -14.38 -54.48 -22.34
C THR Q 108 -15.49 -54.05 -21.41
N ARG Q 109 -15.21 -54.03 -20.12
CA ARG Q 109 -16.20 -53.60 -19.13
C ARG Q 109 -16.63 -52.15 -19.40
N TYR Q 110 -15.70 -51.35 -19.93
CA TYR Q 110 -15.99 -49.95 -20.23
C TYR Q 110 -16.93 -49.81 -21.42
N VAL Q 111 -16.61 -50.50 -22.51
CA VAL Q 111 -17.41 -50.45 -23.73
C VAL Q 111 -18.81 -51.00 -23.45
N ALA Q 112 -18.87 -51.99 -22.56
CA ALA Q 112 -20.13 -52.62 -22.18
C ALA Q 112 -20.99 -51.63 -21.40
N GLY Q 113 -20.37 -50.87 -20.52
CA GLY Q 113 -21.11 -49.89 -19.74
C GLY Q 113 -21.71 -48.81 -20.64
N VAL Q 114 -20.91 -48.32 -21.58
CA VAL Q 114 -21.38 -47.31 -22.51
C VAL Q 114 -22.62 -47.87 -23.20
N GLN Q 115 -22.52 -49.12 -23.65
CA GLN Q 115 -23.64 -49.77 -24.32
C GLN Q 115 -24.86 -49.87 -23.41
N GLN Q 116 -24.66 -50.35 -22.19
CA GLN Q 116 -25.77 -50.50 -21.25
C GLN Q 116 -26.44 -49.18 -20.94
N ARG Q 117 -25.66 -48.12 -20.79
CA ARG Q 117 -26.17 -46.79 -20.47
C ARG Q 117 -27.17 -46.31 -21.52
N TYR Q 118 -26.93 -46.68 -22.78
CA TYR Q 118 -27.84 -46.28 -23.85
C TYR Q 118 -29.14 -47.09 -23.87
N THR Q 119 -29.27 -48.03 -22.95
CA THR Q 119 -30.48 -48.84 -22.91
C THR Q 119 -31.47 -48.26 -21.92
N GLN Q 120 -31.01 -47.37 -21.03
CA GLN Q 120 -31.95 -46.77 -20.09
C GLN Q 120 -31.74 -45.29 -19.82
N SER Q 121 -31.53 -44.54 -20.90
CA SER Q 121 -31.35 -43.10 -20.87
C SER Q 121 -32.37 -42.57 -21.87
N GLY Q 122 -32.95 -41.42 -21.57
CA GLY Q 122 -33.93 -40.86 -22.49
C GLY Q 122 -33.39 -40.31 -23.79
N GLY Q 123 -34.27 -40.18 -24.78
CA GLY Q 123 -33.87 -39.63 -26.07
C GLY Q 123 -32.77 -40.33 -26.84
N VAL Q 124 -32.44 -41.56 -26.49
CA VAL Q 124 -31.39 -42.28 -27.20
C VAL Q 124 -31.75 -43.74 -27.45
N ARG Q 125 -31.27 -44.28 -28.57
CA ARG Q 125 -31.55 -45.67 -28.89
C ARG Q 125 -30.28 -46.47 -28.60
N PRO Q 126 -30.43 -47.78 -28.35
CA PRO Q 126 -29.23 -48.59 -28.06
C PRO Q 126 -28.33 -48.72 -29.28
N PHE Q 127 -27.08 -49.13 -29.06
CA PHE Q 127 -26.15 -49.31 -30.16
C PHE Q 127 -26.50 -50.57 -30.94
N GLY Q 128 -26.69 -50.42 -32.25
CA GLY Q 128 -26.98 -51.58 -33.05
C GLY Q 128 -25.65 -52.28 -33.34
N VAL Q 129 -24.92 -52.59 -32.28
CA VAL Q 129 -23.61 -53.22 -32.43
C VAL Q 129 -23.31 -54.25 -31.34
N SER Q 130 -22.54 -55.26 -31.71
CA SER Q 130 -22.11 -56.29 -30.79
C SER Q 130 -20.62 -56.38 -31.07
N THR Q 131 -19.79 -56.54 -30.05
CA THR Q 131 -18.35 -56.54 -30.32
C THR Q 131 -17.51 -57.67 -29.75
N LEU Q 132 -16.31 -57.80 -30.32
CA LEU Q 132 -15.34 -58.78 -29.88
C LEU Q 132 -14.11 -57.96 -29.58
N ILE Q 133 -13.60 -58.08 -28.37
CA ILE Q 133 -12.43 -57.34 -27.96
C ILE Q 133 -11.37 -58.35 -27.53
N ALA Q 134 -10.16 -58.19 -28.06
CA ALA Q 134 -9.09 -59.12 -27.75
C ALA Q 134 -7.73 -58.45 -27.59
N GLY Q 135 -6.86 -59.12 -26.84
CA GLY Q 135 -5.53 -58.58 -26.63
C GLY Q 135 -4.86 -59.23 -25.45
N PHE Q 136 -3.76 -58.62 -25.01
CA PHE Q 136 -3.01 -59.14 -23.88
C PHE Q 136 -2.80 -58.05 -22.83
N ASP Q 137 -3.16 -58.36 -21.58
CA ASP Q 137 -2.97 -57.44 -20.47
C ASP Q 137 -1.52 -57.01 -20.50
N PRO Q 138 -1.20 -55.87 -19.88
CA PRO Q 138 0.20 -55.44 -19.89
C PRO Q 138 1.07 -56.42 -19.12
N ARG Q 139 2.26 -56.70 -19.65
CA ARG Q 139 3.22 -57.60 -19.02
C ARG Q 139 2.68 -59.02 -18.77
N ASP Q 140 1.63 -59.38 -19.51
CA ASP Q 140 1.01 -60.71 -19.38
C ASP Q 140 1.06 -61.38 -20.76
N ASP Q 141 1.08 -62.71 -20.78
CA ASP Q 141 1.14 -63.45 -22.04
C ASP Q 141 -0.08 -64.33 -22.29
N GLU Q 142 -0.99 -64.38 -21.33
CA GLU Q 142 -2.20 -65.17 -21.48
C GLU Q 142 -3.22 -64.38 -22.30
N PRO Q 143 -3.65 -64.94 -23.45
CA PRO Q 143 -4.62 -64.29 -24.33
C PRO Q 143 -6.00 -64.02 -23.72
N LYS Q 144 -6.65 -62.97 -24.21
CA LYS Q 144 -7.97 -62.58 -23.74
C LYS Q 144 -8.88 -62.32 -24.93
N LEU Q 145 -10.15 -62.72 -24.78
CA LEU Q 145 -11.15 -62.55 -25.82
C LEU Q 145 -12.50 -62.36 -25.14
N TYR Q 146 -13.12 -61.20 -25.35
CA TYR Q 146 -14.42 -60.90 -24.76
C TYR Q 146 -15.40 -60.50 -25.82
N GLN Q 147 -16.67 -60.51 -25.46
CA GLN Q 147 -17.72 -60.12 -26.39
C GLN Q 147 -18.73 -59.27 -25.65
N THR Q 148 -19.26 -58.27 -26.35
CA THR Q 148 -20.25 -57.38 -25.77
C THR Q 148 -21.42 -57.30 -26.72
N GLU Q 149 -22.58 -56.88 -26.22
CA GLU Q 149 -23.79 -56.74 -27.04
C GLU Q 149 -24.65 -55.55 -26.59
N PRO Q 150 -25.63 -55.16 -27.43
CA PRO Q 150 -26.48 -54.02 -27.08
C PRO Q 150 -26.96 -53.98 -25.62
N SER Q 151 -27.37 -55.11 -25.07
CA SER Q 151 -27.85 -55.13 -23.69
C SER Q 151 -26.86 -54.58 -22.67
N GLY Q 152 -25.58 -54.68 -22.98
CA GLY Q 152 -24.55 -54.20 -22.08
C GLY Q 152 -23.88 -55.34 -21.35
N ILE Q 153 -24.28 -56.56 -21.70
CA ILE Q 153 -23.72 -57.76 -21.10
C ILE Q 153 -22.44 -58.18 -21.80
N TYR Q 154 -21.48 -58.68 -21.03
CA TYR Q 154 -20.22 -59.11 -21.61
C TYR Q 154 -19.68 -60.33 -20.87
N SER Q 155 -18.82 -61.11 -21.54
CA SER Q 155 -18.23 -62.32 -20.97
C SER Q 155 -17.10 -62.78 -21.88
N SER Q 156 -16.16 -63.56 -21.35
CA SER Q 156 -15.05 -64.03 -22.17
C SER Q 156 -15.30 -65.40 -22.80
N TRP Q 157 -14.73 -65.60 -23.98
CA TRP Q 157 -14.91 -66.84 -24.72
C TRP Q 157 -13.57 -67.44 -25.16
N SER Q 158 -13.56 -68.76 -25.36
CA SER Q 158 -12.35 -69.44 -25.84
C SER Q 158 -12.34 -69.15 -27.34
N ALA Q 159 -13.53 -69.02 -27.90
CA ALA Q 159 -13.73 -68.71 -29.30
C ALA Q 159 -15.18 -68.29 -29.39
N GLN Q 160 -15.49 -67.34 -30.27
CA GLN Q 160 -16.86 -66.87 -30.39
C GLN Q 160 -17.05 -66.17 -31.71
N THR Q 161 -18.30 -65.94 -32.09
CA THR Q 161 -18.59 -65.28 -33.35
C THR Q 161 -19.90 -64.52 -33.21
N ILE Q 162 -20.06 -63.48 -34.03
CA ILE Q 162 -21.26 -62.67 -34.01
C ILE Q 162 -21.56 -62.23 -35.43
N GLY Q 163 -22.81 -61.87 -35.70
CA GLY Q 163 -23.16 -61.43 -37.03
C GLY Q 163 -23.96 -62.45 -37.81
N ARG Q 164 -24.18 -62.18 -39.10
CA ARG Q 164 -24.96 -63.07 -39.96
C ARG Q 164 -24.33 -64.45 -40.12
N ASN Q 165 -25.15 -65.46 -39.84
CA ASN Q 165 -24.73 -66.86 -39.94
C ASN Q 165 -23.74 -67.21 -38.84
N SER Q 166 -23.78 -66.46 -37.75
CA SER Q 166 -22.91 -66.72 -36.61
C SER Q 166 -23.35 -68.05 -36.01
N LYS Q 167 -24.62 -68.38 -36.20
CA LYS Q 167 -25.20 -69.63 -35.70
C LYS Q 167 -24.38 -70.77 -36.27
N THR Q 168 -24.24 -70.75 -37.59
CA THR Q 168 -23.49 -71.74 -38.35
C THR Q 168 -22.04 -71.85 -37.92
N VAL Q 169 -21.31 -70.75 -38.01
CA VAL Q 169 -19.89 -70.73 -37.65
C VAL Q 169 -19.64 -71.01 -36.17
N ARG Q 170 -20.62 -70.74 -35.31
CA ARG Q 170 -20.42 -71.03 -33.90
C ARG Q 170 -20.43 -72.55 -33.80
N GLU Q 171 -21.32 -73.17 -34.55
CA GLU Q 171 -21.46 -74.62 -34.57
C GLU Q 171 -20.11 -75.26 -34.94
N PHE Q 172 -19.52 -74.77 -36.02
CA PHE Q 172 -18.23 -75.26 -36.46
C PHE Q 172 -17.24 -75.25 -35.31
N LEU Q 173 -17.14 -74.11 -34.62
CA LEU Q 173 -16.21 -73.94 -33.52
C LEU Q 173 -16.49 -74.83 -32.29
N GLU Q 174 -17.77 -75.04 -31.99
CA GLU Q 174 -18.12 -75.86 -30.84
C GLU Q 174 -17.66 -77.30 -31.00
N LYS Q 175 -17.47 -77.73 -32.24
CA LYS Q 175 -17.01 -79.09 -32.52
C LYS Q 175 -15.76 -79.05 -33.39
N ASN Q 176 -14.85 -78.14 -33.05
CA ASN Q 176 -13.59 -77.98 -33.77
C ASN Q 176 -12.58 -77.27 -32.88
N TYR Q 177 -13.02 -76.86 -31.69
CA TYR Q 177 -12.13 -76.19 -30.75
C TYR Q 177 -12.16 -76.94 -29.43
N ASP Q 178 -11.01 -77.50 -29.07
CA ASP Q 178 -10.89 -78.25 -27.83
C ASP Q 178 -10.12 -77.41 -26.84
N ARG Q 179 -10.75 -77.12 -25.69
CA ARG Q 179 -10.10 -76.34 -24.65
C ARG Q 179 -8.89 -77.08 -24.09
N LYS Q 180 -8.97 -78.41 -24.09
CA LYS Q 180 -7.89 -79.27 -23.60
C LYS Q 180 -6.59 -78.89 -24.33
N GLU Q 181 -6.68 -78.72 -25.65
CA GLU Q 181 -5.51 -78.35 -26.43
C GLU Q 181 -5.84 -77.30 -27.49
N PRO Q 182 -5.82 -76.02 -27.10
CA PRO Q 182 -6.10 -74.92 -28.03
C PRO Q 182 -4.97 -74.78 -29.03
N PRO Q 183 -5.26 -74.23 -30.22
CA PRO Q 183 -4.26 -74.03 -31.28
C PRO Q 183 -2.91 -73.51 -30.77
N ALA Q 184 -2.07 -74.44 -30.31
CA ALA Q 184 -0.75 -74.10 -29.76
C ALA Q 184 0.16 -73.33 -30.72
N THR Q 185 -0.31 -73.06 -31.94
CA THR Q 185 0.50 -72.32 -32.90
C THR Q 185 -0.25 -71.10 -33.42
N VAL Q 186 0.51 -70.07 -33.76
CA VAL Q 186 -0.06 -68.85 -34.31
C VAL Q 186 -0.64 -69.28 -35.66
N GLU Q 187 0.05 -70.24 -36.28
CA GLU Q 187 -0.36 -70.75 -37.59
C GLU Q 187 -1.65 -71.57 -37.55
N GLU Q 188 -1.66 -72.64 -36.76
CA GLU Q 188 -2.85 -73.48 -36.69
C GLU Q 188 -4.06 -72.76 -36.07
N CYS Q 189 -3.81 -71.60 -35.48
CA CYS Q 189 -4.89 -70.82 -34.90
C CYS Q 189 -5.52 -69.99 -36.01
N VAL Q 190 -4.69 -69.35 -36.82
CA VAL Q 190 -5.19 -68.54 -37.93
C VAL Q 190 -5.94 -69.45 -38.90
N LYS Q 191 -5.56 -70.72 -38.92
CA LYS Q 191 -6.19 -71.69 -39.80
C LYS Q 191 -7.59 -72.02 -39.30
N LEU Q 192 -7.69 -72.46 -38.06
CA LEU Q 192 -9.00 -72.81 -37.48
C LEU Q 192 -9.98 -71.67 -37.69
N THR Q 193 -9.46 -70.45 -37.71
CA THR Q 193 -10.28 -69.26 -37.91
C THR Q 193 -10.76 -69.13 -39.35
N VAL Q 194 -9.85 -69.23 -40.30
CA VAL Q 194 -10.23 -69.12 -41.71
C VAL Q 194 -11.20 -70.24 -42.07
N ARG Q 195 -10.95 -71.43 -41.54
CA ARG Q 195 -11.80 -72.58 -41.80
C ARG Q 195 -13.26 -72.26 -41.49
N SER Q 196 -13.51 -71.72 -40.30
CA SER Q 196 -14.87 -71.39 -39.88
C SER Q 196 -15.53 -70.31 -40.74
N LEU Q 197 -14.75 -69.34 -41.21
CA LEU Q 197 -15.30 -68.28 -42.05
C LEU Q 197 -15.80 -68.87 -43.37
N LEU Q 198 -15.04 -69.82 -43.91
CA LEU Q 198 -15.39 -70.46 -45.16
C LEU Q 198 -16.74 -71.17 -45.09
N GLU Q 199 -17.16 -71.53 -43.89
CA GLU Q 199 -18.45 -72.18 -43.69
C GLU Q 199 -19.58 -71.25 -44.13
N VAL Q 200 -19.28 -69.96 -44.26
CA VAL Q 200 -20.30 -68.99 -44.61
C VAL Q 200 -19.90 -67.94 -45.66
N VAL Q 201 -18.60 -67.72 -45.85
CA VAL Q 201 -18.17 -66.71 -46.82
C VAL Q 201 -18.33 -67.15 -48.28
N GLN Q 202 -18.38 -68.46 -48.52
CA GLN Q 202 -18.53 -69.01 -49.86
C GLN Q 202 -17.56 -68.34 -50.85
N THR Q 203 -16.35 -68.87 -50.92
CA THR Q 203 -15.29 -68.34 -51.81
C THR Q 203 -15.07 -66.86 -51.63
N GLY Q 204 -13.95 -66.51 -51.00
CA GLY Q 204 -13.66 -65.11 -50.77
C GLY Q 204 -12.28 -64.84 -50.20
N ALA Q 205 -11.27 -64.83 -51.06
CA ALA Q 205 -9.93 -64.54 -50.61
C ALA Q 205 -9.93 -63.06 -50.25
N LYS Q 206 -10.73 -62.28 -50.98
CA LYS Q 206 -10.87 -60.85 -50.74
C LYS Q 206 -12.08 -60.61 -49.83
N ASN Q 207 -12.78 -61.69 -49.51
CA ASN Q 207 -13.95 -61.63 -48.64
C ASN Q 207 -13.63 -62.15 -47.24
N ILE Q 208 -12.34 -62.19 -46.90
CA ILE Q 208 -11.88 -62.64 -45.59
C ILE Q 208 -10.62 -61.90 -45.20
N GLU Q 209 -10.64 -61.29 -44.02
CA GLU Q 209 -9.47 -60.59 -43.52
C GLU Q 209 -9.18 -61.10 -42.12
N ILE Q 210 -7.90 -61.30 -41.83
CA ILE Q 210 -7.49 -61.81 -40.53
C ILE Q 210 -6.49 -60.87 -39.87
N THR Q 211 -6.53 -60.82 -38.55
CA THR Q 211 -5.61 -60.00 -37.77
C THR Q 211 -5.11 -60.87 -36.63
N VAL Q 212 -3.80 -60.88 -36.44
CA VAL Q 212 -3.23 -61.69 -35.38
C VAL Q 212 -2.59 -60.82 -34.32
N VAL Q 213 -3.00 -61.05 -33.08
CA VAL Q 213 -2.48 -60.28 -31.96
C VAL Q 213 -1.68 -61.19 -31.01
N LYS Q 214 -0.43 -60.82 -30.79
CA LYS Q 214 0.48 -61.57 -29.91
C LYS Q 214 0.84 -60.70 -28.72
N PRO Q 215 1.42 -61.30 -27.66
CA PRO Q 215 1.81 -60.55 -26.45
C PRO Q 215 2.71 -59.35 -26.72
N ASP Q 216 2.65 -58.36 -25.82
CA ASP Q 216 3.45 -57.15 -25.90
C ASP Q 216 3.25 -56.29 -27.14
N SER Q 217 2.02 -55.85 -27.35
CA SER Q 217 1.68 -54.99 -28.47
C SER Q 217 2.18 -55.47 -29.83
N ASP Q 218 1.97 -56.74 -30.12
CA ASP Q 218 2.40 -57.30 -31.39
C ASP Q 218 1.17 -57.63 -32.23
N ILE Q 219 0.68 -56.61 -32.95
CA ILE Q 219 -0.50 -56.79 -33.79
C ILE Q 219 -0.08 -56.68 -35.25
N VAL Q 220 -0.77 -57.43 -36.11
CA VAL Q 220 -0.48 -57.42 -37.54
C VAL Q 220 -1.60 -58.09 -38.33
N ALA Q 221 -1.96 -57.47 -39.45
CA ALA Q 221 -3.00 -57.99 -40.33
C ALA Q 221 -2.36 -58.70 -41.52
N LEU Q 222 -3.00 -59.76 -42.01
CA LEU Q 222 -2.48 -60.52 -43.13
C LEU Q 222 -2.99 -59.93 -44.44
N SER Q 223 -2.18 -60.05 -45.49
CA SER Q 223 -2.57 -59.55 -46.81
C SER Q 223 -3.27 -60.70 -47.54
N SER Q 224 -4.08 -60.34 -48.53
CA SER Q 224 -4.83 -61.32 -49.31
C SER Q 224 -4.10 -62.64 -49.54
N GLU Q 225 -2.83 -62.57 -49.94
CA GLU Q 225 -2.04 -63.77 -50.22
C GLU Q 225 -1.92 -64.66 -49.00
N GLU Q 226 -1.26 -64.14 -47.97
CA GLU Q 226 -1.06 -64.87 -46.72
C GLU Q 226 -2.33 -65.62 -46.32
N ILE Q 227 -3.48 -64.99 -46.60
CA ILE Q 227 -4.77 -65.58 -46.28
C ILE Q 227 -5.17 -66.58 -47.36
N ASN Q 228 -5.10 -66.16 -48.61
CA ASN Q 228 -5.46 -67.02 -49.72
C ASN Q 228 -4.60 -68.28 -49.69
N GLN Q 229 -3.48 -68.20 -48.98
CA GLN Q 229 -2.58 -69.34 -48.85
C GLN Q 229 -3.17 -70.36 -47.90
N TYR Q 230 -3.90 -69.89 -46.89
CA TYR Q 230 -4.55 -70.78 -45.94
C TYR Q 230 -5.79 -71.37 -46.59
N VAL Q 231 -6.45 -70.55 -47.41
CA VAL Q 231 -7.66 -70.95 -48.12
C VAL Q 231 -7.30 -72.13 -49.04
N THR Q 232 -6.26 -71.94 -49.83
CA THR Q 232 -5.79 -72.97 -50.77
C THR Q 232 -5.57 -74.31 -50.06
N GLN Q 233 -4.78 -74.30 -48.98
CA GLN Q 233 -4.50 -75.53 -48.25
C GLN Q 233 -5.72 -76.16 -47.56
N ILE Q 234 -6.68 -75.34 -47.16
CA ILE Q 234 -7.87 -75.85 -46.49
C ILE Q 234 -8.86 -76.51 -47.45
N GLU Q 235 -8.82 -76.10 -48.72
CA GLU Q 235 -9.71 -76.68 -49.72
C GLU Q 235 -9.19 -78.05 -50.13
N GLN Q 236 -7.87 -78.20 -50.12
CA GLN Q 236 -7.23 -79.46 -50.46
C GLN Q 236 -7.47 -80.47 -49.33
N GLU Q 237 -7.39 -79.99 -48.09
CA GLU Q 237 -7.62 -80.85 -46.92
C GLU Q 237 -8.92 -81.63 -47.14
N LYS Q 238 -9.89 -80.98 -47.78
CA LYS Q 238 -11.20 -81.59 -48.06
C LYS Q 238 -11.15 -82.57 -49.23
N GLN Q 239 -10.70 -82.09 -50.39
CA GLN Q 239 -10.61 -82.89 -51.61
C GLN Q 239 -9.84 -84.19 -51.38
N GLU Q 240 -8.81 -84.13 -50.54
CA GLU Q 240 -8.00 -85.31 -50.21
C GLU Q 240 -8.82 -86.20 -49.29
N GLN Q 241 -10.06 -86.43 -49.69
CA GLN Q 241 -11.01 -87.27 -48.94
C GLN Q 241 -12.36 -87.28 -49.65
N ASP R 1 -47.94 -43.17 -26.86
CA ASP R 1 -47.81 -44.43 -26.07
C ASP R 1 -48.48 -44.27 -24.69
N ARG R 2 -47.67 -44.06 -23.65
CA ARG R 2 -48.18 -43.90 -22.29
C ARG R 2 -47.02 -43.67 -21.29
N GLY R 3 -47.22 -42.72 -20.38
CA GLY R 3 -46.19 -42.40 -19.39
C GLY R 3 -45.47 -43.62 -18.85
N VAL R 4 -44.15 -43.55 -18.76
CA VAL R 4 -43.36 -44.68 -18.26
C VAL R 4 -43.50 -44.84 -16.76
N SER R 5 -44.40 -44.09 -16.16
CA SER R 5 -44.64 -44.18 -14.72
C SER R 5 -46.12 -43.93 -14.47
N THR R 6 -46.96 -44.60 -15.25
CA THR R 6 -48.41 -44.49 -15.14
C THR R 6 -48.96 -45.59 -14.25
N PHE R 7 -50.17 -45.39 -13.74
CA PHE R 7 -50.84 -46.36 -12.88
C PHE R 7 -51.86 -47.20 -13.64
N SER R 8 -51.91 -48.49 -13.32
CA SER R 8 -52.89 -49.38 -13.95
C SER R 8 -54.17 -49.15 -13.16
N PRO R 9 -55.32 -49.55 -13.71
CA PRO R 9 -56.55 -49.33 -12.95
C PRO R 9 -56.53 -50.04 -11.59
N GLU R 10 -55.60 -50.97 -11.41
CA GLU R 10 -55.48 -51.73 -10.17
C GLU R 10 -54.62 -51.05 -9.12
N GLY R 11 -53.91 -50.00 -9.52
CA GLY R 11 -53.07 -49.29 -8.58
C GLY R 11 -51.65 -49.82 -8.59
N ARG R 12 -51.18 -50.19 -9.77
CA ARG R 12 -49.83 -50.70 -9.94
C ARG R 12 -49.14 -49.92 -11.05
N LEU R 13 -47.81 -49.87 -11.00
CA LEU R 13 -47.05 -49.17 -12.01
C LEU R 13 -46.62 -50.13 -13.11
N PHE R 14 -47.21 -49.97 -14.29
CA PHE R 14 -46.90 -50.85 -15.41
C PHE R 14 -45.42 -51.19 -15.50
N GLN R 15 -44.59 -50.18 -15.73
CA GLN R 15 -43.16 -50.40 -15.87
C GLN R 15 -42.54 -51.27 -14.79
N VAL R 16 -42.96 -51.09 -13.54
CA VAL R 16 -42.40 -51.88 -12.46
C VAL R 16 -42.83 -53.33 -12.59
N GLU R 17 -44.09 -53.55 -12.95
CA GLU R 17 -44.61 -54.91 -13.10
C GLU R 17 -43.90 -55.65 -14.22
N TYR R 18 -43.83 -55.03 -15.40
CA TYR R 18 -43.16 -55.64 -16.53
C TYR R 18 -41.69 -55.88 -16.16
N SER R 19 -41.20 -55.07 -15.23
CA SER R 19 -39.82 -55.17 -14.77
C SER R 19 -39.64 -56.51 -14.07
N LEU R 20 -40.59 -56.83 -13.20
CA LEU R 20 -40.58 -58.08 -12.45
C LEU R 20 -40.68 -59.30 -13.36
N GLU R 21 -41.32 -59.14 -14.51
CA GLU R 21 -41.46 -60.24 -15.47
C GLU R 21 -40.11 -60.62 -16.05
N ALA R 22 -39.27 -59.61 -16.28
CA ALA R 22 -37.96 -59.84 -16.84
C ALA R 22 -37.05 -60.57 -15.85
N ILE R 23 -37.35 -60.42 -14.56
CA ILE R 23 -36.56 -61.04 -13.51
C ILE R 23 -36.88 -62.53 -13.40
N LYS R 24 -38.11 -62.88 -13.75
CA LYS R 24 -38.54 -64.27 -13.72
C LYS R 24 -37.79 -65.06 -14.79
N LEU R 25 -37.20 -64.36 -15.73
CA LEU R 25 -36.46 -65.00 -16.82
C LEU R 25 -34.96 -65.08 -16.53
N GLY R 26 -34.53 -64.56 -15.39
CA GLY R 26 -33.12 -64.61 -15.07
C GLY R 26 -32.69 -65.88 -14.38
N SER R 27 -31.38 -66.08 -14.29
CA SER R 27 -30.83 -67.26 -13.62
C SER R 27 -31.21 -67.25 -12.16
N THR R 28 -31.41 -68.43 -11.61
CA THR R 28 -31.80 -68.55 -10.20
C THR R 28 -30.67 -68.17 -9.25
N ALA R 29 -31.04 -67.51 -8.16
CA ALA R 29 -30.10 -67.10 -7.12
C ALA R 29 -30.78 -67.39 -5.78
N ILE R 30 -30.05 -68.02 -4.86
CA ILE R 30 -30.62 -68.38 -3.56
C ILE R 30 -29.81 -67.85 -2.38
N GLY R 31 -30.53 -67.43 -1.35
CA GLY R 31 -29.87 -66.94 -0.16
C GLY R 31 -30.43 -67.56 1.11
N ILE R 32 -29.53 -68.06 1.97
CA ILE R 32 -29.92 -68.65 3.25
C ILE R 32 -29.11 -67.99 4.36
N ALA R 33 -29.81 -67.52 5.39
CA ALA R 33 -29.17 -66.84 6.51
C ALA R 33 -29.27 -67.64 7.80
N THR R 34 -28.12 -67.89 8.43
CA THR R 34 -28.06 -68.63 9.68
C THR R 34 -27.21 -67.86 10.69
N LYS R 35 -27.27 -68.25 11.96
CA LYS R 35 -26.50 -67.58 13.00
C LYS R 35 -25.00 -67.86 12.90
N GLU R 36 -24.60 -68.49 11.81
CA GLU R 36 -23.19 -68.81 11.59
C GLU R 36 -22.71 -68.12 10.34
N GLY R 37 -23.62 -67.40 9.69
CA GLY R 37 -23.28 -66.71 8.46
C GLY R 37 -24.43 -66.78 7.46
N VAL R 38 -24.26 -66.12 6.32
CA VAL R 38 -25.29 -66.12 5.29
C VAL R 38 -24.65 -66.71 4.04
N VAL R 39 -25.43 -67.50 3.31
CA VAL R 39 -24.93 -68.13 2.08
C VAL R 39 -25.68 -67.67 0.84
N LEU R 40 -24.92 -67.38 -0.20
CA LEU R 40 -25.45 -66.93 -1.47
C LEU R 40 -24.95 -67.85 -2.58
N GLY R 41 -25.87 -68.36 -3.39
CA GLY R 41 -25.48 -69.22 -4.48
C GLY R 41 -26.25 -68.82 -5.72
N VAL R 42 -25.64 -68.99 -6.89
CA VAL R 42 -26.31 -68.64 -8.14
C VAL R 42 -26.05 -69.62 -9.27
N GLU R 43 -27.00 -69.69 -10.20
CA GLU R 43 -26.89 -70.56 -11.37
C GLU R 43 -26.12 -69.78 -12.44
N LYS R 44 -24.89 -70.20 -12.73
CA LYS R 44 -24.12 -69.51 -13.77
C LYS R 44 -24.98 -69.46 -15.04
N ARG R 45 -25.18 -70.61 -15.67
CA ARG R 45 -26.00 -70.72 -16.88
C ARG R 45 -25.40 -70.11 -18.15
N ALA R 46 -24.25 -70.61 -18.60
CA ALA R 46 -23.65 -70.09 -19.82
C ALA R 46 -24.60 -70.44 -20.97
N THR R 47 -24.41 -69.84 -22.14
CA THR R 47 -25.30 -70.12 -23.27
C THR R 47 -24.60 -70.88 -24.39
N SER R 48 -23.36 -71.30 -24.15
CA SER R 48 -22.57 -72.04 -25.12
C SER R 48 -21.33 -72.61 -24.44
N PRO R 49 -20.92 -73.83 -24.83
CA PRO R 49 -19.75 -74.49 -24.25
C PRO R 49 -18.43 -73.75 -24.45
N LEU R 50 -18.46 -72.71 -25.28
CA LEU R 50 -17.25 -71.93 -25.57
C LEU R 50 -17.07 -70.76 -24.60
N LEU R 51 -18.17 -70.35 -23.98
CA LEU R 51 -18.17 -69.25 -23.02
C LEU R 51 -17.47 -69.69 -21.73
N GLU R 52 -16.36 -69.03 -21.40
CA GLU R 52 -15.60 -69.37 -20.21
C GLU R 52 -16.46 -69.03 -18.98
N SER R 53 -17.00 -70.07 -18.39
CA SER R 53 -17.91 -69.96 -17.22
C SER R 53 -17.47 -69.15 -16.01
N ASP R 54 -16.18 -68.92 -15.82
CA ASP R 54 -15.73 -68.14 -14.66
C ASP R 54 -15.85 -66.62 -14.85
N SER R 55 -16.09 -66.19 -16.08
CA SER R 55 -16.25 -64.78 -16.35
C SER R 55 -17.70 -64.39 -16.08
N ILE R 56 -18.48 -65.33 -15.55
CA ILE R 56 -19.87 -65.03 -15.21
C ILE R 56 -19.80 -64.56 -13.78
N GLU R 57 -20.06 -63.28 -13.56
CA GLU R 57 -19.98 -62.70 -12.22
C GLU R 57 -21.34 -62.27 -11.70
N LYS R 58 -22.08 -63.22 -11.12
CA LYS R 58 -23.39 -62.89 -10.61
C LYS R 58 -23.42 -62.72 -9.10
N ILE R 59 -22.25 -62.81 -8.48
CA ILE R 59 -22.12 -62.61 -7.04
C ILE R 59 -20.95 -61.65 -6.83
N VAL R 60 -21.23 -60.50 -6.23
CA VAL R 60 -20.20 -59.49 -6.01
C VAL R 60 -20.10 -59.03 -4.57
N GLU R 61 -18.98 -58.39 -4.27
CA GLU R 61 -18.72 -57.85 -2.93
C GLU R 61 -19.04 -56.37 -2.85
N ILE R 62 -19.87 -55.99 -1.89
CA ILE R 62 -20.22 -54.57 -1.70
C ILE R 62 -19.09 -54.01 -0.81
N ASP R 63 -19.00 -54.53 0.41
CA ASP R 63 -17.94 -54.13 1.33
C ASP R 63 -17.38 -55.44 1.90
N ARG R 64 -16.57 -55.39 2.95
CA ARG R 64 -16.03 -56.62 3.49
C ARG R 64 -17.08 -57.41 4.28
N HIS R 65 -18.13 -56.73 4.72
CA HIS R 65 -19.19 -57.39 5.50
C HIS R 65 -20.51 -57.44 4.74
N ILE R 66 -20.47 -57.22 3.43
CA ILE R 66 -21.66 -57.25 2.59
C ILE R 66 -21.35 -57.77 1.20
N GLY R 67 -22.21 -58.64 0.70
CA GLY R 67 -22.03 -59.19 -0.63
C GLY R 67 -23.42 -59.30 -1.22
N CYS R 68 -23.52 -59.51 -2.52
CA CYS R 68 -24.85 -59.63 -3.09
C CYS R 68 -24.92 -60.46 -4.36
N ALA R 69 -26.09 -61.04 -4.61
CA ALA R 69 -26.34 -61.86 -5.78
C ALA R 69 -27.43 -61.19 -6.61
N MET R 70 -27.29 -61.31 -7.92
CA MET R 70 -28.23 -60.71 -8.85
C MET R 70 -28.99 -61.71 -9.69
N SER R 71 -30.09 -61.26 -10.27
CA SER R 71 -30.91 -62.12 -11.11
C SER R 71 -31.79 -61.28 -12.04
N GLY R 72 -31.71 -61.54 -13.34
CA GLY R 72 -32.50 -60.80 -14.31
C GLY R 72 -31.57 -60.17 -15.33
N LEU R 73 -31.85 -58.94 -15.73
CA LEU R 73 -30.98 -58.24 -16.68
C LEU R 73 -29.76 -57.80 -15.87
N THR R 74 -28.71 -58.63 -15.85
CA THR R 74 -27.51 -58.35 -15.07
C THR R 74 -26.70 -57.08 -15.40
N ALA R 75 -26.77 -56.63 -16.65
CA ALA R 75 -26.04 -55.43 -17.03
C ALA R 75 -26.58 -54.23 -16.26
N ASP R 76 -27.87 -54.28 -15.94
CA ASP R 76 -28.54 -53.22 -15.20
C ASP R 76 -28.09 -53.19 -13.74
N ALA R 77 -27.29 -54.16 -13.32
CA ALA R 77 -26.86 -54.18 -11.93
C ALA R 77 -25.52 -53.49 -11.70
N ARG R 78 -24.80 -53.18 -12.78
CA ARG R 78 -23.49 -52.53 -12.63
C ARG R 78 -23.62 -51.26 -11.80
N SER R 79 -24.44 -50.32 -12.26
CA SER R 79 -24.62 -49.07 -11.54
C SER R 79 -25.13 -49.25 -10.12
N MET R 80 -25.95 -50.28 -9.90
CA MET R 80 -26.49 -50.54 -8.58
C MET R 80 -25.38 -50.94 -7.60
N ILE R 81 -24.50 -51.83 -8.05
CA ILE R 81 -23.40 -52.29 -7.22
C ILE R 81 -22.41 -51.14 -6.98
N GLU R 82 -22.23 -50.32 -8.01
CA GLU R 82 -21.33 -49.17 -7.90
C GLU R 82 -21.88 -48.25 -6.83
N HIS R 83 -23.15 -47.89 -6.96
CA HIS R 83 -23.78 -47.02 -5.98
C HIS R 83 -23.63 -47.59 -4.59
N ALA R 84 -23.82 -48.90 -4.48
CA ALA R 84 -23.73 -49.61 -3.21
C ALA R 84 -22.34 -49.55 -2.58
N ARG R 85 -21.33 -49.93 -3.36
CA ARG R 85 -19.95 -49.91 -2.87
C ARG R 85 -19.58 -48.50 -2.46
N THR R 86 -20.00 -47.52 -3.25
CA THR R 86 -19.70 -46.13 -2.95
C THR R 86 -20.38 -45.72 -1.66
N ALA R 87 -21.64 -46.10 -1.48
CA ALA R 87 -22.39 -45.75 -0.28
C ALA R 87 -21.73 -46.31 0.97
N ALA R 88 -21.20 -47.53 0.86
CA ALA R 88 -20.55 -48.19 1.99
C ALA R 88 -19.24 -47.48 2.31
N VAL R 89 -18.40 -47.31 1.29
CA VAL R 89 -17.13 -46.63 1.49
C VAL R 89 -17.39 -45.22 2.02
N THR R 90 -18.28 -44.49 1.34
CA THR R 90 -18.61 -43.13 1.76
C THR R 90 -18.98 -43.07 3.22
N HIS R 91 -19.94 -43.91 3.62
CA HIS R 91 -20.39 -43.95 5.01
C HIS R 91 -19.22 -44.16 5.96
N ASN R 92 -18.29 -44.99 5.56
CA ASN R 92 -17.15 -45.26 6.41
C ASN R 92 -16.24 -44.05 6.55
N LEU R 93 -16.07 -43.30 5.46
CA LEU R 93 -15.24 -42.11 5.50
C LEU R 93 -15.85 -41.05 6.45
N TYR R 94 -17.17 -40.88 6.37
CA TYR R 94 -17.86 -39.91 7.21
C TYR R 94 -17.97 -40.33 8.67
N TYR R 95 -18.15 -41.62 8.93
CA TYR R 95 -18.33 -42.06 10.32
C TYR R 95 -17.33 -43.01 10.92
N ASP R 96 -16.28 -43.35 10.20
CA ASP R 96 -15.26 -44.25 10.74
C ASP R 96 -15.92 -45.51 11.32
N GLU R 97 -16.68 -46.23 10.50
CA GLU R 97 -17.38 -47.41 10.97
C GLU R 97 -18.01 -48.10 9.77
N ASP R 98 -18.51 -49.32 9.99
CA ASP R 98 -19.16 -50.10 8.94
C ASP R 98 -20.61 -49.68 8.76
N ILE R 99 -21.03 -49.63 7.50
CA ILE R 99 -22.41 -49.25 7.20
C ILE R 99 -23.33 -50.45 7.51
N ASN R 100 -24.41 -50.19 8.23
CA ASN R 100 -25.38 -51.23 8.58
C ASN R 100 -25.97 -51.88 7.33
N VAL R 101 -26.06 -53.21 7.33
CA VAL R 101 -26.58 -53.93 6.16
C VAL R 101 -27.93 -53.45 5.68
N GLU R 102 -28.78 -53.05 6.61
CA GLU R 102 -30.11 -52.58 6.22
C GLU R 102 -29.99 -51.24 5.49
N SER R 103 -29.17 -50.36 6.05
CA SER R 103 -28.93 -49.01 5.49
C SER R 103 -28.41 -49.08 4.08
N LEU R 104 -27.45 -49.97 3.84
CA LEU R 104 -26.89 -50.14 2.52
C LEU R 104 -28.01 -50.51 1.55
N THR R 105 -28.89 -51.40 2.00
CA THR R 105 -30.00 -51.86 1.16
C THR R 105 -30.97 -50.72 0.87
N GLN R 106 -31.41 -50.04 1.92
CA GLN R 106 -32.33 -48.91 1.80
C GLN R 106 -31.79 -47.91 0.77
N SER R 107 -30.48 -47.68 0.80
CA SER R 107 -29.81 -46.76 -0.11
C SER R 107 -29.96 -47.21 -1.57
N VAL R 108 -29.66 -48.48 -1.83
CA VAL R 108 -29.77 -49.06 -3.16
C VAL R 108 -31.21 -48.95 -3.68
N CYS R 109 -32.16 -49.23 -2.79
CA CYS R 109 -33.57 -49.18 -3.15
C CYS R 109 -34.06 -47.77 -3.46
N ASP R 110 -33.26 -46.78 -3.10
CA ASP R 110 -33.64 -45.42 -3.36
C ASP R 110 -33.48 -45.08 -4.84
N LEU R 111 -32.60 -45.81 -5.53
CA LEU R 111 -32.41 -45.58 -6.96
C LEU R 111 -33.62 -46.12 -7.68
N ALA R 112 -34.07 -47.28 -7.23
CA ALA R 112 -35.22 -47.96 -7.80
C ALA R 112 -36.28 -47.14 -8.53
N LEU R 113 -36.95 -46.22 -7.84
CA LEU R 113 -38.02 -45.46 -8.51
C LEU R 113 -37.61 -44.14 -9.19
N ARG R 114 -36.31 -43.87 -9.27
CA ARG R 114 -35.87 -42.65 -9.92
C ARG R 114 -35.93 -42.79 -11.44
N PHE R 115 -37.14 -42.92 -11.98
CA PHE R 115 -37.29 -43.02 -13.43
C PHE R 115 -38.48 -42.25 -13.94
N GLY R 116 -38.50 -42.02 -15.26
CA GLY R 116 -39.58 -41.28 -15.88
C GLY R 116 -39.07 -40.32 -16.94
N GLU R 117 -40.00 -39.58 -17.57
CA GLU R 117 -39.64 -38.61 -18.60
C GLU R 117 -39.73 -37.19 -18.04
N GLY R 118 -39.82 -37.10 -16.72
CA GLY R 118 -39.91 -35.80 -16.07
C GLY R 118 -40.90 -35.79 -14.91
N ALA R 119 -40.79 -36.77 -14.01
CA ALA R 119 -41.68 -36.86 -12.85
C ALA R 119 -41.34 -35.80 -11.78
N SER R 120 -42.31 -34.91 -11.51
CA SER R 120 -42.14 -33.82 -10.54
C SER R 120 -41.85 -34.28 -9.11
N GLY R 121 -40.57 -34.39 -8.77
CA GLY R 121 -40.17 -34.82 -7.44
C GLY R 121 -38.69 -34.61 -7.20
N GLU R 122 -37.95 -34.39 -8.28
CA GLU R 122 -36.50 -34.17 -8.26
C GLU R 122 -36.02 -34.22 -9.71
N GLU R 123 -34.85 -34.80 -9.94
CA GLU R 123 -34.32 -34.91 -11.30
C GLU R 123 -34.04 -36.37 -11.66
N ARG R 124 -35.05 -37.21 -11.42
CA ARG R 124 -34.97 -38.64 -11.69
C ARG R 124 -34.83 -38.94 -13.19
N LEU R 125 -33.57 -38.95 -13.64
CA LEU R 125 -33.28 -39.22 -15.04
C LEU R 125 -32.76 -40.66 -15.20
N MET R 126 -33.67 -41.53 -15.66
CA MET R 126 -33.41 -42.94 -15.90
C MET R 126 -34.67 -43.30 -16.66
N SER R 127 -34.54 -43.68 -17.92
CA SER R 127 -35.70 -43.96 -18.77
C SER R 127 -36.67 -45.05 -18.34
N ARG R 128 -36.14 -46.10 -17.71
CA ARG R 128 -36.96 -47.22 -17.28
C ARG R 128 -36.48 -47.74 -15.94
N PRO R 129 -37.26 -48.63 -15.30
CA PRO R 129 -36.86 -49.18 -14.01
C PRO R 129 -35.73 -50.18 -14.22
N PHE R 130 -35.09 -50.63 -13.14
CA PHE R 130 -34.02 -51.62 -13.26
C PHE R 130 -34.62 -53.00 -13.54
N GLY R 131 -34.03 -53.75 -14.47
CA GLY R 131 -34.56 -55.09 -14.77
C GLY R 131 -33.81 -56.21 -14.06
N VAL R 132 -33.50 -55.99 -12.79
CA VAL R 132 -32.75 -56.99 -12.03
C VAL R 132 -33.11 -56.89 -10.57
N ALA R 133 -33.13 -58.03 -9.90
CA ALA R 133 -33.43 -58.05 -8.47
C ALA R 133 -32.13 -58.44 -7.78
N LEU R 134 -32.01 -58.08 -6.51
CA LEU R 134 -30.81 -58.40 -5.77
C LEU R 134 -31.04 -59.07 -4.44
N LEU R 135 -30.05 -59.85 -4.03
CA LEU R 135 -30.09 -60.52 -2.74
C LEU R 135 -28.87 -59.93 -2.07
N ILE R 136 -29.10 -59.07 -1.09
CA ILE R 136 -28.01 -58.43 -0.36
C ILE R 136 -27.82 -59.14 0.97
N ALA R 137 -26.62 -59.65 1.20
CA ALA R 137 -26.37 -60.36 2.43
C ALA R 137 -25.12 -59.87 3.15
N GLY R 138 -25.25 -59.62 4.45
CA GLY R 138 -24.13 -59.16 5.22
C GLY R 138 -24.33 -59.29 6.72
N HIS R 139 -23.40 -58.73 7.48
CA HIS R 139 -23.46 -58.79 8.93
C HIS R 139 -23.02 -57.47 9.57
N ASP R 140 -23.76 -57.05 10.59
CA ASP R 140 -23.42 -55.84 11.32
C ASP R 140 -23.65 -56.12 12.80
N ALA R 141 -23.04 -55.32 13.67
CA ALA R 141 -23.16 -55.54 15.10
C ALA R 141 -24.54 -55.34 15.71
N ASP R 142 -25.37 -54.52 15.09
CA ASP R 142 -26.69 -54.25 15.66
C ASP R 142 -27.77 -55.29 15.39
N ASP R 143 -27.77 -55.88 14.20
CA ASP R 143 -28.76 -56.89 13.81
C ASP R 143 -28.18 -58.22 13.37
N GLY R 144 -26.86 -58.37 13.50
CA GLY R 144 -26.21 -59.61 13.11
C GLY R 144 -26.31 -59.95 11.63
N TYR R 145 -26.27 -61.23 11.31
CA TYR R 145 -26.36 -61.68 9.92
C TYR R 145 -27.73 -61.36 9.33
N GLN R 146 -27.75 -60.93 8.08
CA GLN R 146 -29.00 -60.57 7.43
C GLN R 146 -29.00 -60.87 5.94
N LEU R 147 -30.20 -61.07 5.40
CA LEU R 147 -30.41 -61.34 3.99
C LEU R 147 -31.54 -60.41 3.58
N PHE R 148 -31.36 -59.73 2.46
CA PHE R 148 -32.37 -58.80 1.99
C PHE R 148 -32.68 -59.08 0.55
N HIS R 149 -33.89 -58.74 0.14
CA HIS R 149 -34.30 -58.91 -1.24
C HIS R 149 -34.76 -57.55 -1.72
N ALA R 150 -33.99 -56.95 -2.63
CA ALA R 150 -34.31 -55.64 -3.17
C ALA R 150 -34.86 -55.73 -4.59
N GLU R 151 -36.01 -55.13 -4.81
CA GLU R 151 -36.65 -55.15 -6.14
C GLU R 151 -36.65 -53.78 -6.82
N PRO R 152 -37.02 -53.76 -8.12
CA PRO R 152 -37.07 -52.53 -8.90
C PRO R 152 -38.25 -51.65 -8.50
N SER R 153 -39.01 -52.10 -7.51
CA SER R 153 -40.18 -51.35 -7.05
C SER R 153 -39.76 -50.39 -5.95
N GLY R 154 -38.52 -50.54 -5.50
CA GLY R 154 -38.02 -49.68 -4.45
C GLY R 154 -38.18 -50.31 -3.09
N THR R 155 -39.04 -51.33 -3.00
CA THR R 155 -39.27 -52.01 -1.74
C THR R 155 -38.29 -53.17 -1.54
N PHE R 156 -37.95 -53.41 -0.27
CA PHE R 156 -37.03 -54.49 0.04
C PHE R 156 -37.53 -55.21 1.28
N TYR R 157 -37.34 -56.52 1.29
CA TYR R 157 -37.78 -57.37 2.38
C TYR R 157 -36.61 -58.12 2.97
N ARG R 158 -36.69 -58.42 4.26
CA ARG R 158 -35.66 -59.20 4.92
C ARG R 158 -36.15 -60.65 4.93
N TYR R 159 -35.27 -61.59 4.60
CA TYR R 159 -35.63 -63.01 4.55
C TYR R 159 -34.66 -63.88 5.34
N ASN R 160 -35.14 -65.05 5.76
CA ASN R 160 -34.32 -66.01 6.48
C ASN R 160 -33.73 -66.87 5.39
N ALA R 161 -34.47 -66.95 4.29
CA ALA R 161 -34.07 -67.69 3.11
C ALA R 161 -34.88 -67.08 1.96
N LYS R 162 -34.32 -67.09 0.76
CA LYS R 162 -35.03 -66.50 -0.38
C LYS R 162 -34.38 -66.91 -1.68
N ALA R 163 -35.21 -67.02 -2.71
CA ALA R 163 -34.78 -67.40 -4.03
C ALA R 163 -35.46 -66.51 -5.06
N ILE R 164 -34.67 -66.09 -6.05
CA ILE R 164 -35.17 -65.22 -7.11
C ILE R 164 -34.69 -65.78 -8.43
N GLY R 165 -35.48 -65.61 -9.48
CA GLY R 165 -35.08 -66.12 -10.78
C GLY R 165 -36.10 -67.03 -11.42
N SER R 166 -35.68 -67.73 -12.48
CA SER R 166 -36.58 -68.64 -13.19
C SER R 166 -37.24 -69.65 -12.26
N GLY R 167 -36.47 -70.30 -11.39
CA GLY R 167 -37.07 -71.27 -10.50
C GLY R 167 -37.41 -70.78 -9.10
N SER R 168 -37.70 -69.49 -8.96
CA SER R 168 -37.99 -68.90 -7.65
C SER R 168 -39.19 -69.46 -6.86
N GLU R 169 -40.38 -69.49 -7.45
CA GLU R 169 -41.56 -69.99 -6.74
C GLU R 169 -41.37 -71.45 -6.35
N GLY R 170 -40.69 -72.22 -7.20
CA GLY R 170 -40.43 -73.62 -6.92
C GLY R 170 -39.45 -73.77 -5.77
N ALA R 171 -38.25 -73.20 -5.96
CA ALA R 171 -37.20 -73.26 -4.97
C ALA R 171 -37.56 -72.57 -3.66
N GLN R 172 -38.45 -71.58 -3.73
CA GLN R 172 -38.87 -70.87 -2.53
C GLN R 172 -39.69 -71.81 -1.66
N ALA R 173 -40.59 -72.56 -2.30
CA ALA R 173 -41.43 -73.51 -1.59
C ALA R 173 -40.54 -74.56 -0.93
N GLU R 174 -39.42 -74.88 -1.58
CA GLU R 174 -38.50 -75.86 -1.04
C GLU R 174 -37.88 -75.29 0.24
N LEU R 175 -37.38 -74.07 0.14
CA LEU R 175 -36.76 -73.39 1.29
C LEU R 175 -37.74 -73.25 2.43
N LEU R 176 -39.03 -73.09 2.11
CA LEU R 176 -40.06 -72.93 3.12
C LEU R 176 -40.02 -74.10 4.10
N ASN R 177 -39.84 -75.32 3.57
CA ASN R 177 -39.78 -76.51 4.42
C ASN R 177 -38.43 -76.60 5.12
N GLU R 178 -37.40 -76.83 4.31
CA GLU R 178 -36.02 -76.98 4.78
C GLU R 178 -35.46 -76.01 5.83
N TRP R 179 -35.91 -74.76 5.83
CA TRP R 179 -35.37 -73.77 6.76
C TRP R 179 -35.85 -73.77 8.21
N HIS R 180 -34.88 -73.85 9.13
CA HIS R 180 -35.16 -73.80 10.56
C HIS R 180 -34.13 -72.89 11.23
N SER R 181 -34.57 -72.19 12.27
CA SER R 181 -33.75 -71.22 13.01
C SER R 181 -32.46 -71.72 13.66
N SER R 182 -32.05 -72.95 13.38
CA SER R 182 -30.82 -73.46 13.99
C SER R 182 -29.92 -74.20 13.02
N LEU R 183 -30.06 -73.88 11.74
CA LEU R 183 -29.24 -74.48 10.69
C LEU R 183 -27.79 -74.08 10.93
N THR R 184 -26.86 -74.78 10.31
CA THR R 184 -25.46 -74.43 10.47
C THR R 184 -24.98 -73.93 9.11
N LEU R 185 -23.82 -73.28 9.10
CA LEU R 185 -23.32 -72.76 7.85
C LEU R 185 -23.14 -73.90 6.84
N LYS R 186 -22.54 -75.00 7.30
CA LYS R 186 -22.33 -76.17 6.44
C LYS R 186 -23.65 -76.67 5.86
N GLU R 187 -24.67 -76.75 6.69
CA GLU R 187 -25.98 -77.21 6.26
C GLU R 187 -26.52 -76.31 5.16
N ALA R 188 -26.55 -75.01 5.44
CA ALA R 188 -27.04 -74.03 4.47
C ALA R 188 -26.34 -74.19 3.12
N GLU R 189 -25.02 -74.40 3.14
CA GLU R 189 -24.26 -74.57 1.91
C GLU R 189 -24.80 -75.72 1.08
N LEU R 190 -24.95 -76.88 1.72
CA LEU R 190 -25.46 -78.08 1.05
C LEU R 190 -26.88 -77.79 0.57
N LEU R 191 -27.68 -77.28 1.49
CA LEU R 191 -29.07 -76.94 1.23
C LEU R 191 -29.27 -76.03 0.01
N VAL R 192 -28.39 -75.03 -0.15
CA VAL R 192 -28.46 -74.12 -1.29
C VAL R 192 -28.07 -74.87 -2.55
N LEU R 193 -26.97 -75.60 -2.45
CA LEU R 193 -26.44 -76.39 -3.55
C LEU R 193 -27.47 -77.40 -4.04
N LYS R 194 -28.35 -77.84 -3.13
CA LYS R 194 -29.40 -78.82 -3.46
C LYS R 194 -30.57 -78.20 -4.22
N ILE R 195 -31.14 -77.13 -3.65
CA ILE R 195 -32.27 -76.46 -4.30
C ILE R 195 -31.85 -76.02 -5.71
N LEU R 196 -30.58 -75.64 -5.88
CA LEU R 196 -30.07 -75.21 -7.17
C LEU R 196 -30.15 -76.34 -8.18
N LYS R 197 -29.71 -77.53 -7.75
CA LYS R 197 -29.72 -78.70 -8.61
C LYS R 197 -31.14 -79.10 -9.05
N GLN R 198 -32.13 -78.82 -8.20
CA GLN R 198 -33.50 -79.16 -8.54
C GLN R 198 -34.10 -78.26 -9.61
N VAL R 199 -33.89 -76.95 -9.48
CA VAL R 199 -34.44 -75.97 -10.43
C VAL R 199 -33.63 -75.71 -11.69
N MET R 200 -32.33 -75.91 -11.63
CA MET R 200 -31.48 -75.69 -12.79
C MET R 200 -31.80 -76.64 -13.94
N GLU R 201 -31.88 -76.11 -15.15
CA GLU R 201 -32.15 -76.96 -16.31
C GLU R 201 -30.96 -77.91 -16.42
N GLU R 202 -29.77 -77.33 -16.29
CA GLU R 202 -28.49 -78.04 -16.35
C GLU R 202 -28.26 -78.95 -15.16
N LYS R 203 -27.28 -79.84 -15.29
CA LYS R 203 -26.94 -80.73 -14.19
C LYS R 203 -25.85 -80.03 -13.41
N LEU R 204 -26.17 -79.65 -12.18
CA LEU R 204 -25.25 -78.93 -11.31
C LEU R 204 -23.88 -79.55 -11.09
N ASP R 205 -22.85 -78.74 -11.29
CA ASP R 205 -21.45 -79.14 -11.08
C ASP R 205 -20.75 -77.84 -10.66
N GLU R 206 -19.45 -77.88 -10.40
CA GLU R 206 -18.76 -76.66 -9.96
C GLU R 206 -18.47 -75.61 -11.04
N ASN R 207 -18.98 -75.81 -12.24
CA ASN R 207 -18.74 -74.86 -13.33
C ASN R 207 -19.94 -74.08 -13.81
N ASN R 208 -21.13 -74.53 -13.43
CA ASN R 208 -22.34 -73.84 -13.86
C ASN R 208 -23.07 -73.32 -12.64
N ALA R 209 -22.40 -73.40 -11.49
CA ALA R 209 -22.97 -72.91 -10.25
C ALA R 209 -21.87 -72.36 -9.37
N GLN R 210 -22.23 -71.42 -8.51
CA GLN R 210 -21.26 -70.79 -7.62
C GLN R 210 -21.84 -70.44 -6.26
N LEU R 211 -21.06 -70.73 -5.22
CA LEU R 211 -21.46 -70.45 -3.85
C LEU R 211 -20.56 -69.39 -3.23
N SER R 212 -21.01 -68.87 -2.09
CA SER R 212 -20.27 -67.85 -1.37
C SER R 212 -20.98 -67.62 -0.05
N CYS R 213 -20.28 -67.02 0.89
CA CYS R 213 -20.87 -66.74 2.18
C CYS R 213 -20.29 -65.46 2.74
N ILE R 214 -20.74 -65.11 3.94
CA ILE R 214 -20.26 -63.92 4.59
C ILE R 214 -20.34 -64.21 6.07
N THR R 215 -19.18 -64.17 6.73
CA THR R 215 -19.13 -64.45 8.16
C THR R 215 -18.47 -63.30 8.89
N LYS R 216 -18.93 -63.07 10.12
CA LYS R 216 -18.38 -62.00 10.95
C LYS R 216 -16.86 -62.12 11.07
N GLN R 217 -16.34 -63.32 10.96
CA GLN R 217 -14.90 -63.49 11.09
C GLN R 217 -14.09 -63.16 9.83
N ASP R 218 -14.39 -63.80 8.71
CA ASP R 218 -13.61 -63.54 7.49
C ASP R 218 -14.36 -62.73 6.43
N GLY R 219 -15.50 -62.17 6.82
CA GLY R 219 -16.28 -61.37 5.90
C GLY R 219 -16.88 -62.12 4.71
N PHE R 220 -16.96 -61.42 3.58
CA PHE R 220 -17.53 -62.00 2.37
C PHE R 220 -16.48 -62.64 1.48
N LYS R 221 -16.68 -63.93 1.21
CA LYS R 221 -15.78 -64.71 0.37
C LYS R 221 -16.56 -65.48 -0.69
N ILE R 222 -15.95 -65.66 -1.86
CA ILE R 222 -16.59 -66.40 -2.93
C ILE R 222 -15.84 -67.73 -3.07
N TYR R 223 -16.54 -68.83 -2.76
CA TYR R 223 -15.96 -70.17 -2.84
C TYR R 223 -15.43 -70.46 -4.23
N ASP R 224 -14.14 -70.77 -4.33
CA ASP R 224 -13.55 -71.09 -5.63
C ASP R 224 -14.07 -72.46 -6.03
N ASN R 225 -13.99 -72.76 -7.33
CA ASN R 225 -14.49 -74.03 -7.85
C ASN R 225 -14.11 -75.30 -7.08
N GLU R 226 -12.84 -75.47 -6.73
CA GLU R 226 -12.42 -76.65 -5.99
C GLU R 226 -13.22 -76.86 -4.71
N LYS R 227 -13.30 -75.81 -3.88
CA LYS R 227 -14.04 -75.90 -2.63
C LYS R 227 -15.50 -76.28 -2.82
N THR R 228 -16.11 -75.78 -3.90
CA THR R 228 -17.52 -76.06 -4.20
C THR R 228 -17.71 -77.47 -4.74
N ALA R 229 -16.88 -77.85 -5.70
CA ALA R 229 -16.96 -79.17 -6.29
C ALA R 229 -17.12 -80.20 -5.17
N GLU R 230 -16.33 -80.04 -4.12
CA GLU R 230 -16.38 -80.94 -2.98
C GLU R 230 -17.70 -80.88 -2.23
N LEU R 231 -18.21 -79.67 -2.02
CA LEU R 231 -19.48 -79.53 -1.32
C LEU R 231 -20.59 -80.21 -2.11
N ILE R 232 -20.37 -80.37 -3.42
CA ILE R 232 -21.32 -81.01 -4.32
C ILE R 232 -21.25 -82.52 -4.10
N LYS R 233 -20.01 -83.02 -4.07
CA LYS R 233 -19.74 -84.44 -3.85
C LYS R 233 -20.35 -84.82 -2.50
N GLU R 234 -19.99 -84.08 -1.46
CA GLU R 234 -20.51 -84.31 -0.11
C GLU R 234 -22.03 -84.28 -0.08
N LEU R 235 -22.63 -83.60 -1.06
CA LEU R 235 -24.08 -83.51 -1.12
C LEU R 235 -24.63 -84.77 -1.79
N LYS R 236 -24.06 -85.13 -2.95
CA LYS R 236 -24.48 -86.33 -3.68
C LYS R 236 -24.47 -87.53 -2.74
N GLU R 237 -23.41 -87.63 -1.95
CA GLU R 237 -23.24 -88.71 -0.99
C GLU R 237 -24.34 -88.67 0.07
N LYS R 238 -24.56 -87.50 0.66
CA LYS R 238 -25.56 -87.41 1.69
C LYS R 238 -26.98 -87.70 1.22
N GLU R 239 -27.26 -87.49 -0.06
CA GLU R 239 -28.61 -87.75 -0.61
C GLU R 239 -28.83 -89.23 -0.88
N ALA R 240 -27.76 -89.92 -1.28
CA ALA R 240 -27.85 -91.35 -1.57
C ALA R 240 -27.77 -92.15 -0.26
N ALA R 241 -27.67 -91.44 0.86
CA ALA R 241 -27.59 -92.06 2.17
C ALA R 241 -28.98 -92.22 2.78
N GLU R 242 -29.96 -92.34 1.90
CA GLU R 242 -31.37 -92.52 2.25
C GLU R 242 -32.24 -91.90 1.18
N PHE S 1 -65.03 -44.40 -22.91
CA PHE S 1 -64.83 -43.60 -21.66
C PHE S 1 -63.43 -43.89 -21.10
N ARG S 2 -63.33 -43.87 -19.76
CA ARG S 2 -62.09 -44.11 -19.01
C ARG S 2 -60.85 -44.43 -19.84
N ASN S 3 -60.94 -45.52 -20.60
CA ASN S 3 -59.87 -45.98 -21.47
C ASN S 3 -59.06 -44.84 -22.08
N ASN S 4 -59.75 -43.82 -22.60
CA ASN S 4 -59.09 -42.67 -23.23
C ASN S 4 -58.69 -41.51 -22.35
N TYR S 5 -58.96 -41.59 -21.05
CA TYR S 5 -58.64 -40.47 -20.18
C TYR S 5 -57.79 -40.82 -18.96
N ASP S 6 -57.29 -42.05 -18.89
CA ASP S 6 -56.47 -42.44 -17.75
C ASP S 6 -55.00 -42.64 -18.15
N GLY S 7 -54.62 -42.04 -19.28
CA GLY S 7 -53.26 -42.16 -19.75
C GLY S 7 -52.25 -41.47 -18.84
N ASP S 8 -52.66 -40.34 -18.25
CA ASP S 8 -51.81 -39.56 -17.34
C ASP S 8 -52.67 -38.61 -16.51
N THR S 9 -52.08 -38.05 -15.46
CA THR S 9 -52.80 -37.16 -14.58
C THR S 9 -53.21 -35.80 -15.13
N VAL S 10 -52.54 -35.36 -16.17
CA VAL S 10 -52.86 -34.06 -16.72
C VAL S 10 -54.17 -34.04 -17.50
N THR S 11 -54.85 -35.19 -17.59
CA THR S 11 -56.10 -35.27 -18.34
C THR S 11 -57.36 -35.42 -17.49
N PHE S 12 -58.36 -34.60 -17.78
CA PHE S 12 -59.64 -34.64 -17.09
C PHE S 12 -60.58 -35.53 -17.89
N SER S 13 -61.45 -36.27 -17.22
CA SER S 13 -62.39 -37.11 -17.95
C SER S 13 -63.56 -36.19 -18.30
N PRO S 14 -64.51 -36.67 -19.13
CA PRO S 14 -65.63 -35.79 -19.46
C PRO S 14 -66.54 -35.53 -18.27
N THR S 15 -66.57 -36.46 -17.33
CA THR S 15 -67.39 -36.32 -16.14
C THR S 15 -66.72 -35.36 -15.14
N GLY S 16 -65.40 -35.21 -15.28
CA GLY S 16 -64.65 -34.30 -14.41
C GLY S 16 -63.75 -35.01 -13.42
N ARG S 17 -63.34 -36.22 -13.74
CA ARG S 17 -62.50 -37.00 -12.85
C ARG S 17 -61.03 -37.12 -13.31
N LEU S 18 -60.19 -37.52 -12.38
CA LEU S 18 -58.76 -37.71 -12.63
C LEU S 18 -58.48 -39.16 -12.30
N PHE S 19 -58.62 -40.01 -13.32
CA PHE S 19 -58.41 -41.44 -13.15
C PHE S 19 -57.08 -41.86 -12.57
N GLN S 20 -55.99 -41.31 -13.07
CA GLN S 20 -54.68 -41.67 -12.54
C GLN S 20 -54.65 -41.53 -11.02
N VAL S 21 -55.32 -40.51 -10.51
CA VAL S 21 -55.38 -40.28 -9.08
C VAL S 21 -56.21 -41.36 -8.41
N GLU S 22 -57.36 -41.66 -9.00
CA GLU S 22 -58.23 -42.70 -8.45
C GLU S 22 -57.52 -44.04 -8.42
N TYR S 23 -56.67 -44.29 -9.41
CA TYR S 23 -55.93 -45.54 -9.48
C TYR S 23 -54.94 -45.56 -8.35
N ALA S 24 -54.40 -44.37 -8.02
CA ALA S 24 -53.45 -44.26 -6.94
C ALA S 24 -54.18 -44.61 -5.65
N LEU S 25 -55.33 -43.98 -5.45
CA LEU S 25 -56.16 -44.23 -4.26
C LEU S 25 -56.43 -45.72 -4.15
N GLU S 26 -56.50 -46.39 -5.30
CA GLU S 26 -56.75 -47.81 -5.33
C GLU S 26 -55.62 -48.62 -4.67
N ALA S 27 -54.38 -48.28 -5.00
CA ALA S 27 -53.24 -48.98 -4.42
C ALA S 27 -53.28 -48.91 -2.91
N ILE S 28 -53.98 -47.92 -2.38
CA ILE S 28 -54.09 -47.76 -0.94
C ILE S 28 -54.97 -48.85 -0.35
N LYS S 29 -56.17 -48.99 -0.89
CA LYS S 29 -57.10 -50.02 -0.42
C LYS S 29 -56.46 -51.40 -0.50
N GLN S 30 -55.68 -51.63 -1.53
CA GLN S 30 -55.01 -52.91 -1.70
C GLN S 30 -53.93 -53.06 -0.63
N GLY S 31 -53.67 -51.98 0.10
CA GLY S 31 -52.65 -52.00 1.14
C GLY S 31 -53.15 -52.48 2.49
N SER S 32 -52.24 -52.94 3.33
CA SER S 32 -52.58 -53.44 4.66
C SER S 32 -53.26 -52.38 5.53
N VAL S 33 -54.13 -52.82 6.44
CA VAL S 33 -54.87 -51.89 7.30
C VAL S 33 -54.06 -51.27 8.45
N THR S 34 -54.46 -50.06 8.81
CA THR S 34 -53.83 -49.33 9.90
C THR S 34 -54.90 -48.43 10.50
N VAL S 35 -54.81 -48.18 11.81
CA VAL S 35 -55.79 -47.36 12.52
C VAL S 35 -55.21 -46.21 13.33
N GLY S 36 -56.02 -45.16 13.49
CA GLY S 36 -55.59 -43.99 14.25
C GLY S 36 -56.71 -43.46 15.14
N LEU S 37 -56.36 -43.12 16.37
CA LEU S 37 -57.33 -42.58 17.33
C LEU S 37 -56.61 -41.76 18.39
N ARG S 38 -57.26 -40.70 18.86
CA ARG S 38 -56.65 -39.82 19.85
C ARG S 38 -57.65 -39.41 20.92
N SER S 39 -57.14 -38.89 22.04
CA SER S 39 -57.99 -38.40 23.11
C SER S 39 -57.70 -36.89 23.20
N ASN S 40 -57.39 -36.39 24.39
CA ASN S 40 -57.08 -34.98 24.55
C ASN S 40 -55.68 -34.88 25.10
N THR S 41 -55.09 -36.05 25.36
CA THR S 41 -53.74 -36.11 25.91
C THR S 41 -52.80 -36.94 25.06
N HIS S 42 -53.34 -37.94 24.36
CA HIS S 42 -52.52 -38.81 23.51
C HIS S 42 -53.15 -39.07 22.17
N ALA S 43 -52.37 -39.68 21.28
CA ALA S 43 -52.80 -40.03 19.94
C ALA S 43 -52.07 -41.34 19.69
N VAL S 44 -52.80 -42.31 19.14
CA VAL S 44 -52.21 -43.61 18.90
C VAL S 44 -52.35 -44.10 17.46
N LEU S 45 -51.37 -44.88 17.05
CA LEU S 45 -51.38 -45.47 15.73
C LEU S 45 -51.16 -46.98 15.90
N VAL S 46 -52.09 -47.76 15.37
CA VAL S 46 -51.98 -49.21 15.43
C VAL S 46 -52.02 -49.65 13.97
N ALA S 47 -51.07 -50.47 13.58
CA ALA S 47 -51.03 -50.93 12.21
C ALA S 47 -50.76 -52.42 12.09
N LEU S 48 -51.33 -53.01 11.05
CA LEU S 48 -51.16 -54.43 10.78
C LEU S 48 -50.06 -54.57 9.74
N LYS S 49 -48.95 -55.22 10.09
CA LYS S 49 -47.84 -55.39 9.16
C LYS S 49 -48.03 -56.62 8.26
N ARG S 50 -47.56 -56.52 7.01
CA ARG S 50 -47.69 -57.61 6.05
C ARG S 50 -46.35 -58.23 5.69
N ASN S 51 -46.38 -59.50 5.31
CA ASN S 51 -45.16 -60.22 4.92
C ASN S 51 -45.40 -61.01 3.65
N ALA S 52 -44.32 -61.35 2.95
CA ALA S 52 -44.42 -62.12 1.72
C ALA S 52 -44.51 -63.62 2.04
N ASP S 53 -43.37 -64.21 2.36
CA ASP S 53 -43.28 -65.63 2.70
C ASP S 53 -43.38 -65.74 4.20
N GLU S 54 -42.96 -66.89 4.73
CA GLU S 54 -42.96 -67.11 6.15
C GLU S 54 -41.49 -67.02 6.54
N LEU S 55 -40.67 -66.70 5.55
CA LEU S 55 -39.24 -66.55 5.76
C LEU S 55 -38.91 -65.07 5.62
N SER S 56 -39.92 -64.27 5.30
CA SER S 56 -39.74 -62.82 5.12
C SER S 56 -40.18 -62.03 6.35
N SER S 57 -39.67 -60.81 6.46
CA SER S 57 -40.00 -59.94 7.58
C SER S 57 -41.34 -59.25 7.28
N TYR S 58 -41.88 -58.56 8.28
CA TYR S 58 -43.13 -57.82 8.11
C TYR S 58 -42.79 -56.35 7.88
N GLN S 59 -43.14 -55.85 6.70
CA GLN S 59 -42.87 -54.46 6.30
C GLN S 59 -43.34 -53.43 7.34
N LYS S 60 -42.39 -52.65 7.87
CA LYS S 60 -42.73 -51.64 8.87
C LYS S 60 -43.75 -50.68 8.27
N LYS S 61 -44.64 -50.12 9.08
CA LYS S 61 -45.65 -49.20 8.57
C LYS S 61 -45.75 -47.90 9.37
N ILE S 62 -44.91 -47.78 10.39
CA ILE S 62 -44.90 -46.58 11.23
C ILE S 62 -43.58 -45.83 11.07
N ILE S 63 -43.68 -44.53 10.79
CA ILE S 63 -42.48 -43.70 10.61
C ILE S 63 -42.56 -42.46 11.50
N LYS S 64 -41.43 -42.17 12.14
CA LYS S 64 -41.31 -41.02 13.04
C LYS S 64 -40.76 -39.83 12.26
N CYS S 65 -41.48 -38.72 12.28
CA CYS S 65 -41.04 -37.53 11.56
C CYS S 65 -40.23 -36.61 12.46
N ASP S 66 -40.70 -36.40 13.69
CA ASP S 66 -39.99 -35.59 14.66
C ASP S 66 -40.24 -36.20 16.05
N GLU S 67 -40.05 -35.43 17.10
CA GLU S 67 -40.27 -35.93 18.45
C GLU S 67 -41.72 -35.83 18.86
N HIS S 68 -42.46 -35.00 18.15
CA HIS S 68 -43.86 -34.78 18.45
C HIS S 68 -44.76 -35.15 17.28
N MET S 69 -44.23 -35.91 16.33
CA MET S 69 -45.02 -36.24 15.15
C MET S 69 -44.57 -37.50 14.44
N GLY S 70 -45.53 -38.22 13.87
CA GLY S 70 -45.24 -39.44 13.16
C GLY S 70 -46.44 -39.87 12.35
N LEU S 71 -46.28 -40.90 11.53
CA LEU S 71 -47.37 -41.37 10.70
C LEU S 71 -47.31 -42.85 10.37
N SER S 72 -48.41 -43.35 9.82
CA SER S 72 -48.53 -44.74 9.41
C SER S 72 -48.90 -44.74 7.93
N LEU S 73 -48.41 -45.75 7.22
CA LEU S 73 -48.62 -45.84 5.78
C LEU S 73 -49.50 -47.01 5.30
N ALA S 74 -50.12 -46.81 4.13
CA ALA S 74 -50.96 -47.83 3.51
C ALA S 74 -50.77 -47.67 2.01
N GLY S 75 -50.01 -48.58 1.40
CA GLY S 75 -49.79 -48.50 -0.04
C GLY S 75 -48.32 -48.64 -0.42
N LEU S 76 -47.90 -47.87 -1.42
CA LEU S 76 -46.50 -47.90 -1.87
C LEU S 76 -45.55 -47.44 -0.76
N ALA S 77 -44.68 -48.33 -0.32
CA ALA S 77 -43.74 -48.00 0.74
C ALA S 77 -42.82 -46.84 0.32
N PRO S 78 -42.18 -46.94 -0.87
CA PRO S 78 -41.29 -45.89 -1.35
C PRO S 78 -41.87 -44.48 -1.23
N ASP S 79 -43.12 -44.31 -1.64
CA ASP S 79 -43.73 -43.00 -1.57
C ASP S 79 -43.87 -42.48 -0.14
N ALA S 80 -44.04 -43.38 0.81
CA ALA S 80 -44.17 -42.98 2.21
C ALA S 80 -42.80 -42.49 2.68
N ARG S 81 -41.76 -43.14 2.16
CA ARG S 81 -40.39 -42.79 2.51
C ARG S 81 -40.13 -41.36 2.04
N VAL S 82 -40.53 -41.09 0.80
CA VAL S 82 -40.37 -39.78 0.20
C VAL S 82 -41.13 -38.73 0.99
N LEU S 83 -42.41 -38.97 1.23
CA LEU S 83 -43.27 -38.05 1.97
C LEU S 83 -42.90 -37.87 3.44
N SER S 84 -42.59 -38.95 4.13
CA SER S 84 -42.20 -38.85 5.53
C SER S 84 -40.90 -38.07 5.59
N ASN S 85 -40.03 -38.34 4.63
CA ASN S 85 -38.75 -37.67 4.61
C ASN S 85 -38.91 -36.17 4.30
N TYR S 86 -39.90 -35.83 3.48
CA TYR S 86 -40.13 -34.43 3.18
C TYR S 86 -40.69 -33.77 4.43
N LEU S 87 -41.47 -34.54 5.18
CA LEU S 87 -42.07 -34.04 6.40
C LEU S 87 -41.02 -33.94 7.51
N ARG S 88 -40.02 -34.81 7.47
CA ARG S 88 -38.97 -34.77 8.48
C ARG S 88 -38.20 -33.47 8.36
N GLN S 89 -37.98 -33.03 7.13
CA GLN S 89 -37.25 -31.80 6.85
C GLN S 89 -38.08 -30.60 7.29
N GLN S 90 -39.35 -30.59 6.91
CA GLN S 90 -40.20 -29.48 7.30
C GLN S 90 -40.22 -29.25 8.81
N CYS S 91 -40.17 -30.34 9.58
CA CYS S 91 -40.17 -30.25 11.05
C CYS S 91 -38.83 -29.71 11.51
N ASN S 92 -37.77 -30.24 10.90
CA ASN S 92 -36.41 -29.83 11.21
C ASN S 92 -36.20 -28.36 10.88
N TYR S 93 -36.80 -27.92 9.79
CA TYR S 93 -36.68 -26.54 9.37
C TYR S 93 -37.28 -25.65 10.43
N SER S 94 -38.52 -25.95 10.79
CA SER S 94 -39.25 -25.18 11.80
C SER S 94 -38.48 -25.07 13.10
N SER S 95 -37.80 -26.14 13.48
CA SER S 95 -37.02 -26.16 14.71
C SER S 95 -35.78 -25.27 14.59
N LEU S 96 -35.03 -25.46 13.52
CA LEU S 96 -33.81 -24.68 13.31
C LEU S 96 -34.02 -23.18 13.10
N VAL S 97 -34.81 -22.82 12.10
CA VAL S 97 -35.03 -21.42 11.81
C VAL S 97 -35.85 -20.65 12.84
N PHE S 98 -37.00 -21.21 13.21
CA PHE S 98 -37.87 -20.53 14.17
C PHE S 98 -37.87 -21.09 15.59
N ASN S 99 -37.09 -22.14 15.82
CA ASN S 99 -37.00 -22.75 17.14
C ASN S 99 -38.41 -23.07 17.61
N ARG S 100 -39.21 -23.63 16.70
CA ARG S 100 -40.61 -23.92 16.95
C ARG S 100 -40.97 -25.31 16.47
N LYS S 101 -41.84 -26.00 17.19
CA LYS S 101 -42.25 -27.32 16.74
C LYS S 101 -43.38 -27.12 15.73
N LEU S 102 -43.31 -27.83 14.62
CA LEU S 102 -44.28 -27.71 13.55
C LEU S 102 -45.68 -28.23 13.91
N ALA S 103 -46.66 -27.34 13.81
CA ALA S 103 -48.05 -27.65 14.09
C ALA S 103 -48.51 -28.77 13.18
N VAL S 104 -49.18 -29.76 13.75
CA VAL S 104 -49.68 -30.92 13.01
C VAL S 104 -50.61 -30.47 11.89
N GLU S 105 -51.39 -29.43 12.14
CA GLU S 105 -52.29 -28.93 11.14
C GLU S 105 -51.51 -28.37 9.96
N ARG S 106 -50.32 -27.86 10.24
CA ARG S 106 -49.49 -27.28 9.19
C ARG S 106 -48.71 -28.34 8.43
N ALA S 107 -48.40 -29.44 9.10
CA ALA S 107 -47.68 -30.54 8.47
C ALA S 107 -48.61 -31.08 7.40
N GLY S 108 -49.90 -31.16 7.74
CA GLY S 108 -50.88 -31.66 6.81
C GLY S 108 -50.96 -30.77 5.59
N HIS S 109 -50.93 -29.45 5.80
CA HIS S 109 -50.99 -28.51 4.67
C HIS S 109 -49.84 -28.74 3.69
N LEU S 110 -48.63 -28.93 4.24
CA LEU S 110 -47.47 -29.13 3.40
C LEU S 110 -47.61 -30.39 2.58
N LEU S 111 -48.11 -31.46 3.20
CA LEU S 111 -48.30 -32.71 2.49
C LEU S 111 -49.31 -32.55 1.38
N CYS S 112 -50.42 -31.90 1.70
CA CYS S 112 -51.46 -31.69 0.71
C CYS S 112 -50.89 -30.98 -0.50
N ASP S 113 -50.16 -29.88 -0.27
CA ASP S 113 -49.59 -29.09 -1.35
C ASP S 113 -48.54 -29.82 -2.17
N LYS S 114 -47.76 -30.70 -1.55
CA LYS S 114 -46.73 -31.43 -2.28
C LYS S 114 -47.40 -32.45 -3.19
N ALA S 115 -48.44 -33.10 -2.68
CA ALA S 115 -49.18 -34.11 -3.41
C ALA S 115 -49.96 -33.53 -4.59
N GLN S 116 -50.50 -32.33 -4.41
CA GLN S 116 -51.27 -31.69 -5.46
C GLN S 116 -50.44 -31.36 -6.69
N LYS S 117 -49.20 -30.95 -6.47
CA LYS S 117 -48.30 -30.59 -7.57
C LYS S 117 -48.10 -31.72 -8.55
N ASN S 118 -48.20 -32.95 -8.05
CA ASN S 118 -48.02 -34.15 -8.86
C ASN S 118 -49.27 -34.56 -9.64
N THR S 119 -50.36 -33.81 -9.48
CA THR S 119 -51.60 -34.12 -10.17
C THR S 119 -52.00 -33.07 -11.19
N GLN S 120 -51.12 -32.13 -11.48
CA GLN S 120 -51.45 -31.08 -12.43
C GLN S 120 -50.42 -30.92 -13.55
N SER S 121 -49.27 -31.57 -13.40
CA SER S 121 -48.23 -31.47 -14.40
C SER S 121 -47.88 -32.79 -15.10
N TYR S 122 -47.56 -32.66 -16.39
CA TYR S 122 -47.21 -33.78 -17.25
C TYR S 122 -45.95 -34.50 -16.82
N GLY S 123 -45.95 -35.82 -16.98
CA GLY S 123 -44.76 -36.59 -16.65
C GLY S 123 -44.71 -37.22 -15.27
N GLY S 124 -45.30 -36.58 -14.28
CA GLY S 124 -45.26 -37.14 -12.94
C GLY S 124 -46.46 -38.02 -12.65
N ARG S 125 -46.34 -38.85 -11.62
CA ARG S 125 -47.46 -39.71 -11.24
C ARG S 125 -47.87 -39.33 -9.83
N PRO S 126 -49.14 -39.54 -9.48
CA PRO S 126 -49.60 -39.21 -8.12
C PRO S 126 -48.93 -40.15 -7.13
N TYR S 127 -48.87 -39.77 -5.86
CA TYR S 127 -48.26 -40.66 -4.89
C TYR S 127 -49.25 -41.80 -4.67
N GLY S 128 -48.76 -43.01 -4.54
CA GLY S 128 -49.65 -44.14 -4.33
C GLY S 128 -49.56 -44.64 -2.90
N VAL S 129 -49.98 -43.80 -1.97
CA VAL S 129 -49.93 -44.20 -0.57
C VAL S 129 -50.79 -43.29 0.29
N GLY S 130 -51.36 -43.87 1.35
CA GLY S 130 -52.20 -43.13 2.27
C GLY S 130 -51.46 -43.00 3.59
N LEU S 131 -51.65 -41.87 4.27
CA LEU S 131 -50.94 -41.66 5.52
C LEU S 131 -51.85 -41.17 6.65
N LEU S 132 -51.58 -41.66 7.86
CA LEU S 132 -52.32 -41.27 9.05
C LEU S 132 -51.28 -40.60 9.94
N ILE S 133 -51.48 -39.33 10.25
CA ILE S 133 -50.50 -38.60 11.04
C ILE S 133 -50.99 -38.21 12.42
N ILE S 134 -50.23 -38.60 13.45
CA ILE S 134 -50.57 -38.27 14.83
C ILE S 134 -49.51 -37.32 15.37
N GLY S 135 -49.89 -36.51 16.37
CA GLY S 135 -48.93 -35.59 16.95
C GLY S 135 -49.49 -34.69 18.04
N TYR S 136 -48.66 -34.44 19.05
CA TYR S 136 -49.06 -33.58 20.15
C TYR S 136 -48.31 -32.25 20.04
N ASP S 137 -49.00 -31.21 19.59
CA ASP S 137 -48.38 -29.91 19.43
C ASP S 137 -48.87 -28.90 20.47
N LYS S 138 -48.80 -27.62 20.13
CA LYS S 138 -49.22 -26.57 21.04
C LYS S 138 -50.73 -26.42 21.21
N SER S 139 -51.51 -27.30 20.58
CA SER S 139 -52.95 -27.21 20.73
C SER S 139 -53.54 -28.58 20.99
N GLY S 140 -52.73 -29.44 21.62
CA GLY S 140 -53.20 -30.76 21.97
C GLY S 140 -52.86 -31.91 21.06
N ALA S 141 -53.58 -33.01 21.22
CA ALA S 141 -53.38 -34.20 20.41
C ALA S 141 -54.03 -33.96 19.05
N HIS S 142 -53.50 -34.64 18.02
CA HIS S 142 -54.00 -34.50 16.66
C HIS S 142 -53.83 -35.78 15.85
N LEU S 143 -54.75 -35.98 14.92
CA LEU S 143 -54.75 -37.11 13.99
C LEU S 143 -55.21 -36.62 12.63
N LEU S 144 -54.45 -36.97 11.58
CA LEU S 144 -54.76 -36.55 10.22
C LEU S 144 -54.76 -37.72 9.24
N GLU S 145 -55.58 -37.61 8.21
CA GLU S 145 -55.64 -38.64 7.17
C GLU S 145 -55.25 -37.98 5.84
N PHE S 146 -54.19 -38.51 5.25
CA PHE S 146 -53.67 -38.00 3.98
C PHE S 146 -54.04 -38.87 2.77
N GLN S 147 -54.62 -38.24 1.75
CA GLN S 147 -54.97 -38.96 0.53
C GLN S 147 -54.17 -38.39 -0.65
N PRO S 148 -53.58 -39.29 -1.48
CA PRO S 148 -52.78 -38.92 -2.65
C PRO S 148 -53.45 -37.87 -3.52
N SER S 149 -54.77 -37.74 -3.40
CA SER S 149 -55.49 -36.76 -4.17
C SER S 149 -55.08 -35.39 -3.65
N GLY S 150 -54.42 -35.41 -2.50
CA GLY S 150 -53.98 -34.18 -1.87
C GLY S 150 -54.90 -33.74 -0.76
N ASN S 151 -55.91 -34.56 -0.47
CA ASN S 151 -56.89 -34.25 0.57
C ASN S 151 -56.47 -34.73 1.96
N VAL S 152 -56.31 -33.78 2.88
CA VAL S 152 -55.94 -34.09 4.25
C VAL S 152 -57.07 -33.69 5.17
N THR S 153 -57.40 -34.54 6.13
CA THR S 153 -58.50 -34.26 7.05
C THR S 153 -58.15 -34.59 8.50
N GLU S 154 -58.63 -33.75 9.42
CA GLU S 154 -58.39 -33.96 10.84
C GLU S 154 -59.57 -34.72 11.42
N LEU S 155 -59.26 -35.81 12.12
CA LEU S 155 -60.29 -36.67 12.70
C LEU S 155 -59.99 -36.98 14.16
N TYR S 156 -60.89 -37.73 14.81
CA TYR S 156 -60.69 -38.15 16.20
C TYR S 156 -60.04 -39.53 16.08
N GLY S 157 -60.43 -40.23 15.03
CA GLY S 157 -59.91 -41.55 14.74
C GLY S 157 -60.28 -41.94 13.33
N THR S 158 -59.64 -42.97 12.79
CA THR S 158 -59.93 -43.45 11.45
C THR S 158 -59.03 -44.63 11.08
N ALA S 159 -59.25 -45.18 9.89
CA ALA S 159 -58.44 -46.29 9.42
C ALA S 159 -58.42 -46.29 7.89
N ILE S 160 -57.35 -46.84 7.33
CA ILE S 160 -57.19 -46.91 5.88
C ILE S 160 -56.58 -48.24 5.49
N GLY S 161 -56.90 -48.68 4.28
CA GLY S 161 -56.39 -49.95 3.79
C GLY S 161 -57.50 -50.95 3.54
N ALA S 162 -57.14 -52.21 3.43
CA ALA S 162 -58.11 -53.27 3.18
C ALA S 162 -58.98 -53.54 4.41
N ARG S 163 -60.29 -53.70 4.16
CA ARG S 163 -61.24 -53.98 5.23
C ARG S 163 -61.20 -52.90 6.29
N SER S 164 -60.58 -51.77 5.96
CA SER S 164 -60.45 -50.68 6.91
C SER S 164 -61.80 -50.19 7.42
N GLN S 165 -62.85 -50.47 6.65
CA GLN S 165 -64.19 -50.04 7.02
C GLN S 165 -64.71 -50.66 8.32
N GLY S 166 -64.12 -51.78 8.73
CA GLY S 166 -64.55 -52.43 9.96
C GLY S 166 -64.19 -51.54 11.14
N ALA S 167 -62.90 -51.25 11.24
CA ALA S 167 -62.37 -50.41 12.31
C ALA S 167 -63.02 -49.03 12.31
N LYS S 168 -63.23 -48.48 11.11
CA LYS S 168 -63.82 -47.16 10.98
C LYS S 168 -65.24 -47.07 11.57
N THR S 169 -65.98 -48.18 11.53
CA THR S 169 -67.33 -48.20 12.09
C THR S 169 -67.24 -48.35 13.60
N TYR S 170 -66.41 -49.30 14.03
CA TYR S 170 -66.20 -49.54 15.45
C TYR S 170 -65.87 -48.20 16.14
N LEU S 171 -64.91 -47.49 15.56
CA LEU S 171 -64.47 -46.20 16.09
C LEU S 171 -65.55 -45.13 16.02
N GLU S 172 -66.28 -45.09 14.91
CA GLU S 172 -67.33 -44.09 14.72
C GLU S 172 -68.44 -44.31 15.75
N ARG S 173 -68.44 -45.51 16.33
CA ARG S 173 -69.43 -45.91 17.33
C ARG S 173 -68.85 -45.74 18.74
N THR S 174 -67.57 -46.08 18.87
CA THR S 174 -66.85 -45.99 20.15
C THR S 174 -66.40 -44.56 20.46
N LEU S 175 -66.68 -43.63 19.56
CA LEU S 175 -66.27 -42.24 19.73
C LEU S 175 -66.24 -41.74 21.18
N ASP S 176 -67.42 -41.36 21.68
CA ASP S 176 -67.54 -40.84 23.04
C ASP S 176 -66.75 -41.61 24.11
N THR S 177 -66.41 -42.87 23.80
CA THR S 177 -65.68 -43.72 24.74
C THR S 177 -64.19 -43.42 24.86
N PHE S 178 -63.45 -43.46 23.73
CA PHE S 178 -62.02 -43.20 23.75
C PHE S 178 -61.61 -41.72 23.77
N ILE S 179 -62.47 -40.86 23.22
CA ILE S 179 -62.20 -39.42 23.17
C ILE S 179 -61.94 -38.90 24.59
N LYS S 180 -62.33 -39.72 25.57
CA LYS S 180 -62.16 -39.37 26.97
C LYS S 180 -61.05 -40.17 27.66
N ILE S 181 -60.36 -41.02 26.91
CA ILE S 181 -59.29 -41.81 27.49
C ILE S 181 -58.03 -40.93 27.71
N ASP S 182 -58.21 -39.83 28.42
CA ASP S 182 -57.10 -38.92 28.69
C ASP S 182 -56.30 -39.48 29.86
N GLY S 183 -55.07 -39.00 30.02
CA GLY S 183 -54.25 -39.48 31.12
C GLY S 183 -53.82 -40.93 31.04
N ASN S 184 -54.61 -41.79 30.40
CA ASN S 184 -54.24 -43.20 30.31
C ASN S 184 -53.97 -43.66 28.88
N PRO S 185 -52.69 -43.89 28.55
CA PRO S 185 -52.26 -44.34 27.22
C PRO S 185 -52.61 -45.80 26.93
N ASP S 186 -52.46 -46.67 27.91
CA ASP S 186 -52.75 -48.08 27.74
C ASP S 186 -54.17 -48.36 27.31
N GLU S 187 -55.08 -47.43 27.61
CA GLU S 187 -56.46 -47.61 27.23
C GLU S 187 -56.63 -47.28 25.75
N LEU S 188 -56.02 -46.18 25.32
CA LEU S 188 -56.09 -45.78 23.92
C LEU S 188 -55.47 -46.85 23.04
N ILE S 189 -54.35 -47.40 23.50
CA ILE S 189 -53.68 -48.44 22.73
C ILE S 189 -54.51 -49.71 22.65
N LYS S 190 -55.20 -50.06 23.74
CA LYS S 190 -56.06 -51.24 23.72
C LYS S 190 -57.23 -50.97 22.78
N ALA S 191 -57.85 -49.81 22.93
CA ALA S 191 -58.97 -49.40 22.08
C ALA S 191 -58.55 -49.44 20.62
N GLY S 192 -57.31 -49.06 20.37
CA GLY S 192 -56.81 -49.07 19.01
C GLY S 192 -56.69 -50.50 18.52
N VAL S 193 -56.06 -51.36 19.32
CA VAL S 193 -55.86 -52.76 18.95
C VAL S 193 -57.20 -53.43 18.68
N GLU S 194 -58.26 -52.93 19.31
CA GLU S 194 -59.59 -53.49 19.12
C GLU S 194 -60.15 -53.05 17.78
N ALA S 195 -60.23 -51.74 17.57
CA ALA S 195 -60.74 -51.17 16.33
C ALA S 195 -60.06 -51.81 15.13
N ILE S 196 -58.77 -52.07 15.25
CA ILE S 196 -58.04 -52.66 14.13
C ILE S 196 -58.42 -54.10 13.83
N SER S 197 -58.69 -54.89 14.86
CA SER S 197 -59.06 -56.29 14.67
C SER S 197 -60.48 -56.42 14.12
N GLN S 198 -61.18 -55.31 14.04
CA GLN S 198 -62.53 -55.28 13.49
C GLN S 198 -62.39 -55.42 11.98
N SER S 199 -61.16 -55.20 11.50
CA SER S 199 -60.85 -55.26 10.07
C SER S 199 -60.03 -56.49 9.72
N LEU S 200 -59.87 -57.40 10.67
CA LEU S 200 -59.12 -58.63 10.44
C LEU S 200 -59.97 -59.57 9.59
N ARG S 201 -59.52 -60.80 9.41
CA ARG S 201 -60.27 -61.77 8.60
C ARG S 201 -59.43 -63.02 8.39
N ASP S 202 -58.21 -62.81 7.92
CA ASP S 202 -57.28 -63.92 7.66
C ASP S 202 -56.77 -64.54 8.95
N GLU S 203 -55.86 -63.82 9.61
CA GLU S 203 -55.25 -64.29 10.85
C GLU S 203 -55.61 -63.41 12.04
N SER S 204 -54.93 -63.65 13.15
CA SER S 204 -55.13 -62.89 14.38
C SER S 204 -53.80 -62.18 14.67
N LEU S 205 -53.87 -60.90 15.03
CA LEU S 205 -52.67 -60.12 15.30
C LEU S 205 -51.69 -60.80 16.27
N THR S 206 -50.52 -61.18 15.74
CA THR S 206 -49.49 -61.83 16.53
C THR S 206 -48.52 -60.80 17.06
N VAL S 207 -47.38 -61.26 17.59
CA VAL S 207 -46.40 -60.36 18.17
C VAL S 207 -45.62 -59.59 17.10
N ASP S 208 -45.05 -60.32 16.15
CA ASP S 208 -44.28 -59.70 15.07
C ASP S 208 -45.19 -59.33 13.91
N ASN S 209 -46.48 -59.30 14.18
CA ASN S 209 -47.49 -58.97 13.19
C ASN S 209 -48.13 -57.62 13.51
N LEU S 210 -48.07 -57.24 14.78
CA LEU S 210 -48.65 -55.98 15.24
C LEU S 210 -47.62 -54.90 15.38
N SER S 211 -48.08 -53.65 15.31
CA SER S 211 -47.23 -52.47 15.39
C SER S 211 -48.04 -51.31 15.96
N ILE S 212 -47.57 -50.77 17.08
CA ILE S 212 -48.25 -49.64 17.72
C ILE S 212 -47.30 -48.49 18.03
N ALA S 213 -47.78 -47.28 17.77
CA ALA S 213 -47.02 -46.06 18.00
C ALA S 213 -47.88 -45.06 18.76
N ILE S 214 -47.25 -44.26 19.63
CA ILE S 214 -47.99 -43.27 20.40
C ILE S 214 -47.21 -42.00 20.70
N VAL S 215 -47.96 -40.93 20.96
CA VAL S 215 -47.41 -39.62 21.28
C VAL S 215 -48.42 -38.87 22.14
N GLY S 216 -47.95 -38.03 23.06
CA GLY S 216 -48.86 -37.29 23.91
C GLY S 216 -48.23 -36.37 24.93
N LYS S 217 -49.07 -35.65 25.68
CA LYS S 217 -48.66 -34.69 26.70
C LYS S 217 -47.23 -34.86 27.20
N ASP S 218 -46.88 -36.06 27.65
CA ASP S 218 -45.52 -36.30 28.12
C ASP S 218 -44.95 -37.57 27.52
N THR S 219 -45.29 -37.81 26.27
CA THR S 219 -44.83 -38.99 25.56
C THR S 219 -44.26 -38.64 24.19
N PRO S 220 -42.93 -38.73 24.04
CA PRO S 220 -42.34 -38.41 22.74
C PRO S 220 -42.58 -39.57 21.78
N PHE S 221 -43.32 -39.31 20.70
CA PHE S 221 -43.65 -40.31 19.69
C PHE S 221 -42.70 -41.51 19.73
N THR S 222 -43.21 -42.63 20.23
CA THR S 222 -42.41 -43.85 20.33
C THR S 222 -43.08 -45.05 19.64
N ILE S 223 -42.25 -45.93 19.12
CA ILE S 223 -42.72 -47.10 18.39
C ILE S 223 -42.56 -48.43 19.12
N TYR S 224 -43.62 -49.24 19.09
CA TYR S 224 -43.62 -50.54 19.75
C TYR S 224 -43.80 -51.70 18.81
N ASP S 225 -42.83 -52.61 18.81
CA ASP S 225 -42.84 -53.80 17.97
C ASP S 225 -42.47 -55.07 18.74
N GLY S 226 -43.10 -56.18 18.38
CA GLY S 226 -42.82 -57.45 19.03
C GLY S 226 -43.20 -57.49 20.50
N GLU S 227 -42.37 -58.17 21.28
CA GLU S 227 -42.58 -58.30 22.72
C GLU S 227 -43.14 -57.03 23.34
N ALA S 228 -42.75 -55.89 22.78
CA ALA S 228 -43.23 -54.59 23.28
C ALA S 228 -44.74 -54.44 23.16
N VAL S 229 -45.35 -55.17 22.23
CA VAL S 229 -46.80 -55.13 22.04
C VAL S 229 -47.50 -56.39 22.54
N ALA S 230 -46.71 -57.32 23.07
CA ALA S 230 -47.24 -58.58 23.59
C ALA S 230 -48.36 -58.32 24.59
N LYS S 231 -48.15 -57.37 25.50
CA LYS S 231 -49.15 -57.05 26.51
C LYS S 231 -50.42 -56.39 25.95
N TYR S 232 -50.62 -56.48 24.64
CA TYR S 232 -51.81 -55.91 24.00
C TYR S 232 -52.46 -56.93 23.05
N ILE S 233 -51.73 -58.02 22.80
CA ILE S 233 -52.21 -59.08 21.94
C ILE S 233 -53.23 -59.93 22.68
N GLY T 1 -62.57 -34.80 -37.41
CA GLY T 1 -62.71 -36.08 -36.66
C GLY T 1 -63.06 -35.89 -35.19
N THR T 2 -62.27 -36.51 -34.31
CA THR T 2 -62.49 -36.40 -32.86
C THR T 2 -61.16 -36.46 -32.10
N GLY T 3 -61.23 -36.41 -30.78
CA GLY T 3 -60.02 -36.44 -29.97
C GLY T 3 -59.61 -35.06 -29.50
N TYR T 4 -60.44 -34.08 -29.85
CA TYR T 4 -60.20 -32.69 -29.48
C TYR T 4 -60.31 -32.47 -27.98
N ASP T 5 -60.67 -33.51 -27.24
CA ASP T 5 -60.83 -33.39 -25.79
C ASP T 5 -59.79 -34.15 -24.97
N LEU T 6 -58.65 -34.46 -25.58
CA LEU T 6 -57.61 -35.20 -24.86
C LEU T 6 -56.41 -34.34 -24.43
N SER T 7 -56.21 -33.21 -25.09
CA SER T 7 -55.10 -32.32 -24.75
C SER T 7 -55.62 -30.97 -24.26
N ASN T 8 -54.99 -30.47 -23.20
CA ASN T 8 -55.40 -29.22 -22.58
C ASN T 8 -55.34 -27.90 -23.33
N SER T 9 -54.89 -27.87 -24.57
CA SER T 9 -54.87 -26.56 -25.21
C SER T 9 -55.41 -26.58 -26.62
N VAL T 10 -56.02 -27.71 -26.98
CA VAL T 10 -56.57 -27.89 -28.32
C VAL T 10 -57.91 -27.17 -28.54
N PHE T 11 -58.06 -26.58 -29.71
CA PHE T 11 -59.29 -25.91 -30.06
C PHE T 11 -60.12 -26.92 -30.84
N SER T 12 -61.37 -27.13 -30.43
CA SER T 12 -62.24 -28.05 -31.14
C SER T 12 -62.78 -27.24 -32.31
N PRO T 13 -63.36 -27.91 -33.31
CA PRO T 13 -63.91 -27.23 -34.49
C PRO T 13 -64.86 -26.07 -34.22
N ASP T 14 -65.47 -26.04 -33.04
CA ASP T 14 -66.37 -24.97 -32.69
C ASP T 14 -65.70 -23.83 -31.93
N GLY T 15 -64.42 -24.03 -31.57
CA GLY T 15 -63.68 -23.00 -30.86
C GLY T 15 -63.65 -23.12 -29.35
N ARG T 16 -63.89 -24.31 -28.83
CA ARG T 16 -63.89 -24.52 -27.39
C ARG T 16 -62.66 -25.28 -26.93
N ASN T 17 -62.49 -25.35 -25.62
CA ASN T 17 -61.36 -26.07 -25.02
C ASN T 17 -61.99 -27.09 -24.06
N PHE T 18 -62.40 -28.23 -24.61
CA PHE T 18 -63.06 -29.28 -23.85
C PHE T 18 -62.45 -29.62 -22.49
N GLN T 19 -61.13 -29.64 -22.39
CA GLN T 19 -60.52 -29.95 -21.13
C GLN T 19 -60.91 -28.91 -20.07
N VAL T 20 -60.97 -27.65 -20.46
CA VAL T 20 -61.36 -26.59 -19.52
C VAL T 20 -62.80 -26.85 -19.06
N GLU T 21 -63.61 -27.33 -19.99
CA GLU T 21 -65.00 -27.64 -19.70
C GLU T 21 -65.15 -28.86 -18.82
N TYR T 22 -64.33 -29.88 -19.08
CA TYR T 22 -64.36 -31.09 -18.26
C TYR T 22 -63.95 -30.69 -16.86
N ALA T 23 -63.12 -29.66 -16.78
CA ALA T 23 -62.63 -29.17 -15.51
C ALA T 23 -63.81 -28.63 -14.73
N VAL T 24 -64.64 -27.84 -15.39
CA VAL T 24 -65.82 -27.28 -14.76
C VAL T 24 -66.68 -28.36 -14.12
N LYS T 25 -66.84 -29.48 -14.82
CA LYS T 25 -67.64 -30.59 -14.28
C LYS T 25 -67.15 -30.95 -12.87
N ALA T 26 -65.85 -30.86 -12.65
CA ALA T 26 -65.29 -31.19 -11.34
C ALA T 26 -65.73 -30.15 -10.32
N VAL T 27 -65.93 -28.92 -10.79
CA VAL T 27 -66.35 -27.82 -9.93
C VAL T 27 -67.78 -28.06 -9.47
N GLU T 28 -68.68 -28.21 -10.43
CA GLU T 28 -70.10 -28.43 -10.16
C GLU T 28 -70.32 -29.63 -9.24
N ASN T 29 -69.43 -30.60 -9.35
CA ASN T 29 -69.51 -31.81 -8.56
C ASN T 29 -69.10 -31.54 -7.11
N GLY T 30 -68.58 -30.36 -6.84
CA GLY T 30 -68.15 -30.06 -5.48
C GLY T 30 -69.18 -29.45 -4.57
N THR T 31 -68.74 -29.11 -3.36
CA THR T 31 -69.57 -28.47 -2.35
C THR T 31 -69.93 -27.06 -2.80
N THR T 32 -71.03 -26.53 -2.32
CA THR T 32 -71.41 -25.18 -2.73
C THR T 32 -70.84 -24.12 -1.80
N SER T 33 -70.55 -22.95 -2.35
CA SER T 33 -69.99 -21.85 -1.58
C SER T 33 -70.47 -20.55 -2.21
N ILE T 34 -70.47 -19.47 -1.44
CA ILE T 34 -70.97 -18.21 -1.96
C ILE T 34 -70.25 -16.98 -1.47
N GLY T 35 -70.60 -15.86 -2.08
CA GLY T 35 -70.04 -14.59 -1.73
C GLY T 35 -71.13 -13.55 -1.84
N ILE T 36 -71.22 -12.67 -0.85
CA ILE T 36 -72.22 -11.61 -0.83
C ILE T 36 -71.56 -10.27 -0.56
N LYS T 37 -71.62 -9.38 -1.53
CA LYS T 37 -71.02 -8.07 -1.38
C LYS T 37 -71.99 -7.18 -0.64
N CYS T 38 -71.54 -6.55 0.45
CA CYS T 38 -72.41 -5.66 1.19
C CYS T 38 -72.03 -4.20 0.97
N ASN T 39 -72.66 -3.29 1.72
CA ASN T 39 -72.42 -1.85 1.58
C ASN T 39 -71.03 -1.33 1.93
N ASP T 40 -70.21 -2.15 2.59
CA ASP T 40 -68.85 -1.71 2.94
C ASP T 40 -67.91 -2.89 3.20
N GLY T 41 -68.23 -4.04 2.64
CA GLY T 41 -67.40 -5.21 2.83
C GLY T 41 -67.90 -6.37 2.00
N VAL T 42 -67.55 -7.59 2.41
CA VAL T 42 -67.98 -8.78 1.70
C VAL T 42 -68.08 -9.92 2.69
N VAL T 43 -68.88 -10.92 2.34
CA VAL T 43 -69.06 -12.07 3.21
C VAL T 43 -68.87 -13.34 2.42
N PHE T 44 -68.16 -14.30 3.01
CA PHE T 44 -67.92 -15.56 2.36
C PHE T 44 -68.44 -16.68 3.22
N ALA T 45 -69.08 -17.65 2.59
CA ALA T 45 -69.63 -18.79 3.32
C ALA T 45 -69.49 -20.04 2.47
N VAL T 46 -69.37 -21.18 3.14
CA VAL T 46 -69.21 -22.45 2.44
C VAL T 46 -69.79 -23.62 3.23
N GLU T 47 -70.21 -24.64 2.48
CA GLU T 47 -70.79 -25.87 3.03
C GLU T 47 -69.68 -26.87 3.31
N LYS T 48 -69.72 -27.53 4.46
CA LYS T 48 -68.70 -28.52 4.78
C LYS T 48 -69.33 -29.87 5.10
N LEU T 49 -69.43 -30.74 4.11
CA LEU T 49 -70.04 -32.05 4.32
C LEU T 49 -69.37 -32.84 5.44
N ILE T 50 -70.19 -33.33 6.37
CA ILE T 50 -69.67 -34.11 7.49
C ILE T 50 -69.78 -35.58 7.18
N THR T 51 -68.71 -36.13 6.62
CA THR T 51 -68.63 -37.53 6.24
C THR T 51 -68.98 -38.47 7.39
N SER T 52 -68.59 -38.09 8.61
CA SER T 52 -68.88 -38.92 9.76
C SER T 52 -68.72 -38.12 11.04
N LYS T 53 -68.86 -38.81 12.17
CA LYS T 53 -68.73 -38.19 13.49
C LYS T 53 -67.26 -38.10 13.87
N LEU T 54 -66.40 -38.67 13.03
CA LEU T 54 -64.97 -38.67 13.30
C LEU T 54 -64.27 -37.36 12.93
N LEU T 55 -64.91 -36.55 12.10
CA LEU T 55 -64.34 -35.27 11.71
C LEU T 55 -64.46 -34.28 12.85
N VAL T 56 -63.32 -33.86 13.41
CA VAL T 56 -63.35 -32.89 14.50
C VAL T 56 -64.06 -31.65 13.96
N PRO T 57 -65.08 -31.17 14.68
CA PRO T 57 -65.80 -29.98 14.21
C PRO T 57 -64.96 -28.70 14.33
N GLN T 58 -65.21 -27.76 13.43
CA GLN T 58 -64.52 -26.48 13.43
C GLN T 58 -63.01 -26.59 13.15
N LYS T 59 -62.56 -27.77 12.75
CA LYS T 59 -61.13 -27.95 12.52
C LYS T 59 -60.60 -28.01 11.08
N ASN T 60 -61.42 -28.48 10.14
CA ASN T 60 -60.96 -28.57 8.76
C ASN T 60 -61.38 -27.34 7.97
N VAL T 61 -60.83 -26.19 8.37
CA VAL T 61 -61.14 -24.90 7.76
C VAL T 61 -60.95 -24.83 6.25
N LYS T 62 -61.93 -24.29 5.54
CA LYS T 62 -61.85 -24.20 4.09
C LYS T 62 -61.58 -22.81 3.56
N ILE T 63 -62.17 -21.79 4.18
CA ILE T 63 -61.94 -20.43 3.68
C ILE T 63 -60.49 -20.04 3.95
N GLN T 64 -59.89 -19.29 3.04
CA GLN T 64 -58.51 -18.86 3.21
C GLN T 64 -58.35 -17.37 3.06
N VAL T 65 -57.29 -16.86 3.66
CA VAL T 65 -57.01 -15.43 3.59
C VAL T 65 -55.73 -15.19 2.79
N VAL T 66 -55.74 -14.11 2.02
CA VAL T 66 -54.60 -13.71 1.23
C VAL T 66 -54.19 -12.39 1.84
N ASP T 67 -52.90 -12.26 2.14
CA ASP T 67 -52.38 -11.05 2.77
C ASP T 67 -53.16 -10.85 4.07
N ARG T 68 -53.70 -9.67 4.26
CA ARG T 68 -54.44 -9.40 5.48
C ARG T 68 -55.90 -9.01 5.20
N HIS T 69 -56.16 -8.55 3.97
CA HIS T 69 -57.49 -8.07 3.60
C HIS T 69 -58.26 -8.86 2.51
N ILE T 70 -57.83 -10.07 2.18
CA ILE T 70 -58.51 -10.82 1.12
C ILE T 70 -59.06 -12.14 1.62
N GLY T 71 -60.27 -12.48 1.15
CA GLY T 71 -60.88 -13.74 1.53
C GLY T 71 -61.08 -14.57 0.29
N CYS T 72 -60.73 -15.86 0.38
CA CYS T 72 -60.88 -16.75 -0.76
C CYS T 72 -61.56 -18.05 -0.40
N VAL T 73 -62.60 -18.38 -1.15
CA VAL T 73 -63.35 -19.60 -0.93
C VAL T 73 -63.56 -20.21 -2.33
N TYR T 74 -63.54 -21.53 -2.42
CA TYR T 74 -63.69 -22.20 -3.70
C TYR T 74 -64.39 -23.57 -3.63
N SER T 75 -64.95 -23.96 -4.76
CA SER T 75 -65.67 -25.23 -4.90
C SER T 75 -64.99 -26.11 -5.95
N GLY T 76 -64.91 -27.40 -5.68
CA GLY T 76 -64.27 -28.32 -6.61
C GLY T 76 -63.17 -29.13 -5.96
N LEU T 77 -62.04 -29.23 -6.65
CA LEU T 77 -60.88 -29.96 -6.14
C LEU T 77 -60.16 -29.07 -5.13
N ILE T 78 -60.28 -29.40 -3.85
CA ILE T 78 -59.66 -28.60 -2.81
C ILE T 78 -58.17 -28.36 -3.00
N PRO T 79 -57.39 -29.42 -3.21
CA PRO T 79 -55.96 -29.19 -3.41
C PRO T 79 -55.67 -28.09 -4.44
N ASP T 80 -56.37 -28.10 -5.57
CA ASP T 80 -56.15 -27.07 -6.58
C ASP T 80 -56.41 -25.67 -6.00
N GLY T 81 -57.43 -25.56 -5.16
CA GLY T 81 -57.76 -24.28 -4.56
C GLY T 81 -56.58 -23.75 -3.77
N ARG T 82 -56.03 -24.59 -2.90
CA ARG T 82 -54.88 -24.19 -2.10
C ARG T 82 -53.74 -23.72 -3.00
N HIS T 83 -53.41 -24.53 -4.00
CA HIS T 83 -52.36 -24.20 -4.95
C HIS T 83 -52.60 -22.81 -5.52
N LEU T 84 -53.85 -22.48 -5.82
CA LEU T 84 -54.19 -21.18 -6.37
C LEU T 84 -54.06 -20.04 -5.34
N VAL T 85 -54.25 -20.36 -4.06
CA VAL T 85 -54.13 -19.36 -3.00
C VAL T 85 -52.64 -19.13 -2.72
N ASN T 86 -51.89 -20.22 -2.61
CA ASN T 86 -50.45 -20.14 -2.36
C ASN T 86 -49.87 -19.17 -3.37
N ARG T 87 -50.31 -19.31 -4.61
CA ARG T 87 -49.85 -18.43 -5.68
C ARG T 87 -50.29 -16.99 -5.38
N GLY T 88 -51.59 -16.82 -5.13
CA GLY T 88 -52.10 -15.49 -4.83
C GLY T 88 -51.37 -14.81 -3.69
N ARG T 89 -50.97 -15.61 -2.69
CA ARG T 89 -50.26 -15.07 -1.54
C ARG T 89 -48.90 -14.49 -1.93
N GLU T 90 -48.20 -15.22 -2.80
CA GLU T 90 -46.89 -14.79 -3.31
C GLU T 90 -47.12 -13.58 -4.19
N GLU T 91 -48.11 -13.70 -5.05
CA GLU T 91 -48.48 -12.65 -5.96
C GLU T 91 -48.72 -11.36 -5.20
N ALA T 92 -49.38 -11.47 -4.05
CA ALA T 92 -49.70 -10.29 -3.21
C ALA T 92 -48.51 -9.75 -2.44
N ALA T 93 -47.64 -10.64 -1.97
CA ALA T 93 -46.45 -10.23 -1.23
C ALA T 93 -45.54 -9.44 -2.17
N SER T 94 -45.40 -9.94 -3.38
CA SER T 94 -44.60 -9.31 -4.41
C SER T 94 -45.07 -7.88 -4.66
N PHE T 95 -46.38 -7.71 -4.79
CA PHE T 95 -46.96 -6.40 -5.04
C PHE T 95 -46.71 -5.42 -3.89
N LYS T 96 -46.91 -5.88 -2.67
CA LYS T 96 -46.70 -5.03 -1.51
C LYS T 96 -45.23 -4.62 -1.40
N LYS T 97 -44.33 -5.59 -1.58
CA LYS T 97 -42.90 -5.32 -1.50
C LYS T 97 -42.45 -4.19 -2.45
N LEU T 98 -43.01 -4.17 -3.65
CA LEU T 98 -42.61 -3.15 -4.60
C LEU T 98 -43.36 -1.83 -4.49
N TYR T 99 -44.67 -1.91 -4.22
CA TYR T 99 -45.50 -0.71 -4.14
C TYR T 99 -45.89 -0.23 -2.75
N LYS T 100 -45.57 -1.04 -1.74
CA LYS T 100 -45.85 -0.72 -0.34
C LYS T 100 -47.31 -0.92 0.05
N THR T 101 -48.21 -0.31 -0.70
CA THR T 101 -49.63 -0.44 -0.41
C THR T 101 -50.12 -1.87 -0.66
N PRO T 102 -50.94 -2.42 0.25
CA PRO T 102 -51.42 -3.79 0.01
C PRO T 102 -52.30 -3.87 -1.26
N ILE T 103 -52.07 -4.93 -2.02
CA ILE T 103 -52.73 -5.18 -3.31
C ILE T 103 -54.23 -4.92 -3.39
N PRO T 104 -54.65 -4.08 -4.36
CA PRO T 104 -56.06 -3.76 -4.57
C PRO T 104 -56.77 -5.05 -4.99
N ILE T 105 -58.03 -5.21 -4.57
CA ILE T 105 -58.77 -6.42 -4.90
C ILE T 105 -58.91 -6.66 -6.40
N PRO T 106 -59.11 -5.59 -7.21
CA PRO T 106 -59.23 -5.79 -8.66
C PRO T 106 -57.89 -6.29 -9.20
N ALA T 107 -56.81 -5.65 -8.74
CA ALA T 107 -55.46 -5.99 -9.15
C ALA T 107 -55.15 -7.43 -8.79
N PHE T 108 -55.63 -7.84 -7.62
CA PHE T 108 -55.40 -9.21 -7.14
C PHE T 108 -56.16 -10.22 -7.98
N ALA T 109 -57.33 -9.81 -8.45
CA ALA T 109 -58.16 -10.68 -9.28
C ALA T 109 -57.45 -11.02 -10.57
N ASP T 110 -56.95 -9.99 -11.27
CA ASP T 110 -56.26 -10.21 -12.53
C ASP T 110 -55.04 -11.11 -12.36
N ARG T 111 -54.36 -11.00 -11.22
CA ARG T 111 -53.20 -11.86 -10.96
C ARG T 111 -53.66 -13.30 -11.02
N LEU T 112 -54.69 -13.63 -10.24
CA LEU T 112 -55.23 -14.99 -10.23
C LEU T 112 -55.74 -15.35 -11.60
N GLY T 113 -56.35 -14.38 -12.26
CA GLY T 113 -56.89 -14.61 -13.60
C GLY T 113 -55.81 -15.03 -14.57
N GLN T 114 -54.80 -14.19 -14.72
CA GLN T 114 -53.70 -14.46 -15.63
C GLN T 114 -53.06 -15.83 -15.35
N TYR T 115 -52.87 -16.14 -14.08
CA TYR T 115 -52.27 -17.41 -13.68
C TYR T 115 -53.13 -18.58 -14.11
N VAL T 116 -54.44 -18.48 -13.86
CA VAL T 116 -55.37 -19.55 -14.21
C VAL T 116 -55.50 -19.69 -15.73
N GLN T 117 -55.61 -18.56 -16.43
CA GLN T 117 -55.73 -18.56 -17.88
C GLN T 117 -54.50 -19.26 -18.46
N ALA T 118 -53.38 -19.07 -17.79
CA ALA T 118 -52.12 -19.66 -18.21
C ALA T 118 -52.20 -21.19 -18.28
N HIS T 119 -52.94 -21.80 -17.36
CA HIS T 119 -53.05 -23.26 -17.38
C HIS T 119 -54.03 -23.82 -18.40
N THR T 120 -54.30 -23.03 -19.45
CA THR T 120 -55.19 -23.44 -20.53
C THR T 120 -54.48 -23.15 -21.85
N LEU T 121 -53.18 -22.82 -21.75
CA LEU T 121 -52.36 -22.50 -22.91
C LEU T 121 -51.47 -23.64 -23.40
N TYR T 122 -51.05 -24.50 -22.48
CA TYR T 122 -50.14 -25.60 -22.79
C TYR T 122 -50.76 -26.96 -22.50
N ASN T 123 -50.45 -27.96 -23.32
CA ASN T 123 -51.00 -29.30 -23.10
C ASN T 123 -50.20 -30.07 -22.07
N SER T 124 -49.16 -29.43 -21.53
CA SER T 124 -48.35 -30.09 -20.55
C SER T 124 -48.85 -29.82 -19.13
N VAL T 125 -49.96 -29.11 -19.02
CA VAL T 125 -50.56 -28.85 -17.72
C VAL T 125 -52.06 -29.05 -17.77
N ARG T 126 -52.68 -29.14 -16.60
CA ARG T 126 -54.11 -29.35 -16.48
C ARG T 126 -54.77 -28.07 -15.98
N PRO T 127 -56.06 -27.84 -16.31
CA PRO T 127 -56.69 -26.61 -15.82
C PRO T 127 -57.03 -26.79 -14.34
N PHE T 128 -57.35 -25.69 -13.68
CA PHE T 128 -57.72 -25.75 -12.26
C PHE T 128 -59.13 -26.30 -12.10
N GLY T 129 -59.23 -27.33 -11.26
CA GLY T 129 -60.53 -27.93 -11.00
C GLY T 129 -61.30 -27.19 -9.92
N VAL T 130 -61.33 -25.86 -10.01
CA VAL T 130 -62.05 -25.06 -9.03
C VAL T 130 -62.54 -23.73 -9.57
N SER T 131 -63.59 -23.23 -8.91
CA SER T 131 -64.15 -21.91 -9.21
C SER T 131 -63.90 -21.23 -7.87
N THR T 132 -63.43 -19.99 -7.90
CA THR T 132 -63.13 -19.32 -6.66
C THR T 132 -63.83 -17.98 -6.51
N ILE T 133 -64.37 -17.76 -5.32
CA ILE T 133 -65.06 -16.54 -4.97
C ILE T 133 -64.13 -15.90 -3.94
N PHE T 134 -63.75 -14.65 -4.20
CA PHE T 134 -62.83 -13.95 -3.30
C PHE T 134 -63.10 -12.47 -3.37
N GLY T 135 -62.50 -11.72 -2.45
CA GLY T 135 -62.71 -10.29 -2.46
C GLY T 135 -62.26 -9.67 -1.16
N GLY T 136 -62.46 -8.37 -1.03
CA GLY T 136 -62.07 -7.67 0.18
C GLY T 136 -62.28 -6.17 0.06
N VAL T 137 -61.76 -5.43 1.02
CA VAL T 137 -61.90 -3.98 1.05
C VAL T 137 -60.58 -3.30 0.68
N ASP T 138 -60.66 -2.17 -0.02
CA ASP T 138 -59.45 -1.48 -0.39
C ASP T 138 -59.61 0.03 -0.54
N LYS T 139 -58.53 0.69 -0.94
CA LYS T 139 -58.48 2.14 -1.14
C LYS T 139 -59.81 2.75 -1.60
N ASN T 140 -60.58 2.04 -2.41
CA ASN T 140 -61.85 2.59 -2.83
C ASN T 140 -62.99 1.59 -2.96
N GLY T 141 -63.49 1.14 -1.82
CA GLY T 141 -64.61 0.24 -1.83
C GLY T 141 -64.34 -1.21 -1.49
N ALA T 142 -65.39 -2.01 -1.66
CA ALA T 142 -65.34 -3.44 -1.41
C ALA T 142 -65.51 -4.07 -2.78
N HIS T 143 -64.96 -5.27 -2.94
CA HIS T 143 -65.07 -5.96 -4.22
C HIS T 143 -65.27 -7.45 -4.01
N LEU T 144 -66.15 -8.03 -4.83
CA LEU T 144 -66.45 -9.45 -4.81
C LEU T 144 -66.16 -9.99 -6.19
N TYR T 145 -65.49 -11.13 -6.26
CA TYR T 145 -65.11 -11.74 -7.54
C TYR T 145 -65.28 -13.25 -7.57
N MET T 146 -65.49 -13.76 -8.78
CA MET T 146 -65.60 -15.19 -8.99
C MET T 146 -64.75 -15.51 -10.22
N LEU T 147 -63.91 -16.53 -10.09
CA LEU T 147 -62.99 -16.96 -11.14
C LEU T 147 -63.25 -18.40 -11.60
N GLU T 148 -63.37 -18.58 -12.92
CA GLU T 148 -63.64 -19.90 -13.52
C GLU T 148 -62.35 -20.60 -14.02
N PRO T 149 -62.41 -21.93 -14.22
CA PRO T 149 -61.23 -22.65 -14.69
C PRO T 149 -60.70 -22.11 -16.01
N SER T 150 -61.58 -21.48 -16.79
CA SER T 150 -61.19 -20.91 -18.07
C SER T 150 -60.31 -19.69 -17.86
N GLY T 151 -60.26 -19.22 -16.62
CA GLY T 151 -59.49 -18.04 -16.32
C GLY T 151 -60.40 -16.85 -16.33
N SER T 152 -61.65 -17.06 -16.74
CA SER T 152 -62.65 -15.99 -16.78
C SER T 152 -63.07 -15.58 -15.36
N TYR T 153 -63.29 -14.28 -15.18
CA TYR T 153 -63.70 -13.77 -13.87
C TYR T 153 -64.37 -12.40 -14.05
N TRP T 154 -65.30 -12.08 -13.14
CA TRP T 154 -66.01 -10.80 -13.17
C TRP T 154 -66.31 -10.33 -11.75
N GLY T 155 -66.70 -9.06 -11.64
CA GLY T 155 -67.06 -8.51 -10.34
C GLY T 155 -68.53 -8.84 -10.10
N TYR T 156 -68.87 -9.23 -8.87
CA TYR T 156 -70.25 -9.59 -8.60
C TYR T 156 -70.89 -8.87 -7.43
N LYS T 157 -72.22 -8.78 -7.48
CA LYS T 157 -73.01 -8.20 -6.40
C LYS T 157 -73.09 -9.36 -5.41
N GLY T 158 -73.31 -10.56 -5.96
CA GLY T 158 -73.37 -11.75 -5.15
C GLY T 158 -72.94 -12.88 -6.06
N ALA T 159 -72.35 -13.93 -5.51
CA ALA T 159 -71.90 -15.04 -6.34
C ALA T 159 -71.90 -16.37 -5.60
N ALA T 160 -72.02 -17.44 -6.37
CA ALA T 160 -72.05 -18.78 -5.80
C ALA T 160 -71.66 -19.83 -6.84
N THR T 161 -71.17 -20.96 -6.33
CA THR T 161 -70.74 -22.05 -7.19
C THR T 161 -70.73 -23.36 -6.42
N GLY T 162 -70.77 -24.47 -7.15
CA GLY T 162 -70.78 -25.79 -6.52
C GLY T 162 -72.11 -26.47 -6.81
N LYS T 163 -72.46 -27.48 -6.02
CA LYS T 163 -73.70 -28.20 -6.25
C LYS T 163 -74.95 -27.32 -6.11
N GLY T 164 -75.10 -26.67 -4.96
CA GLY T 164 -76.28 -25.82 -4.73
C GLY T 164 -76.22 -24.47 -5.42
N ARG T 165 -75.39 -24.39 -6.44
CA ARG T 165 -75.17 -23.16 -7.20
C ARG T 165 -76.43 -22.47 -7.75
N GLN T 166 -77.48 -23.24 -8.08
CA GLN T 166 -78.71 -22.66 -8.62
C GLN T 166 -79.60 -22.10 -7.51
N SER T 167 -79.70 -22.84 -6.41
CA SER T 167 -80.49 -22.40 -5.27
C SER T 167 -79.94 -21.06 -4.84
N ALA T 168 -78.66 -21.07 -4.53
CA ALA T 168 -77.95 -19.89 -4.09
C ALA T 168 -78.21 -18.72 -5.04
N LYS T 169 -77.81 -18.87 -6.30
CA LYS T 169 -78.01 -17.81 -7.28
C LYS T 169 -79.41 -17.22 -7.20
N ALA T 170 -80.41 -18.06 -6.95
CA ALA T 170 -81.80 -17.61 -6.85
C ALA T 170 -81.98 -16.66 -5.67
N GLU T 171 -81.56 -17.13 -4.49
CA GLU T 171 -81.65 -16.35 -3.27
C GLU T 171 -80.96 -15.02 -3.45
N LEU T 172 -79.76 -15.07 -4.03
CA LEU T 172 -78.98 -13.87 -4.27
C LEU T 172 -79.76 -12.88 -5.14
N GLU T 173 -80.35 -13.36 -6.23
CA GLU T 173 -81.09 -12.48 -7.12
C GLU T 173 -82.22 -11.74 -6.41
N LYS T 174 -82.84 -12.40 -5.43
CA LYS T 174 -83.92 -11.79 -4.66
C LYS T 174 -83.34 -10.61 -3.90
N LEU T 175 -82.36 -10.92 -3.05
CA LEU T 175 -81.68 -9.92 -2.24
C LEU T 175 -81.29 -8.70 -3.09
N VAL T 176 -80.73 -8.96 -4.26
CA VAL T 176 -80.32 -7.88 -5.14
C VAL T 176 -81.50 -6.97 -5.47
N ASP T 177 -82.70 -7.54 -5.58
CA ASP T 177 -83.89 -6.77 -5.89
C ASP T 177 -84.50 -6.11 -4.65
N HIS T 178 -84.67 -6.91 -3.59
CA HIS T 178 -85.25 -6.43 -2.35
C HIS T 178 -84.30 -5.62 -1.47
N HIS T 179 -83.26 -5.05 -2.07
CA HIS T 179 -82.27 -4.24 -1.34
C HIS T 179 -81.44 -3.41 -2.30
N PRO T 180 -82.11 -2.66 -3.20
CA PRO T 180 -81.42 -1.83 -4.19
C PRO T 180 -80.35 -0.89 -3.62
N GLU T 181 -80.60 -0.33 -2.45
CA GLU T 181 -79.66 0.59 -1.80
C GLU T 181 -78.46 -0.12 -1.16
N GLY T 182 -78.56 -1.42 -0.94
CA GLY T 182 -77.45 -2.17 -0.36
C GLY T 182 -77.72 -2.85 0.96
N LEU T 183 -77.21 -4.07 1.10
CA LEU T 183 -77.37 -4.84 2.34
C LEU T 183 -76.27 -4.38 3.31
N SER T 184 -76.30 -4.83 4.55
CA SER T 184 -75.26 -4.43 5.50
C SER T 184 -74.42 -5.64 5.85
N ALA T 185 -73.24 -5.40 6.42
CA ALA T 185 -72.32 -6.48 6.79
C ALA T 185 -72.99 -7.47 7.75
N ARG T 186 -73.48 -6.95 8.87
CA ARG T 186 -74.14 -7.78 9.88
C ARG T 186 -75.24 -8.60 9.21
N GLU T 187 -75.97 -7.94 8.31
CA GLU T 187 -77.07 -8.55 7.58
C GLU T 187 -76.63 -9.68 6.66
N ALA T 188 -75.67 -9.37 5.80
CA ALA T 188 -75.13 -10.34 4.84
C ALA T 188 -74.66 -11.61 5.54
N VAL T 189 -74.11 -11.47 6.74
CA VAL T 189 -73.62 -12.61 7.49
C VAL T 189 -74.74 -13.61 7.74
N LYS T 190 -75.90 -13.09 8.15
CA LYS T 190 -77.07 -13.91 8.42
C LYS T 190 -77.60 -14.45 7.11
N GLN T 191 -77.86 -13.53 6.18
CA GLN T 191 -78.38 -13.84 4.87
C GLN T 191 -77.57 -14.94 4.20
N ALA T 192 -76.27 -14.92 4.45
CA ALA T 192 -75.36 -15.91 3.88
C ALA T 192 -75.55 -17.27 4.52
N ALA T 193 -75.59 -17.30 5.85
CA ALA T 193 -75.78 -18.55 6.57
C ALA T 193 -77.08 -19.20 6.09
N LYS T 194 -78.04 -18.36 5.71
CA LYS T 194 -79.32 -18.85 5.23
C LYS T 194 -79.16 -19.53 3.88
N ILE T 195 -78.74 -18.76 2.88
CA ILE T 195 -78.54 -19.26 1.53
C ILE T 195 -77.78 -20.58 1.46
N ILE T 196 -76.90 -20.81 2.42
CA ILE T 196 -76.13 -22.05 2.47
C ILE T 196 -77.02 -23.19 2.92
N TYR T 197 -77.82 -22.95 3.95
CA TYR T 197 -78.74 -23.97 4.46
C TYR T 197 -79.70 -24.41 3.35
N LEU T 198 -80.27 -23.43 2.68
CA LEU T 198 -81.19 -23.68 1.59
C LEU T 198 -80.49 -24.51 0.52
N ALA T 199 -79.46 -23.92 -0.09
CA ALA T 199 -78.70 -24.58 -1.13
C ALA T 199 -78.16 -25.94 -0.73
N HIS T 200 -78.24 -26.27 0.56
CA HIS T 200 -77.75 -27.58 1.02
C HIS T 200 -78.75 -28.68 0.67
N GLU T 201 -79.86 -28.29 0.05
CA GLU T 201 -80.92 -29.23 -0.34
C GLU T 201 -80.46 -30.20 -1.42
N ASP T 202 -79.59 -29.73 -2.31
CA ASP T 202 -79.05 -30.53 -3.40
C ASP T 202 -77.97 -31.47 -2.86
N ASN T 203 -78.04 -31.78 -1.57
CA ASN T 203 -77.05 -32.64 -0.93
C ASN T 203 -77.59 -32.98 0.46
N LYS T 204 -78.89 -32.76 0.64
CA LYS T 204 -79.58 -32.99 1.90
C LYS T 204 -79.32 -34.34 2.59
N GLU T 205 -78.77 -35.29 1.85
CA GLU T 205 -78.47 -36.61 2.37
C GLU T 205 -77.42 -36.65 3.48
N LYS T 206 -76.40 -35.80 3.36
CA LYS T 206 -75.32 -35.75 4.33
C LYS T 206 -75.43 -34.53 5.26
N ASP T 207 -74.94 -34.68 6.48
CA ASP T 207 -74.97 -33.59 7.46
C ASP T 207 -73.78 -32.67 7.18
N PHE T 208 -73.96 -31.37 7.40
CA PHE T 208 -72.89 -30.42 7.13
C PHE T 208 -72.52 -29.48 8.29
N GLU T 209 -71.52 -28.64 8.03
CA GLU T 209 -71.02 -27.65 8.99
C GLU T 209 -70.91 -26.31 8.25
N LEU T 210 -71.35 -25.24 8.90
CA LEU T 210 -71.32 -23.94 8.26
C LEU T 210 -70.05 -23.15 8.56
N GLU T 211 -69.66 -22.31 7.61
CA GLU T 211 -68.49 -21.47 7.76
C GLU T 211 -68.72 -20.13 7.10
N ILE T 212 -68.49 -19.06 7.84
CA ILE T 212 -68.67 -17.71 7.34
C ILE T 212 -67.43 -16.89 7.67
N SER T 213 -67.15 -15.90 6.84
CA SER T 213 -66.03 -15.00 7.08
C SER T 213 -66.45 -13.69 6.41
N TRP T 214 -65.91 -12.58 6.90
CA TRP T 214 -66.28 -11.31 6.34
C TRP T 214 -65.15 -10.32 6.39
N CYS T 215 -65.33 -9.25 5.63
CA CYS T 215 -64.35 -8.20 5.56
C CYS T 215 -65.19 -6.93 5.39
N SER T 216 -65.36 -6.20 6.49
CA SER T 216 -66.15 -4.96 6.47
C SER T 216 -65.35 -3.79 6.99
N LEU T 217 -65.39 -2.68 6.27
CA LEU T 217 -64.66 -1.49 6.66
C LEU T 217 -65.02 -1.03 8.07
N SER T 218 -66.26 -1.30 8.49
CA SER T 218 -66.73 -0.88 9.82
C SER T 218 -66.68 -2.02 10.83
N GLU T 219 -67.20 -3.18 10.46
CA GLU T 219 -67.25 -4.31 11.35
C GLU T 219 -65.90 -4.99 11.64
N THR T 220 -64.97 -4.96 10.68
CA THR T 220 -63.67 -5.61 10.85
C THR T 220 -62.47 -4.70 10.60
N ASN T 221 -62.74 -3.45 10.27
CA ASN T 221 -61.68 -2.47 10.01
C ASN T 221 -61.03 -2.64 8.64
N GLY T 222 -61.68 -3.44 7.79
CA GLY T 222 -61.15 -3.65 6.46
C GLY T 222 -60.30 -4.89 6.41
N LEU T 223 -60.22 -5.57 7.54
CA LEU T 223 -59.43 -6.79 7.63
C LEU T 223 -60.32 -8.01 7.57
N HIS T 224 -59.88 -9.04 6.87
CA HIS T 224 -60.65 -10.27 6.77
C HIS T 224 -60.57 -11.02 8.09
N LYS T 225 -61.73 -11.46 8.59
CA LYS T 225 -61.80 -12.20 9.83
C LYS T 225 -62.88 -13.29 9.73
N PHE T 226 -62.71 -14.34 10.52
CA PHE T 226 -63.66 -15.44 10.55
C PHE T 226 -64.77 -15.17 11.55
N VAL T 227 -66.00 -15.52 11.16
CA VAL T 227 -67.13 -15.35 12.03
C VAL T 227 -67.13 -16.55 12.96
N LYS T 228 -66.95 -16.30 14.25
CA LYS T 228 -66.89 -17.37 15.24
C LYS T 228 -67.86 -17.11 16.41
N GLY T 229 -68.00 -18.11 17.27
CA GLY T 229 -68.86 -18.01 18.45
C GLY T 229 -70.28 -17.49 18.30
N ASP T 230 -70.61 -16.50 19.12
CA ASP T 230 -71.94 -15.88 19.16
C ASP T 230 -72.48 -15.36 17.83
N LEU T 231 -71.73 -14.48 17.18
CA LEU T 231 -72.18 -13.93 15.90
C LEU T 231 -72.47 -15.03 14.90
N LEU T 232 -71.74 -16.14 15.05
CA LEU T 232 -71.91 -17.28 14.17
C LEU T 232 -73.25 -17.94 14.46
N GLN T 233 -73.41 -18.40 15.71
CA GLN T 233 -74.64 -19.06 16.16
C GLN T 233 -75.89 -18.25 15.83
N GLU T 234 -75.81 -16.94 16.05
CA GLU T 234 -76.93 -16.04 15.75
C GLU T 234 -77.37 -16.18 14.30
N ALA T 235 -76.41 -16.42 13.40
CA ALA T 235 -76.72 -16.57 11.98
C ALA T 235 -77.14 -18.01 11.68
N ILE T 236 -76.61 -18.99 12.42
CA ILE T 236 -77.00 -20.39 12.21
C ILE T 236 -78.49 -20.50 12.45
N ASP T 237 -78.90 -19.96 13.59
CA ASP T 237 -80.30 -19.96 13.97
C ASP T 237 -81.16 -19.21 12.96
N PHE T 238 -80.81 -17.96 12.67
CA PHE T 238 -81.57 -17.18 11.70
C PHE T 238 -81.91 -18.06 10.50
N ALA T 239 -81.02 -19.01 10.21
CA ALA T 239 -81.21 -19.94 9.10
C ALA T 239 -82.16 -21.05 9.51
N GLN T 240 -81.79 -21.80 10.54
CA GLN T 240 -82.63 -22.90 11.04
C GLN T 240 -84.09 -22.46 11.19
N LYS T 241 -84.28 -21.17 11.44
CA LYS T 241 -85.61 -20.60 11.61
C LYS T 241 -86.35 -20.50 10.28
N GLU T 242 -85.69 -19.97 9.27
CA GLU T 242 -86.30 -19.84 7.94
C GLU T 242 -86.12 -21.07 7.08
N ILE T 243 -85.68 -22.16 7.71
CA ILE T 243 -85.48 -23.42 7.02
C ILE T 243 -86.74 -24.25 7.29
N ASN T 244 -87.66 -23.65 8.05
CA ASN T 244 -88.95 -24.26 8.41
C ASN T 244 -90.09 -23.24 8.22
N ALA U 1 -51.33 -38.78 -38.69
CA ALA U 1 -52.38 -38.32 -39.65
C ALA U 1 -53.39 -37.37 -38.99
N GLY U 2 -54.46 -37.94 -38.41
CA GLY U 2 -55.50 -37.15 -37.78
C GLY U 2 -55.11 -36.09 -36.74
N TYR U 3 -53.82 -35.99 -36.41
CA TYR U 3 -53.37 -35.01 -35.43
C TYR U 3 -53.00 -33.66 -36.02
N ASP U 4 -52.97 -33.56 -37.34
CA ASP U 4 -52.62 -32.30 -37.97
C ASP U 4 -53.77 -31.31 -37.79
N ARG U 5 -54.71 -31.68 -36.94
CA ARG U 5 -55.86 -30.84 -36.64
C ARG U 5 -55.78 -30.34 -35.19
N HIS U 6 -54.87 -30.92 -34.42
CA HIS U 6 -54.69 -30.56 -33.03
C HIS U 6 -53.59 -29.54 -32.76
N ILE U 7 -52.45 -29.70 -33.41
CA ILE U 7 -51.36 -28.74 -33.23
C ILE U 7 -51.24 -27.91 -34.49
N THR U 8 -50.39 -26.89 -34.47
CA THR U 8 -50.23 -26.02 -35.62
C THR U 8 -49.22 -26.44 -36.68
N ILE U 9 -49.50 -27.56 -37.36
CA ILE U 9 -48.67 -28.06 -38.45
C ILE U 9 -49.59 -28.06 -39.67
N PHE U 10 -49.02 -28.07 -40.85
CA PHE U 10 -49.83 -28.05 -42.06
C PHE U 10 -50.67 -29.28 -42.31
N SER U 11 -51.80 -29.06 -42.97
CA SER U 11 -52.71 -30.14 -43.34
C SER U 11 -52.35 -30.37 -44.80
N PRO U 12 -52.71 -31.53 -45.38
CA PRO U 12 -52.36 -31.76 -46.78
C PRO U 12 -52.78 -30.64 -47.75
N GLU U 13 -53.76 -29.84 -47.35
CA GLU U 13 -54.22 -28.73 -48.18
C GLU U 13 -53.44 -27.46 -47.85
N GLY U 14 -52.42 -27.57 -47.01
CA GLY U 14 -51.63 -26.40 -46.64
C GLY U 14 -52.39 -25.47 -45.71
N ARG U 15 -53.23 -26.06 -44.87
CA ARG U 15 -54.03 -25.29 -43.93
C ARG U 15 -53.61 -25.55 -42.51
N LEU U 16 -54.00 -24.65 -41.63
CA LEU U 16 -53.70 -24.74 -40.21
C LEU U 16 -55.01 -24.68 -39.45
N TYR U 17 -55.67 -25.82 -39.31
CA TYR U 17 -56.96 -25.88 -38.63
C TYR U 17 -57.05 -25.20 -37.27
N GLN U 18 -56.06 -25.41 -36.42
CA GLN U 18 -56.06 -24.79 -35.10
C GLN U 18 -56.17 -23.28 -35.15
N VAL U 19 -55.70 -22.68 -36.23
CA VAL U 19 -55.78 -21.23 -36.38
C VAL U 19 -57.19 -20.85 -36.85
N GLU U 20 -57.82 -21.77 -37.58
CA GLU U 20 -59.16 -21.55 -38.08
C GLU U 20 -60.16 -21.70 -36.95
N TYR U 21 -59.91 -22.66 -36.07
CA TYR U 21 -60.79 -22.90 -34.95
C TYR U 21 -60.65 -21.77 -33.92
N ALA U 22 -59.46 -21.18 -33.84
CA ALA U 22 -59.23 -20.09 -32.92
C ALA U 22 -60.09 -18.92 -33.39
N PHE U 23 -60.24 -18.79 -34.70
CA PHE U 23 -61.07 -17.75 -35.28
C PHE U 23 -62.51 -17.95 -34.80
N LYS U 24 -62.93 -19.21 -34.73
CA LYS U 24 -64.27 -19.53 -34.28
C LYS U 24 -64.46 -18.98 -32.88
N ALA U 25 -63.49 -19.24 -32.01
CA ALA U 25 -63.55 -18.78 -30.64
C ALA U 25 -63.81 -17.27 -30.51
N THR U 26 -63.38 -16.49 -31.49
CA THR U 26 -63.57 -15.03 -31.40
C THR U 26 -65.03 -14.59 -31.43
N ASN U 27 -65.93 -15.47 -31.85
CA ASN U 27 -67.35 -15.14 -31.88
C ASN U 27 -68.11 -15.72 -30.71
N GLN U 28 -67.40 -16.42 -29.84
CA GLN U 28 -68.02 -17.06 -28.68
C GLN U 28 -68.81 -16.12 -27.75
N THR U 29 -68.40 -14.86 -27.68
CA THR U 29 -69.05 -13.88 -26.81
C THR U 29 -70.25 -13.25 -27.46
N ASN U 30 -70.46 -13.57 -28.73
CA ASN U 30 -71.58 -13.03 -29.49
C ASN U 30 -71.66 -11.51 -29.46
N ILE U 31 -70.51 -10.86 -29.32
CA ILE U 31 -70.47 -9.40 -29.27
C ILE U 31 -69.98 -8.82 -30.59
N ASN U 32 -70.51 -7.67 -30.95
CA ASN U 32 -70.10 -7.00 -32.18
C ASN U 32 -69.48 -5.67 -31.81
N SER U 33 -68.50 -5.24 -32.59
CA SER U 33 -67.83 -3.97 -32.34
C SER U 33 -67.41 -3.34 -33.66
N LEU U 34 -67.27 -2.03 -33.66
CA LEU U 34 -66.86 -1.35 -34.87
C LEU U 34 -66.05 -0.12 -34.47
N ALA U 35 -65.30 0.42 -35.42
CA ALA U 35 -64.48 1.59 -35.15
C ALA U 35 -64.44 2.48 -36.37
N VAL U 36 -64.47 3.79 -36.12
CA VAL U 36 -64.41 4.75 -37.21
C VAL U 36 -63.45 5.85 -36.83
N ARG U 37 -63.01 6.59 -37.85
CA ARG U 37 -62.08 7.67 -37.62
C ARG U 37 -62.71 9.04 -37.84
N GLY U 38 -62.53 9.92 -36.84
CA GLY U 38 -63.03 11.26 -36.94
C GLY U 38 -62.03 12.08 -37.74
N LYS U 39 -62.09 13.41 -37.61
CA LYS U 39 -61.17 14.29 -38.30
C LYS U 39 -59.89 14.31 -37.48
N ASP U 40 -60.06 14.23 -36.17
CA ASP U 40 -58.95 14.23 -35.24
C ASP U 40 -59.26 13.38 -34.00
N CYS U 41 -59.79 12.18 -34.23
CA CYS U 41 -60.11 11.26 -33.14
C CYS U 41 -60.47 9.90 -33.72
N THR U 42 -60.57 8.89 -32.86
CA THR U 42 -60.93 7.55 -33.30
C THR U 42 -61.89 7.00 -32.25
N VAL U 43 -62.99 6.43 -32.72
CA VAL U 43 -63.99 5.90 -31.80
C VAL U 43 -64.20 4.42 -32.00
N VAL U 44 -64.47 3.72 -30.91
CA VAL U 44 -64.75 2.30 -30.98
C VAL U 44 -66.03 2.05 -30.22
N ILE U 45 -66.91 1.29 -30.84
CA ILE U 45 -68.20 0.93 -30.25
C ILE U 45 -68.23 -0.57 -30.09
N SER U 46 -68.78 -1.02 -28.97
CA SER U 46 -68.87 -2.45 -28.73
C SER U 46 -70.08 -2.75 -27.88
N GLN U 47 -70.77 -3.83 -28.22
CA GLN U 47 -71.95 -4.22 -27.48
C GLN U 47 -71.56 -4.71 -26.09
N LYS U 48 -72.35 -4.33 -25.11
CA LYS U 48 -72.09 -4.75 -23.74
C LYS U 48 -73.31 -5.59 -23.37
N LYS U 49 -73.12 -6.89 -23.24
CA LYS U 49 -74.23 -7.76 -22.89
C LYS U 49 -74.04 -8.41 -21.53
N VAL U 50 -74.59 -7.78 -20.50
CA VAL U 50 -74.50 -8.32 -19.15
C VAL U 50 -75.76 -9.13 -18.85
N PRO U 51 -75.70 -10.45 -19.06
CA PRO U 51 -76.86 -11.30 -18.80
C PRO U 51 -77.23 -11.39 -17.31
N ASP U 52 -76.42 -12.14 -16.55
CA ASP U 52 -76.65 -12.34 -15.11
C ASP U 52 -76.89 -11.04 -14.34
N LYS U 53 -77.87 -11.04 -13.43
CA LYS U 53 -78.18 -9.87 -12.62
C LYS U 53 -77.22 -9.75 -11.45
N LEU U 54 -76.60 -10.89 -11.10
CA LEU U 54 -75.64 -10.97 -10.01
C LEU U 54 -74.28 -10.35 -10.37
N LEU U 55 -74.10 -9.99 -11.62
CA LEU U 55 -72.86 -9.39 -12.08
C LEU U 55 -72.80 -7.91 -11.83
N ASP U 56 -71.62 -7.43 -11.48
CA ASP U 56 -71.39 -6.02 -11.25
C ASP U 56 -71.06 -5.47 -12.66
N PRO U 57 -72.08 -4.94 -13.35
CA PRO U 57 -71.96 -4.39 -14.71
C PRO U 57 -70.74 -3.54 -15.01
N THR U 58 -70.18 -2.90 -14.00
CA THR U 58 -69.02 -2.04 -14.22
C THR U 58 -67.70 -2.79 -14.45
N THR U 59 -67.68 -4.07 -14.12
CA THR U 59 -66.47 -4.88 -14.30
C THR U 59 -66.57 -5.76 -15.53
N VAL U 60 -67.51 -5.46 -16.41
CA VAL U 60 -67.68 -6.23 -17.64
C VAL U 60 -67.32 -5.40 -18.85
N SER U 61 -66.08 -5.54 -19.32
CA SER U 61 -65.63 -4.79 -20.48
C SER U 61 -64.68 -5.54 -21.42
N TYR U 62 -64.70 -5.17 -22.70
CA TYR U 62 -63.82 -5.78 -23.68
C TYR U 62 -63.00 -4.68 -24.34
N ILE U 63 -63.00 -3.50 -23.72
CA ILE U 63 -62.22 -2.37 -24.20
C ILE U 63 -61.18 -2.12 -23.12
N PHE U 64 -59.94 -1.95 -23.54
CA PHE U 64 -58.85 -1.74 -22.60
C PHE U 64 -58.04 -0.49 -22.90
N CYS U 65 -57.42 0.06 -21.86
CA CYS U 65 -56.56 1.23 -22.03
C CYS U 65 -55.12 0.71 -21.97
N ILE U 66 -54.55 0.47 -23.15
CA ILE U 66 -53.19 -0.05 -23.27
C ILE U 66 -52.18 0.95 -22.76
N SER U 67 -52.27 2.18 -23.27
CA SER U 67 -51.35 3.23 -22.85
C SER U 67 -52.09 4.54 -22.80
N ARG U 68 -51.38 5.60 -22.46
CA ARG U 68 -51.98 6.92 -22.40
C ARG U 68 -52.64 7.25 -23.74
N THR U 69 -52.08 6.75 -24.83
CA THR U 69 -52.62 7.04 -26.16
C THR U 69 -53.30 5.90 -26.91
N ILE U 70 -52.98 4.65 -26.59
CA ILE U 70 -53.55 3.53 -27.31
C ILE U 70 -54.70 2.83 -26.61
N GLY U 71 -55.75 2.56 -27.38
CA GLY U 71 -56.92 1.86 -26.89
C GLY U 71 -57.09 0.58 -27.67
N MET U 72 -57.54 -0.48 -27.01
CA MET U 72 -57.72 -1.76 -27.66
C MET U 72 -59.04 -2.44 -27.30
N VAL U 73 -59.79 -2.84 -28.31
CA VAL U 73 -61.04 -3.53 -28.09
C VAL U 73 -60.80 -4.98 -28.51
N VAL U 74 -61.36 -5.92 -27.76
CA VAL U 74 -61.18 -7.34 -28.05
C VAL U 74 -62.45 -8.09 -28.37
N ASN U 75 -62.39 -8.93 -29.40
CA ASN U 75 -63.52 -9.77 -29.79
C ASN U 75 -63.11 -11.21 -29.49
N GLY U 76 -63.62 -11.79 -28.42
CA GLY U 76 -63.28 -13.16 -28.09
C GLY U 76 -63.41 -13.38 -26.60
N PRO U 77 -63.17 -14.61 -26.10
CA PRO U 77 -63.26 -14.95 -24.67
C PRO U 77 -62.54 -13.92 -23.80
N ILE U 78 -62.99 -13.72 -22.57
CA ILE U 78 -62.35 -12.72 -21.74
C ILE U 78 -60.96 -13.11 -21.23
N PRO U 79 -60.75 -14.39 -20.84
CA PRO U 79 -59.40 -14.68 -20.36
C PRO U 79 -58.32 -14.42 -21.43
N ASP U 80 -58.58 -14.79 -22.68
CA ASP U 80 -57.62 -14.54 -23.75
C ASP U 80 -57.52 -13.06 -24.03
N ALA U 81 -58.60 -12.33 -23.80
CA ALA U 81 -58.60 -10.88 -24.02
C ALA U 81 -57.69 -10.19 -23.01
N ARG U 82 -57.81 -10.61 -21.75
CA ARG U 82 -56.98 -10.04 -20.69
C ARG U 82 -55.50 -10.41 -20.84
N ASN U 83 -55.25 -11.62 -21.31
CA ASN U 83 -53.88 -12.08 -21.55
C ASN U 83 -53.26 -11.13 -22.60
N ALA U 84 -54.00 -10.89 -23.68
CA ALA U 84 -53.53 -10.02 -24.76
C ALA U 84 -53.37 -8.58 -24.31
N ALA U 85 -54.27 -8.11 -23.45
CA ALA U 85 -54.21 -6.74 -22.95
C ALA U 85 -52.98 -6.51 -22.08
N LEU U 86 -52.75 -7.41 -21.13
CA LEU U 86 -51.61 -7.31 -20.24
C LEU U 86 -50.32 -7.25 -21.05
N ARG U 87 -50.18 -8.17 -21.99
CA ARG U 87 -49.00 -8.23 -22.85
C ARG U 87 -48.79 -6.92 -23.58
N ALA U 88 -49.85 -6.40 -24.18
CA ALA U 88 -49.76 -5.16 -24.93
C ALA U 88 -49.39 -3.98 -24.03
N LYS U 89 -49.90 -3.98 -22.80
CA LYS U 89 -49.60 -2.90 -21.87
C LYS U 89 -48.11 -2.92 -21.55
N ALA U 90 -47.60 -4.11 -21.24
CA ALA U 90 -46.21 -4.31 -20.92
C ALA U 90 -45.34 -3.89 -22.10
N GLU U 91 -45.74 -4.28 -23.30
CA GLU U 91 -44.99 -3.94 -24.51
C GLU U 91 -44.92 -2.44 -24.77
N ALA U 92 -46.03 -1.75 -24.53
CA ALA U 92 -46.06 -0.32 -24.76
C ALA U 92 -45.24 0.40 -23.71
N ALA U 93 -45.21 -0.16 -22.50
CA ALA U 93 -44.46 0.42 -21.38
C ALA U 93 -42.96 0.32 -21.66
N GLU U 94 -42.53 -0.88 -21.99
CA GLU U 94 -41.13 -1.15 -22.30
C GLU U 94 -40.65 -0.35 -23.52
N PHE U 95 -41.46 -0.35 -24.57
CA PHE U 95 -41.09 0.39 -25.79
C PHE U 95 -40.74 1.82 -25.44
N ARG U 96 -41.56 2.47 -24.63
CA ARG U 96 -41.32 3.86 -24.25
C ARG U 96 -39.96 3.99 -23.57
N TYR U 97 -39.74 3.12 -22.59
CA TYR U 97 -38.51 3.10 -21.82
C TYR U 97 -37.24 2.97 -22.67
N LYS U 98 -37.26 2.03 -23.60
CA LYS U 98 -36.12 1.78 -24.47
C LYS U 98 -35.89 2.75 -25.61
N TYR U 99 -36.95 3.30 -26.19
CA TYR U 99 -36.79 4.19 -27.32
C TYR U 99 -37.07 5.68 -27.13
N GLY U 100 -37.60 6.06 -25.96
CA GLY U 100 -37.82 7.47 -25.69
C GLY U 100 -39.09 8.16 -26.17
N TYR U 101 -39.99 7.40 -26.78
CA TYR U 101 -41.25 7.98 -27.24
C TYR U 101 -42.33 6.92 -27.14
N ASP U 102 -43.58 7.35 -27.16
CA ASP U 102 -44.71 6.44 -27.03
C ASP U 102 -44.83 5.48 -28.22
N MET U 103 -45.13 4.22 -27.91
CA MET U 103 -45.26 3.23 -28.96
C MET U 103 -46.45 3.54 -29.86
N PRO U 104 -46.22 3.63 -31.18
CA PRO U 104 -47.32 3.93 -32.10
C PRO U 104 -48.29 2.75 -32.16
N CYS U 105 -49.55 3.08 -32.43
CA CYS U 105 -50.62 2.10 -32.54
C CYS U 105 -50.31 0.98 -33.55
N ASP U 106 -49.88 1.38 -34.76
CA ASP U 106 -49.58 0.43 -35.82
C ASP U 106 -48.40 -0.48 -35.46
N VAL U 107 -47.44 0.05 -34.72
CA VAL U 107 -46.27 -0.71 -34.32
C VAL U 107 -46.67 -1.74 -33.27
N LEU U 108 -47.40 -1.30 -32.25
CA LEU U 108 -47.87 -2.22 -31.21
C LEU U 108 -48.68 -3.34 -31.87
N ALA U 109 -49.40 -2.99 -32.93
CA ALA U 109 -50.21 -3.97 -33.65
C ALA U 109 -49.27 -5.01 -34.27
N LYS U 110 -48.29 -4.54 -35.03
CA LYS U 110 -47.33 -5.44 -35.67
C LYS U 110 -46.67 -6.35 -34.61
N ARG U 111 -46.27 -5.77 -33.49
CA ARG U 111 -45.63 -6.54 -32.44
C ARG U 111 -46.55 -7.65 -31.92
N MET U 112 -47.82 -7.32 -31.69
CA MET U 112 -48.76 -8.31 -31.19
C MET U 112 -49.07 -9.32 -32.29
N ALA U 113 -49.06 -8.88 -33.53
CA ALA U 113 -49.34 -9.77 -34.65
C ALA U 113 -48.21 -10.78 -34.76
N ASN U 114 -46.99 -10.28 -34.64
CA ASN U 114 -45.80 -11.11 -34.72
C ASN U 114 -45.83 -12.16 -33.61
N LEU U 115 -46.24 -11.72 -32.43
CA LEU U 115 -46.34 -12.61 -31.29
C LEU U 115 -47.37 -13.69 -31.63
N SER U 116 -48.45 -13.31 -32.32
CA SER U 116 -49.47 -14.28 -32.69
C SER U 116 -48.99 -15.21 -33.79
N GLN U 117 -48.14 -14.69 -34.67
CA GLN U 117 -47.61 -15.52 -35.75
C GLN U 117 -46.81 -16.66 -35.12
N ILE U 118 -46.13 -16.38 -34.01
CA ILE U 118 -45.33 -17.38 -33.34
C ILE U 118 -46.14 -18.59 -32.90
N TYR U 119 -47.32 -18.37 -32.35
CA TYR U 119 -48.17 -19.47 -31.87
C TYR U 119 -48.66 -20.33 -33.05
N THR U 120 -48.59 -19.70 -34.22
CA THR U 120 -48.98 -20.28 -35.51
C THR U 120 -47.94 -21.30 -36.00
N GLN U 121 -46.69 -21.09 -35.58
CA GLN U 121 -45.57 -21.94 -35.99
C GLN U 121 -45.04 -22.87 -34.90
N ARG U 122 -45.05 -22.43 -33.66
CA ARG U 122 -44.57 -23.26 -32.57
C ARG U 122 -45.73 -24.11 -32.07
N ALA U 123 -45.45 -25.39 -31.85
CA ALA U 123 -46.47 -26.34 -31.43
C ALA U 123 -46.94 -26.33 -30.00
N TYR U 124 -46.14 -25.82 -29.07
CA TYR U 124 -46.58 -25.84 -27.68
C TYR U 124 -47.41 -24.62 -27.28
N MET U 125 -47.43 -23.61 -28.15
CA MET U 125 -48.21 -22.40 -27.91
C MET U 125 -49.50 -22.47 -28.72
N ARG U 126 -50.65 -22.37 -28.05
CA ARG U 126 -51.92 -22.38 -28.79
C ARG U 126 -52.24 -20.95 -29.18
N PRO U 127 -52.96 -20.76 -30.31
CA PRO U 127 -53.27 -19.39 -30.69
C PRO U 127 -54.23 -18.79 -29.66
N LEU U 128 -54.35 -17.47 -29.63
CA LEU U 128 -55.28 -16.84 -28.70
C LEU U 128 -56.55 -16.62 -29.52
N GLY U 129 -57.68 -17.09 -29.00
CA GLY U 129 -58.94 -16.94 -29.72
C GLY U 129 -59.52 -15.55 -29.66
N VAL U 130 -58.78 -14.57 -30.13
CA VAL U 130 -59.26 -13.21 -30.09
C VAL U 130 -58.79 -12.39 -31.28
N ILE U 131 -59.50 -11.29 -31.51
CA ILE U 131 -59.18 -10.37 -32.56
C ILE U 131 -59.00 -9.04 -31.84
N LEU U 132 -57.85 -8.41 -32.05
CA LEU U 132 -57.54 -7.15 -31.39
C LEU U 132 -57.61 -5.95 -32.32
N THR U 133 -58.35 -4.93 -31.89
CA THR U 133 -58.47 -3.71 -32.67
C THR U 133 -57.80 -2.59 -31.86
N PHE U 134 -56.76 -2.01 -32.42
CA PHE U 134 -56.05 -0.95 -31.73
C PHE U 134 -56.42 0.38 -32.34
N VAL U 135 -56.57 1.38 -31.48
CA VAL U 135 -56.93 2.70 -31.94
C VAL U 135 -56.21 3.77 -31.15
N SER U 136 -56.03 4.91 -31.78
CA SER U 136 -55.37 6.05 -31.17
C SER U 136 -55.28 7.11 -32.24
N VAL U 137 -54.70 8.23 -31.85
CA VAL U 137 -54.47 9.33 -32.78
C VAL U 137 -52.95 9.45 -32.78
N ASP U 138 -52.31 8.61 -33.60
CA ASP U 138 -50.86 8.61 -33.69
C ASP U 138 -50.34 10.01 -34.00
N GLU U 139 -49.19 10.35 -33.42
CA GLU U 139 -48.62 11.68 -33.64
C GLU U 139 -48.11 11.91 -35.04
N GLU U 140 -47.93 10.84 -35.80
CA GLU U 140 -47.47 10.98 -37.17
C GLU U 140 -48.54 10.57 -38.19
N LEU U 141 -49.40 9.64 -37.79
CA LEU U 141 -50.43 9.15 -38.69
C LEU U 141 -51.86 9.59 -38.38
N GLY U 142 -52.03 10.39 -37.34
CA GLY U 142 -53.37 10.83 -37.01
C GLY U 142 -54.24 9.66 -36.56
N PRO U 143 -55.57 9.80 -36.66
CA PRO U 143 -56.50 8.74 -36.25
C PRO U 143 -56.10 7.40 -36.85
N SER U 144 -56.01 6.36 -36.02
CA SER U 144 -55.59 5.06 -36.52
C SER U 144 -56.34 3.85 -35.97
N ILE U 145 -56.61 2.90 -36.87
CA ILE U 145 -57.27 1.66 -36.53
C ILE U 145 -56.44 0.53 -37.14
N TYR U 146 -55.91 -0.34 -36.29
CA TYR U 146 -55.12 -1.48 -36.75
C TYR U 146 -55.66 -2.70 -36.02
N LYS U 147 -55.91 -3.78 -36.76
CA LYS U 147 -56.48 -4.99 -36.18
C LYS U 147 -55.66 -6.22 -36.49
N THR U 148 -55.59 -7.13 -35.52
CA THR U 148 -54.82 -8.36 -35.67
C THR U 148 -55.69 -9.57 -35.36
N ASP U 149 -55.36 -10.72 -35.93
CA ASP U 149 -56.12 -11.95 -35.73
C ASP U 149 -55.23 -13.11 -35.28
N PRO U 150 -55.85 -14.28 -35.03
CA PRO U 150 -55.09 -15.46 -34.60
C PRO U 150 -54.10 -15.98 -35.62
N ALA U 151 -54.27 -15.58 -36.88
CA ALA U 151 -53.37 -16.02 -37.93
C ALA U 151 -52.09 -15.21 -37.93
N GLY U 152 -52.08 -14.12 -37.17
CA GLY U 152 -50.91 -13.28 -37.07
C GLY U 152 -50.92 -12.18 -38.12
N TYR U 153 -52.05 -12.03 -38.79
CA TYR U 153 -52.20 -11.03 -39.83
C TYR U 153 -52.66 -9.70 -39.24
N TYR U 154 -52.26 -8.60 -39.85
CA TYR U 154 -52.70 -7.29 -39.35
C TYR U 154 -52.70 -6.24 -40.46
N VAL U 155 -53.54 -5.22 -40.30
CA VAL U 155 -53.62 -4.17 -41.30
C VAL U 155 -54.35 -2.96 -40.72
N GLY U 156 -54.20 -1.82 -41.37
CA GLY U 156 -54.86 -0.60 -40.94
C GLY U 156 -56.16 -0.43 -41.70
N TYR U 157 -57.17 0.13 -41.03
CA TYR U 157 -58.47 0.33 -41.65
C TYR U 157 -58.94 1.78 -41.57
N LYS U 158 -59.83 2.16 -42.48
CA LYS U 158 -60.44 3.50 -42.52
C LYS U 158 -61.53 3.44 -41.43
N ALA U 159 -62.09 2.24 -41.28
CA ALA U 159 -63.11 1.93 -40.30
C ALA U 159 -63.24 0.42 -40.39
N THR U 160 -63.76 -0.23 -39.36
CA THR U 160 -63.88 -1.67 -39.42
C THR U 160 -64.88 -2.17 -38.38
N ALA U 161 -65.21 -3.46 -38.48
CA ALA U 161 -66.15 -4.06 -37.54
C ALA U 161 -65.76 -5.52 -37.32
N THR U 162 -66.13 -6.07 -36.17
CA THR U 162 -65.80 -7.45 -35.82
C THR U 162 -66.92 -8.06 -34.98
N GLY U 163 -67.16 -9.36 -35.15
CA GLY U 163 -68.20 -10.04 -34.39
C GLY U 163 -69.05 -10.94 -35.29
N PRO U 164 -70.12 -11.55 -34.75
CA PRO U 164 -70.98 -12.43 -35.55
C PRO U 164 -71.59 -11.74 -36.75
N LYS U 165 -72.11 -10.54 -36.53
CA LYS U 165 -72.75 -9.77 -37.60
C LYS U 165 -71.79 -8.76 -38.20
N GLN U 166 -70.53 -9.17 -38.26
CA GLN U 166 -69.45 -8.36 -38.81
C GLN U 166 -69.76 -7.85 -40.22
N GLN U 167 -70.23 -8.73 -41.09
CA GLN U 167 -70.53 -8.36 -42.47
C GLN U 167 -71.60 -7.28 -42.63
N GLU U 168 -72.68 -7.35 -41.86
CA GLU U 168 -73.74 -6.35 -41.97
C GLU U 168 -73.17 -4.96 -41.64
N ILE U 169 -72.39 -4.88 -40.57
CA ILE U 169 -71.79 -3.61 -40.15
C ILE U 169 -70.85 -3.09 -41.22
N THR U 170 -69.99 -3.97 -41.72
CA THR U 170 -69.01 -3.61 -42.74
C THR U 170 -69.62 -3.02 -44.01
N THR U 171 -70.55 -3.74 -44.63
CA THR U 171 -71.20 -3.28 -45.86
C THR U 171 -71.95 -1.98 -45.62
N ASN U 172 -72.52 -1.83 -44.42
CA ASN U 172 -73.23 -0.61 -44.07
C ASN U 172 -72.20 0.53 -44.18
N LEU U 173 -71.08 0.37 -43.50
CA LEU U 173 -69.99 1.35 -43.49
C LEU U 173 -69.41 1.57 -44.90
N GLU U 174 -69.18 0.49 -45.63
CA GLU U 174 -68.66 0.56 -46.98
C GLU U 174 -69.47 1.52 -47.82
N ASN U 175 -70.79 1.38 -47.74
CA ASN U 175 -71.72 2.20 -48.49
C ASN U 175 -71.65 3.66 -48.09
N HIS U 176 -71.59 3.93 -46.80
CA HIS U 176 -71.52 5.31 -46.35
C HIS U 176 -70.29 6.01 -46.92
N PHE U 177 -69.21 5.27 -47.13
CA PHE U 177 -68.00 5.86 -47.65
C PHE U 177 -68.01 5.99 -49.18
N LYS U 178 -68.66 5.06 -49.88
CA LYS U 178 -68.75 5.13 -51.34
C LYS U 178 -69.47 6.43 -51.66
N LYS U 179 -70.35 6.80 -50.73
CA LYS U 179 -71.16 8.01 -50.81
C LYS U 179 -70.35 9.27 -50.49
N SER U 180 -69.97 9.44 -49.22
CA SER U 180 -69.21 10.60 -48.78
C SER U 180 -67.91 10.79 -49.55
N LYS U 181 -67.41 9.71 -50.17
CA LYS U 181 -66.19 9.75 -50.96
C LYS U 181 -64.89 10.04 -50.21
N ILE U 182 -64.97 10.20 -48.90
CA ILE U 182 -63.78 10.46 -48.09
C ILE U 182 -63.53 9.24 -47.20
N ASP U 183 -62.32 9.15 -46.65
CA ASP U 183 -61.97 8.01 -45.82
C ASP U 183 -62.13 8.25 -44.31
N HIS U 184 -63.13 9.04 -43.93
CA HIS U 184 -63.36 9.34 -42.52
C HIS U 184 -64.65 10.11 -42.26
N ILE U 185 -65.06 10.16 -40.99
CA ILE U 185 -66.25 10.90 -40.61
C ILE U 185 -65.82 12.35 -40.49
N ASN U 186 -66.32 13.22 -41.35
CA ASN U 186 -65.94 14.62 -41.33
C ASN U 186 -66.62 15.40 -40.20
N GLU U 187 -66.08 15.28 -38.99
CA GLU U 187 -66.64 15.96 -37.84
C GLU U 187 -65.51 16.59 -37.00
N GLU U 188 -65.85 17.58 -36.17
CA GLU U 188 -64.83 18.22 -35.36
C GLU U 188 -64.84 17.69 -33.94
N SER U 189 -66.04 17.51 -33.38
CA SER U 189 -66.14 16.99 -32.04
C SER U 189 -66.19 15.49 -32.11
N TRP U 190 -65.63 14.83 -31.10
CA TRP U 190 -65.64 13.38 -31.07
C TRP U 190 -67.04 12.90 -30.70
N GLU U 191 -67.75 13.74 -29.95
CA GLU U 191 -69.11 13.43 -29.51
C GLU U 191 -70.01 13.09 -30.69
N LYS U 192 -69.84 13.84 -31.79
CA LYS U 192 -70.62 13.60 -33.00
C LYS U 192 -70.14 12.33 -33.70
N VAL U 193 -68.82 12.12 -33.73
CA VAL U 193 -68.27 10.92 -34.36
C VAL U 193 -68.76 9.71 -33.58
N VAL U 194 -68.83 9.85 -32.26
CA VAL U 194 -69.33 8.76 -31.42
C VAL U 194 -70.78 8.49 -31.78
N GLU U 195 -71.54 9.56 -32.00
CA GLU U 195 -72.96 9.44 -32.36
C GLU U 195 -73.12 8.72 -33.70
N PHE U 196 -72.29 9.10 -34.67
CA PHE U 196 -72.31 8.48 -35.99
C PHE U 196 -72.12 6.98 -35.82
N ALA U 197 -71.14 6.63 -35.01
CA ALA U 197 -70.81 5.24 -34.72
C ALA U 197 -72.02 4.50 -34.17
N ILE U 198 -72.61 5.03 -33.09
CA ILE U 198 -73.77 4.39 -32.49
C ILE U 198 -74.94 4.33 -33.47
N THR U 199 -75.05 5.31 -34.36
CA THR U 199 -76.14 5.32 -35.33
C THR U 199 -76.00 4.19 -36.33
N HIS U 200 -74.90 4.16 -37.06
CA HIS U 200 -74.69 3.11 -38.04
C HIS U 200 -74.65 1.74 -37.39
N MET U 201 -74.32 1.71 -36.11
CA MET U 201 -74.29 0.45 -35.39
C MET U 201 -75.73 -0.08 -35.33
N ILE U 202 -76.67 0.84 -35.11
CA ILE U 202 -78.09 0.50 -35.02
C ILE U 202 -78.69 0.14 -36.37
N ASP U 203 -78.35 0.90 -37.40
CA ASP U 203 -78.88 0.65 -38.74
C ASP U 203 -78.52 -0.75 -39.23
N ALA U 204 -77.24 -1.07 -39.15
CA ALA U 204 -76.73 -2.35 -39.58
C ALA U 204 -77.23 -3.50 -38.71
N LEU U 205 -77.31 -3.28 -37.42
CA LEU U 205 -77.76 -4.33 -36.52
C LEU U 205 -79.28 -4.40 -36.41
N GLY U 206 -79.94 -3.31 -36.79
CA GLY U 206 -81.39 -3.26 -36.72
C GLY U 206 -81.91 -3.35 -35.30
N THR U 207 -81.13 -2.85 -34.34
CA THR U 207 -81.53 -2.87 -32.94
C THR U 207 -81.32 -1.52 -32.26
N GLU U 208 -82.17 -1.24 -31.28
CA GLU U 208 -82.13 0.00 -30.52
C GLU U 208 -81.25 -0.28 -29.30
N PHE U 209 -80.56 0.73 -28.80
CA PHE U 209 -79.68 0.56 -27.65
C PHE U 209 -80.05 1.43 -26.48
N SER U 210 -79.82 0.92 -25.26
CA SER U 210 -80.06 1.69 -24.04
C SER U 210 -78.67 2.19 -23.63
N LYS U 211 -78.54 2.71 -22.41
CA LYS U 211 -77.23 3.22 -21.97
C LYS U 211 -76.36 2.12 -21.36
N ASN U 212 -76.88 0.89 -21.30
CA ASN U 212 -76.12 -0.23 -20.73
C ASN U 212 -75.97 -1.35 -21.74
N ASP U 213 -76.22 -1.04 -23.01
CA ASP U 213 -76.09 -2.01 -24.10
C ASP U 213 -74.84 -1.74 -24.94
N LEU U 214 -74.24 -0.57 -24.72
CA LEU U 214 -73.04 -0.18 -25.42
C LEU U 214 -71.82 -0.08 -24.52
N GLU U 215 -70.72 0.35 -25.14
CA GLU U 215 -69.43 0.52 -24.50
C GLU U 215 -68.70 1.38 -25.51
N VAL U 216 -68.22 2.54 -25.09
CA VAL U 216 -67.54 3.42 -26.02
C VAL U 216 -66.13 3.79 -25.59
N GLY U 217 -65.24 3.88 -26.57
CA GLY U 217 -63.86 4.26 -26.30
C GLY U 217 -63.55 5.37 -27.27
N VAL U 218 -62.85 6.39 -26.81
CA VAL U 218 -62.48 7.50 -27.69
C VAL U 218 -61.00 7.79 -27.59
N ALA U 219 -60.37 7.93 -28.76
CA ALA U 219 -58.95 8.22 -28.83
C ALA U 219 -58.79 9.62 -29.39
N THR U 220 -57.98 10.44 -28.72
CA THR U 220 -57.75 11.80 -29.16
C THR U 220 -56.28 12.16 -28.99
N LYS U 221 -55.90 13.31 -29.52
CA LYS U 221 -54.53 13.78 -29.41
C LYS U 221 -54.10 13.66 -27.95
N ASP U 222 -53.09 12.84 -27.72
CA ASP U 222 -52.53 12.63 -26.39
C ASP U 222 -53.41 11.96 -25.35
N LYS U 223 -54.53 11.39 -25.76
CA LYS U 223 -55.35 10.67 -24.79
C LYS U 223 -56.48 9.79 -25.33
N PHE U 224 -56.60 8.61 -24.73
CA PHE U 224 -57.64 7.65 -25.05
C PHE U 224 -58.40 7.37 -23.76
N PHE U 225 -59.73 7.43 -23.84
CA PHE U 225 -60.61 7.23 -22.68
C PHE U 225 -61.90 6.52 -23.06
N THR U 226 -62.60 5.99 -22.07
CA THR U 226 -63.86 5.30 -22.29
C THR U 226 -65.01 6.05 -21.62
N LEU U 227 -66.15 6.13 -22.29
CA LEU U 227 -67.33 6.83 -21.78
C LEU U 227 -68.06 6.02 -20.70
N SER U 228 -68.72 6.72 -19.78
CA SER U 228 -69.46 6.06 -18.70
C SER U 228 -70.93 5.88 -19.10
N ALA U 229 -71.65 5.07 -18.34
CA ALA U 229 -73.06 4.83 -18.64
C ALA U 229 -73.75 6.14 -18.99
N GLU U 230 -73.50 7.18 -18.21
CA GLU U 230 -74.12 8.48 -18.45
C GLU U 230 -73.58 9.28 -19.63
N ASN U 231 -72.28 9.20 -19.88
CA ASN U 231 -71.70 9.93 -21.00
C ASN U 231 -72.36 9.39 -22.26
N ILE U 232 -72.65 8.08 -22.22
CA ILE U 232 -73.30 7.38 -23.32
C ILE U 232 -74.75 7.84 -23.46
N GLU U 233 -75.49 7.72 -22.36
CA GLU U 233 -76.89 8.14 -22.35
C GLU U 233 -77.02 9.49 -23.03
N GLU U 234 -76.11 10.40 -22.73
CA GLU U 234 -76.11 11.73 -23.33
C GLU U 234 -76.00 11.62 -24.85
N ARG U 235 -75.20 10.67 -25.31
CA ARG U 235 -74.99 10.44 -26.75
C ARG U 235 -76.25 9.87 -27.40
N LEU U 236 -76.92 8.96 -26.69
CA LEU U 236 -78.15 8.32 -27.16
C LEU U 236 -79.24 9.35 -27.35
N VAL U 237 -79.40 10.20 -26.34
CA VAL U 237 -80.39 11.27 -26.34
C VAL U 237 -80.23 12.21 -27.53
N ALA U 238 -79.00 12.59 -27.81
CA ALA U 238 -78.70 13.49 -28.93
C ALA U 238 -79.17 12.92 -30.26
N ILE U 239 -78.84 11.67 -30.55
CA ILE U 239 -79.25 11.07 -31.82
C ILE U 239 -80.75 10.87 -31.84
N ALA U 240 -81.34 10.76 -30.66
CA ALA U 240 -82.78 10.58 -30.53
C ALA U 240 -83.53 11.76 -31.18
N GLU U 241 -83.11 12.97 -30.84
CA GLU U 241 -83.71 14.18 -31.38
C GLU U 241 -83.08 14.49 -32.72
N GLN U 242 -83.72 14.04 -33.79
CA GLN U 242 -83.24 14.23 -35.15
C GLN U 242 -83.88 13.12 -35.99
N ASP U 243 -84.26 12.06 -35.27
CA ASP U 243 -84.91 10.87 -35.84
C ASP U 243 -86.36 10.87 -35.33
N THR V 1 -8.97 16.48 -28.47
CA THR V 1 -10.23 16.53 -29.24
C THR V 1 -11.11 17.69 -28.81
N THR V 2 -11.68 18.35 -29.81
CA THR V 2 -12.58 19.45 -29.55
C THR V 2 -13.80 19.16 -30.40
N ILE V 3 -14.95 18.97 -29.76
CA ILE V 3 -16.19 18.73 -30.48
C ILE V 3 -17.23 19.68 -29.90
N VAL V 4 -18.04 20.24 -30.79
CA VAL V 4 -19.11 21.16 -30.39
C VAL V 4 -20.42 20.93 -31.13
N GLY V 5 -21.48 21.50 -30.58
CA GLY V 5 -22.80 21.39 -31.17
C GLY V 5 -23.50 22.71 -30.93
N VAL V 6 -24.11 23.27 -31.96
CA VAL V 6 -24.81 24.55 -31.84
C VAL V 6 -26.16 24.50 -32.54
N LYS V 7 -27.22 24.92 -31.84
CA LYS V 7 -28.55 24.94 -32.42
C LYS V 7 -28.79 26.30 -33.06
N PHE V 8 -29.50 26.30 -34.19
CA PHE V 8 -29.85 27.55 -34.89
C PHE V 8 -31.35 27.52 -35.26
N ASN V 9 -31.91 28.69 -35.59
CA ASN V 9 -33.33 28.80 -35.90
C ASN V 9 -34.06 27.63 -36.56
N ASN V 10 -33.42 26.97 -37.53
CA ASN V 10 -34.09 25.86 -38.22
C ASN V 10 -33.28 24.57 -38.30
N GLY V 11 -32.59 24.22 -37.22
CA GLY V 11 -31.80 23.00 -37.21
C GLY V 11 -30.68 23.00 -36.18
N VAL V 12 -29.69 22.15 -36.43
CA VAL V 12 -28.55 22.02 -35.53
C VAL V 12 -27.29 21.69 -36.34
N VAL V 13 -26.13 22.12 -35.82
CA VAL V 13 -24.86 21.90 -36.51
C VAL V 13 -23.80 21.40 -35.51
N ILE V 14 -22.96 20.47 -35.94
CA ILE V 14 -21.91 19.95 -35.06
C ILE V 14 -20.60 19.97 -35.81
N ALA V 15 -19.51 20.22 -35.08
CA ALA V 15 -18.18 20.26 -35.66
C ALA V 15 -17.15 19.63 -34.73
N ALA V 16 -15.99 19.31 -35.27
CA ALA V 16 -14.91 18.71 -34.51
C ALA V 16 -13.58 18.87 -35.24
N ASP V 17 -12.48 18.77 -34.51
CA ASP V 17 -11.17 18.88 -35.12
C ASP V 17 -10.84 17.52 -35.75
N THR V 18 -9.58 17.27 -36.08
CA THR V 18 -9.22 16.00 -36.70
C THR V 18 -7.97 15.34 -36.13
N ARG V 19 -7.52 15.79 -34.97
CA ARG V 19 -6.32 15.21 -34.37
C ARG V 19 -6.62 14.04 -33.42
N SER V 20 -5.99 12.91 -33.71
CA SER V 20 -6.13 11.69 -32.93
C SER V 20 -4.77 11.45 -32.27
N THR V 21 -4.73 11.31 -30.95
CA THR V 21 -3.44 11.13 -30.33
C THR V 21 -3.22 9.85 -29.55
N GLN V 22 -1.97 9.62 -29.20
CA GLN V 22 -1.52 8.48 -28.40
C GLN V 22 -0.44 9.07 -27.53
N GLY V 23 -0.79 9.46 -26.32
CA GLY V 23 0.21 10.06 -25.48
C GLY V 23 0.46 11.40 -26.14
N PRO V 24 1.73 11.84 -26.29
CA PRO V 24 2.01 13.12 -26.92
C PRO V 24 2.26 13.00 -28.42
N ILE V 25 1.93 11.85 -28.99
CA ILE V 25 2.15 11.66 -30.40
C ILE V 25 0.89 11.56 -31.24
N VAL V 26 0.90 12.27 -32.37
CA VAL V 26 -0.24 12.30 -33.28
C VAL V 26 -0.34 10.98 -34.04
N ALA V 27 -1.42 10.27 -33.83
CA ALA V 27 -1.65 8.99 -34.51
C ALA V 27 -2.20 9.28 -35.92
N ASP V 28 -3.30 10.03 -35.98
CA ASP V 28 -3.93 10.40 -37.24
C ASP V 28 -4.04 11.92 -37.31
N LYS V 29 -3.46 12.50 -38.35
CA LYS V 29 -3.51 13.94 -38.51
C LYS V 29 -4.85 14.41 -39.05
N ASN V 30 -5.64 13.48 -39.56
CA ASN V 30 -6.95 13.83 -40.11
C ASN V 30 -7.97 12.71 -39.93
N CYS V 31 -8.32 12.39 -38.69
CA CYS V 31 -9.30 11.34 -38.51
C CYS V 31 -10.64 12.07 -38.41
N ALA V 32 -11.73 11.36 -38.69
CA ALA V 32 -13.05 11.97 -38.62
C ALA V 32 -13.72 11.63 -37.30
N LYS V 33 -14.08 12.66 -36.54
CA LYS V 33 -14.72 12.47 -35.24
C LYS V 33 -16.24 12.64 -35.32
N LEU V 34 -16.75 12.82 -36.54
CA LEU V 34 -18.18 12.97 -36.82
C LEU V 34 -18.70 11.64 -37.33
N HIS V 35 -19.68 11.09 -36.63
CA HIS V 35 -20.23 9.79 -36.98
C HIS V 35 -21.69 9.85 -37.36
N ARG V 36 -22.06 9.09 -38.38
CA ARG V 36 -23.44 9.05 -38.81
C ARG V 36 -24.17 7.96 -38.03
N ILE V 37 -25.28 8.30 -37.40
CA ILE V 37 -26.05 7.28 -36.69
C ILE V 37 -27.16 6.83 -37.64
N SER V 38 -27.78 7.80 -38.29
CA SER V 38 -28.82 7.57 -39.28
C SER V 38 -28.60 8.72 -40.26
N PRO V 39 -29.28 8.72 -41.41
CA PRO V 39 -29.04 9.83 -42.34
C PRO V 39 -29.14 11.22 -41.72
N LYS V 40 -30.05 11.42 -40.79
CA LYS V 40 -30.19 12.74 -40.20
C LYS V 40 -29.92 12.91 -38.72
N ILE V 41 -29.21 11.93 -38.14
CA ILE V 41 -28.79 12.00 -36.74
C ILE V 41 -27.29 11.77 -36.80
N TRP V 42 -26.50 12.79 -36.48
CA TRP V 42 -25.06 12.65 -36.50
C TRP V 42 -24.47 12.82 -35.11
N CYS V 43 -23.33 12.18 -34.90
CA CYS V 43 -22.67 12.19 -33.61
C CYS V 43 -21.22 12.62 -33.63
N ALA V 44 -20.84 13.45 -32.68
CA ALA V 44 -19.46 13.92 -32.54
C ALA V 44 -18.92 13.16 -31.31
N GLY V 45 -17.73 12.58 -31.43
CA GLY V 45 -17.24 11.81 -30.30
C GLY V 45 -15.82 12.03 -29.89
N ALA V 46 -15.64 12.20 -28.58
CA ALA V 46 -14.34 12.39 -27.95
C ALA V 46 -14.10 11.23 -26.98
N GLY V 47 -12.89 11.14 -26.45
CA GLY V 47 -12.58 10.06 -25.53
C GLY V 47 -11.81 8.99 -26.30
N THR V 48 -12.08 7.72 -26.02
CA THR V 48 -11.40 6.62 -26.71
C THR V 48 -12.00 6.44 -28.10
N ALA V 49 -11.20 6.73 -29.12
CA ALA V 49 -11.63 6.63 -30.52
C ALA V 49 -12.30 5.32 -30.91
N ALA V 50 -11.75 4.19 -30.48
CA ALA V 50 -12.34 2.91 -30.82
C ALA V 50 -13.73 2.78 -30.22
N ASP V 51 -13.92 3.37 -29.05
CA ASP V 51 -15.21 3.32 -28.36
C ASP V 51 -16.25 4.25 -28.99
N THR V 52 -15.85 5.45 -29.38
CA THR V 52 -16.82 6.35 -29.99
C THR V 52 -17.24 5.78 -31.33
N GLU V 53 -16.31 5.13 -32.02
CA GLU V 53 -16.62 4.54 -33.31
C GLU V 53 -17.57 3.35 -33.14
N ALA V 54 -17.19 2.45 -32.25
CA ALA V 54 -17.97 1.24 -31.99
C ALA V 54 -19.37 1.51 -31.45
N VAL V 55 -19.46 2.28 -30.38
CA VAL V 55 -20.76 2.54 -29.77
C VAL V 55 -21.66 3.26 -30.77
N THR V 56 -21.06 4.11 -31.58
CA THR V 56 -21.79 4.90 -32.56
C THR V 56 -22.39 4.05 -33.67
N GLN V 57 -21.62 3.06 -34.13
CA GLN V 57 -22.09 2.19 -35.20
C GLN V 57 -23.09 1.18 -34.70
N LEU V 58 -22.89 0.68 -33.49
CA LEU V 58 -23.79 -0.31 -32.93
C LEU V 58 -25.20 0.28 -32.83
N ILE V 59 -25.31 1.43 -32.18
CA ILE V 59 -26.61 2.06 -32.04
C ILE V 59 -27.15 2.40 -33.43
N GLY V 60 -26.26 2.89 -34.31
CA GLY V 60 -26.66 3.24 -35.66
C GLY V 60 -27.31 2.06 -36.35
N SER V 61 -26.71 0.89 -36.18
CA SER V 61 -27.21 -0.34 -36.78
C SER V 61 -28.58 -0.66 -36.20
N ASN V 62 -28.71 -0.67 -34.89
CA ASN V 62 -30.00 -0.97 -34.27
C ASN V 62 -31.06 0.06 -34.63
N ILE V 63 -30.65 1.31 -34.78
CA ILE V 63 -31.58 2.37 -35.16
C ILE V 63 -32.11 2.11 -36.57
N GLU V 64 -31.23 1.68 -37.46
CA GLU V 64 -31.65 1.38 -38.82
C GLU V 64 -32.68 0.26 -38.81
N LEU V 65 -32.41 -0.80 -38.05
CA LEU V 65 -33.33 -1.93 -37.95
C LEU V 65 -34.66 -1.51 -37.32
N HIS V 66 -34.59 -0.66 -36.30
CA HIS V 66 -35.78 -0.17 -35.61
C HIS V 66 -36.61 0.66 -36.58
N SER V 67 -35.93 1.49 -37.37
CA SER V 67 -36.56 2.34 -38.36
C SER V 67 -37.33 1.50 -39.40
N LEU V 68 -36.68 0.46 -39.91
CA LEU V 68 -37.30 -0.43 -40.88
C LEU V 68 -38.51 -1.14 -40.28
N TYR V 69 -38.39 -1.54 -39.02
CA TYR V 69 -39.47 -2.25 -38.33
C TYR V 69 -40.70 -1.35 -38.09
N THR V 70 -40.46 -0.11 -37.68
CA THR V 70 -41.56 0.82 -37.40
C THR V 70 -41.98 1.67 -38.59
N SER V 71 -41.28 1.55 -39.71
CA SER V 71 -41.61 2.31 -40.91
C SER V 71 -41.63 3.82 -40.64
N ARG V 72 -40.85 4.25 -39.66
CA ARG V 72 -40.77 5.66 -39.31
C ARG V 72 -39.33 6.17 -39.32
N GLU V 73 -39.18 7.51 -39.34
CA GLU V 73 -37.88 8.12 -39.32
C GLU V 73 -37.30 7.93 -37.92
N PRO V 74 -35.98 7.75 -37.82
CA PRO V 74 -35.33 7.55 -36.53
C PRO V 74 -35.43 8.88 -35.77
N ARG V 75 -35.57 8.80 -34.46
CA ARG V 75 -35.63 10.00 -33.64
C ARG V 75 -34.33 10.17 -32.87
N VAL V 76 -33.88 11.40 -32.70
CA VAL V 76 -32.66 11.63 -31.97
C VAL V 76 -32.79 11.11 -30.53
N VAL V 77 -33.97 11.25 -29.92
CA VAL V 77 -34.15 10.78 -28.56
C VAL V 77 -34.02 9.26 -28.46
N SER V 78 -34.21 8.55 -29.57
CA SER V 78 -34.09 7.10 -29.53
C SER V 78 -32.60 6.73 -29.53
N ALA V 79 -31.81 7.46 -30.32
CA ALA V 79 -30.38 7.17 -30.38
C ALA V 79 -29.78 7.56 -29.03
N LEU V 80 -30.40 8.55 -28.38
CA LEU V 80 -29.94 9.02 -27.08
C LEU V 80 -30.22 8.02 -25.98
N GLN V 81 -31.43 7.44 -26.00
CA GLN V 81 -31.78 6.48 -24.98
C GLN V 81 -30.99 5.20 -25.13
N MET V 82 -30.74 4.78 -26.37
CA MET V 82 -30.00 3.55 -26.62
C MET V 82 -28.54 3.72 -26.24
N LEU V 83 -27.97 4.87 -26.61
CA LEU V 83 -26.58 5.18 -26.30
C LEU V 83 -26.32 5.22 -24.80
N LYS V 84 -27.15 5.94 -24.07
CA LYS V 84 -26.96 6.05 -22.63
C LYS V 84 -27.22 4.78 -21.84
N GLN V 85 -28.22 4.00 -22.22
CA GLN V 85 -28.46 2.79 -21.46
C GLN V 85 -27.33 1.79 -21.70
N HIS V 86 -26.67 1.94 -22.85
CA HIS V 86 -25.55 1.06 -23.18
C HIS V 86 -24.32 1.50 -22.39
N LEU V 87 -24.02 2.79 -22.46
CA LEU V 87 -22.89 3.33 -21.75
C LEU V 87 -23.02 3.10 -20.24
N PHE V 88 -24.23 3.26 -19.74
CA PHE V 88 -24.46 3.09 -18.31
C PHE V 88 -24.18 1.66 -17.88
N LYS V 89 -24.60 0.71 -18.71
CA LYS V 89 -24.42 -0.68 -18.42
C LYS V 89 -22.94 -0.96 -18.16
N TYR V 90 -22.07 -0.38 -18.99
CA TYR V 90 -20.62 -0.60 -18.88
C TYR V 90 -19.91 0.29 -17.88
N GLN V 91 -20.66 0.84 -16.95
CA GLN V 91 -20.11 1.67 -15.89
C GLN V 91 -18.92 2.60 -16.20
N GLY V 92 -18.91 3.19 -17.39
CA GLY V 92 -17.82 4.08 -17.75
C GLY V 92 -16.61 3.43 -18.40
N HIS V 93 -16.58 2.10 -18.44
CA HIS V 93 -15.46 1.41 -19.06
C HIS V 93 -15.40 1.57 -20.56
N ILE V 94 -16.51 1.99 -21.16
CA ILE V 94 -16.54 2.25 -22.59
C ILE V 94 -16.33 3.76 -22.62
N GLY V 95 -15.08 4.19 -22.73
CA GLY V 95 -14.75 5.61 -22.74
C GLY V 95 -15.24 6.47 -23.89
N ALA V 96 -16.57 6.55 -24.06
CA ALA V 96 -17.16 7.34 -25.13
C ALA V 96 -17.85 8.59 -24.61
N TYR V 97 -17.47 9.73 -25.17
CA TYR V 97 -18.08 11.02 -24.81
C TYR V 97 -18.64 11.56 -26.12
N LEU V 98 -19.96 11.66 -26.19
CA LEU V 98 -20.64 12.07 -27.41
C LEU V 98 -21.54 13.30 -27.40
N ILE V 99 -21.53 14.01 -28.53
CA ILE V 99 -22.43 15.14 -28.72
C ILE V 99 -23.30 14.66 -29.87
N VAL V 100 -24.54 14.28 -29.56
CA VAL V 100 -25.48 13.77 -30.55
C VAL V 100 -26.55 14.79 -30.96
N ALA V 101 -26.65 15.03 -32.26
CA ALA V 101 -27.62 15.99 -32.77
C ALA V 101 -28.34 15.42 -33.97
N GLY V 102 -29.38 16.12 -34.41
CA GLY V 102 -30.13 15.68 -35.57
C GLY V 102 -31.53 16.26 -35.66
N VAL V 103 -32.20 15.97 -36.77
CA VAL V 103 -33.56 16.42 -37.00
C VAL V 103 -34.42 15.20 -37.27
N ASP V 104 -35.70 15.28 -36.90
CA ASP V 104 -36.60 14.16 -37.11
C ASP V 104 -38.03 14.69 -37.11
N PRO V 105 -39.03 13.83 -37.34
CA PRO V 105 -40.42 14.29 -37.36
C PRO V 105 -40.85 15.15 -36.17
N THR V 106 -39.96 15.41 -35.21
CA THR V 106 -40.37 16.22 -34.07
C THR V 106 -39.55 17.49 -33.84
N GLY V 107 -38.65 17.81 -34.75
CA GLY V 107 -37.84 19.01 -34.59
C GLY V 107 -36.34 18.78 -34.62
N SER V 108 -35.57 19.76 -34.16
CA SER V 108 -34.11 19.63 -34.12
C SER V 108 -33.67 19.44 -32.67
N HIS V 109 -32.66 18.60 -32.48
CA HIS V 109 -32.20 18.28 -31.14
C HIS V 109 -30.69 18.33 -30.94
N LEU V 110 -30.29 18.61 -29.70
CA LEU V 110 -28.87 18.68 -29.33
C LEU V 110 -28.68 18.10 -27.93
N PHE V 111 -27.90 17.04 -27.83
CA PHE V 111 -27.62 16.39 -26.56
C PHE V 111 -26.14 16.03 -26.41
N SER V 112 -25.75 15.69 -25.19
CA SER V 112 -24.39 15.24 -24.91
C SER V 112 -24.53 14.00 -24.02
N ILE V 113 -23.61 13.05 -24.18
CA ILE V 113 -23.62 11.84 -23.38
C ILE V 113 -22.23 11.57 -22.84
N HIS V 114 -22.13 11.32 -21.54
CA HIS V 114 -20.85 11.03 -20.94
C HIS V 114 -20.66 9.53 -20.80
N ALA V 115 -19.40 9.10 -20.77
CA ALA V 115 -19.07 7.69 -20.66
C ALA V 115 -19.88 6.92 -19.62
N HIS V 116 -20.24 7.57 -18.51
CA HIS V 116 -21.00 6.86 -17.48
C HIS V 116 -22.48 6.73 -17.77
N GLY V 117 -22.96 7.42 -18.80
CA GLY V 117 -24.35 7.31 -19.16
C GLY V 117 -25.25 8.48 -18.85
N SER V 118 -24.70 9.60 -18.43
CA SER V 118 -25.54 10.77 -18.14
C SER V 118 -25.72 11.62 -19.39
N THR V 119 -26.86 12.29 -19.50
CA THR V 119 -27.11 13.14 -20.66
C THR V 119 -27.56 14.55 -20.28
N ASP V 120 -27.21 15.50 -21.14
CA ASP V 120 -27.55 16.92 -20.93
C ASP V 120 -28.18 17.47 -22.20
N VAL V 121 -29.01 18.50 -22.05
CA VAL V 121 -29.64 19.12 -23.20
C VAL V 121 -29.26 20.59 -23.19
N GLY V 122 -29.07 21.17 -24.37
CA GLY V 122 -28.70 22.57 -24.43
C GLY V 122 -28.62 23.12 -25.85
N TYR V 123 -28.44 24.43 -25.98
CA TYR V 123 -28.37 25.05 -27.29
C TYR V 123 -26.96 25.02 -27.85
N TYR V 124 -25.98 24.98 -26.94
CA TYR V 124 -24.58 24.90 -27.34
C TYR V 124 -23.84 24.00 -26.35
N LEU V 125 -23.00 23.12 -26.88
CA LEU V 125 -22.25 22.18 -26.05
C LEU V 125 -20.86 21.89 -26.62
N SER V 126 -19.94 21.47 -25.76
CA SER V 126 -18.60 21.09 -26.21
C SER V 126 -18.05 19.97 -25.33
N LEU V 127 -17.15 19.17 -25.89
CA LEU V 127 -16.54 18.07 -25.15
C LEU V 127 -15.14 17.82 -25.66
N GLY V 128 -14.33 17.13 -24.86
CA GLY V 128 -12.97 16.82 -25.27
C GLY V 128 -11.95 17.64 -24.52
N SER V 129 -10.67 17.42 -24.82
CA SER V 129 -9.63 18.18 -24.15
C SER V 129 -9.74 19.65 -24.53
N GLY V 130 -10.33 19.91 -25.70
CA GLY V 130 -10.50 21.29 -26.16
C GLY V 130 -11.75 21.93 -25.56
N SER V 131 -12.54 21.09 -24.91
CA SER V 131 -13.78 21.50 -24.28
C SER V 131 -13.81 22.93 -23.74
N LEU V 132 -12.84 23.30 -22.92
CA LEU V 132 -12.83 24.64 -22.34
C LEU V 132 -12.48 25.77 -23.28
N ALA V 133 -11.57 25.53 -24.21
CA ALA V 133 -11.18 26.57 -25.17
C ALA V 133 -12.41 26.92 -26.01
N ALA V 134 -13.10 25.88 -26.46
CA ALA V 134 -14.29 26.02 -27.27
C ALA V 134 -15.41 26.70 -26.48
N MET V 135 -15.70 26.18 -25.29
CA MET V 135 -16.75 26.74 -24.47
C MET V 135 -16.48 28.21 -24.19
N ALA V 136 -15.22 28.59 -24.07
CA ALA V 136 -14.92 30.00 -23.80
C ALA V 136 -15.44 30.84 -24.97
N VAL V 137 -15.26 30.32 -26.19
CA VAL V 137 -15.71 31.02 -27.37
C VAL V 137 -17.24 31.01 -27.47
N LEU V 138 -17.86 29.88 -27.16
CA LEU V 138 -19.32 29.78 -27.22
C LEU V 138 -19.97 30.70 -26.21
N GLU V 139 -19.42 30.77 -25.01
CA GLU V 139 -20.00 31.62 -23.96
C GLU V 139 -19.87 33.09 -24.31
N SER V 140 -19.00 33.40 -25.26
CA SER V 140 -18.77 34.78 -25.66
C SER V 140 -19.53 35.22 -26.91
N HIS V 141 -19.83 34.30 -27.82
CA HIS V 141 -20.51 34.68 -29.06
C HIS V 141 -21.86 34.06 -29.33
N TRP V 142 -22.36 33.21 -28.43
CA TRP V 142 -23.65 32.60 -28.69
C TRP V 142 -24.77 33.56 -28.33
N LYS V 143 -25.88 33.40 -29.02
CA LYS V 143 -27.08 34.20 -28.81
C LYS V 143 -28.23 33.38 -29.36
N GLN V 144 -29.42 33.62 -28.83
CA GLN V 144 -30.61 32.90 -29.26
C GLN V 144 -30.98 33.31 -30.69
N ASP V 145 -31.49 32.37 -31.47
CA ASP V 145 -31.91 32.63 -32.84
C ASP V 145 -30.77 32.95 -33.81
N LEU V 146 -29.84 32.02 -33.95
CA LEU V 146 -28.73 32.21 -34.86
C LEU V 146 -29.18 31.74 -36.24
N THR V 147 -28.55 32.25 -37.28
CA THR V 147 -28.90 31.83 -38.63
C THR V 147 -28.02 30.63 -38.94
N LYS V 148 -28.40 29.84 -39.94
CA LYS V 148 -27.60 28.67 -40.30
C LYS V 148 -26.12 29.01 -40.50
N GLU V 149 -25.83 30.19 -41.05
CA GLU V 149 -24.43 30.56 -41.27
C GLU V 149 -23.78 31.13 -40.05
N GLU V 150 -24.59 31.70 -39.15
CA GLU V 150 -24.03 32.25 -37.91
C GLU V 150 -23.60 31.07 -37.06
N ALA V 151 -24.43 30.03 -37.03
CA ALA V 151 -24.12 28.83 -36.27
C ALA V 151 -22.86 28.16 -36.81
N ILE V 152 -22.78 27.95 -38.12
CA ILE V 152 -21.59 27.33 -38.70
C ILE V 152 -20.33 28.12 -38.39
N LYS V 153 -20.47 29.43 -38.23
CA LYS V 153 -19.32 30.28 -37.92
C LYS V 153 -18.92 30.07 -36.46
N LEU V 154 -19.91 30.18 -35.57
CA LEU V 154 -19.69 30.00 -34.14
C LEU V 154 -19.05 28.64 -33.89
N ALA V 155 -19.65 27.60 -34.46
CA ALA V 155 -19.12 26.24 -34.30
C ALA V 155 -17.71 26.15 -34.84
N SER V 156 -17.50 26.64 -36.05
CA SER V 156 -16.17 26.59 -36.65
C SER V 156 -15.14 27.33 -35.78
N ASP V 157 -15.56 28.47 -35.25
CA ASP V 157 -14.70 29.29 -34.39
C ASP V 157 -14.35 28.61 -33.08
N ALA V 158 -15.31 27.86 -32.53
CA ALA V 158 -15.12 27.15 -31.27
C ALA V 158 -14.10 26.02 -31.44
N ILE V 159 -14.18 25.31 -32.56
CA ILE V 159 -13.24 24.23 -32.83
C ILE V 159 -11.86 24.81 -33.02
N GLN V 160 -11.78 25.99 -33.62
CA GLN V 160 -10.49 26.61 -33.84
C GLN V 160 -9.86 26.95 -32.51
N ALA V 161 -10.64 27.53 -31.62
CA ALA V 161 -10.15 27.87 -30.29
C ALA V 161 -9.40 26.65 -29.76
N GLY V 162 -9.98 25.48 -29.97
CA GLY V 162 -9.37 24.24 -29.51
C GLY V 162 -8.13 23.87 -30.30
N ILE V 163 -8.22 23.88 -31.62
CA ILE V 163 -7.07 23.54 -32.45
C ILE V 163 -5.82 24.34 -32.08
N TRP V 164 -6.00 25.62 -31.83
CA TRP V 164 -4.89 26.51 -31.49
C TRP V 164 -4.43 26.44 -30.05
N ASN V 165 -5.38 26.53 -29.11
CA ASN V 165 -5.06 26.52 -27.70
C ASN V 165 -4.88 25.17 -26.96
N ASP V 166 -5.42 24.10 -27.52
CA ASP V 166 -5.27 22.78 -26.91
C ASP V 166 -4.34 21.88 -27.73
N LEU V 167 -3.42 21.23 -27.03
CA LEU V 167 -2.44 20.36 -27.66
C LEU V 167 -3.05 19.04 -28.09
N GLY V 168 -4.16 18.66 -27.43
CA GLY V 168 -4.82 17.42 -27.76
C GLY V 168 -5.61 17.54 -29.04
N SER V 169 -5.83 18.79 -29.47
CA SER V 169 -6.58 19.10 -30.68
C SER V 169 -5.72 19.77 -31.75
N GLY V 170 -6.07 19.55 -33.01
CA GLY V 170 -5.34 20.16 -34.10
C GLY V 170 -5.82 19.81 -35.51
N SER V 171 -5.01 20.17 -36.49
CA SER V 171 -5.27 19.92 -37.90
C SER V 171 -6.47 20.64 -38.55
N ASN V 172 -7.46 19.86 -38.99
CA ASN V 172 -8.62 20.40 -39.68
C ASN V 172 -9.90 20.52 -38.87
N VAL V 173 -10.92 21.09 -39.50
CA VAL V 173 -12.24 21.26 -38.88
C VAL V 173 -13.31 20.59 -39.74
N ASP V 174 -14.08 19.70 -39.13
CA ASP V 174 -15.16 19.01 -39.84
C ASP V 174 -16.49 19.49 -39.31
N VAL V 175 -17.43 19.78 -40.21
CA VAL V 175 -18.74 20.25 -39.80
C VAL V 175 -19.81 19.38 -40.44
N CYS V 176 -20.99 19.39 -39.87
CA CYS V 176 -22.13 18.65 -40.42
C CYS V 176 -23.38 19.41 -40.05
N VAL V 177 -24.10 19.88 -41.07
CA VAL V 177 -25.31 20.67 -40.84
C VAL V 177 -26.58 19.87 -41.09
N MET V 178 -27.47 19.93 -40.10
CA MET V 178 -28.74 19.24 -40.20
C MET V 178 -29.83 20.29 -40.07
N GLU V 179 -30.58 20.49 -41.15
CA GLU V 179 -31.65 21.49 -41.17
C GLU V 179 -33.02 20.82 -41.21
N ILE V 180 -33.94 21.33 -40.41
CA ILE V 180 -35.29 20.78 -40.28
C ILE V 180 -35.92 20.23 -41.55
N GLY V 181 -35.71 20.88 -42.69
CA GLY V 181 -36.35 20.37 -43.88
C GLY V 181 -35.49 19.70 -44.94
N LYS V 182 -34.24 20.14 -45.07
CA LYS V 182 -33.36 19.58 -46.08
C LYS V 182 -32.58 18.34 -45.63
N ASP V 183 -31.63 17.89 -46.45
CA ASP V 183 -30.80 16.74 -46.13
C ASP V 183 -29.66 17.19 -45.23
N ALA V 184 -29.11 16.27 -44.45
CA ALA V 184 -27.99 16.62 -43.58
C ALA V 184 -26.77 16.76 -44.49
N GLU V 185 -26.07 17.89 -44.40
CA GLU V 185 -24.88 18.03 -45.23
C GLU V 185 -23.59 17.97 -44.44
N TYR V 186 -22.85 16.90 -44.71
CA TYR V 186 -21.59 16.61 -44.09
C TYR V 186 -20.50 17.36 -44.83
N LEU V 187 -19.72 18.16 -44.10
CA LEU V 187 -18.65 18.93 -44.70
C LEU V 187 -17.29 18.50 -44.16
N ARG V 188 -16.75 17.44 -44.74
CA ARG V 188 -15.45 16.91 -44.34
C ARG V 188 -14.37 17.92 -44.67
N ASN V 189 -13.56 18.28 -43.68
CA ASN V 189 -12.49 19.24 -43.87
C ASN V 189 -12.99 20.59 -44.38
N TYR V 190 -14.01 21.10 -43.70
CA TYR V 190 -14.59 22.41 -44.02
C TYR V 190 -13.49 23.48 -43.92
N LEU V 191 -12.52 23.23 -43.04
CA LEU V 191 -11.39 24.14 -42.86
C LEU V 191 -10.10 23.33 -42.78
N THR V 192 -9.04 23.86 -43.35
CA THR V 192 -7.75 23.18 -43.31
C THR V 192 -6.65 24.22 -43.09
N PRO V 193 -6.70 24.93 -41.95
CA PRO V 193 -5.75 25.98 -41.56
C PRO V 193 -4.37 25.48 -41.13
N ASN V 194 -4.08 24.21 -41.32
CA ASN V 194 -2.79 23.65 -40.93
C ASN V 194 -2.12 22.80 -41.99
N VAL V 195 -1.74 23.42 -43.11
CA VAL V 195 -1.08 22.67 -44.18
C VAL V 195 0.43 22.80 -44.00
N ARG V 196 1.16 21.71 -44.24
CA ARG V 196 2.61 21.67 -44.06
C ARG V 196 3.38 22.48 -45.09
N GLU V 197 4.26 23.38 -44.63
CA GLU V 197 5.06 24.18 -45.55
C GLU V 197 5.97 23.23 -46.32
N GLU V 198 6.23 23.53 -47.59
CA GLU V 198 7.08 22.66 -48.39
C GLU V 198 8.37 22.35 -47.66
N LYS V 199 8.80 21.09 -47.71
CA LYS V 199 10.04 20.70 -47.05
C LYS V 199 11.15 21.59 -47.59
N GLN V 200 12.26 21.61 -46.88
CA GLN V 200 13.42 22.43 -47.22
C GLN V 200 14.35 21.68 -48.19
N LYS V 201 13.98 20.46 -48.55
CA LYS V 201 14.84 19.65 -49.40
C LYS V 201 14.17 18.32 -49.71
N SER V 202 14.65 17.60 -50.72
CA SER V 202 14.07 16.30 -51.06
C SER V 202 15.04 15.22 -50.60
N TYR V 203 14.51 14.21 -49.92
CA TYR V 203 15.35 13.14 -49.39
C TYR V 203 15.33 11.88 -50.23
N LYS V 204 14.95 12.05 -51.49
CA LYS V 204 14.91 10.95 -52.44
C LYS V 204 16.32 10.41 -52.47
N PHE V 205 16.47 9.09 -52.38
CA PHE V 205 17.78 8.47 -52.36
C PHE V 205 18.27 7.95 -53.71
N PRO V 206 19.59 8.03 -53.96
CA PRO V 206 20.09 7.52 -55.24
C PRO V 206 19.89 6.01 -55.18
N ARG V 207 19.19 5.44 -56.17
CA ARG V 207 18.93 4.02 -56.17
C ARG V 207 20.19 3.21 -55.91
N GLY V 208 20.06 2.17 -55.09
CA GLY V 208 21.20 1.34 -54.76
C GLY V 208 21.82 1.70 -53.43
N THR V 209 21.31 2.75 -52.78
CA THR V 209 21.83 3.19 -51.47
C THR V 209 21.67 2.11 -50.40
N THR V 210 20.56 1.38 -50.48
CA THR V 210 20.26 0.33 -49.52
C THR V 210 20.86 -1.03 -49.90
N ALA V 211 21.65 -1.59 -49.00
CA ALA V 211 22.28 -2.88 -49.26
C ALA V 211 21.28 -4.03 -49.14
N VAL V 212 21.14 -4.81 -50.21
CA VAL V 212 20.22 -5.95 -50.21
C VAL V 212 20.99 -7.27 -50.09
N LEU V 213 20.43 -8.22 -49.35
CA LEU V 213 21.09 -9.51 -49.15
C LEU V 213 20.51 -10.62 -50.01
N LYS V 214 19.19 -10.59 -50.21
CA LYS V 214 18.52 -11.61 -50.99
C LYS V 214 17.24 -11.02 -51.57
N GLU V 215 16.72 -11.65 -52.62
CA GLU V 215 15.52 -11.13 -53.26
C GLU V 215 14.68 -12.27 -53.82
N SER V 216 13.42 -11.99 -54.12
CA SER V 216 12.53 -13.01 -54.67
C SER V 216 11.14 -12.51 -55.02
N ILE V 217 10.45 -13.26 -55.88
CA ILE V 217 9.10 -12.94 -56.31
C ILE V 217 8.12 -13.56 -55.32
N VAL V 218 7.04 -12.83 -55.02
CA VAL V 218 6.03 -13.32 -54.10
C VAL V 218 4.82 -13.87 -54.86
N ASN V 219 4.35 -15.03 -54.40
CA ASN V 219 3.20 -15.69 -54.99
C ASN V 219 1.87 -15.17 -54.42
N ILE V 220 1.04 -14.58 -55.28
CA ILE V 220 -0.25 -14.07 -54.86
C ILE V 220 -1.41 -14.91 -55.39
N CYS V 221 -1.32 -15.34 -56.65
CA CYS V 221 -2.35 -16.17 -57.28
C CYS V 221 -2.33 -17.61 -56.76
N ASP V 222 -3.49 -18.24 -56.74
CA ASP V 222 -3.63 -19.62 -56.27
C ASP V 222 -3.61 -20.65 -57.40
N SER W 1 6.60 -6.72 -18.24
CA SER W 1 5.71 -5.61 -17.77
C SER W 1 4.69 -5.24 -18.85
N ASP W 2 5.15 -4.46 -19.82
CA ASP W 2 4.32 -4.03 -20.93
C ASP W 2 4.41 -5.13 -22.00
N PRO W 3 3.32 -5.89 -22.21
CA PRO W 3 3.27 -6.97 -23.19
C PRO W 3 3.78 -6.56 -24.57
N SER W 4 3.77 -5.27 -24.82
CA SER W 4 4.19 -4.72 -26.11
C SER W 4 5.70 -4.43 -26.16
N SER W 5 6.42 -4.73 -25.10
CA SER W 5 7.85 -4.47 -25.05
C SER W 5 8.63 -5.69 -24.61
N ILE W 6 8.00 -6.85 -24.63
CA ILE W 6 8.65 -8.09 -24.22
C ILE W 6 9.45 -8.62 -25.40
N ASN W 7 8.77 -8.74 -26.54
CA ASN W 7 9.34 -9.28 -27.77
C ASN W 7 10.01 -8.27 -28.71
N GLY W 8 9.46 -7.05 -28.78
CA GLY W 8 10.02 -6.03 -29.64
C GLY W 8 9.68 -6.22 -31.11
N GLY W 9 10.06 -5.26 -31.94
CA GLY W 9 9.77 -5.38 -33.36
C GLY W 9 9.09 -4.16 -33.94
N ILE W 10 9.25 -3.95 -35.24
CA ILE W 10 8.63 -2.82 -35.93
C ILE W 10 8.12 -3.21 -37.31
N VAL W 11 7.20 -2.39 -37.81
CA VAL W 11 6.59 -2.58 -39.11
C VAL W 11 6.24 -1.20 -39.63
N VAL W 12 6.35 -1.01 -40.94
CA VAL W 12 6.03 0.26 -41.55
C VAL W 12 5.55 0.00 -42.97
N ALA W 13 4.53 0.75 -43.38
CA ALA W 13 3.96 0.63 -44.71
C ALA W 13 3.92 2.02 -45.34
N MET W 14 4.19 2.07 -46.64
CA MET W 14 4.21 3.32 -47.40
C MET W 14 3.53 3.18 -48.75
N THR W 15 2.93 4.27 -49.22
CA THR W 15 2.25 4.27 -50.52
C THR W 15 3.07 5.07 -51.55
N GLY W 16 3.17 4.51 -52.75
CA GLY W 16 3.89 5.16 -53.83
C GLY W 16 3.00 5.41 -55.04
N LYS W 17 3.58 5.37 -56.23
CA LYS W 17 2.81 5.59 -57.44
C LYS W 17 2.32 4.25 -57.95
N ASP W 18 1.04 3.97 -57.75
CA ASP W 18 0.45 2.71 -58.19
C ASP W 18 1.13 1.52 -57.52
N CYS W 19 1.60 1.73 -56.29
CA CYS W 19 2.27 0.68 -55.51
C CYS W 19 2.23 0.98 -54.01
N VAL W 20 2.51 -0.04 -53.20
CA VAL W 20 2.54 0.09 -51.74
C VAL W 20 3.66 -0.80 -51.24
N ALA W 21 4.29 -0.40 -50.14
CA ALA W 21 5.37 -1.17 -49.58
C ALA W 21 5.13 -1.40 -48.09
N ILE W 22 5.55 -2.55 -47.60
CA ILE W 22 5.39 -2.84 -46.19
C ILE W 22 6.65 -3.58 -45.76
N ALA W 23 7.30 -3.07 -44.72
CA ALA W 23 8.54 -3.69 -44.23
C ALA W 23 8.49 -3.93 -42.74
N CYS W 24 9.34 -4.83 -42.25
CA CYS W 24 9.39 -5.16 -40.84
C CYS W 24 10.77 -5.70 -40.47
N ASP W 25 11.13 -5.64 -39.18
CA ASP W 25 12.41 -6.19 -38.75
C ASP W 25 12.21 -7.69 -38.55
N LEU W 26 13.26 -8.41 -38.20
CA LEU W 26 13.13 -9.85 -38.01
C LEU W 26 13.42 -10.30 -36.60
N ARG W 27 13.55 -9.36 -35.67
CA ARG W 27 13.85 -9.71 -34.30
C ARG W 27 12.67 -10.18 -33.46
N LEU W 28 12.96 -11.12 -32.56
CA LEU W 28 12.01 -11.67 -31.62
C LEU W 28 12.88 -11.93 -30.39
N GLY W 29 12.67 -11.15 -29.35
CA GLY W 29 13.48 -11.35 -28.17
C GLY W 29 12.63 -11.59 -26.96
N SER W 30 13.30 -11.70 -25.82
CA SER W 30 12.66 -11.89 -24.53
C SER W 30 13.42 -10.87 -23.69
N GLN W 31 12.92 -9.64 -23.69
CA GLN W 31 13.55 -8.55 -22.96
C GLN W 31 14.89 -8.28 -23.62
N SER W 32 15.96 -8.27 -22.85
CA SER W 32 17.28 -8.00 -23.43
C SER W 32 17.85 -9.13 -24.28
N LEU W 33 17.44 -10.36 -24.01
CA LEU W 33 17.93 -11.52 -24.75
C LEU W 33 17.34 -11.68 -26.16
N GLY W 34 18.21 -11.78 -27.15
CA GLY W 34 17.71 -11.99 -28.50
C GLY W 34 17.43 -13.49 -28.65
N VAL W 35 16.28 -13.85 -29.22
CA VAL W 35 15.98 -15.27 -29.37
C VAL W 35 15.92 -15.76 -30.82
N SER W 36 15.43 -14.91 -31.71
CA SER W 36 15.34 -15.29 -33.11
C SER W 36 15.51 -14.10 -34.04
N ASN W 37 16.21 -14.35 -35.14
CA ASN W 37 16.48 -13.33 -36.16
C ASN W 37 15.73 -13.71 -37.44
N LYS W 38 14.72 -14.56 -37.29
CA LYS W 38 13.91 -15.03 -38.40
C LYS W 38 12.41 -14.86 -38.16
N PHE W 39 12.06 -14.04 -37.17
CA PHE W 39 10.67 -13.82 -36.85
C PHE W 39 10.10 -12.73 -37.76
N GLU W 40 9.47 -13.15 -38.84
CA GLU W 40 8.89 -12.19 -39.77
C GLU W 40 7.52 -11.76 -39.25
N LYS W 41 7.17 -10.53 -39.52
CA LYS W 41 5.91 -9.98 -39.03
C LYS W 41 4.94 -9.56 -40.12
N ILE W 42 5.24 -9.92 -41.37
CA ILE W 42 4.35 -9.58 -42.48
C ILE W 42 3.73 -10.86 -43.03
N PHE W 43 2.41 -10.85 -43.21
CA PHE W 43 1.69 -12.01 -43.74
C PHE W 43 0.76 -11.53 -44.83
N HIS W 44 0.26 -12.46 -45.62
CA HIS W 44 -0.66 -12.09 -46.67
C HIS W 44 -1.71 -13.16 -46.86
N TYR W 45 -2.92 -12.70 -47.18
CA TYR W 45 -4.04 -13.57 -47.44
C TYR W 45 -4.46 -13.08 -48.81
N GLY W 46 -4.11 -13.84 -49.84
CA GLY W 46 -4.43 -13.40 -51.18
C GLY W 46 -3.48 -12.26 -51.49
N HIS W 47 -4.00 -11.15 -51.99
CA HIS W 47 -3.17 -10.00 -52.32
C HIS W 47 -3.13 -8.95 -51.23
N VAL W 48 -3.77 -9.23 -50.10
CA VAL W 48 -3.79 -8.27 -49.00
C VAL W 48 -2.69 -8.62 -48.01
N PHE W 49 -1.90 -7.61 -47.64
CA PHE W 49 -0.81 -7.82 -46.70
C PHE W 49 -1.08 -7.23 -45.33
N LEU W 50 -0.70 -7.99 -44.30
CA LEU W 50 -0.90 -7.59 -42.92
C LEU W 50 0.37 -7.76 -42.08
N GLY W 51 0.77 -6.69 -41.40
CA GLY W 51 1.94 -6.74 -40.53
C GLY W 51 1.47 -6.63 -39.09
N ILE W 52 2.04 -7.42 -38.18
CA ILE W 52 1.62 -7.37 -36.78
C ILE W 52 2.79 -7.21 -35.81
N THR W 53 2.84 -6.10 -35.08
CA THR W 53 3.89 -5.92 -34.07
C THR W 53 3.25 -6.08 -32.71
N GLY W 54 4.04 -6.41 -31.69
CA GLY W 54 3.47 -6.56 -30.36
C GLY W 54 3.91 -7.84 -29.70
N LEU W 55 3.02 -8.45 -28.93
CA LEU W 55 3.33 -9.70 -28.24
C LEU W 55 3.35 -10.83 -29.28
N ALA W 56 4.52 -11.44 -29.45
CA ALA W 56 4.70 -12.51 -30.44
C ALA W 56 3.59 -13.55 -30.48
N THR W 57 3.24 -14.11 -29.32
CA THR W 57 2.19 -15.13 -29.28
C THR W 57 0.89 -14.65 -29.89
N ASP W 58 0.57 -13.37 -29.71
CA ASP W 58 -0.66 -12.81 -30.30
C ASP W 58 -0.45 -12.53 -31.77
N VAL W 59 0.77 -12.13 -32.14
CA VAL W 59 1.08 -11.87 -33.54
C VAL W 59 0.81 -13.18 -34.30
N THR W 60 1.28 -14.28 -33.72
CA THR W 60 1.10 -15.60 -34.31
C THR W 60 -0.37 -16.01 -34.29
N THR W 61 -1.04 -15.75 -33.18
CA THR W 61 -2.44 -16.11 -33.06
C THR W 61 -3.31 -15.35 -34.05
N LEU W 62 -3.08 -14.05 -34.19
CA LEU W 62 -3.87 -13.25 -35.12
C LEU W 62 -3.64 -13.68 -36.56
N ASN W 63 -2.42 -14.09 -36.87
CA ASN W 63 -2.15 -14.53 -38.22
C ASN W 63 -2.97 -15.78 -38.51
N GLU W 64 -2.91 -16.75 -37.60
CA GLU W 64 -3.67 -17.97 -37.75
C GLU W 64 -5.16 -17.67 -37.83
N MET W 65 -5.62 -16.67 -37.08
CA MET W 65 -7.03 -16.31 -37.09
C MET W 65 -7.46 -15.73 -38.43
N PHE W 66 -6.75 -14.71 -38.90
CA PHE W 66 -7.12 -14.09 -40.16
C PHE W 66 -6.97 -15.05 -41.34
N ARG W 67 -6.03 -15.99 -41.25
CA ARG W 67 -5.89 -16.95 -42.33
C ARG W 67 -7.23 -17.71 -42.35
N TYR W 68 -7.62 -18.21 -41.19
CA TYR W 68 -8.88 -18.94 -40.98
C TYR W 68 -10.10 -18.17 -41.53
N LYS W 69 -10.24 -16.90 -41.15
CA LYS W 69 -11.37 -16.09 -41.61
C LYS W 69 -11.37 -15.77 -43.09
N THR W 70 -10.22 -15.37 -43.64
CA THR W 70 -10.16 -15.03 -45.05
C THR W 70 -10.35 -16.30 -45.90
N ASN W 71 -10.03 -17.46 -45.34
CA ASN W 71 -10.21 -18.70 -46.06
C ASN W 71 -11.70 -18.98 -46.24
N LEU W 72 -12.46 -18.83 -45.16
CA LEU W 72 -13.89 -19.05 -45.24
C LEU W 72 -14.55 -17.93 -46.02
N TYR W 73 -14.00 -16.74 -45.93
CA TYR W 73 -14.57 -15.60 -46.66
C TYR W 73 -14.51 -15.90 -48.15
N LYS W 74 -13.41 -16.47 -48.59
CA LYS W 74 -13.22 -16.79 -50.00
C LYS W 74 -14.17 -17.91 -50.47
N LEU W 75 -14.41 -18.90 -49.60
CA LEU W 75 -15.29 -20.00 -49.95
C LEU W 75 -16.75 -19.58 -50.13
N LYS W 76 -17.19 -18.57 -49.39
CA LYS W 76 -18.57 -18.10 -49.47
C LYS W 76 -18.76 -17.03 -50.55
N GLU W 77 -17.88 -16.06 -50.55
CA GLU W 77 -17.94 -14.94 -51.50
C GLU W 77 -17.40 -15.30 -52.88
N GLU W 78 -16.57 -16.34 -52.94
CA GLU W 78 -15.94 -16.79 -54.18
C GLU W 78 -15.12 -15.67 -54.82
N ARG W 79 -14.36 -14.97 -53.99
CA ARG W 79 -13.51 -13.90 -54.44
C ARG W 79 -12.59 -13.59 -53.26
N ALA W 80 -11.40 -13.09 -53.54
CA ALA W 80 -10.47 -12.77 -52.47
C ALA W 80 -10.86 -11.45 -51.81
N ILE W 81 -10.70 -11.39 -50.50
CA ILE W 81 -11.06 -10.20 -49.76
C ILE W 81 -10.17 -9.03 -50.18
N GLU W 82 -10.74 -7.81 -50.17
CA GLU W 82 -10.01 -6.61 -50.54
C GLU W 82 -9.40 -5.91 -49.33
N PRO W 83 -8.42 -5.01 -49.55
CA PRO W 83 -7.77 -4.28 -48.46
C PRO W 83 -8.74 -3.57 -47.53
N GLU W 84 -9.61 -2.75 -48.12
CA GLU W 84 -10.58 -2.01 -47.32
C GLU W 84 -11.49 -2.92 -46.52
N THR W 85 -11.92 -4.03 -47.11
CA THR W 85 -12.80 -4.95 -46.42
C THR W 85 -12.05 -5.65 -45.30
N PHE W 86 -10.85 -6.12 -45.61
CA PHE W 86 -10.03 -6.82 -44.62
C PHE W 86 -9.79 -5.91 -43.43
N THR W 87 -9.52 -4.65 -43.71
CA THR W 87 -9.29 -3.66 -42.67
C THR W 87 -10.46 -3.65 -41.70
N GLN W 88 -11.67 -3.75 -42.23
CA GLN W 88 -12.85 -3.76 -41.40
C GLN W 88 -12.92 -5.03 -40.59
N LEU W 89 -12.53 -6.14 -41.20
CA LEU W 89 -12.54 -7.42 -40.49
C LEU W 89 -11.56 -7.35 -39.32
N VAL W 90 -10.37 -6.81 -39.57
CA VAL W 90 -9.37 -6.69 -38.53
C VAL W 90 -9.93 -5.86 -37.37
N SER W 91 -10.50 -4.71 -37.71
CA SER W 91 -11.06 -3.82 -36.71
C SER W 91 -12.13 -4.48 -35.84
N SER W 92 -13.14 -5.08 -36.47
CA SER W 92 -14.20 -5.70 -35.70
C SER W 92 -13.69 -6.88 -34.90
N SER W 93 -12.69 -7.58 -35.44
CA SER W 93 -12.13 -8.73 -34.75
C SER W 93 -11.37 -8.29 -33.50
N LEU W 94 -10.64 -7.20 -33.59
CA LEU W 94 -9.90 -6.70 -32.44
C LEU W 94 -10.82 -6.18 -31.33
N TYR W 95 -11.88 -5.45 -31.72
CA TYR W 95 -12.81 -4.89 -30.73
C TYR W 95 -13.63 -5.95 -30.01
N GLU W 96 -13.74 -7.11 -30.61
CA GLU W 96 -14.48 -8.19 -30.02
C GLU W 96 -13.83 -8.63 -28.71
N ARG W 97 -12.57 -8.22 -28.54
CA ARG W 97 -11.79 -8.54 -27.35
C ARG W 97 -11.50 -7.23 -26.64
N ARG W 98 -12.43 -6.28 -26.70
CA ARG W 98 -12.25 -4.98 -26.08
C ARG W 98 -11.75 -5.00 -24.64
N PHE W 99 -12.23 -5.95 -23.84
CA PHE W 99 -11.82 -5.99 -22.44
C PHE W 99 -10.77 -7.04 -22.09
N GLY W 100 -10.16 -7.60 -23.13
CA GLY W 100 -9.11 -8.61 -22.98
C GLY W 100 -8.43 -8.63 -24.33
N PRO W 101 -7.90 -7.48 -24.75
CA PRO W 101 -7.23 -7.30 -26.04
C PRO W 101 -5.97 -8.08 -26.32
N TYR W 102 -5.72 -8.26 -27.63
CA TYR W 102 -4.53 -8.91 -28.12
C TYR W 102 -3.58 -7.72 -28.09
N PHE W 103 -2.39 -7.88 -27.53
CA PHE W 103 -1.45 -6.78 -27.46
C PHE W 103 -0.65 -6.68 -28.76
N VAL W 104 -1.29 -6.14 -29.78
CA VAL W 104 -0.67 -6.02 -31.09
C VAL W 104 -0.95 -4.68 -31.74
N GLY W 105 -0.20 -4.40 -32.80
CA GLY W 105 -0.38 -3.17 -33.54
C GLY W 105 -0.38 -3.53 -35.01
N PRO W 106 -1.54 -3.89 -35.57
CA PRO W 106 -1.66 -4.28 -36.98
C PRO W 106 -1.47 -3.18 -38.02
N VAL W 107 -1.02 -3.59 -39.20
CA VAL W 107 -0.82 -2.70 -40.34
C VAL W 107 -1.28 -3.44 -41.62
N VAL W 108 -2.16 -2.79 -42.38
CA VAL W 108 -2.67 -3.40 -43.60
C VAL W 108 -2.15 -2.67 -44.83
N ALA W 109 -1.70 -3.45 -45.82
CA ALA W 109 -1.17 -2.91 -47.07
C ALA W 109 -1.60 -3.77 -48.26
N GLY W 110 -2.06 -3.10 -49.33
CA GLY W 110 -2.47 -3.83 -50.51
C GLY W 110 -3.02 -2.89 -51.56
N ILE W 111 -3.33 -3.43 -52.74
CA ILE W 111 -3.91 -2.65 -53.82
C ILE W 111 -5.24 -3.25 -54.21
N ASN W 112 -6.27 -2.42 -54.24
CA ASN W 112 -7.60 -2.90 -54.59
C ASN W 112 -7.59 -3.49 -55.99
N SER W 113 -7.63 -4.81 -56.08
CA SER W 113 -7.61 -5.50 -57.37
C SER W 113 -8.65 -5.03 -58.38
N LYS W 114 -9.68 -4.33 -57.94
CA LYS W 114 -10.71 -3.87 -58.86
C LYS W 114 -10.54 -2.41 -59.26
N SER W 115 -9.96 -1.60 -58.38
CA SER W 115 -9.76 -0.18 -58.67
C SER W 115 -8.27 0.17 -58.79
N GLY W 116 -7.41 -0.83 -58.61
CA GLY W 116 -5.97 -0.62 -58.72
C GLY W 116 -5.37 0.42 -57.78
N LYS W 117 -6.21 1.04 -56.96
CA LYS W 117 -5.81 2.07 -56.01
C LYS W 117 -5.05 1.48 -54.81
N PRO W 118 -3.92 2.11 -54.41
CA PRO W 118 -3.10 1.64 -53.28
C PRO W 118 -3.82 1.87 -51.95
N PHE W 119 -3.54 1.02 -50.97
CA PHE W 119 -4.19 1.12 -49.67
C PHE W 119 -3.37 0.67 -48.47
N ILE W 120 -3.36 1.49 -47.43
CA ILE W 120 -2.65 1.17 -46.20
C ILE W 120 -3.48 1.65 -45.03
N ALA W 121 -3.40 0.91 -43.93
CA ALA W 121 -4.14 1.26 -42.71
C ALA W 121 -3.46 0.70 -41.46
N GLY W 122 -3.72 1.35 -40.33
CA GLY W 122 -3.16 0.91 -39.07
C GLY W 122 -4.23 0.96 -38.00
N PHE W 123 -4.08 0.18 -36.93
CA PHE W 123 -5.07 0.17 -35.86
C PHE W 123 -4.36 0.04 -34.53
N ASP W 124 -5.04 0.44 -33.45
CA ASP W 124 -4.47 0.28 -32.11
C ASP W 124 -4.92 -1.12 -31.61
N LEU W 125 -4.47 -1.54 -30.44
CA LEU W 125 -4.82 -2.87 -29.94
C LEU W 125 -6.31 -3.21 -29.84
N ILE W 126 -7.18 -2.20 -29.80
CA ILE W 126 -8.60 -2.48 -29.74
C ILE W 126 -9.37 -2.18 -31.03
N GLY W 127 -8.67 -2.15 -32.15
CA GLY W 127 -9.32 -1.94 -33.44
C GLY W 127 -9.58 -0.56 -34.02
N CYS W 128 -9.17 0.50 -33.34
CA CYS W 128 -9.40 1.83 -33.89
C CYS W 128 -8.63 1.97 -35.18
N ILE W 129 -9.36 2.13 -36.29
CA ILE W 129 -8.72 2.27 -37.59
C ILE W 129 -8.09 3.65 -37.76
N ASP W 130 -6.85 3.60 -38.22
CA ASP W 130 -6.04 4.78 -38.45
C ASP W 130 -5.75 4.79 -39.96
N GLU W 131 -6.46 5.66 -40.69
CA GLU W 131 -6.28 5.70 -42.14
C GLU W 131 -5.41 6.84 -42.63
N ALA W 132 -4.45 6.49 -43.47
CA ALA W 132 -3.51 7.46 -44.03
C ALA W 132 -3.25 7.16 -45.49
N LYS W 133 -2.92 8.20 -46.24
CA LYS W 133 -2.63 8.05 -47.65
C LYS W 133 -1.12 7.99 -47.91
N ASP W 134 -0.33 8.31 -46.90
CA ASP W 134 1.13 8.29 -47.02
C ASP W 134 1.86 7.11 -46.35
N PHE W 135 1.87 7.05 -45.03
CA PHE W 135 2.55 5.96 -44.32
C PHE W 135 1.92 5.60 -42.98
N ILE W 136 2.24 4.41 -42.50
CA ILE W 136 1.74 3.88 -41.23
C ILE W 136 2.90 3.23 -40.50
N VAL W 137 2.98 3.43 -39.18
CA VAL W 137 4.06 2.85 -38.38
C VAL W 137 3.55 2.02 -37.20
N SER W 138 4.39 1.13 -36.69
CA SER W 138 4.00 0.29 -35.57
C SER W 138 5.18 -0.45 -34.93
N GLY W 139 5.11 -0.66 -33.63
CA GLY W 139 6.19 -1.37 -32.97
C GLY W 139 6.90 -0.56 -31.91
N THR W 140 7.88 -1.19 -31.27
CA THR W 140 8.64 -0.56 -30.21
C THR W 140 9.44 0.66 -30.64
N ALA W 141 9.64 0.83 -31.93
CA ALA W 141 10.38 1.99 -32.42
C ALA W 141 9.49 2.87 -33.29
N SER W 142 8.22 2.96 -32.91
CA SER W 142 7.24 3.75 -33.67
C SER W 142 7.52 5.25 -33.70
N ASP W 143 8.19 5.77 -32.68
CA ASP W 143 8.51 7.20 -32.63
C ASP W 143 9.60 7.50 -33.65
N GLN W 144 10.61 6.64 -33.69
CA GLN W 144 11.70 6.80 -34.62
C GLN W 144 11.14 6.64 -36.04
N LEU W 145 10.28 5.64 -36.25
CA LEU W 145 9.70 5.42 -37.57
C LEU W 145 8.92 6.65 -38.02
N PHE W 146 8.20 7.27 -37.08
CA PHE W 146 7.44 8.47 -37.40
C PHE W 146 8.44 9.56 -37.75
N GLY W 147 9.54 9.59 -37.01
CA GLY W 147 10.56 10.57 -37.26
C GLY W 147 11.05 10.47 -38.68
N MET W 148 11.49 9.27 -39.07
CA MET W 148 12.00 9.03 -40.42
C MET W 148 10.94 9.36 -41.46
N CYS W 149 9.85 8.59 -41.46
CA CYS W 149 8.77 8.78 -42.40
C CYS W 149 8.42 10.24 -42.61
N GLU W 150 8.09 10.92 -41.53
CA GLU W 150 7.70 12.32 -41.61
C GLU W 150 8.69 13.18 -42.42
N SER W 151 9.98 12.85 -42.37
CA SER W 151 10.98 13.62 -43.10
C SER W 151 11.25 13.07 -44.50
N LEU W 152 11.71 11.82 -44.54
CA LEU W 152 12.05 11.15 -45.79
C LEU W 152 10.96 11.01 -46.85
N TYR W 153 9.72 10.87 -46.43
CA TYR W 153 8.63 10.68 -47.36
C TYR W 153 8.20 11.85 -48.24
N GLU W 154 7.82 11.51 -49.47
CA GLU W 154 7.31 12.43 -50.48
C GLU W 154 6.41 11.58 -51.40
N PRO W 155 5.27 12.13 -51.84
CA PRO W 155 4.29 11.49 -52.70
C PRO W 155 4.74 10.84 -54.01
N ASN W 156 3.87 9.99 -54.54
CA ASN W 156 4.06 9.26 -55.79
C ASN W 156 5.46 8.77 -56.13
N LEU W 157 6.16 8.19 -55.17
CA LEU W 157 7.49 7.66 -55.46
C LEU W 157 7.34 6.40 -56.31
N GLU W 158 8.35 6.11 -57.12
CA GLU W 158 8.30 4.93 -57.98
C GLU W 158 8.80 3.72 -57.22
N PRO W 159 8.28 2.53 -57.54
CA PRO W 159 8.68 1.29 -56.88
C PRO W 159 10.14 1.20 -56.45
N GLU W 160 11.07 1.46 -57.37
CA GLU W 160 12.51 1.39 -57.08
C GLU W 160 12.97 2.48 -56.12
N ASP W 161 12.20 3.55 -56.04
CA ASP W 161 12.52 4.66 -55.16
C ASP W 161 11.83 4.45 -53.80
N LEU W 162 10.53 4.15 -53.84
CA LEU W 162 9.79 3.90 -52.61
C LEU W 162 10.53 2.90 -51.76
N PHE W 163 11.10 1.90 -52.43
CA PHE W 163 11.88 0.86 -51.75
C PHE W 163 13.02 1.49 -50.94
N GLU W 164 13.77 2.38 -51.57
CA GLU W 164 14.89 3.06 -50.92
C GLU W 164 14.39 3.81 -49.70
N THR W 165 13.31 4.55 -49.88
CA THR W 165 12.73 5.34 -48.81
C THR W 165 12.30 4.47 -47.65
N ILE W 166 11.38 3.55 -47.90
CA ILE W 166 10.88 2.64 -46.87
C ILE W 166 12.06 1.97 -46.15
N SER W 167 13.02 1.44 -46.91
CA SER W 167 14.18 0.76 -46.33
C SER W 167 15.02 1.61 -45.39
N GLN W 168 15.23 2.87 -45.77
CA GLN W 168 16.02 3.77 -44.94
C GLN W 168 15.24 4.18 -43.70
N ALA W 169 13.93 4.30 -43.84
CA ALA W 169 13.08 4.66 -42.72
C ALA W 169 13.16 3.54 -41.69
N LEU W 170 12.93 2.30 -42.14
CA LEU W 170 12.99 1.14 -41.25
C LEU W 170 14.35 0.97 -40.60
N LEU W 171 15.38 0.89 -41.45
CA LEU W 171 16.76 0.70 -40.98
C LEU W 171 17.26 1.65 -39.90
N ASN W 172 17.05 2.93 -40.09
CA ASN W 172 17.54 3.91 -39.13
C ASN W 172 16.76 4.01 -37.83
N ALA W 173 15.52 3.56 -37.83
CA ALA W 173 14.71 3.58 -36.64
C ALA W 173 15.12 2.36 -35.82
N ALA W 174 15.21 1.22 -36.49
CA ALA W 174 15.59 -0.03 -35.83
C ALA W 174 16.93 0.08 -35.11
N ASP W 175 17.76 1.01 -35.58
CA ASP W 175 19.08 1.17 -34.99
C ASP W 175 19.10 2.02 -33.74
N ARG W 176 18.02 2.76 -33.53
CA ARG W 176 17.86 3.60 -32.34
C ARG W 176 16.97 2.88 -31.31
N ASP W 177 16.56 1.65 -31.65
CA ASP W 177 15.72 0.84 -30.77
C ASP W 177 16.46 -0.45 -30.41
N ALA W 178 16.65 -0.66 -29.11
CA ALA W 178 17.33 -1.84 -28.60
C ALA W 178 16.56 -3.11 -28.86
N LEU W 179 15.23 -3.01 -28.91
CA LEU W 179 14.37 -4.15 -29.11
C LEU W 179 14.04 -4.49 -30.55
N SER W 180 14.62 -3.75 -31.50
CA SER W 180 14.38 -4.01 -32.91
C SER W 180 15.68 -4.20 -33.69
N GLY W 181 15.55 -4.82 -34.86
CA GLY W 181 16.72 -5.05 -35.69
C GLY W 181 16.93 -6.52 -35.99
N TRP W 182 18.19 -6.94 -36.00
CA TRP W 182 18.52 -8.33 -36.26
C TRP W 182 18.03 -8.84 -37.61
N GLY W 183 17.91 -7.92 -38.57
CA GLY W 183 17.45 -8.30 -39.89
C GLY W 183 16.20 -7.55 -40.25
N ALA W 184 15.94 -7.43 -41.55
CA ALA W 184 14.75 -6.72 -42.01
C ALA W 184 14.33 -7.32 -43.35
N VAL W 185 13.11 -7.02 -43.76
CA VAL W 185 12.59 -7.54 -45.02
C VAL W 185 11.57 -6.52 -45.53
N VAL W 186 11.69 -6.16 -46.81
CA VAL W 186 10.78 -5.20 -47.41
C VAL W 186 9.97 -5.86 -48.51
N TYR W 187 8.72 -5.41 -48.66
CA TYR W 187 7.80 -5.92 -49.67
C TYR W 187 7.39 -4.80 -50.60
N ILE W 188 7.64 -4.94 -51.90
CA ILE W 188 7.22 -3.92 -52.87
C ILE W 188 6.03 -4.52 -53.62
N ILE W 189 4.86 -3.92 -53.43
CA ILE W 189 3.64 -4.41 -54.04
C ILE W 189 3.11 -3.56 -55.18
N LYS W 190 2.74 -4.25 -56.25
CA LYS W 190 2.20 -3.63 -57.45
C LYS W 190 0.96 -4.43 -57.88
N LYS W 191 0.10 -3.80 -58.67
CA LYS W 191 -1.15 -4.40 -59.18
C LYS W 191 -1.05 -5.83 -59.71
N ASP W 192 0.17 -6.34 -59.85
CA ASP W 192 0.38 -7.68 -60.40
C ASP W 192 1.48 -8.50 -59.73
N GLU W 193 2.64 -7.89 -59.50
CA GLU W 193 3.75 -8.59 -58.87
C GLU W 193 4.17 -7.99 -57.53
N VAL W 194 4.80 -8.84 -56.72
CA VAL W 194 5.28 -8.45 -55.40
C VAL W 194 6.72 -8.96 -55.23
N VAL W 195 7.62 -8.04 -54.89
CA VAL W 195 9.03 -8.39 -54.69
C VAL W 195 9.36 -8.38 -53.20
N LYS W 196 10.18 -9.34 -52.77
CA LYS W 196 10.55 -9.43 -51.37
C LYS W 196 12.07 -9.38 -51.22
N ARG W 197 12.58 -8.30 -50.62
CA ARG W 197 14.00 -8.14 -50.44
C ARG W 197 14.41 -8.14 -48.98
N TYR W 198 15.47 -8.87 -48.64
CA TYR W 198 15.98 -8.90 -47.28
C TYR W 198 17.11 -7.86 -47.22
N LEU W 199 17.00 -6.90 -46.31
CA LEU W 199 18.01 -5.86 -46.18
C LEU W 199 19.22 -6.27 -45.34
N LYS W 200 20.31 -5.51 -45.48
CA LYS W 200 21.55 -5.75 -44.72
C LYS W 200 21.72 -4.68 -43.66
N MET W 201 21.70 -5.11 -42.40
CA MET W 201 21.85 -4.18 -41.28
C MET W 201 22.68 -4.76 -40.19
N ARG W 202 23.09 -3.91 -39.24
CA ARG W 202 23.90 -4.36 -38.11
C ARG W 202 23.18 -5.46 -37.34
N GLN W 203 23.93 -6.32 -36.68
CA GLN W 203 23.32 -7.40 -35.90
C GLN W 203 23.60 -7.30 -34.39
N ASP W 204 23.43 -6.10 -33.83
CA ASP W 204 23.69 -5.91 -32.40
C ASP W 204 22.55 -5.23 -31.62
N MET X 1 17.00 -21.13 -12.40
CA MET X 1 15.96 -22.18 -12.68
C MET X 1 16.64 -23.47 -13.18
N ASP X 2 15.89 -24.27 -13.96
CA ASP X 2 16.37 -25.53 -14.51
C ASP X 2 17.10 -25.29 -15.82
N ILE X 3 17.79 -26.32 -16.31
CA ILE X 3 18.51 -26.19 -17.57
C ILE X 3 17.77 -26.98 -18.63
N ILE X 4 17.44 -26.31 -19.72
CA ILE X 4 16.74 -26.93 -20.83
C ILE X 4 17.39 -26.43 -22.10
N LEU X 5 18.26 -27.27 -22.66
CA LEU X 5 19.00 -26.94 -23.87
C LEU X 5 18.63 -27.91 -24.97
N GLY X 6 18.74 -27.44 -26.21
CA GLY X 6 18.43 -28.28 -27.34
C GLY X 6 19.26 -27.86 -28.53
N ILE X 7 19.78 -28.84 -29.27
CA ILE X 7 20.57 -28.53 -30.44
C ILE X 7 20.30 -29.48 -31.61
N ARG X 8 20.02 -28.88 -32.75
CA ARG X 8 19.73 -29.62 -33.97
C ARG X 8 20.96 -29.72 -34.89
N VAL X 9 21.49 -30.93 -35.01
CA VAL X 9 22.65 -31.13 -35.86
C VAL X 9 22.21 -31.69 -37.21
N GLN X 10 23.17 -32.26 -37.94
CA GLN X 10 22.92 -32.83 -39.28
C GLN X 10 21.73 -33.78 -39.38
N ASP X 11 21.76 -34.88 -38.64
CA ASP X 11 20.69 -35.85 -38.74
C ASP X 11 20.02 -36.22 -37.44
N SER X 12 19.97 -35.27 -36.51
CA SER X 12 19.33 -35.54 -35.23
C SER X 12 19.19 -34.30 -34.38
N VAL X 13 18.40 -34.42 -33.32
CA VAL X 13 18.17 -33.35 -32.39
C VAL X 13 18.62 -33.86 -31.03
N ILE X 14 19.33 -33.01 -30.30
CA ILE X 14 19.82 -33.38 -28.99
C ILE X 14 19.20 -32.47 -27.95
N LEU X 15 18.68 -33.08 -26.88
CA LEU X 15 18.06 -32.35 -25.78
C LEU X 15 18.78 -32.68 -24.47
N ALA X 16 19.26 -31.63 -23.81
CA ALA X 16 19.96 -31.76 -22.54
C ALA X 16 19.08 -31.08 -21.49
N SER X 17 18.83 -31.78 -20.38
CA SER X 17 17.96 -31.26 -19.34
C SER X 17 18.54 -31.57 -17.95
N SER X 18 18.61 -30.55 -17.09
CA SER X 18 19.16 -30.74 -15.74
C SER X 18 18.42 -31.79 -14.92
N LYS X 19 19.13 -32.42 -13.99
CA LYS X 19 18.56 -33.49 -13.19
C LYS X 19 18.08 -33.08 -11.82
N ALA X 20 18.45 -31.89 -11.39
CA ALA X 20 18.07 -31.42 -10.06
C ALA X 20 16.60 -31.00 -9.90
N VAL X 21 16.06 -31.28 -8.73
CA VAL X 21 14.70 -30.89 -8.36
C VAL X 21 14.85 -30.37 -6.94
N THR X 22 14.85 -29.03 -6.83
CA THR X 22 15.01 -28.34 -5.56
C THR X 22 13.73 -27.77 -5.01
N ARG X 23 13.44 -28.08 -3.75
CA ARG X 23 12.25 -27.57 -3.09
C ARG X 23 12.67 -26.78 -1.87
N GLY X 24 12.79 -25.48 -2.07
CA GLY X 24 13.17 -24.59 -1.00
C GLY X 24 14.65 -24.60 -0.69
N ILE X 25 14.97 -25.11 0.49
CA ILE X 25 16.34 -25.15 0.96
C ILE X 25 17.07 -26.45 0.61
N SER X 26 16.33 -27.50 0.25
CA SER X 26 16.94 -28.78 -0.07
C SER X 26 16.76 -29.29 -1.50
N VAL X 27 17.74 -30.06 -1.97
CA VAL X 27 17.69 -30.65 -3.31
C VAL X 27 17.06 -32.04 -3.11
N LEU X 28 15.78 -32.18 -3.43
CA LEU X 28 15.06 -33.44 -3.26
C LEU X 28 15.48 -34.60 -4.15
N LYS X 29 15.85 -34.33 -5.39
CA LYS X 29 16.24 -35.40 -6.29
C LYS X 29 17.33 -34.92 -7.23
N ASP X 30 18.22 -35.83 -7.61
CA ASP X 30 19.35 -35.50 -8.49
C ASP X 30 19.37 -36.35 -9.75
N SER X 31 18.21 -36.90 -10.10
CA SER X 31 18.10 -37.76 -11.27
C SER X 31 16.71 -37.63 -11.86
N ASP X 32 16.28 -36.40 -12.10
CA ASP X 32 14.96 -36.18 -12.65
C ASP X 32 15.00 -36.06 -14.18
N ASP X 33 14.08 -36.75 -14.84
CA ASP X 33 14.02 -36.73 -16.29
C ASP X 33 12.94 -35.71 -16.72
N LYS X 34 13.37 -34.50 -17.05
CA LYS X 34 12.44 -33.44 -17.45
C LYS X 34 11.98 -33.56 -18.90
N THR X 35 11.60 -34.77 -19.29
CA THR X 35 11.16 -35.02 -20.65
C THR X 35 10.06 -36.09 -20.79
N ARG X 36 9.37 -36.04 -21.92
CA ARG X 36 8.31 -37.00 -22.27
C ARG X 36 8.41 -37.31 -23.74
N GLN X 37 8.07 -38.55 -24.10
CA GLN X 37 8.10 -38.98 -25.49
C GLN X 37 6.69 -38.81 -26.05
N LEU X 38 6.50 -37.83 -26.92
CA LEU X 38 5.18 -37.58 -27.49
C LEU X 38 4.83 -38.63 -28.54
N SER X 39 5.83 -39.14 -29.24
CA SER X 39 5.61 -40.17 -30.26
C SER X 39 6.97 -40.84 -30.50
N PRO X 40 6.99 -41.94 -31.26
CA PRO X 40 8.28 -42.60 -31.49
C PRO X 40 9.42 -41.72 -32.01
N HIS X 41 9.11 -40.66 -32.75
CA HIS X 41 10.14 -39.77 -33.27
C HIS X 41 10.07 -38.32 -32.78
N THR X 42 9.29 -38.08 -31.71
CA THR X 42 9.16 -36.74 -31.15
C THR X 42 9.32 -36.70 -29.63
N LEU X 43 10.23 -35.83 -29.18
CA LEU X 43 10.55 -35.69 -27.77
C LEU X 43 10.34 -34.27 -27.27
N MET X 44 9.80 -34.13 -26.06
CA MET X 44 9.57 -32.80 -25.48
C MET X 44 10.15 -32.66 -24.09
N SER X 45 11.00 -31.65 -23.91
CA SER X 45 11.62 -31.36 -22.61
C SER X 45 10.89 -30.14 -22.05
N PHE X 46 10.89 -29.97 -20.74
CA PHE X 46 10.15 -28.87 -20.13
C PHE X 46 10.63 -28.43 -18.75
N ALA X 47 10.42 -27.16 -18.44
CA ALA X 47 10.81 -26.59 -17.16
C ALA X 47 9.84 -25.45 -16.82
N GLY X 48 9.60 -25.27 -15.52
CA GLY X 48 8.70 -24.22 -15.09
C GLY X 48 8.12 -24.46 -13.71
N GLU X 49 6.88 -24.01 -13.53
CA GLU X 49 6.16 -24.12 -12.25
C GLU X 49 6.10 -25.57 -11.74
N ALA X 50 6.17 -25.72 -10.41
CA ALA X 50 6.17 -27.00 -9.73
C ALA X 50 5.18 -28.08 -10.17
N GLY X 51 3.89 -27.78 -10.22
CA GLY X 51 2.98 -28.83 -10.63
C GLY X 51 2.64 -28.82 -12.10
N ASP X 52 2.46 -27.62 -12.63
CA ASP X 52 2.09 -27.38 -14.02
C ASP X 52 3.01 -28.07 -15.02
N THR X 53 4.29 -28.12 -14.67
CA THR X 53 5.30 -28.70 -15.53
C THR X 53 5.00 -30.13 -16.03
N VAL X 54 4.91 -31.10 -15.13
CA VAL X 54 4.64 -32.48 -15.51
C VAL X 54 3.19 -32.66 -15.97
N GLN X 55 2.25 -31.98 -15.32
CA GLN X 55 0.85 -32.09 -15.70
C GLN X 55 0.65 -31.73 -17.16
N PHE X 56 1.32 -30.67 -17.60
CA PHE X 56 1.19 -30.23 -18.98
C PHE X 56 1.79 -31.24 -19.94
N ALA X 57 3.00 -31.70 -19.65
CA ALA X 57 3.68 -32.66 -20.51
C ALA X 57 2.84 -33.91 -20.71
N GLU X 58 2.38 -34.50 -19.61
CA GLU X 58 1.56 -35.73 -19.66
C GLU X 58 0.23 -35.49 -20.36
N TYR X 59 -0.31 -34.28 -20.26
CA TYR X 59 -1.56 -33.98 -20.95
C TYR X 59 -1.28 -33.95 -22.44
N ILE X 60 -0.18 -33.31 -22.83
CA ILE X 60 0.20 -33.22 -24.23
C ILE X 60 0.54 -34.60 -24.80
N GLN X 61 1.25 -35.38 -24.00
CA GLN X 61 1.62 -36.72 -24.43
C GLN X 61 0.36 -37.54 -24.71
N ALA X 62 -0.56 -37.53 -23.75
CA ALA X 62 -1.80 -38.27 -23.90
C ALA X 62 -2.51 -37.94 -25.21
N ASN X 63 -2.68 -36.66 -25.52
CA ASN X 63 -3.35 -36.27 -26.77
C ASN X 63 -2.64 -36.76 -28.02
N ILE X 64 -1.31 -36.68 -28.04
CA ILE X 64 -0.57 -37.12 -29.21
C ILE X 64 -0.72 -38.63 -29.41
N GLN X 65 -0.65 -39.41 -28.32
CA GLN X 65 -0.79 -40.86 -28.41
C GLN X 65 -2.20 -41.22 -28.88
N LEU X 66 -3.19 -40.44 -28.46
CA LEU X 66 -4.57 -40.69 -28.88
C LEU X 66 -4.69 -40.45 -30.38
N TYR X 67 -4.06 -39.38 -30.88
CA TYR X 67 -4.11 -39.07 -32.30
C TYR X 67 -3.45 -40.21 -33.08
N SER X 68 -2.32 -40.69 -32.58
CA SER X 68 -1.61 -41.77 -33.24
C SER X 68 -2.48 -43.02 -33.37
N ILE X 69 -3.18 -43.40 -32.30
CA ILE X 69 -4.03 -44.57 -32.38
C ILE X 69 -5.24 -44.35 -33.29
N ARG X 70 -5.93 -43.24 -33.10
CA ARG X 70 -7.11 -42.96 -33.91
C ARG X 70 -6.80 -42.97 -35.41
N GLU X 71 -5.66 -42.41 -35.77
CA GLU X 71 -5.28 -42.28 -37.17
C GLU X 71 -4.22 -43.27 -37.69
N ASP X 72 -3.63 -44.05 -36.79
CA ASP X 72 -2.57 -45.00 -37.18
C ASP X 72 -1.53 -44.26 -38.02
N TYR X 73 -1.08 -43.12 -37.49
CA TYR X 73 -0.12 -42.28 -38.17
C TYR X 73 0.56 -41.42 -37.10
N GLU X 74 1.77 -40.94 -37.40
CA GLU X 74 2.53 -40.11 -36.48
C GLU X 74 2.61 -38.69 -37.02
N LEU X 75 2.01 -37.75 -36.29
CA LEU X 75 2.03 -36.35 -36.69
C LEU X 75 3.45 -35.85 -36.86
N SER X 76 3.63 -34.93 -37.80
CA SER X 76 4.95 -34.36 -38.05
C SER X 76 5.36 -33.51 -36.87
N PRO X 77 6.67 -33.34 -36.64
CA PRO X 77 7.11 -32.52 -35.51
C PRO X 77 6.49 -31.13 -35.60
N GLN X 78 6.39 -30.61 -36.82
CA GLN X 78 5.80 -29.29 -37.00
C GLN X 78 4.36 -29.30 -36.50
N ALA X 79 3.61 -30.33 -36.86
CA ALA X 79 2.22 -30.43 -36.44
C ALA X 79 2.10 -30.54 -34.92
N VAL X 80 2.90 -31.40 -34.30
CA VAL X 80 2.84 -31.53 -32.86
C VAL X 80 3.14 -30.21 -32.16
N SER X 81 4.17 -29.50 -32.62
CA SER X 81 4.53 -28.23 -31.99
C SER X 81 3.44 -27.17 -32.16
N SER X 82 2.77 -27.15 -33.31
CA SER X 82 1.71 -26.17 -33.53
C SER X 82 0.57 -26.46 -32.59
N PHE X 83 0.37 -27.75 -32.32
CA PHE X 83 -0.69 -28.17 -31.42
C PHE X 83 -0.36 -27.70 -30.01
N VAL X 84 0.88 -27.94 -29.59
CA VAL X 84 1.35 -27.52 -28.29
C VAL X 84 1.33 -26.00 -28.13
N ARG X 85 1.67 -25.26 -29.17
CA ARG X 85 1.62 -23.80 -29.04
C ARG X 85 0.19 -23.40 -28.75
N GLN X 86 -0.73 -23.84 -29.59
CA GLN X 86 -2.14 -23.51 -29.39
C GLN X 86 -2.58 -23.79 -27.96
N GLU X 87 -2.15 -24.92 -27.39
CA GLU X 87 -2.54 -25.23 -26.02
C GLU X 87 -2.01 -24.16 -25.06
N LEU X 88 -0.74 -23.79 -25.19
CA LEU X 88 -0.18 -22.78 -24.30
C LEU X 88 -0.83 -21.42 -24.53
N ALA X 89 -1.05 -21.05 -25.79
CA ALA X 89 -1.66 -19.77 -26.10
C ALA X 89 -3.09 -19.66 -25.54
N LYS X 90 -3.74 -20.81 -25.32
CA LYS X 90 -5.08 -20.85 -24.77
C LYS X 90 -5.04 -20.63 -23.26
N SER X 91 -4.14 -21.34 -22.60
CA SER X 91 -4.01 -21.26 -21.15
C SER X 91 -3.47 -19.93 -20.68
N ILE X 92 -2.82 -19.18 -21.54
CA ILE X 92 -2.28 -17.91 -21.11
C ILE X 92 -3.37 -16.91 -20.72
N ARG X 93 -4.54 -17.01 -21.36
CA ARG X 93 -5.61 -16.09 -21.03
C ARG X 93 -6.70 -16.75 -20.19
N SER X 94 -6.38 -17.90 -19.61
CA SER X 94 -7.35 -18.62 -18.77
C SER X 94 -7.23 -18.24 -17.29
N ARG X 95 -8.07 -18.84 -16.46
CA ARG X 95 -8.10 -18.56 -15.03
C ARG X 95 -6.74 -18.79 -14.39
N ARG X 96 -6.20 -19.98 -14.59
CA ARG X 96 -4.87 -20.30 -14.04
C ARG X 96 -4.03 -20.92 -15.17
N PRO X 97 -3.12 -20.13 -15.73
CA PRO X 97 -2.23 -20.55 -16.83
C PRO X 97 -1.12 -21.50 -16.42
N TYR X 98 -0.79 -22.42 -17.34
CA TYR X 98 0.28 -23.36 -17.13
C TYR X 98 1.56 -22.53 -17.27
N GLN X 99 2.41 -22.54 -16.26
CA GLN X 99 3.65 -21.80 -16.38
C GLN X 99 4.70 -22.83 -16.77
N VAL X 100 4.75 -23.16 -18.05
CA VAL X 100 5.67 -24.16 -18.55
C VAL X 100 6.34 -23.72 -19.84
N ASN X 101 7.64 -24.00 -19.94
CA ASN X 101 8.40 -23.69 -21.15
C ASN X 101 8.84 -25.04 -21.73
N VAL X 102 8.80 -25.16 -23.05
CA VAL X 102 9.18 -26.43 -23.65
C VAL X 102 10.07 -26.35 -24.87
N LEU X 103 10.73 -27.48 -25.13
CA LEU X 103 11.58 -27.66 -26.30
C LEU X 103 11.04 -28.93 -26.94
N ILE X 104 10.67 -28.84 -28.20
CA ILE X 104 10.18 -30.02 -28.88
C ILE X 104 11.18 -30.35 -29.96
N GLY X 105 11.72 -31.56 -29.88
CA GLY X 105 12.67 -32.02 -30.86
C GLY X 105 12.18 -33.31 -31.48
N GLY X 106 12.10 -33.34 -32.80
CA GLY X 106 11.65 -34.55 -33.47
C GLY X 106 12.35 -34.73 -34.80
N TYR X 107 12.20 -35.92 -35.38
CA TYR X 107 12.79 -36.23 -36.67
C TYR X 107 11.63 -36.48 -37.62
N ASP X 108 11.49 -35.61 -38.61
CA ASP X 108 10.40 -35.71 -39.57
C ASP X 108 10.68 -36.81 -40.61
N LYS X 109 10.23 -38.01 -40.32
CA LYS X 109 10.42 -39.16 -41.21
C LYS X 109 9.97 -38.94 -42.65
N LYS X 110 9.12 -37.94 -42.88
CA LYS X 110 8.62 -37.64 -44.21
C LYS X 110 9.54 -36.69 -44.98
N LYS X 111 10.23 -35.81 -44.28
CA LYS X 111 11.17 -34.87 -44.91
C LYS X 111 12.60 -35.37 -44.70
N ASN X 112 12.75 -36.31 -43.77
CA ASN X 112 14.05 -36.88 -43.39
C ASN X 112 15.01 -35.82 -42.89
N LYS X 113 14.51 -34.96 -42.01
CA LYS X 113 15.28 -33.89 -41.41
C LYS X 113 14.90 -33.69 -39.95
N PRO X 114 15.90 -33.45 -39.08
CA PRO X 114 15.60 -33.25 -37.65
C PRO X 114 15.09 -31.81 -37.46
N GLU X 115 14.22 -31.62 -36.48
CA GLU X 115 13.69 -30.28 -36.24
C GLU X 115 13.63 -29.95 -34.74
N LEU X 116 13.95 -28.69 -34.41
CA LEU X 116 13.94 -28.23 -33.03
C LEU X 116 13.03 -27.01 -32.86
N TYR X 117 12.07 -27.13 -31.94
CA TYR X 117 11.10 -26.06 -31.66
C TYR X 117 11.18 -25.59 -30.22
N GLN X 118 11.12 -24.28 -30.04
CA GLN X 118 11.16 -23.67 -28.72
C GLN X 118 9.85 -22.93 -28.49
N ILE X 119 9.15 -23.24 -27.41
CA ILE X 119 7.90 -22.57 -27.10
C ILE X 119 7.87 -22.18 -25.62
N ASP X 120 7.60 -20.90 -25.34
CA ASP X 120 7.53 -20.46 -23.95
C ASP X 120 6.09 -20.49 -23.46
N TYR X 121 5.91 -20.38 -22.15
CA TYR X 121 4.58 -20.45 -21.56
C TYR X 121 3.52 -19.55 -22.15
N LEU X 122 3.93 -18.51 -22.86
CA LEU X 122 2.97 -17.58 -23.47
C LEU X 122 2.43 -18.10 -24.78
N GLY X 123 3.07 -19.13 -25.30
CA GLY X 123 2.66 -19.67 -26.58
C GLY X 123 3.47 -19.05 -27.71
N THR X 124 4.70 -18.62 -27.40
CA THR X 124 5.61 -18.01 -28.37
C THR X 124 6.47 -19.12 -28.95
N LYS X 125 6.19 -19.50 -30.20
CA LYS X 125 6.96 -20.56 -30.84
C LYS X 125 7.93 -20.06 -31.91
N VAL X 126 9.11 -20.65 -31.92
CA VAL X 126 10.14 -20.29 -32.88
C VAL X 126 10.93 -21.57 -33.21
N GLU X 127 11.35 -21.71 -34.46
CA GLU X 127 12.12 -22.89 -34.86
C GLU X 127 13.60 -22.50 -34.90
N LEU X 128 14.45 -23.28 -34.25
CA LEU X 128 15.86 -22.92 -34.17
C LEU X 128 16.84 -24.06 -34.34
N PRO X 129 18.12 -23.69 -34.62
CA PRO X 129 19.23 -24.62 -34.79
C PRO X 129 19.54 -25.17 -33.40
N TYR X 130 19.53 -24.25 -32.44
CA TYR X 130 19.76 -24.54 -31.03
C TYR X 130 19.00 -23.50 -30.22
N GLY X 131 18.40 -23.96 -29.12
CA GLY X 131 17.63 -23.08 -28.26
C GLY X 131 17.77 -23.45 -26.79
N ALA X 132 17.27 -22.58 -25.93
CA ALA X 132 17.31 -22.78 -24.47
C ALA X 132 16.23 -21.94 -23.79
N HIS X 133 15.82 -22.37 -22.60
CA HIS X 133 14.81 -21.64 -21.84
C HIS X 133 15.40 -21.17 -20.53
N GLY X 134 14.86 -20.06 -20.02
CA GLY X 134 15.33 -19.50 -18.77
C GLY X 134 16.65 -18.78 -18.92
N TYR X 135 17.54 -19.00 -17.96
CA TYR X 135 18.85 -18.37 -17.95
C TYR X 135 19.86 -19.12 -18.78
N SER X 136 19.54 -20.39 -19.07
CA SER X 136 20.42 -21.25 -19.84
C SER X 136 21.01 -20.53 -21.06
N GLY X 137 20.14 -19.89 -21.84
CA GLY X 137 20.60 -19.19 -23.02
C GLY X 137 21.71 -18.18 -22.77
N PHE X 138 21.56 -17.40 -21.71
CA PHE X 138 22.52 -16.37 -21.34
C PHE X 138 23.98 -16.83 -21.28
N TYR X 139 24.22 -18.07 -20.86
CA TYR X 139 25.58 -18.60 -20.75
C TYR X 139 26.04 -19.34 -22.00
N THR X 140 25.10 -20.06 -22.62
CA THR X 140 25.39 -20.87 -23.77
C THR X 140 25.27 -20.27 -25.17
N PHE X 141 24.29 -19.40 -25.41
CA PHE X 141 24.14 -18.83 -26.74
C PHE X 141 25.39 -18.25 -27.38
N SER X 142 26.35 -17.76 -26.60
CA SER X 142 27.55 -17.20 -27.19
C SER X 142 28.44 -18.33 -27.68
N LEU X 143 28.46 -19.44 -26.93
CA LEU X 143 29.25 -20.60 -27.32
C LEU X 143 28.65 -21.24 -28.57
N LEU X 144 27.33 -21.38 -28.60
CA LEU X 144 26.66 -21.97 -29.75
C LEU X 144 26.76 -21.07 -30.98
N ASP X 145 26.58 -19.76 -30.81
CA ASP X 145 26.67 -18.84 -31.93
C ASP X 145 28.01 -19.04 -32.64
N HIS X 146 29.03 -19.26 -31.82
CA HIS X 146 30.40 -19.44 -32.30
C HIS X 146 30.66 -20.78 -33.00
N HIS X 147 30.63 -21.86 -32.22
CA HIS X 147 30.90 -23.21 -32.72
C HIS X 147 29.81 -23.94 -33.52
N TYR X 148 28.60 -23.40 -33.63
CA TYR X 148 27.58 -24.14 -34.35
C TYR X 148 27.67 -24.14 -35.87
N ARG X 149 27.55 -25.35 -36.44
CA ARG X 149 27.57 -25.57 -37.89
C ARG X 149 26.46 -26.57 -38.27
N PRO X 150 25.60 -26.20 -39.24
CA PRO X 150 24.47 -27.01 -39.74
C PRO X 150 24.76 -28.45 -40.13
N ASP X 151 26.02 -28.74 -40.45
CA ASP X 151 26.40 -30.08 -40.87
C ASP X 151 27.10 -30.90 -39.79
N MET X 152 27.08 -30.41 -38.57
CA MET X 152 27.72 -31.13 -37.46
C MET X 152 27.19 -32.54 -37.35
N THR X 153 28.02 -33.46 -36.88
CA THR X 153 27.57 -34.82 -36.72
C THR X 153 27.01 -34.91 -35.31
N THR X 154 26.23 -35.95 -35.03
CA THR X 154 25.66 -36.11 -33.70
C THR X 154 26.77 -36.07 -32.68
N GLU X 155 27.96 -36.52 -33.10
CA GLU X 155 29.11 -36.52 -32.21
C GLU X 155 29.66 -35.10 -31.94
N GLU X 156 29.72 -34.27 -32.98
CA GLU X 156 30.20 -32.91 -32.83
C GLU X 156 29.19 -32.14 -31.97
N GLY X 157 27.92 -32.51 -32.08
CA GLY X 157 26.88 -31.87 -31.30
C GLY X 157 27.02 -32.18 -29.82
N LEU X 158 27.23 -33.45 -29.48
CA LEU X 158 27.41 -33.83 -28.09
C LEU X 158 28.64 -33.18 -27.46
N ASP X 159 29.60 -32.78 -28.29
CA ASP X 159 30.81 -32.15 -27.78
C ASP X 159 30.57 -30.67 -27.54
N LEU X 160 29.72 -30.08 -28.39
CA LEU X 160 29.38 -28.67 -28.28
C LEU X 160 28.56 -28.52 -27.01
N LEU X 161 27.67 -29.48 -26.72
CA LEU X 161 26.86 -29.44 -25.50
C LEU X 161 27.78 -29.54 -24.29
N LYS X 162 28.58 -30.58 -24.28
CA LYS X 162 29.52 -30.81 -23.20
C LYS X 162 30.20 -29.49 -22.86
N LEU X 163 30.59 -28.74 -23.88
CA LEU X 163 31.25 -27.45 -23.67
C LEU X 163 30.28 -26.48 -22.99
N CYS X 164 29.03 -26.46 -23.48
CA CYS X 164 28.00 -25.60 -22.93
C CYS X 164 27.75 -25.92 -21.47
N VAL X 165 27.53 -27.20 -21.18
CA VAL X 165 27.28 -27.63 -19.81
C VAL X 165 28.42 -27.24 -18.87
N GLN X 166 29.66 -27.27 -19.36
CA GLN X 166 30.82 -26.90 -18.54
C GLN X 166 30.82 -25.41 -18.20
N GLU X 167 30.48 -24.56 -19.19
CA GLU X 167 30.41 -23.13 -18.95
C GLU X 167 29.33 -22.88 -17.91
N LEU X 168 28.25 -23.65 -17.99
CA LEU X 168 27.14 -23.53 -17.05
C LEU X 168 27.58 -23.96 -15.66
N GLU X 169 28.33 -25.05 -15.57
CA GLU X 169 28.77 -25.53 -14.27
C GLU X 169 29.80 -24.60 -13.65
N LYS X 170 30.38 -23.73 -14.46
CA LYS X 170 31.37 -22.80 -13.96
C LYS X 170 30.81 -21.47 -13.47
N ARG X 171 30.07 -20.79 -14.33
CA ARG X 171 29.49 -19.49 -14.03
C ARG X 171 28.10 -19.41 -13.38
N MET X 172 27.29 -20.45 -13.52
CA MET X 172 25.96 -20.40 -12.91
C MET X 172 26.02 -20.70 -11.42
N PRO X 173 25.31 -19.91 -10.60
CA PRO X 173 25.24 -20.01 -9.14
C PRO X 173 24.66 -21.31 -8.57
N MET X 174 23.72 -21.90 -9.31
CA MET X 174 23.06 -23.12 -8.85
C MET X 174 23.68 -24.43 -9.31
N ASP X 175 23.59 -25.44 -8.46
CA ASP X 175 24.09 -26.77 -8.76
C ASP X 175 22.89 -27.49 -9.36
N PHE X 176 22.87 -27.67 -10.69
CA PHE X 176 21.73 -28.34 -11.29
C PHE X 176 21.92 -29.85 -11.40
N LYS X 177 22.93 -30.36 -10.71
CA LYS X 177 23.26 -31.78 -10.67
C LYS X 177 23.40 -32.48 -12.03
N GLY X 178 24.06 -31.81 -12.97
CA GLY X 178 24.27 -32.39 -14.28
C GLY X 178 23.03 -32.46 -15.16
N VAL X 179 23.15 -33.11 -16.31
CA VAL X 179 22.03 -33.23 -17.22
C VAL X 179 21.82 -34.66 -17.72
N ILE X 180 20.71 -34.85 -18.41
CA ILE X 180 20.36 -36.12 -19.03
C ILE X 180 20.26 -35.72 -20.50
N VAL X 181 20.90 -36.49 -21.37
CA VAL X 181 20.88 -36.15 -22.78
C VAL X 181 20.16 -37.21 -23.59
N LYS X 182 19.47 -36.78 -24.64
CA LYS X 182 18.73 -37.71 -25.50
C LYS X 182 18.85 -37.29 -26.94
N ILE X 183 18.92 -38.29 -27.83
CA ILE X 183 19.06 -38.04 -29.26
C ILE X 183 17.81 -38.49 -30.00
N VAL X 184 17.35 -37.66 -30.92
CA VAL X 184 16.18 -38.00 -31.70
C VAL X 184 16.63 -38.06 -33.17
N ASP X 185 16.49 -39.21 -33.80
CA ASP X 185 16.88 -39.34 -35.22
C ASP X 185 15.98 -40.32 -35.96
N LYS X 186 16.31 -40.56 -37.22
CA LYS X 186 15.55 -41.47 -38.07
C LYS X 186 15.21 -42.80 -37.38
N ASP X 187 15.94 -43.14 -36.33
CA ASP X 187 15.69 -44.39 -35.64
C ASP X 187 14.94 -44.31 -34.31
N GLY X 188 14.46 -43.12 -33.96
CA GLY X 188 13.73 -42.98 -32.71
C GLY X 188 14.46 -42.16 -31.67
N ILE X 189 14.17 -42.44 -30.40
CA ILE X 189 14.79 -41.71 -29.31
C ILE X 189 15.65 -42.61 -28.44
N ARG X 190 16.90 -42.19 -28.19
CA ARG X 190 17.80 -42.94 -27.33
C ARG X 190 18.46 -41.97 -26.36
N GLN X 191 18.85 -42.50 -25.19
CA GLN X 191 19.49 -41.69 -24.16
C GLN X 191 20.99 -41.94 -23.97
N VAL X 192 21.79 -40.89 -24.12
CA VAL X 192 23.23 -41.00 -23.95
C VAL X 192 23.53 -41.16 -22.48
N ASP X 193 23.34 -42.36 -21.94
CA ASP X 193 23.56 -42.61 -20.51
C ASP X 193 24.99 -42.43 -20.00
N ASP X 194 25.79 -41.69 -20.75
CA ASP X 194 27.18 -41.43 -20.34
C ASP X 194 27.63 -40.02 -20.75
N PHE X 195 27.05 -39.01 -20.12
CA PHE X 195 27.41 -37.63 -20.39
C PHE X 195 27.97 -37.06 -19.09
N GLN X 196 27.74 -37.81 -18.00
CA GLN X 196 28.21 -37.44 -16.67
C GLN X 196 29.74 -37.36 -16.73
N ALA X 197 30.31 -38.07 -17.71
CA ALA X 197 31.75 -38.11 -17.93
C ALA X 197 32.04 -38.58 -19.36
N GLN X 198 31.42 -37.92 -20.34
CA GLN X 198 31.62 -38.26 -21.75
C GLN X 198 32.91 -37.61 -22.30
N THR Y 1 8.08 -30.01 12.35
CA THR Y 1 7.85 -31.34 11.74
C THR Y 1 9.05 -31.90 11.01
N THR Y 2 9.26 -33.19 11.18
CA THR Y 2 10.32 -33.91 10.52
C THR Y 2 9.71 -35.26 10.18
N THR Y 3 9.76 -35.63 8.91
CA THR Y 3 9.23 -36.90 8.51
C THR Y 3 10.21 -37.44 7.49
N LEU Y 4 10.51 -38.74 7.57
CA LEU Y 4 11.39 -39.36 6.59
C LEU Y 4 10.83 -40.71 6.19
N ALA Y 5 11.42 -41.26 5.13
CA ALA Y 5 11.00 -42.54 4.62
C ALA Y 5 12.02 -42.93 3.59
N PHE Y 6 12.50 -44.17 3.66
CA PHE Y 6 13.48 -44.62 2.70
C PHE Y 6 13.33 -46.10 2.40
N ARG Y 7 13.79 -46.46 1.21
CA ARG Y 7 13.77 -47.82 0.68
C ARG Y 7 15.07 -48.53 0.96
N PHE Y 8 14.99 -49.84 1.20
CA PHE Y 8 16.16 -50.68 1.44
C PHE Y 8 15.77 -52.14 1.21
N GLN Y 9 16.76 -53.02 1.22
CA GLN Y 9 16.53 -54.44 1.02
C GLN Y 9 15.25 -54.93 1.73
N GLY Y 10 15.14 -54.65 3.04
CA GLY Y 10 13.98 -55.08 3.81
C GLY Y 10 12.68 -54.35 3.58
N GLY Y 11 12.60 -53.57 2.51
CA GLY Y 11 11.39 -52.82 2.22
C GLY Y 11 11.48 -51.32 2.44
N ILE Y 12 10.58 -50.77 3.24
CA ILE Y 12 10.55 -49.35 3.53
C ILE Y 12 10.48 -49.03 5.02
N ILE Y 13 11.22 -48.01 5.43
CA ILE Y 13 11.23 -47.55 6.81
C ILE Y 13 10.62 -46.15 6.79
N VAL Y 14 9.69 -45.88 7.69
CA VAL Y 14 9.05 -44.58 7.75
C VAL Y 14 9.13 -44.10 9.19
N ALA Y 15 9.64 -42.89 9.38
CA ALA Y 15 9.75 -42.33 10.73
C ALA Y 15 9.27 -40.88 10.77
N VAL Y 16 8.48 -40.55 11.80
CA VAL Y 16 7.98 -39.21 11.95
C VAL Y 16 8.11 -38.74 13.40
N ASP Y 17 7.98 -37.44 13.63
CA ASP Y 17 8.03 -36.91 14.99
C ASP Y 17 6.57 -36.68 15.33
N SER Y 18 6.26 -36.02 16.43
CA SER Y 18 4.84 -35.83 16.74
C SER Y 18 4.44 -34.45 17.26
N ARG Y 19 5.30 -33.45 17.09
CA ARG Y 19 4.98 -32.11 17.57
C ARG Y 19 4.17 -31.25 16.59
N ALA Y 20 3.15 -30.58 17.12
CA ALA Y 20 2.31 -29.71 16.31
C ALA Y 20 2.37 -28.32 16.94
N THR Y 21 2.41 -27.30 16.08
CA THR Y 21 2.48 -25.93 16.55
C THR Y 21 1.41 -25.00 15.99
N ALA Y 22 1.43 -23.78 16.52
CA ALA Y 22 0.56 -22.70 16.13
C ALA Y 22 1.39 -21.54 16.66
N GLY Y 23 2.35 -21.10 15.83
CA GLY Y 23 3.24 -20.04 16.25
C GLY Y 23 4.34 -20.66 17.11
N ASN Y 24 4.56 -20.10 18.31
CA ASN Y 24 5.57 -20.64 19.22
C ASN Y 24 4.88 -21.59 20.17
N TRP Y 25 3.58 -21.75 19.98
CA TRP Y 25 2.78 -22.63 20.81
C TRP Y 25 2.90 -24.07 20.37
N VAL Y 26 3.27 -24.91 21.32
CA VAL Y 26 3.37 -26.33 21.07
C VAL Y 26 1.95 -26.82 21.35
N ALA Y 27 1.15 -26.92 20.30
CA ALA Y 27 -0.23 -27.35 20.42
C ALA Y 27 -0.37 -28.79 20.90
N SER Y 28 0.48 -29.67 20.37
CA SER Y 28 0.43 -31.07 20.75
C SER Y 28 1.80 -31.71 20.60
N GLN Y 29 2.05 -32.75 21.39
CA GLN Y 29 3.32 -33.48 21.32
C GLN Y 29 2.97 -34.93 20.96
N THR Y 30 1.68 -35.17 20.78
CA THR Y 30 1.14 -36.49 20.49
C THR Y 30 0.39 -36.64 19.17
N VAL Y 31 0.88 -35.98 18.12
CA VAL Y 31 0.22 -36.06 16.82
C VAL Y 31 0.67 -37.24 15.98
N LYS Y 32 -0.27 -37.94 15.36
CA LYS Y 32 0.08 -39.06 14.49
C LYS Y 32 0.38 -38.45 13.14
N LYS Y 33 1.66 -38.41 12.79
CA LYS Y 33 2.04 -37.83 11.53
C LYS Y 33 2.18 -38.90 10.47
N VAL Y 34 1.64 -40.08 10.77
CA VAL Y 34 1.65 -41.16 9.80
C VAL Y 34 0.21 -41.59 9.63
N ILE Y 35 -0.34 -41.31 8.46
CA ILE Y 35 -1.71 -41.69 8.18
C ILE Y 35 -1.69 -43.08 7.62
N GLU Y 36 -2.48 -43.97 8.20
CA GLU Y 36 -2.54 -45.35 7.74
C GLU Y 36 -3.66 -45.40 6.69
N ILE Y 37 -3.28 -45.16 5.44
CA ILE Y 37 -4.22 -45.17 4.32
C ILE Y 37 -4.98 -46.50 4.31
N ASN Y 38 -4.24 -47.58 4.46
CA ASN Y 38 -4.78 -48.93 4.53
C ASN Y 38 -3.65 -49.88 4.92
N PRO Y 39 -3.98 -51.12 5.32
CA PRO Y 39 -3.00 -52.15 5.72
C PRO Y 39 -1.69 -52.24 4.94
N PHE Y 40 -1.68 -51.76 3.70
CA PHE Y 40 -0.49 -51.81 2.85
C PHE Y 40 0.11 -50.45 2.49
N LEU Y 41 -0.66 -49.39 2.64
CA LEU Y 41 -0.18 -48.05 2.29
C LEU Y 41 -0.05 -47.08 3.45
N LEU Y 42 1.03 -46.31 3.41
CA LEU Y 42 1.30 -45.31 4.44
C LEU Y 42 1.51 -43.91 3.85
N GLY Y 43 1.08 -42.88 4.58
CA GLY Y 43 1.24 -41.51 4.14
C GLY Y 43 1.74 -40.67 5.30
N THR Y 44 2.68 -39.77 5.04
CA THR Y 44 3.23 -38.92 6.10
C THR Y 44 2.61 -37.53 6.13
N MET Y 45 2.61 -36.93 7.31
CA MET Y 45 2.03 -35.59 7.51
C MET Y 45 3.07 -34.47 7.67
N ALA Y 46 2.95 -33.44 6.82
CA ALA Y 46 3.84 -32.29 6.86
C ALA Y 46 3.05 -31.11 6.32
N GLY Y 47 3.14 -29.96 6.96
CA GLY Y 47 2.40 -28.81 6.49
C GLY Y 47 1.11 -28.76 7.26
N GLY Y 48 -0.01 -28.56 6.58
CA GLY Y 48 -1.29 -28.49 7.25
C GLY Y 48 -1.76 -29.84 7.77
N ALA Y 49 -1.94 -29.95 9.09
CA ALA Y 49 -2.39 -31.21 9.66
C ALA Y 49 -3.73 -31.63 9.05
N ALA Y 50 -4.71 -30.74 9.10
CA ALA Y 50 -6.02 -31.03 8.56
C ALA Y 50 -5.93 -31.50 7.12
N ASP Y 51 -5.21 -30.75 6.30
CA ASP Y 51 -5.08 -31.10 4.89
C ASP Y 51 -4.52 -32.49 4.66
N CYS Y 52 -3.48 -32.87 5.40
CA CYS Y 52 -2.88 -34.19 5.26
C CYS Y 52 -3.81 -35.29 5.78
N GLN Y 53 -4.30 -35.07 6.98
CA GLN Y 53 -5.20 -36.02 7.63
C GLN Y 53 -6.48 -36.26 6.80
N PHE Y 54 -7.19 -35.19 6.47
CA PHE Y 54 -8.42 -35.28 5.70
C PHE Y 54 -8.23 -35.90 4.32
N TRP Y 55 -7.31 -35.35 3.53
CA TRP Y 55 -7.13 -35.84 2.18
C TRP Y 55 -6.53 -37.20 2.06
N GLU Y 56 -5.64 -37.57 2.98
CA GLU Y 56 -5.07 -38.89 2.90
C GLU Y 56 -6.05 -39.93 3.39
N THR Y 57 -6.98 -39.53 4.28
CA THR Y 57 -8.01 -40.45 4.75
C THR Y 57 -8.91 -40.68 3.54
N TRP Y 58 -9.22 -39.60 2.83
CA TRP Y 58 -10.04 -39.68 1.62
C TRP Y 58 -9.33 -40.60 0.62
N LEU Y 59 -8.02 -40.48 0.55
CA LEU Y 59 -7.25 -41.31 -0.36
C LEU Y 59 -7.55 -42.78 -0.09
N GLY Y 60 -7.51 -43.14 1.18
CA GLY Y 60 -7.80 -44.51 1.56
C GLY Y 60 -9.14 -44.96 1.01
N SER Y 61 -10.17 -44.18 1.26
CA SER Y 61 -11.49 -44.53 0.77
C SER Y 61 -11.47 -44.71 -0.74
N GLN Y 62 -10.65 -43.94 -1.44
CA GLN Y 62 -10.56 -44.06 -2.89
C GLN Y 62 -9.82 -45.32 -3.29
N CYS Y 63 -8.85 -45.75 -2.47
CA CYS Y 63 -8.10 -46.98 -2.76
C CYS Y 63 -8.98 -48.19 -2.58
N ARG Y 64 -9.81 -48.16 -1.53
CA ARG Y 64 -10.73 -49.25 -1.25
C ARG Y 64 -11.68 -49.47 -2.44
N LEU Y 65 -12.08 -48.37 -3.09
CA LEU Y 65 -12.97 -48.44 -4.25
C LEU Y 65 -12.25 -49.05 -5.45
N HIS Y 66 -10.98 -48.71 -5.61
CA HIS Y 66 -10.21 -49.24 -6.71
C HIS Y 66 -10.18 -50.78 -6.62
N GLU Y 67 -9.95 -51.27 -5.40
CA GLU Y 67 -9.87 -52.70 -5.15
C GLU Y 67 -11.20 -53.43 -5.26
N LEU Y 68 -12.29 -52.76 -4.91
CA LEU Y 68 -13.59 -53.40 -5.04
C LEU Y 68 -13.93 -53.49 -6.52
N ARG Y 69 -13.56 -52.47 -7.27
CA ARG Y 69 -13.83 -52.38 -8.70
C ARG Y 69 -12.93 -53.26 -9.58
N GLU Y 70 -11.62 -53.18 -9.35
CA GLU Y 70 -10.65 -53.94 -10.13
C GLU Y 70 -10.22 -55.27 -9.53
N LYS Y 71 -10.81 -55.63 -8.38
CA LYS Y 71 -10.49 -56.88 -7.72
C LYS Y 71 -8.97 -57.14 -7.73
N GLU Y 72 -8.20 -56.11 -7.41
CA GLU Y 72 -6.74 -56.18 -7.37
C GLU Y 72 -6.15 -55.01 -6.59
N ARG Y 73 -5.15 -55.30 -5.77
CA ARG Y 73 -4.46 -54.31 -4.95
C ARG Y 73 -4.01 -53.10 -5.76
N ILE Y 74 -4.28 -51.90 -5.26
CA ILE Y 74 -3.88 -50.69 -5.97
C ILE Y 74 -2.37 -50.46 -5.89
N SER Y 75 -1.78 -50.01 -6.99
CA SER Y 75 -0.34 -49.75 -7.00
C SER Y 75 -0.03 -48.43 -6.32
N VAL Y 76 1.17 -48.35 -5.73
CA VAL Y 76 1.59 -47.14 -5.05
C VAL Y 76 1.68 -46.01 -6.06
N ALA Y 77 1.88 -46.34 -7.33
CA ALA Y 77 1.97 -45.32 -8.37
C ALA Y 77 0.61 -44.67 -8.58
N ALA Y 78 -0.43 -45.49 -8.67
CA ALA Y 78 -1.79 -45.01 -8.88
C ALA Y 78 -2.38 -44.34 -7.64
N ALA Y 79 -2.04 -44.86 -6.46
CA ALA Y 79 -2.56 -44.30 -5.23
C ALA Y 79 -2.00 -42.90 -5.06
N SER Y 80 -0.70 -42.76 -5.26
CA SER Y 80 -0.06 -41.47 -5.13
C SER Y 80 -0.63 -40.47 -6.14
N LYS Y 81 -0.85 -40.92 -7.38
CA LYS Y 81 -1.38 -40.03 -8.40
C LYS Y 81 -2.83 -39.60 -8.10
N ILE Y 82 -3.61 -40.47 -7.47
CA ILE Y 82 -4.98 -40.10 -7.12
C ILE Y 82 -4.85 -38.84 -6.25
N LEU Y 83 -3.99 -38.90 -5.23
CA LEU Y 83 -3.78 -37.78 -4.31
C LEU Y 83 -3.20 -36.54 -4.99
N SER Y 84 -2.14 -36.69 -5.77
CA SER Y 84 -1.56 -35.51 -6.43
C SER Y 84 -2.51 -34.86 -7.44
N ASN Y 85 -3.32 -35.65 -8.14
CA ASN Y 85 -4.24 -35.07 -9.11
C ASN Y 85 -5.36 -34.30 -8.42
N LEU Y 86 -5.76 -34.77 -7.24
CA LEU Y 86 -6.80 -34.10 -6.46
C LEU Y 86 -6.20 -32.76 -6.03
N VAL Y 87 -5.06 -32.85 -5.36
CA VAL Y 87 -4.33 -31.70 -4.85
C VAL Y 87 -4.10 -30.64 -5.93
N TYR Y 88 -3.79 -31.07 -7.14
CA TYR Y 88 -3.54 -30.14 -8.25
C TYR Y 88 -4.81 -29.39 -8.64
N GLN Y 89 -5.95 -30.07 -8.55
CA GLN Y 89 -7.21 -29.42 -8.87
C GLN Y 89 -7.39 -28.19 -7.99
N TYR Y 90 -6.82 -28.23 -6.78
CA TYR Y 90 -6.90 -27.14 -5.81
C TYR Y 90 -5.71 -26.19 -5.82
N LYS Y 91 -4.78 -26.37 -6.74
CA LYS Y 91 -3.59 -25.52 -6.80
C LYS Y 91 -3.94 -24.06 -6.70
N GLY Y 92 -3.26 -23.38 -5.76
CA GLY Y 92 -3.48 -21.96 -5.55
C GLY Y 92 -4.59 -21.61 -4.58
N ALA Y 93 -5.39 -22.60 -4.21
CA ALA Y 93 -6.50 -22.37 -3.28
C ALA Y 93 -6.06 -22.21 -1.82
N GLY Y 94 -4.87 -22.69 -1.48
CA GLY Y 94 -4.42 -22.57 -0.10
C GLY Y 94 -3.98 -23.85 0.59
N LEU Y 95 -4.33 -25.01 0.05
CA LEU Y 95 -3.92 -26.28 0.66
C LEU Y 95 -2.43 -26.26 0.94
N SER Y 96 -2.04 -26.87 2.05
CA SER Y 96 -0.63 -26.93 2.39
C SER Y 96 -0.26 -28.31 2.87
N MET Y 97 0.40 -29.08 2.00
CA MET Y 97 0.82 -30.42 2.38
C MET Y 97 2.05 -30.98 1.67
N GLY Y 98 2.92 -31.60 2.47
CA GLY Y 98 4.14 -32.23 1.98
C GLY Y 98 3.97 -33.66 2.44
N THR Y 99 4.05 -34.61 1.53
CA THR Y 99 3.81 -35.98 1.93
C THR Y 99 4.52 -37.07 1.15
N MET Y 100 4.78 -38.20 1.81
CA MET Y 100 5.37 -39.38 1.16
C MET Y 100 4.29 -40.43 1.14
N ILE Y 101 4.05 -41.02 -0.03
CA ILE Y 101 3.05 -42.08 -0.14
C ILE Y 101 3.90 -43.34 -0.29
N CYS Y 102 3.89 -44.17 0.76
CA CYS Y 102 4.69 -45.39 0.81
C CYS Y 102 3.92 -46.71 0.75
N GLY Y 103 4.45 -47.65 -0.02
CA GLY Y 103 3.82 -48.94 -0.17
C GLY Y 103 4.75 -49.95 -0.79
N TYR Y 104 4.40 -51.22 -0.66
CA TYR Y 104 5.20 -52.31 -1.21
C TYR Y 104 4.26 -53.21 -1.99
N THR Y 105 4.39 -53.25 -3.30
CA THR Y 105 3.52 -54.09 -4.10
C THR Y 105 4.34 -55.05 -4.94
N ARG Y 106 3.72 -56.16 -5.31
CA ARG Y 106 4.36 -57.18 -6.11
C ARG Y 106 4.84 -56.60 -7.43
N LYS Y 107 3.98 -55.83 -8.06
CA LYS Y 107 4.28 -55.21 -9.34
C LYS Y 107 5.44 -54.22 -9.23
N GLU Y 108 5.43 -53.40 -8.17
CA GLU Y 108 6.44 -52.35 -7.97
C GLU Y 108 7.58 -52.58 -6.98
N GLY Y 109 7.33 -53.34 -5.93
CA GLY Y 109 8.36 -53.57 -4.93
C GLY Y 109 8.24 -52.44 -3.93
N PRO Y 110 9.29 -52.08 -3.19
CA PRO Y 110 9.15 -50.99 -2.23
C PRO Y 110 9.07 -49.69 -3.01
N THR Y 111 8.09 -48.86 -2.70
CA THR Y 111 7.94 -47.60 -3.41
C THR Y 111 7.55 -46.42 -2.55
N ILE Y 112 8.29 -45.32 -2.74
CA ILE Y 112 8.03 -44.07 -2.02
C ILE Y 112 7.73 -42.99 -3.08
N TYR Y 113 6.69 -42.22 -2.82
CA TYR Y 113 6.30 -41.13 -3.70
C TYR Y 113 6.16 -39.85 -2.90
N TYR Y 114 6.87 -38.81 -3.32
CA TYR Y 114 6.78 -37.51 -2.66
C TYR Y 114 5.65 -36.74 -3.39
N VAL Y 115 4.69 -36.25 -2.62
CA VAL Y 115 3.58 -35.51 -3.19
C VAL Y 115 3.31 -34.26 -2.35
N ASP Y 116 3.31 -33.10 -2.98
CA ASP Y 116 3.03 -31.87 -2.23
C ASP Y 116 1.86 -31.09 -2.84
N SER Y 117 1.34 -30.14 -2.05
CA SER Y 117 0.20 -29.35 -2.47
C SER Y 117 0.48 -28.45 -3.67
N ASP Y 118 1.75 -28.37 -4.06
CA ASP Y 118 2.14 -27.58 -5.22
C ASP Y 118 1.79 -28.35 -6.48
N GLY Y 119 1.62 -29.67 -6.33
CA GLY Y 119 1.29 -30.52 -7.46
C GLY Y 119 2.42 -31.47 -7.82
N THR Y 120 3.57 -31.29 -7.18
CA THR Y 120 4.74 -32.12 -7.44
C THR Y 120 4.51 -33.55 -7.01
N ARG Y 121 4.98 -34.48 -7.84
CA ARG Y 121 4.90 -35.92 -7.58
C ARG Y 121 6.22 -36.54 -8.03
N LEU Y 122 7.05 -36.95 -7.06
CA LEU Y 122 8.35 -37.54 -7.37
C LEU Y 122 8.57 -38.91 -6.77
N LYS Y 123 9.15 -39.81 -7.55
CA LYS Y 123 9.44 -41.14 -7.04
C LYS Y 123 10.88 -41.13 -6.53
N GLY Y 124 11.12 -41.73 -5.36
CA GLY Y 124 12.48 -41.73 -4.86
C GLY Y 124 12.79 -42.79 -3.83
N ASP Y 125 14.06 -42.85 -3.44
CA ASP Y 125 14.54 -43.82 -2.46
C ASP Y 125 14.61 -43.21 -1.06
N ILE Y 126 15.04 -41.95 -0.96
CA ILE Y 126 15.15 -41.28 0.33
C ILE Y 126 14.44 -39.93 0.29
N PHE Y 127 13.61 -39.66 1.29
CA PHE Y 127 12.88 -38.39 1.38
C PHE Y 127 12.68 -37.92 2.81
N CYS Y 128 12.94 -36.64 3.06
CA CYS Y 128 12.70 -36.03 4.37
C CYS Y 128 11.90 -34.76 4.09
N VAL Y 129 10.81 -34.58 4.81
CA VAL Y 129 9.99 -33.41 4.61
C VAL Y 129 9.66 -32.77 5.94
N GLY Y 130 9.75 -31.45 6.00
CA GLY Y 130 9.44 -30.75 7.22
C GLY Y 130 10.48 -29.72 7.59
N SER Y 131 10.17 -28.91 8.60
CA SER Y 131 11.09 -27.87 9.06
C SER Y 131 12.33 -28.49 9.67
N GLY Y 132 12.34 -29.81 9.76
CA GLY Y 132 13.49 -30.49 10.32
C GLY Y 132 14.23 -31.35 9.29
N GLN Y 133 13.73 -31.34 8.06
CA GLN Y 133 14.33 -32.15 7.00
C GLN Y 133 15.86 -32.10 6.87
N THR Y 134 16.44 -30.91 6.86
CA THR Y 134 17.89 -30.80 6.73
C THR Y 134 18.69 -31.56 7.80
N PHE Y 135 18.16 -31.59 9.03
CA PHE Y 135 18.84 -32.27 10.12
C PHE Y 135 18.77 -33.77 9.87
N ALA Y 136 17.58 -34.26 9.52
CA ALA Y 136 17.40 -35.68 9.26
C ALA Y 136 18.27 -36.14 8.08
N TYR Y 137 18.32 -35.35 7.01
CA TYR Y 137 19.14 -35.70 5.85
C TYR Y 137 20.61 -35.89 6.20
N GLY Y 138 21.12 -35.13 7.16
CA GLY Y 138 22.51 -35.27 7.53
C GLY Y 138 22.78 -36.70 8.00
N VAL Y 139 22.09 -37.09 9.07
CA VAL Y 139 22.21 -38.41 9.66
C VAL Y 139 21.97 -39.51 8.61
N LEU Y 140 20.87 -39.39 7.89
CA LEU Y 140 20.49 -40.36 6.88
C LEU Y 140 21.48 -40.52 5.72
N ASP Y 141 21.89 -39.41 5.10
CA ASP Y 141 22.80 -39.50 3.97
C ASP Y 141 24.13 -40.19 4.23
N SER Y 142 24.70 -39.99 5.41
CA SER Y 142 25.99 -40.60 5.72
C SER Y 142 25.92 -42.04 6.24
N ASN Y 143 24.78 -42.43 6.81
CA ASN Y 143 24.66 -43.78 7.33
C ASN Y 143 23.79 -44.72 6.51
N TYR Y 144 23.28 -44.27 5.38
CA TYR Y 144 22.43 -45.14 4.59
C TYR Y 144 23.15 -46.03 3.60
N LYS Y 145 22.69 -47.27 3.53
CA LYS Y 145 23.18 -48.30 2.62
C LYS Y 145 21.93 -49.10 2.29
N TRP Y 146 21.90 -49.72 1.11
CA TRP Y 146 20.75 -50.53 0.70
C TRP Y 146 20.68 -51.86 1.46
N ASP Y 147 21.76 -52.22 2.13
CA ASP Y 147 21.87 -53.47 2.87
C ASP Y 147 21.39 -53.44 4.31
N LEU Y 148 21.35 -52.26 4.92
CA LEU Y 148 20.90 -52.15 6.30
C LEU Y 148 19.87 -53.22 6.63
N SER Y 149 20.04 -53.87 7.78
CA SER Y 149 19.09 -54.89 8.20
C SER Y 149 17.85 -54.17 8.67
N VAL Y 150 16.72 -54.87 8.72
CA VAL Y 150 15.48 -54.23 9.17
C VAL Y 150 15.64 -53.65 10.58
N GLU Y 151 16.53 -54.24 11.37
CA GLU Y 151 16.77 -53.77 12.73
C GLU Y 151 17.64 -52.51 12.71
N ASP Y 152 18.64 -52.51 11.83
CA ASP Y 152 19.56 -51.39 11.67
C ASP Y 152 18.91 -50.21 10.95
N ALA Y 153 18.07 -50.51 9.97
CA ALA Y 153 17.37 -49.47 9.22
C ALA Y 153 16.40 -48.76 10.17
N LEU Y 154 15.65 -49.55 10.93
CA LEU Y 154 14.70 -48.99 11.88
C LEU Y 154 15.37 -48.00 12.83
N TYR Y 155 16.62 -48.29 13.20
CA TYR Y 155 17.34 -47.41 14.10
C TYR Y 155 17.79 -46.16 13.37
N LEU Y 156 18.34 -46.32 12.17
CA LEU Y 156 18.82 -45.17 11.37
C LEU Y 156 17.73 -44.11 11.28
N GLY Y 157 16.50 -44.55 11.01
CA GLY Y 157 15.40 -43.63 10.91
C GLY Y 157 15.15 -42.97 12.25
N LYS Y 158 14.95 -43.79 13.28
CA LYS Y 158 14.68 -43.30 14.62
C LYS Y 158 15.73 -42.27 15.06
N ARG Y 159 16.99 -42.55 14.72
CA ARG Y 159 18.07 -41.66 15.10
C ARG Y 159 18.00 -40.36 14.31
N SER Y 160 17.69 -40.48 13.01
CA SER Y 160 17.59 -39.31 12.12
C SER Y 160 16.57 -38.28 12.61
N ILE Y 161 15.46 -38.76 13.14
CA ILE Y 161 14.47 -37.84 13.65
C ILE Y 161 14.91 -37.31 15.00
N LEU Y 162 15.70 -38.09 15.73
CA LEU Y 162 16.19 -37.62 17.02
C LEU Y 162 17.06 -36.39 16.73
N ALA Y 163 17.93 -36.52 15.73
CA ALA Y 163 18.81 -35.44 15.31
C ALA Y 163 17.97 -34.18 15.04
N ALA Y 164 16.89 -34.36 14.29
CA ALA Y 164 15.99 -33.26 13.95
C ALA Y 164 15.30 -32.68 15.18
N ALA Y 165 14.68 -33.52 16.01
CA ALA Y 165 13.98 -33.02 17.19
C ALA Y 165 14.86 -32.19 18.10
N HIS Y 166 16.14 -32.52 18.13
CA HIS Y 166 17.09 -31.80 18.98
C HIS Y 166 17.32 -30.38 18.51
N ARG Y 167 17.67 -30.21 17.24
CA ARG Y 167 17.95 -28.89 16.68
C ARG Y 167 16.72 -28.05 16.32
N ASP Y 168 15.72 -28.67 15.69
CA ASP Y 168 14.51 -27.96 15.30
C ASP Y 168 13.54 -27.77 16.47
N ALA Y 169 13.16 -26.51 16.71
CA ALA Y 169 12.24 -26.21 17.79
C ALA Y 169 10.82 -26.64 17.47
N TYR Y 170 10.50 -26.75 16.19
CA TYR Y 170 9.15 -27.15 15.79
C TYR Y 170 8.96 -28.65 15.69
N SER Y 171 10.05 -29.39 15.89
CA SER Y 171 10.04 -30.84 15.84
C SER Y 171 10.34 -31.39 17.24
N GLY Y 172 9.77 -32.57 17.52
CA GLY Y 172 9.97 -33.18 18.82
C GLY Y 172 8.80 -34.01 19.26
N GLY Y 173 8.66 -34.18 20.57
CA GLY Y 173 7.58 -34.98 21.11
C GLY Y 173 8.01 -36.43 21.25
N SER Y 174 7.69 -37.24 20.24
CA SER Y 174 8.06 -38.64 20.26
C SER Y 174 8.17 -39.15 18.84
N VAL Y 175 8.95 -40.21 18.65
CA VAL Y 175 9.15 -40.80 17.34
C VAL Y 175 8.24 -42.00 17.10
N ASN Y 176 7.64 -42.07 15.91
CA ASN Y 176 6.78 -43.20 15.54
C ASN Y 176 7.49 -43.86 14.36
N LEU Y 177 7.62 -45.18 14.43
CA LEU Y 177 8.30 -45.93 13.38
C LEU Y 177 7.38 -46.89 12.66
N TYR Y 178 7.77 -47.24 11.45
CA TYR Y 178 7.00 -48.16 10.65
C TYR Y 178 7.90 -48.92 9.71
N HIS Y 179 7.54 -50.18 9.44
CA HIS Y 179 8.29 -51.01 8.52
C HIS Y 179 7.30 -51.44 7.45
N VAL Y 180 7.62 -51.19 6.20
CA VAL Y 180 6.71 -51.55 5.13
C VAL Y 180 7.22 -52.73 4.34
N THR Y 181 6.42 -53.81 4.37
CA THR Y 181 6.71 -55.07 3.70
C THR Y 181 5.55 -55.33 2.74
N GLU Y 182 5.78 -56.15 1.73
CA GLU Y 182 4.73 -56.47 0.76
C GLU Y 182 3.47 -57.00 1.43
N ASP Y 183 3.62 -57.58 2.61
CA ASP Y 183 2.47 -58.11 3.33
C ASP Y 183 1.76 -57.03 4.10
N GLY Y 184 2.38 -55.87 4.18
CA GLY Y 184 1.79 -54.74 4.89
C GLY Y 184 2.82 -54.03 5.73
N TRP Y 185 2.37 -53.06 6.51
CA TRP Y 185 3.28 -52.31 7.36
C TRP Y 185 3.17 -52.84 8.77
N ILE Y 186 4.25 -52.68 9.53
CA ILE Y 186 4.28 -53.13 10.91
C ILE Y 186 4.65 -51.95 11.79
N TYR Y 187 3.74 -51.53 12.66
CA TYR Y 187 4.05 -50.43 13.56
C TYR Y 187 5.22 -50.90 14.39
N HIS Y 188 6.12 -49.98 14.74
CA HIS Y 188 7.28 -50.32 15.54
C HIS Y 188 7.44 -49.39 16.72
N GLY Y 189 6.29 -48.99 17.28
CA GLY Y 189 6.27 -48.17 18.47
C GLY Y 189 6.53 -46.67 18.46
N ASN Y 190 6.12 -46.07 19.56
CA ASN Y 190 6.24 -44.65 19.81
C ASN Y 190 7.33 -44.43 20.86
N HIS Y 191 8.41 -43.78 20.47
CA HIS Y 191 9.51 -43.54 21.38
C HIS Y 191 9.62 -42.08 21.79
N ASP Y 192 9.23 -41.77 23.03
CA ASP Y 192 9.33 -40.41 23.55
C ASP Y 192 10.74 -39.89 23.37
N VAL Y 193 10.87 -38.72 22.74
CA VAL Y 193 12.18 -38.12 22.49
C VAL Y 193 12.89 -37.75 23.78
N GLY Y 194 12.12 -37.37 24.78
CA GLY Y 194 12.71 -37.02 26.06
C GLY Y 194 13.65 -38.12 26.47
N GLU Y 195 13.08 -39.29 26.74
CA GLU Y 195 13.85 -40.46 27.15
C GLU Y 195 14.78 -40.97 26.05
N LEU Y 196 14.30 -41.01 24.82
CA LEU Y 196 15.14 -41.49 23.72
C LEU Y 196 16.46 -40.74 23.59
N PHE Y 197 16.45 -39.44 23.91
CA PHE Y 197 17.65 -38.62 23.82
C PHE Y 197 18.77 -39.10 24.74
N TRP Y 198 18.50 -39.07 26.04
CA TRP Y 198 19.47 -39.51 27.04
C TRP Y 198 20.05 -40.88 26.70
N LYS Y 199 19.15 -41.84 26.49
CA LYS Y 199 19.54 -43.19 26.13
C LYS Y 199 20.59 -43.10 25.01
N VAL Y 200 20.15 -42.68 23.82
CA VAL Y 200 21.05 -42.56 22.68
C VAL Y 200 22.36 -41.83 23.02
N LYS Y 201 22.27 -40.75 23.80
CA LYS Y 201 23.47 -40.00 24.15
C LYS Y 201 24.46 -40.90 24.88
N GLU Y 202 23.97 -41.52 25.95
CA GLU Y 202 24.77 -42.41 26.77
C GLU Y 202 25.30 -43.61 26.01
N GLU Y 203 24.43 -44.34 25.35
CA GLU Y 203 24.83 -45.52 24.59
C GLU Y 203 25.73 -45.26 23.39
N GLU Y 204 25.42 -44.21 22.64
CA GLU Y 204 26.15 -43.87 21.42
C GLU Y 204 27.35 -42.95 21.64
N GLY Y 205 27.29 -42.12 22.69
CA GLY Y 205 28.39 -41.21 22.98
C GLY Y 205 28.27 -39.85 22.30
N SER Y 206 27.27 -39.74 21.42
CA SER Y 206 27.01 -38.53 20.66
C SER Y 206 26.31 -37.47 21.51
N PHE Y 207 25.97 -36.33 20.88
CA PHE Y 207 25.34 -35.22 21.58
C PHE Y 207 26.25 -34.87 22.72
N ASN Y 208 27.54 -35.02 22.45
CA ASN Y 208 28.57 -34.74 23.43
C ASN Y 208 28.37 -33.38 24.07
N ASN Y 209 28.13 -32.39 23.23
CA ASN Y 209 27.93 -31.01 23.64
C ASN Y 209 26.97 -30.84 24.81
N VAL Y 210 25.81 -31.49 24.75
CA VAL Y 210 24.81 -31.38 25.82
C VAL Y 210 25.34 -31.85 27.16
N ILE Y 211 24.91 -31.19 28.23
CA ILE Y 211 25.33 -31.52 29.58
C ILE Y 211 24.30 -32.40 30.27
N GLY Y 212 24.79 -33.39 31.01
CA GLY Y 212 23.91 -34.28 31.73
C GLY Y 212 24.51 -35.67 31.94
N GLN Z 1 -13.38 -1.99 5.91
CA GLN Z 1 -14.07 -3.12 5.20
C GLN Z 1 -14.69 -4.07 6.23
N PHE Z 2 -15.57 -4.96 5.76
CA PHE Z 2 -16.24 -5.91 6.65
C PHE Z 2 -15.42 -7.14 7.02
N ASN Z 3 -15.34 -7.36 8.32
CA ASN Z 3 -14.64 -8.51 8.89
C ASN Z 3 -15.71 -9.44 9.43
N PRO Z 4 -15.84 -10.65 8.85
CA PRO Z 4 -16.83 -11.64 9.27
C PRO Z 4 -16.57 -12.36 10.59
N TYR Z 5 -15.41 -12.11 11.19
CA TYR Z 5 -15.08 -12.78 12.44
C TYR Z 5 -15.00 -11.89 13.68
N GLY Z 6 -15.03 -12.53 14.84
CA GLY Z 6 -14.95 -11.82 16.10
C GLY Z 6 -14.41 -12.78 17.14
N ASP Z 7 -14.04 -12.29 18.32
CA ASP Z 7 -13.53 -13.16 19.37
C ASP Z 7 -14.32 -12.93 20.65
N ASN Z 8 -15.04 -13.95 21.12
CA ASN Z 8 -15.83 -13.81 22.34
C ASN Z 8 -15.16 -14.40 23.56
N GLY Z 9 -13.84 -14.54 23.50
CA GLY Z 9 -13.08 -15.07 24.62
C GLY Z 9 -13.51 -16.41 25.17
N GLY Z 10 -13.56 -16.49 26.50
CA GLY Z 10 -13.92 -17.74 27.15
C GLY Z 10 -12.85 -18.82 27.01
N THR Z 11 -12.90 -19.82 27.87
CA THR Z 11 -11.94 -20.92 27.84
C THR Z 11 -12.69 -22.21 28.16
N ILE Z 12 -12.23 -23.35 27.64
CA ILE Z 12 -12.86 -24.63 27.91
C ILE Z 12 -11.81 -25.69 28.25
N LEU Z 13 -12.22 -26.72 28.98
CA LEU Z 13 -11.31 -27.77 29.41
C LEU Z 13 -11.94 -29.15 29.30
N GLY Z 14 -11.12 -30.14 28.95
CA GLY Z 14 -11.64 -31.50 28.81
C GLY Z 14 -10.71 -32.57 29.34
N ILE Z 15 -11.15 -33.30 30.35
CA ILE Z 15 -10.33 -34.37 30.91
C ILE Z 15 -11.09 -35.68 30.87
N ALA Z 16 -10.41 -36.74 30.47
CA ALA Z 16 -11.01 -38.05 30.35
C ALA Z 16 -10.58 -38.99 31.47
N GLY Z 17 -11.55 -39.46 32.24
CA GLY Z 17 -11.28 -40.38 33.32
C GLY Z 17 -11.40 -41.80 32.81
N GLU Z 18 -11.08 -42.78 33.65
CA GLU Z 18 -11.16 -44.17 33.20
C GLU Z 18 -12.57 -44.63 32.77
N ASP Z 19 -13.58 -44.24 33.52
CA ASP Z 19 -14.94 -44.62 33.15
C ASP Z 19 -15.84 -43.39 33.11
N PHE Z 20 -15.22 -42.23 32.92
CA PHE Z 20 -15.94 -40.96 32.85
C PHE Z 20 -15.10 -39.96 32.06
N ALA Z 21 -15.65 -38.75 31.90
CA ALA Z 21 -14.98 -37.67 31.19
C ALA Z 21 -15.70 -36.38 31.51
N VAL Z 22 -14.96 -35.29 31.58
CA VAL Z 22 -15.55 -33.99 31.88
C VAL Z 22 -15.20 -32.96 30.80
N LEU Z 23 -16.09 -31.99 30.63
CA LEU Z 23 -15.87 -30.92 29.69
C LEU Z 23 -16.36 -29.67 30.39
N ALA Z 24 -15.42 -28.80 30.75
CA ALA Z 24 -15.75 -27.58 31.45
C ALA Z 24 -15.56 -26.33 30.58
N GLY Z 25 -16.07 -25.20 31.05
CA GLY Z 25 -15.93 -23.97 30.32
C GLY Z 25 -16.55 -22.84 31.11
N ASP Z 26 -15.82 -21.73 31.24
CA ASP Z 26 -16.36 -20.58 31.96
C ASP Z 26 -17.63 -20.14 31.26
N THR Z 27 -18.42 -19.31 31.92
CA THR Z 27 -19.65 -18.85 31.30
C THR Z 27 -19.63 -17.38 30.97
N ARG Z 28 -18.43 -16.86 30.70
CA ARG Z 28 -18.29 -15.46 30.33
C ARG Z 28 -18.14 -15.33 28.82
N ASN Z 29 -18.87 -14.37 28.26
CA ASN Z 29 -18.86 -14.10 26.83
C ASN Z 29 -18.49 -12.63 26.72
N ILE Z 30 -17.37 -12.36 26.06
CA ILE Z 30 -16.91 -10.97 25.93
C ILE Z 30 -16.71 -10.48 24.51
N THR Z 31 -16.50 -9.16 24.39
CA THR Z 31 -16.21 -8.49 23.12
C THR Z 31 -15.26 -7.37 23.46
N ASP Z 32 -13.99 -7.54 23.10
CA ASP Z 32 -12.99 -6.51 23.39
C ASP Z 32 -12.83 -6.36 24.89
N TYR Z 33 -13.14 -5.18 25.42
CA TYR Z 33 -13.00 -4.93 26.86
C TYR Z 33 -14.32 -4.95 27.63
N SER Z 34 -15.39 -5.35 26.96
CA SER Z 34 -16.71 -5.41 27.59
C SER Z 34 -17.16 -6.83 27.85
N ILE Z 35 -18.15 -6.99 28.73
CA ILE Z 35 -18.71 -8.29 29.04
C ILE Z 35 -20.11 -8.28 28.45
N ASN Z 36 -20.43 -9.31 27.67
CA ASN Z 36 -21.75 -9.39 27.05
C ASN Z 36 -22.70 -10.17 27.95
N SER Z 37 -22.17 -11.12 28.67
CA SER Z 37 -22.98 -11.92 29.58
C SER Z 37 -22.07 -12.62 30.57
N ARG Z 38 -22.52 -12.69 31.83
CA ARG Z 38 -21.75 -13.37 32.88
C ARG Z 38 -22.16 -14.83 32.93
N TYR Z 39 -23.27 -15.16 32.25
CA TYR Z 39 -23.74 -16.54 32.19
C TYR Z 39 -24.32 -16.91 30.82
N GLU Z 40 -23.47 -17.45 29.95
CA GLU Z 40 -23.89 -17.89 28.61
C GLU Z 40 -23.29 -19.27 28.36
N PRO Z 41 -24.02 -20.34 28.70
CA PRO Z 41 -23.57 -21.72 28.53
C PRO Z 41 -22.81 -21.91 27.21
N LYS Z 42 -21.65 -22.54 27.33
CA LYS Z 42 -20.77 -22.76 26.18
C LYS Z 42 -20.49 -24.25 25.91
N VAL Z 43 -20.90 -25.12 26.85
CA VAL Z 43 -20.74 -26.56 26.70
C VAL Z 43 -22.14 -27.17 26.63
N PHE Z 44 -22.37 -28.00 25.62
CA PHE Z 44 -23.70 -28.61 25.41
C PHE Z 44 -23.77 -30.13 25.39
N ASP Z 45 -24.95 -30.63 25.73
CA ASP Z 45 -25.25 -32.06 25.73
C ASP Z 45 -25.92 -32.27 24.36
N CYS Z 46 -25.30 -33.08 23.51
CA CYS Z 46 -25.83 -33.29 22.16
C CYS Z 46 -26.60 -34.59 21.95
N GLY Z 47 -26.73 -35.40 23.00
CA GLY Z 47 -27.44 -36.66 22.86
C GLY Z 47 -26.45 -37.79 22.71
N ASP Z 48 -26.93 -39.03 22.78
CA ASP Z 48 -26.07 -40.21 22.65
C ASP Z 48 -24.86 -40.17 23.58
N ASN Z 49 -24.99 -39.42 24.67
CA ASN Z 49 -23.92 -39.29 25.65
C ASN Z 49 -22.65 -38.66 25.08
N ILE Z 50 -22.83 -37.49 24.45
CA ILE Z 50 -21.73 -36.74 23.85
C ILE Z 50 -21.88 -35.28 24.25
N VAL Z 51 -20.85 -34.73 24.86
CA VAL Z 51 -20.87 -33.32 25.23
C VAL Z 51 -19.83 -32.66 24.35
N MET Z 52 -20.15 -31.47 23.82
CA MET Z 52 -19.22 -30.78 22.95
C MET Z 52 -19.24 -29.28 23.18
N SER Z 53 -18.12 -28.64 22.82
CA SER Z 53 -17.99 -27.20 22.94
C SER Z 53 -17.14 -26.70 21.79
N ALA Z 54 -17.55 -25.56 21.23
CA ALA Z 54 -16.86 -24.91 20.13
C ALA Z 54 -16.51 -23.52 20.64
N ASN Z 55 -15.25 -23.31 21.03
CA ASN Z 55 -14.86 -22.01 21.56
C ASN Z 55 -14.18 -21.10 20.53
N GLY Z 56 -14.27 -19.79 20.75
CA GLY Z 56 -13.66 -18.84 19.84
C GLY Z 56 -14.61 -17.74 19.41
N PHE Z 57 -15.12 -17.85 18.19
CA PHE Z 57 -16.05 -16.88 17.65
C PHE Z 57 -17.45 -17.47 17.83
N ALA Z 58 -18.16 -16.96 18.83
CA ALA Z 58 -19.50 -17.43 19.17
C ALA Z 58 -20.39 -17.82 18.00
N ALA Z 59 -20.67 -16.88 17.11
CA ALA Z 59 -21.52 -17.17 15.96
C ALA Z 59 -21.12 -18.46 15.24
N ASP Z 60 -19.83 -18.67 15.05
CA ASP Z 60 -19.36 -19.87 14.38
C ASP Z 60 -19.49 -21.06 15.32
N GLY Z 61 -19.20 -20.85 16.60
CA GLY Z 61 -19.31 -21.93 17.57
C GLY Z 61 -20.72 -22.45 17.66
N ASP Z 62 -21.70 -21.56 17.69
CA ASP Z 62 -23.10 -21.97 17.78
C ASP Z 62 -23.58 -22.68 16.53
N ALA Z 63 -23.18 -22.18 15.37
CA ALA Z 63 -23.57 -22.77 14.12
C ALA Z 63 -23.06 -24.20 14.01
N LEU Z 64 -21.86 -24.45 14.51
CA LEU Z 64 -21.28 -25.79 14.45
C LEU Z 64 -22.05 -26.74 15.39
N VAL Z 65 -22.19 -26.34 16.65
CA VAL Z 65 -22.91 -27.15 17.61
C VAL Z 65 -24.30 -27.48 17.07
N LYS Z 66 -24.96 -26.47 16.50
CA LYS Z 66 -26.30 -26.65 15.94
C LYS Z 66 -26.26 -27.65 14.79
N ARG Z 67 -25.26 -27.55 13.93
CA ARG Z 67 -25.16 -28.47 12.81
C ARG Z 67 -24.85 -29.88 13.28
N PHE Z 68 -24.05 -30.01 14.34
CA PHE Z 68 -23.70 -31.34 14.83
C PHE Z 68 -24.89 -32.03 15.45
N LYS Z 69 -25.61 -31.31 16.31
CA LYS Z 69 -26.78 -31.87 16.96
C LYS Z 69 -27.72 -32.41 15.89
N ASN Z 70 -27.88 -31.64 14.82
CA ASN Z 70 -28.76 -32.06 13.74
C ASN Z 70 -28.18 -33.30 13.07
N SER Z 71 -26.86 -33.39 13.07
CA SER Z 71 -26.20 -34.53 12.46
C SER Z 71 -26.60 -35.78 13.24
N VAL Z 72 -26.60 -35.66 14.56
CA VAL Z 72 -26.99 -36.76 15.44
C VAL Z 72 -28.43 -37.17 15.14
N LYS Z 73 -29.32 -36.18 15.08
CA LYS Z 73 -30.73 -36.41 14.79
C LYS Z 73 -30.88 -37.28 13.54
N TRP Z 74 -30.26 -36.87 12.44
CA TRP Z 74 -30.36 -37.64 11.20
C TRP Z 74 -29.65 -38.96 11.25
N TYR Z 75 -28.64 -39.09 12.09
CA TYR Z 75 -27.93 -40.37 12.19
C TYR Z 75 -28.96 -41.39 12.64
N HIS Z 76 -29.79 -41.00 13.60
CA HIS Z 76 -30.86 -41.86 14.11
C HIS Z 76 -31.88 -42.15 13.00
N PHE Z 77 -32.36 -41.11 12.35
CA PHE Z 77 -33.33 -41.28 11.29
C PHE Z 77 -32.86 -42.23 10.18
N ASP Z 78 -31.57 -42.20 9.87
CA ASP Z 78 -31.06 -43.02 8.78
C ASP Z 78 -30.51 -44.39 9.12
N HIS Z 79 -30.02 -44.57 10.33
CA HIS Z 79 -29.46 -45.87 10.67
C HIS Z 79 -30.17 -46.54 11.83
N ASN Z 80 -31.50 -46.48 11.76
CA ASN Z 80 -32.37 -47.08 12.76
C ASN Z 80 -31.92 -46.77 14.19
N ASP Z 81 -32.20 -45.55 14.63
CA ASP Z 81 -31.86 -45.10 15.97
C ASP Z 81 -30.57 -45.64 16.58
N LYS Z 82 -29.59 -45.98 15.73
CA LYS Z 82 -28.31 -46.47 16.21
C LYS Z 82 -27.63 -45.37 17.04
N LYS Z 83 -26.83 -45.78 18.01
CA LYS Z 83 -26.13 -44.80 18.85
C LYS Z 83 -24.88 -44.35 18.08
N LEU Z 84 -24.62 -43.04 18.14
CA LEU Z 84 -23.46 -42.48 17.47
C LEU Z 84 -22.27 -42.56 18.41
N SER Z 85 -21.35 -43.47 18.12
CA SER Z 85 -20.17 -43.64 18.95
C SER Z 85 -19.32 -42.39 18.93
N ILE Z 86 -18.71 -42.06 20.07
CA ILE Z 86 -17.85 -40.87 20.19
C ILE Z 86 -16.80 -40.79 19.07
N ASN Z 87 -16.26 -41.93 18.66
CA ASN Z 87 -15.27 -41.95 17.59
C ASN Z 87 -15.91 -41.56 16.27
N SER Z 88 -17.16 -41.97 16.07
CA SER Z 88 -17.87 -41.67 14.84
C SER Z 88 -18.32 -40.21 14.83
N ALA Z 89 -18.66 -39.70 15.99
CA ALA Z 89 -19.07 -38.31 16.09
C ALA Z 89 -17.88 -37.44 15.71
N ALA Z 90 -16.70 -37.77 16.21
CA ALA Z 90 -15.48 -37.02 15.89
C ALA Z 90 -15.29 -36.94 14.39
N ARG Z 91 -15.23 -38.09 13.71
CA ARG Z 91 -15.03 -38.11 12.27
C ARG Z 91 -16.08 -37.27 11.56
N ASN Z 92 -17.30 -37.28 12.07
CA ASN Z 92 -18.36 -36.49 11.48
C ASN Z 92 -18.02 -35.01 11.63
N ILE Z 93 -17.58 -34.63 12.83
CA ILE Z 93 -17.22 -33.24 13.09
C ILE Z 93 -16.10 -32.79 12.17
N GLN Z 94 -15.17 -33.69 11.85
CA GLN Z 94 -14.09 -33.33 10.95
C GLN Z 94 -14.65 -32.89 9.61
N HIS Z 95 -15.57 -33.68 9.07
CA HIS Z 95 -16.16 -33.31 7.80
C HIS Z 95 -16.97 -32.03 7.90
N LEU Z 96 -17.58 -31.80 9.05
CA LEU Z 96 -18.36 -30.59 9.24
C LEU Z 96 -17.43 -29.40 9.15
N LEU Z 97 -16.29 -29.50 9.82
CA LEU Z 97 -15.30 -28.45 9.84
C LEU Z 97 -14.59 -28.26 8.51
N TYR Z 98 -14.02 -29.33 7.98
CA TYR Z 98 -13.31 -29.25 6.71
C TYR Z 98 -14.23 -28.81 5.58
N GLY Z 99 -15.53 -28.91 5.82
CA GLY Z 99 -16.47 -28.49 4.80
C GLY Z 99 -16.33 -27.01 4.52
N LYS Z 100 -15.76 -26.26 5.47
CA LYS Z 100 -15.54 -24.81 5.33
C LYS Z 100 -14.04 -24.52 5.36
N ARG Z 101 -13.27 -25.41 4.73
CA ARG Z 101 -11.83 -25.29 4.70
C ARG Z 101 -11.35 -23.92 4.23
N PHE Z 102 -12.14 -23.28 3.39
CA PHE Z 102 -11.74 -21.99 2.85
C PHE Z 102 -12.56 -20.80 3.34
N PHE Z 103 -13.18 -20.97 4.50
CA PHE Z 103 -13.99 -19.95 5.19
C PHE Z 103 -14.32 -20.63 6.50
N PRO Z 104 -13.28 -21.00 7.26
CA PRO Z 104 -13.29 -21.67 8.55
C PRO Z 104 -14.24 -21.24 9.64
N TYR Z 105 -14.60 -22.21 10.47
CA TYR Z 105 -15.41 -21.97 11.65
C TYR Z 105 -14.28 -21.49 12.58
N TYR Z 106 -14.33 -20.24 12.98
CA TYR Z 106 -13.26 -19.72 13.82
C TYR Z 106 -13.37 -20.24 15.25
N VAL Z 107 -13.31 -21.55 15.41
CA VAL Z 107 -13.43 -22.15 16.74
C VAL Z 107 -12.49 -23.31 16.98
N HIS Z 108 -12.16 -23.52 18.25
CA HIS Z 108 -11.34 -24.66 18.69
C HIS Z 108 -12.42 -25.51 19.36
N THR Z 109 -12.75 -26.65 18.78
CA THR Z 109 -13.79 -27.48 19.35
C THR Z 109 -13.34 -28.79 20.03
N ILE Z 110 -13.97 -29.11 21.16
CA ILE Z 110 -13.68 -30.31 21.94
C ILE Z 110 -14.97 -31.07 22.30
N ILE Z 111 -14.94 -32.40 22.20
CA ILE Z 111 -16.10 -33.22 22.59
C ILE Z 111 -15.61 -34.26 23.62
N ALA Z 112 -16.53 -34.67 24.49
CA ALA Z 112 -16.21 -35.65 25.54
C ALA Z 112 -17.28 -36.73 25.67
N GLY Z 113 -16.85 -37.92 26.07
CA GLY Z 113 -17.78 -39.01 26.24
C GLY Z 113 -17.09 -40.32 26.61
N LEU Z 114 -17.75 -41.43 26.33
CA LEU Z 114 -17.19 -42.75 26.63
C LEU Z 114 -17.07 -43.46 25.30
N ASP Z 115 -15.96 -44.15 25.06
CA ASP Z 115 -15.85 -44.86 23.80
C ASP Z 115 -16.68 -46.14 23.90
N GLU Z 116 -16.46 -47.05 22.95
CA GLU Z 116 -17.23 -48.28 22.94
C GLU Z 116 -16.79 -49.37 23.92
N ASP Z 117 -15.87 -49.06 24.81
CA ASP Z 117 -15.42 -50.02 25.81
C ASP Z 117 -15.70 -49.46 27.20
N GLY Z 118 -16.46 -48.37 27.24
CA GLY Z 118 -16.81 -47.76 28.52
C GLY Z 118 -15.79 -46.77 29.00
N LYS Z 119 -14.59 -46.79 28.42
CA LYS Z 119 -13.52 -45.88 28.80
C LYS Z 119 -13.84 -44.41 28.48
N GLY Z 120 -13.24 -43.51 29.26
CA GLY Z 120 -13.46 -42.08 29.06
C GLY Z 120 -12.70 -41.57 27.84
N ALA Z 121 -13.33 -40.65 27.11
CA ALA Z 121 -12.70 -40.11 25.91
C ALA Z 121 -12.90 -38.60 25.64
N VAL Z 122 -11.85 -38.00 25.09
CA VAL Z 122 -11.85 -36.59 24.73
C VAL Z 122 -11.21 -36.42 23.36
N TYR Z 123 -11.85 -35.60 22.52
CA TYR Z 123 -11.38 -35.33 21.17
C TYR Z 123 -11.35 -33.81 20.97
N SER Z 124 -10.28 -33.29 20.38
CA SER Z 124 -10.17 -31.86 20.12
C SER Z 124 -9.90 -31.64 18.62
N PHE Z 125 -10.40 -30.53 18.09
CA PHE Z 125 -10.26 -30.22 16.67
C PHE Z 125 -9.64 -28.88 16.29
N ASP Z 126 -9.06 -28.88 15.09
CA ASP Z 126 -8.43 -27.75 14.43
C ASP Z 126 -9.58 -26.87 13.97
N PRO Z 127 -9.32 -25.58 13.75
CA PRO Z 127 -10.48 -24.83 13.28
C PRO Z 127 -10.89 -25.39 11.91
N VAL Z 128 -10.02 -26.19 11.30
CA VAL Z 128 -10.35 -26.77 10.01
C VAL Z 128 -10.53 -28.29 9.94
N GLY Z 129 -10.69 -28.96 11.08
CA GLY Z 129 -10.95 -30.38 11.03
C GLY Z 129 -9.87 -31.39 11.36
N SER Z 130 -8.74 -30.93 11.86
CA SER Z 130 -7.71 -31.88 12.24
C SER Z 130 -8.10 -32.34 13.64
N TYR Z 131 -8.15 -33.64 13.90
CA TYR Z 131 -8.51 -34.11 15.24
C TYR Z 131 -7.67 -35.25 15.81
N GLU Z 132 -7.64 -35.33 17.13
CA GLU Z 132 -6.86 -36.33 17.86
C GLU Z 132 -7.64 -36.75 19.08
N ARG Z 133 -7.45 -37.99 19.53
CA ARG Z 133 -8.11 -38.39 20.76
C ARG Z 133 -7.05 -38.06 21.80
N GLU Z 134 -7.45 -37.44 22.92
CA GLU Z 134 -6.49 -37.05 23.94
C GLU Z 134 -6.94 -37.29 25.37
N GLN Z 135 -5.99 -37.26 26.29
CA GLN Z 135 -6.29 -37.49 27.69
C GLN Z 135 -7.01 -36.26 28.26
N CYS Z 136 -6.42 -35.10 28.04
CA CYS Z 136 -7.03 -33.85 28.50
C CYS Z 136 -6.61 -32.79 27.49
N ARG Z 137 -7.34 -31.68 27.47
CA ARG Z 137 -7.06 -30.61 26.53
C ARG Z 137 -7.83 -29.36 26.87
N ALA Z 138 -7.10 -28.25 27.00
CA ALA Z 138 -7.71 -26.97 27.30
C ALA Z 138 -7.74 -26.22 25.98
N GLY Z 139 -8.79 -25.44 25.76
CA GLY Z 139 -8.91 -24.69 24.53
C GLY Z 139 -9.51 -23.32 24.78
N GLY Z 140 -9.08 -22.33 24.01
CA GLY Z 140 -9.62 -20.99 24.21
C GLY Z 140 -8.62 -20.03 24.80
N ALA Z 141 -9.12 -18.87 25.20
CA ALA Z 141 -8.31 -17.81 25.77
C ALA Z 141 -7.14 -18.21 26.67
N ALA Z 142 -7.42 -18.88 27.79
CA ALA Z 142 -6.37 -19.28 28.73
C ALA Z 142 -5.76 -20.65 28.47
N ALA Z 143 -6.04 -21.22 27.31
CA ALA Z 143 -5.51 -22.54 26.98
C ALA Z 143 -4.01 -22.65 27.25
N SER Z 144 -3.26 -21.57 27.01
CA SER Z 144 -1.81 -21.59 27.22
C SER Z 144 -1.45 -21.57 28.69
N LEU Z 145 -2.35 -21.07 29.54
CA LEU Z 145 -2.09 -21.05 30.98
C LEU Z 145 -2.37 -22.39 31.59
N ILE Z 146 -3.47 -23.01 31.16
CA ILE Z 146 -3.89 -24.30 31.69
C ILE Z 146 -3.16 -25.56 31.23
N MET Z 147 -2.87 -25.65 29.93
CA MET Z 147 -2.20 -26.85 29.44
C MET Z 147 -0.96 -27.29 30.19
N PRO Z 148 -0.03 -26.36 30.48
CA PRO Z 148 1.20 -26.73 31.19
C PRO Z 148 0.87 -27.43 32.51
N PHE Z 149 -0.12 -26.87 33.19
CA PHE Z 149 -0.59 -27.40 34.47
C PHE Z 149 -1.07 -28.83 34.29
N LEU Z 150 -2.06 -29.02 33.42
CA LEU Z 150 -2.62 -30.33 33.14
C LEU Z 150 -1.57 -31.36 32.73
N ASP Z 151 -0.49 -30.92 32.07
CA ASP Z 151 0.54 -31.88 31.67
C ASP Z 151 1.27 -32.37 32.90
N ASN Z 152 1.30 -31.54 33.92
CA ASN Z 152 1.97 -31.86 35.16
C ASN Z 152 1.07 -32.72 36.06
N GLN Z 153 -0.09 -32.17 36.39
CA GLN Z 153 -1.05 -32.83 37.27
C GLN Z 153 -1.96 -33.91 36.69
N VAL Z 154 -1.80 -34.27 35.42
CA VAL Z 154 -2.66 -35.30 34.84
C VAL Z 154 -1.85 -36.39 34.14
N ASN Z 155 -0.73 -36.02 33.54
CA ASN Z 155 0.09 -37.02 32.87
C ASN Z 155 1.46 -37.06 33.55
N PHE Z 156 1.50 -36.46 34.74
CA PHE Z 156 2.69 -36.39 35.60
C PHE Z 156 4.01 -36.16 34.87
N LYS Z 157 4.04 -35.15 34.00
CA LYS Z 157 5.25 -34.81 33.23
C LYS Z 157 6.30 -34.12 34.11
N ASN Z 158 7.57 -34.42 33.86
CA ASN Z 158 8.67 -33.83 34.63
C ASN Z 158 8.67 -34.19 36.11
N GLN Z 159 7.77 -35.11 36.49
CA GLN Z 159 7.68 -35.57 37.87
C GLN Z 159 8.32 -36.95 37.97
N TYR Z 160 9.35 -37.07 38.78
CA TYR Z 160 10.08 -38.33 38.95
C TYR Z 160 9.88 -38.95 40.35
N GLU Z 161 10.24 -40.22 40.46
CA GLU Z 161 10.14 -40.95 41.73
C GLU Z 161 11.22 -40.46 42.69
N PRO Z 162 10.82 -39.84 43.83
CA PRO Z 162 11.82 -39.35 44.79
C PRO Z 162 12.90 -40.38 45.08
N GLY Z 163 14.15 -39.93 45.04
CA GLY Z 163 15.26 -40.82 45.31
C GLY Z 163 15.73 -41.67 44.14
N THR Z 164 14.85 -41.95 43.18
CA THR Z 164 15.24 -42.78 42.03
C THR Z 164 16.28 -42.15 41.11
N ASN Z 165 16.78 -40.98 41.50
CA ASN Z 165 17.79 -40.29 40.72
C ASN Z 165 17.24 -39.92 39.34
N GLY Z 166 15.97 -39.50 39.31
CA GLY Z 166 15.34 -39.15 38.05
C GLY Z 166 15.59 -40.19 36.97
N LYS Z 167 15.48 -41.45 37.35
CA LYS Z 167 15.67 -42.57 36.42
C LYS Z 167 14.38 -43.38 36.32
N VAL Z 168 13.44 -43.06 37.21
CA VAL Z 168 12.14 -43.72 37.25
C VAL Z 168 11.10 -42.61 37.35
N LYS Z 169 10.26 -42.49 36.33
CA LYS Z 169 9.22 -41.47 36.31
C LYS Z 169 8.04 -41.86 37.18
N LYS Z 170 7.41 -40.87 37.81
CA LYS Z 170 6.23 -41.13 38.63
C LYS Z 170 5.27 -41.90 37.73
N PRO Z 171 4.67 -43.00 38.24
CA PRO Z 171 3.73 -43.83 37.49
C PRO Z 171 2.43 -43.12 37.11
N LEU Z 172 1.83 -43.58 36.01
CA LEU Z 172 0.59 -43.02 35.48
C LEU Z 172 -0.73 -43.43 36.15
N LYS Z 173 -0.75 -43.57 37.47
CA LYS Z 173 -1.98 -43.95 38.17
C LYS Z 173 -3.09 -42.97 37.79
N TYR Z 174 -4.16 -43.44 37.13
CA TYR Z 174 -5.20 -42.53 36.73
C TYR Z 174 -6.15 -41.94 37.78
N LEU Z 175 -6.54 -40.70 37.53
CA LEU Z 175 -7.40 -39.92 38.42
C LEU Z 175 -8.84 -40.35 38.52
N SER Z 176 -9.48 -39.93 39.60
CA SER Z 176 -10.87 -40.22 39.86
C SER Z 176 -11.67 -39.00 39.44
N VAL Z 177 -12.99 -39.07 39.55
CA VAL Z 177 -13.82 -37.94 39.15
C VAL Z 177 -13.68 -36.79 40.14
N GLU Z 178 -13.46 -37.10 41.41
CA GLU Z 178 -13.33 -36.06 42.42
C GLU Z 178 -11.98 -35.36 42.32
N GLU Z 179 -10.96 -36.12 41.98
CA GLU Z 179 -9.63 -35.57 41.84
C GLU Z 179 -9.62 -34.67 40.61
N VAL Z 180 -10.29 -35.12 39.55
CA VAL Z 180 -10.37 -34.35 38.31
C VAL Z 180 -11.08 -33.01 38.51
N ILE Z 181 -12.28 -33.05 39.06
CA ILE Z 181 -13.03 -31.82 39.28
C ILE Z 181 -12.20 -30.80 40.07
N LYS Z 182 -11.29 -31.28 40.91
CA LYS Z 182 -10.45 -30.37 41.70
C LYS Z 182 -9.49 -29.63 40.78
N LEU Z 183 -8.87 -30.39 39.88
CA LEU Z 183 -7.92 -29.83 38.92
C LEU Z 183 -8.61 -28.82 38.02
N VAL Z 184 -9.86 -29.09 37.69
CA VAL Z 184 -10.64 -28.20 36.83
C VAL Z 184 -10.90 -26.86 37.51
N ARG Z 185 -11.38 -26.91 38.74
CA ARG Z 185 -11.68 -25.69 39.48
C ARG Z 185 -10.43 -24.86 39.72
N ASP Z 186 -9.33 -25.52 40.02
CA ASP Z 186 -8.08 -24.82 40.26
C ASP Z 186 -7.56 -24.24 38.94
N SER Z 187 -7.77 -24.96 37.85
CA SER Z 187 -7.33 -24.50 36.56
C SER Z 187 -8.06 -23.22 36.21
N PHE Z 188 -9.36 -23.18 36.50
CA PHE Z 188 -10.11 -21.98 36.19
C PHE Z 188 -9.91 -20.81 37.16
N THR Z 189 -9.70 -21.10 38.43
CA THR Z 189 -9.49 -20.01 39.37
C THR Z 189 -8.13 -19.38 39.07
N SER Z 190 -7.17 -20.20 38.63
CA SER Z 190 -5.85 -19.70 38.29
C SER Z 190 -5.97 -18.84 37.03
N ALA Z 191 -6.56 -19.42 36.00
CA ALA Z 191 -6.76 -18.71 34.76
C ALA Z 191 -7.47 -17.38 35.00
N THR Z 192 -8.49 -17.38 35.86
CA THR Z 192 -9.23 -16.16 36.15
C THR Z 192 -8.37 -15.09 36.81
N GLU Z 193 -7.26 -15.52 37.42
CA GLU Z 193 -6.38 -14.57 38.07
C GLU Z 193 -5.56 -13.77 37.08
N ARG Z 194 -5.02 -14.45 36.07
CA ARG Z 194 -4.17 -13.79 35.07
C ARG Z 194 -4.76 -13.45 33.72
N HIS Z 195 -5.98 -13.87 33.43
CA HIS Z 195 -6.54 -13.56 32.13
C HIS Z 195 -7.86 -12.80 32.23
N ILE Z 196 -7.87 -11.61 31.65
CA ILE Z 196 -9.05 -10.75 31.70
C ILE Z 196 -10.30 -11.23 30.97
N GLN Z 197 -10.19 -12.31 30.20
CA GLN Z 197 -11.35 -12.83 29.48
C GLN Z 197 -11.96 -14.04 30.17
N VAL Z 198 -11.34 -14.46 31.27
CA VAL Z 198 -11.83 -15.61 32.01
C VAL Z 198 -12.40 -15.21 33.37
N GLY Z 199 -13.59 -15.71 33.70
CA GLY Z 199 -14.22 -15.40 34.97
C GLY Z 199 -15.72 -15.60 35.01
N ASP Z 200 -16.37 -14.97 35.98
CA ASP Z 200 -17.82 -15.04 36.19
C ASP Z 200 -18.39 -16.37 36.71
N GLY Z 201 -18.22 -17.45 35.95
CA GLY Z 201 -18.72 -18.74 36.39
C GLY Z 201 -18.18 -19.91 35.59
N LEU Z 202 -17.96 -21.04 36.25
CA LEU Z 202 -17.45 -22.24 35.60
C LEU Z 202 -18.52 -23.33 35.62
N GLU Z 203 -18.85 -23.87 34.45
CA GLU Z 203 -19.87 -24.91 34.37
C GLU Z 203 -19.21 -26.17 33.83
N ILE Z 204 -19.37 -27.27 34.59
CA ILE Z 204 -18.78 -28.54 34.21
C ILE Z 204 -19.87 -29.53 33.81
N LEU Z 205 -19.55 -30.41 32.88
CA LEU Z 205 -20.49 -31.43 32.46
C LEU Z 205 -19.77 -32.77 32.58
N ILE Z 206 -20.32 -33.69 33.37
CA ILE Z 206 -19.71 -35.00 33.59
C ILE Z 206 -20.41 -36.15 32.86
N VAL Z 207 -19.63 -36.92 32.12
CA VAL Z 207 -20.16 -38.03 31.35
C VAL Z 207 -19.77 -39.38 31.94
N THR Z 208 -20.79 -40.13 32.34
CA THR Z 208 -20.62 -41.46 32.92
C THR Z 208 -21.60 -42.38 32.22
N LYS Z 209 -21.39 -43.68 32.32
CA LYS Z 209 -22.27 -44.66 31.69
C LYS Z 209 -23.74 -44.40 32.02
N ASP Z 210 -23.99 -43.53 32.98
CA ASP Z 210 -25.36 -43.22 33.40
C ASP Z 210 -25.95 -42.04 32.65
N GLY Z 211 -25.08 -41.14 32.19
CA GLY Z 211 -25.58 -39.99 31.46
C GLY Z 211 -24.76 -38.73 31.64
N VAL Z 212 -25.44 -37.60 31.63
CA VAL Z 212 -24.79 -36.31 31.77
C VAL Z 212 -25.23 -35.50 32.98
N ARG Z 213 -24.27 -35.20 33.87
CA ARG Z 213 -24.53 -34.38 35.07
C ARG Z 213 -23.84 -33.01 34.91
N LYS Z 214 -24.33 -32.00 35.62
CA LYS Z 214 -23.76 -30.65 35.55
C LYS Z 214 -23.50 -30.03 36.92
N GLU Z 215 -22.31 -29.45 37.11
CA GLU Z 215 -21.97 -28.78 38.35
C GLU Z 215 -21.59 -27.35 38.01
N PHE Z 216 -21.91 -26.40 38.87
CA PHE Z 216 -21.62 -25.00 38.60
C PHE Z 216 -20.91 -24.29 39.75
N TYR Z 217 -19.88 -23.51 39.44
CA TYR Z 217 -19.16 -22.78 40.46
C TYR Z 217 -18.93 -21.33 40.07
N GLU Z 218 -19.08 -20.43 41.03
CA GLU Z 218 -18.84 -19.02 40.80
C GLU Z 218 -17.33 -18.80 40.59
N LEU Z 219 -16.99 -17.76 39.83
CA LEU Z 219 -15.61 -17.38 39.55
C LEU Z 219 -15.56 -15.86 39.74
N LYS Z 220 -14.37 -15.29 39.95
CA LYS Z 220 -14.25 -13.85 40.15
C LYS Z 220 -14.84 -13.06 38.98
N ARG Z 221 -15.57 -12.00 39.29
CA ARG Z 221 -16.24 -11.19 38.27
C ARG Z 221 -15.55 -9.90 37.84
N ASP Z 222 -14.28 -9.73 38.20
CA ASP Z 222 -13.55 -8.52 37.83
C ASP Z 222 -12.85 -8.63 36.46
N THR AA 1 -20.39 -6.91 1.41
CA THR AA 1 -19.81 -5.93 2.38
C THR AA 1 -20.30 -4.55 2.01
N GLN AA 2 -20.54 -3.73 3.03
CA GLN AA 2 -21.06 -2.40 2.85
C GLN AA 2 -20.54 -1.54 3.97
N GLN AA 3 -21.26 -0.45 4.23
CA GLN AA 3 -20.92 0.48 5.29
C GLN AA 3 -22.18 1.26 5.61
N PRO AA 4 -22.47 1.43 6.91
CA PRO AA 4 -23.66 2.17 7.34
C PRO AA 4 -23.66 3.64 6.94
N ILE AA 5 -24.86 4.18 6.68
CA ILE AA 5 -25.02 5.58 6.29
C ILE AA 5 -25.88 6.30 7.33
N VAL AA 6 -27.20 6.05 7.33
CA VAL AA 6 -28.08 6.67 8.32
C VAL AA 6 -28.12 5.67 9.48
N THR AA 7 -27.73 6.09 10.67
CA THR AA 7 -27.66 5.14 11.79
C THR AA 7 -28.33 5.51 13.10
N GLY AA 8 -28.72 4.47 13.82
CA GLY AA 8 -29.37 4.63 15.10
C GLY AA 8 -28.40 4.19 16.16
N THR AA 9 -28.32 4.95 17.26
CA THR AA 9 -27.41 4.64 18.34
C THR AA 9 -27.93 3.56 19.31
N SER AA 10 -27.49 3.61 20.55
CA SER AA 10 -27.86 2.63 21.58
C SER AA 10 -29.30 2.14 21.72
N VAL AA 11 -29.41 0.95 22.29
CA VAL AA 11 -30.68 0.29 22.59
C VAL AA 11 -30.44 -0.39 23.94
N ILE AA 12 -31.08 0.13 24.99
CA ILE AA 12 -30.90 -0.46 26.32
C ILE AA 12 -32.12 -1.24 26.75
N SER AA 13 -31.89 -2.26 27.57
CA SER AA 13 -32.96 -3.10 28.05
C SER AA 13 -32.54 -3.93 29.26
N MET AA 14 -33.52 -4.35 30.04
CA MET AA 14 -33.28 -5.18 31.21
C MET AA 14 -34.58 -5.91 31.50
N LYS AA 15 -34.51 -6.93 32.34
CA LYS AA 15 -35.71 -7.67 32.69
C LYS AA 15 -35.97 -7.64 34.19
N TYR AA 16 -37.23 -7.43 34.57
CA TYR AA 16 -37.62 -7.42 35.98
C TYR AA 16 -38.45 -8.67 36.31
N ASP AA 17 -38.99 -8.73 37.52
CA ASP AA 17 -39.76 -9.92 37.95
C ASP AA 17 -40.99 -10.32 37.13
N ASN AA 18 -41.65 -9.37 36.49
CA ASN AA 18 -42.84 -9.70 35.71
C ASN AA 18 -42.71 -9.61 34.21
N GLY AA 19 -41.80 -8.75 33.74
CA GLY AA 19 -41.61 -8.60 32.31
C GLY AA 19 -40.22 -8.15 31.92
N VAL AA 20 -40.16 -7.27 30.93
CA VAL AA 20 -38.90 -6.73 30.42
C VAL AA 20 -39.14 -5.32 29.91
N ILE AA 21 -38.09 -4.50 29.91
CA ILE AA 21 -38.21 -3.13 29.43
C ILE AA 21 -37.12 -2.91 28.40
N ILE AA 22 -37.42 -2.07 27.40
CA ILE AA 22 -36.47 -1.77 26.34
C ILE AA 22 -36.69 -0.34 25.86
N ALA AA 23 -35.60 0.36 25.59
CA ALA AA 23 -35.72 1.74 25.14
C ALA AA 23 -34.68 2.13 24.08
N ALA AA 24 -34.99 3.18 23.32
CA ALA AA 24 -34.11 3.65 22.25
C ALA AA 24 -34.52 5.05 21.82
N ASP AA 25 -33.56 5.97 21.74
CA ASP AA 25 -33.88 7.33 21.33
C ASP AA 25 -34.42 7.38 19.91
N ASN AA 26 -35.06 8.48 19.55
CA ASN AA 26 -35.66 8.60 18.23
C ASN AA 26 -34.78 9.35 17.25
N LEU AA 27 -33.50 9.04 17.22
CA LEU AA 27 -32.57 9.72 16.32
C LEU AA 27 -32.07 8.88 15.15
N GLY AA 28 -31.79 9.56 14.04
CA GLY AA 28 -31.26 8.93 12.84
C GLY AA 28 -30.10 9.80 12.36
N SER AA 29 -28.89 9.44 12.78
CA SER AA 29 -27.71 10.20 12.41
C SER AA 29 -27.19 9.87 11.03
N TYR AA 30 -26.58 10.87 10.40
CA TYR AA 30 -25.97 10.74 9.08
C TYR AA 30 -24.57 11.25 9.30
N GLY AA 31 -23.73 10.40 9.87
CA GLY AA 31 -22.38 10.84 10.15
C GLY AA 31 -22.45 11.58 11.46
N SER AA 32 -22.03 12.83 11.44
CA SER AA 32 -22.06 13.65 12.64
C SER AA 32 -23.26 14.60 12.58
N LEU AA 33 -24.03 14.53 11.50
CA LEU AA 33 -25.22 15.36 11.34
C LEU AA 33 -26.41 14.60 11.94
N LEU AA 34 -27.03 15.14 12.98
CA LEU AA 34 -28.18 14.49 13.60
C LEU AA 34 -29.39 14.77 12.70
N ARG AA 35 -29.34 14.21 11.49
CA ARG AA 35 -30.34 14.43 10.44
C ARG AA 35 -31.83 14.16 10.65
N PHE AA 36 -32.18 12.99 11.18
CA PHE AA 36 -33.59 12.67 11.37
C PHE AA 36 -33.99 12.50 12.82
N ASN AA 37 -35.05 13.19 13.24
CA ASN AA 37 -35.47 13.11 14.63
C ASN AA 37 -36.78 12.40 14.97
N GLY AA 38 -37.46 11.86 13.97
CA GLY AA 38 -38.70 11.17 14.27
C GLY AA 38 -38.59 9.70 13.94
N VAL AA 39 -37.46 9.09 14.32
CA VAL AA 39 -37.24 7.68 14.01
C VAL AA 39 -37.55 6.72 15.14
N GLU AA 40 -38.56 5.88 14.92
CA GLU AA 40 -38.91 4.90 15.91
C GLU AA 40 -38.02 3.70 15.66
N ARG AA 41 -37.26 3.30 16.67
CA ARG AA 41 -36.37 2.17 16.54
C ARG AA 41 -36.80 0.99 17.40
N LEU AA 42 -38.05 1.03 17.85
CA LEU AA 42 -38.60 -0.08 18.64
C LEU AA 42 -39.73 -0.66 17.80
N ILE AA 43 -39.59 -1.91 17.40
CA ILE AA 43 -40.60 -2.55 16.56
C ILE AA 43 -41.41 -3.56 17.37
N PRO AA 44 -42.69 -3.26 17.60
CA PRO AA 44 -43.53 -4.18 18.37
C PRO AA 44 -44.09 -5.23 17.42
N VAL AA 45 -43.85 -6.50 17.72
CA VAL AA 45 -44.36 -7.59 16.89
C VAL AA 45 -45.32 -8.40 17.74
N GLY AA 46 -46.61 -8.27 17.44
CA GLY AA 46 -47.61 -8.97 18.21
C GLY AA 46 -47.92 -8.12 19.44
N ASP AA 47 -48.13 -8.78 20.57
CA ASP AA 47 -48.43 -8.05 21.79
C ASP AA 47 -47.57 -8.56 22.94
N ASN AA 48 -46.60 -9.41 22.62
CA ASN AA 48 -45.70 -9.97 23.62
C ASN AA 48 -44.22 -9.76 23.27
N THR AA 49 -43.97 -9.12 22.13
CA THR AA 49 -42.61 -8.89 21.67
C THR AA 49 -42.36 -7.51 21.12
N VAL AA 50 -41.18 -6.99 21.41
CA VAL AA 50 -40.74 -5.69 20.90
C VAL AA 50 -39.28 -5.86 20.51
N VAL AA 51 -38.97 -5.51 19.27
CA VAL AA 51 -37.61 -5.63 18.73
C VAL AA 51 -36.94 -4.27 18.60
N GLY AA 52 -35.85 -4.09 19.35
CA GLY AA 52 -35.12 -2.83 19.32
C GLY AA 52 -33.91 -2.95 18.43
N ILE AA 53 -33.77 -2.01 17.49
CA ILE AA 53 -32.69 -2.04 16.53
C ILE AA 53 -31.79 -0.81 16.51
N SER AA 54 -30.49 -1.04 16.32
CA SER AA 54 -29.49 0.03 16.22
C SER AA 54 -28.63 -0.28 15.01
N GLY AA 55 -27.97 0.73 14.47
CA GLY AA 55 -27.15 0.50 13.31
C GLY AA 55 -27.70 1.19 12.08
N ASP AA 56 -27.53 0.56 10.93
CA ASP AA 56 -28.00 1.16 9.69
C ASP AA 56 -29.52 1.19 9.63
N ILE AA 57 -30.07 2.39 9.46
CA ILE AA 57 -31.51 2.59 9.42
C ILE AA 57 -32.17 1.93 8.21
N SER AA 58 -31.56 2.03 7.03
CA SER AA 58 -32.16 1.41 5.85
C SER AA 58 -32.25 -0.11 6.07
N ASP AA 59 -31.25 -0.68 6.71
CA ASP AA 59 -31.26 -2.10 7.01
C ASP AA 59 -32.35 -2.39 8.06
N MET AA 60 -32.54 -1.47 8.99
CA MET AA 60 -33.57 -1.64 10.02
C MET AA 60 -34.94 -1.70 9.35
N GLN AA 61 -35.23 -0.73 8.48
CA GLN AA 61 -36.49 -0.66 7.77
C GLN AA 61 -36.74 -1.96 7.01
N HIS AA 62 -35.66 -2.65 6.65
CA HIS AA 62 -35.78 -3.91 5.94
C HIS AA 62 -36.21 -4.99 6.94
N ILE AA 63 -35.61 -4.98 8.12
CA ILE AA 63 -35.96 -5.95 9.14
C ILE AA 63 -37.38 -5.70 9.61
N GLU AA 64 -37.83 -4.46 9.45
CA GLU AA 64 -39.19 -4.09 9.80
C GLU AA 64 -40.13 -4.82 8.87
N ARG AA 65 -39.91 -4.63 7.57
CA ARG AA 65 -40.74 -5.26 6.55
C ARG AA 65 -40.71 -6.78 6.66
N LEU AA 66 -39.59 -7.33 7.11
CA LEU AA 66 -39.47 -8.78 7.27
C LEU AA 66 -40.38 -9.26 8.39
N LEU AA 67 -40.50 -8.43 9.44
CA LEU AA 67 -41.32 -8.78 10.58
C LEU AA 67 -42.82 -8.69 10.30
N LYS AA 68 -43.24 -7.69 9.53
CA LYS AA 68 -44.64 -7.56 9.19
C LYS AA 68 -45.03 -8.76 8.34
N ASP AA 69 -44.05 -9.33 7.66
CA ASP AA 69 -44.30 -10.48 6.82
C ASP AA 69 -44.40 -11.74 7.64
N LEU AA 70 -43.59 -11.82 8.69
CA LEU AA 70 -43.60 -12.98 9.55
C LEU AA 70 -44.97 -13.07 10.22
N VAL AA 71 -45.55 -11.92 10.50
CA VAL AA 71 -46.86 -11.85 11.12
C VAL AA 71 -47.90 -12.34 10.11
N THR AA 72 -47.95 -11.68 8.94
CA THR AA 72 -48.89 -12.03 7.87
C THR AA 72 -48.87 -13.51 7.56
N GLU AA 73 -47.68 -14.05 7.36
CA GLU AA 73 -47.52 -15.47 7.04
C GLU AA 73 -48.03 -16.38 8.15
N ASN AA 74 -47.70 -16.08 9.40
CA ASN AA 74 -48.13 -16.90 10.53
C ASN AA 74 -49.66 -16.94 10.62
N ALA AA 75 -50.30 -15.90 10.10
CA ALA AA 75 -51.75 -15.83 10.11
C ALA AA 75 -52.35 -16.84 9.13
N TYR AA 76 -51.68 -17.04 7.99
CA TYR AA 76 -52.15 -17.97 6.97
C TYR AA 76 -52.47 -19.39 7.44
N ASP AA 77 -53.68 -19.86 7.13
CA ASP AA 77 -54.12 -21.21 7.47
C ASP AA 77 -53.82 -21.57 8.92
N ASN AA 78 -53.90 -20.57 9.79
CA ASN AA 78 -53.63 -20.74 11.21
C ASN AA 78 -54.76 -20.13 12.01
N PRO AA 79 -55.74 -20.96 12.43
CA PRO AA 79 -56.89 -20.51 13.22
C PRO AA 79 -56.55 -20.08 14.65
N LEU AA 80 -55.37 -20.45 15.12
CA LEU AA 80 -54.92 -20.10 16.46
C LEU AA 80 -53.84 -19.01 16.38
N ALA AA 81 -53.97 -18.13 15.39
CA ALA AA 81 -53.01 -17.05 15.16
C ALA AA 81 -52.94 -16.05 16.31
N ASP AA 82 -54.02 -15.95 17.08
CA ASP AA 82 -54.07 -15.04 18.20
C ASP AA 82 -54.25 -15.86 19.46
N ALA AA 83 -53.88 -17.14 19.38
CA ALA AA 83 -54.00 -18.04 20.52
C ALA AA 83 -52.72 -18.82 20.76
N GLU AA 84 -52.85 -20.14 20.87
CA GLU AA 84 -51.68 -20.99 21.12
C GLU AA 84 -50.63 -20.94 20.02
N GLU AA 85 -51.04 -20.59 18.80
CA GLU AA 85 -50.11 -20.55 17.68
C GLU AA 85 -49.75 -19.14 17.21
N ALA AA 86 -49.57 -18.23 18.16
CA ALA AA 86 -49.19 -16.87 17.84
C ALA AA 86 -47.67 -16.79 17.92
N LEU AA 87 -47.10 -15.75 17.34
CA LEU AA 87 -45.66 -15.57 17.34
C LEU AA 87 -45.08 -15.37 18.73
N GLU AA 88 -44.13 -16.22 19.10
CA GLU AA 88 -43.47 -16.13 20.39
C GLU AA 88 -42.20 -15.28 20.22
N PRO AA 89 -41.69 -14.70 21.31
CA PRO AA 89 -40.47 -13.89 21.14
C PRO AA 89 -39.33 -14.80 20.67
N SER AA 90 -39.24 -15.98 21.27
CA SER AA 90 -38.20 -16.93 20.91
C SER AA 90 -38.23 -17.28 19.42
N TYR AA 91 -39.42 -17.28 18.81
CA TYR AA 91 -39.52 -17.59 17.39
C TYR AA 91 -38.98 -16.38 16.60
N ILE AA 92 -39.53 -15.20 16.89
CA ILE AA 92 -39.11 -13.98 16.22
C ILE AA 92 -37.59 -13.83 16.28
N PHE AA 93 -37.00 -14.22 17.40
CA PHE AA 93 -35.57 -14.09 17.55
C PHE AA 93 -34.80 -15.12 16.75
N GLU AA 94 -35.05 -16.39 17.00
CA GLU AA 94 -34.36 -17.46 16.29
C GLU AA 94 -34.41 -17.20 14.79
N TYR AA 95 -35.47 -16.54 14.33
CA TYR AA 95 -35.62 -16.21 12.92
C TYR AA 95 -34.58 -15.16 12.57
N LEU AA 96 -34.71 -13.97 13.16
CA LEU AA 96 -33.76 -12.88 12.91
C LEU AA 96 -32.30 -13.34 13.05
N ALA AA 97 -32.02 -14.05 14.13
CA ALA AA 97 -30.67 -14.55 14.39
C ALA AA 97 -30.19 -15.35 13.19
N THR AA 98 -31.10 -16.16 12.63
CA THR AA 98 -30.78 -16.98 11.46
C THR AA 98 -30.40 -16.07 10.29
N VAL AA 99 -31.26 -15.10 10.01
CA VAL AA 99 -31.03 -14.18 8.93
C VAL AA 99 -29.72 -13.44 9.09
N MET AA 100 -29.46 -12.96 10.30
CA MET AA 100 -28.23 -12.21 10.54
C MET AA 100 -26.98 -13.00 10.17
N TYR AA 101 -26.92 -14.27 10.58
CA TYR AA 101 -25.76 -15.10 10.33
C TYR AA 101 -25.62 -15.51 8.87
N GLN AA 102 -26.73 -15.80 8.21
CA GLN AA 102 -26.65 -16.18 6.81
C GLN AA 102 -26.07 -15.00 6.03
N ARG AA 103 -26.46 -13.79 6.44
CA ARG AA 103 -25.99 -12.59 5.77
C ARG AA 103 -24.51 -12.28 6.03
N ARG AA 104 -24.02 -12.47 7.24
CA ARG AA 104 -22.59 -12.19 7.48
C ARG AA 104 -21.83 -13.26 6.75
N SER AA 105 -22.47 -14.41 6.58
CA SER AA 105 -21.82 -15.52 5.92
C SER AA 105 -21.78 -15.40 4.40
N LYS AA 106 -22.61 -14.53 3.85
CA LYS AA 106 -22.60 -14.33 2.41
C LYS AA 106 -21.78 -13.05 2.20
N MET AA 107 -21.08 -12.63 3.26
CA MET AA 107 -20.25 -11.43 3.21
C MET AA 107 -21.01 -10.15 2.86
N ASN AA 108 -22.29 -10.12 3.20
CA ASN AA 108 -23.16 -8.97 2.93
C ASN AA 108 -24.09 -8.83 4.14
N PRO AA 109 -23.57 -8.29 5.25
CA PRO AA 109 -24.32 -8.11 6.49
C PRO AA 109 -25.43 -7.05 6.52
N LEU AA 110 -26.30 -7.19 7.51
CA LEU AA 110 -27.35 -6.23 7.80
C LEU AA 110 -26.64 -5.52 8.96
N TRP AA 111 -26.15 -4.32 8.70
CA TRP AA 111 -25.37 -3.58 9.69
C TRP AA 111 -26.10 -3.13 10.95
N ASN AA 112 -26.56 -4.10 11.75
CA ASN AA 112 -27.29 -3.77 12.95
C ASN AA 112 -26.90 -4.57 14.17
N ALA AA 113 -27.41 -4.12 15.31
CA ALA AA 113 -27.26 -4.76 16.61
C ALA AA 113 -28.74 -4.77 17.01
N ILE AA 114 -29.26 -5.97 17.30
CA ILE AA 114 -30.65 -6.11 17.65
C ILE AA 114 -30.88 -6.77 19.00
N ILE AA 115 -31.89 -6.29 19.72
CA ILE AA 115 -32.26 -6.88 21.01
C ILE AA 115 -33.75 -7.18 20.95
N VAL AA 116 -34.09 -8.45 21.15
CA VAL AA 116 -35.48 -8.86 21.12
C VAL AA 116 -35.95 -9.04 22.56
N ALA AA 117 -36.97 -8.27 22.94
CA ALA AA 117 -37.50 -8.31 24.29
C ALA AA 117 -38.95 -8.72 24.33
N GLY AA 118 -39.28 -9.64 25.22
CA GLY AA 118 -40.65 -10.08 25.32
C GLY AA 118 -40.94 -11.07 26.43
N VAL AA 119 -42.19 -11.53 26.47
CA VAL AA 119 -42.62 -12.51 27.47
C VAL AA 119 -43.17 -13.72 26.73
N GLN AA 120 -42.63 -14.89 27.06
CA GLN AA 120 -43.07 -16.14 26.44
C GLN AA 120 -44.51 -16.48 26.83
N SER AA 121 -45.08 -17.49 26.18
CA SER AA 121 -46.45 -17.93 26.45
C SER AA 121 -46.63 -18.38 27.90
N ASN AA 122 -45.58 -19.00 28.46
CA ASN AA 122 -45.64 -19.49 29.83
C ASN AA 122 -45.21 -18.44 30.87
N GLY AA 123 -45.21 -17.17 30.48
CA GLY AA 123 -44.85 -16.10 31.39
C GLY AA 123 -43.38 -15.73 31.49
N ASP AA 124 -42.50 -16.65 31.08
CA ASP AA 124 -41.05 -16.41 31.12
C ASP AA 124 -40.63 -15.16 30.36
N GLN AA 125 -39.59 -14.49 30.86
CA GLN AA 125 -39.09 -13.29 30.22
C GLN AA 125 -38.08 -13.69 29.16
N PHE AA 126 -38.11 -13.01 28.03
CA PHE AA 126 -37.16 -13.30 26.95
C PHE AA 126 -36.38 -12.03 26.58
N LEU AA 127 -35.06 -12.14 26.62
CA LEU AA 127 -34.21 -11.01 26.29
C LEU AA 127 -32.91 -11.54 25.69
N ARG AA 128 -32.75 -11.40 24.38
CA ARG AA 128 -31.53 -11.87 23.73
C ARG AA 128 -31.03 -10.85 22.72
N TYR AA 129 -29.74 -10.98 22.36
CA TYR AA 129 -29.06 -10.06 21.44
C TYR AA 129 -28.50 -10.73 20.19
N VAL AA 130 -28.53 -10.02 19.06
CA VAL AA 130 -27.97 -10.54 17.82
C VAL AA 130 -27.43 -9.36 17.02
N ASN AA 131 -26.21 -9.47 16.48
CA ASN AA 131 -25.64 -8.39 15.70
C ASN AA 131 -25.30 -8.81 14.27
N LEU AA 132 -24.64 -7.90 13.53
CA LEU AA 132 -24.29 -8.14 12.13
C LEU AA 132 -23.37 -9.33 11.90
N LEU AA 133 -22.74 -9.83 12.96
CA LEU AA 133 -21.86 -10.97 12.81
C LEU AA 133 -22.62 -12.25 13.05
N GLY AA 134 -23.83 -12.14 13.59
CA GLY AA 134 -24.61 -13.32 13.88
C GLY AA 134 -24.40 -13.81 15.31
N VAL AA 135 -23.58 -13.07 16.05
CA VAL AA 135 -23.28 -13.41 17.43
C VAL AA 135 -24.53 -13.19 18.29
N THR AA 136 -24.78 -14.10 19.25
CA THR AA 136 -25.96 -13.99 20.11
C THR AA 136 -25.62 -14.29 21.57
N TYR AA 137 -26.38 -13.67 22.47
CA TYR AA 137 -26.23 -13.88 23.90
C TYR AA 137 -27.34 -13.23 24.71
N SER AA 138 -27.53 -13.73 25.92
CA SER AA 138 -28.53 -13.22 26.83
C SER AA 138 -27.91 -12.82 28.16
N SER AA 139 -28.60 -11.95 28.89
CA SER AA 139 -28.13 -11.45 30.17
C SER AA 139 -29.28 -10.65 30.78
N PRO AA 140 -29.34 -10.59 32.13
CA PRO AA 140 -30.39 -9.84 32.82
C PRO AA 140 -30.52 -8.42 32.24
N THR AA 141 -29.43 -7.90 31.66
CA THR AA 141 -29.43 -6.58 31.02
C THR AA 141 -28.66 -6.72 29.70
N LEU AA 142 -29.06 -5.94 28.70
CA LEU AA 142 -28.42 -5.94 27.40
C LEU AA 142 -28.54 -4.57 26.80
N ALA AA 143 -27.47 -4.12 26.17
CA ALA AA 143 -27.43 -2.81 25.53
C ALA AA 143 -26.48 -2.91 24.34
N THR AA 144 -26.69 -2.07 23.33
CA THR AA 144 -25.85 -2.09 22.16
C THR AA 144 -25.06 -0.79 22.09
N GLY AA 145 -23.93 -0.80 21.38
CA GLY AA 145 -23.12 0.40 21.25
C GLY AA 145 -22.74 1.03 22.58
N PHE AA 146 -22.86 2.36 22.68
CA PHE AA 146 -22.53 3.08 23.90
C PHE AA 146 -23.20 2.50 25.13
N GLY AA 147 -24.46 2.11 24.98
CA GLY AA 147 -25.20 1.52 26.07
C GLY AA 147 -24.42 0.38 26.70
N ALA AA 148 -23.70 -0.39 25.90
CA ALA AA 148 -22.95 -1.50 26.45
C ALA AA 148 -21.88 -1.02 27.41
N HIS AA 149 -21.45 0.23 27.24
CA HIS AA 149 -20.40 0.77 28.10
C HIS AA 149 -20.88 1.62 29.25
N MET AA 150 -21.99 2.32 29.07
CA MET AA 150 -22.51 3.17 30.12
C MET AA 150 -23.79 2.67 30.77
N ALA AA 151 -24.68 2.08 29.97
CA ALA AA 151 -25.93 1.57 30.51
C ALA AA 151 -25.75 0.29 31.33
N ASN AA 152 -25.18 -0.75 30.73
CA ASN AA 152 -25.01 -1.99 31.46
C ASN AA 152 -24.48 -1.78 32.88
N PRO AA 153 -23.44 -0.95 33.05
CA PRO AA 153 -22.89 -0.70 34.39
C PRO AA 153 -23.91 -0.27 35.45
N LEU AA 154 -24.80 0.64 35.07
CA LEU AA 154 -25.86 1.13 35.95
C LEU AA 154 -26.92 0.05 36.14
N LEU AA 155 -27.43 -0.48 35.03
CA LEU AA 155 -28.45 -1.51 35.08
C LEU AA 155 -28.03 -2.75 35.87
N ARG AA 156 -26.75 -3.08 35.82
CA ARG AA 156 -26.26 -4.26 36.53
C ARG AA 156 -26.17 -4.04 38.03
N LYS AA 157 -26.27 -2.78 38.45
CA LYS AA 157 -26.23 -2.44 39.87
C LYS AA 157 -27.61 -2.74 40.46
N VAL AA 158 -28.61 -2.90 39.60
CA VAL AA 158 -29.97 -3.22 40.01
C VAL AA 158 -30.16 -4.74 39.93
N VAL AA 159 -29.80 -5.31 38.78
CA VAL AA 159 -29.91 -6.75 38.54
C VAL AA 159 -28.52 -7.30 38.20
N ASP AA 160 -27.74 -7.61 39.23
CA ASP AA 160 -26.39 -8.13 39.06
C ASP AA 160 -26.36 -9.57 38.57
N ARG AA 161 -27.36 -10.36 38.96
CA ARG AA 161 -27.45 -11.75 38.53
C ARG AA 161 -28.89 -12.17 38.38
N GLU AA 162 -29.11 -13.46 38.15
CA GLU AA 162 -30.45 -14.00 37.95
C GLU AA 162 -31.35 -13.81 39.18
N SER AA 163 -30.87 -14.26 40.33
CA SER AA 163 -31.60 -14.16 41.58
C SER AA 163 -32.13 -12.75 41.91
N ASP AA 164 -31.55 -11.72 41.30
CA ASP AA 164 -32.00 -10.36 41.56
C ASP AA 164 -33.23 -9.97 40.75
N ILE AA 165 -33.58 -10.79 39.76
CA ILE AA 165 -34.70 -10.46 38.91
C ILE AA 165 -36.06 -10.47 39.60
N PRO AA 166 -36.39 -11.56 40.31
CA PRO AA 166 -37.68 -11.61 41.00
C PRO AA 166 -37.85 -10.49 42.05
N LYS AA 167 -36.74 -9.83 42.38
CA LYS AA 167 -36.73 -8.75 43.37
C LYS AA 167 -36.86 -7.36 42.76
N THR AA 168 -36.94 -7.28 41.44
CA THR AA 168 -37.03 -5.97 40.80
C THR AA 168 -38.42 -5.66 40.27
N THR AA 169 -38.93 -4.50 40.65
CA THR AA 169 -40.26 -4.07 40.23
C THR AA 169 -40.19 -3.15 39.03
N VAL AA 170 -41.30 -3.07 38.29
CA VAL AA 170 -41.41 -2.23 37.11
C VAL AA 170 -41.01 -0.77 37.32
N GLN AA 171 -41.21 -0.26 38.52
CA GLN AA 171 -40.87 1.12 38.82
C GLN AA 171 -39.37 1.23 39.07
N VAL AA 172 -38.83 0.27 39.82
CA VAL AA 172 -37.39 0.23 40.10
C VAL AA 172 -36.65 0.16 38.75
N ALA AA 173 -37.06 -0.81 37.94
CA ALA AA 173 -36.50 -1.04 36.61
C ALA AA 173 -36.71 0.15 35.69
N GLU AA 174 -37.95 0.49 35.40
CA GLU AA 174 -38.22 1.61 34.50
C GLU AA 174 -37.47 2.86 34.90
N GLU AA 175 -37.13 2.95 36.18
CA GLU AA 175 -36.40 4.13 36.65
C GLU AA 175 -34.94 4.03 36.22
N ALA AA 176 -34.35 2.85 36.44
CA ALA AA 176 -32.96 2.60 36.05
C ALA AA 176 -32.82 2.91 34.57
N ILE AA 177 -33.71 2.32 33.77
CA ILE AA 177 -33.70 2.53 32.33
C ILE AA 177 -33.77 4.02 31.99
N VAL AA 178 -34.72 4.73 32.59
CA VAL AA 178 -34.86 6.14 32.30
C VAL AA 178 -33.64 6.95 32.71
N ASN AA 179 -33.00 6.58 33.81
CA ASN AA 179 -31.81 7.33 34.22
C ASN AA 179 -30.69 7.04 33.23
N ALA AA 180 -30.55 5.77 32.87
CA ALA AA 180 -29.55 5.33 31.91
C ALA AA 180 -29.62 6.15 30.64
N MET AA 181 -30.84 6.35 30.12
CA MET AA 181 -31.03 7.13 28.92
C MET AA 181 -30.52 8.56 29.10
N ARG AA 182 -30.61 9.08 30.32
CA ARG AA 182 -30.14 10.44 30.60
C ARG AA 182 -28.61 10.44 30.52
N VAL AA 183 -27.99 9.48 31.18
CA VAL AA 183 -26.54 9.37 31.15
C VAL AA 183 -26.04 9.32 29.70
N LEU AA 184 -26.69 8.49 28.88
CA LEU AA 184 -26.29 8.38 27.47
C LEU AA 184 -26.43 9.73 26.77
N TYR AA 185 -27.43 10.52 27.15
CA TYR AA 185 -27.62 11.81 26.50
C TYR AA 185 -26.50 12.75 26.93
N TYR AA 186 -25.90 12.47 28.08
CA TYR AA 186 -24.81 13.30 28.59
C TYR AA 186 -23.50 13.03 27.85
N ARG AA 187 -23.20 11.74 27.63
CA ARG AA 187 -21.93 11.38 27.00
C ARG AA 187 -21.90 10.85 25.57
N ASP AA 188 -23.04 10.63 24.94
CA ASP AA 188 -23.04 10.12 23.56
C ASP AA 188 -23.34 11.24 22.56
N ALA AA 189 -22.34 11.61 21.78
CA ALA AA 189 -22.50 12.66 20.78
C ALA AA 189 -23.43 12.30 19.63
N ARG AA 190 -24.02 11.10 19.68
CA ARG AA 190 -24.92 10.68 18.62
C ARG AA 190 -26.27 10.31 19.23
N SER AA 191 -26.64 10.99 20.30
CA SER AA 191 -27.90 10.73 20.97
C SER AA 191 -28.89 11.88 20.92
N SER AA 192 -30.16 11.51 21.07
CA SER AA 192 -31.26 12.45 21.09
C SER AA 192 -31.84 12.47 22.50
N ARG AA 193 -32.57 13.53 22.83
CA ARG AA 193 -33.18 13.68 24.15
C ARG AA 193 -34.53 12.97 24.18
N ASN AA 194 -35.15 12.82 23.01
CA ASN AA 194 -36.44 12.14 22.91
C ASN AA 194 -36.23 10.67 22.62
N PHE AA 195 -36.92 9.83 23.37
CA PHE AA 195 -36.79 8.40 23.18
C PHE AA 195 -38.11 7.69 23.35
N SER AA 196 -38.10 6.39 23.12
CA SER AA 196 -39.31 5.60 23.28
C SER AA 196 -38.97 4.48 24.24
N LEU AA 197 -39.92 4.15 25.09
CA LEU AA 197 -39.71 3.10 26.08
C LEU AA 197 -40.87 2.12 25.94
N ALA AA 198 -40.61 0.86 26.25
CA ALA AA 198 -41.65 -0.15 26.16
C ALA AA 198 -41.50 -1.20 27.24
N ILE AA 199 -42.62 -1.56 27.85
CA ILE AA 199 -42.62 -2.56 28.88
C ILE AA 199 -43.48 -3.71 28.40
N ILE AA 200 -43.07 -4.93 28.73
CA ILE AA 200 -43.83 -6.11 28.35
C ILE AA 200 -43.96 -6.89 29.64
N ASP AA 201 -45.15 -6.82 30.22
CA ASP AA 201 -45.47 -7.46 31.48
C ASP AA 201 -46.38 -8.67 31.27
N LYS AA 202 -46.12 -9.75 32.01
CA LYS AA 202 -46.93 -10.96 31.87
C LYS AA 202 -48.37 -10.79 32.35
N ASN AA 203 -48.69 -9.61 32.89
CA ASN AA 203 -50.03 -9.33 33.37
C ASN AA 203 -50.62 -8.14 32.63
N THR AA 204 -49.97 -6.98 32.75
CA THR AA 204 -50.45 -5.77 32.08
C THR AA 204 -50.23 -5.76 30.57
N GLY AA 205 -49.50 -6.77 30.07
CA GLY AA 205 -49.23 -6.85 28.65
C GLY AA 205 -48.13 -5.93 28.12
N LEU AA 206 -48.35 -5.36 26.94
CA LEU AA 206 -47.39 -4.48 26.33
C LEU AA 206 -47.81 -3.02 26.40
N THR AA 207 -46.98 -2.21 27.05
CA THR AA 207 -47.22 -0.78 27.17
C THR AA 207 -46.13 -0.11 26.34
N PHE AA 208 -46.52 0.73 25.40
CA PHE AA 208 -45.54 1.38 24.54
C PHE AA 208 -45.60 2.90 24.65
N LYS AA 209 -44.62 3.47 25.35
CA LYS AA 209 -44.55 4.91 25.56
C LYS AA 209 -43.72 5.64 24.52
N LYS AA 210 -44.34 6.58 23.83
CA LYS AA 210 -43.65 7.37 22.82
C LYS AA 210 -43.39 8.80 23.29
N ASN AA 211 -42.51 9.50 22.57
CA ASN AA 211 -42.16 10.89 22.86
C ASN AA 211 -41.68 11.27 24.25
N LEU AA 212 -40.99 10.36 24.95
CA LEU AA 212 -40.47 10.69 26.26
C LEU AA 212 -39.33 11.69 26.09
N GLN AA 213 -38.87 12.27 27.20
CA GLN AA 213 -37.78 13.24 27.17
C GLN AA 213 -36.91 13.13 28.39
N VAL AA 214 -35.62 13.37 28.22
CA VAL AA 214 -34.71 13.30 29.35
C VAL AA 214 -35.00 14.54 30.18
N GLU AA 215 -35.33 14.31 31.45
CA GLU AA 215 -35.65 15.40 32.36
C GLU AA 215 -34.70 15.38 33.56
N ASN AA 216 -34.77 16.44 34.38
CA ASN AA 216 -33.95 16.56 35.57
C ASN AA 216 -32.46 16.44 35.30
N MET AA 217 -31.94 17.30 34.43
CA MET AA 217 -30.53 17.27 34.10
C MET AA 217 -29.75 18.31 34.92
N LYS AA 218 -28.56 17.92 35.37
CA LYS AA 218 -27.69 18.79 36.14
C LYS AA 218 -26.73 19.50 35.19
N TRP AA 219 -26.89 20.81 35.05
CA TRP AA 219 -26.04 21.61 34.17
C TRP AA 219 -25.54 22.89 34.85
N ASP AA 220 -26.08 23.17 36.03
CA ASP AA 220 -25.73 24.40 36.76
C ASP AA 220 -24.24 24.63 37.04
N PHE AA 221 -23.54 23.61 37.54
CA PHE AA 221 -22.11 23.74 37.85
C PHE AA 221 -21.28 24.26 36.68
N ALA AA 222 -21.84 24.18 35.48
CA ALA AA 222 -21.13 24.63 34.29
C ALA AA 222 -20.77 26.11 34.35
N LYS AA 223 -21.41 26.84 35.26
CA LYS AA 223 -21.15 28.28 35.38
C LYS AA 223 -19.90 28.58 36.19
N ASP AA 224 -19.53 27.63 37.05
CA ASP AA 224 -18.37 27.78 37.92
C ASP AA 224 -17.08 27.40 37.21
N ILE AA 225 -17.21 26.68 36.10
CA ILE AA 225 -16.06 26.22 35.35
C ILE AA 225 -15.65 27.22 34.26
N LYS AA 226 -14.43 27.71 34.38
CA LYS AA 226 -13.90 28.65 33.41
C LYS AA 226 -12.45 28.32 33.12
N GLY AA 227 -12.00 28.61 31.91
CA GLY AA 227 -10.63 28.32 31.51
C GLY AA 227 -10.37 26.83 31.49
N TYR AA 228 -9.12 26.43 31.30
CA TYR AA 228 -8.76 25.03 31.28
C TYR AA 228 -7.53 24.76 32.13
N GLY AA 229 -7.37 25.54 33.19
CA GLY AA 229 -6.23 25.38 34.08
C GLY AA 229 -5.90 26.58 34.95
N THR AA 230 -5.26 27.59 34.36
CA THR AA 230 -4.86 28.76 35.12
C THR AA 230 -5.77 29.98 34.99
N GLN AA 231 -6.61 30.03 33.96
CA GLN AA 231 -7.51 31.17 33.79
C GLN AA 231 -8.45 31.35 34.97
N LYS AA 232 -8.59 32.58 35.43
CA LYS AA 232 -9.44 32.88 36.58
C LYS AA 232 -10.83 33.46 36.29
N ILE AA 233 -11.02 34.05 35.11
CA ILE AA 233 -12.33 34.61 34.79
C ILE AA 233 -13.03 34.00 33.55
N THR BA 1 -24.70 20.91 -5.72
CA THR BA 1 -26.17 20.69 -5.93
C THR BA 1 -26.99 21.02 -4.68
N SER BA 2 -28.03 21.83 -4.88
CA SER BA 2 -28.95 22.21 -3.79
C SER BA 2 -30.36 21.92 -4.28
N ILE BA 3 -31.08 21.09 -3.53
CA ILE BA 3 -32.44 20.71 -3.89
C ILE BA 3 -33.33 20.59 -2.66
N MET BA 4 -34.61 20.89 -2.83
CA MET BA 4 -35.55 20.77 -1.71
C MET BA 4 -36.99 20.63 -2.17
N ALA BA 5 -37.82 20.09 -1.29
CA ALA BA 5 -39.24 19.90 -1.55
C ALA BA 5 -39.98 20.29 -0.27
N VAL BA 6 -40.98 21.14 -0.43
CA VAL BA 6 -41.76 21.63 0.71
C VAL BA 6 -43.26 21.44 0.50
N THR BA 7 -43.94 20.91 1.51
CA THR BA 7 -45.37 20.71 1.42
C THR BA 7 -46.07 21.90 2.05
N PHE BA 8 -47.05 22.46 1.34
CA PHE BA 8 -47.78 23.60 1.88
C PHE BA 8 -49.29 23.36 1.78
N LYS BA 9 -50.05 24.35 2.21
CA LYS BA 9 -51.52 24.30 2.19
C LYS BA 9 -52.18 23.65 0.96
N ASP BA 10 -51.83 24.12 -0.24
CA ASP BA 10 -52.43 23.62 -1.49
C ASP BA 10 -51.78 22.40 -2.16
N GLY BA 11 -50.58 22.03 -1.73
CA GLY BA 11 -49.90 20.89 -2.34
C GLY BA 11 -48.44 20.77 -1.97
N VAL BA 12 -47.54 20.94 -2.95
CA VAL BA 12 -46.10 20.81 -2.69
C VAL BA 12 -45.25 21.45 -3.78
N ILE BA 13 -44.09 21.99 -3.41
CA ILE BA 13 -43.20 22.61 -4.39
C ILE BA 13 -41.78 22.01 -4.33
N LEU BA 14 -41.18 21.85 -5.51
CA LEU BA 14 -39.83 21.31 -5.62
C LEU BA 14 -38.91 22.36 -6.20
N GLY BA 15 -37.74 22.54 -5.58
CA GLY BA 15 -36.78 23.52 -6.07
C GLY BA 15 -35.39 22.95 -6.18
N ALA BA 16 -34.56 23.54 -7.03
CA ALA BA 16 -33.19 23.08 -7.24
C ALA BA 16 -32.35 24.16 -7.88
N ASP BA 17 -31.02 24.00 -7.86
CA ASP BA 17 -30.15 24.97 -8.53
C ASP BA 17 -29.97 24.34 -9.91
N SER BA 18 -29.13 24.90 -10.77
CA SER BA 18 -29.01 24.30 -12.09
C SER BA 18 -27.58 23.99 -12.49
N ARG BA 19 -26.71 23.83 -11.50
CA ARG BA 19 -25.30 23.56 -11.76
C ARG BA 19 -24.83 22.13 -11.51
N THR BA 20 -24.17 21.55 -12.52
CA THR BA 20 -23.60 20.22 -12.42
C THR BA 20 -22.12 20.43 -12.73
N THR BA 21 -21.28 19.95 -11.83
CA THR BA 21 -19.86 20.14 -11.99
C THR BA 21 -19.12 18.83 -12.06
N THR BA 22 -17.96 18.90 -12.69
CA THR BA 22 -17.05 17.78 -12.79
C THR BA 22 -15.76 18.44 -12.32
N GLY BA 23 -15.51 18.36 -11.02
CA GLY BA 23 -14.35 19.00 -10.46
C GLY BA 23 -14.74 20.43 -10.17
N ALA BA 24 -13.93 21.37 -10.62
CA ALA BA 24 -14.24 22.78 -10.41
C ALA BA 24 -14.83 23.36 -11.69
N TYR BA 25 -14.93 22.55 -12.73
CA TYR BA 25 -15.51 23.01 -13.99
C TYR BA 25 -17.03 22.81 -13.97
N ILE BA 26 -17.76 23.81 -14.44
CA ILE BA 26 -19.20 23.74 -14.49
C ILE BA 26 -19.60 23.18 -15.85
N ALA BA 27 -19.83 21.87 -15.89
CA ALA BA 27 -20.20 21.15 -17.12
C ALA BA 27 -21.51 21.64 -17.73
N ASN BA 28 -22.47 21.93 -16.86
CA ASN BA 28 -23.78 22.43 -17.28
C ASN BA 28 -24.26 23.47 -16.26
N ARG BA 29 -24.58 24.67 -16.72
CA ARG BA 29 -25.05 25.71 -15.81
C ARG BA 29 -26.56 25.93 -15.88
N VAL BA 30 -27.24 25.19 -16.75
CA VAL BA 30 -28.68 25.33 -16.89
C VAL BA 30 -29.37 23.97 -16.73
N THR BA 31 -28.79 23.11 -15.91
CA THR BA 31 -29.32 21.76 -15.65
C THR BA 31 -30.74 21.76 -15.06
N ASP BA 32 -31.51 20.72 -15.39
CA ASP BA 32 -32.87 20.59 -14.84
C ASP BA 32 -32.85 19.39 -13.89
N LYS BA 33 -32.67 19.66 -12.60
CA LYS BA 33 -32.59 18.61 -11.60
C LYS BA 33 -33.96 18.17 -11.10
N LEU BA 34 -35.01 18.77 -11.65
CA LEU BA 34 -36.38 18.44 -11.27
C LEU BA 34 -36.92 17.50 -12.32
N THR BA 35 -36.98 16.22 -11.99
CA THR BA 35 -37.43 15.19 -12.92
C THR BA 35 -38.84 14.64 -12.67
N ARG BA 36 -39.58 14.50 -13.76
CA ARG BA 36 -40.94 14.00 -13.72
C ARG BA 36 -41.00 12.49 -13.87
N VAL BA 37 -41.63 11.80 -12.92
CA VAL BA 37 -41.77 10.35 -13.02
C VAL BA 37 -43.24 10.01 -13.33
N HIS BA 38 -44.14 10.94 -13.00
CA HIS BA 38 -45.57 10.78 -13.27
C HIS BA 38 -46.21 12.16 -13.38
N ASP BA 39 -47.46 12.22 -13.82
CA ASP BA 39 -48.15 13.50 -13.97
C ASP BA 39 -47.94 14.39 -12.75
N LYS BA 40 -48.26 13.87 -11.58
CA LYS BA 40 -48.08 14.67 -10.39
C LYS BA 40 -47.16 14.07 -9.35
N ILE BA 41 -46.12 13.38 -9.81
CA ILE BA 41 -45.11 12.79 -8.92
C ILE BA 41 -43.80 13.24 -9.54
N TRP BA 42 -43.03 14.03 -8.81
CA TRP BA 42 -41.74 14.48 -9.33
C TRP BA 42 -40.63 14.13 -8.35
N CYS BA 43 -39.39 14.41 -8.74
CA CYS BA 43 -38.26 14.11 -7.86
C CYS BA 43 -37.10 15.09 -8.04
N CYS BA 44 -36.29 15.20 -7.01
CA CYS BA 44 -35.12 16.06 -7.04
C CYS BA 44 -33.93 15.11 -7.03
N ARG BA 45 -33.00 15.31 -7.94
CA ARG BA 45 -31.84 14.45 -8.05
C ARG BA 45 -30.52 15.03 -7.59
N SER BA 46 -29.85 14.32 -6.69
CA SER BA 46 -28.53 14.71 -6.19
C SER BA 46 -27.65 13.46 -6.27
N GLY BA 47 -26.35 13.66 -6.47
CA GLY BA 47 -25.42 12.53 -6.56
C GLY BA 47 -25.01 12.28 -8.00
N SER BA 48 -24.66 11.05 -8.32
CA SER BA 48 -24.26 10.70 -9.67
C SER BA 48 -25.34 11.00 -10.71
N ALA BA 49 -25.09 11.97 -11.60
CA ALA BA 49 -26.07 12.30 -12.62
C ALA BA 49 -26.44 11.02 -13.36
N ALA BA 50 -25.44 10.28 -13.79
CA ALA BA 50 -25.69 9.03 -14.49
C ALA BA 50 -26.58 8.12 -13.67
N ASP BA 51 -26.25 7.92 -12.39
CA ASP BA 51 -27.05 7.03 -11.56
C ASP BA 51 -28.49 7.49 -11.30
N THR BA 52 -28.68 8.75 -10.92
CA THR BA 52 -30.02 9.23 -10.64
C THR BA 52 -30.89 9.24 -11.89
N GLN BA 53 -30.32 9.62 -13.03
CA GLN BA 53 -31.08 9.64 -14.28
C GLN BA 53 -31.56 8.24 -14.62
N ALA BA 54 -30.65 7.26 -14.55
CA ALA BA 54 -31.00 5.89 -14.85
C ALA BA 54 -32.05 5.39 -13.89
N ILE BA 55 -31.95 5.80 -12.61
CA ILE BA 55 -32.93 5.39 -11.61
C ILE BA 55 -34.30 6.01 -11.92
N ALA BA 56 -34.30 7.30 -12.23
CA ALA BA 56 -35.53 8.03 -12.56
C ALA BA 56 -36.19 7.40 -13.78
N ASP BA 57 -35.42 7.14 -14.83
CA ASP BA 57 -35.98 6.52 -16.03
C ASP BA 57 -36.66 5.19 -15.71
N ILE BA 58 -36.00 4.36 -14.91
CA ILE BA 58 -36.57 3.07 -14.54
C ILE BA 58 -37.84 3.24 -13.72
N VAL BA 59 -37.84 4.22 -12.81
CA VAL BA 59 -39.02 4.45 -11.98
C VAL BA 59 -40.18 4.90 -12.85
N GLN BA 60 -39.93 5.85 -13.75
CA GLN BA 60 -40.95 6.35 -14.66
C GLN BA 60 -41.55 5.18 -15.43
N TYR BA 61 -40.69 4.23 -15.79
CA TYR BA 61 -41.13 3.03 -16.51
C TYR BA 61 -42.11 2.28 -15.61
N HIS BA 62 -41.69 1.99 -14.39
CA HIS BA 62 -42.54 1.26 -13.46
C HIS BA 62 -43.85 1.91 -13.15
N LEU BA 63 -43.86 3.23 -13.00
CA LEU BA 63 -45.11 3.91 -12.69
C LEU BA 63 -46.05 3.94 -13.91
N GLU BA 64 -45.47 4.00 -15.11
CA GLU BA 64 -46.26 4.01 -16.32
C GLU BA 64 -46.96 2.66 -16.52
N LEU BA 65 -46.31 1.59 -16.11
CA LEU BA 65 -46.92 0.26 -16.25
C LEU BA 65 -47.92 0.02 -15.12
N TYR BA 66 -47.66 0.65 -13.98
CA TYR BA 66 -48.53 0.54 -12.81
C TYR BA 66 -49.86 1.20 -13.16
N THR BA 67 -49.75 2.35 -13.81
CA THR BA 67 -50.90 3.13 -14.24
C THR BA 67 -51.70 2.36 -15.28
N SER BA 68 -51.00 1.71 -16.22
CA SER BA 68 -51.68 0.93 -17.25
C SER BA 68 -52.59 -0.13 -16.64
N GLN BA 69 -52.20 -0.65 -15.50
CA GLN BA 69 -52.98 -1.70 -14.87
C GLN BA 69 -53.80 -1.29 -13.67
N TYR BA 70 -53.25 -0.46 -12.80
CA TYR BA 70 -53.98 -0.11 -11.59
C TYR BA 70 -54.33 1.35 -11.39
N GLY BA 71 -54.25 2.15 -12.44
CA GLY BA 71 -54.58 3.56 -12.31
C GLY BA 71 -53.44 4.38 -11.72
N THR BA 72 -53.74 5.62 -11.34
CA THR BA 72 -52.72 6.51 -10.78
C THR BA 72 -52.16 6.02 -9.44
N PRO BA 73 -50.82 5.94 -9.34
CA PRO BA 73 -50.13 5.48 -8.14
C PRO BA 73 -50.03 6.56 -7.06
N SER BA 74 -49.90 6.13 -5.82
CA SER BA 74 -49.77 7.07 -4.71
C SER BA 74 -48.34 7.57 -4.68
N THR BA 75 -48.13 8.72 -4.08
CA THR BA 75 -46.80 9.30 -3.97
C THR BA 75 -45.95 8.36 -3.12
N GLU BA 76 -46.58 7.65 -2.21
CA GLU BA 76 -45.88 6.71 -1.36
C GLU BA 76 -45.37 5.52 -2.20
N THR BA 77 -46.17 5.08 -3.18
CA THR BA 77 -45.78 3.98 -4.06
C THR BA 77 -44.57 4.38 -4.90
N ALA BA 78 -44.58 5.58 -5.44
CA ALA BA 78 -43.45 6.05 -6.23
C ALA BA 78 -42.18 6.05 -5.37
N ALA BA 79 -42.30 6.53 -4.13
CA ALA BA 79 -41.14 6.57 -3.24
C ALA BA 79 -40.67 5.13 -2.97
N SER BA 80 -41.62 4.22 -2.79
CA SER BA 80 -41.33 2.82 -2.55
C SER BA 80 -40.52 2.23 -3.70
N VAL BA 81 -40.89 2.56 -4.94
CA VAL BA 81 -40.16 2.06 -6.08
C VAL BA 81 -38.73 2.61 -6.12
N PHE BA 82 -38.57 3.89 -5.76
CA PHE BA 82 -37.25 4.53 -5.73
C PHE BA 82 -36.39 3.85 -4.67
N LYS BA 83 -37.01 3.58 -3.53
CA LYS BA 83 -36.31 2.93 -2.42
C LYS BA 83 -35.86 1.53 -2.79
N GLU BA 84 -36.74 0.79 -3.44
CA GLU BA 84 -36.44 -0.55 -3.86
C GLU BA 84 -35.13 -0.54 -4.68
N LEU BA 85 -35.04 0.35 -5.67
CA LEU BA 85 -33.86 0.46 -6.51
C LEU BA 85 -32.64 0.92 -5.73
N CYS BA 86 -32.79 2.02 -5.01
CA CYS BA 86 -31.69 2.59 -4.23
C CYS BA 86 -31.12 1.72 -3.14
N TYR BA 87 -31.96 0.95 -2.47
CA TYR BA 87 -31.52 0.10 -1.38
C TYR BA 87 -30.93 -1.22 -1.88
N GLU BA 88 -31.64 -1.87 -2.77
CA GLU BA 88 -31.22 -3.14 -3.32
C GLU BA 88 -29.91 -3.04 -4.10
N ASN BA 89 -29.53 -1.82 -4.49
CA ASN BA 89 -28.31 -1.59 -5.26
C ASN BA 89 -27.44 -0.50 -4.65
N LYS BA 90 -27.50 -0.37 -3.34
CA LYS BA 90 -26.72 0.64 -2.62
C LYS BA 90 -25.22 0.60 -2.95
N ASP BA 91 -24.70 -0.59 -3.14
CA ASP BA 91 -23.28 -0.76 -3.42
C ASP BA 91 -22.81 -0.18 -4.75
N ASN BA 92 -23.73 0.05 -5.67
CA ASN BA 92 -23.38 0.55 -6.98
C ASN BA 92 -24.05 1.86 -7.36
N LEU BA 93 -24.58 2.55 -6.36
CA LEU BA 93 -25.25 3.81 -6.63
C LEU BA 93 -24.81 4.89 -5.67
N THR BA 94 -24.79 6.10 -6.17
CA THR BA 94 -24.47 7.26 -5.39
C THR BA 94 -25.58 8.21 -5.79
N ALA BA 95 -26.73 8.00 -5.18
CA ALA BA 95 -27.91 8.80 -5.47
C ALA BA 95 -28.64 9.24 -4.21
N GLY BA 96 -28.98 10.53 -4.17
CA GLY BA 96 -29.73 11.10 -3.07
C GLY BA 96 -30.99 11.63 -3.74
N ILE BA 97 -32.13 11.02 -3.47
CA ILE BA 97 -33.37 11.45 -4.12
C ILE BA 97 -34.48 11.95 -3.18
N ILE BA 98 -35.13 13.05 -3.58
CA ILE BA 98 -36.26 13.60 -2.84
C ILE BA 98 -37.49 13.39 -3.73
N VAL BA 99 -38.47 12.65 -3.22
CA VAL BA 99 -39.69 12.38 -4.00
C VAL BA 99 -40.85 13.23 -3.48
N ALA BA 100 -41.47 13.97 -4.38
CA ALA BA 100 -42.59 14.84 -4.02
C ALA BA 100 -43.74 14.69 -5.01
N GLY BA 101 -44.94 14.47 -4.50
CA GLY BA 101 -46.08 14.32 -5.38
C GLY BA 101 -47.35 14.93 -4.83
N TYR BA 102 -48.37 15.04 -5.69
CA TYR BA 102 -49.65 15.58 -5.27
C TYR BA 102 -50.78 14.62 -5.58
N ASP BA 103 -51.46 14.22 -4.51
CA ASP BA 103 -52.59 13.31 -4.56
C ASP BA 103 -53.78 14.18 -4.18
N ASP BA 104 -54.99 13.77 -4.53
CA ASP BA 104 -56.15 14.59 -4.17
C ASP BA 104 -56.68 14.20 -2.79
N LYS BA 105 -56.38 12.96 -2.38
CA LYS BA 105 -56.81 12.45 -1.09
C LYS BA 105 -55.76 12.79 -0.01
N ASN BA 106 -54.48 12.78 -0.40
CA ASN BA 106 -53.37 13.06 0.51
C ASN BA 106 -52.76 14.45 0.39
N LYS BA 107 -53.29 15.26 -0.53
CA LYS BA 107 -52.77 16.60 -0.76
C LYS BA 107 -51.29 16.50 -1.18
N GLY BA 108 -50.39 17.18 -0.48
CA GLY BA 108 -48.97 17.10 -0.86
C GLY BA 108 -48.13 16.24 0.07
N GLU BA 109 -47.21 15.46 -0.50
CA GLU BA 109 -46.34 14.61 0.31
C GLU BA 109 -44.89 14.67 -0.15
N VAL BA 110 -43.97 14.54 0.81
CA VAL BA 110 -42.55 14.56 0.53
C VAL BA 110 -41.78 13.42 1.22
N TYR BA 111 -41.02 12.67 0.42
CA TYR BA 111 -40.21 11.55 0.91
C TYR BA 111 -38.76 11.81 0.52
N THR BA 112 -37.84 11.52 1.43
CA THR BA 112 -36.42 11.71 1.16
C THR BA 112 -35.73 10.35 1.23
N ILE BA 113 -34.96 10.04 0.18
CA ILE BA 113 -34.22 8.79 0.11
C ILE BA 113 -32.73 9.14 0.06
N PRO BA 114 -32.05 9.04 1.22
CA PRO BA 114 -30.62 9.35 1.29
C PRO BA 114 -29.75 8.21 0.81
N LEU BA 115 -28.44 8.42 0.79
CA LEU BA 115 -27.48 7.41 0.34
C LEU BA 115 -27.79 5.98 0.74
N GLY BA 116 -27.93 5.71 2.03
CA GLY BA 116 -28.23 4.34 2.41
C GLY BA 116 -29.29 3.59 1.59
N GLY BA 117 -30.42 4.24 1.33
CA GLY BA 117 -31.50 3.62 0.60
C GLY BA 117 -32.74 3.55 1.48
N SER BA 118 -32.70 4.25 2.61
CA SER BA 118 -33.83 4.27 3.53
C SER BA 118 -34.77 5.39 3.11
N VAL BA 119 -36.02 5.29 3.53
CA VAL BA 119 -37.00 6.32 3.17
C VAL BA 119 -37.49 7.09 4.38
N HIS BA 120 -37.66 8.39 4.19
CA HIS BA 120 -38.10 9.27 5.27
C HIS BA 120 -39.13 10.27 4.76
N LYS BA 121 -40.36 10.16 5.29
CA LYS BA 121 -41.44 11.06 4.92
C LYS BA 121 -41.33 12.29 5.83
N LEU BA 122 -41.38 13.47 5.24
CA LEU BA 122 -41.25 14.69 6.02
C LEU BA 122 -42.10 15.83 5.48
N PRO BA 123 -42.28 16.90 6.28
CA PRO BA 123 -43.05 18.09 5.91
C PRO BA 123 -42.33 18.77 4.76
N TYR BA 124 -41.00 18.76 4.84
CA TYR BA 124 -40.16 19.31 3.81
C TYR BA 124 -38.82 18.61 3.92
N ALA BA 125 -38.02 18.66 2.85
CA ALA BA 125 -36.72 18.03 2.86
C ALA BA 125 -35.74 18.79 2.00
N ILE BA 126 -34.50 18.78 2.44
CA ILE BA 126 -33.41 19.43 1.73
C ILE BA 126 -32.27 18.43 1.52
N ALA BA 127 -31.53 18.61 0.44
CA ALA BA 127 -30.44 17.70 0.15
C ALA BA 127 -29.49 18.31 -0.88
N GLY BA 128 -28.33 17.68 -1.03
CA GLY BA 128 -27.34 18.18 -1.96
C GLY BA 128 -26.24 18.80 -1.14
N SER BA 129 -25.05 18.95 -1.72
CA SER BA 129 -23.93 19.52 -1.00
C SER BA 129 -24.26 20.87 -0.36
N GLY BA 130 -25.00 21.71 -1.07
CA GLY BA 130 -25.34 23.03 -0.56
C GLY BA 130 -26.32 23.03 0.61
N SER BA 131 -27.07 21.95 0.77
CA SER BA 131 -28.06 21.86 1.83
C SER BA 131 -27.48 22.03 3.22
N THR BA 132 -26.27 21.52 3.42
CA THR BA 132 -25.62 21.61 4.72
C THR BA 132 -25.69 23.01 5.32
N PHE BA 133 -25.49 24.02 4.47
CA PHE BA 133 -25.46 25.42 4.89
C PHE BA 133 -26.78 26.04 5.25
N ILE BA 134 -27.88 25.39 4.90
CA ILE BA 134 -29.17 25.97 5.22
C ILE BA 134 -30.00 25.18 6.23
N TYR BA 135 -29.39 24.23 6.92
CA TYR BA 135 -30.13 23.47 7.92
C TYR BA 135 -30.66 24.43 8.99
N GLY BA 136 -29.83 25.38 9.39
CA GLY BA 136 -30.24 26.35 10.39
C GLY BA 136 -31.36 27.23 9.86
N TYR BA 137 -31.14 27.90 8.74
CA TYR BA 137 -32.14 28.78 8.15
C TYR BA 137 -33.49 28.08 7.96
N CYS BA 138 -33.49 26.88 7.37
CA CYS BA 138 -34.73 26.16 7.13
C CYS BA 138 -35.50 25.75 8.38
N ASP BA 139 -34.80 25.25 9.40
CA ASP BA 139 -35.49 24.82 10.60
C ASP BA 139 -36.11 26.01 11.31
N LYS BA 140 -35.56 27.20 11.05
CA LYS BA 140 -36.09 28.41 11.68
C LYS BA 140 -37.24 29.04 10.90
N ASN BA 141 -37.24 28.89 9.57
CA ASN BA 141 -38.28 29.50 8.76
C ASN BA 141 -39.39 28.63 8.21
N PHE BA 142 -39.33 27.32 8.41
CA PHE BA 142 -40.40 26.49 7.91
C PHE BA 142 -41.61 26.52 8.84
N ARG BA 143 -42.78 26.64 8.21
CA ARG BA 143 -44.05 26.66 8.92
C ARG BA 143 -44.97 25.75 8.12
N GLU BA 144 -45.77 24.95 8.80
CA GLU BA 144 -46.67 24.07 8.08
C GLU BA 144 -47.87 24.82 7.50
N ASN BA 145 -48.29 24.44 6.31
CA ASN BA 145 -49.44 25.05 5.66
C ASN BA 145 -49.27 26.50 5.24
N MET BA 146 -48.12 26.82 4.64
CA MET BA 146 -47.86 28.16 4.16
C MET BA 146 -48.64 28.29 2.85
N SER BA 147 -48.70 29.49 2.30
CA SER BA 147 -49.39 29.70 1.04
C SER BA 147 -48.42 29.43 -0.10
N LYS BA 148 -48.92 29.42 -1.32
CA LYS BA 148 -48.06 29.18 -2.45
C LYS BA 148 -46.95 30.24 -2.52
N GLU BA 149 -47.27 31.51 -2.36
CA GLU BA 149 -46.25 32.56 -2.42
C GLU BA 149 -45.31 32.51 -1.21
N GLU BA 150 -45.85 32.11 -0.06
CA GLU BA 150 -45.05 31.99 1.15
C GLU BA 150 -43.99 30.91 0.96
N THR BA 151 -44.41 29.77 0.38
CA THR BA 151 -43.53 28.65 0.12
C THR BA 151 -42.52 28.98 -1.00
N VAL BA 152 -42.99 29.51 -2.11
CA VAL BA 152 -42.08 29.87 -3.19
C VAL BA 152 -41.01 30.82 -2.66
N ASP BA 153 -41.33 31.54 -1.58
CA ASP BA 153 -40.38 32.48 -0.99
C ASP BA 153 -39.42 31.77 -0.04
N PHE BA 154 -39.96 30.83 0.73
CA PHE BA 154 -39.15 30.06 1.67
C PHE BA 154 -38.09 29.31 0.87
N ILE BA 155 -38.50 28.77 -0.27
CA ILE BA 155 -37.59 28.03 -1.12
C ILE BA 155 -36.59 28.95 -1.81
N LYS BA 156 -37.08 30.05 -2.35
CA LYS BA 156 -36.20 30.99 -3.05
C LYS BA 156 -35.08 31.52 -2.16
N HIS BA 157 -35.39 31.79 -0.91
CA HIS BA 157 -34.39 32.29 0.02
C HIS BA 157 -33.41 31.20 0.41
N SER BA 158 -33.94 30.04 0.82
CA SER BA 158 -33.09 28.92 1.22
C SER BA 158 -32.05 28.58 0.14
N LEU BA 159 -32.52 28.31 -1.08
CA LEU BA 159 -31.60 27.97 -2.13
C LEU BA 159 -30.65 29.10 -2.46
N SER BA 160 -31.11 30.35 -2.31
CA SER BA 160 -30.20 31.45 -2.62
C SER BA 160 -29.02 31.44 -1.63
N GLN BA 161 -29.28 31.02 -0.39
CA GLN BA 161 -28.20 30.94 0.59
C GLN BA 161 -27.33 29.76 0.21
N ALA BA 162 -27.96 28.62 -0.06
CA ALA BA 162 -27.24 27.42 -0.46
C ALA BA 162 -26.35 27.74 -1.67
N ILE BA 163 -26.90 28.34 -2.73
CA ILE BA 163 -26.10 28.67 -3.92
C ILE BA 163 -24.95 29.59 -3.50
N LYS BA 164 -25.22 30.46 -2.54
CA LYS BA 164 -24.25 31.44 -2.06
C LYS BA 164 -22.95 30.88 -1.53
N TRP BA 165 -23.09 29.96 -0.58
CA TRP BA 165 -21.98 29.33 0.09
C TRP BA 165 -21.36 28.13 -0.61
N ASP BA 166 -22.20 27.27 -1.18
CA ASP BA 166 -21.71 26.07 -1.86
C ASP BA 166 -21.35 26.29 -3.33
N GLY BA 167 -20.06 26.13 -3.65
CA GLY BA 167 -19.59 26.32 -5.00
C GLY BA 167 -20.08 25.26 -5.97
N SER BA 168 -20.63 24.18 -5.45
CA SER BA 168 -21.15 23.09 -6.28
C SER BA 168 -22.55 23.45 -6.78
N SER BA 169 -23.16 24.44 -6.12
CA SER BA 169 -24.48 24.89 -6.49
C SER BA 169 -24.39 26.25 -7.17
N GLY BA 170 -25.39 26.55 -8.00
CA GLY BA 170 -25.40 27.82 -8.69
C GLY BA 170 -26.33 27.82 -9.89
N GLY BA 171 -26.19 28.86 -10.71
CA GLY BA 171 -27.02 28.99 -11.89
C GLY BA 171 -28.35 29.67 -11.60
N VAL BA 172 -29.45 29.03 -12.01
CA VAL BA 172 -30.78 29.58 -11.79
C VAL BA 172 -31.51 28.67 -10.83
N ILE BA 173 -32.50 29.21 -10.13
CA ILE BA 173 -33.27 28.39 -9.22
C ILE BA 173 -34.51 27.95 -9.99
N ARG BA 174 -34.78 26.66 -10.04
CA ARG BA 174 -35.96 26.14 -10.73
C ARG BA 174 -36.92 25.62 -9.70
N MET BA 175 -38.20 25.67 -10.02
CA MET BA 175 -39.20 25.16 -9.11
C MET BA 175 -40.28 24.51 -9.92
N VAL BA 176 -41.06 23.68 -9.25
CA VAL BA 176 -42.18 22.99 -9.87
C VAL BA 176 -43.25 22.93 -8.81
N VAL BA 177 -44.40 23.55 -9.10
CA VAL BA 177 -45.51 23.58 -8.16
C VAL BA 177 -46.51 22.48 -8.48
N LEU BA 178 -46.81 21.67 -7.49
CA LEU BA 178 -47.74 20.56 -7.64
C LEU BA 178 -48.99 20.71 -6.77
N THR BA 179 -50.10 21.07 -7.40
CA THR BA 179 -51.38 21.25 -6.72
C THR BA 179 -52.52 20.65 -7.54
N ALA BA 180 -53.74 20.68 -7.01
CA ALA BA 180 -54.89 20.14 -7.75
C ALA BA 180 -55.04 20.93 -9.05
N ALA BA 181 -54.70 22.22 -8.97
CA ALA BA 181 -54.77 23.12 -10.11
C ALA BA 181 -53.93 22.65 -11.32
N GLY BA 182 -52.94 21.80 -11.08
CA GLY BA 182 -52.10 21.33 -12.17
C GLY BA 182 -50.61 21.39 -11.86
N VAL BA 183 -49.78 21.52 -12.90
CA VAL BA 183 -48.32 21.55 -12.74
C VAL BA 183 -47.71 22.86 -13.26
N GLU BA 184 -47.09 23.62 -12.35
CA GLU BA 184 -46.50 24.91 -12.69
C GLU BA 184 -44.96 24.99 -12.62
N ARG BA 185 -44.35 25.52 -13.69
CA ARG BA 185 -42.89 25.67 -13.81
C ARG BA 185 -42.38 27.07 -13.50
N LEU BA 186 -41.61 27.23 -12.43
CA LEU BA 186 -41.04 28.53 -12.07
C LEU BA 186 -39.54 28.56 -12.26
N ILE BA 187 -39.01 29.72 -12.62
CA ILE BA 187 -37.58 29.90 -12.79
C ILE BA 187 -37.23 31.24 -12.16
N PHE BA 188 -36.02 31.35 -11.63
CA PHE BA 188 -35.57 32.59 -11.00
C PHE BA 188 -34.10 32.78 -11.34
N TYR BA 189 -33.78 33.91 -11.95
CA TYR BA 189 -32.42 34.18 -12.36
C TYR BA 189 -31.52 34.78 -11.28
N PRO BA 190 -30.19 34.74 -11.51
CA PRO BA 190 -29.20 35.27 -10.57
C PRO BA 190 -29.52 36.65 -10.03
N ASP BA 191 -29.67 37.62 -10.94
CA ASP BA 191 -29.95 38.99 -10.55
C ASP BA 191 -31.09 39.18 -9.58
N GLU BA 192 -31.98 38.19 -9.48
CA GLU BA 192 -33.06 38.31 -8.54
C GLU BA 192 -32.72 37.73 -7.17
N TYR BA 193 -32.38 36.44 -7.13
CA TYR BA 193 -32.09 35.80 -5.84
C TYR BA 193 -30.76 36.16 -5.18
N GLU BA 194 -29.80 36.66 -5.95
CA GLU BA 194 -28.52 37.04 -5.37
C GLU BA 194 -28.66 38.28 -4.48
N GLN BA 195 -29.73 39.03 -4.68
CA GLN BA 195 -29.96 40.25 -3.92
C GLN BA 195 -30.85 40.08 -2.69
N LEU BA 196 -31.41 38.89 -2.51
CA LEU BA 196 -32.26 38.61 -1.35
C LEU BA 196 -31.39 38.60 -0.11
O1 0W5 CA 1 2.67 -0.55 28.56
C2 0W5 CA 1 3.35 -1.57 28.44
C27 0W5 CA 1 4.34 -1.58 27.33
C28 0W5 CA 1 4.55 -0.53 26.49
C29 0W5 CA 1 5.49 -0.61 25.36
C30 0W5 CA 1 5.77 0.37 24.48
C31 0W5 CA 1 6.70 0.01 23.35
C32 0W5 CA 1 7.45 1.11 22.59
C33 0W5 CA 1 8.20 0.32 21.48
C34 0W5 CA 1 9.06 1.12 20.47
C35 0W5 CA 1 9.62 0.03 19.47
C36 0W5 CA 1 10.55 0.52 18.31
C37 0W5 CA 1 11.83 1.24 18.82
C38 0W5 CA 1 10.95 -0.72 17.44
N THR CA 2 3.22 -2.69 29.28
CA THR CA 2 2.26 -2.86 30.43
C THR CA 2 1.32 -1.63 30.60
N LYO CA 3 0.05 -1.77 30.16
CA LYO CA 3 -0.93 -0.69 30.24
C LYO CA 3 -1.59 -0.59 31.60
O LYO CA 3 -1.55 -1.57 32.36
CB LYO CA 3 -2.06 -0.91 29.18
CG LYO CA 3 -2.39 0.34 28.33
OG LYO CA 3 -1.20 0.69 27.61
CD LYO CA 3 -3.56 0.07 27.33
CE LYO CA 3 -4.99 0.31 27.97
NZ LYO CA 3 -5.04 0.02 29.40
N 0W6 CA 4 -2.21 0.59 31.90
CA 0W6 CA 4 -2.92 0.82 33.15
C16 0W6 CA 4 -2.11 1.86 33.99
C17 0W6 CA 4 -4.35 1.34 32.85
C18 0W6 CA 4 -5.14 0.48 31.81
C 0W6 CA 4 -5.12 0.98 30.39
O 0W6 CA 4 -5.16 2.20 30.17
O1 0W5 DA 1 20.14 7.05 -17.49
C2 0W5 DA 1 20.81 8.05 -17.62
C27 0W5 DA 1 20.49 9.21 -16.89
C28 0W5 DA 1 19.51 9.28 -16.06
C29 0W5 DA 1 19.21 10.49 -15.30
C30 0W5 DA 1 18.24 10.51 -14.47
C31 0W5 DA 1 17.83 11.73 -13.71
C32 0W5 DA 1 16.48 11.43 -13.06
C33 0W5 DA 1 15.84 12.49 -12.18
C34 0W5 DA 1 14.55 11.83 -11.71
C35 0W5 DA 1 13.63 12.69 -10.82
C36 0W5 DA 1 12.39 11.83 -10.41
C37 0W5 DA 1 12.79 10.54 -9.64
C38 0W5 DA 1 11.44 12.68 -9.52
N THR DA 2 21.87 8.13 -18.45
CA THR DA 2 22.26 7.04 -19.24
C THR DA 2 22.91 5.98 -18.38
N LYO DA 3 22.61 4.71 -18.78
CA LYO DA 3 23.12 3.53 -18.11
C LYO DA 3 24.04 2.83 -19.08
O LYO DA 3 23.84 2.93 -20.29
CB LYO DA 3 22.01 2.51 -17.79
CG LYO DA 3 22.14 1.90 -16.37
OG LYO DA 3 21.92 2.96 -15.43
CD LYO DA 3 21.08 0.79 -16.15
CE LYO DA 3 21.60 -0.61 -16.68
NZ LYO DA 3 22.40 -0.55 -17.91
N 0W6 DA 4 25.07 2.10 -18.56
CA 0W6 DA 4 26.00 1.39 -19.41
C16 0W6 DA 4 27.43 1.90 -19.06
C17 0W6 DA 4 25.90 -0.15 -19.24
C18 0W6 DA 4 24.43 -0.70 -19.30
C 0W6 DA 4 23.75 -0.82 -17.95
O 0W6 DA 4 24.43 -1.13 -16.97
O1 0W5 EA 1 -7.33 5.21 -27.24
C2 0W5 EA 1 -6.35 4.57 -27.60
C27 0W5 EA 1 -6.07 3.31 -26.86
C28 0W5 EA 1 -6.84 2.84 -25.85
C29 0W5 EA 1 -6.49 1.64 -25.09
C30 0W5 EA 1 -7.21 1.07 -24.09
C31 0W5 EA 1 -6.57 -0.09 -23.40
C32 0W5 EA 1 -7.46 -1.06 -22.59
C33 0W5 EA 1 -6.41 -2.05 -21.99
C34 0W5 EA 1 -6.93 -3.19 -21.07
C35 0W5 EA 1 -5.63 -3.96 -20.60
C36 0W5 EA 1 -5.80 -5.19 -19.65
C37 0W5 EA 1 -6.68 -6.33 -20.27
C38 0W5 EA 1 -4.38 -5.76 -19.30
N THR EA 2 -5.53 4.97 -28.64
CA THR EA 2 -5.66 6.23 -29.49
C THR EA 2 -6.85 7.11 -29.05
N LYO EA 3 -6.57 8.23 -28.33
CA LYO EA 3 -7.59 9.15 -27.84
C LYO EA 3 -8.04 10.16 -28.89
O LYO EA 3 -7.32 10.37 -29.87
CB LYO EA 3 -7.05 9.97 -26.61
CG LYO EA 3 -8.02 9.98 -25.39
OG LYO EA 3 -8.19 8.62 -24.97
CD LYO EA 3 -7.45 10.86 -24.24
CE LYO EA 3 -7.82 12.38 -24.37
NZ LYO EA 3 -7.92 12.83 -25.76
N 0W6 EA 4 -9.24 10.77 -28.66
CA 0W6 EA 4 -9.80 11.79 -29.56
C16 0W6 EA 4 -11.04 11.20 -30.29
C17 0W6 EA 4 -10.19 13.04 -28.75
C18 0W6 EA 4 -9.04 13.56 -27.82
C 0W6 EA 4 -9.10 13.13 -26.38
O 0W6 EA 4 -10.21 13.05 -25.85
O1 0W5 FA 1 -2.52 -24.42 12.51
C2 0W5 FA 1 -3.49 -25.17 12.73
C27 0W5 FA 1 -4.81 -24.71 12.45
C28 0W5 FA 1 -5.07 -23.55 11.95
C29 0W5 FA 1 -6.39 -23.10 11.67
C30 0W5 FA 1 -6.62 -21.93 11.18
C31 0W5 FA 1 -8.00 -21.39 10.90
C32 0W5 FA 1 -7.85 -19.94 10.60
C33 0W5 FA 1 -9.11 -19.14 10.25
C34 0W5 FA 1 -8.58 -17.74 9.99
C35 0W5 FA 1 -9.63 -16.69 9.66
C36 0W5 FA 1 -8.87 -15.33 9.42
C37 0W5 FA 1 -7.85 -15.43 8.23
C38 0W5 FA 1 -9.92 -14.23 9.10
N THR FA 2 -3.39 -26.42 13.25
CA THR FA 2 -2.14 -26.96 13.58
C THR FA 2 -1.37 -27.29 12.31
N LYO FA 3 -0.04 -27.03 12.40
CA LYO FA 3 0.90 -27.29 11.32
C LYO FA 3 1.82 -28.41 11.77
O LYO FA 3 2.06 -28.55 12.98
CB LYO FA 3 1.85 -26.07 11.03
CG LYO FA 3 2.02 -25.77 9.52
OG LYO FA 3 0.75 -25.35 9.02
CD LYO FA 3 3.06 -24.66 9.30
CE LYO FA 3 4.51 -25.23 9.28
NZ LYO FA 3 4.78 -26.31 10.25
N 0W6 FA 4 2.33 -29.22 10.81
CA 0W6 FA 4 3.22 -30.31 11.17
C16 0W6 FA 4 2.61 -31.62 10.59
C17 0W6 FA 4 4.65 -30.08 10.65
C18 0W6 FA 4 5.25 -28.66 10.94
C 0W6 FA 4 5.00 -27.62 9.85
O 0W6 FA 4 5.00 -27.99 8.67
#